data_7O01
#
_entry.id   7O01
#
_cell.length_a   1.00
_cell.length_b   1.00
_cell.length_c   1.00
_cell.angle_alpha   90.00
_cell.angle_beta   90.00
_cell.angle_gamma   90.00
#
_symmetry.space_group_name_H-M   'P 1'
#
loop_
_entity.id
_entity.type
_entity.pdbx_description
1 polymer 'Photosystem I P700 chlorophyll a apoprotein A1'
2 polymer 'Photosystem I P700 chlorophyll a apoprotein A2'
3 polymer 'Photosystem I iron-sulfur center'
4 polymer 'Photosystem I reaction center subunit II, chloroplastic'
5 polymer 'Photosystem I reaction center subunit IV, chloroplastic'
6 polymer 'Photosystem I reaction center subunit III, chloroplastic'
7 polymer 'Photosystem I reaction center subunit V, chloroplastic'
8 polymer 'Photosystem I reaction center subunit VIII'
9 polymer 'Photosystem I reaction center subunit IX'
10 polymer 'Photosystem I reaction center subunit psaK, chloroplastic'
11 polymer 'PSI subunit V'
12 polymer 'Chlorophyll a-b binding protein, chloroplastic'
13 polymer 'Chlorophyll a-b binding protein, chloroplastic'
14 polymer 'Chlorophyll a-b binding protein, chloroplastic'
15 polymer 'Chlorophyll a-b binding protein, chloroplastic'
16 polymer 'Chlorophyll a-b binding protein, chloroplastic'
17 polymer 'Chlorophyll a-b binding protein, chloroplastic'
18 polymer 'Chlorophyll a-b binding protein, chloroplastic'
19 polymer 'Chlorophyll a-b binding protein, chloroplastic'
20 polymer 'Chlorophyll a-b binding protein, chloroplastic'
#
loop_
_entity_poly.entity_id
_entity_poly.type
_entity_poly.pdbx_seq_one_letter_code
_entity_poly.pdbx_strand_id
1 'polypeptide(L)'
;KKVKIAVDRNPVETSFEKWAKPGHFSRTLSKGPNTTTWIWNLHADAHDFDSHTSDLEEISRKVFSAHFGQLGIIFIWLSG
MYFHGARFSNYEAWLSDPTHIKPSAQVVWPIVGQEILNGDVGGGFQGIQITSGFFQLWRASGITSELQLYTTAIGGLVMA
AAMFFAGWFHYHKAAPKLEWFQNVESMLNHHLGGLLGLGSLAWAGHQIHVSLPVNKLLDAGVDPKEIPLPHDLLLNRAIM
ADLYPSFAKGIAPFFTLNWSEYSDFLTFKGGLNPVTGGLWLSDTAHHHVAIAVLFLVAGHMYRTNWGIGHSMKEILEAHR
GPFTGEGHVGLYEILTTSWHAQLAINLALFGSLSIIVAHHMYAMPPYPYLATDYGTQLSLFTHHTWIGGFCIVGAGAHAA
IFMVRDYDPTNNYNNLLDRVIRHRDAIISHLNWVCIFLGFHSFGLYIHNDTMSALGRPQDMFSDTAIQLQPVFAQWIQNT
HFLAPQLTAPNALAATSLTWGGDLVAVGGKVAMMPISLGTSDFMVHHIHAFTIHVTVLILLKGVLFARSSRLIPDKANLG
FRFPCDGPGRGGTCQVSAWDHVFLGLFWMYNSLSIVIFHFSWKMQSDVWGTVTASGVSHITGGNFAQSANTINGWLRDFL
WAQSSQVIQSYGSALSAYGLIFLGAHFVWAFSLMFLFSGRGYWQELIESIVWAHNKLKVAPAIQPRALSITQGRAVGVAH
YLLGGIATTWSFFLARIISVG
;
A,a
2 'polypeptide(L)'
;ATKLFPKFSQGLAQDPTTRRIWYGLAMAHDFESHDGMTEENLYQKIFASHFGQLSIIFLWTSGNLFHVAWQGNFEQWVTD
PVHIRPIAHAIWDPHFGQPAVEAFTRGGASGPVNISTSGVYQWWYTIGMRTNQDLYVGSVFLALVSAIFLFAGWLHLQPN
FQPSLSWFKDAESRLNHHLSGLFGVSSLAWTGHLVHVAIPESRGQHVGWDNFLSVLPHPQGLTPFFTGNWAAYAQSPDTA
SHVFGTAQGSGQAILTFLGGFHPQTQSLWLTDMAHHHLAIAVIFIVAGHMYRTNFGIGHRMQAILEAHTPPSGSLGAGHK
GLFDTVNNSLHFQLGLALASVGTITSLVAQHMYSLPPYAFQAIDFTTQAALYTHHQYIAGFIMCGAFAHGAIFFIRDYDP
EQNKGNVLARMLDHKEALISHLSWVSLFLGFHTLGLYVHNDVMQAFGTPEKQILIEPVFAQWIQAAHGKALYGFDFLLSS
KTSAAFANGQSLWLPGWLDAINNNQNSLFLTIGPGDFLVHHAIALGLHTTTLILVKGALDARGSKLMPDKKDFGYSFPCD
GPGRGGTCDISAYDAFYLAVFWMLNTIGWVTFYWHWKHLTLWQGNVAQFDESSTYLMGWLRDYLWLNSSQLINGYNPFGM
NSLSVWAWTFLFGHLIYATGFMFLISWRGYWQELIETLVWAHEKTPLANLVYWKDKPVALSIVQARLVGLAHFSVGYIFT
YAAFLIASTSGRF
;
B,b
3 'polypeptide(L)' AHIVKIYDTCIGCTQCVRACPLDVLEMVPWDGCKASQMASAPRTEDCVGCKRCETACPTDFLSVRVYLGSESTRSMGLSY C,c
4 'polypeptide(L)'
;WTVPTLNPDTPSPIFGGSTGGLLRKAQTEEFYVITWEAKKEQIFEMPTGGAAIMRQGPNLLKFGKKEQCLALTTQLRNKF
KLTP(SNC)FYRVFPDGKVQYLHPADGVYPEKVNAGRVGANQNMRRIGQNVNPIKVKFSGRMMSPAEI
;
D,d
5 'polypeptide(L)' EVGPKRGSLVKILRPESYWFNQVGKVVSVDQSGVRYPVVVRFENQNYAGVTTNNYALDEVVAA E,e
6 'polypeptide(L)'
;DIAGLTPCSESKAYAKLEKKELKTLEKRLKQYEADSAPAVALKATMERTKARFANYAKAGLLCGNDGLPHLIADPGLALK
YGHAGEVFIPTFGFLYVAGYIGYVGRQYLIAVKGEAKPTDKEIIIDVPLATKLAWQGAGWPLAAVQELQRGTLLEKEENI
TVSPR
;
F,f
7 'polypeptide(L)'
;LDPQIVISGSTAAFLAIGRFVFLGYQRREANFDSTVGPKTTGATYFDDLQKNSTIFATNDPAGFNIIDVAGWGALGHAVG
FAVLAINSLQG
;
G,g
8 'polypeptide(L)' PFVPPSWAPSVFVPLTGLVLPAIAMATLFVYIEKEAP I,i
9 'polypeptide(L)' MKDFTTYLSTAPVIATIWFTFTAGLLIEINRYFPDPLVF J,j
10 'polypeptide(L)'
;FIGSSTNLIMVASTTATLAAARFGLAPTVKKNTTAGLKLVDSKNSAGVISNDPAGFTIVDVLAMGAAGHGLGVGIVLGLK
GIGA
;
K,k
11 'polypeptide(L)'
;GMLETPVTSAPIVATYLSNLPAYRTGVAPVLRGVEIGLAHGFLLAGPFIKLGPLRNVPETAEIAGSLSAAGLVLILALCL
SIYGSAQFQSTPSIGVKTLSGRSVARDPLFSADGWSEFAAGFLVGGEAGVAWAYVCTQ
;
L,l
12 'polypeptide(L)'
;KAGNWLPGSDAPAWLPDDLPGNYGFDPLSLGKEPASLKRFTESEVIHGRWAMLGVAGSLAVELLGYGNWYDAPLWAVNGG
KATWFGIEVPFDLNALLAFEFVAMAAAEGQRGDAGGVVYPGGAFDPLGFAKDSSKSGELKLKEIKNGRLAMVAFLGFVAQ
HAATGKGPIAALGEHLANPWGANFATNGISVPFF
;
1,Z,p,z
13 'polypeptide(L)'
;LYVGASQSSLAYLDGSLPGDFGFDPLGLLDPVNSGGFIEPKWLQYSEVIHARWAMLGAAGCIAPEVLGAAGLIPDATNIK
WFESGVIPPAGSYNGYWADPYTIFFVEIVAMQFAELRRLQDFRYPGSMGQQYFLGLEAIFKGSGDAAYPGGPFFNLFNLG
KTEAAMKELKLKEIKNGRLAMLAMLGYGAQAVMTGKGPFQNLVEHLADPVNNNILTNFG
;
3,q
14 'polypeptide(L)'
;VRPVWFPGNPPPAHLDGSLAGDYGFDPLFLGQEPQTLKWYVQAELVHGRFAMLGAAGIILTSIGAKVGLGFPEWYDAGKV
VVEKNNIDFPTLMVIQFYLMGWAETKRWYDFKNPGSQADGSFLGFTEEFKGLENGYPGGRFFDPMGLSRGDAAKYQEYKQ
KEVKNGRLAMIACLGFAAQYAATGKGPLDNLADHLADPNHVNFATNGVSIPIA
;
7,r
15 'polypeptide(L)'
;RQSWLPGSQIPAHLDTPAAQALAGNFGFDPLGLGKDPVALRWYQQAELIHCRTAMAGVAGILIPGLLTKAGALNVPEWYD
AGKVAIENSFAPWGSLLAVQLFLCGFVEAKRWQDIRKPGSQGEPGSFLGFEASLKGTSELGYPGGPFDPLGLSKEADKWA
DWKLKEVKNGRLAMLAFLGFVAQKYATGAGPVDNLAAHLKDPWHVNYATNGVSLPFL
;
8,s
16 'polypeptide(L)'
;DAALPSWMPGADLPGYLNGTLPGDFGFDPLYLGQDPVKLKWYAQAELMNARFAMLAVAGILVPELLSNIGFSWPGAGVAW
YDAGKFEYFAPASSLFGVQMLLFAWVEIRRYQDFVKPGSANQDPIFTNNKLPDGNEPGYPGGIFDPFGWSKGDIKSLKLK
EIKNGRLAMLAFAGFIGQAYTTGTTPLKNLSTHLADPWSTTVWQNDLARL
;
4,t
17 'polypeptide(L)'
;DRKLWAPGVVAPEYLKGDLAGDYGWDPLGLGADPTALKWYRQSELQHARWAMLGVAGVLVQEIVKPDVYFYEAGLPQNLP
EPFTNINMGGLLAWEFILMHWVEVRRWQDYKNFGSVNEDPIFKGNKVPNPEMGYPGGIFDPFGFSKGNLKELQTKEIKNG
RLAMIAYMAFILQAQATGKGPLAALSAHLSNPFGNNILKNIGTCTVPHSVDVQGLTIPLTCLWPGSQ
;
5,u
18 'polypeptide(L)'
;RPLWLPGSTPPAHLKGDLPGDFGFDPLGLGANAESLKWFKESELVHSRWAMAAVAGILVQEIVRPDVFWYNAGKEVESPL
GPLGLLAVEFFLMHWVEVRRWQDLRKPGSVDQDPIFSQYKLPPHEVGYPGGVFAPFIPGDLAELKVKEIKNGRLAMLAFV
GFVMAAQVTGKGPIAALQEHLADPWGTTIFSKAAVVPGQAVAPPCKIPASVSYKGIEIPTPCFLQGLWP
;
6,v
19 'polypeptide(L)'
;RPMWYPGATAPAHLDGSMLGDYGFDPLRLGVNKDNLKWFREAELTNGRWAMAAVVGILFTDAVGLPKFWTAGAEKYALDN
QTLALIEVAVFAVLEGKRYEIYKKTGETGFLSFAPFDPMGMKSEEMKLKELKNGRLAMLAFLGFCSQAAVYGKGPIETLQ
LHLADPGHNNIYTSSVGPETAVTVAVLCVLPMIIEATK
;
2
20 'polypeptide(L)'
;RPTWLPGLNPPAHLKGALAGDNGFDPLGLGQDEGRLKWYAEAEKTNGRWAMMAVAGILGQELLGVTPAWWEAGAKEYDIP
AQALTPIEFIVMGFLEIKRYQGFKQTGTSGFINSFPFDPAGMNSPSMATKEVKNGRLAMVAFIGFCVQALATRTQPIEGL
TAHLADPFGKNITYYLTHLPETL
;
9
#
# COMPACT_ATOMS: atom_id res chain seq x y z
N LYS A 1 -15.05 97.47 43.14
CA LYS A 1 -13.90 98.02 43.85
C LYS A 1 -14.24 98.33 45.30
N LYS A 2 -15.50 98.67 45.55
CA LYS A 2 -15.98 99.00 46.89
C LYS A 2 -16.69 97.79 47.50
N VAL A 3 -16.24 97.39 48.68
CA VAL A 3 -16.83 96.26 49.38
C VAL A 3 -17.91 96.82 50.31
N LYS A 4 -19.17 96.52 50.01
CA LYS A 4 -20.29 97.00 50.80
C LYS A 4 -21.37 95.94 50.83
N ILE A 5 -22.47 96.25 51.52
CA ILE A 5 -23.60 95.34 51.63
C ILE A 5 -24.63 95.72 50.57
N ALA A 6 -24.72 94.89 49.52
CA ALA A 6 -25.66 95.09 48.43
C ALA A 6 -26.78 94.08 48.59
N VAL A 7 -27.98 94.57 48.92
CA VAL A 7 -29.14 93.71 49.15
C VAL A 7 -30.40 94.27 48.50
N ASP A 8 -31.19 93.37 47.90
CA ASP A 8 -32.47 93.67 47.28
C ASP A 8 -33.55 93.36 48.29
N ARG A 9 -34.55 94.24 48.39
CA ARG A 9 -35.65 94.09 49.34
C ARG A 9 -36.84 93.37 48.72
N ASN A 10 -37.34 92.37 49.45
CA ASN A 10 -38.50 91.55 49.09
C ASN A 10 -38.51 91.05 47.64
N PRO A 11 -37.56 90.19 47.25
CA PRO A 11 -37.55 89.70 45.87
C PRO A 11 -38.54 88.58 45.61
N VAL A 12 -38.74 87.71 46.62
CA VAL A 12 -39.64 86.58 46.52
C VAL A 12 -40.68 86.71 47.62
N GLU A 13 -41.95 86.54 47.26
CA GLU A 13 -43.02 86.64 48.24
C GLU A 13 -43.21 85.30 48.94
N THR A 14 -43.32 85.34 50.26
CA THR A 14 -43.51 84.14 51.07
C THR A 14 -44.94 83.66 50.90
N SER A 15 -45.11 82.50 50.27
CA SER A 15 -46.44 81.96 50.03
C SER A 15 -46.36 80.45 49.90
N PHE A 16 -47.51 79.80 50.04
CA PHE A 16 -47.63 78.35 49.91
C PHE A 16 -48.14 77.93 48.55
N GLU A 17 -48.30 78.88 47.63
CA GLU A 17 -48.83 78.60 46.30
C GLU A 17 -47.94 77.64 45.52
N LYS A 18 -46.61 77.82 45.60
CA LYS A 18 -45.71 76.92 44.88
C LYS A 18 -45.54 75.58 45.58
N TRP A 19 -45.96 75.47 46.85
CA TRP A 19 -45.85 74.20 47.56
C TRP A 19 -46.79 73.16 46.99
N ALA A 20 -47.87 73.60 46.35
CA ALA A 20 -48.88 72.74 45.75
C ALA A 20 -48.62 72.49 44.27
N LYS A 21 -47.52 73.01 43.72
CA LYS A 21 -47.17 72.85 42.31
C LYS A 21 -45.79 72.24 42.23
N PRO A 22 -45.70 70.91 42.27
CA PRO A 22 -44.39 70.25 42.19
C PRO A 22 -43.72 70.48 40.84
N GLY A 23 -42.39 70.59 40.88
CA GLY A 23 -41.63 70.82 39.66
C GLY A 23 -41.70 72.22 39.12
N HIS A 24 -42.08 73.19 39.94
CA HIS A 24 -42.19 74.57 39.50
C HIS A 24 -40.84 75.19 39.17
N PHE A 25 -39.78 74.72 39.83
CA PHE A 25 -38.44 75.27 39.61
C PHE A 25 -37.91 74.97 38.22
N SER A 26 -38.37 73.88 37.60
CA SER A 26 -37.92 73.49 36.27
C SER A 26 -39.00 73.81 35.25
N ARG A 27 -38.57 74.29 34.07
CA ARG A 27 -39.53 74.60 33.02
C ARG A 27 -40.13 73.33 32.43
N THR A 28 -39.34 72.26 32.37
CA THR A 28 -39.84 71.00 31.83
C THR A 28 -40.72 70.25 32.82
N LEU A 29 -40.40 70.35 34.12
CA LEU A 29 -41.16 69.65 35.14
C LEU A 29 -42.42 70.40 35.57
N SER A 30 -42.55 71.68 35.24
CA SER A 30 -43.73 72.44 35.64
C SER A 30 -44.98 72.04 34.88
N LYS A 31 -44.83 71.33 33.75
CA LYS A 31 -46.00 70.92 32.97
C LYS A 31 -46.82 69.88 33.73
N GLY A 32 -46.16 68.97 34.44
CA GLY A 32 -46.84 67.94 35.18
C GLY A 32 -46.40 66.55 34.76
N PRO A 33 -46.68 65.56 35.59
CA PRO A 33 -46.28 64.18 35.27
C PRO A 33 -47.20 63.52 34.26
N ASN A 34 -46.58 62.69 33.41
CA ASN A 34 -47.28 61.90 32.41
C ASN A 34 -46.79 60.47 32.57
N THR A 35 -45.55 60.34 33.02
CA THR A 35 -44.89 59.07 33.26
C THR A 35 -44.26 59.12 34.64
N THR A 36 -43.88 57.96 35.17
CA THR A 36 -43.28 57.89 36.49
C THR A 36 -41.89 58.51 36.52
N THR A 37 -41.22 58.58 35.37
CA THR A 37 -39.88 59.16 35.26
C THR A 37 -39.84 60.58 35.82
N TRP A 38 -40.91 61.34 35.55
CA TRP A 38 -41.05 62.71 36.03
C TRP A 38 -40.82 62.81 37.53
N ILE A 39 -41.40 61.86 38.29
CA ILE A 39 -41.26 61.85 39.75
C ILE A 39 -39.79 61.80 40.13
N TRP A 40 -39.04 60.86 39.51
CA TRP A 40 -37.62 60.75 39.80
C TRP A 40 -36.90 62.02 39.39
N ASN A 41 -37.30 62.60 38.25
CA ASN A 41 -36.68 63.83 37.78
C ASN A 41 -36.92 64.95 38.78
N LEU A 42 -38.11 64.95 39.40
CA LEU A 42 -38.46 65.97 40.38
C LEU A 42 -37.47 65.97 41.54
N HIS A 43 -36.91 64.81 41.87
CA HIS A 43 -35.94 64.77 42.95
C HIS A 43 -34.52 64.85 42.44
N ALA A 44 -34.28 64.55 41.16
CA ALA A 44 -32.93 64.59 40.62
C ALA A 44 -32.48 65.99 40.23
N ASP A 45 -33.40 66.95 40.13
CA ASP A 45 -33.07 68.31 39.73
C ASP A 45 -33.55 69.33 40.76
N ALA A 46 -33.83 68.91 41.99
CA ALA A 46 -34.31 69.82 43.01
C ALA A 46 -33.24 70.82 43.43
N HIS A 47 -32.01 70.36 43.64
CA HIS A 47 -30.93 71.24 44.05
C HIS A 47 -30.03 71.66 42.90
N ASP A 48 -30.38 71.30 41.67
CA ASP A 48 -29.59 71.71 40.50
C ASP A 48 -30.02 73.14 40.16
N PHE A 49 -29.54 74.07 41.00
CA PHE A 49 -29.91 75.48 40.88
C PHE A 49 -29.44 76.09 39.57
N ASP A 50 -28.24 75.73 39.11
CA ASP A 50 -27.75 76.30 37.85
C ASP A 50 -28.53 75.78 36.64
N SER A 51 -29.28 74.69 36.80
CA SER A 51 -30.09 74.15 35.72
C SER A 51 -31.47 74.80 35.66
N HIS A 52 -31.96 75.34 36.77
CA HIS A 52 -33.27 75.98 36.78
C HIS A 52 -33.23 77.32 36.07
N THR A 53 -32.18 78.10 36.31
CA THR A 53 -32.03 79.42 35.70
C THR A 53 -30.56 79.68 35.44
N SER A 54 -30.30 80.62 34.53
CA SER A 54 -28.95 81.01 34.17
C SER A 54 -28.49 82.27 34.91
N ASP A 55 -29.33 82.83 35.77
CA ASP A 55 -28.97 84.03 36.53
C ASP A 55 -28.09 83.63 37.71
N LEU A 56 -26.84 84.12 37.71
CA LEU A 56 -25.90 83.79 38.78
C LEU A 56 -26.37 84.32 40.13
N GLU A 57 -27.06 85.47 40.13
CA GLU A 57 -27.55 86.05 41.38
C GLU A 57 -28.59 85.15 42.04
N GLU A 58 -29.52 84.60 41.24
CA GLU A 58 -30.55 83.73 41.79
C GLU A 58 -29.95 82.44 42.33
N ILE A 59 -28.96 81.88 41.61
CA ILE A 59 -28.30 80.66 42.06
C ILE A 59 -27.57 80.91 43.37
N SER A 60 -26.86 82.05 43.47
CA SER A 60 -26.13 82.38 44.69
C SER A 60 -27.08 82.57 45.87
N ARG A 61 -28.23 83.23 45.65
CA ARG A 61 -29.20 83.42 46.72
C ARG A 61 -29.75 82.08 47.21
N LYS A 62 -30.05 81.19 46.25
CA LYS A 62 -30.56 79.87 46.61
C LYS A 62 -29.53 79.07 47.40
N VAL A 63 -28.26 79.16 46.99
CA VAL A 63 -27.18 78.45 47.67
C VAL A 63 -27.02 78.95 49.10
N PHE A 64 -27.04 80.27 49.27
CA PHE A 64 -26.86 80.89 50.58
C PHE A 64 -28.01 80.50 51.54
N SER A 65 -29.24 80.50 51.02
CA SER A 65 -30.38 80.09 51.87
C SER A 65 -30.33 78.59 52.16
N ALA A 66 -29.88 77.79 51.19
CA ALA A 66 -29.76 76.34 51.40
C ALA A 66 -28.72 76.05 52.46
N HIS A 67 -27.67 76.87 52.50
CA HIS A 67 -26.64 76.73 53.52
C HIS A 67 -27.24 76.98 54.89
N PHE A 68 -28.12 77.98 54.99
CA PHE A 68 -28.77 78.24 56.28
C PHE A 68 -29.66 77.06 56.69
N GLY A 69 -30.35 76.47 55.73
CA GLY A 69 -31.18 75.31 56.04
C GLY A 69 -30.34 74.14 56.54
N GLN A 70 -29.18 73.94 55.90
CA GLN A 70 -28.27 72.86 56.33
C GLN A 70 -27.75 73.11 57.73
N LEU A 71 -27.39 74.37 58.04
CA LEU A 71 -26.90 74.68 59.38
C LEU A 71 -28.01 74.48 60.41
N GLY A 72 -29.26 74.75 60.03
CA GLY A 72 -30.37 74.51 60.95
C GLY A 72 -30.55 73.04 61.22
N ILE A 73 -30.39 72.21 60.19
CA ILE A 73 -30.49 70.75 60.36
C ILE A 73 -29.37 70.26 61.28
N ILE A 74 -28.16 70.78 61.08
CA ILE A 74 -27.02 70.38 61.90
C ILE A 74 -27.23 70.80 63.35
N PHE A 75 -27.80 72.00 63.56
CA PHE A 75 -28.07 72.46 64.92
C PHE A 75 -29.13 71.61 65.59
N ILE A 76 -30.13 71.16 64.83
CA ILE A 76 -31.16 70.29 65.38
C ILE A 76 -30.54 68.95 65.79
N TRP A 77 -29.65 68.42 64.95
CA TRP A 77 -28.97 67.16 65.25
C TRP A 77 -28.09 67.27 66.49
N LEU A 78 -27.34 68.38 66.61
CA LEU A 78 -26.48 68.57 67.78
C LEU A 78 -27.32 68.75 69.05
N SER A 79 -28.43 69.50 68.93
CA SER A 79 -29.32 69.69 70.07
C SER A 79 -29.92 68.36 70.50
N GLY A 80 -30.21 67.49 69.53
CA GLY A 80 -30.72 66.18 69.86
C GLY A 80 -29.70 65.33 70.58
N MET A 81 -28.43 65.44 70.18
CA MET A 81 -27.38 64.69 70.86
C MET A 81 -27.22 65.15 72.30
N TYR A 82 -27.26 66.47 72.51
CA TYR A 82 -27.15 66.99 73.87
C TYR A 82 -28.36 66.61 74.71
N PHE A 83 -29.56 66.63 74.10
CA PHE A 83 -30.76 66.25 74.83
C PHE A 83 -30.73 64.77 75.21
N HIS A 84 -30.25 63.91 74.31
CA HIS A 84 -30.17 62.49 74.61
C HIS A 84 -29.14 62.25 75.69
N GLY A 85 -28.05 63.02 75.69
CA GLY A 85 -27.07 62.87 76.74
C GLY A 85 -27.54 63.42 78.07
N ALA A 86 -28.52 64.31 78.05
CA ALA A 86 -29.07 64.89 79.28
C ALA A 86 -30.28 64.16 79.83
N ARG A 87 -31.02 63.40 79.03
CA ARG A 87 -32.22 62.75 79.55
C ARG A 87 -32.25 61.23 79.41
N PHE A 88 -31.56 60.67 78.43
CA PHE A 88 -31.55 59.23 78.22
C PHE A 88 -30.14 58.69 78.18
N SER A 89 -29.30 59.11 79.12
CA SER A 89 -27.92 58.65 79.14
C SER A 89 -27.48 58.37 80.57
N ASN A 90 -26.23 57.95 80.71
CA ASN A 90 -25.61 57.64 81.99
C ASN A 90 -24.30 58.41 82.12
N TYR A 91 -24.28 59.65 81.61
CA TYR A 91 -23.10 60.49 81.64
C TYR A 91 -22.66 60.82 83.07
N GLU A 92 -23.63 61.13 83.94
CA GLU A 92 -23.29 61.46 85.33
C GLU A 92 -22.67 60.27 86.04
N ALA A 93 -23.18 59.06 85.79
CA ALA A 93 -22.61 57.88 86.41
C ALA A 93 -21.28 57.55 85.78
N TRP A 94 -21.15 57.78 84.46
CA TRP A 94 -19.90 57.51 83.76
C TRP A 94 -18.79 58.44 84.21
N LEU A 95 -19.13 59.62 84.71
CA LEU A 95 -18.10 60.56 85.18
C LEU A 95 -17.35 60.01 86.39
N SER A 96 -18.05 59.31 87.28
CA SER A 96 -17.41 58.75 88.47
C SER A 96 -16.66 57.46 88.18
N ASP A 97 -16.84 56.86 87.02
CA ASP A 97 -16.16 55.63 86.64
C ASP A 97 -16.08 55.53 85.13
N PRO A 98 -15.22 56.31 84.48
CA PRO A 98 -15.14 56.25 83.01
C PRO A 98 -14.37 55.06 82.47
N THR A 99 -13.70 54.31 83.34
CA THR A 99 -12.92 53.15 82.90
C THR A 99 -13.69 51.84 83.01
N HIS A 100 -14.89 51.85 83.57
CA HIS A 100 -15.66 50.61 83.71
C HIS A 100 -17.05 50.72 83.13
N ILE A 101 -17.65 51.91 83.19
CA ILE A 101 -18.99 52.14 82.69
C ILE A 101 -18.94 52.44 81.19
N LYS A 102 -19.74 51.73 80.42
CA LYS A 102 -19.79 51.93 78.98
C LYS A 102 -20.70 53.10 78.65
N PRO A 103 -20.27 54.02 77.78
CA PRO A 103 -21.13 55.17 77.44
C PRO A 103 -22.37 54.74 76.68
N SER A 104 -23.51 55.29 77.08
CA SER A 104 -24.78 54.96 76.46
C SER A 104 -25.66 56.19 76.47
N ALA A 105 -26.31 56.47 75.34
CA ALA A 105 -27.19 57.63 75.24
C ALA A 105 -28.45 57.34 74.45
N GLN A 106 -28.82 56.07 74.26
CA GLN A 106 -30.01 55.71 73.52
C GLN A 106 -30.71 54.57 74.23
N VAL A 107 -32.01 54.73 74.49
CA VAL A 107 -32.83 53.73 75.15
C VAL A 107 -34.00 53.41 74.23
N VAL A 108 -34.38 52.15 74.15
CA VAL A 108 -35.48 51.72 73.30
C VAL A 108 -36.70 51.44 74.15
N TRP A 109 -37.87 51.59 73.54
CA TRP A 109 -39.13 51.36 74.22
C TRP A 109 -39.39 49.86 74.32
N PRO A 110 -40.02 49.39 75.39
CA PRO A 110 -40.31 47.95 75.53
C PRO A 110 -41.47 47.51 74.63
N ILE A 111 -41.15 47.26 73.36
CA ILE A 111 -42.13 46.84 72.38
C ILE A 111 -41.53 45.70 71.56
N VAL A 112 -42.40 44.77 71.13
CA VAL A 112 -42.14 43.57 70.34
C VAL A 112 -40.85 42.82 70.70
N GLY A 113 -40.47 42.87 71.99
CA GLY A 113 -39.28 42.19 72.44
C GLY A 113 -37.97 42.88 72.13
N GLN A 114 -38.01 44.16 71.74
CA GLN A 114 -36.79 44.88 71.41
C GLN A 114 -36.04 45.40 72.64
N GLU A 115 -36.63 45.27 73.84
CA GLU A 115 -36.00 45.74 75.08
C GLU A 115 -34.68 45.04 75.36
N ILE A 116 -34.37 43.94 74.67
CA ILE A 116 -33.11 43.24 74.83
C ILE A 116 -31.95 44.10 74.35
N LEU A 117 -32.24 45.09 73.49
CA LEU A 117 -31.20 45.99 72.99
C LEU A 117 -30.70 46.93 74.07
N ASN A 118 -31.45 47.10 75.15
CA ASN A 118 -31.05 47.96 76.27
C ASN A 118 -30.12 47.13 77.15
N GLY A 119 -28.86 47.05 76.72
CA GLY A 119 -27.88 46.27 77.44
C GLY A 119 -27.44 46.93 78.72
N ASP A 120 -26.79 46.13 79.55
CA ASP A 120 -26.25 46.56 80.85
C ASP A 120 -24.92 47.25 80.61
N VAL A 121 -25.00 48.56 80.38
CA VAL A 121 -23.80 49.36 80.12
C VAL A 121 -23.08 49.79 81.38
N GLY A 122 -23.67 49.57 82.56
CA GLY A 122 -23.06 49.95 83.81
C GLY A 122 -23.67 51.21 84.39
N GLY A 123 -23.38 51.44 85.66
CA GLY A 123 -23.89 52.61 86.36
C GLY A 123 -25.38 52.55 86.64
N GLY A 124 -25.95 51.35 86.72
CA GLY A 124 -27.38 51.19 86.98
C GLY A 124 -28.21 51.73 85.84
N PHE A 125 -27.73 51.58 84.61
CA PHE A 125 -28.39 52.08 83.43
C PHE A 125 -28.45 51.00 82.36
N GLN A 126 -29.52 51.02 81.58
CA GLN A 126 -29.72 50.06 80.49
C GLN A 126 -29.92 50.84 79.21
N GLY A 127 -29.13 50.52 78.19
CA GLY A 127 -29.25 51.23 76.93
C GLY A 127 -28.30 50.68 75.89
N ILE A 128 -28.20 51.42 74.80
CA ILE A 128 -27.35 51.07 73.66
C ILE A 128 -26.01 51.78 73.82
N GLN A 129 -24.93 51.01 73.75
CA GLN A 129 -23.58 51.57 73.87
C GLN A 129 -23.28 52.42 72.64
N ILE A 130 -23.09 53.71 72.86
CA ILE A 130 -22.79 54.64 71.78
C ILE A 130 -21.29 54.68 71.54
N THR A 131 -20.92 54.98 70.28
CA THR A 131 -19.52 55.06 69.88
C THR A 131 -19.17 56.41 69.27
N SER A 132 -20.04 57.42 69.42
CA SER A 132 -19.77 58.74 68.87
C SER A 132 -18.74 59.52 69.68
N GLY A 133 -18.48 59.12 70.92
CA GLY A 133 -17.51 59.81 71.74
C GLY A 133 -17.98 61.11 72.35
N PHE A 134 -19.29 61.32 72.47
CA PHE A 134 -19.79 62.56 73.05
C PHE A 134 -19.46 62.65 74.54
N PHE A 135 -19.38 61.52 75.23
CA PHE A 135 -19.07 61.52 76.66
C PHE A 135 -17.69 62.10 76.91
N GLN A 136 -16.71 61.67 76.12
CA GLN A 136 -15.34 62.15 76.25
C GLN A 136 -15.23 63.63 75.91
N LEU A 137 -15.97 64.06 74.87
CA LEU A 137 -15.97 65.46 74.48
C LEU A 137 -16.58 66.33 75.57
N TRP A 138 -17.69 65.88 76.16
CA TRP A 138 -18.34 66.63 77.23
C TRP A 138 -17.47 66.67 78.46
N ARG A 139 -16.73 65.60 78.73
CA ARG A 139 -15.84 65.58 79.88
C ARG A 139 -14.67 66.53 79.65
N ALA A 140 -14.23 66.64 78.40
CA ALA A 140 -13.13 67.55 78.09
C ALA A 140 -13.56 69.00 78.18
N SER A 141 -14.84 69.29 77.94
CA SER A 141 -15.34 70.65 78.03
C SER A 141 -15.65 71.08 79.46
N GLY A 142 -15.62 70.16 80.41
CA GLY A 142 -15.92 70.48 81.79
C GLY A 142 -17.35 70.28 82.20
N ILE A 143 -18.16 69.60 81.38
CA ILE A 143 -19.56 69.38 81.72
C ILE A 143 -19.66 68.27 82.76
N THR A 144 -20.30 68.58 83.89
CA THR A 144 -20.46 67.62 84.96
C THR A 144 -21.89 67.27 85.32
N SER A 145 -22.89 67.94 84.75
CA SER A 145 -24.27 67.64 85.08
C SER A 145 -25.14 67.63 83.84
N GLU A 146 -26.30 66.98 83.96
CA GLU A 146 -27.25 66.89 82.87
C GLU A 146 -27.93 68.23 82.58
N LEU A 147 -27.94 69.14 83.56
CA LEU A 147 -28.55 70.45 83.36
C LEU A 147 -27.79 71.25 82.31
N GLN A 148 -26.45 71.14 82.30
CA GLN A 148 -25.65 71.84 81.31
C GLN A 148 -25.93 71.30 79.91
N LEU A 149 -26.06 69.98 79.77
CA LEU A 149 -26.36 69.39 78.47
C LEU A 149 -27.76 69.78 78.01
N TYR A 150 -28.72 69.85 78.94
CA TYR A 150 -30.07 70.24 78.60
C TYR A 150 -30.11 71.69 78.14
N THR A 151 -29.35 72.56 78.82
CA THR A 151 -29.28 73.97 78.44
C THR A 151 -28.63 74.11 77.06
N THR A 152 -27.63 73.28 76.78
CA THR A 152 -26.98 73.30 75.47
C THR A 152 -27.95 72.83 74.39
N ALA A 153 -28.80 71.85 74.72
CA ALA A 153 -29.79 71.38 73.75
C ALA A 153 -30.80 72.47 73.43
N ILE A 154 -31.25 73.20 74.45
CA ILE A 154 -32.20 74.29 74.23
C ILE A 154 -31.55 75.38 73.40
N GLY A 155 -30.28 75.68 73.70
CA GLY A 155 -29.56 76.68 72.92
C GLY A 155 -29.37 76.24 71.48
N GLY A 156 -29.19 74.95 71.26
CA GLY A 156 -29.05 74.43 69.90
C GLY A 156 -30.35 74.57 69.14
N LEU A 157 -31.48 74.35 69.82
CA LEU A 157 -32.78 74.51 69.17
C LEU A 157 -33.01 75.98 68.81
N VAL A 158 -32.59 76.89 69.69
CA VAL A 158 -32.72 78.31 69.42
C VAL A 158 -31.86 78.70 68.23
N MET A 159 -30.63 78.15 68.16
CA MET A 159 -29.74 78.43 67.05
C MET A 159 -30.31 77.88 65.74
N ALA A 160 -30.97 76.72 65.81
CA ALA A 160 -31.58 76.14 64.62
C ALA A 160 -32.71 77.03 64.11
N ALA A 161 -33.50 77.56 65.05
CA ALA A 161 -34.59 78.46 64.66
C ALA A 161 -34.02 79.72 64.03
N ALA A 162 -32.90 80.21 64.57
CA ALA A 162 -32.26 81.40 64.02
C ALA A 162 -31.71 81.13 62.62
N MET A 163 -31.17 79.92 62.39
CA MET A 163 -30.64 79.57 61.07
C MET A 163 -31.75 79.51 60.03
N PHE A 164 -32.89 78.90 60.40
CA PHE A 164 -34.00 78.82 59.47
C PHE A 164 -34.58 80.21 59.19
N PHE A 165 -34.66 81.05 60.24
CA PHE A 165 -35.16 82.40 60.04
C PHE A 165 -34.21 83.18 59.15
N ALA A 166 -32.90 82.96 59.30
CA ALA A 166 -31.92 83.64 58.48
C ALA A 166 -32.05 83.25 57.02
N GLY A 167 -32.28 81.96 56.77
CA GLY A 167 -32.45 81.51 55.40
C GLY A 167 -33.69 82.10 54.75
N TRP A 168 -34.80 82.12 55.50
CA TRP A 168 -36.03 82.70 54.97
C TRP A 168 -35.87 84.20 54.75
N PHE A 169 -35.26 84.90 55.71
CA PHE A 169 -35.06 86.34 55.62
C PHE A 169 -34.13 86.69 54.46
N HIS A 170 -33.12 85.87 54.21
CA HIS A 170 -32.20 86.15 53.13
C HIS A 170 -32.71 85.68 51.77
N TYR A 171 -33.78 84.90 51.73
CA TYR A 171 -34.30 84.53 50.42
C TYR A 171 -35.55 85.31 50.03
N HIS A 172 -36.38 85.67 51.00
CA HIS A 172 -37.63 86.38 50.73
C HIS A 172 -37.67 87.83 51.14
N LYS A 173 -36.90 88.26 52.14
CA LYS A 173 -36.94 89.64 52.59
C LYS A 173 -35.74 90.47 52.15
N ALA A 174 -34.53 90.04 52.50
CA ALA A 174 -33.31 90.77 52.18
C ALA A 174 -32.33 89.84 51.47
N ALA A 175 -32.40 89.79 50.13
CA ALA A 175 -31.52 88.89 49.39
C ALA A 175 -30.26 89.60 48.91
N PRO A 176 -29.08 89.08 49.19
CA PRO A 176 -27.84 89.75 48.74
C PRO A 176 -27.71 89.72 47.23
N LYS A 177 -27.02 90.74 46.71
CA LYS A 177 -26.80 90.86 45.28
C LYS A 177 -25.60 90.01 44.85
N LEU A 178 -25.41 89.91 43.53
CA LEU A 178 -24.32 89.11 43.00
C LEU A 178 -22.95 89.69 43.35
N GLU A 179 -22.84 91.02 43.38
CA GLU A 179 -21.56 91.64 43.72
C GLU A 179 -21.17 91.38 45.16
N TRP A 180 -22.16 91.11 46.03
CA TRP A 180 -21.86 90.81 47.43
C TRP A 180 -21.23 89.44 47.57
N PHE A 181 -21.69 88.47 46.77
CA PHE A 181 -21.14 87.12 46.83
C PHE A 181 -19.76 87.05 46.21
N GLN A 182 -19.45 87.94 45.28
CA GLN A 182 -18.16 87.95 44.58
C GLN A 182 -17.05 88.65 45.36
N ASN A 183 -17.26 89.00 46.62
CA ASN A 183 -16.23 89.65 47.43
C ASN A 183 -15.41 88.56 48.11
N VAL A 184 -14.59 87.89 47.30
CA VAL A 184 -13.75 86.79 47.80
C VAL A 184 -12.68 87.29 48.75
N GLU A 185 -12.15 88.50 48.51
CA GLU A 185 -11.12 89.05 49.39
C GLU A 185 -11.67 89.31 50.78
N SER A 186 -12.82 90.00 50.84
CA SER A 186 -13.46 90.30 52.12
C SER A 186 -13.92 89.03 52.82
N MET A 187 -14.48 88.08 52.05
CA MET A 187 -14.96 86.83 52.61
C MET A 187 -13.82 86.02 53.19
N LEU A 188 -12.68 85.98 52.49
CA LEU A 188 -11.53 85.24 52.99
C LEU A 188 -10.94 85.91 54.21
N ASN A 189 -10.91 87.25 54.23
CA ASN A 189 -10.40 87.96 55.39
C ASN A 189 -11.25 87.66 56.62
N HIS A 190 -12.56 87.69 56.46
CA HIS A 190 -13.46 87.41 57.59
C HIS A 190 -13.38 85.96 58.03
N HIS A 191 -13.38 85.03 57.09
CA HIS A 191 -13.32 83.61 57.43
C HIS A 191 -12.01 83.25 58.12
N LEU A 192 -10.91 83.87 57.70
CA LEU A 192 -9.63 83.58 58.34
C LEU A 192 -9.55 84.23 59.71
N GLY A 193 -9.72 85.56 59.76
CA GLY A 193 -9.65 86.23 61.04
C GLY A 193 -10.84 85.96 61.94
N GLY A 194 -12.01 86.52 61.61
CA GLY A 194 -13.19 86.36 62.41
C GLY A 194 -13.62 84.95 62.76
N LEU A 195 -14.12 84.18 61.79
CA LEU A 195 -14.58 82.82 62.07
C LEU A 195 -13.54 81.92 62.73
N LEU A 196 -12.48 81.57 62.00
CA LEU A 196 -11.46 80.67 62.55
C LEU A 196 -10.70 81.25 63.73
N GLY A 197 -10.12 82.45 63.58
CA GLY A 197 -9.34 83.03 64.67
C GLY A 197 -10.16 83.34 65.91
N LEU A 198 -11.32 83.98 65.76
CA LEU A 198 -12.13 84.30 66.91
C LEU A 198 -12.71 83.04 67.54
N GLY A 199 -13.02 82.02 66.74
CA GLY A 199 -13.51 80.78 67.31
C GLY A 199 -12.44 80.09 68.12
N SER A 200 -11.20 80.09 67.62
CA SER A 200 -10.10 79.49 68.35
C SER A 200 -9.80 80.26 69.62
N LEU A 201 -9.88 81.59 69.57
CA LEU A 201 -9.64 82.42 70.75
C LEU A 201 -10.73 82.20 71.80
N ALA A 202 -11.98 82.13 71.38
CA ALA A 202 -13.08 81.90 72.31
C ALA A 202 -12.98 80.51 72.93
N TRP A 203 -12.64 79.51 72.13
CA TRP A 203 -12.48 78.17 72.69
C TRP A 203 -11.29 78.10 73.62
N ALA A 204 -10.24 78.87 73.33
CA ALA A 204 -9.09 78.91 74.21
C ALA A 204 -9.47 79.54 75.54
N GLY A 205 -10.34 80.56 75.49
CA GLY A 205 -10.80 81.18 76.72
C GLY A 205 -11.63 80.23 77.55
N HIS A 206 -12.49 79.44 76.89
CA HIS A 206 -13.29 78.47 77.62
C HIS A 206 -12.41 77.38 78.22
N GLN A 207 -11.40 76.92 77.47
CA GLN A 207 -10.51 75.89 77.97
C GLN A 207 -9.70 76.38 79.15
N ILE A 208 -9.22 77.63 79.08
CA ILE A 208 -8.43 78.21 80.15
C ILE A 208 -9.28 78.43 81.40
N HIS A 209 -10.54 78.85 81.22
CA HIS A 209 -11.39 79.13 82.36
C HIS A 209 -12.33 78.01 82.80
N VAL A 210 -12.62 77.03 81.96
CA VAL A 210 -13.55 75.99 82.39
C VAL A 210 -12.96 74.59 82.29
N SER A 211 -12.49 74.22 81.10
CA SER A 211 -11.96 72.88 80.87
C SER A 211 -10.74 72.56 81.75
N LEU A 212 -9.78 73.47 81.80
CA LEU A 212 -8.57 73.22 82.59
C LEU A 212 -8.82 73.05 84.10
N PRO A 213 -9.53 73.95 84.81
CA PRO A 213 -9.71 73.69 86.25
C PRO A 213 -10.62 72.52 86.56
N VAL A 214 -11.73 72.38 85.84
CA VAL A 214 -12.66 71.27 86.10
C VAL A 214 -11.98 69.93 85.82
N ASN A 215 -11.27 69.84 84.70
CA ASN A 215 -10.58 68.59 84.38
C ASN A 215 -9.39 68.35 85.30
N LYS A 216 -8.75 69.40 85.81
CA LYS A 216 -7.65 69.22 86.75
C LYS A 216 -8.18 68.62 88.06
N LEU A 217 -9.34 69.12 88.52
CA LEU A 217 -9.93 68.58 89.73
C LEU A 217 -10.45 67.16 89.49
N LEU A 218 -10.95 66.89 88.28
CA LEU A 218 -11.45 65.57 87.95
C LEU A 218 -10.31 64.55 87.95
N ASP A 219 -9.17 64.93 87.38
CA ASP A 219 -8.02 64.03 87.35
C ASP A 219 -7.40 63.90 88.73
N ALA A 220 -7.60 64.90 89.59
CA ALA A 220 -7.05 64.83 90.94
C ALA A 220 -7.87 63.92 91.86
N GLY A 221 -9.03 63.44 91.39
CA GLY A 221 -9.88 62.56 92.17
C GLY A 221 -11.07 63.22 92.83
N VAL A 222 -11.30 64.51 92.59
CA VAL A 222 -12.42 65.21 93.21
C VAL A 222 -13.72 64.79 92.55
N ASP A 223 -14.76 64.61 93.37
CA ASP A 223 -16.07 64.23 92.87
C ASP A 223 -16.64 65.38 92.03
N PRO A 224 -17.38 65.07 90.95
CA PRO A 224 -17.95 66.15 90.12
C PRO A 224 -18.90 67.07 90.86
N LYS A 225 -19.58 66.59 91.90
CA LYS A 225 -20.49 67.45 92.65
C LYS A 225 -19.72 68.46 93.49
N GLU A 226 -18.55 68.05 94.00
CA GLU A 226 -17.72 68.93 94.83
C GLU A 226 -16.91 69.94 94.01
N ILE A 227 -16.78 69.72 92.71
CA ILE A 227 -16.02 70.64 91.86
C ILE A 227 -16.82 71.93 91.69
N PRO A 228 -16.20 73.10 91.84
CA PRO A 228 -16.94 74.36 91.69
C PRO A 228 -17.48 74.53 90.28
N LEU A 229 -18.60 75.25 90.19
CA LEU A 229 -19.24 75.50 88.93
C LEU A 229 -18.37 76.41 88.06
N PRO A 230 -18.49 76.34 86.73
CA PRO A 230 -17.66 77.19 85.86
C PRO A 230 -17.78 78.68 86.12
N HIS A 231 -18.98 79.15 86.47
CA HIS A 231 -19.13 80.56 86.76
C HIS A 231 -18.44 80.92 88.06
N ASP A 232 -18.38 79.99 89.01
CA ASP A 232 -17.67 80.25 90.26
C ASP A 232 -16.18 80.38 89.98
N LEU A 233 -15.66 79.58 89.05
CA LEU A 233 -14.26 79.66 88.68
C LEU A 233 -13.97 80.95 87.93
N LEU A 234 -14.95 81.42 87.14
CA LEU A 234 -14.84 82.64 86.35
C LEU A 234 -15.14 83.90 87.16
N LEU A 235 -15.69 83.78 88.36
CA LEU A 235 -16.04 84.94 89.18
C LEU A 235 -14.97 85.37 90.15
N ASN A 236 -14.26 84.45 90.80
CA ASN A 236 -13.24 84.83 91.76
C ASN A 236 -11.86 84.35 91.31
N ARG A 237 -10.84 85.12 91.66
CA ARG A 237 -9.46 84.83 91.33
C ARG A 237 -8.78 83.94 92.35
N ALA A 238 -9.41 83.71 93.51
CA ALA A 238 -8.79 82.87 94.54
C ALA A 238 -8.72 81.41 94.14
N ILE A 239 -9.83 80.86 93.61
CA ILE A 239 -9.86 79.45 93.22
C ILE A 239 -8.90 79.19 92.06
N MET A 240 -8.94 80.07 91.05
CA MET A 240 -8.06 79.92 89.91
C MET A 240 -6.61 80.13 90.32
N ALA A 241 -6.36 81.04 91.26
CA ALA A 241 -5.01 81.29 91.74
C ALA A 241 -4.47 80.09 92.49
N ASP A 242 -5.35 79.40 93.23
CA ASP A 242 -4.93 78.20 93.95
C ASP A 242 -4.63 77.07 92.96
N LEU A 243 -5.45 76.93 91.92
CA LEU A 243 -5.21 75.89 90.94
C LEU A 243 -4.07 76.27 89.99
N TYR A 244 -3.96 77.54 89.65
CA TYR A 244 -2.91 78.05 88.76
C TYR A 244 -2.36 79.33 89.37
N PRO A 245 -1.16 79.31 89.93
CA PRO A 245 -0.60 80.52 90.57
C PRO A 245 -0.46 81.73 89.65
N SER A 246 -0.27 81.53 88.34
CA SER A 246 -0.13 82.66 87.42
C SER A 246 -1.39 83.51 87.37
N PHE A 247 -2.54 82.94 87.74
CA PHE A 247 -3.78 83.70 87.75
C PHE A 247 -3.77 84.77 88.83
N ALA A 248 -2.85 84.68 89.81
CA ALA A 248 -2.78 85.69 90.85
C ALA A 248 -2.30 87.03 90.31
N LYS A 249 -1.60 87.03 89.18
CA LYS A 249 -1.10 88.26 88.56
C LYS A 249 -2.07 88.85 87.55
N GLY A 250 -3.21 88.19 87.30
CA GLY A 250 -4.19 88.70 86.37
C GLY A 250 -3.72 88.64 84.93
N ILE A 251 -4.22 89.59 84.13
CA ILE A 251 -3.85 89.67 82.72
C ILE A 251 -2.65 90.59 82.54
N ALA A 252 -2.04 90.99 83.66
CA ALA A 252 -0.86 91.86 83.61
C ALA A 252 0.33 91.23 82.89
N PRO A 253 0.70 89.95 83.10
CA PRO A 253 1.84 89.41 82.35
C PRO A 253 1.61 89.31 80.85
N PHE A 254 0.35 89.32 80.40
CA PHE A 254 0.08 89.26 78.96
C PHE A 254 0.40 90.59 78.29
N PHE A 255 0.10 91.70 78.96
CA PHE A 255 0.36 93.01 78.39
C PHE A 255 1.79 93.48 78.61
N THR A 256 2.47 92.98 79.62
CA THR A 256 3.86 93.37 79.88
C THR A 256 4.85 92.45 79.20
N LEU A 257 4.37 91.59 78.30
CA LEU A 257 5.18 90.62 77.55
C LEU A 257 5.95 89.68 78.48
N ASN A 258 5.24 89.20 79.50
CA ASN A 258 5.75 88.25 80.48
C ASN A 258 4.97 86.95 80.34
N TRP A 259 4.81 86.51 79.10
CA TRP A 259 4.04 85.31 78.77
C TRP A 259 4.57 84.06 79.46
N SER A 260 5.88 84.03 79.75
CA SER A 260 6.48 82.88 80.43
C SER A 260 5.87 82.63 81.81
N GLU A 261 5.23 83.64 82.40
CA GLU A 261 4.59 83.46 83.69
C GLU A 261 3.39 82.54 83.58
N TYR A 262 2.72 82.52 82.42
CA TYR A 262 1.55 81.67 82.20
C TYR A 262 1.90 80.23 81.85
N SER A 263 3.12 79.79 82.17
CA SER A 263 3.56 78.43 81.86
C SER A 263 2.84 77.36 82.67
N ASP A 264 2.06 77.72 83.68
CA ASP A 264 1.37 76.69 84.46
C ASP A 264 0.16 76.15 83.71
N PHE A 265 -0.49 76.95 82.86
CA PHE A 265 -1.66 76.48 82.12
C PHE A 265 -1.45 76.52 80.61
N LEU A 266 -0.27 76.93 80.15
CA LEU A 266 0.08 76.97 78.72
C LEU A 266 1.43 76.28 78.62
N THR A 267 1.42 74.98 78.33
CA THR A 267 2.64 74.20 78.30
C THR A 267 2.87 73.56 76.94
N PHE A 268 3.99 72.83 76.88
CA PHE A 268 4.48 72.01 75.78
C PHE A 268 4.84 70.64 76.28
N LYS A 269 3.94 70.07 77.07
CA LYS A 269 4.19 68.76 77.65
C LYS A 269 4.30 67.67 76.58
N GLY A 270 3.37 67.63 75.64
CA GLY A 270 3.41 66.59 74.64
C GLY A 270 2.98 65.27 75.28
N GLY A 271 3.11 64.21 74.50
CA GLY A 271 2.75 62.90 74.99
C GLY A 271 1.27 62.80 75.31
N LEU A 272 0.96 62.19 76.44
CA LEU A 272 -0.43 62.02 76.87
C LEU A 272 -0.51 62.11 78.38
N ASN A 273 -1.73 62.38 78.86
CA ASN A 273 -1.98 62.46 80.29
C ASN A 273 -1.97 61.06 80.86
N PRO A 274 -1.12 60.74 81.83
CA PRO A 274 -1.10 59.36 82.37
C PRO A 274 -2.35 58.98 83.15
N VAL A 275 -3.17 59.95 83.56
CA VAL A 275 -4.37 59.64 84.32
C VAL A 275 -5.54 59.33 83.38
N THR A 276 -5.73 60.16 82.37
CA THR A 276 -6.85 59.99 81.45
C THR A 276 -6.48 59.36 80.12
N GLY A 277 -5.22 59.37 79.72
CA GLY A 277 -4.83 58.79 78.45
C GLY A 277 -4.95 59.73 77.27
N GLY A 278 -5.45 60.94 77.48
CA GLY A 278 -5.61 61.92 76.43
C GLY A 278 -4.53 62.98 76.47
N LEU A 279 -4.64 63.91 75.53
CA LEU A 279 -3.69 65.01 75.44
C LEU A 279 -3.87 65.95 76.61
N TRP A 280 -2.79 66.63 76.99
CA TRP A 280 -2.86 67.59 78.08
C TRP A 280 -3.72 68.76 77.64
N LEU A 281 -4.69 69.14 78.48
CA LEU A 281 -5.57 70.24 78.12
C LEU A 281 -4.83 71.57 78.13
N SER A 282 -3.73 71.67 78.86
CA SER A 282 -2.95 72.91 78.83
C SER A 282 -2.32 73.05 77.45
N ASP A 283 -1.91 71.94 76.87
CA ASP A 283 -1.34 71.96 75.53
C ASP A 283 -2.40 72.32 74.50
N THR A 284 -3.63 71.81 74.67
CA THR A 284 -4.69 72.14 73.72
C THR A 284 -5.10 73.60 73.84
N ALA A 285 -5.12 74.14 75.07
CA ALA A 285 -5.45 75.54 75.27
C ALA A 285 -4.39 76.43 74.64
N HIS A 286 -3.12 76.10 74.86
CA HIS A 286 -2.04 76.87 74.27
C HIS A 286 -2.06 76.74 72.74
N HIS A 287 -2.46 75.56 72.26
CA HIS A 287 -2.58 75.32 70.83
C HIS A 287 -3.63 76.23 70.22
N HIS A 288 -4.80 76.32 70.87
CA HIS A 288 -5.85 77.18 70.37
C HIS A 288 -5.47 78.64 70.44
N VAL A 289 -4.67 79.03 71.44
CA VAL A 289 -4.22 80.41 71.54
C VAL A 289 -3.32 80.75 70.35
N ALA A 290 -2.36 79.86 70.05
CA ALA A 290 -1.46 80.08 68.92
C ALA A 290 -2.21 80.05 67.60
N ILE A 291 -3.19 79.15 67.48
CA ILE A 291 -3.99 79.06 66.27
C ILE A 291 -4.81 80.33 66.07
N ALA A 292 -5.36 80.87 67.16
CA ALA A 292 -6.14 82.09 67.08
C ALA A 292 -5.28 83.26 66.63
N VAL A 293 -4.06 83.38 67.19
CA VAL A 293 -3.19 84.48 66.79
C VAL A 293 -2.78 84.34 65.33
N LEU A 294 -2.42 83.12 64.91
CA LEU A 294 -2.01 82.88 63.53
C LEU A 294 -3.14 83.17 62.54
N PHE A 295 -4.36 82.72 62.85
CA PHE A 295 -5.48 82.96 61.94
C PHE A 295 -5.89 84.43 61.94
N LEU A 296 -5.76 85.10 63.09
CA LEU A 296 -6.08 86.52 63.13
C LEU A 296 -5.09 87.29 62.28
N VAL A 297 -3.83 86.88 62.28
CA VAL A 297 -2.84 87.53 61.44
C VAL A 297 -3.16 87.25 59.97
N ALA A 298 -3.50 85.99 59.65
CA ALA A 298 -3.83 85.61 58.28
C ALA A 298 -5.08 86.32 57.76
N GLY A 299 -5.97 86.78 58.64
CA GLY A 299 -7.16 87.48 58.23
C GLY A 299 -6.99 88.93 57.83
N HIS A 300 -5.75 89.42 57.74
CA HIS A 300 -5.46 90.81 57.36
C HIS A 300 -4.54 90.84 56.15
N MET A 301 -4.75 89.93 55.21
CA MET A 301 -3.91 89.84 54.03
C MET A 301 -4.53 90.41 52.78
N TYR A 302 -5.83 90.24 52.58
CA TYR A 302 -6.50 90.71 51.37
C TYR A 302 -7.00 92.15 51.45
N ARG A 303 -7.03 92.80 50.29
CA ARG A 303 -7.47 94.19 50.16
C ARG A 303 -8.99 94.25 50.07
N THR A 304 -9.60 95.06 50.93
CA THR A 304 -11.06 95.18 50.91
C THR A 304 -11.55 96.58 50.55
N ASN A 305 -11.24 97.59 51.35
CA ASN A 305 -11.69 98.95 51.08
C ASN A 305 -10.62 100.00 51.28
N TRP A 306 -9.42 99.60 51.66
CA TRP A 306 -8.32 100.51 51.88
C TRP A 306 -7.17 100.09 50.99
N GLY A 307 -6.10 100.90 50.97
CA GLY A 307 -4.97 100.59 50.13
C GLY A 307 -4.22 99.33 50.53
N ILE A 308 -4.11 99.10 51.84
CA ILE A 308 -3.40 97.93 52.33
C ILE A 308 -4.17 96.65 52.00
N GLY A 309 -3.44 95.56 51.85
CA GLY A 309 -4.01 94.27 51.53
C GLY A 309 -3.55 93.77 50.18
N HIS A 310 -3.99 92.56 49.85
CA HIS A 310 -3.63 91.91 48.61
C HIS A 310 -4.85 91.69 47.72
N SER A 311 -4.58 91.71 46.41
CA SER A 311 -5.58 91.45 45.39
C SER A 311 -5.21 90.08 44.84
N MET A 312 -6.09 89.10 45.03
CA MET A 312 -5.81 87.74 44.57
C MET A 312 -5.63 87.66 43.07
N LYS A 313 -6.31 88.53 42.32
CA LYS A 313 -6.17 88.54 40.87
C LYS A 313 -4.75 88.94 40.48
N GLU A 314 -4.19 89.95 41.16
CA GLU A 314 -2.83 90.39 40.88
C GLU A 314 -1.81 89.32 41.25
N ILE A 315 -2.02 88.64 42.38
CA ILE A 315 -1.11 87.58 42.81
C ILE A 315 -1.14 86.43 41.82
N LEU A 316 -2.33 86.04 41.36
CA LEU A 316 -2.44 84.95 40.39
C LEU A 316 -1.80 85.33 39.06
N GLU A 317 -2.00 86.57 38.62
CA GLU A 317 -1.43 87.00 37.35
C GLU A 317 0.09 87.16 37.42
N ALA A 318 0.63 87.44 38.60
CA ALA A 318 2.08 87.63 38.71
C ALA A 318 2.86 86.31 38.70
N HIS A 319 2.20 85.17 38.86
CA HIS A 319 2.88 83.87 38.87
C HIS A 319 2.84 83.28 37.48
N ARG A 320 3.93 83.43 36.73
CA ARG A 320 4.00 82.90 35.38
C ARG A 320 5.44 82.53 35.06
N GLY A 321 5.66 81.27 34.70
CA GLY A 321 6.97 80.79 34.37
C GLY A 321 7.11 80.48 32.88
N PRO A 322 8.31 80.09 32.46
CA PRO A 322 8.51 79.78 31.03
C PRO A 322 7.98 78.43 30.61
N PHE A 323 7.64 77.55 31.55
CA PHE A 323 7.13 76.22 31.22
C PHE A 323 5.62 76.11 31.28
N THR A 324 4.90 77.19 31.64
CA THR A 324 3.45 77.09 31.76
C THR A 324 2.68 78.13 30.94
N GLY A 325 3.33 78.82 30.00
CA GLY A 325 2.61 79.80 29.19
C GLY A 325 2.14 81.01 29.97
N GLU A 326 0.82 81.27 29.88
CA GLU A 326 0.25 82.43 30.56
C GLU A 326 0.23 82.26 32.07
N GLY A 327 -0.20 81.09 32.54
CA GLY A 327 -0.23 80.87 33.97
C GLY A 327 -1.63 80.85 34.57
N HIS A 328 -1.82 81.58 35.67
CA HIS A 328 -3.09 81.64 36.37
C HIS A 328 -4.02 82.73 35.85
N VAL A 329 -3.85 83.16 34.59
CA VAL A 329 -4.73 84.17 34.03
C VAL A 329 -6.11 83.55 33.84
N GLY A 330 -7.14 84.27 34.27
CA GLY A 330 -8.49 83.77 34.15
C GLY A 330 -8.96 82.87 35.28
N LEU A 331 -8.07 82.52 36.21
CA LEU A 331 -8.48 81.67 37.32
C LEU A 331 -9.33 82.44 38.33
N TYR A 332 -9.03 83.73 38.49
CA TYR A 332 -9.81 84.57 39.41
C TYR A 332 -11.24 84.72 38.90
N GLU A 333 -11.40 84.87 37.59
CA GLU A 333 -12.74 84.99 37.02
C GLU A 333 -13.48 83.67 37.07
N ILE A 334 -12.74 82.56 36.96
CA ILE A 334 -13.36 81.24 37.02
C ILE A 334 -13.87 80.95 38.42
N LEU A 335 -13.07 81.26 39.44
CA LEU A 335 -13.49 80.97 40.81
C LEU A 335 -14.46 82.01 41.37
N THR A 336 -14.63 83.16 40.73
CA THR A 336 -15.58 84.16 41.21
C THR A 336 -16.90 84.14 40.43
N THR A 337 -17.02 83.24 39.46
CA THR A 337 -18.25 83.15 38.66
C THR A 337 -18.81 81.73 38.58
N SER A 338 -18.06 80.71 38.97
CA SER A 338 -18.53 79.33 38.91
C SER A 338 -18.57 78.74 40.31
N TRP A 339 -19.76 78.32 40.73
CA TRP A 339 -19.90 77.71 42.05
C TRP A 339 -19.40 76.27 42.05
N HIS A 340 -19.44 75.60 40.90
CA HIS A 340 -18.99 74.21 40.81
C HIS A 340 -17.48 74.10 40.98
N ALA A 341 -16.72 75.06 40.44
CA ALA A 341 -15.27 75.02 40.60
C ALA A 341 -14.88 75.20 42.05
N GLN A 342 -15.56 76.14 42.73
CA GLN A 342 -15.31 76.37 44.14
C GLN A 342 -15.71 75.15 44.96
N LEU A 343 -16.82 74.51 44.58
CA LEU A 343 -17.27 73.31 45.28
C LEU A 343 -16.28 72.17 45.10
N ALA A 344 -15.68 72.07 43.91
CA ALA A 344 -14.68 71.03 43.66
C ALA A 344 -13.45 71.22 44.54
N ILE A 345 -12.93 72.44 44.57
CA ILE A 345 -11.74 72.73 45.39
C ILE A 345 -12.04 72.50 46.86
N ASN A 346 -13.16 73.05 47.33
CA ASN A 346 -13.55 72.93 48.74
C ASN A 346 -13.81 71.49 49.14
N LEU A 347 -14.48 70.71 48.28
CA LEU A 347 -14.74 69.32 48.61
C LEU A 347 -13.46 68.51 48.66
N ALA A 348 -12.51 68.77 47.75
CA ALA A 348 -11.26 68.04 47.75
C ALA A 348 -10.46 68.30 49.03
N LEU A 349 -10.28 69.58 49.37
CA LEU A 349 -9.52 69.91 50.57
C LEU A 349 -10.26 69.50 51.83
N PHE A 350 -11.59 69.56 51.80
CA PHE A 350 -12.42 69.19 52.94
C PHE A 350 -12.33 67.69 53.21
N GLY A 351 -12.36 66.87 52.15
CA GLY A 351 -12.23 65.44 52.34
C GLY A 351 -10.84 65.05 52.81
N SER A 352 -9.82 65.71 52.24
CA SER A 352 -8.45 65.44 52.65
C SER A 352 -8.27 65.81 54.12
N LEU A 353 -8.89 66.92 54.55
CA LEU A 353 -8.80 67.36 55.93
C LEU A 353 -9.50 66.36 56.85
N SER A 354 -10.64 65.81 56.41
CA SER A 354 -11.34 64.83 57.24
C SER A 354 -10.49 63.58 57.46
N ILE A 355 -9.79 63.14 56.41
CA ILE A 355 -8.91 61.98 56.53
C ILE A 355 -7.75 62.29 57.48
N ILE A 356 -7.20 63.50 57.37
CA ILE A 356 -6.10 63.93 58.24
C ILE A 356 -6.59 63.97 59.69
N VAL A 357 -7.84 64.39 59.89
CA VAL A 357 -8.44 64.44 61.22
C VAL A 357 -8.53 63.04 61.80
N ALA A 358 -8.96 62.06 60.99
CA ALA A 358 -9.05 60.69 61.49
C ALA A 358 -7.70 60.17 61.94
N HIS A 359 -6.66 60.42 61.14
CA HIS A 359 -5.32 59.96 61.49
C HIS A 359 -4.79 60.63 62.76
N HIS A 360 -4.90 61.96 62.82
CA HIS A 360 -4.40 62.69 63.97
C HIS A 360 -5.20 62.38 65.23
N MET A 361 -6.49 62.06 65.08
CA MET A 361 -7.31 61.76 66.24
C MET A 361 -6.98 60.39 66.82
N TYR A 362 -6.68 59.38 65.98
CA TYR A 362 -6.34 58.12 66.64
C TYR A 362 -4.93 58.18 67.21
N ALA A 363 -4.01 58.83 66.49
CA ALA A 363 -2.62 58.87 66.93
C ALA A 363 -2.42 59.72 68.18
N MET A 364 -3.04 60.88 68.25
CA MET A 364 -2.94 61.77 69.40
C MET A 364 -4.33 61.94 69.97
N PRO A 365 -4.77 61.07 70.88
CA PRO A 365 -6.11 61.19 71.46
C PRO A 365 -6.25 62.46 72.27
N PRO A 366 -7.14 63.35 71.86
CA PRO A 366 -7.29 64.63 72.57
C PRO A 366 -8.32 64.64 73.69
N TYR A 367 -9.16 63.64 73.76
CA TYR A 367 -10.16 63.65 74.81
C TYR A 367 -9.81 62.68 75.94
N PRO A 368 -10.21 62.99 77.17
CA PRO A 368 -9.91 62.09 78.28
C PRO A 368 -10.71 60.80 78.17
N TYR A 369 -10.04 59.68 78.47
CA TYR A 369 -10.62 58.34 78.42
C TYR A 369 -11.17 57.99 77.04
N LEU A 370 -10.48 58.46 76.01
CA LEU A 370 -10.84 58.22 74.62
C LEU A 370 -10.01 57.10 74.00
N ALA A 371 -8.71 57.07 74.29
CA ALA A 371 -7.83 56.04 73.74
C ALA A 371 -8.20 54.66 74.24
N THR A 372 -8.58 54.53 75.51
CA THR A 372 -8.95 53.23 76.05
C THR A 372 -10.29 52.75 75.52
N ASP A 373 -11.14 53.66 75.05
CA ASP A 373 -12.43 53.30 74.47
C ASP A 373 -12.13 52.93 73.01
N TYR A 374 -11.78 51.66 72.82
CA TYR A 374 -11.42 51.16 71.50
C TYR A 374 -12.56 51.28 70.51
N GLY A 375 -13.79 51.11 70.99
CA GLY A 375 -14.95 51.22 70.10
C GLY A 375 -15.09 52.61 69.52
N THR A 376 -14.94 53.63 70.36
CA THR A 376 -15.04 55.00 69.92
C THR A 376 -13.90 55.36 68.97
N GLN A 377 -12.68 54.91 69.27
CA GLN A 377 -11.53 55.21 68.42
C GLN A 377 -11.70 54.61 67.03
N LEU A 378 -12.07 53.32 66.96
CA LEU A 378 -12.25 52.66 65.69
C LEU A 378 -13.39 53.29 64.90
N SER A 379 -14.51 53.56 65.57
CA SER A 379 -15.67 54.16 64.91
C SER A 379 -15.35 55.56 64.38
N LEU A 380 -14.65 56.38 65.18
CA LEU A 380 -14.31 57.73 64.77
C LEU A 380 -13.38 57.73 63.56
N PHE A 381 -12.34 56.88 63.60
CA PHE A 381 -11.41 56.81 62.48
C PHE A 381 -12.11 56.38 61.20
N THR A 382 -12.90 55.30 61.29
CA THR A 382 -13.61 54.79 60.13
C THR A 382 -14.62 55.80 59.57
N HIS A 383 -15.38 56.46 60.46
CA HIS A 383 -16.38 57.43 60.02
C HIS A 383 -15.74 58.63 59.32
N HIS A 384 -14.70 59.21 59.91
CA HIS A 384 -14.06 60.36 59.29
C HIS A 384 -13.39 59.99 57.98
N THR A 385 -12.83 58.76 57.92
CA THR A 385 -12.21 58.31 56.68
C THR A 385 -13.24 58.21 55.55
N TRP A 386 -14.41 57.64 55.86
CA TRP A 386 -15.47 57.50 54.85
C TRP A 386 -15.98 58.86 54.38
N ILE A 387 -16.15 59.80 55.32
CA ILE A 387 -16.62 61.13 54.94
C ILE A 387 -15.61 61.80 54.02
N GLY A 388 -14.32 61.65 54.33
CA GLY A 388 -13.28 62.23 53.50
C GLY A 388 -13.28 61.67 52.10
N GLY A 389 -13.39 60.34 51.97
CA GLY A 389 -13.40 59.72 50.64
C GLY A 389 -14.61 60.14 49.82
N PHE A 390 -15.78 60.21 50.46
CA PHE A 390 -16.98 60.63 49.74
C PHE A 390 -16.84 62.07 49.24
N CYS A 391 -16.32 62.96 50.09
CA CYS A 391 -16.12 64.35 49.68
C CYS A 391 -15.12 64.46 48.54
N ILE A 392 -14.10 63.60 48.52
CA ILE A 392 -13.12 63.62 47.43
C ILE A 392 -13.77 63.22 46.10
N VAL A 393 -14.61 62.18 46.13
CA VAL A 393 -15.30 61.77 44.91
C VAL A 393 -16.22 62.89 44.43
N GLY A 394 -16.85 63.58 45.38
CA GLY A 394 -17.71 64.70 45.02
C GLY A 394 -16.92 65.83 44.40
N ALA A 395 -15.68 66.01 44.85
CA ALA A 395 -14.81 67.04 44.29
C ALA A 395 -14.55 66.75 42.82
N GLY A 396 -14.27 65.48 42.51
CA GLY A 396 -14.05 65.11 41.12
C GLY A 396 -15.30 65.33 40.28
N ALA A 397 -16.46 65.01 40.85
CA ALA A 397 -17.74 65.19 40.16
C ALA A 397 -17.99 66.66 39.84
N HIS A 398 -17.76 67.54 40.80
CA HIS A 398 -18.01 68.96 40.53
C HIS A 398 -16.96 69.57 39.63
N ALA A 399 -15.74 69.02 39.62
CA ALA A 399 -14.74 69.52 38.70
C ALA A 399 -15.18 69.21 37.27
N ALA A 400 -15.74 68.01 37.09
CA ALA A 400 -16.26 67.62 35.78
C ALA A 400 -17.48 68.47 35.39
N ILE A 401 -18.33 68.80 36.38
CA ILE A 401 -19.50 69.63 36.10
C ILE A 401 -19.06 71.01 35.64
N PHE A 402 -18.03 71.57 36.29
CA PHE A 402 -17.53 72.88 35.88
C PHE A 402 -16.98 72.81 34.46
N MET A 403 -16.21 71.76 34.16
CA MET A 403 -15.62 71.62 32.83
C MET A 403 -16.69 71.47 31.76
N VAL A 404 -17.83 70.87 32.09
CA VAL A 404 -18.88 70.70 31.09
C VAL A 404 -19.75 71.95 30.94
N ARG A 405 -20.17 72.58 32.03
CA ARG A 405 -21.07 73.72 31.98
C ARG A 405 -20.43 75.11 32.00
N ASP A 406 -19.55 75.38 32.96
CA ASP A 406 -18.99 76.72 33.08
C ASP A 406 -17.67 76.94 32.34
N TYR A 407 -17.10 75.94 31.69
CA TYR A 407 -15.84 76.18 30.98
C TYR A 407 -16.07 77.00 29.73
N ASP A 408 -15.17 77.95 29.49
CA ASP A 408 -15.23 78.84 28.33
C ASP A 408 -13.85 78.91 27.69
N PRO A 409 -13.71 78.46 26.44
CA PRO A 409 -12.39 78.50 25.78
C PRO A 409 -11.90 79.91 25.47
N THR A 410 -12.78 80.91 25.44
CA THR A 410 -12.34 82.27 25.14
C THR A 410 -11.56 82.90 26.29
N ASN A 411 -11.67 82.35 27.50
CA ASN A 411 -10.96 82.87 28.66
C ASN A 411 -9.81 81.97 29.07
N ASN A 412 -9.54 80.92 28.31
CA ASN A 412 -8.49 79.94 28.58
C ASN A 412 -7.69 79.64 27.32
N TYR A 413 -7.15 80.68 26.67
CA TYR A 413 -6.39 80.46 25.44
C TYR A 413 -5.08 79.72 25.69
N ASN A 414 -4.27 80.17 26.65
CA ASN A 414 -3.01 79.49 26.91
C ASN A 414 -2.71 79.43 28.39
N ASN A 415 -3.72 79.16 29.20
CA ASN A 415 -3.56 79.08 30.64
C ASN A 415 -3.15 77.67 31.05
N LEU A 416 -3.09 77.44 32.37
CA LEU A 416 -2.74 76.13 32.89
C LEU A 416 -3.79 75.10 32.54
N LEU A 417 -5.07 75.49 32.65
CA LEU A 417 -6.17 74.57 32.33
C LEU A 417 -6.14 74.18 30.86
N ASP A 418 -5.86 75.15 29.99
CA ASP A 418 -5.81 74.89 28.55
C ASP A 418 -4.71 73.90 28.21
N ARG A 419 -3.52 74.09 28.80
CA ARG A 419 -2.41 73.18 28.54
C ARG A 419 -2.67 71.80 29.11
N VAL A 420 -3.35 71.73 30.27
CA VAL A 420 -3.68 70.44 30.87
C VAL A 420 -4.61 69.66 29.96
N ILE A 421 -5.63 70.35 29.43
CA ILE A 421 -6.55 69.70 28.51
C ILE A 421 -5.83 69.35 27.21
N ARG A 422 -4.81 70.11 26.83
CA ARG A 422 -4.07 69.83 25.61
C ARG A 422 -3.24 68.55 25.73
N HIS A 423 -2.65 68.29 26.89
CA HIS A 423 -1.85 67.07 27.05
C HIS A 423 -2.51 66.04 27.98
N ARG A 424 -3.85 66.07 28.07
CA ARG A 424 -4.60 65.11 28.87
C ARG A 424 -4.31 63.67 28.47
N ASP A 425 -4.01 63.41 27.19
CA ASP A 425 -3.71 62.05 26.74
C ASP A 425 -2.43 61.55 27.40
N ALA A 426 -1.40 62.39 27.47
CA ALA A 426 -0.15 62.02 28.11
C ALA A 426 -0.35 61.82 29.60
N ILE A 427 -1.13 62.71 30.22
CA ILE A 427 -1.39 62.60 31.66
C ILE A 427 -2.08 61.28 32.00
N ILE A 428 -3.16 60.97 31.27
CA ILE A 428 -3.92 59.74 31.52
C ILE A 428 -3.11 58.50 31.18
N SER A 429 -2.30 58.55 30.12
CA SER A 429 -1.50 57.38 29.76
C SER A 429 -0.44 57.07 30.82
N HIS A 430 0.24 58.11 31.32
CA HIS A 430 1.25 57.88 32.36
C HIS A 430 0.61 57.44 33.66
N LEU A 431 -0.56 57.99 33.99
CA LEU A 431 -1.24 57.58 35.21
C LEU A 431 -1.74 56.15 35.09
N ASN A 432 -2.13 55.75 33.87
CA ASN A 432 -2.57 54.38 33.63
C ASN A 432 -1.40 53.42 33.81
N TRP A 433 -0.22 53.79 33.29
CA TRP A 433 0.95 52.93 33.46
C TRP A 433 1.36 52.81 34.91
N VAL A 434 1.36 53.93 35.66
CA VAL A 434 1.76 53.84 37.06
C VAL A 434 0.73 53.04 37.85
N CYS A 435 -0.54 53.08 37.44
CA CYS A 435 -1.56 52.30 38.13
C CYS A 435 -1.32 50.81 37.89
N ILE A 436 -0.96 50.44 36.66
CA ILE A 436 -0.69 49.03 36.36
C ILE A 436 0.55 48.55 37.10
N PHE A 437 1.60 49.40 37.15
CA PHE A 437 2.82 49.04 37.85
C PHE A 437 2.56 48.84 39.34
N LEU A 438 1.79 49.76 39.94
CA LEU A 438 1.47 49.66 41.36
C LEU A 438 0.61 48.43 41.64
N GLY A 439 -0.35 48.14 40.76
CA GLY A 439 -1.20 46.98 40.94
C GLY A 439 -0.42 45.69 40.91
N PHE A 440 0.49 45.57 39.94
CA PHE A 440 1.31 44.37 39.86
C PHE A 440 2.22 44.26 41.08
N HIS A 441 2.98 45.31 41.37
CA HIS A 441 3.92 45.28 42.50
C HIS A 441 3.30 45.34 43.88
N SER A 442 1.97 45.47 43.96
CA SER A 442 1.31 45.47 45.26
C SER A 442 0.50 44.20 45.45
N PHE A 443 -0.36 43.85 44.50
CA PHE A 443 -1.18 42.65 44.60
C PHE A 443 -0.39 41.39 44.28
N GLY A 444 0.57 41.46 43.35
CA GLY A 444 1.36 40.30 43.00
C GLY A 444 2.20 39.79 44.14
N LEU A 445 2.56 40.67 45.09
CA LEU A 445 3.32 40.22 46.25
C LEU A 445 2.45 39.32 47.11
N TYR A 446 1.17 39.69 47.29
CA TYR A 446 0.25 38.88 48.06
C TYR A 446 -0.04 37.57 47.34
N ILE A 447 -0.19 37.61 46.02
CA ILE A 447 -0.45 36.39 45.26
C ILE A 447 0.75 35.46 45.33
N HIS A 448 1.96 36.04 45.22
CA HIS A 448 3.18 35.26 45.31
C HIS A 448 3.31 34.63 46.68
N ASN A 449 2.97 35.38 47.74
CA ASN A 449 3.03 34.85 49.09
C ASN A 449 2.02 33.74 49.29
N ASP A 450 0.81 33.90 48.75
CA ASP A 450 -0.22 32.87 48.86
C ASP A 450 0.21 31.60 48.16
N THR A 451 0.78 31.75 46.96
CA THR A 451 1.24 30.59 46.20
C THR A 451 2.40 29.90 46.91
N MET A 452 3.37 30.67 47.40
CA MET A 452 4.53 30.08 48.09
C MET A 452 4.11 29.41 49.39
N SER A 453 3.14 30.00 50.10
CA SER A 453 2.67 29.41 51.34
C SER A 453 1.90 28.12 51.07
N ALA A 454 1.11 28.10 50.00
CA ALA A 454 0.35 26.91 49.65
C ALA A 454 1.26 25.81 49.10
N LEU A 455 2.34 26.19 48.42
CA LEU A 455 3.28 25.21 47.86
C LEU A 455 4.26 24.68 48.89
N GLY A 456 4.10 25.03 50.17
CA GLY A 456 5.01 24.57 51.19
C GLY A 456 6.37 25.21 51.13
N ARG A 457 6.46 26.44 50.66
CA ARG A 457 7.72 27.17 50.56
C ARG A 457 7.61 28.50 51.28
N PRO A 458 7.58 28.50 52.62
CA PRO A 458 7.50 29.79 53.33
C PRO A 458 8.78 30.60 53.28
N GLN A 459 9.89 29.98 52.87
CA GLN A 459 11.17 30.68 52.76
C GLN A 459 11.25 31.56 51.52
N ASP A 460 10.32 31.41 50.59
CA ASP A 460 10.29 32.19 49.36
C ASP A 460 9.22 33.27 49.38
N MET A 461 8.61 33.52 50.54
CA MET A 461 7.57 34.52 50.65
C MET A 461 8.17 35.90 50.95
N PHE A 462 7.31 36.92 50.88
CA PHE A 462 7.71 38.29 51.18
C PHE A 462 7.25 38.57 52.60
N SER A 463 8.01 38.05 53.56
CA SER A 463 7.72 38.19 54.98
C SER A 463 8.97 38.65 55.72
N ASP A 464 8.83 38.81 57.04
CA ASP A 464 9.94 39.25 57.87
C ASP A 464 11.00 38.17 58.00
N THR A 465 10.59 36.90 58.12
CA THR A 465 11.55 35.81 58.26
C THR A 465 12.24 35.52 56.94
N ALA A 466 11.48 35.50 55.86
CA ALA A 466 11.95 35.28 54.50
C ALA A 466 12.36 36.63 53.91
N ILE A 467 12.39 36.75 52.58
CA ILE A 467 12.73 37.99 51.88
C ILE A 467 11.86 39.12 52.43
N GLN A 468 12.48 40.12 53.03
CA GLN A 468 11.75 41.20 53.66
C GLN A 468 11.84 42.50 52.86
N LEU A 469 10.81 43.32 53.03
CA LEU A 469 10.66 44.63 52.41
C LEU A 469 10.36 45.58 53.57
N GLN A 470 11.41 46.07 54.21
CA GLN A 470 11.26 46.95 55.37
C GLN A 470 11.09 48.41 54.94
N PRO A 471 10.14 49.15 55.52
CA PRO A 471 9.95 50.56 55.20
C PRO A 471 10.99 51.40 55.95
N VAL A 472 12.18 51.49 55.36
CA VAL A 472 13.28 52.20 55.99
C VAL A 472 13.01 53.70 56.13
N PHE A 473 12.29 54.30 55.16
CA PHE A 473 12.00 55.72 55.24
C PHE A 473 11.04 56.03 56.39
N ALA A 474 9.99 55.22 56.53
CA ALA A 474 9.03 55.42 57.61
C ALA A 474 9.67 55.18 58.97
N GLN A 475 10.54 54.17 59.07
CA GLN A 475 11.22 53.88 60.32
C GLN A 475 12.17 55.02 60.70
N TRP A 476 12.86 55.57 59.70
CA TRP A 476 13.75 56.69 59.95
C TRP A 476 12.98 57.92 60.41
N ILE A 477 11.82 58.15 59.80
CA ILE A 477 10.98 59.29 60.19
C ILE A 477 10.46 59.09 61.62
N GLN A 478 10.11 57.86 61.97
CA GLN A 478 9.65 57.55 63.31
C GLN A 478 10.74 57.81 64.35
N ASN A 479 11.97 57.39 64.03
CA ASN A 479 13.09 57.62 64.94
C ASN A 479 13.37 59.12 65.07
N THR A 480 13.26 59.86 63.96
CA THR A 480 13.48 61.30 63.99
C THR A 480 12.46 62.00 64.89
N HIS A 481 11.19 61.59 64.79
CA HIS A 481 10.16 62.20 65.62
C HIS A 481 10.33 61.81 67.09
N PHE A 482 10.78 60.58 67.35
CA PHE A 482 10.98 60.15 68.71
C PHE A 482 12.15 60.89 69.37
N LEU A 483 13.21 61.15 68.59
CA LEU A 483 14.37 61.86 69.11
C LEU A 483 14.26 63.38 69.01
N ALA A 484 13.18 63.88 68.40
CA ALA A 484 12.99 65.32 68.29
C ALA A 484 12.96 66.12 69.60
N PRO A 485 12.34 65.68 70.71
CA PRO A 485 12.35 66.52 71.93
C PRO A 485 13.72 66.74 72.55
N GLN A 486 14.78 66.10 72.09
CA GLN A 486 16.10 66.32 72.68
C GLN A 486 17.02 67.20 71.86
N LEU A 487 16.82 67.28 70.54
CA LEU A 487 17.67 68.11 69.70
C LEU A 487 16.91 69.17 68.93
N THR A 488 15.89 68.78 68.15
CA THR A 488 15.14 69.72 67.33
C THR A 488 13.90 70.28 68.00
N ALA A 489 13.66 69.96 69.27
CA ALA A 489 12.52 70.49 70.01
C ALA A 489 12.94 70.63 71.47
N PRO A 490 13.80 71.62 71.77
CA PRO A 490 14.26 71.78 73.16
C PRO A 490 13.16 72.14 74.15
N ASN A 491 12.12 72.83 73.71
CA ASN A 491 11.04 73.23 74.60
C ASN A 491 9.94 72.20 74.72
N ALA A 492 9.97 71.13 73.93
CA ALA A 492 8.96 70.09 74.00
C ALA A 492 9.39 69.08 75.05
N LEU A 493 8.50 68.80 76.01
CA LEU A 493 8.84 67.86 77.07
C LEU A 493 8.80 66.42 76.56
N ALA A 494 7.93 66.13 75.61
CA ALA A 494 7.81 64.80 75.04
C ALA A 494 7.46 64.92 73.57
N ALA A 495 7.38 63.78 72.89
CA ALA A 495 7.06 63.77 71.48
C ALA A 495 5.58 64.08 71.28
N THR A 496 5.21 64.32 70.02
CA THR A 496 3.82 64.63 69.69
C THR A 496 2.92 63.45 69.95
N SER A 497 3.40 62.24 69.70
CA SER A 497 2.63 61.03 69.91
C SER A 497 3.55 59.91 70.34
N LEU A 498 2.96 58.86 70.88
CA LEU A 498 3.72 57.70 71.33
C LEU A 498 3.91 56.68 70.22
N THR A 499 3.30 56.90 69.05
CA THR A 499 3.44 55.95 67.94
C THR A 499 4.86 55.93 67.39
N TRP A 500 5.62 57.02 67.56
CA TRP A 500 6.99 57.06 67.08
C TRP A 500 7.88 56.11 67.87
N GLY A 501 7.76 56.13 69.18
CA GLY A 501 8.57 55.26 70.02
C GLY A 501 8.50 55.71 71.46
N GLY A 502 9.08 54.88 72.31
CA GLY A 502 9.13 55.14 73.73
C GLY A 502 8.32 54.16 74.54
N ASP A 503 7.93 54.59 75.73
CA ASP A 503 7.15 53.77 76.64
C ASP A 503 5.67 53.90 76.32
N LEU A 504 4.90 52.91 76.77
CA LEU A 504 3.47 52.89 76.54
C LEU A 504 2.72 53.55 77.69
N VAL A 505 1.54 54.07 77.38
CA VAL A 505 0.67 54.72 78.35
C VAL A 505 -0.59 53.87 78.43
N ALA A 506 -0.92 53.43 79.64
CA ALA A 506 -2.07 52.59 79.92
C ALA A 506 -2.97 53.24 80.96
N VAL A 507 -4.27 53.12 80.76
CA VAL A 507 -5.29 53.68 81.65
C VAL A 507 -6.29 52.59 81.98
N GLY A 508 -6.43 52.28 83.27
CA GLY A 508 -7.38 51.25 83.70
C GLY A 508 -7.05 49.86 83.22
N GLY A 509 -5.77 49.52 83.15
CA GLY A 509 -5.37 48.20 82.71
C GLY A 509 -5.40 47.97 81.21
N LYS A 510 -5.73 49.00 80.43
CA LYS A 510 -5.79 48.91 78.98
C LYS A 510 -4.80 49.86 78.36
N VAL A 511 -4.11 49.41 77.32
CA VAL A 511 -3.10 50.22 76.64
C VAL A 511 -3.78 51.38 75.94
N ALA A 512 -3.50 52.60 76.40
CA ALA A 512 -4.07 53.76 75.74
C ALA A 512 -3.32 54.06 74.45
N MET A 513 -1.98 54.07 74.51
CA MET A 513 -1.19 54.30 73.32
C MET A 513 0.21 53.74 73.52
N MET A 514 0.71 53.05 72.51
CA MET A 514 2.03 52.43 72.52
C MET A 514 2.65 52.58 71.13
N PRO A 515 3.96 52.41 71.01
CA PRO A 515 4.61 52.55 69.69
C PRO A 515 4.09 51.55 68.67
N ILE A 516 4.02 52.00 67.42
CA ILE A 516 3.55 51.19 66.30
C ILE A 516 4.74 50.90 65.40
N SER A 517 5.12 49.64 65.31
CA SER A 517 6.24 49.22 64.48
C SER A 517 5.74 48.87 63.09
N LEU A 518 6.58 49.16 62.09
CA LEU A 518 6.27 48.90 60.70
C LEU A 518 7.22 47.85 60.14
N GLY A 519 6.66 46.86 59.46
CA GLY A 519 7.42 45.77 58.86
C GLY A 519 7.05 45.56 57.41
N THR A 520 7.25 44.32 56.96
CA THR A 520 6.96 43.96 55.57
C THR A 520 5.47 44.03 55.26
N SER A 521 4.63 43.57 56.19
CA SER A 521 3.18 43.61 55.98
C SER A 521 2.68 45.04 55.87
N ASP A 522 3.26 45.95 56.67
CA ASP A 522 2.90 47.35 56.61
C ASP A 522 3.30 47.95 55.27
N PHE A 523 4.47 47.56 54.77
CA PHE A 523 4.95 48.02 53.48
C PHE A 523 4.01 47.60 52.37
N MET A 524 3.59 46.33 52.39
CA MET A 524 2.69 45.81 51.38
C MET A 524 1.32 46.49 51.44
N VAL A 525 0.77 46.68 52.64
CA VAL A 525 -0.54 47.32 52.72
C VAL A 525 -0.44 48.80 52.34
N HIS A 526 0.70 49.44 52.58
CA HIS A 526 0.86 50.85 52.19
C HIS A 526 0.90 50.96 50.68
N HIS A 527 1.57 50.01 50.02
CA HIS A 527 1.60 50.05 48.57
C HIS A 527 0.23 49.72 47.99
N ILE A 528 -0.54 48.90 48.70
CA ILE A 528 -1.90 48.60 48.27
C ILE A 528 -2.74 49.86 48.33
N HIS A 529 -2.58 50.64 49.41
CA HIS A 529 -3.30 51.90 49.57
C HIS A 529 -2.91 52.89 48.47
N ALA A 530 -1.61 52.98 48.18
CA ALA A 530 -1.14 53.89 47.13
C ALA A 530 -1.73 53.51 45.78
N PHE A 531 -1.77 52.21 45.49
CA PHE A 531 -2.32 51.74 44.21
C PHE A 531 -3.81 52.04 44.10
N THR A 532 -4.58 51.78 45.16
CA THR A 532 -6.01 52.04 45.11
C THR A 532 -6.31 53.53 44.98
N ILE A 533 -5.56 54.38 45.69
CA ILE A 533 -5.76 55.81 45.59
C ILE A 533 -5.40 56.30 44.19
N HIS A 534 -4.35 55.73 43.59
CA HIS A 534 -3.96 56.11 42.24
C HIS A 534 -5.02 55.73 41.22
N VAL A 535 -5.66 54.56 41.39
CA VAL A 535 -6.70 54.17 40.44
C VAL A 535 -7.92 55.07 40.57
N THR A 536 -8.28 55.43 41.82
CA THR A 536 -9.42 56.33 42.02
C THR A 536 -9.14 57.69 41.39
N VAL A 537 -7.90 58.17 41.54
CA VAL A 537 -7.49 59.43 40.94
C VAL A 537 -7.53 59.33 39.43
N LEU A 538 -7.13 58.18 38.88
CA LEU A 538 -7.13 57.98 37.44
C LEU A 538 -8.54 58.06 36.87
N ILE A 539 -9.51 57.42 37.51
CA ILE A 539 -10.88 57.45 37.01
C ILE A 539 -11.46 58.87 37.12
N LEU A 540 -11.28 59.52 38.27
CA LEU A 540 -11.83 60.87 38.44
C LEU A 540 -11.15 61.88 37.50
N LEU A 541 -9.83 61.79 37.36
CA LEU A 541 -9.10 62.70 36.49
C LEU A 541 -9.47 62.46 35.04
N LYS A 542 -9.66 61.19 34.64
CA LYS A 542 -10.05 60.90 33.27
C LYS A 542 -11.44 61.44 32.99
N GLY A 543 -12.33 61.36 33.98
CA GLY A 543 -13.66 61.90 33.79
C GLY A 543 -13.70 63.41 33.76
N VAL A 544 -12.71 64.07 34.36
CA VAL A 544 -12.69 65.53 34.35
C VAL A 544 -12.04 66.04 33.07
N LEU A 545 -10.87 65.49 32.71
CA LEU A 545 -10.14 65.94 31.52
C LEU A 545 -10.88 65.62 30.24
N PHE A 546 -11.47 64.43 30.13
CA PHE A 546 -12.18 64.03 28.92
C PHE A 546 -13.69 64.27 29.04
N ALA A 547 -14.11 65.26 29.82
CA ALA A 547 -15.52 65.55 29.99
C ALA A 547 -16.12 66.28 28.80
N ARG A 548 -15.34 67.13 28.13
CA ARG A 548 -15.85 67.89 27.00
C ARG A 548 -15.70 67.17 25.66
N SER A 549 -14.57 66.49 25.45
CA SER A 549 -14.34 65.78 24.21
C SER A 549 -13.31 64.70 24.43
N SER A 550 -13.19 63.82 23.45
CA SER A 550 -12.25 62.71 23.48
C SER A 550 -12.07 62.24 22.04
N ARG A 551 -11.20 61.26 21.86
CA ARG A 551 -10.98 60.73 20.52
C ARG A 551 -12.14 59.87 20.04
N LEU A 552 -13.00 59.43 20.95
CA LEU A 552 -14.16 58.62 20.59
C LEU A 552 -15.37 59.49 20.25
N ILE A 553 -15.69 60.44 21.13
CA ILE A 553 -16.81 61.34 20.93
C ILE A 553 -16.29 62.78 20.98
N PRO A 554 -16.13 63.41 19.81
CA PRO A 554 -15.59 64.79 19.78
C PRO A 554 -16.54 65.86 20.31
N ASP A 555 -17.82 65.57 20.45
CA ASP A 555 -18.76 66.58 20.94
C ASP A 555 -19.44 66.12 22.22
N LYS A 556 -18.65 65.60 23.17
CA LYS A 556 -19.21 65.12 24.43
C LYS A 556 -19.81 66.26 25.26
N ALA A 557 -19.23 67.47 25.17
CA ALA A 557 -19.75 68.60 25.93
C ALA A 557 -21.17 68.96 25.52
N ASN A 558 -21.51 68.71 24.25
CA ASN A 558 -22.87 68.98 23.80
C ASN A 558 -23.86 67.99 24.39
N LEU A 559 -23.38 66.80 24.75
CA LEU A 559 -24.26 65.79 25.34
C LEU A 559 -24.49 66.03 26.83
N GLY A 560 -23.77 66.97 27.43
CA GLY A 560 -23.94 67.30 28.83
C GLY A 560 -22.96 66.56 29.72
N PHE A 561 -23.18 66.72 31.02
CA PHE A 561 -22.37 66.07 32.04
C PHE A 561 -22.92 64.72 32.45
N ARG A 562 -24.24 64.60 32.54
CA ARG A 562 -24.90 63.37 32.95
C ARG A 562 -25.81 62.88 31.82
N PHE A 563 -25.29 61.94 31.04
CA PHE A 563 -26.03 61.32 29.95
C PHE A 563 -25.65 59.85 29.96
N PRO A 564 -26.55 58.95 29.56
CA PRO A 564 -26.23 57.52 29.61
C PRO A 564 -25.13 57.07 28.66
N CYS A 565 -25.23 57.40 27.39
CA CYS A 565 -24.26 56.99 26.38
C CYS A 565 -24.51 57.79 25.11
N ASP A 566 -23.85 57.37 24.03
CA ASP A 566 -24.01 57.95 22.71
C ASP A 566 -24.39 56.87 21.70
N GLY A 567 -25.09 55.83 22.15
CA GLY A 567 -25.51 54.75 21.31
C GLY A 567 -24.52 53.61 21.23
N PRO A 568 -24.94 52.49 20.62
CA PRO A 568 -24.05 51.33 20.49
C PRO A 568 -23.05 51.47 19.36
N GLY A 569 -22.98 52.66 18.76
CA GLY A 569 -22.07 52.91 17.68
C GLY A 569 -20.64 53.03 18.15
N ARG A 570 -19.73 53.04 17.15
CA ARG A 570 -18.28 53.12 17.36
C ARG A 570 -17.80 51.96 18.22
N GLY A 571 -18.48 50.82 18.13
CA GLY A 571 -18.20 49.65 18.91
C GLY A 571 -18.98 49.59 20.21
N GLY A 572 -19.45 50.73 20.70
CA GLY A 572 -20.19 50.85 21.95
C GLY A 572 -19.64 52.03 22.74
N THR A 573 -20.49 52.97 23.12
CA THR A 573 -20.07 54.16 23.86
C THR A 573 -20.78 54.25 25.21
N CYS A 574 -20.91 53.10 25.84
CA CYS A 574 -21.55 52.98 27.14
C CYS A 574 -20.69 53.61 28.22
N GLN A 575 -21.28 54.46 29.07
CA GLN A 575 -20.58 55.08 30.21
C GLN A 575 -19.41 55.96 29.78
N VAL A 576 -19.68 56.90 28.87
CA VAL A 576 -18.66 57.84 28.42
C VAL A 576 -18.75 59.17 29.17
N SER A 577 -19.89 59.49 29.74
CA SER A 577 -20.08 60.75 30.45
C SER A 577 -19.22 60.81 31.71
N ALA A 578 -19.00 62.03 32.17
CA ALA A 578 -18.22 62.25 33.38
C ALA A 578 -18.96 61.70 34.60
N TRP A 579 -20.29 61.67 34.53
CA TRP A 579 -21.11 61.12 35.60
C TRP A 579 -20.78 59.65 35.82
N ASP A 580 -20.59 58.92 34.74
CA ASP A 580 -20.24 57.50 34.83
C ASP A 580 -18.84 57.33 35.41
N HIS A 581 -17.94 58.28 35.17
CA HIS A 581 -16.62 58.20 35.75
C HIS A 581 -16.71 58.39 37.25
N VAL A 582 -17.61 59.28 37.70
CA VAL A 582 -17.83 59.46 39.14
C VAL A 582 -18.47 58.20 39.72
N PHE A 583 -19.34 57.58 38.93
CA PHE A 583 -20.04 56.36 39.33
C PHE A 583 -19.04 55.22 39.57
N LEU A 584 -18.01 55.11 38.72
CA LEU A 584 -16.98 54.08 38.91
C LEU A 584 -16.00 54.48 40.00
N GLY A 585 -15.74 55.80 40.13
CA GLY A 585 -14.85 56.29 41.16
C GLY A 585 -15.39 56.04 42.54
N LEU A 586 -16.72 55.99 42.68
CA LEU A 586 -17.33 55.69 43.97
C LEU A 586 -16.99 54.28 44.40
N PHE A 587 -17.06 53.33 43.47
CA PHE A 587 -16.72 51.93 43.75
C PHE A 587 -15.26 51.82 44.14
N TRP A 588 -14.38 52.49 43.40
CA TRP A 588 -12.96 52.41 43.71
C TRP A 588 -12.63 53.08 45.04
N MET A 589 -13.34 54.17 45.36
CA MET A 589 -13.13 54.83 46.65
C MET A 589 -13.56 53.90 47.77
N TYR A 590 -14.66 53.17 47.56
CA TYR A 590 -15.14 52.22 48.54
C TYR A 590 -14.12 51.12 48.78
N ASN A 591 -13.55 50.60 47.69
CA ASN A 591 -12.53 49.56 47.77
C ASN A 591 -11.30 50.04 48.54
N SER A 592 -10.80 51.23 48.18
CA SER A 592 -9.63 51.81 48.81
C SER A 592 -9.85 52.05 50.31
N LEU A 593 -10.93 52.74 50.65
CA LEU A 593 -11.21 53.06 52.05
C LEU A 593 -11.53 51.82 52.86
N SER A 594 -12.11 50.79 52.23
CA SER A 594 -12.40 49.57 52.95
C SER A 594 -11.11 48.87 53.34
N ILE A 595 -10.14 48.83 52.42
CA ILE A 595 -8.87 48.20 52.75
C ILE A 595 -8.14 49.04 53.81
N VAL A 596 -8.32 50.35 53.76
CA VAL A 596 -7.69 51.25 54.74
C VAL A 596 -8.22 50.98 56.14
N ILE A 597 -9.56 50.93 56.28
CA ILE A 597 -10.13 50.70 57.61
C ILE A 597 -9.85 49.27 58.09
N PHE A 598 -9.75 48.31 57.15
CA PHE A 598 -9.43 46.94 57.55
C PHE A 598 -8.02 46.88 58.11
N HIS A 599 -7.08 47.58 57.45
CA HIS A 599 -5.70 47.62 57.93
C HIS A 599 -5.63 48.31 59.28
N PHE A 600 -6.38 49.40 59.46
CA PHE A 600 -6.39 50.10 60.74
C PHE A 600 -6.90 49.21 61.86
N SER A 601 -8.01 48.52 61.62
CA SER A 601 -8.61 47.65 62.64
C SER A 601 -7.66 46.51 63.02
N TRP A 602 -7.08 45.83 62.02
CA TRP A 602 -6.18 44.72 62.34
C TRP A 602 -4.90 45.21 63.02
N LYS A 603 -4.31 46.30 62.54
CA LYS A 603 -3.09 46.81 63.15
C LYS A 603 -3.31 47.27 64.58
N MET A 604 -4.42 47.98 64.85
CA MET A 604 -4.70 48.43 66.20
C MET A 604 -5.00 47.28 67.14
N GLN A 605 -5.80 46.30 66.69
CA GLN A 605 -6.13 45.17 67.54
C GLN A 605 -4.97 44.18 67.71
N SER A 606 -3.96 44.26 66.84
CA SER A 606 -2.84 43.32 66.91
C SER A 606 -1.60 43.87 67.58
N ASP A 607 -1.23 45.12 67.33
CA ASP A 607 -0.01 45.65 67.91
C ASP A 607 -0.18 46.84 68.84
N VAL A 608 -1.40 47.35 69.04
CA VAL A 608 -1.58 48.50 69.91
C VAL A 608 -2.54 48.22 71.06
N TRP A 609 -3.80 47.95 70.71
CA TRP A 609 -4.82 47.72 71.72
C TRP A 609 -4.64 46.38 72.43
N GLY A 610 -4.92 46.38 73.72
CA GLY A 610 -4.80 45.20 74.54
C GLY A 610 -4.73 45.55 76.01
N THR A 611 -4.72 44.51 76.83
CA THR A 611 -4.65 44.66 78.28
C THR A 611 -3.20 44.67 78.76
N VAL A 612 -3.02 45.11 80.01
CA VAL A 612 -1.71 45.18 80.64
C VAL A 612 -1.69 44.21 81.81
N THR A 613 -0.71 43.31 81.81
CA THR A 613 -0.54 42.31 82.84
C THR A 613 0.79 42.52 83.55
N ALA A 614 1.17 41.56 84.38
CA ALA A 614 2.42 41.64 85.11
C ALA A 614 3.58 41.29 84.19
N SER A 615 4.42 42.29 83.90
CA SER A 615 5.60 42.17 83.04
C SER A 615 5.23 41.64 81.65
N GLY A 616 4.41 42.41 80.95
CA GLY A 616 3.99 42.05 79.62
C GLY A 616 2.66 42.66 79.27
N VAL A 617 2.42 42.79 77.97
CA VAL A 617 1.19 43.35 77.42
C VAL A 617 0.59 42.34 76.45
N SER A 618 -0.67 41.98 76.69
CA SER A 618 -1.38 41.02 75.85
C SER A 618 -2.35 41.78 74.95
N HIS A 619 -2.19 41.60 73.64
CA HIS A 619 -3.03 42.28 72.66
C HIS A 619 -4.33 41.51 72.43
N ILE A 620 -5.24 42.14 71.69
CA ILE A 620 -6.54 41.54 71.40
C ILE A 620 -6.38 40.30 70.51
N THR A 621 -5.61 40.41 69.43
CA THR A 621 -5.41 39.28 68.53
C THR A 621 -4.08 38.59 68.75
N GLY A 622 -3.29 39.02 69.74
CA GLY A 622 -2.02 38.38 70.02
C GLY A 622 -0.88 38.67 69.08
N GLY A 623 -0.87 39.82 68.41
CA GLY A 623 0.20 40.18 67.51
C GLY A 623 0.35 39.30 66.29
N ASN A 624 -0.74 38.98 65.61
CA ASN A 624 -0.71 38.13 64.43
C ASN A 624 -0.70 38.91 63.11
N PHE A 625 -0.60 40.24 63.16
CA PHE A 625 -0.59 41.03 61.94
C PHE A 625 0.70 40.86 61.16
N ALA A 626 1.84 40.91 61.85
CA ALA A 626 3.13 40.79 61.17
C ALA A 626 3.33 39.42 60.53
N GLN A 627 2.65 38.40 61.03
CA GLN A 627 2.80 37.06 60.48
C GLN A 627 1.71 36.65 59.51
N SER A 628 0.52 37.25 59.58
CA SER A 628 -0.58 36.86 58.71
C SER A 628 -1.09 37.90 57.72
N ALA A 629 -0.65 39.15 57.78
CA ALA A 629 -1.16 40.14 56.84
C ALA A 629 -0.44 40.15 55.50
N ASN A 630 0.51 39.24 55.29
CA ASN A 630 1.25 39.19 54.03
C ASN A 630 0.58 38.31 52.99
N THR A 631 -0.56 37.68 53.32
CA THR A 631 -1.27 36.82 52.39
C THR A 631 -2.75 37.15 52.41
N ILE A 632 -3.42 36.88 51.29
CA ILE A 632 -4.86 37.11 51.21
C ILE A 632 -5.59 36.12 52.11
N ASN A 633 -5.05 34.90 52.21
CA ASN A 633 -5.64 33.87 53.06
C ASN A 633 -5.59 34.30 54.52
N GLY A 634 -4.53 35.03 54.90
CA GLY A 634 -4.43 35.51 56.27
C GLY A 634 -5.49 36.56 56.57
N TRP A 635 -5.76 37.45 55.60
CA TRP A 635 -6.79 38.47 55.79
C TRP A 635 -8.17 37.83 55.84
N LEU A 636 -8.38 36.79 55.04
CA LEU A 636 -9.68 36.12 55.01
C LEU A 636 -9.93 35.26 56.23
N ARG A 637 -8.90 34.60 56.76
CA ARG A 637 -9.06 33.70 57.90
C ARG A 637 -8.85 34.39 59.25
N ASP A 638 -7.67 34.99 59.45
CA ASP A 638 -7.36 35.60 60.74
C ASP A 638 -8.06 36.94 60.97
N PHE A 639 -8.44 37.66 59.93
CA PHE A 639 -9.11 38.94 60.14
C PHE A 639 -10.60 38.90 59.84
N LEU A 640 -11.01 38.32 58.72
CA LEU A 640 -12.43 38.32 58.39
C LEU A 640 -13.18 37.17 59.05
N TRP A 641 -12.64 35.95 58.97
CA TRP A 641 -13.34 34.81 59.56
C TRP A 641 -13.25 34.79 61.08
N ALA A 642 -12.07 35.12 61.62
CA ALA A 642 -11.89 35.07 63.07
C ALA A 642 -12.61 36.20 63.79
N GLN A 643 -12.53 37.42 63.29
CA GLN A 643 -13.18 38.53 63.98
C GLN A 643 -14.68 38.63 63.73
N SER A 644 -15.23 37.92 62.75
CA SER A 644 -16.66 38.01 62.52
C SER A 644 -17.46 37.12 63.46
N SER A 645 -16.77 36.41 64.37
CA SER A 645 -17.47 35.54 65.31
C SER A 645 -18.38 36.34 66.24
N GLN A 646 -17.92 37.52 66.67
CA GLN A 646 -18.69 38.36 67.59
C GLN A 646 -20.01 38.84 66.98
N VAL A 647 -20.04 39.08 65.66
CA VAL A 647 -21.27 39.58 65.07
C VAL A 647 -22.22 38.44 64.67
N ILE A 648 -21.72 37.23 64.45
CA ILE A 648 -22.62 36.16 64.04
C ILE A 648 -23.24 35.45 65.24
N GLN A 649 -22.61 35.49 66.41
CA GLN A 649 -23.16 34.84 67.59
C GLN A 649 -23.71 35.87 68.57
N SER A 650 -23.97 37.08 68.10
CA SER A 650 -24.50 38.18 68.91
C SER A 650 -25.98 38.04 69.21
N TYR A 651 -26.66 37.07 68.59
CA TYR A 651 -28.09 36.88 68.83
C TYR A 651 -28.36 36.51 70.28
N GLY A 652 -29.49 37.00 70.80
CA GLY A 652 -29.84 36.74 72.17
C GLY A 652 -29.20 37.67 73.17
N SER A 653 -28.42 38.65 72.72
CA SER A 653 -27.74 39.61 73.58
C SER A 653 -28.12 41.02 73.13
N ALA A 654 -27.44 42.01 73.72
CA ALA A 654 -27.70 43.40 73.39
C ALA A 654 -27.13 43.81 72.04
N LEU A 655 -26.16 43.07 71.51
CA LEU A 655 -25.57 43.39 70.23
C LEU A 655 -26.23 42.65 69.07
N SER A 656 -27.33 41.94 69.34
CA SER A 656 -28.04 41.17 68.32
C SER A 656 -28.48 42.05 67.15
N ALA A 657 -28.84 43.31 67.44
CA ALA A 657 -29.25 44.24 66.40
C ALA A 657 -28.15 44.38 65.35
N TYR A 658 -26.90 44.46 65.80
CA TYR A 658 -25.76 44.56 64.89
C TYR A 658 -25.76 43.36 63.95
N GLY A 659 -25.96 42.16 64.53
CA GLY A 659 -26.01 40.96 63.72
C GLY A 659 -27.10 41.04 62.68
N LEU A 660 -28.27 41.57 63.08
CA LEU A 660 -29.37 41.73 62.14
C LEU A 660 -28.97 42.65 61.01
N ILE A 661 -28.34 43.77 61.35
CA ILE A 661 -27.90 44.71 60.32
C ILE A 661 -26.82 44.06 59.48
N PHE A 662 -25.99 43.22 60.11
CA PHE A 662 -24.94 42.51 59.39
C PHE A 662 -25.54 41.64 58.30
N LEU A 663 -26.72 41.11 58.56
CA LEU A 663 -27.37 40.32 57.53
C LEU A 663 -28.08 41.23 56.54
N GLY A 664 -28.74 42.28 57.06
CA GLY A 664 -29.45 43.20 56.19
C GLY A 664 -28.53 43.90 55.21
N ALA A 665 -27.34 44.26 55.67
CA ALA A 665 -26.36 44.91 54.82
C ALA A 665 -25.89 43.96 53.72
N HIS A 666 -25.88 42.64 53.97
CA HIS A 666 -25.50 41.72 52.92
C HIS A 666 -26.59 41.65 51.86
N PHE A 667 -27.82 41.97 52.26
CA PHE A 667 -28.95 41.93 51.34
C PHE A 667 -28.91 43.10 50.37
N VAL A 668 -28.86 44.32 50.93
CA VAL A 668 -28.85 45.56 50.15
C VAL A 668 -27.72 45.54 49.13
N TRP A 669 -26.52 45.14 49.56
CA TRP A 669 -25.38 45.05 48.66
C TRP A 669 -25.67 44.10 47.51
N ALA A 670 -26.20 42.91 47.82
CA ALA A 670 -26.52 41.96 46.77
C ALA A 670 -27.64 42.52 45.90
N PHE A 671 -28.54 43.30 46.52
CA PHE A 671 -29.63 43.95 45.81
C PHE A 671 -29.07 44.87 44.74
N SER A 672 -27.94 45.53 45.05
CA SER A 672 -27.29 46.44 44.11
C SER A 672 -26.92 45.73 42.83
N LEU A 673 -26.50 44.46 42.93
CA LEU A 673 -26.10 43.70 41.76
C LEU A 673 -27.23 43.51 40.76
N MET A 674 -28.49 43.68 41.18
CA MET A 674 -29.57 43.56 40.22
C MET A 674 -29.60 44.80 39.31
N PHE A 675 -29.34 45.97 39.88
CA PHE A 675 -29.36 47.19 39.09
C PHE A 675 -28.09 47.41 38.29
N LEU A 676 -26.95 46.99 38.82
CA LEU A 676 -25.68 47.19 38.12
C LEU A 676 -25.46 46.24 36.97
N PHE A 677 -25.98 45.03 37.02
CA PHE A 677 -25.75 44.06 35.95
C PHE A 677 -26.86 43.99 34.92
N SER A 678 -27.96 44.72 35.09
CA SER A 678 -29.06 44.66 34.14
C SER A 678 -29.26 45.99 33.42
N GLY A 679 -30.12 45.94 32.41
CA GLY A 679 -30.45 47.10 31.60
C GLY A 679 -31.94 47.39 31.65
N ARG A 680 -32.32 48.65 31.43
CA ARG A 680 -33.71 49.07 31.52
C ARG A 680 -34.62 48.54 30.41
N GLY A 681 -34.09 47.99 29.32
CA GLY A 681 -34.96 47.48 28.27
C GLY A 681 -35.76 46.27 28.73
N TYR A 682 -35.09 45.36 29.44
CA TYR A 682 -35.75 44.17 29.98
C TYR A 682 -36.85 44.57 30.95
N TRP A 683 -36.52 45.49 31.87
CA TRP A 683 -37.47 45.94 32.88
C TRP A 683 -38.64 46.66 32.24
N GLN A 684 -38.39 47.41 31.16
CA GLN A 684 -39.49 48.11 30.49
C GLN A 684 -40.45 47.11 29.86
N GLU A 685 -39.93 46.03 29.25
CA GLU A 685 -40.82 45.03 28.66
C GLU A 685 -41.58 44.27 29.75
N LEU A 686 -40.92 43.99 30.88
CA LEU A 686 -41.60 43.31 31.99
C LEU A 686 -42.71 44.20 32.52
N ILE A 687 -42.46 45.51 32.60
CA ILE A 687 -43.46 46.46 33.03
C ILE A 687 -44.60 46.49 32.03
N GLU A 688 -44.31 46.31 30.74
CA GLU A 688 -45.37 46.26 29.73
C GLU A 688 -46.33 45.11 30.01
N SER A 689 -45.78 43.94 30.36
CA SER A 689 -46.65 42.80 30.69
C SER A 689 -47.46 43.06 31.96
N ILE A 690 -46.84 43.68 32.97
CA ILE A 690 -47.55 43.99 34.21
C ILE A 690 -48.65 45.03 33.95
N VAL A 691 -48.37 46.00 33.06
CA VAL A 691 -49.36 47.00 32.68
C VAL A 691 -50.51 46.34 31.96
N TRP A 692 -50.22 45.29 31.17
CA TRP A 692 -51.29 44.57 30.49
C TRP A 692 -52.23 43.93 31.51
N ALA A 693 -51.64 43.32 32.54
CA ALA A 693 -52.45 42.70 33.59
C ALA A 693 -53.26 43.75 34.33
N HIS A 694 -52.71 44.96 34.45
CA HIS A 694 -53.45 46.04 35.12
C HIS A 694 -54.58 46.56 34.26
N ASN A 695 -54.35 46.67 32.95
CA ASN A 695 -55.38 47.14 32.04
C ASN A 695 -56.52 46.14 31.95
N LYS A 696 -56.22 44.85 32.15
CA LYS A 696 -57.26 43.83 32.11
C LYS A 696 -58.25 44.02 33.26
N LEU A 697 -57.77 44.43 34.43
CA LEU A 697 -58.61 44.64 35.60
C LEU A 697 -58.96 46.11 35.83
N LYS A 698 -58.70 46.97 34.84
CA LYS A 698 -58.99 48.42 34.90
C LYS A 698 -58.30 49.10 36.09
N VAL A 699 -57.06 48.68 36.37
CA VAL A 699 -56.32 49.26 37.49
C VAL A 699 -55.02 49.87 36.96
N ALA A 700 -55.00 50.26 35.70
CA ALA A 700 -53.81 50.86 35.14
C ALA A 700 -53.72 52.32 35.56
N PRO A 701 -52.62 52.76 36.16
CA PRO A 701 -52.53 54.16 36.59
C PRO A 701 -52.43 55.12 35.41
N ALA A 702 -52.90 56.35 35.63
CA ALA A 702 -52.84 57.38 34.60
C ALA A 702 -51.40 57.74 34.31
N ILE A 703 -50.57 57.80 35.35
CA ILE A 703 -49.15 58.08 35.21
C ILE A 703 -48.51 56.79 34.72
N GLN A 704 -48.07 56.80 33.46
CA GLN A 704 -47.52 55.61 32.82
C GLN A 704 -46.28 55.08 33.54
N PRO A 705 -46.28 53.81 33.95
CA PRO A 705 -45.11 53.25 34.63
C PRO A 705 -43.99 52.99 33.66
N ARG A 706 -42.84 53.61 33.93
CA ARG A 706 -41.65 53.46 33.11
C ARG A 706 -40.53 52.92 33.97
N ALA A 707 -39.65 52.14 33.36
CA ALA A 707 -38.52 51.61 34.10
C ALA A 707 -37.56 52.76 34.41
N LEU A 708 -36.68 52.52 35.38
CA LEU A 708 -35.71 53.54 35.76
C LEU A 708 -34.78 53.81 34.58
N SER A 709 -34.31 55.04 34.47
CA SER A 709 -33.41 55.38 33.38
C SER A 709 -32.06 54.70 33.59
N ILE A 710 -31.25 54.72 32.53
CA ILE A 710 -29.92 54.09 32.58
C ILE A 710 -29.07 54.75 33.67
N THR A 711 -29.09 56.08 33.71
CA THR A 711 -28.34 56.79 34.74
C THR A 711 -28.92 56.52 36.12
N GLN A 712 -30.25 56.47 36.23
CA GLN A 712 -30.87 56.18 37.51
C GLN A 712 -30.56 54.76 37.95
N GLY A 713 -30.53 53.82 37.00
CA GLY A 713 -30.19 52.45 37.34
C GLY A 713 -28.77 52.36 37.90
N ARG A 714 -27.84 53.08 37.27
CA ARG A 714 -26.47 53.09 37.77
C ARG A 714 -26.37 53.74 39.15
N ALA A 715 -27.12 54.84 39.34
CA ALA A 715 -27.11 55.55 40.62
C ALA A 715 -27.68 54.69 41.73
N VAL A 716 -28.78 53.99 41.46
CA VAL A 716 -29.42 53.12 42.45
C VAL A 716 -28.48 51.97 42.80
N GLY A 717 -27.83 51.39 41.78
CA GLY A 717 -26.91 50.29 42.03
C GLY A 717 -25.72 50.71 42.86
N VAL A 718 -25.10 51.86 42.53
CA VAL A 718 -23.93 52.29 43.30
C VAL A 718 -24.34 52.71 44.71
N ALA A 719 -25.54 53.30 44.88
CA ALA A 719 -26.00 53.70 46.20
C ALA A 719 -26.22 52.48 47.09
N HIS A 720 -26.85 51.45 46.54
CA HIS A 720 -27.10 50.24 47.31
C HIS A 720 -25.80 49.50 47.59
N TYR A 721 -24.86 49.51 46.64
CA TYR A 721 -23.58 48.84 46.83
C TYR A 721 -22.82 49.49 47.99
N LEU A 722 -22.73 50.82 47.97
CA LEU A 722 -22.04 51.54 49.02
C LEU A 722 -22.71 51.36 50.37
N LEU A 723 -24.05 51.47 50.40
CA LEU A 723 -24.77 51.32 51.65
C LEU A 723 -24.60 49.93 52.24
N GLY A 724 -24.76 48.89 51.40
CA GLY A 724 -24.62 47.53 51.90
C GLY A 724 -23.21 47.21 52.39
N GLY A 725 -22.20 47.58 51.60
CA GLY A 725 -20.83 47.30 52.02
C GLY A 725 -20.40 48.05 53.27
N ILE A 726 -20.69 49.36 53.31
CA ILE A 726 -20.31 50.17 54.46
C ILE A 726 -21.08 49.74 55.70
N ALA A 727 -22.37 49.40 55.54
CA ALA A 727 -23.15 48.95 56.70
C ALA A 727 -22.66 47.60 57.18
N THR A 728 -22.19 46.73 56.27
CA THR A 728 -21.66 45.44 56.66
C THR A 728 -20.40 45.63 57.51
N THR A 729 -19.49 46.47 57.04
CA THR A 729 -18.27 46.74 57.77
C THR A 729 -18.57 47.43 59.10
N TRP A 730 -19.59 48.30 59.11
CA TRP A 730 -19.98 49.01 60.32
C TRP A 730 -20.48 48.04 61.38
N SER A 731 -21.38 47.13 60.99
CA SER A 731 -21.92 46.15 61.92
C SER A 731 -20.82 45.24 62.46
N PHE A 732 -19.96 44.75 61.55
CA PHE A 732 -18.88 43.87 61.95
C PHE A 732 -17.91 44.56 62.91
N PHE A 733 -17.47 45.78 62.56
CA PHE A 733 -16.55 46.54 63.40
C PHE A 733 -17.15 46.84 64.77
N LEU A 734 -18.36 47.40 64.80
CA LEU A 734 -18.97 47.77 66.08
C LEU A 734 -19.23 46.57 66.97
N ALA A 735 -19.78 45.47 66.42
CA ALA A 735 -20.04 44.30 67.24
C ALA A 735 -18.75 43.70 67.79
N ARG A 736 -17.73 43.58 66.94
CA ARG A 736 -16.46 43.01 67.39
C ARG A 736 -15.78 43.89 68.43
N ILE A 737 -15.66 45.20 68.14
CA ILE A 737 -14.97 46.12 69.05
C ILE A 737 -15.75 46.35 70.33
N ILE A 738 -17.06 46.12 70.36
CA ILE A 738 -17.78 46.31 71.61
C ILE A 738 -17.71 45.05 72.45
N SER A 739 -17.73 43.88 71.79
CA SER A 739 -17.67 42.64 72.54
C SER A 739 -16.27 42.34 73.08
N VAL A 740 -15.21 42.59 72.31
CA VAL A 740 -13.87 42.28 72.80
C VAL A 740 -13.07 43.51 73.22
N GLY A 741 -13.54 44.71 72.94
CA GLY A 741 -12.81 45.91 73.34
C GLY A 741 -13.49 46.70 74.43
N ALA B 1 -5.48 44.80 5.13
CA ALA B 1 -6.07 43.95 4.11
C ALA B 1 -6.96 42.87 4.73
N THR B 2 -7.64 42.10 3.87
CA THR B 2 -8.50 41.04 4.34
C THR B 2 -7.68 39.89 4.90
N LYS B 3 -8.04 39.44 6.10
CA LYS B 3 -7.35 38.35 6.76
C LYS B 3 -8.02 37.02 6.43
N LEU B 4 -7.28 35.93 6.62
CA LEU B 4 -7.86 34.62 6.36
C LEU B 4 -8.86 34.23 7.44
N PHE B 5 -8.53 34.49 8.68
CA PHE B 5 -9.41 34.16 9.79
C PHE B 5 -10.37 35.32 10.05
N PRO B 6 -11.67 35.06 10.19
CA PRO B 6 -12.29 33.73 10.06
C PRO B 6 -12.70 33.42 8.63
N LYS B 7 -12.53 32.17 8.21
CA LYS B 7 -12.87 31.79 6.85
C LYS B 7 -14.37 31.74 6.61
N PHE B 8 -15.17 31.56 7.65
CA PHE B 8 -16.62 31.48 7.51
C PHE B 8 -17.33 32.83 7.48
N SER B 9 -16.65 33.94 7.78
CA SER B 9 -17.30 35.24 7.77
C SER B 9 -16.42 36.24 7.03
N GLN B 10 -16.93 36.73 5.89
CA GLN B 10 -16.17 37.70 5.11
C GLN B 10 -16.20 39.07 5.78
N GLY B 11 -17.30 39.40 6.45
CA GLY B 11 -17.40 40.67 7.14
C GLY B 11 -16.44 40.76 8.32
N LEU B 12 -16.27 39.65 9.03
CA LEU B 12 -15.36 39.64 10.17
C LEU B 12 -13.91 39.63 9.71
N ALA B 13 -13.64 39.02 8.55
CA ALA B 13 -12.27 38.96 8.04
C ALA B 13 -11.78 40.33 7.60
N GLN B 14 -12.70 41.24 7.28
CA GLN B 14 -12.34 42.59 6.88
C GLN B 14 -12.26 43.55 8.06
N ASP B 15 -12.53 43.07 9.26
CA ASP B 15 -12.47 43.89 10.46
C ASP B 15 -11.00 44.12 10.82
N PRO B 16 -10.53 45.36 10.87
CA PRO B 16 -9.12 45.62 11.21
C PRO B 16 -8.82 45.74 12.70
N THR B 17 -9.76 45.42 13.57
CA THR B 17 -9.57 45.53 15.00
C THR B 17 -9.43 44.14 15.64
N THR B 18 -9.15 44.15 16.95
CA THR B 18 -9.02 42.91 17.72
C THR B 18 -10.35 42.20 17.89
N ARG B 19 -11.46 42.86 17.55
CA ARG B 19 -12.79 42.28 17.65
C ARG B 19 -12.95 41.13 16.66
N ARG B 20 -12.14 41.10 15.60
CA ARG B 20 -12.22 40.04 14.61
C ARG B 20 -11.89 38.67 15.20
N ILE B 21 -10.82 38.59 16.00
CA ILE B 21 -10.42 37.32 16.61
C ILE B 21 -11.47 36.84 17.59
N TRP B 22 -11.95 37.74 18.46
CA TRP B 22 -12.95 37.37 19.45
C TRP B 22 -14.24 36.90 18.80
N TYR B 23 -14.72 37.66 17.80
CA TYR B 23 -15.96 37.27 17.14
C TYR B 23 -15.79 36.03 16.28
N GLY B 24 -14.57 35.80 15.76
CA GLY B 24 -14.34 34.59 14.99
C GLY B 24 -14.35 33.38 15.89
N LEU B 25 -13.90 33.56 17.13
CA LEU B 25 -13.90 32.47 18.09
C LEU B 25 -15.30 32.19 18.63
N ALA B 26 -16.11 33.24 18.82
CA ALA B 26 -17.44 33.08 19.37
C ALA B 26 -18.52 32.76 18.34
N MET B 27 -18.24 32.89 17.04
CA MET B 27 -19.24 32.59 16.01
C MET B 27 -18.81 31.42 15.14
N ALA B 28 -17.89 30.59 15.64
CA ALA B 28 -17.41 29.44 14.86
C ALA B 28 -18.46 28.35 14.74
N HIS B 29 -19.27 28.14 15.78
CA HIS B 29 -20.28 27.09 15.76
C HIS B 29 -21.65 27.58 15.31
N ASP B 30 -21.79 28.86 14.99
CA ASP B 30 -23.06 29.39 14.50
C ASP B 30 -23.06 29.21 12.98
N PHE B 31 -23.21 27.94 12.57
CA PHE B 31 -23.18 27.58 11.17
C PHE B 31 -24.28 28.26 10.35
N GLU B 32 -25.42 28.57 10.97
CA GLU B 32 -26.50 29.23 10.25
C GLU B 32 -26.12 30.64 9.81
N SER B 33 -25.17 31.26 10.52
CA SER B 33 -24.71 32.61 10.20
C SER B 33 -23.47 32.63 9.32
N HIS B 34 -23.00 31.46 8.86
CA HIS B 34 -21.81 31.42 8.03
C HIS B 34 -22.13 31.86 6.60
N ASP B 35 -21.08 32.20 5.86
CA ASP B 35 -21.25 32.65 4.49
C ASP B 35 -21.51 31.48 3.55
N GLY B 36 -22.51 31.64 2.68
CA GLY B 36 -22.88 30.63 1.71
C GLY B 36 -23.33 29.31 2.31
N MET B 37 -24.04 29.35 3.43
CA MET B 37 -24.50 28.14 4.09
C MET B 37 -25.89 27.75 3.61
N THR B 38 -26.05 26.47 3.30
CA THR B 38 -27.31 25.90 2.86
C THR B 38 -27.82 24.97 3.96
N GLU B 39 -29.02 24.43 3.76
CA GLU B 39 -29.59 23.53 4.76
C GLU B 39 -28.87 22.19 4.78
N GLU B 40 -28.59 21.64 3.60
CA GLU B 40 -27.89 20.35 3.50
C GLU B 40 -26.50 20.44 4.10
N ASN B 41 -25.77 21.51 3.77
CA ASN B 41 -24.44 21.69 4.31
C ASN B 41 -24.49 21.87 5.82
N LEU B 42 -25.53 22.55 6.32
CA LEU B 42 -25.72 22.75 7.75
C LEU B 42 -25.85 21.42 8.47
N TYR B 43 -26.75 20.56 7.98
CA TYR B 43 -26.95 19.26 8.61
C TYR B 43 -25.69 18.41 8.54
N GLN B 44 -24.94 18.49 7.43
CA GLN B 44 -23.71 17.71 7.30
C GLN B 44 -22.65 18.17 8.31
N LYS B 45 -22.53 19.50 8.50
CA LYS B 45 -21.56 20.01 9.47
C LYS B 45 -21.94 19.59 10.89
N ILE B 46 -23.25 19.59 11.19
CA ILE B 46 -23.69 19.18 12.52
C ILE B 46 -23.41 17.69 12.73
N PHE B 47 -23.56 16.88 11.67
CA PHE B 47 -23.27 15.45 11.75
C PHE B 47 -21.80 15.23 12.09
N ALA B 48 -20.91 15.93 11.39
CA ALA B 48 -19.47 15.80 11.66
C ALA B 48 -19.12 16.28 13.06
N SER B 49 -19.75 17.37 13.51
CA SER B 49 -19.51 17.90 14.85
C SER B 49 -19.95 16.90 15.92
N HIS B 50 -21.07 16.21 15.66
CA HIS B 50 -21.57 15.21 16.60
C HIS B 50 -20.56 14.08 16.75
N PHE B 51 -20.00 13.62 15.61
CA PHE B 51 -19.00 12.56 15.68
C PHE B 51 -17.76 13.01 16.43
N GLY B 52 -17.34 14.26 16.21
CA GLY B 52 -16.18 14.77 16.93
C GLY B 52 -16.42 14.86 18.42
N GLN B 53 -17.66 15.23 18.81
CA GLN B 53 -18.01 15.31 20.22
C GLN B 53 -17.98 13.93 20.86
N LEU B 54 -18.49 12.92 20.15
CA LEU B 54 -18.45 11.55 20.69
C LEU B 54 -17.01 11.08 20.84
N SER B 55 -16.15 11.46 19.89
CA SER B 55 -14.74 11.09 19.96
C SER B 55 -14.09 11.70 21.20
N ILE B 56 -14.40 12.97 21.49
CA ILE B 56 -13.84 13.63 22.66
C ILE B 56 -14.34 12.98 23.95
N ILE B 57 -15.63 12.64 24.01
CA ILE B 57 -16.20 12.01 25.20
C ILE B 57 -15.55 10.66 25.47
N PHE B 58 -15.41 9.85 24.43
CA PHE B 58 -14.80 8.53 24.60
C PHE B 58 -13.32 8.63 24.97
N LEU B 59 -12.62 9.62 24.41
CA LEU B 59 -11.22 9.80 24.75
C LEU B 59 -11.07 10.23 26.21
N TRP B 60 -11.98 11.07 26.68
CA TRP B 60 -11.95 11.51 28.08
C TRP B 60 -12.19 10.34 29.02
N THR B 61 -13.15 9.46 28.66
CA THR B 61 -13.43 8.29 29.49
C THR B 61 -12.22 7.35 29.52
N SER B 62 -11.58 7.15 28.36
CA SER B 62 -10.41 6.29 28.29
C SER B 62 -9.26 6.89 29.10
N GLY B 63 -9.18 8.22 29.13
CA GLY B 63 -8.14 8.87 29.91
C GLY B 63 -8.33 8.65 31.40
N ASN B 64 -9.58 8.74 31.87
CA ASN B 64 -9.86 8.51 33.29
C ASN B 64 -9.54 7.07 33.66
N LEU B 65 -9.93 6.12 32.80
CA LEU B 65 -9.64 4.71 33.06
C LEU B 65 -8.14 4.44 33.10
N PHE B 66 -7.41 5.01 32.14
CA PHE B 66 -5.97 4.81 32.08
C PHE B 66 -5.27 5.38 33.29
N HIS B 67 -5.66 6.57 33.74
CA HIS B 67 -5.00 7.16 34.89
C HIS B 67 -5.32 6.42 36.18
N VAL B 68 -6.55 5.91 36.31
CA VAL B 68 -6.85 5.14 37.51
C VAL B 68 -6.09 3.82 37.50
N ALA B 69 -5.95 3.20 36.32
CA ALA B 69 -5.21 1.95 36.23
C ALA B 69 -3.71 2.14 36.42
N TRP B 70 -3.18 3.30 36.07
CA TRP B 70 -1.74 3.55 36.17
C TRP B 70 -1.31 4.12 37.53
N GLN B 71 -1.85 5.27 37.91
CA GLN B 71 -1.44 5.92 39.14
C GLN B 71 -2.42 5.78 40.30
N GLY B 72 -3.48 4.98 40.14
CA GLY B 72 -4.46 4.79 41.19
C GLY B 72 -4.16 3.60 42.09
N ASN B 73 -5.10 3.35 43.00
CA ASN B 73 -5.03 2.26 43.97
C ASN B 73 -6.29 1.42 43.90
N PHE B 74 -6.75 1.13 42.68
CA PHE B 74 -7.97 0.35 42.50
C PHE B 74 -7.81 -1.08 43.02
N GLU B 75 -6.61 -1.66 42.88
CA GLU B 75 -6.40 -3.02 43.35
C GLU B 75 -6.42 -3.10 44.87
N GLN B 76 -6.08 -2.01 45.55
CA GLN B 76 -6.11 -2.00 47.01
C GLN B 76 -7.44 -1.49 47.54
N TRP B 77 -8.13 -0.64 46.77
CA TRP B 77 -9.41 -0.10 47.20
C TRP B 77 -10.49 -1.17 47.20
N VAL B 78 -10.40 -2.16 46.31
CA VAL B 78 -11.42 -3.21 46.26
C VAL B 78 -11.33 -4.11 47.49
N THR B 79 -10.14 -4.19 48.12
CA THR B 79 -10.00 -5.03 49.30
C THR B 79 -10.62 -4.38 50.52
N ASP B 80 -10.46 -3.07 50.68
CA ASP B 80 -11.01 -2.31 51.81
C ASP B 80 -11.59 -1.00 51.29
N PRO B 81 -12.79 -1.04 50.70
CA PRO B 81 -13.41 0.19 50.18
C PRO B 81 -14.09 1.06 51.22
N VAL B 82 -13.82 0.85 52.52
CA VAL B 82 -14.45 1.65 53.56
C VAL B 82 -13.41 2.57 54.18
N HIS B 83 -12.17 2.08 54.34
CA HIS B 83 -11.10 2.86 54.94
C HIS B 83 -9.99 3.26 53.99
N ILE B 84 -10.15 3.10 52.68
CA ILE B 84 -9.13 3.47 51.70
C ILE B 84 -9.72 4.52 50.77
N ARG B 85 -9.01 5.64 50.62
CA ARG B 85 -9.48 6.72 49.76
C ARG B 85 -9.06 6.46 48.32
N PRO B 86 -9.94 6.65 47.35
CA PRO B 86 -9.58 6.43 45.95
C PRO B 86 -8.58 7.47 45.47
N ILE B 87 -7.76 7.09 44.50
CA ILE B 87 -6.74 7.97 43.94
C ILE B 87 -7.12 8.33 42.52
N ALA B 88 -7.13 9.62 42.21
CA ALA B 88 -7.46 10.08 40.87
C ALA B 88 -6.29 9.88 39.92
N HIS B 89 -5.17 10.54 40.19
CA HIS B 89 -3.97 10.44 39.38
C HIS B 89 -2.81 10.99 40.19
N ALA B 90 -1.61 10.81 39.66
CA ALA B 90 -0.42 11.30 40.34
C ALA B 90 -0.25 12.80 40.08
N ILE B 91 0.58 13.42 40.91
CA ILE B 91 0.88 14.85 40.81
C ILE B 91 2.36 15.00 40.51
N TRP B 92 2.66 15.72 39.43
CA TRP B 92 4.04 16.01 39.04
C TRP B 92 4.09 17.50 38.82
N ASP B 93 4.57 18.23 39.81
CA ASP B 93 4.66 19.69 39.75
C ASP B 93 6.02 20.15 40.29
N PRO B 94 6.86 20.77 39.47
CA PRO B 94 8.16 21.24 39.97
C PRO B 94 8.05 22.40 40.94
N HIS B 95 6.88 23.03 41.06
CA HIS B 95 6.70 24.14 41.99
C HIS B 95 6.48 23.68 43.40
N PHE B 96 6.16 22.40 43.60
CA PHE B 96 5.94 21.89 44.94
C PHE B 96 7.23 21.88 45.75
N GLY B 97 7.13 22.31 47.00
CA GLY B 97 8.26 22.26 47.90
C GLY B 97 8.22 20.91 48.58
N GLN B 98 9.12 20.71 49.54
CA GLN B 98 9.12 19.44 50.25
C GLN B 98 7.84 19.21 51.08
N PRO B 99 7.38 20.15 51.93
CA PRO B 99 6.14 19.87 52.70
C PRO B 99 4.93 19.58 51.83
N ALA B 100 4.83 20.21 50.66
CA ALA B 100 3.71 19.91 49.77
C ALA B 100 3.82 18.49 49.24
N VAL B 101 5.05 18.04 49.02
CA VAL B 101 5.28 16.68 48.52
C VAL B 101 4.84 15.65 49.55
N GLU B 102 5.25 15.80 50.82
CA GLU B 102 4.76 14.80 51.77
C GLU B 102 3.31 15.05 52.16
N ALA B 103 2.78 16.25 51.93
CA ALA B 103 1.40 16.52 52.27
C ALA B 103 0.45 15.84 51.29
N PHE B 104 0.76 15.89 50.00
CA PHE B 104 -0.11 15.24 49.03
C PHE B 104 0.17 13.76 48.87
N THR B 105 1.23 13.24 49.49
CA THR B 105 1.57 11.82 49.41
C THR B 105 0.70 11.11 50.43
N ARG B 106 -0.40 10.53 49.96
CA ARG B 106 -1.34 9.84 50.83
C ARG B 106 -2.08 8.78 50.01
N GLY B 107 -2.91 8.01 50.69
CA GLY B 107 -3.67 6.96 50.04
C GLY B 107 -2.88 5.71 49.73
N GLY B 108 -1.69 5.54 50.30
CA GLY B 108 -0.88 4.38 50.04
C GLY B 108 0.03 4.49 48.84
N ALA B 109 0.01 5.61 48.14
CA ALA B 109 0.85 5.79 46.96
C ALA B 109 2.28 6.12 47.38
N SER B 110 3.19 6.05 46.40
CA SER B 110 4.60 6.35 46.63
C SER B 110 4.95 7.80 46.34
N GLY B 111 3.98 8.63 46.00
CA GLY B 111 4.21 10.02 45.71
C GLY B 111 2.96 10.86 45.85
N PRO B 112 3.04 12.14 45.51
CA PRO B 112 1.86 13.02 45.63
C PRO B 112 0.80 12.63 44.62
N VAL B 113 -0.42 12.43 45.10
CA VAL B 113 -1.55 12.04 44.26
C VAL B 113 -2.78 12.86 44.65
N ASN B 114 -3.83 12.72 43.86
CA ASN B 114 -5.09 13.40 44.07
C ASN B 114 -6.15 12.37 44.45
N ILE B 115 -6.93 12.68 45.47
CA ILE B 115 -7.99 11.77 45.91
C ILE B 115 -9.22 12.05 45.06
N SER B 116 -9.64 11.07 44.28
CA SER B 116 -10.78 11.23 43.38
C SER B 116 -12.09 11.39 44.13
N THR B 117 -12.96 12.25 43.60
CA THR B 117 -14.29 12.53 44.14
C THR B 117 -15.38 12.27 43.12
N SER B 118 -15.04 11.70 41.96
CA SER B 118 -16.00 11.42 40.91
C SER B 118 -16.80 10.14 41.12
N GLY B 119 -16.34 9.24 41.97
CA GLY B 119 -17.07 8.01 42.20
C GLY B 119 -16.92 6.96 41.14
N VAL B 120 -15.86 7.02 40.32
CA VAL B 120 -15.69 6.00 39.29
C VAL B 120 -15.21 4.69 39.89
N TYR B 121 -14.61 4.74 41.09
CA TYR B 121 -14.14 3.53 41.74
C TYR B 121 -15.32 2.64 42.13
N GLN B 122 -16.33 3.23 42.76
CA GLN B 122 -17.51 2.47 43.17
C GLN B 122 -18.28 1.96 41.97
N TRP B 123 -18.39 2.78 40.92
CA TRP B 123 -19.10 2.38 39.72
C TRP B 123 -18.40 1.23 39.01
N TRP B 124 -17.09 1.34 38.83
CA TRP B 124 -16.33 0.27 38.18
C TRP B 124 -16.31 -1.00 39.03
N TYR B 125 -16.28 -0.84 40.35
CA TYR B 125 -16.30 -2.00 41.24
C TYR B 125 -17.64 -2.72 41.18
N THR B 126 -18.73 -1.95 41.09
CA THR B 126 -20.06 -2.55 41.02
C THR B 126 -20.28 -3.24 39.68
N ILE B 127 -19.83 -2.65 38.57
CA ILE B 127 -20.07 -3.27 37.27
C ILE B 127 -19.17 -4.47 37.01
N GLY B 128 -18.16 -4.73 37.85
CA GLY B 128 -17.33 -5.90 37.62
C GLY B 128 -15.83 -5.74 37.52
N MET B 129 -15.32 -4.51 37.52
CA MET B 129 -13.88 -4.29 37.43
C MET B 129 -13.21 -4.70 38.73
N ARG B 130 -12.12 -5.46 38.65
CA ARG B 130 -11.42 -5.88 39.86
C ARG B 130 -9.93 -5.59 39.84
N THR B 131 -9.27 -5.72 38.70
CA THR B 131 -7.84 -5.50 38.58
C THR B 131 -7.53 -4.32 37.67
N ASN B 132 -6.25 -3.93 37.66
CA ASN B 132 -5.82 -2.83 36.82
C ASN B 132 -5.80 -3.23 35.35
N GLN B 133 -5.66 -4.53 35.07
CA GLN B 133 -5.66 -5.02 33.70
C GLN B 133 -6.99 -4.75 33.03
N ASP B 134 -8.08 -4.91 33.79
CA ASP B 134 -9.41 -4.65 33.25
C ASP B 134 -9.57 -3.18 32.86
N LEU B 135 -9.08 -2.27 33.72
CA LEU B 135 -9.17 -0.85 33.41
C LEU B 135 -8.29 -0.48 32.23
N TYR B 136 -7.13 -1.13 32.12
CA TYR B 136 -6.23 -0.88 30.99
C TYR B 136 -6.87 -1.30 29.68
N VAL B 137 -7.49 -2.49 29.67
CA VAL B 137 -8.16 -3.00 28.48
C VAL B 137 -9.34 -2.11 28.11
N GLY B 138 -10.10 -1.66 29.11
CA GLY B 138 -11.21 -0.77 28.84
C GLY B 138 -10.76 0.57 28.29
N SER B 139 -9.62 1.07 28.77
CA SER B 139 -9.08 2.33 28.29
C SER B 139 -8.64 2.20 26.84
N VAL B 140 -7.97 1.10 26.49
CA VAL B 140 -7.54 0.90 25.10
C VAL B 140 -8.74 0.76 24.19
N PHE B 141 -9.77 0.03 24.64
CA PHE B 141 -10.98 -0.15 23.85
C PHE B 141 -11.70 1.17 23.61
N LEU B 142 -11.79 2.01 24.65
CA LEU B 142 -12.45 3.29 24.47
C LEU B 142 -11.62 4.23 23.59
N ALA B 143 -10.30 4.11 23.63
CA ALA B 143 -9.47 4.95 22.76
C ALA B 143 -9.68 4.54 21.31
N LEU B 144 -9.82 3.23 21.05
CA LEU B 144 -10.08 2.77 19.70
C LEU B 144 -11.45 3.23 19.23
N VAL B 145 -12.44 3.21 20.13
CA VAL B 145 -13.78 3.68 19.79
C VAL B 145 -13.75 5.16 19.46
N SER B 146 -12.97 5.93 20.22
CA SER B 146 -12.83 7.36 19.97
C SER B 146 -12.20 7.64 18.62
N ALA B 147 -11.16 6.87 18.27
CA ALA B 147 -10.51 7.04 16.97
C ALA B 147 -11.46 6.68 15.84
N ILE B 148 -12.29 5.65 16.05
CA ILE B 148 -13.26 5.24 15.03
C ILE B 148 -14.31 6.34 14.83
N PHE B 149 -14.77 6.95 15.93
CA PHE B 149 -15.77 8.02 15.82
C PHE B 149 -15.18 9.24 15.13
N LEU B 150 -13.92 9.56 15.41
CA LEU B 150 -13.27 10.69 14.76
C LEU B 150 -13.13 10.42 13.26
N PHE B 151 -12.79 9.19 12.90
CA PHE B 151 -12.67 8.85 11.49
C PHE B 151 -14.02 8.91 10.80
N ALA B 152 -15.09 8.52 11.52
CA ALA B 152 -16.43 8.58 10.96
C ALA B 152 -16.82 10.03 10.69
N GLY B 153 -16.43 10.93 11.60
CA GLY B 153 -16.73 12.34 11.40
C GLY B 153 -16.00 12.90 10.20
N TRP B 154 -14.74 12.49 10.02
CA TRP B 154 -14.01 12.97 8.85
C TRP B 154 -14.56 12.37 7.57
N LEU B 155 -14.96 11.10 7.62
CA LEU B 155 -15.45 10.39 6.44
C LEU B 155 -16.82 10.91 5.99
N HIS B 156 -17.65 11.34 6.92
CA HIS B 156 -18.97 11.79 6.45
C HIS B 156 -18.98 13.18 5.86
N LEU B 157 -17.82 13.76 5.56
CA LEU B 157 -17.74 15.06 4.93
C LEU B 157 -17.20 14.97 3.52
N GLN B 158 -16.55 13.88 3.18
CA GLN B 158 -15.99 13.63 1.87
C GLN B 158 -17.09 13.24 0.90
N PRO B 159 -16.87 13.45 -0.41
CA PRO B 159 -17.88 13.06 -1.39
C PRO B 159 -18.11 11.56 -1.37
N ASN B 160 -19.32 11.16 -1.76
CA ASN B 160 -19.88 9.80 -1.81
C ASN B 160 -20.20 9.31 -0.42
N PHE B 161 -20.09 10.16 0.61
CA PHE B 161 -20.40 9.79 1.98
C PHE B 161 -21.20 10.86 2.70
N GLN B 162 -21.48 11.99 2.05
CA GLN B 162 -22.26 13.05 2.68
C GLN B 162 -23.74 12.72 2.59
N PRO B 163 -24.45 12.65 3.70
CA PRO B 163 -25.88 12.33 3.63
C PRO B 163 -26.68 13.49 3.06
N SER B 164 -27.74 13.15 2.34
CA SER B 164 -28.59 14.15 1.73
C SER B 164 -29.51 14.78 2.78
N LEU B 165 -30.12 15.90 2.40
CA LEU B 165 -31.03 16.60 3.32
C LEU B 165 -32.25 15.76 3.63
N SER B 166 -32.69 14.93 2.70
CA SER B 166 -33.87 14.09 2.94
C SER B 166 -33.59 13.02 3.98
N TRP B 167 -32.36 12.54 4.06
CA TRP B 167 -32.00 11.51 5.04
C TRP B 167 -32.05 12.06 6.46
N PHE B 168 -31.66 13.33 6.61
CA PHE B 168 -31.66 13.96 7.92
C PHE B 168 -33.05 14.28 8.43
N LYS B 169 -34.05 14.30 7.54
CA LYS B 169 -35.41 14.63 7.93
C LYS B 169 -36.30 13.40 8.13
N ASP B 170 -35.75 12.19 8.05
CA ASP B 170 -36.54 10.98 8.25
C ASP B 170 -36.72 10.82 9.76
N ALA B 171 -37.72 11.54 10.28
CA ALA B 171 -37.99 11.53 11.71
C ALA B 171 -38.54 10.18 12.20
N GLU B 172 -39.40 9.55 11.41
CA GLU B 172 -39.98 8.28 11.82
C GLU B 172 -38.93 7.19 11.93
N SER B 173 -38.05 7.08 10.94
CA SER B 173 -37.00 6.08 10.96
C SER B 173 -36.01 6.34 12.10
N ARG B 174 -35.61 7.60 12.28
CA ARG B 174 -34.67 7.94 13.34
C ARG B 174 -35.24 7.65 14.72
N LEU B 175 -36.51 7.99 14.92
CA LEU B 175 -37.14 7.75 16.23
C LEU B 175 -37.30 6.26 16.48
N ASN B 176 -37.67 5.49 15.45
CA ASN B 176 -37.81 4.05 15.62
C ASN B 176 -36.49 3.40 15.97
N HIS B 177 -35.41 3.81 15.30
CA HIS B 177 -34.10 3.22 15.57
C HIS B 177 -33.53 3.68 16.90
N HIS B 178 -33.84 4.90 17.32
CA HIS B 178 -33.32 5.35 18.61
C HIS B 178 -34.05 4.67 19.75
N LEU B 179 -35.36 4.46 19.61
CA LEU B 179 -36.10 3.80 20.67
C LEU B 179 -35.80 2.31 20.73
N SER B 180 -35.73 1.64 19.59
CA SER B 180 -35.49 0.20 19.60
C SER B 180 -34.01 -0.16 19.70
N GLY B 181 -33.14 0.51 18.95
CA GLY B 181 -31.74 0.17 18.99
C GLY B 181 -30.85 0.91 19.97
N LEU B 182 -30.84 2.24 19.90
CA LEU B 182 -30.00 3.03 20.79
C LEU B 182 -30.42 2.92 22.24
N PHE B 183 -31.71 2.72 22.51
CA PHE B 183 -32.22 2.60 23.86
C PHE B 183 -32.51 1.17 24.28
N GLY B 184 -33.33 0.45 23.50
CA GLY B 184 -33.70 -0.90 23.89
C GLY B 184 -32.59 -1.92 23.76
N VAL B 185 -31.91 -1.96 22.62
CA VAL B 185 -30.84 -2.95 22.42
C VAL B 185 -29.66 -2.66 23.34
N SER B 186 -29.35 -1.38 23.56
CA SER B 186 -28.26 -1.03 24.47
C SER B 186 -28.58 -1.47 25.89
N SER B 187 -29.84 -1.29 26.31
CA SER B 187 -30.25 -1.70 27.65
C SER B 187 -30.24 -3.22 27.77
N LEU B 188 -30.60 -3.92 26.68
CA LEU B 188 -30.58 -5.37 26.68
C LEU B 188 -29.15 -5.88 26.79
N ALA B 189 -28.22 -5.22 26.10
CA ALA B 189 -26.81 -5.60 26.18
C ALA B 189 -26.27 -5.32 27.57
N TRP B 190 -26.71 -4.22 28.19
CA TRP B 190 -26.25 -3.92 29.54
C TRP B 190 -26.79 -4.96 30.51
N THR B 191 -27.99 -5.46 30.25
CA THR B 191 -28.55 -6.52 31.07
C THR B 191 -27.72 -7.77 30.91
N GLY B 192 -27.25 -8.02 29.69
CA GLY B 192 -26.41 -9.17 29.44
C GLY B 192 -25.09 -9.07 30.18
N HIS B 193 -24.54 -7.86 30.29
CA HIS B 193 -23.29 -7.70 31.02
C HIS B 193 -23.51 -7.89 32.51
N LEU B 194 -24.59 -7.31 33.05
CA LEU B 194 -24.87 -7.43 34.48
C LEU B 194 -25.13 -8.88 34.86
N VAL B 195 -25.91 -9.59 34.05
CA VAL B 195 -26.22 -10.99 34.32
C VAL B 195 -24.99 -11.88 34.13
N HIS B 196 -24.19 -11.60 33.11
CA HIS B 196 -23.02 -12.42 32.81
C HIS B 196 -21.76 -12.03 33.57
N VAL B 197 -21.52 -10.75 33.84
CA VAL B 197 -20.28 -10.39 34.51
C VAL B 197 -20.43 -9.77 35.89
N ALA B 198 -21.21 -8.69 36.00
CA ALA B 198 -21.35 -7.98 37.28
C ALA B 198 -21.91 -8.86 38.40
N ILE B 199 -23.02 -9.56 38.14
CA ILE B 199 -23.59 -10.45 39.16
C ILE B 199 -22.64 -11.58 39.55
N PRO B 200 -22.02 -12.32 38.62
CA PRO B 200 -21.07 -13.36 39.07
C PRO B 200 -19.81 -12.79 39.71
N GLU B 201 -19.36 -11.61 39.32
CA GLU B 201 -18.18 -11.03 39.93
C GLU B 201 -18.48 -10.55 41.34
N SER B 202 -19.72 -10.18 41.61
CA SER B 202 -20.08 -9.77 42.96
C SER B 202 -20.22 -10.96 43.90
N ARG B 203 -20.26 -12.17 43.35
CA ARG B 203 -20.38 -13.40 44.11
C ARG B 203 -19.06 -14.16 44.17
N GLY B 204 -17.95 -13.48 43.90
CA GLY B 204 -16.64 -14.09 43.96
C GLY B 204 -16.25 -14.98 42.79
N GLN B 205 -16.97 -14.93 41.68
CA GLN B 205 -16.66 -15.74 40.52
C GLN B 205 -16.16 -14.84 39.40
N HIS B 206 -14.94 -15.08 38.94
CA HIS B 206 -14.38 -14.26 37.88
C HIS B 206 -14.93 -14.71 36.53
N VAL B 207 -15.51 -13.76 35.79
CA VAL B 207 -16.06 -14.02 34.47
C VAL B 207 -15.49 -12.95 33.55
N GLY B 208 -14.56 -13.34 32.68
CA GLY B 208 -13.96 -12.42 31.75
C GLY B 208 -14.12 -12.91 30.33
N TRP B 209 -13.46 -12.27 29.37
CA TRP B 209 -13.58 -12.71 27.98
C TRP B 209 -12.99 -14.09 27.75
N ASP B 210 -12.10 -14.55 28.64
CA ASP B 210 -11.48 -15.85 28.51
C ASP B 210 -12.34 -17.00 29.02
N ASN B 211 -13.39 -16.73 29.79
CA ASN B 211 -14.21 -17.83 30.29
C ASN B 211 -15.70 -17.54 30.34
N PHE B 212 -16.19 -16.48 29.68
CA PHE B 212 -17.62 -16.20 29.75
C PHE B 212 -18.43 -17.13 28.88
N LEU B 213 -17.81 -17.81 27.91
CA LEU B 213 -18.54 -18.74 27.07
C LEU B 213 -18.68 -20.11 27.70
N SER B 214 -17.96 -20.38 28.80
CA SER B 214 -18.02 -21.66 29.50
C SER B 214 -18.57 -21.53 30.91
N VAL B 215 -19.05 -20.35 31.29
CA VAL B 215 -19.60 -20.10 32.61
C VAL B 215 -21.07 -19.72 32.44
N LEU B 216 -21.93 -20.44 33.11
CA LEU B 216 -23.37 -20.22 33.04
C LEU B 216 -23.80 -19.12 33.99
N PRO B 217 -24.61 -18.16 33.54
CA PRO B 217 -25.07 -17.11 34.45
C PRO B 217 -26.06 -17.64 35.47
N HIS B 218 -26.79 -18.69 35.12
CA HIS B 218 -27.76 -19.34 35.98
C HIS B 218 -27.56 -20.84 35.86
N PRO B 219 -27.78 -21.60 36.94
CA PRO B 219 -27.58 -23.07 36.85
C PRO B 219 -28.59 -23.78 35.97
N GLN B 220 -29.70 -23.16 35.59
CA GLN B 220 -30.66 -23.84 34.74
C GLN B 220 -30.40 -23.63 33.24
N GLY B 221 -29.52 -22.69 32.89
CA GLY B 221 -29.12 -22.44 31.52
C GLY B 221 -30.12 -22.22 30.39
N LEU B 222 -30.81 -21.07 30.40
CA LEU B 222 -31.78 -20.64 29.38
C LEU B 222 -33.03 -21.48 29.23
N THR B 223 -33.14 -22.58 29.96
CA THR B 223 -34.36 -23.40 29.88
C THR B 223 -35.58 -22.67 30.44
N PRO B 224 -35.53 -22.01 31.62
CA PRO B 224 -36.73 -21.30 32.08
C PRO B 224 -37.13 -20.14 31.19
N PHE B 225 -36.19 -19.52 30.49
CA PHE B 225 -36.52 -18.40 29.61
C PHE B 225 -37.36 -18.87 28.43
N PHE B 226 -36.97 -19.98 27.80
CA PHE B 226 -37.72 -20.49 26.66
C PHE B 226 -39.00 -21.21 27.07
N THR B 227 -39.03 -21.85 28.25
CA THR B 227 -40.25 -22.52 28.66
C THR B 227 -41.24 -21.60 29.36
N GLY B 228 -40.91 -20.32 29.53
CA GLY B 228 -41.81 -19.39 30.17
C GLY B 228 -41.77 -19.39 31.69
N ASN B 229 -40.98 -20.27 32.31
CA ASN B 229 -40.87 -20.33 33.77
C ASN B 229 -39.86 -19.29 34.26
N TRP B 230 -40.16 -18.03 33.96
CA TRP B 230 -39.26 -16.92 34.30
C TRP B 230 -39.05 -16.77 35.80
N ALA B 231 -40.02 -17.22 36.62
CA ALA B 231 -39.87 -17.12 38.08
C ALA B 231 -38.70 -17.93 38.60
N ALA B 232 -38.19 -18.87 37.81
CA ALA B 232 -37.04 -19.65 38.22
C ALA B 232 -35.78 -18.81 38.28
N TYR B 233 -35.76 -17.65 37.63
CA TYR B 233 -34.59 -16.78 37.67
C TYR B 233 -34.55 -15.91 38.91
N ALA B 234 -35.65 -15.85 39.67
CA ALA B 234 -35.71 -15.07 40.90
C ALA B 234 -35.56 -15.93 42.14
N GLN B 235 -35.36 -17.23 41.98
CA GLN B 235 -35.21 -18.14 43.11
C GLN B 235 -33.80 -18.09 43.66
N SER B 236 -33.69 -18.19 44.98
CA SER B 236 -32.45 -18.19 45.76
C SER B 236 -31.62 -16.93 45.53
N PRO B 237 -32.06 -15.76 46.03
CA PRO B 237 -31.26 -14.54 45.83
C PRO B 237 -30.18 -14.39 46.88
N ASP B 238 -29.49 -13.25 46.87
CA ASP B 238 -28.45 -13.00 47.86
C ASP B 238 -29.08 -12.73 49.22
N THR B 239 -28.55 -13.37 50.25
CA THR B 239 -29.07 -13.22 51.60
C THR B 239 -28.59 -11.92 52.23
N ALA B 240 -29.03 -11.68 53.47
CA ALA B 240 -28.65 -10.48 54.20
C ALA B 240 -27.23 -10.54 54.73
N SER B 241 -26.57 -11.69 54.68
CA SER B 241 -25.20 -11.84 55.15
C SER B 241 -24.20 -11.98 54.01
N HIS B 242 -24.60 -11.60 52.80
CA HIS B 242 -23.70 -11.71 51.66
C HIS B 242 -22.62 -10.65 51.69
N VAL B 243 -21.38 -11.08 51.46
CA VAL B 243 -20.23 -10.18 51.41
C VAL B 243 -19.94 -9.91 49.94
N PHE B 244 -19.98 -8.65 49.55
CA PHE B 244 -19.74 -8.26 48.17
C PHE B 244 -18.35 -8.65 47.72
N GLY B 245 -18.28 -9.31 46.57
CA GLY B 245 -17.02 -9.76 46.02
C GLY B 245 -16.61 -11.16 46.43
N THR B 246 -17.32 -11.78 47.37
CA THR B 246 -17.02 -13.13 47.83
C THR B 246 -18.26 -13.99 47.67
N ALA B 247 -18.07 -15.30 47.82
CA ALA B 247 -19.17 -16.24 47.71
C ALA B 247 -19.90 -16.50 49.01
N GLN B 248 -19.47 -15.86 50.11
CA GLN B 248 -20.13 -16.05 51.40
C GLN B 248 -21.47 -15.35 51.40
N GLY B 249 -22.55 -16.11 51.56
CA GLY B 249 -23.89 -15.58 51.57
C GLY B 249 -24.47 -15.27 50.21
N SER B 250 -23.77 -15.60 49.13
CA SER B 250 -24.26 -15.33 47.79
C SER B 250 -25.36 -16.31 47.40
N GLY B 251 -26.17 -15.89 46.43
CA GLY B 251 -27.25 -16.68 45.91
C GLY B 251 -27.02 -17.14 44.49
N GLN B 252 -28.10 -17.55 43.83
CA GLN B 252 -28.05 -18.01 42.46
C GLN B 252 -28.97 -17.23 41.52
N ALA B 253 -29.83 -16.39 42.05
CA ALA B 253 -30.77 -15.63 41.22
C ALA B 253 -30.05 -14.56 40.40
N ILE B 254 -30.64 -14.26 39.24
CA ILE B 254 -30.11 -13.25 38.34
C ILE B 254 -31.10 -12.14 38.06
N LEU B 255 -32.39 -12.34 38.28
CA LEU B 255 -33.41 -11.33 38.02
C LEU B 255 -34.36 -11.30 39.21
N THR B 256 -34.19 -10.31 40.10
CA THR B 256 -35.03 -10.17 41.28
C THR B 256 -35.55 -8.75 41.36
N PHE B 257 -36.51 -8.54 42.26
CA PHE B 257 -37.08 -7.23 42.53
C PHE B 257 -37.33 -7.12 44.03
N LEU B 258 -36.27 -7.44 44.79
CA LEU B 258 -36.32 -7.39 46.24
C LEU B 258 -36.57 -5.98 46.75
N GLY B 259 -35.94 -4.99 46.13
CA GLY B 259 -36.09 -3.63 46.55
C GLY B 259 -35.17 -3.29 47.71
N GLY B 260 -35.15 -2.02 48.07
CA GLY B 260 -34.30 -1.62 49.17
C GLY B 260 -32.83 -1.57 48.77
N PHE B 261 -31.97 -1.75 49.76
CA PHE B 261 -30.53 -1.70 49.55
C PHE B 261 -29.85 -2.95 50.09
N HIS B 262 -28.63 -3.15 49.62
CA HIS B 262 -27.81 -4.26 50.08
C HIS B 262 -27.40 -3.96 51.51
N PRO B 263 -27.50 -4.91 52.44
CA PRO B 263 -27.13 -4.62 53.84
C PRO B 263 -25.68 -4.20 54.05
N GLN B 264 -24.74 -4.64 53.22
CA GLN B 264 -23.36 -4.24 53.42
C GLN B 264 -22.96 -3.02 52.59
N THR B 265 -23.16 -3.08 51.27
CA THR B 265 -22.78 -1.99 50.40
C THR B 265 -23.72 -0.79 50.46
N GLN B 266 -24.90 -0.94 51.07
CA GLN B 266 -25.91 0.13 51.18
C GLN B 266 -26.31 0.66 49.80
N SER B 267 -26.32 -0.23 48.82
CA SER B 267 -26.67 0.12 47.45
C SER B 267 -27.70 -0.87 46.91
N LEU B 268 -28.25 -0.52 45.75
CA LEU B 268 -29.25 -1.34 45.10
C LEU B 268 -28.68 -2.70 44.71
N TRP B 269 -29.53 -3.71 44.74
CA TRP B 269 -29.12 -5.06 44.38
C TRP B 269 -28.77 -5.13 42.89
N LEU B 270 -27.75 -5.92 42.56
CA LEU B 270 -27.34 -6.05 41.18
C LEU B 270 -28.39 -6.80 40.37
N THR B 271 -29.05 -7.78 40.99
CA THR B 271 -30.09 -8.52 40.30
C THR B 271 -31.28 -7.62 40.00
N ASP B 272 -31.58 -6.70 40.93
CA ASP B 272 -32.67 -5.76 40.71
C ASP B 272 -32.36 -4.81 39.56
N MET B 273 -31.10 -4.36 39.47
CA MET B 273 -30.70 -3.47 38.38
C MET B 273 -30.72 -4.20 37.04
N ALA B 274 -30.31 -5.47 37.04
CA ALA B 274 -30.35 -6.25 35.81
C ALA B 274 -31.78 -6.45 35.34
N HIS B 275 -32.67 -6.78 36.28
CA HIS B 275 -34.08 -6.95 35.96
C HIS B 275 -34.69 -5.64 35.46
N HIS B 276 -34.25 -4.52 36.04
CA HIS B 276 -34.73 -3.20 35.62
C HIS B 276 -34.35 -2.91 34.19
N HIS B 277 -33.09 -3.17 33.84
CA HIS B 277 -32.62 -2.91 32.48
C HIS B 277 -33.29 -3.85 31.49
N LEU B 278 -33.59 -5.08 31.91
CA LEU B 278 -34.28 -6.00 31.01
C LEU B 278 -35.69 -5.52 30.72
N ALA B 279 -36.41 -5.07 31.75
CA ALA B 279 -37.78 -4.59 31.56
C ALA B 279 -37.82 -3.34 30.70
N ILE B 280 -36.93 -2.37 30.98
CA ILE B 280 -36.95 -1.15 30.17
C ILE B 280 -36.44 -1.45 28.76
N ALA B 281 -35.60 -2.48 28.59
CA ALA B 281 -35.13 -2.84 27.26
C ALA B 281 -36.27 -3.37 26.43
N VAL B 282 -37.10 -4.23 27.03
CA VAL B 282 -38.26 -4.78 26.33
C VAL B 282 -39.24 -3.66 25.98
N ILE B 283 -39.47 -2.75 26.93
CA ILE B 283 -40.41 -1.64 26.70
C ILE B 283 -39.92 -0.72 25.59
N PHE B 284 -38.63 -0.36 25.61
CA PHE B 284 -38.09 0.52 24.58
C PHE B 284 -38.07 -0.15 23.21
N ILE B 285 -37.74 -1.45 23.17
CA ILE B 285 -37.75 -2.15 21.88
C ILE B 285 -39.16 -2.18 21.32
N VAL B 286 -40.16 -2.47 22.16
CA VAL B 286 -41.55 -2.49 21.71
C VAL B 286 -41.96 -1.11 21.22
N ALA B 287 -41.57 -0.06 21.96
CA ALA B 287 -41.89 1.31 21.56
C ALA B 287 -41.21 1.70 20.25
N GLY B 288 -40.14 1.00 19.87
CA GLY B 288 -39.45 1.29 18.63
C GLY B 288 -40.15 0.84 17.36
N HIS B 289 -41.36 0.28 17.46
CA HIS B 289 -42.14 -0.16 16.30
C HIS B 289 -43.43 0.65 16.17
N MET B 290 -43.39 1.92 16.55
CA MET B 290 -44.57 2.76 16.52
C MET B 290 -44.75 3.56 15.24
N TYR B 291 -43.67 3.97 14.60
CA TYR B 291 -43.76 4.81 13.42
C TYR B 291 -43.61 4.03 12.12
N ARG B 292 -44.24 4.56 11.08
CA ARG B 292 -44.24 3.95 9.75
C ARG B 292 -43.01 4.40 8.98
N THR B 293 -42.22 3.43 8.53
CA THR B 293 -41.03 3.77 7.76
C THR B 293 -41.08 3.25 6.33
N ASN B 294 -41.12 1.92 6.13
CA ASN B 294 -41.13 1.37 4.78
C ASN B 294 -42.00 0.13 4.62
N PHE B 295 -42.83 -0.22 5.59
CA PHE B 295 -43.60 -1.45 5.50
C PHE B 295 -45.10 -1.26 5.66
N GLY B 296 -45.61 -0.05 5.44
CA GLY B 296 -47.04 0.18 5.54
C GLY B 296 -47.60 0.34 6.94
N ILE B 297 -47.17 -0.49 7.87
CA ILE B 297 -47.63 -0.42 9.24
C ILE B 297 -46.87 0.68 9.96
N GLY B 298 -47.45 1.18 11.05
CA GLY B 298 -46.85 2.23 11.83
C GLY B 298 -47.62 3.53 11.74
N HIS B 299 -47.05 4.56 12.33
CA HIS B 299 -47.66 5.88 12.33
C HIS B 299 -46.85 6.89 11.56
N ARG B 300 -47.51 8.01 11.30
CA ARG B 300 -46.93 9.19 10.69
C ARG B 300 -47.18 10.25 11.74
N MET B 301 -46.11 10.88 12.22
CA MET B 301 -46.25 11.86 13.29
C MET B 301 -47.07 13.07 12.86
N GLN B 302 -47.08 13.37 11.56
CA GLN B 302 -47.88 14.48 11.07
C GLN B 302 -49.37 14.19 11.22
N ALA B 303 -49.76 12.93 10.99
CA ALA B 303 -51.17 12.55 11.14
C ALA B 303 -51.61 12.62 12.59
N ILE B 304 -50.77 12.16 13.51
CA ILE B 304 -51.11 12.20 14.93
C ILE B 304 -51.19 13.63 15.41
N LEU B 305 -50.30 14.51 14.93
CA LEU B 305 -50.34 15.90 15.34
C LEU B 305 -51.56 16.61 14.76
N GLU B 306 -51.88 16.34 13.49
CA GLU B 306 -53.03 16.98 12.86
C GLU B 306 -54.36 16.47 13.39
N ALA B 307 -54.41 15.25 13.91
CA ALA B 307 -55.63 14.67 14.45
C ALA B 307 -55.73 14.83 15.96
N HIS B 308 -55.19 15.91 16.52
CA HIS B 308 -55.19 16.14 17.95
C HIS B 308 -55.63 17.55 18.29
N THR B 309 -56.78 17.96 17.74
CA THR B 309 -57.32 19.27 18.03
C THR B 309 -58.65 19.13 18.77
N PRO B 310 -58.84 19.82 19.88
CA PRO B 310 -60.10 19.72 20.63
C PRO B 310 -61.27 20.20 19.81
N PRO B 311 -62.45 19.58 19.96
CA PRO B 311 -63.61 19.98 19.14
C PRO B 311 -64.17 21.35 19.49
N SER B 312 -64.14 21.75 20.76
CA SER B 312 -64.69 23.05 21.14
C SER B 312 -63.84 24.23 20.68
N GLY B 313 -62.63 23.98 20.19
CA GLY B 313 -61.78 25.07 19.76
C GLY B 313 -61.04 25.76 20.88
N SER B 314 -60.85 25.08 22.01
CA SER B 314 -60.14 25.67 23.13
C SER B 314 -58.67 25.90 22.80
N LEU B 315 -58.10 25.03 21.97
CA LEU B 315 -56.71 25.12 21.55
C LEU B 315 -56.59 25.64 20.12
N GLY B 316 -57.65 26.23 19.59
CA GLY B 316 -57.63 26.77 18.24
C GLY B 316 -57.48 25.66 17.21
N ALA B 317 -56.45 25.79 16.36
CA ALA B 317 -56.19 24.79 15.35
C ALA B 317 -55.55 23.54 15.92
N GLY B 318 -55.17 23.56 17.20
CA GLY B 318 -54.55 22.42 17.83
C GLY B 318 -53.07 22.31 17.53
N HIS B 319 -52.69 21.21 16.90
CA HIS B 319 -51.30 20.97 16.53
C HIS B 319 -51.11 20.89 15.03
N LYS B 320 -51.97 21.57 14.26
CA LYS B 320 -51.85 21.57 12.82
C LYS B 320 -50.63 22.37 12.40
N GLY B 321 -49.78 21.76 11.57
CA GLY B 321 -48.57 22.41 11.13
C GLY B 321 -47.42 22.32 12.10
N LEU B 322 -47.62 21.66 13.25
CA LEU B 322 -46.55 21.53 14.23
C LEU B 322 -45.48 20.55 13.77
N PHE B 323 -45.83 19.62 12.87
CA PHE B 323 -44.83 18.66 12.40
C PHE B 323 -43.79 19.35 11.53
N ASP B 324 -44.23 20.30 10.70
CA ASP B 324 -43.30 21.00 9.83
C ASP B 324 -42.45 22.02 10.59
N THR B 325 -43.04 22.71 11.57
CA THR B 325 -42.27 23.70 12.32
C THR B 325 -41.24 23.07 13.25
N VAL B 326 -41.35 21.78 13.53
CA VAL B 326 -40.40 21.10 14.39
C VAL B 326 -39.32 20.40 13.56
N ASN B 327 -39.74 19.70 12.51
CA ASN B 327 -38.81 18.98 11.65
C ASN B 327 -37.92 19.93 10.84
N ASN B 328 -38.41 21.11 10.49
CA ASN B 328 -37.63 22.06 9.72
C ASN B 328 -36.87 23.07 10.58
N SER B 329 -36.96 22.98 11.90
CA SER B 329 -36.28 23.90 12.79
C SER B 329 -35.36 23.12 13.73
N LEU B 330 -34.07 23.36 13.62
CA LEU B 330 -33.12 22.68 14.48
C LEU B 330 -33.09 23.28 15.89
N HIS B 331 -33.46 24.56 16.02
CA HIS B 331 -33.46 25.17 17.34
C HIS B 331 -34.61 24.64 18.19
N PHE B 332 -35.74 24.29 17.56
CA PHE B 332 -36.86 23.72 18.29
C PHE B 332 -36.46 22.35 18.84
N GLN B 333 -35.81 21.54 18.00
CA GLN B 333 -35.37 20.21 18.42
C GLN B 333 -34.29 20.31 19.49
N LEU B 334 -33.36 21.27 19.34
CA LEU B 334 -32.31 21.45 20.33
C LEU B 334 -32.90 21.90 21.66
N GLY B 335 -33.92 22.77 21.63
CA GLY B 335 -34.54 23.22 22.85
C GLY B 335 -35.28 22.09 23.55
N LEU B 336 -36.00 21.27 22.79
CA LEU B 336 -36.71 20.14 23.39
C LEU B 336 -35.73 19.14 23.99
N ALA B 337 -34.65 18.85 23.26
CA ALA B 337 -33.63 17.92 23.74
C ALA B 337 -32.96 18.45 24.99
N LEU B 338 -32.62 19.73 25.03
CA LEU B 338 -31.97 20.29 26.21
C LEU B 338 -32.92 20.34 27.40
N ALA B 339 -34.21 20.61 27.17
CA ALA B 339 -35.16 20.64 28.28
C ALA B 339 -35.29 19.26 28.91
N SER B 340 -35.43 18.24 28.05
CA SER B 340 -35.55 16.87 28.56
C SER B 340 -34.26 16.40 29.22
N VAL B 341 -33.10 16.71 28.63
CA VAL B 341 -31.83 16.30 29.21
C VAL B 341 -31.57 16.99 30.54
N GLY B 342 -31.95 18.27 30.65
CA GLY B 342 -31.76 18.96 31.92
C GLY B 342 -32.63 18.38 33.02
N THR B 343 -33.89 18.07 32.68
CA THR B 343 -34.77 17.46 33.66
C THR B 343 -34.27 16.08 34.07
N ILE B 344 -33.77 15.31 33.09
CA ILE B 344 -33.23 13.99 33.37
C ILE B 344 -31.96 14.08 34.22
N THR B 345 -31.14 15.10 34.00
CA THR B 345 -29.93 15.28 34.80
C THR B 345 -30.30 15.56 36.25
N SER B 346 -31.34 16.39 36.45
CA SER B 346 -31.81 16.66 37.81
C SER B 346 -32.34 15.37 38.44
N LEU B 347 -33.07 14.57 37.65
CA LEU B 347 -33.60 13.30 38.11
C LEU B 347 -32.48 12.35 38.51
N VAL B 348 -31.40 12.35 37.74
CA VAL B 348 -30.23 11.53 38.04
C VAL B 348 -29.63 11.92 39.37
N ALA B 349 -29.49 13.24 39.60
CA ALA B 349 -28.91 13.70 40.87
C ALA B 349 -29.76 13.28 42.07
N GLN B 350 -31.09 13.48 41.97
CA GLN B 350 -31.98 13.12 43.07
C GLN B 350 -31.99 11.62 43.34
N HIS B 351 -32.14 10.81 42.29
CA HIS B 351 -32.20 9.37 42.45
C HIS B 351 -30.85 8.79 42.87
N MET B 352 -29.75 9.41 42.44
CA MET B 352 -28.44 8.88 42.79
C MET B 352 -28.10 9.17 44.24
N TYR B 353 -28.54 10.30 44.80
CA TYR B 353 -28.19 10.45 46.22
C TYR B 353 -29.16 9.66 47.08
N SER B 354 -30.45 9.63 46.71
CA SER B 354 -31.44 8.95 47.53
C SER B 354 -31.33 7.43 47.42
N LEU B 355 -31.14 6.90 46.21
CA LEU B 355 -31.02 5.46 45.98
C LEU B 355 -29.64 5.22 45.37
N PRO B 356 -28.60 5.05 46.19
CA PRO B 356 -27.26 4.81 45.66
C PRO B 356 -27.19 3.49 44.91
N PRO B 357 -26.76 3.52 43.66
CA PRO B 357 -26.68 2.28 42.87
C PRO B 357 -25.34 1.55 42.95
N TYR B 358 -24.27 2.27 43.27
CA TYR B 358 -22.94 1.68 43.32
C TYR B 358 -22.56 1.29 44.74
N ALA B 359 -21.82 0.19 44.84
CA ALA B 359 -21.38 -0.34 46.12
C ALA B 359 -20.45 0.62 46.85
N PHE B 360 -20.71 0.79 48.15
CA PHE B 360 -19.93 1.65 49.06
C PHE B 360 -19.90 3.11 48.58
N GLN B 361 -21.02 3.57 48.03
CA GLN B 361 -21.12 4.95 47.55
C GLN B 361 -21.69 5.87 48.63
N ALA B 362 -22.63 5.37 49.43
CA ALA B 362 -23.23 6.17 50.49
C ALA B 362 -22.22 6.51 51.59
N ILE B 363 -21.23 5.64 51.82
CA ILE B 363 -20.24 5.95 52.85
C ILE B 363 -19.30 7.05 52.37
N ASP B 364 -19.03 7.12 51.07
CA ASP B 364 -18.18 8.16 50.52
C ASP B 364 -18.99 9.45 50.46
N PHE B 365 -18.91 10.24 51.52
CA PHE B 365 -19.67 11.48 51.62
C PHE B 365 -19.22 12.52 50.60
N THR B 366 -17.90 12.64 50.38
CA THR B 366 -17.39 13.61 49.41
C THR B 366 -17.87 13.29 48.00
N THR B 367 -17.88 12.00 47.65
CA THR B 367 -18.35 11.57 46.34
C THR B 367 -19.82 11.90 46.14
N GLN B 368 -20.65 11.61 47.15
CA GLN B 368 -22.08 11.89 47.05
C GLN B 368 -22.35 13.38 46.88
N ALA B 369 -21.69 14.20 47.70
CA ALA B 369 -21.88 15.65 47.63
C ALA B 369 -21.42 16.22 46.29
N ALA B 370 -20.24 15.81 45.84
CA ALA B 370 -19.70 16.29 44.58
C ALA B 370 -20.55 15.87 43.40
N LEU B 371 -21.03 14.62 43.39
CA LEU B 371 -21.86 14.14 42.29
C LEU B 371 -23.19 14.87 42.24
N TYR B 372 -23.84 15.08 43.39
CA TYR B 372 -25.12 15.77 43.40
C TYR B 372 -24.96 17.20 42.92
N THR B 373 -23.95 17.91 43.44
CA THR B 373 -23.73 19.31 43.05
C THR B 373 -23.38 19.42 41.57
N HIS B 374 -22.53 18.51 41.08
CA HIS B 374 -22.12 18.51 39.69
C HIS B 374 -23.31 18.32 38.75
N HIS B 375 -24.14 17.33 39.03
CA HIS B 375 -25.29 17.09 38.15
C HIS B 375 -26.33 18.20 38.25
N GLN B 376 -26.51 18.80 39.44
CA GLN B 376 -27.49 19.88 39.53
C GLN B 376 -27.02 21.12 38.78
N TYR B 377 -25.72 21.45 38.84
CA TYR B 377 -25.25 22.61 38.11
C TYR B 377 -25.30 22.37 36.60
N ILE B 378 -24.97 21.15 36.18
CA ILE B 378 -25.04 20.81 34.75
C ILE B 378 -26.48 20.92 34.27
N ALA B 379 -27.43 20.43 35.08
CA ALA B 379 -28.85 20.50 34.73
C ALA B 379 -29.33 21.94 34.63
N GLY B 380 -28.88 22.81 35.54
CA GLY B 380 -29.29 24.21 35.47
C GLY B 380 -28.79 24.90 34.22
N PHE B 381 -27.52 24.66 33.86
CA PHE B 381 -26.96 25.26 32.65
C PHE B 381 -27.70 24.76 31.41
N ILE B 382 -28.01 23.46 31.37
CA ILE B 382 -28.72 22.87 30.24
C ILE B 382 -30.13 23.43 30.12
N MET B 383 -30.80 23.67 31.26
CA MET B 383 -32.15 24.23 31.23
C MET B 383 -32.14 25.65 30.68
N CYS B 384 -31.15 26.44 31.10
CA CYS B 384 -31.03 27.81 30.58
C CYS B 384 -30.79 27.76 29.08
N GLY B 385 -29.99 26.81 28.62
CA GLY B 385 -29.74 26.67 27.19
C GLY B 385 -30.99 26.27 26.42
N ALA B 386 -31.83 25.44 27.03
CA ALA B 386 -33.07 25.01 26.38
C ALA B 386 -33.97 26.21 26.12
N PHE B 387 -34.10 27.08 27.12
CA PHE B 387 -34.94 28.25 26.92
C PHE B 387 -34.30 29.25 25.96
N ALA B 388 -32.97 29.36 25.98
CA ALA B 388 -32.28 30.26 25.06
C ALA B 388 -32.50 29.81 23.62
N HIS B 389 -32.45 28.49 23.39
CA HIS B 389 -32.68 27.98 22.05
C HIS B 389 -34.14 28.11 21.66
N GLY B 390 -35.05 28.13 22.63
CA GLY B 390 -36.45 28.37 22.31
C GLY B 390 -36.63 29.78 21.78
N ALA B 391 -35.92 30.74 22.41
CA ALA B 391 -35.96 32.13 21.94
C ALA B 391 -35.35 32.25 20.56
N ILE B 392 -34.24 31.52 20.32
CA ILE B 392 -33.60 31.54 19.01
C ILE B 392 -34.54 30.96 17.97
N PHE B 393 -35.33 29.95 18.35
CA PHE B 393 -36.31 29.38 17.42
C PHE B 393 -37.37 30.40 17.05
N PHE B 394 -37.86 31.15 18.06
CA PHE B 394 -38.88 32.16 17.78
C PHE B 394 -38.37 33.23 16.83
N ILE B 395 -37.10 33.62 16.98
CA ILE B 395 -36.58 34.68 16.12
C ILE B 395 -36.21 34.17 14.73
N ARG B 396 -35.44 33.09 14.66
CA ARG B 396 -34.94 32.56 13.40
C ARG B 396 -35.82 31.57 12.65
N ASP B 397 -36.59 30.71 13.32
CA ASP B 397 -37.36 29.73 12.58
C ASP B 397 -38.87 29.80 12.70
N TYR B 398 -39.42 30.62 13.59
CA TYR B 398 -40.87 30.68 13.71
C TYR B 398 -41.50 31.41 12.52
N ASP B 399 -42.54 30.80 11.96
CA ASP B 399 -43.27 31.36 10.83
C ASP B 399 -44.73 31.49 11.24
N PRO B 400 -45.25 32.71 11.43
CA PRO B 400 -46.66 32.85 11.83
C PRO B 400 -47.64 32.39 10.76
N GLU B 401 -47.25 32.42 9.49
CA GLU B 401 -48.14 31.98 8.43
C GLU B 401 -48.37 30.48 8.48
N GLN B 402 -47.31 29.71 8.72
CA GLN B 402 -47.44 28.25 8.78
C GLN B 402 -48.07 27.82 10.10
N ASN B 403 -47.76 28.51 11.19
CA ASN B 403 -48.33 28.20 12.51
C ASN B 403 -49.44 29.23 12.74
N LYS B 404 -50.55 29.05 12.03
CA LYS B 404 -51.68 29.96 12.12
C LYS B 404 -52.81 29.30 12.92
N GLY B 405 -53.05 29.82 14.11
CA GLY B 405 -54.11 29.33 14.98
C GLY B 405 -53.76 28.14 15.83
N ASN B 406 -52.58 27.55 15.67
CA ASN B 406 -52.22 26.39 16.48
C ASN B 406 -51.80 26.84 17.88
N VAL B 407 -51.39 25.88 18.70
CA VAL B 407 -50.99 26.16 20.09
C VAL B 407 -49.78 27.08 20.14
N LEU B 408 -48.86 26.94 19.18
CA LEU B 408 -47.64 27.76 19.15
C LEU B 408 -47.97 29.23 18.96
N ALA B 409 -48.92 29.55 18.07
CA ALA B 409 -49.28 30.94 17.87
C ALA B 409 -50.10 31.47 19.04
N ARG B 410 -50.93 30.60 19.63
CA ARG B 410 -51.74 31.01 20.77
C ARG B 410 -50.89 31.30 21.99
N MET B 411 -49.68 30.73 22.09
CA MET B 411 -48.80 31.05 23.21
C MET B 411 -48.38 32.50 23.15
N LEU B 412 -48.01 32.97 21.95
CA LEU B 412 -47.63 34.36 21.78
C LEU B 412 -48.85 35.27 21.85
N ASP B 413 -50.04 34.72 21.58
CA ASP B 413 -51.26 35.52 21.63
C ASP B 413 -51.56 36.01 23.04
N HIS B 414 -51.23 35.20 24.06
CA HIS B 414 -51.48 35.56 25.45
C HIS B 414 -50.19 35.53 26.27
N LYS B 415 -49.08 35.95 25.66
CA LYS B 415 -47.79 35.96 26.36
C LYS B 415 -47.78 36.92 27.54
N GLU B 416 -48.57 38.01 27.47
CA GLU B 416 -48.62 38.97 28.56
C GLU B 416 -49.20 38.33 29.82
N ALA B 417 -50.21 37.48 29.65
CA ALA B 417 -50.81 36.81 30.80
C ALA B 417 -49.82 35.86 31.45
N LEU B 418 -49.05 35.13 30.64
CA LEU B 418 -48.06 34.19 31.17
C LEU B 418 -46.97 34.92 31.94
N ILE B 419 -46.44 36.00 31.35
CA ILE B 419 -45.37 36.75 32.01
C ILE B 419 -45.89 37.41 33.29
N SER B 420 -47.11 37.95 33.25
CA SER B 420 -47.68 38.59 34.43
C SER B 420 -47.91 37.58 35.56
N HIS B 421 -48.41 36.39 35.23
CA HIS B 421 -48.64 35.40 36.27
C HIS B 421 -47.34 34.85 36.82
N LEU B 422 -46.31 34.71 35.97
CA LEU B 422 -45.01 34.27 36.48
C LEU B 422 -44.45 35.31 37.42
N SER B 423 -44.65 36.59 37.08
CA SER B 423 -44.22 37.69 37.93
C SER B 423 -44.95 37.68 39.26
N TRP B 424 -46.27 37.40 39.24
CA TRP B 424 -47.03 37.35 40.47
C TRP B 424 -46.59 36.20 41.37
N VAL B 425 -46.37 35.02 40.79
CA VAL B 425 -45.94 33.87 41.59
C VAL B 425 -44.57 34.13 42.21
N SER B 426 -43.65 34.67 41.41
CA SER B 426 -42.31 34.98 41.91
C SER B 426 -42.37 36.05 43.00
N LEU B 427 -43.22 37.06 42.82
CA LEU B 427 -43.34 38.12 43.82
C LEU B 427 -43.90 37.59 45.13
N PHE B 428 -44.94 36.75 45.04
CA PHE B 428 -45.54 36.18 46.25
C PHE B 428 -44.55 35.31 47.00
N LEU B 429 -43.87 34.41 46.27
CA LEU B 429 -42.90 33.51 46.89
C LEU B 429 -41.76 34.28 47.52
N GLY B 430 -41.23 35.28 46.80
CA GLY B 430 -40.11 36.05 47.34
C GLY B 430 -40.49 36.84 48.57
N PHE B 431 -41.63 37.55 48.51
CA PHE B 431 -42.09 38.36 49.63
C PHE B 431 -42.31 37.51 50.87
N HIS B 432 -43.01 36.39 50.71
CA HIS B 432 -43.33 35.56 51.87
C HIS B 432 -42.13 34.78 52.40
N THR B 433 -41.30 34.22 51.52
CA THR B 433 -40.14 33.47 51.99
C THR B 433 -39.17 34.40 52.71
N LEU B 434 -38.90 35.56 52.12
CA LEU B 434 -38.01 36.53 52.76
C LEU B 434 -38.62 37.06 54.05
N GLY B 435 -39.94 37.29 54.08
CA GLY B 435 -40.58 37.78 55.29
C GLY B 435 -40.51 36.78 56.42
N LEU B 436 -40.77 35.50 56.13
CA LEU B 436 -40.70 34.48 57.17
C LEU B 436 -39.27 34.34 57.68
N TYR B 437 -38.29 34.42 56.79
CA TYR B 437 -36.89 34.35 57.20
C TYR B 437 -36.50 35.52 58.09
N VAL B 438 -36.84 36.75 57.70
CA VAL B 438 -36.48 37.91 58.48
C VAL B 438 -37.22 37.88 59.82
N HIS B 439 -38.47 37.38 59.83
CA HIS B 439 -39.20 37.27 61.09
C HIS B 439 -38.51 36.30 62.03
N ASN B 440 -38.10 35.14 61.50
CA ASN B 440 -37.42 34.15 62.34
C ASN B 440 -36.07 34.70 62.82
N ASP B 441 -35.39 35.47 61.98
CA ASP B 441 -34.11 36.07 62.36
C ASP B 441 -34.29 37.08 63.49
N VAL B 442 -35.37 37.88 63.42
CA VAL B 442 -35.62 38.85 64.48
C VAL B 442 -36.02 38.14 65.77
N MET B 443 -36.77 37.05 65.66
CA MET B 443 -37.16 36.30 66.86
C MET B 443 -35.95 35.64 67.50
N GLN B 444 -35.02 35.12 66.69
CA GLN B 444 -33.83 34.50 67.23
C GLN B 444 -32.88 35.54 67.80
N ALA B 445 -32.88 36.75 67.23
CA ALA B 445 -32.00 37.79 67.72
C ALA B 445 -32.51 38.37 69.04
N PHE B 446 -33.82 38.49 69.19
CA PHE B 446 -34.39 39.03 70.41
C PHE B 446 -34.46 38.01 71.55
N GLY B 447 -33.98 36.79 71.33
CA GLY B 447 -33.99 35.79 72.36
C GLY B 447 -35.31 35.08 72.57
N THR B 448 -36.17 35.04 71.55
CA THR B 448 -37.47 34.40 71.62
C THR B 448 -37.63 33.44 70.45
N PRO B 449 -36.98 32.26 70.50
CA PRO B 449 -37.10 31.32 69.39
C PRO B 449 -38.48 30.67 69.29
N GLU B 450 -39.30 30.74 70.33
CA GLU B 450 -40.62 30.14 70.27
C GLU B 450 -41.62 31.04 69.54
N LYS B 451 -41.22 32.26 69.19
CA LYS B 451 -42.08 33.20 68.49
C LYS B 451 -41.91 33.17 66.99
N GLN B 452 -40.98 32.39 66.45
CA GLN B 452 -40.80 32.34 65.01
C GLN B 452 -41.88 31.48 64.37
N ILE B 453 -42.18 31.77 63.11
CA ILE B 453 -43.20 31.07 62.35
C ILE B 453 -42.58 29.81 61.75
N LEU B 454 -43.07 28.65 62.18
CA LEU B 454 -42.58 27.35 61.72
C LEU B 454 -43.75 26.56 61.15
N ILE B 455 -43.96 26.65 59.84
CA ILE B 455 -45.04 25.93 59.17
C ILE B 455 -44.56 24.52 58.85
N GLU B 456 -45.28 23.53 59.36
CA GLU B 456 -44.92 22.14 59.13
C GLU B 456 -45.29 21.72 57.72
N PRO B 457 -44.39 21.07 56.97
CA PRO B 457 -44.71 20.63 55.61
C PRO B 457 -45.57 19.37 55.62
N VAL B 458 -46.85 19.54 55.94
CA VAL B 458 -47.77 18.41 56.05
C VAL B 458 -48.03 17.73 54.71
N PHE B 459 -47.94 18.44 53.60
CA PHE B 459 -48.20 17.80 52.30
C PHE B 459 -47.08 16.84 51.91
N ALA B 460 -45.83 17.28 52.04
CA ALA B 460 -44.71 16.41 51.72
C ALA B 460 -44.59 15.28 52.74
N GLN B 461 -44.92 15.56 54.01
CA GLN B 461 -44.89 14.50 55.02
C GLN B 461 -46.00 13.50 54.74
N TRP B 462 -47.12 13.97 54.21
CA TRP B 462 -48.22 13.09 53.85
C TRP B 462 -47.80 12.17 52.71
N ILE B 463 -47.05 12.71 51.74
CA ILE B 463 -46.54 11.89 50.65
C ILE B 463 -45.54 10.86 51.18
N GLN B 464 -44.68 11.29 52.11
CA GLN B 464 -43.71 10.38 52.71
C GLN B 464 -44.41 9.26 53.46
N ALA B 465 -45.53 9.58 54.09
CA ALA B 465 -46.32 8.57 54.79
C ALA B 465 -46.95 7.64 53.77
N ALA B 466 -47.33 8.17 52.60
CA ALA B 466 -47.92 7.35 51.55
C ALA B 466 -46.89 6.37 51.02
N HIS B 467 -45.61 6.72 51.09
CA HIS B 467 -44.55 5.82 50.62
C HIS B 467 -44.18 4.75 51.63
N GLY B 468 -44.70 4.82 52.86
CA GLY B 468 -44.39 3.80 53.85
C GLY B 468 -43.76 4.30 55.13
N LYS B 469 -43.41 5.58 55.20
CA LYS B 469 -42.81 6.11 56.43
C LYS B 469 -43.87 6.25 57.51
N ALA B 470 -43.65 5.61 58.65
CA ALA B 470 -44.58 5.64 59.76
C ALA B 470 -44.18 6.61 60.87
N LEU B 471 -43.18 7.46 60.61
CA LEU B 471 -42.73 8.41 61.63
C LEU B 471 -43.79 9.47 61.93
N TYR B 472 -44.46 9.97 60.89
CA TYR B 472 -45.47 11.02 61.10
C TYR B 472 -46.76 10.46 61.68
N GLY B 473 -47.06 9.19 61.42
CA GLY B 473 -48.27 8.60 61.96
C GLY B 473 -49.55 8.76 61.18
N PHE B 474 -49.46 9.04 59.87
CA PHE B 474 -50.69 9.18 59.07
C PHE B 474 -51.39 7.84 58.92
N ASP B 475 -50.61 6.76 58.76
CA ASP B 475 -51.08 5.37 58.66
C ASP B 475 -52.09 5.17 57.53
N PHE B 476 -51.60 5.34 56.30
CA PHE B 476 -52.44 5.15 55.13
C PHE B 476 -51.58 4.68 53.98
N LEU B 477 -52.19 3.94 53.05
CA LEU B 477 -51.56 3.38 51.85
C LEU B 477 -50.44 2.46 52.29
N LEU B 478 -49.17 2.73 51.97
CA LEU B 478 -48.09 1.84 52.37
C LEU B 478 -47.78 1.92 53.86
N SER B 479 -48.24 2.97 54.55
CA SER B 479 -48.00 3.10 55.98
C SER B 479 -48.97 2.27 56.81
N SER B 480 -50.11 1.88 56.25
CA SER B 480 -51.10 1.08 56.95
C SER B 480 -50.91 -0.38 56.59
N LYS B 481 -50.91 -1.24 57.61
CA LYS B 481 -50.73 -2.68 57.42
C LYS B 481 -51.95 -3.37 56.84
N THR B 482 -53.10 -2.69 56.78
CA THR B 482 -54.33 -3.30 56.27
C THR B 482 -54.79 -2.73 54.94
N SER B 483 -53.92 -2.06 54.20
CA SER B 483 -54.29 -1.48 52.91
C SER B 483 -54.07 -2.48 51.78
N ALA B 484 -54.82 -2.31 50.70
CA ALA B 484 -54.68 -3.19 49.54
C ALA B 484 -53.34 -2.97 48.85
N ALA B 485 -52.89 -1.71 48.79
CA ALA B 485 -51.60 -1.40 48.18
C ALA B 485 -50.47 -2.01 48.97
N PHE B 486 -50.61 -2.05 50.30
CA PHE B 486 -49.58 -2.64 51.14
C PHE B 486 -49.56 -4.16 51.02
N ALA B 487 -50.73 -4.79 51.05
CA ALA B 487 -50.80 -6.24 50.99
C ALA B 487 -50.47 -6.78 49.61
N ASN B 488 -50.64 -5.99 48.55
CA ASN B 488 -50.34 -6.50 47.22
C ASN B 488 -48.86 -6.52 46.90
N GLY B 489 -48.02 -5.86 47.70
CA GLY B 489 -46.59 -5.85 47.43
C GLY B 489 -45.75 -6.48 48.50
N GLN B 490 -46.38 -7.07 49.53
CA GLN B 490 -45.64 -7.69 50.63
C GLN B 490 -44.84 -8.92 50.21
N SER B 491 -45.14 -9.51 49.05
CA SER B 491 -44.40 -10.68 48.60
C SER B 491 -43.43 -10.37 47.48
N LEU B 492 -43.40 -9.14 46.96
CA LEU B 492 -42.51 -8.82 45.86
C LEU B 492 -41.42 -7.81 46.22
N TRP B 493 -41.78 -6.57 46.59
CA TRP B 493 -40.75 -5.58 46.86
C TRP B 493 -40.97 -4.71 48.08
N LEU B 494 -42.17 -4.68 48.66
CA LEU B 494 -42.40 -3.83 49.82
C LEU B 494 -41.56 -4.11 51.07
N PRO B 495 -41.16 -5.38 51.42
CA PRO B 495 -40.33 -5.54 52.63
C PRO B 495 -39.01 -4.77 52.62
N GLY B 496 -38.22 -4.95 51.56
CA GLY B 496 -36.95 -4.25 51.46
C GLY B 496 -37.10 -2.74 51.36
N TRP B 497 -38.08 -2.29 50.57
CA TRP B 497 -38.32 -0.86 50.41
C TRP B 497 -38.76 -0.23 51.72
N LEU B 498 -39.62 -0.91 52.48
CA LEU B 498 -40.10 -0.38 53.76
C LEU B 498 -38.97 -0.35 54.77
N ASP B 499 -38.13 -1.40 54.79
CA ASP B 499 -37.02 -1.43 55.72
C ASP B 499 -36.02 -0.33 55.41
N ALA B 500 -35.84 -0.02 54.13
CA ALA B 500 -34.91 1.04 53.74
C ALA B 500 -35.48 2.44 53.99
N ILE B 501 -36.77 2.64 53.73
CA ILE B 501 -37.36 3.95 53.92
C ILE B 501 -37.59 4.26 55.40
N ASN B 502 -37.74 3.24 56.23
CA ASN B 502 -37.96 3.53 57.65
C ASN B 502 -36.65 3.65 58.42
N ASN B 503 -35.52 3.52 57.73
CA ASN B 503 -34.20 3.65 58.32
C ASN B 503 -33.82 5.12 58.23
N ASN B 504 -33.47 5.73 59.36
CA ASN B 504 -33.10 7.13 59.38
C ASN B 504 -31.62 7.37 59.14
N GLN B 505 -30.85 6.33 58.84
CA GLN B 505 -29.42 6.46 58.61
C GLN B 505 -29.06 6.62 57.13
N ASN B 506 -30.01 6.51 56.23
CA ASN B 506 -29.75 6.66 54.80
C ASN B 506 -30.37 7.97 54.32
N SER B 507 -30.32 8.19 53.00
CA SER B 507 -30.86 9.37 52.37
C SER B 507 -32.18 9.09 51.66
N LEU B 508 -32.80 7.95 51.92
CA LEU B 508 -34.05 7.57 51.29
C LEU B 508 -35.21 8.22 52.04
N PHE B 509 -35.72 9.32 51.49
CA PHE B 509 -36.83 10.10 52.05
C PHE B 509 -36.53 10.57 53.47
N LEU B 510 -35.58 11.51 53.54
CA LEU B 510 -35.14 12.07 54.81
C LEU B 510 -36.28 12.78 55.54
N THR B 511 -36.16 12.83 56.86
CA THR B 511 -37.16 13.49 57.69
C THR B 511 -37.09 15.00 57.43
N ILE B 512 -38.27 15.61 57.27
CA ILE B 512 -38.36 17.02 56.96
C ILE B 512 -39.14 17.77 58.03
N GLY B 513 -38.86 19.06 58.14
CA GLY B 513 -39.51 19.92 59.11
C GLY B 513 -39.75 21.31 58.53
N PRO B 514 -39.95 22.30 59.40
CA PRO B 514 -40.19 23.67 58.92
C PRO B 514 -39.04 24.26 58.11
N GLY B 515 -37.80 23.90 58.43
CA GLY B 515 -36.67 24.40 57.67
C GLY B 515 -36.70 23.90 56.23
N ASP B 516 -37.11 22.64 56.07
CA ASP B 516 -37.23 22.06 54.72
C ASP B 516 -38.34 22.75 53.95
N PHE B 517 -39.42 23.11 54.64
CA PHE B 517 -40.54 23.82 54.03
C PHE B 517 -40.09 25.17 53.49
N LEU B 518 -39.37 25.92 54.34
CA LEU B 518 -38.88 27.25 53.95
C LEU B 518 -37.89 27.18 52.79
N VAL B 519 -36.93 26.26 52.87
CA VAL B 519 -35.96 26.17 51.78
C VAL B 519 -36.62 25.66 50.51
N HIS B 520 -37.67 24.83 50.61
CA HIS B 520 -38.37 24.38 49.42
C HIS B 520 -39.08 25.53 48.76
N HIS B 521 -39.58 26.47 49.56
CA HIS B 521 -40.21 27.65 48.98
C HIS B 521 -39.18 28.54 48.35
N ALA B 522 -37.97 28.57 48.90
CA ALA B 522 -36.90 29.35 48.28
C ALA B 522 -36.54 28.74 46.92
N ILE B 523 -36.54 27.41 46.85
CA ILE B 523 -36.27 26.70 45.60
C ILE B 523 -37.36 27.01 44.58
N ALA B 524 -38.61 27.03 45.05
CA ALA B 524 -39.74 27.35 44.18
C ALA B 524 -39.62 28.76 43.64
N LEU B 525 -39.18 29.70 44.50
CA LEU B 525 -38.98 31.08 44.08
C LEU B 525 -37.90 31.16 43.01
N GLY B 526 -36.80 30.42 43.22
CA GLY B 526 -35.73 30.44 42.23
C GLY B 526 -36.16 29.86 40.89
N LEU B 527 -36.88 28.75 40.92
CA LEU B 527 -37.36 28.12 39.70
C LEU B 527 -38.32 29.03 38.95
N HIS B 528 -39.28 29.62 39.68
CA HIS B 528 -40.26 30.50 39.05
C HIS B 528 -39.63 31.77 38.50
N THR B 529 -38.65 32.35 39.21
CA THR B 529 -38.04 33.57 38.70
C THR B 529 -37.16 33.28 37.49
N THR B 530 -36.39 32.19 37.52
CA THR B 530 -35.55 31.85 36.37
C THR B 530 -36.44 31.55 35.17
N THR B 531 -37.56 30.86 35.41
CA THR B 531 -38.51 30.56 34.34
C THR B 531 -39.14 31.84 33.82
N LEU B 532 -39.43 32.80 34.70
CA LEU B 532 -40.02 34.06 34.29
C LEU B 532 -39.09 34.82 33.35
N ILE B 533 -37.82 34.90 33.72
CA ILE B 533 -36.85 35.63 32.88
C ILE B 533 -36.68 34.93 31.53
N LEU B 534 -36.53 33.61 31.55
CA LEU B 534 -36.33 32.86 30.31
C LEU B 534 -37.57 32.88 29.41
N VAL B 535 -38.75 32.63 29.97
CA VAL B 535 -40.00 32.64 29.23
C VAL B 535 -40.30 34.03 28.67
N LYS B 536 -40.08 35.06 29.49
CA LYS B 536 -40.33 36.43 29.03
C LYS B 536 -39.38 36.79 27.90
N GLY B 537 -38.12 36.35 27.99
CA GLY B 537 -37.18 36.63 26.92
C GLY B 537 -37.48 35.87 25.65
N ALA B 538 -38.06 34.67 25.77
CA ALA B 538 -38.40 33.90 24.59
C ALA B 538 -39.66 34.44 23.91
N LEU B 539 -40.64 34.89 24.72
CA LEU B 539 -41.88 35.40 24.15
C LEU B 539 -41.71 36.81 23.60
N ASP B 540 -40.86 37.62 24.22
CA ASP B 540 -40.62 38.98 23.74
C ASP B 540 -39.48 39.04 22.75
N ALA B 541 -38.97 37.88 22.32
CA ALA B 541 -37.85 37.83 21.39
C ALA B 541 -38.22 38.41 20.03
N ARG B 542 -39.44 38.17 19.57
CA ARG B 542 -39.86 38.70 18.27
C ARG B 542 -40.23 40.17 18.32
N GLY B 543 -40.44 40.72 19.51
CA GLY B 543 -40.79 42.12 19.63
C GLY B 543 -41.57 42.40 20.89
N SER B 544 -41.73 43.69 21.15
CA SER B 544 -42.46 44.18 22.32
C SER B 544 -42.94 45.59 21.99
N LYS B 545 -43.47 46.27 23.00
CA LYS B 545 -43.94 47.64 22.78
C LYS B 545 -42.76 48.58 22.60
N LEU B 546 -41.67 48.33 23.32
CA LEU B 546 -40.49 49.18 23.23
C LEU B 546 -39.75 48.96 21.91
N MET B 547 -39.69 47.72 21.45
CA MET B 547 -39.02 47.35 20.19
C MET B 547 -39.96 46.49 19.38
N PRO B 548 -40.84 47.11 18.58
CA PRO B 548 -41.78 46.32 17.76
C PRO B 548 -41.13 45.46 16.69
N ASP B 549 -39.91 45.79 16.26
CA ASP B 549 -39.21 45.03 15.22
C ASP B 549 -37.94 44.39 15.75
N LYS B 550 -38.01 43.80 16.95
CA LYS B 550 -36.85 43.16 17.54
C LYS B 550 -36.40 41.95 16.74
N LYS B 551 -37.32 41.27 16.05
CA LYS B 551 -36.96 40.10 15.27
C LYS B 551 -36.07 40.44 14.07
N ASP B 552 -36.08 41.69 13.63
CA ASP B 552 -35.25 42.11 12.50
C ASP B 552 -33.81 42.36 12.88
N PHE B 553 -33.47 42.29 14.17
CA PHE B 553 -32.12 42.54 14.64
C PHE B 553 -31.41 41.27 15.09
N GLY B 554 -32.04 40.12 14.99
CA GLY B 554 -31.41 38.88 15.39
C GLY B 554 -31.64 38.53 16.85
N TYR B 555 -31.04 37.41 17.25
CA TYR B 555 -31.19 36.95 18.63
C TYR B 555 -30.32 37.75 19.59
N SER B 556 -29.11 38.09 19.18
CA SER B 556 -28.18 38.83 20.02
C SER B 556 -27.71 40.09 19.32
N PHE B 557 -27.99 41.24 19.93
CA PHE B 557 -27.58 42.54 19.46
C PHE B 557 -27.32 43.35 20.72
N PRO B 558 -26.45 44.38 20.65
CA PRO B 558 -26.14 45.16 21.87
C PRO B 558 -27.34 45.82 22.53
N CYS B 559 -28.01 46.69 21.79
CA CYS B 559 -29.18 47.44 22.26
C CYS B 559 -29.76 48.17 21.07
N ASP B 560 -30.71 49.07 21.34
CA ASP B 560 -31.33 49.90 20.33
C ASP B 560 -31.01 51.37 20.55
N GLY B 561 -30.00 51.66 21.35
CA GLY B 561 -29.60 53.01 21.63
C GLY B 561 -30.30 53.62 22.84
N PRO B 562 -29.89 54.83 23.24
CA PRO B 562 -30.50 55.48 24.39
C PRO B 562 -31.84 56.15 24.10
N GLY B 563 -32.33 56.09 22.86
CA GLY B 563 -33.59 56.69 22.53
C GLY B 563 -34.75 55.91 23.11
N ARG B 564 -35.93 56.55 23.09
CA ARG B 564 -37.18 56.00 23.61
C ARG B 564 -37.07 55.64 25.09
N GLY B 565 -36.29 56.43 25.84
CA GLY B 565 -36.08 56.20 27.25
C GLY B 565 -34.87 55.37 27.61
N GLY B 566 -34.33 54.60 26.66
CA GLY B 566 -33.18 53.75 26.92
C GLY B 566 -33.55 52.31 26.64
N THR B 567 -32.70 51.56 25.94
CA THR B 567 -33.00 50.17 25.59
C THR B 567 -31.86 49.23 25.93
N CYS B 568 -31.28 49.38 27.12
CA CYS B 568 -30.19 48.49 27.51
C CYS B 568 -30.75 47.11 27.86
N ASP B 569 -30.05 46.07 27.41
CA ASP B 569 -30.41 44.67 27.67
C ASP B 569 -31.84 44.34 27.21
N ILE B 570 -32.15 44.72 25.97
CA ILE B 570 -33.47 44.50 25.41
C ILE B 570 -33.58 43.21 24.58
N SER B 571 -32.46 42.66 24.11
CA SER B 571 -32.51 41.45 23.31
C SER B 571 -32.79 40.21 24.17
N ALA B 572 -33.15 39.11 23.48
CA ALA B 572 -33.42 37.85 24.16
C ALA B 572 -32.15 37.26 24.74
N TYR B 573 -31.01 37.55 24.12
CA TYR B 573 -29.72 37.09 24.62
C TYR B 573 -29.48 37.68 26.01
N ASP B 574 -29.87 38.94 26.19
CA ASP B 574 -29.73 39.60 27.48
C ASP B 574 -30.68 39.00 28.50
N ALA B 575 -31.82 38.48 28.06
CA ALA B 575 -32.74 37.83 28.98
C ALA B 575 -32.12 36.54 29.50
N PHE B 576 -31.52 35.75 28.60
CA PHE B 576 -30.83 34.54 29.01
C PHE B 576 -29.68 34.91 29.94
N TYR B 577 -29.01 36.01 29.61
CA TYR B 577 -27.90 36.54 30.38
C TYR B 577 -28.29 36.82 31.82
N LEU B 578 -29.42 37.50 32.01
CA LEU B 578 -29.88 37.79 33.37
C LEU B 578 -30.37 36.52 34.05
N ALA B 579 -30.88 35.57 33.26
CA ALA B 579 -31.38 34.32 33.83
C ALA B 579 -30.27 33.40 34.31
N VAL B 580 -29.05 33.53 33.79
CA VAL B 580 -27.96 32.67 34.26
C VAL B 580 -27.64 32.96 35.72
N PHE B 581 -27.72 34.24 36.11
CA PHE B 581 -27.48 34.61 37.51
C PHE B 581 -28.51 33.97 38.42
N TRP B 582 -29.78 34.00 37.98
CA TRP B 582 -30.85 33.39 38.78
C TRP B 582 -30.70 31.88 38.83
N MET B 583 -30.20 31.27 37.74
CA MET B 583 -29.98 29.83 37.75
C MET B 583 -28.89 29.48 38.75
N LEU B 584 -27.80 30.26 38.76
CA LEU B 584 -26.71 30.01 39.68
C LEU B 584 -27.19 30.19 41.11
N ASN B 585 -28.03 31.18 41.35
CA ASN B 585 -28.58 31.41 42.69
C ASN B 585 -29.48 30.26 43.12
N THR B 586 -30.32 29.76 42.21
CA THR B 586 -31.21 28.64 42.52
C THR B 586 -30.44 27.36 42.81
N ILE B 587 -29.45 27.05 41.96
CA ILE B 587 -28.65 25.85 42.19
C ILE B 587 -27.82 26.01 43.45
N GLY B 588 -27.43 27.25 43.77
CA GLY B 588 -26.70 27.48 44.99
C GLY B 588 -27.56 27.19 46.20
N TRP B 589 -28.84 27.59 46.15
CA TRP B 589 -29.75 27.31 47.25
C TRP B 589 -30.00 25.82 47.40
N VAL B 590 -30.21 25.11 46.28
CA VAL B 590 -30.49 23.67 46.37
C VAL B 590 -29.27 22.91 46.86
N THR B 591 -28.07 23.29 46.41
CA THR B 591 -26.86 22.60 46.83
C THR B 591 -26.50 22.96 48.27
N PHE B 592 -26.81 24.18 48.70
CA PHE B 592 -26.57 24.57 50.09
C PHE B 592 -27.46 23.75 51.01
N TYR B 593 -28.72 23.60 50.63
CA TYR B 593 -29.68 22.81 51.42
C TYR B 593 -29.24 21.35 51.47
N TRP B 594 -28.86 20.79 50.32
CA TRP B 594 -28.42 19.40 50.26
C TRP B 594 -27.19 19.17 51.13
N HIS B 595 -26.18 20.02 50.97
CA HIS B 595 -24.94 19.87 51.73
C HIS B 595 -25.16 20.04 53.22
N TRP B 596 -25.95 21.03 53.64
CA TRP B 596 -26.14 21.21 55.09
C TRP B 596 -26.94 20.07 55.69
N LYS B 597 -28.01 19.62 55.03
CA LYS B 597 -28.79 18.52 55.57
C LYS B 597 -27.97 17.25 55.64
N HIS B 598 -27.18 16.97 54.59
CA HIS B 598 -26.36 15.76 54.62
C HIS B 598 -25.20 15.88 55.60
N LEU B 599 -24.64 17.09 55.79
CA LEU B 599 -23.55 17.25 56.75
C LEU B 599 -24.05 16.99 58.16
N THR B 600 -25.24 17.50 58.49
CA THR B 600 -25.79 17.25 59.81
C THR B 600 -26.19 15.79 59.97
N LEU B 601 -26.61 15.15 58.87
CA LEU B 601 -26.97 13.73 58.92
C LEU B 601 -25.75 12.86 59.18
N TRP B 602 -24.67 13.10 58.42
CA TRP B 602 -23.45 12.33 58.55
C TRP B 602 -22.77 12.58 59.89
N GLN B 603 -22.89 13.80 60.42
CA GLN B 603 -22.27 14.09 61.71
C GLN B 603 -23.04 13.50 62.88
N GLY B 604 -24.25 12.99 62.64
CA GLY B 604 -25.05 12.41 63.70
C GLY B 604 -25.89 13.38 64.49
N ASN B 605 -26.02 14.63 64.03
CA ASN B 605 -26.82 15.64 64.73
C ASN B 605 -27.74 16.33 63.74
N VAL B 606 -28.91 15.73 63.48
CA VAL B 606 -29.87 16.34 62.57
C VAL B 606 -30.60 17.49 63.25
N ALA B 607 -30.60 17.51 64.58
CA ALA B 607 -31.26 18.58 65.33
C ALA B 607 -30.60 19.92 65.07
N GLN B 608 -29.31 19.92 64.73
CA GLN B 608 -28.61 21.15 64.42
C GLN B 608 -29.22 21.82 63.20
N PHE B 609 -29.45 21.03 62.14
CA PHE B 609 -30.09 21.57 60.95
C PHE B 609 -31.54 21.93 61.22
N ASP B 610 -32.26 21.06 61.94
CA ASP B 610 -33.67 21.30 62.23
C ASP B 610 -33.88 22.59 63.02
N GLU B 611 -32.93 22.97 63.88
CA GLU B 611 -33.07 24.17 64.69
C GLU B 611 -32.36 25.39 64.11
N SER B 612 -31.45 25.22 63.16
CA SER B 612 -30.75 26.37 62.61
C SER B 612 -31.11 26.69 61.17
N SER B 613 -31.90 25.87 60.49
CA SER B 613 -32.27 26.14 59.11
C SER B 613 -33.49 27.04 58.98
N THR B 614 -34.11 27.41 60.10
CA THR B 614 -35.30 28.26 60.05
C THR B 614 -34.98 29.74 59.98
N TYR B 615 -33.72 30.13 60.17
CA TYR B 615 -33.32 31.53 60.10
C TYR B 615 -32.01 31.61 59.32
N LEU B 616 -31.82 32.74 58.63
CA LEU B 616 -30.64 32.91 57.78
C LEU B 616 -29.34 33.03 58.57
N MET B 617 -29.40 33.48 59.81
CA MET B 617 -28.17 33.58 60.60
C MET B 617 -27.62 32.19 60.88
N GLY B 618 -28.51 31.21 61.05
CA GLY B 618 -28.05 29.84 61.26
C GLY B 618 -27.37 29.30 60.03
N TRP B 619 -27.87 29.69 58.84
CA TRP B 619 -27.27 29.27 57.58
C TRP B 619 -25.90 29.89 57.40
N LEU B 620 -25.75 31.16 57.76
CA LEU B 620 -24.47 31.83 57.60
C LEU B 620 -23.43 31.40 58.63
N ARG B 621 -23.84 31.15 59.87
CA ARG B 621 -22.88 30.79 60.92
C ARG B 621 -22.67 29.29 61.07
N ASP B 622 -23.75 28.53 61.28
CA ASP B 622 -23.62 27.09 61.49
C ASP B 622 -23.30 26.30 60.23
N TYR B 623 -23.44 26.87 59.04
CA TYR B 623 -23.14 26.12 57.83
C TYR B 623 -21.98 26.71 57.04
N LEU B 624 -21.94 28.01 56.83
CA LEU B 624 -20.87 28.60 56.04
C LEU B 624 -19.63 28.94 56.87
N TRP B 625 -19.82 29.57 58.03
CA TRP B 625 -18.67 29.95 58.86
C TRP B 625 -18.06 28.75 59.57
N LEU B 626 -18.91 27.86 60.08
CA LEU B 626 -18.42 26.69 60.84
C LEU B 626 -17.71 25.68 59.96
N ASN B 627 -18.23 25.41 58.76
CA ASN B 627 -17.64 24.39 57.90
C ASN B 627 -16.46 24.88 57.07
N SER B 628 -16.11 26.16 57.13
CA SER B 628 -14.98 26.65 56.35
C SER B 628 -13.72 26.83 57.19
N SER B 629 -13.73 26.40 58.45
CA SER B 629 -12.56 26.55 59.32
C SER B 629 -11.37 25.72 58.83
N GLN B 630 -11.63 24.46 58.46
CA GLN B 630 -10.55 23.60 57.98
C GLN B 630 -10.11 24.01 56.59
N LEU B 631 -11.04 24.53 55.79
CA LEU B 631 -10.72 24.97 54.43
C LEU B 631 -9.71 26.10 54.41
N ILE B 632 -9.98 27.18 55.16
CA ILE B 632 -9.07 28.32 55.18
C ILE B 632 -7.78 28.04 55.92
N ASN B 633 -7.68 26.91 56.61
CA ASN B 633 -6.47 26.53 57.31
C ASN B 633 -5.62 25.55 56.52
N GLY B 634 -5.87 25.45 55.19
CA GLY B 634 -5.08 24.55 54.36
C GLY B 634 -3.62 24.94 54.35
N TYR B 635 -3.35 26.24 54.39
CA TYR B 635 -2.00 26.78 54.46
C TYR B 635 -2.07 28.01 55.35
N ASN B 636 -1.20 28.05 56.35
CA ASN B 636 -1.15 29.14 57.30
C ASN B 636 0.33 29.43 57.60
N PRO B 637 0.68 30.45 58.41
CA PRO B 637 2.11 30.69 58.67
C PRO B 637 2.84 29.54 59.37
N PHE B 638 2.13 28.57 59.94
CA PHE B 638 2.77 27.45 60.61
C PHE B 638 3.02 26.26 59.70
N GLY B 639 2.56 26.28 58.47
CA GLY B 639 2.77 25.18 57.55
C GLY B 639 1.58 25.00 56.65
N MET B 640 1.44 23.78 56.12
CA MET B 640 0.33 23.46 55.23
C MET B 640 0.06 21.96 55.27
N ASN B 641 -1.10 21.58 54.74
CA ASN B 641 -1.49 20.19 54.67
C ASN B 641 -2.02 19.89 53.27
N SER B 642 -2.58 18.69 53.06
CA SER B 642 -3.11 18.31 51.76
C SER B 642 -4.34 19.10 51.34
N LEU B 643 -4.94 19.85 52.26
CA LEU B 643 -6.13 20.63 52.00
C LEU B 643 -5.81 22.04 51.53
N SER B 644 -4.53 22.36 51.31
CA SER B 644 -4.14 23.70 50.87
C SER B 644 -4.55 23.98 49.43
N VAL B 645 -4.67 22.94 48.60
CA VAL B 645 -5.07 23.14 47.21
C VAL B 645 -6.50 23.65 47.15
N TRP B 646 -7.36 23.19 48.06
CA TRP B 646 -8.74 23.65 48.08
C TRP B 646 -8.81 25.08 48.59
N ALA B 647 -7.90 25.46 49.50
CA ALA B 647 -7.89 26.84 50.00
C ALA B 647 -7.46 27.78 48.88
N TRP B 648 -6.45 27.35 48.11
CA TRP B 648 -5.98 28.14 46.98
C TRP B 648 -7.08 28.25 45.92
N THR B 649 -7.82 27.16 45.69
CA THR B 649 -8.92 27.17 44.72
C THR B 649 -10.06 28.05 45.21
N PHE B 650 -10.26 28.09 46.53
CA PHE B 650 -11.30 28.93 47.14
C PHE B 650 -11.01 30.39 46.84
N LEU B 651 -9.77 30.81 47.12
CA LEU B 651 -9.38 32.19 46.84
C LEU B 651 -9.35 32.46 45.34
N PHE B 652 -9.03 31.43 44.55
CA PHE B 652 -9.01 31.52 43.10
C PHE B 652 -10.39 31.85 42.56
N GLY B 653 -11.40 31.11 43.05
CA GLY B 653 -12.77 31.35 42.63
C GLY B 653 -13.26 32.73 43.06
N HIS B 654 -12.86 33.16 44.27
CA HIS B 654 -13.25 34.48 44.74
C HIS B 654 -12.69 35.56 43.82
N LEU B 655 -11.42 35.38 43.40
CA LEU B 655 -10.78 36.33 42.51
C LEU B 655 -11.44 36.36 41.14
N ILE B 656 -11.78 35.19 40.58
CA ILE B 656 -12.42 35.15 39.26
C ILE B 656 -13.80 35.80 39.31
N TYR B 657 -14.56 35.54 40.38
CA TYR B 657 -15.87 36.13 40.56
C TYR B 657 -15.79 37.66 40.63
N ALA B 658 -14.83 38.15 41.42
CA ALA B 658 -14.65 39.59 41.55
C ALA B 658 -14.19 40.21 40.23
N THR B 659 -13.37 39.47 39.47
CA THR B 659 -12.92 39.96 38.18
C THR B 659 -14.10 40.05 37.22
N GLY B 660 -15.06 39.14 37.37
CA GLY B 660 -16.25 39.19 36.54
C GLY B 660 -17.08 40.40 36.83
N PHE B 661 -17.11 40.81 38.11
CA PHE B 661 -17.87 42.02 38.48
C PHE B 661 -17.37 43.25 37.72
N MET B 662 -16.10 43.26 37.29
CA MET B 662 -15.57 44.40 36.54
C MET B 662 -16.22 44.52 35.18
N PHE B 663 -16.29 43.41 34.43
CA PHE B 663 -16.94 43.44 33.13
C PHE B 663 -18.44 43.63 33.28
N LEU B 664 -18.97 43.26 34.45
CA LEU B 664 -20.40 43.40 34.73
C LEU B 664 -20.82 44.82 35.12
N ILE B 665 -19.95 45.59 35.77
CA ILE B 665 -20.31 46.93 36.21
C ILE B 665 -19.82 48.03 35.27
N SER B 666 -18.52 48.07 35.01
CA SER B 666 -17.98 49.07 34.10
C SER B 666 -18.32 48.69 32.67
N TRP B 667 -18.67 49.69 31.85
CA TRP B 667 -19.06 49.40 30.47
C TRP B 667 -18.01 49.94 29.49
N ARG B 668 -18.23 49.62 28.20
CA ARG B 668 -17.30 49.86 27.09
C ARG B 668 -16.64 51.23 27.00
N GLY B 669 -17.42 52.30 26.83
CA GLY B 669 -16.91 53.66 26.65
C GLY B 669 -15.69 54.14 27.40
N TYR B 670 -15.68 53.90 28.71
CA TYR B 670 -14.54 54.26 29.54
C TYR B 670 -13.28 53.53 29.08
N TRP B 671 -13.43 52.23 28.83
CA TRP B 671 -12.31 51.41 28.38
C TRP B 671 -11.85 51.79 26.98
N GLN B 672 -12.79 52.19 26.11
CA GLN B 672 -12.38 52.59 24.76
C GLN B 672 -11.57 53.88 24.80
N GLU B 673 -11.98 54.84 25.64
CA GLU B 673 -11.20 56.08 25.75
C GLU B 673 -9.83 55.80 26.35
N LEU B 674 -9.77 54.92 27.36
CA LEU B 674 -8.50 54.56 27.96
C LEU B 674 -7.58 53.88 26.95
N ILE B 675 -8.14 53.00 26.12
CA ILE B 675 -7.36 52.30 25.10
C ILE B 675 -6.85 53.29 24.07
N GLU B 676 -7.63 54.33 23.76
CA GLU B 676 -7.16 55.34 22.82
C GLU B 676 -5.95 56.08 23.39
N THR B 677 -5.97 56.37 24.69
CA THR B 677 -4.81 57.02 25.32
C THR B 677 -3.61 56.09 25.27
N LEU B 678 -3.83 54.78 25.46
CA LEU B 678 -2.75 53.81 25.40
C LEU B 678 -2.17 53.72 23.99
N VAL B 679 -3.03 53.86 22.98
CA VAL B 679 -2.60 53.83 21.58
C VAL B 679 -1.68 55.01 21.32
N TRP B 680 -2.06 56.19 21.82
CA TRP B 680 -1.22 57.37 21.66
C TRP B 680 0.12 57.18 22.36
N ALA B 681 0.10 56.61 23.57
CA ALA B 681 1.32 56.38 24.33
C ALA B 681 2.26 55.44 23.61
N HIS B 682 1.72 54.38 22.99
CA HIS B 682 2.60 53.45 22.26
C HIS B 682 3.14 54.09 20.99
N GLU B 683 2.32 54.89 20.31
CA GLU B 683 2.77 55.52 19.09
C GLU B 683 3.81 56.61 19.31
N LYS B 684 3.83 57.24 20.49
CA LYS B 684 4.79 58.30 20.77
C LYS B 684 5.98 57.86 21.62
N THR B 685 6.17 56.56 21.84
CA THR B 685 7.28 56.08 22.66
C THR B 685 8.42 55.57 21.79
N PRO B 686 9.63 56.11 21.92
CA PRO B 686 10.76 55.60 21.13
C PRO B 686 11.18 54.22 21.62
N LEU B 687 11.84 53.48 20.73
CA LEU B 687 12.35 52.12 20.90
C LEU B 687 11.24 51.09 21.02
N ALA B 688 9.99 51.55 21.05
CA ALA B 688 8.81 50.72 21.15
C ALA B 688 7.85 50.93 20.00
N ASN B 689 7.89 52.09 19.34
CA ASN B 689 7.03 52.35 18.20
C ASN B 689 7.47 51.59 16.98
N LEU B 690 8.66 50.97 17.03
CA LEU B 690 9.16 50.16 15.92
C LEU B 690 8.39 48.85 15.83
N VAL B 691 7.73 48.46 16.91
CA VAL B 691 6.92 47.25 16.98
C VAL B 691 5.48 47.71 16.96
N TYR B 692 4.76 47.40 15.90
CA TYR B 692 3.38 47.81 15.74
C TYR B 692 2.44 46.61 15.75
N TRP B 693 1.19 46.87 16.13
CA TRP B 693 0.17 45.84 16.18
C TRP B 693 -0.39 45.56 14.80
N LYS B 694 -0.89 44.34 14.61
CA LYS B 694 -1.50 43.95 13.36
C LYS B 694 -3.00 44.23 13.36
N ASP B 695 -3.61 44.17 14.55
CA ASP B 695 -5.03 44.45 14.73
C ASP B 695 -5.12 45.71 15.60
N LYS B 696 -6.01 46.61 15.25
CA LYS B 696 -6.17 47.84 16.02
C LYS B 696 -6.78 47.52 17.38
N PRO B 697 -6.16 47.94 18.48
CA PRO B 697 -6.72 47.65 19.81
C PRO B 697 -7.99 48.42 20.07
N VAL B 698 -9.07 47.68 20.41
CA VAL B 698 -10.36 48.27 20.72
C VAL B 698 -10.91 47.58 21.96
N ALA B 699 -11.83 48.26 22.63
CA ALA B 699 -12.46 47.69 23.81
C ALA B 699 -13.44 46.59 23.39
N LEU B 700 -13.68 45.68 24.32
CA LEU B 700 -14.60 44.58 24.06
C LEU B 700 -16.01 45.11 23.85
N SER B 701 -16.75 44.49 22.94
CA SER B 701 -18.11 44.94 22.64
C SER B 701 -19.02 44.73 23.85
N ILE B 702 -20.21 45.32 23.77
CA ILE B 702 -21.20 45.22 24.86
C ILE B 702 -21.61 43.78 25.09
N VAL B 703 -21.93 43.06 24.01
CA VAL B 703 -22.33 41.66 24.12
C VAL B 703 -21.16 40.80 24.60
N GLN B 704 -19.96 41.07 24.07
CA GLN B 704 -18.77 40.33 24.49
C GLN B 704 -18.47 40.60 25.95
N ALA B 705 -18.66 41.84 26.39
CA ALA B 705 -18.43 42.20 27.78
C ALA B 705 -19.37 41.44 28.69
N ARG B 706 -20.64 41.34 28.30
CA ARG B 706 -21.60 40.60 29.11
C ARG B 706 -21.19 39.14 29.20
N LEU B 707 -20.84 38.54 28.04
CA LEU B 707 -20.43 37.14 28.03
C LEU B 707 -19.19 36.88 28.87
N VAL B 708 -18.20 37.76 28.78
CA VAL B 708 -16.96 37.60 29.55
C VAL B 708 -17.23 37.75 31.05
N GLY B 709 -18.05 38.74 31.42
CA GLY B 709 -18.37 38.92 32.84
C GLY B 709 -19.14 37.74 33.40
N LEU B 710 -20.08 37.21 32.62
CA LEU B 710 -20.86 36.05 33.07
C LEU B 710 -19.99 34.81 33.16
N ALA B 711 -19.04 34.65 32.23
CA ALA B 711 -18.15 33.50 32.27
C ALA B 711 -17.29 33.54 33.51
N HIS B 712 -16.76 34.72 33.85
CA HIS B 712 -15.94 34.84 35.06
C HIS B 712 -16.79 34.60 36.30
N PHE B 713 -18.00 35.16 36.32
CA PHE B 713 -18.91 34.99 37.45
C PHE B 713 -19.21 33.53 37.69
N SER B 714 -19.57 32.80 36.62
CA SER B 714 -19.89 31.39 36.73
C SER B 714 -18.68 30.54 37.11
N VAL B 715 -17.51 30.83 36.52
CA VAL B 715 -16.31 30.06 36.85
C VAL B 715 -15.93 30.26 38.31
N GLY B 716 -15.95 31.51 38.79
CA GLY B 716 -15.64 31.77 40.18
C GLY B 716 -16.63 31.14 41.12
N TYR B 717 -17.92 31.20 40.76
CA TYR B 717 -19.00 30.60 41.54
C TYR B 717 -18.79 29.10 41.70
N ILE B 718 -18.58 28.41 40.57
CA ILE B 718 -18.41 26.96 40.55
C ILE B 718 -17.15 26.55 41.31
N PHE B 719 -16.02 27.18 41.03
CA PHE B 719 -14.77 26.82 41.68
C PHE B 719 -14.81 27.06 43.18
N THR B 720 -15.40 28.19 43.61
CA THR B 720 -15.49 28.48 45.03
C THR B 720 -16.35 27.45 45.75
N TYR B 721 -17.53 27.15 45.22
CA TYR B 721 -18.38 26.17 45.90
C TYR B 721 -17.79 24.77 45.86
N ALA B 722 -17.15 24.40 44.75
CA ALA B 722 -16.55 23.07 44.64
C ALA B 722 -15.44 22.90 45.65
N ALA B 723 -14.58 23.92 45.79
CA ALA B 723 -13.49 23.85 46.76
C ALA B 723 -14.02 23.76 48.18
N PHE B 724 -15.03 24.59 48.51
CA PHE B 724 -15.58 24.58 49.86
C PHE B 724 -16.25 23.25 50.18
N LEU B 725 -17.07 22.74 49.27
CA LEU B 725 -17.79 21.49 49.50
C LEU B 725 -16.83 20.32 49.65
N ILE B 726 -15.87 20.17 48.74
CA ILE B 726 -14.93 19.06 48.82
C ILE B 726 -14.06 19.16 50.07
N ALA B 727 -13.53 20.35 50.37
CA ALA B 727 -12.67 20.50 51.54
C ALA B 727 -13.43 20.25 52.85
N SER B 728 -14.64 20.80 52.99
CA SER B 728 -15.39 20.59 54.23
C SER B 728 -15.81 19.13 54.40
N THR B 729 -16.33 18.51 53.33
CA THR B 729 -16.77 17.12 53.46
C THR B 729 -15.59 16.16 53.65
N SER B 730 -14.46 16.40 52.99
CA SER B 730 -13.31 15.51 53.16
C SER B 730 -12.63 15.70 54.49
N GLY B 731 -12.48 16.97 54.94
CA GLY B 731 -11.83 17.20 56.22
C GLY B 731 -12.66 16.72 57.39
N ARG B 732 -13.98 16.90 57.32
CA ARG B 732 -14.84 16.44 58.40
C ARG B 732 -14.89 14.92 58.47
N PHE B 733 -14.79 14.25 57.33
CA PHE B 733 -14.83 12.80 57.27
C PHE B 733 -13.68 12.26 56.42
N ALA C 1 -20.10 47.54 7.00
CA ALA C 1 -20.77 48.81 7.27
C ALA C 1 -22.17 48.59 7.81
N HIS C 2 -22.67 49.55 8.56
CA HIS C 2 -24.01 49.46 9.11
C HIS C 2 -25.04 49.69 8.01
N ILE C 3 -26.26 49.23 8.25
CA ILE C 3 -27.36 49.35 7.31
C ILE C 3 -28.34 50.39 7.83
N VAL C 4 -28.52 51.47 7.09
CA VAL C 4 -29.45 52.53 7.46
C VAL C 4 -30.59 52.52 6.44
N LYS C 5 -31.81 52.41 6.93
CA LYS C 5 -32.98 52.36 6.04
C LYS C 5 -34.00 53.43 6.40
N ILE C 6 -34.64 53.98 5.38
CA ILE C 6 -35.67 55.01 5.50
C ILE C 6 -36.98 54.36 5.07
N TYR C 7 -38.06 54.63 5.80
CA TYR C 7 -39.36 54.06 5.49
C TYR C 7 -40.31 55.14 5.02
N ASP C 8 -41.43 54.70 4.43
CA ASP C 8 -42.43 55.61 3.87
C ASP C 8 -43.21 56.41 4.92
N THR C 9 -43.06 56.09 6.21
CA THR C 9 -43.77 56.84 7.24
C THR C 9 -43.08 58.17 7.55
N CYS C 10 -41.98 58.47 6.88
CA CYS C 10 -41.25 59.71 7.11
C CYS C 10 -42.09 60.92 6.75
N ILE C 11 -42.06 61.92 7.63
CA ILE C 11 -42.81 63.15 7.44
C ILE C 11 -41.96 64.29 6.91
N GLY C 12 -40.67 64.03 6.67
CA GLY C 12 -39.77 65.06 6.16
C GLY C 12 -39.50 66.20 7.13
N CYS C 13 -39.37 65.89 8.41
CA CYS C 13 -39.10 66.93 9.41
C CYS C 13 -37.64 67.33 9.48
N THR C 14 -36.76 66.59 8.79
CA THR C 14 -35.31 66.81 8.72
C THR C 14 -34.62 66.77 10.08
N GLN C 15 -35.25 66.18 11.10
CA GLN C 15 -34.62 66.15 12.42
C GLN C 15 -33.52 65.09 12.48
N CYS C 16 -33.67 64.00 11.71
CA CYS C 16 -32.65 62.96 11.71
C CYS C 16 -31.37 63.42 11.03
N VAL C 17 -31.49 64.22 9.97
CA VAL C 17 -30.33 64.72 9.25
C VAL C 17 -29.55 65.71 10.12
N ARG C 18 -30.25 66.57 10.84
CA ARG C 18 -29.58 67.54 11.70
C ARG C 18 -28.91 66.87 12.89
N ALA C 19 -29.40 65.71 13.31
CA ALA C 19 -28.83 65.00 14.45
C ALA C 19 -27.71 64.04 14.05
N CYS C 20 -27.49 63.80 12.77
CA CYS C 20 -26.44 62.89 12.35
C CYS C 20 -25.07 63.53 12.57
N PRO C 21 -24.18 62.90 13.33
CA PRO C 21 -22.85 63.48 13.57
C PRO C 21 -21.78 63.12 12.55
N LEU C 22 -22.10 62.40 11.48
CA LEU C 22 -21.09 62.06 10.48
C LEU C 22 -21.57 62.28 9.05
N ASP C 23 -22.66 63.02 8.87
CA ASP C 23 -23.23 63.35 7.56
C ASP C 23 -23.52 62.10 6.72
N VAL C 24 -24.45 61.31 7.20
CA VAL C 24 -24.85 60.08 6.53
C VAL C 24 -26.19 60.26 5.81
N LEU C 25 -27.09 61.00 6.41
CA LEU C 25 -28.42 61.24 5.87
C LEU C 25 -28.49 62.59 5.15
N GLU C 26 -29.53 62.73 4.34
CA GLU C 26 -29.78 63.95 3.57
C GLU C 26 -31.27 63.98 3.24
N MET C 27 -31.72 65.07 2.62
CA MET C 27 -33.11 65.24 2.24
C MET C 27 -33.23 65.26 0.72
N VAL C 28 -34.18 64.49 0.19
CA VAL C 28 -34.41 64.43 -1.25
C VAL C 28 -35.88 64.81 -1.51
N PRO C 29 -36.22 65.30 -2.70
CA PRO C 29 -37.63 65.65 -2.96
C PRO C 29 -38.51 64.41 -2.99
N TRP C 30 -39.74 64.57 -2.53
CA TRP C 30 -40.70 63.48 -2.46
C TRP C 30 -42.10 64.06 -2.55
N ASP C 31 -43.08 63.17 -2.74
CA ASP C 31 -44.47 63.58 -2.85
C ASP C 31 -45.42 62.86 -1.89
N GLY C 32 -44.91 61.98 -1.03
CA GLY C 32 -45.73 61.24 -0.11
C GLY C 32 -46.07 61.90 1.21
N CYS C 33 -45.71 63.17 1.40
CA CYS C 33 -46.02 63.86 2.66
C CYS C 33 -46.24 65.34 2.38
N LYS C 34 -46.64 66.05 3.43
CA LYS C 34 -46.91 67.49 3.32
C LYS C 34 -45.62 68.29 3.13
N ALA C 35 -44.53 67.86 3.77
CA ALA C 35 -43.26 68.57 3.66
C ALA C 35 -42.62 68.42 2.29
N SER C 36 -43.08 67.45 1.48
CA SER C 36 -42.58 67.16 0.13
C SER C 36 -41.09 66.80 0.13
N GLN C 37 -40.62 66.21 1.23
CA GLN C 37 -39.23 65.81 1.37
C GLN C 37 -39.18 64.43 2.02
N MET C 38 -38.06 63.75 1.82
CA MET C 38 -37.87 62.43 2.39
C MET C 38 -36.41 62.25 2.77
N ALA C 39 -36.18 61.56 3.88
CA ALA C 39 -34.82 61.30 4.32
C ALA C 39 -34.17 60.25 3.42
N SER C 40 -32.84 60.33 3.31
CA SER C 40 -32.09 59.40 2.47
C SER C 40 -30.75 59.13 3.14
N ALA C 41 -30.17 57.98 2.80
CA ALA C 41 -28.88 57.55 3.34
C ALA C 41 -27.93 57.17 2.21
N PRO C 42 -27.32 58.16 1.56
CA PRO C 42 -26.39 57.86 0.46
C PRO C 42 -24.94 57.70 0.88
N ARG C 43 -24.61 57.93 2.14
CA ARG C 43 -23.24 57.82 2.65
C ARG C 43 -23.18 56.90 3.86
N THR C 44 -23.77 55.71 3.74
CA THR C 44 -23.79 54.75 4.84
C THR C 44 -22.41 54.18 5.16
N GLU C 45 -21.41 54.38 4.30
CA GLU C 45 -20.07 53.88 4.59
C GLU C 45 -19.43 54.65 5.75
N ASP C 46 -19.94 55.83 6.07
CA ASP C 46 -19.43 56.66 7.15
C ASP C 46 -20.27 56.55 8.42
N CYS C 47 -21.33 55.74 8.41
CA CYS C 47 -22.17 55.61 9.58
C CYS C 47 -21.48 54.83 10.69
N VAL C 48 -21.55 55.35 11.91
CA VAL C 48 -20.94 54.68 13.05
C VAL C 48 -21.95 53.86 13.84
N GLY C 49 -23.24 54.17 13.75
CA GLY C 49 -24.26 53.44 14.47
C GLY C 49 -24.67 54.04 15.79
N CYS C 50 -24.45 55.34 15.99
CA CYS C 50 -24.80 56.01 17.24
C CYS C 50 -26.31 56.04 17.49
N LYS C 51 -27.12 55.85 16.44
CA LYS C 51 -28.58 55.84 16.51
C LYS C 51 -29.17 57.16 16.99
N ARG C 52 -28.47 58.27 16.71
CA ARG C 52 -29.01 59.58 17.10
C ARG C 52 -30.19 59.93 16.22
N CYS C 53 -30.16 59.46 14.97
CA CYS C 53 -31.24 59.68 14.02
C CYS C 53 -32.53 59.01 14.50
N GLU C 54 -32.42 57.83 15.11
CA GLU C 54 -33.60 57.16 15.63
C GLU C 54 -34.15 57.91 16.84
N THR C 55 -33.26 58.51 17.62
CA THR C 55 -33.67 59.29 18.78
C THR C 55 -34.38 60.56 18.34
N ALA C 56 -33.98 61.13 17.21
CA ALA C 56 -34.58 62.34 16.69
C ALA C 56 -35.84 62.10 15.85
N CYS C 57 -36.17 60.86 15.53
CA CYS C 57 -37.35 60.61 14.71
C CYS C 57 -38.63 60.69 15.55
N PRO C 58 -39.63 61.45 15.10
CA PRO C 58 -40.88 61.57 15.87
C PRO C 58 -42.00 60.63 15.45
N THR C 59 -41.86 59.90 14.34
CA THR C 59 -42.91 59.00 13.92
C THR C 59 -42.97 57.74 14.77
N ASP C 60 -44.17 57.16 14.85
CA ASP C 60 -44.41 55.94 15.62
C ASP C 60 -44.98 54.90 14.68
N PHE C 61 -44.20 53.87 14.35
CA PHE C 61 -42.83 53.67 14.84
C PHE C 61 -41.85 54.48 13.97
N LEU C 62 -40.56 54.40 14.29
CA LEU C 62 -39.51 55.16 13.62
C LEU C 62 -39.52 54.96 12.10
N SER C 63 -39.08 56.00 11.40
CA SER C 63 -38.99 55.99 9.95
C SER C 63 -37.58 55.70 9.47
N VAL C 64 -36.60 55.81 10.37
CA VAL C 64 -35.20 55.55 10.08
C VAL C 64 -34.73 54.46 11.03
N ARG C 65 -34.04 53.46 10.51
CA ARG C 65 -33.53 52.36 11.33
C ARG C 65 -32.09 52.09 10.98
N VAL C 66 -31.31 51.77 12.01
CA VAL C 66 -29.90 51.47 11.89
C VAL C 66 -29.66 50.07 12.42
N TYR C 67 -29.20 49.19 11.55
CA TYR C 67 -28.90 47.80 11.86
C TYR C 67 -27.38 47.68 11.84
N LEU C 68 -26.79 47.34 12.97
CA LEU C 68 -25.34 47.22 13.04
C LEU C 68 -24.87 46.05 12.20
N GLY C 69 -24.00 46.35 11.23
CA GLY C 69 -23.48 45.34 10.34
C GLY C 69 -22.00 45.07 10.53
N SER C 70 -21.26 45.00 9.43
CA SER C 70 -19.83 44.75 9.50
C SER C 70 -19.13 45.96 10.10
N GLU C 71 -18.02 45.71 10.79
CA GLU C 71 -17.26 46.77 11.43
C GLU C 71 -15.97 47.05 10.67
N SER C 72 -15.69 48.33 10.47
CA SER C 72 -14.50 48.78 9.77
C SER C 72 -13.90 49.93 10.58
N THR C 73 -12.88 50.58 10.02
CA THR C 73 -12.24 51.70 10.72
C THR C 73 -13.21 52.88 10.84
N ARG C 74 -13.99 53.14 9.79
CA ARG C 74 -14.93 54.25 9.83
C ARG C 74 -16.13 53.95 10.72
N SER C 75 -16.69 52.74 10.63
CA SER C 75 -17.85 52.39 11.44
C SER C 75 -17.52 52.33 12.92
N MET C 76 -16.28 51.98 13.27
CA MET C 76 -15.89 51.92 14.67
C MET C 76 -15.46 53.28 15.21
N GLY C 77 -15.44 54.31 14.37
CA GLY C 77 -15.05 55.64 14.79
C GLY C 77 -13.64 55.74 15.32
N LEU C 78 -12.72 54.99 14.72
CA LEU C 78 -11.33 54.98 15.16
C LEU C 78 -10.52 56.05 14.46
N SER C 79 -9.84 56.87 15.24
CA SER C 79 -8.99 57.93 14.71
C SER C 79 -7.54 57.46 14.57
N TYR C 80 -7.27 56.19 14.85
CA TYR C 80 -5.95 55.62 14.76
C TYR C 80 -5.96 54.39 13.85
N TRP D 1 -22.86 75.75 -9.38
CA TRP D 1 -21.94 75.35 -8.33
C TRP D 1 -20.98 74.27 -8.84
N THR D 2 -19.72 74.34 -8.41
CA THR D 2 -18.70 73.40 -8.81
C THR D 2 -17.99 72.89 -7.55
N VAL D 3 -17.48 71.66 -7.63
CA VAL D 3 -16.77 71.05 -6.51
C VAL D 3 -15.48 71.82 -6.23
N PRO D 4 -15.23 72.24 -4.99
CA PRO D 4 -14.00 72.98 -4.69
C PRO D 4 -12.79 72.06 -4.68
N THR D 5 -11.63 72.70 -4.79
CA THR D 5 -10.35 72.01 -4.78
C THR D 5 -9.57 72.41 -3.53
N LEU D 6 -8.95 71.42 -2.88
CA LEU D 6 -8.19 71.68 -1.68
C LEU D 6 -6.92 72.48 -2.00
N ASN D 7 -6.65 73.48 -1.15
CA ASN D 7 -5.47 74.34 -1.27
C ASN D 7 -4.58 73.95 -0.10
N PRO D 8 -3.52 73.18 -0.33
CA PRO D 8 -2.64 72.79 0.78
C PRO D 8 -1.88 73.95 1.40
N ASP D 9 -1.70 75.04 0.65
CA ASP D 9 -1.01 76.23 1.16
C ASP D 9 -2.04 77.23 1.70
N THR D 10 -2.73 76.78 2.75
CA THR D 10 -3.76 77.58 3.41
C THR D 10 -3.37 77.74 4.87
N PRO D 11 -3.39 78.96 5.41
CA PRO D 11 -3.01 79.16 6.81
C PRO D 11 -3.95 78.44 7.77
N SER D 12 -3.37 77.92 8.85
CA SER D 12 -4.06 77.19 9.90
C SER D 12 -4.29 78.09 11.10
N PRO D 13 -5.31 77.81 11.93
CA PRO D 13 -5.55 78.65 13.11
C PRO D 13 -4.41 78.58 14.11
N ILE D 14 -4.27 79.65 14.88
CA ILE D 14 -3.21 79.76 15.88
C ILE D 14 -3.50 78.76 17.00
N PHE D 15 -2.67 77.73 17.09
CA PHE D 15 -2.79 76.69 18.10
C PHE D 15 -1.41 76.26 18.54
N GLY D 16 -1.23 76.09 19.85
CA GLY D 16 0.07 75.69 20.37
C GLY D 16 0.38 74.22 20.29
N GLY D 17 -0.58 73.40 19.85
CA GLY D 17 -0.38 71.98 19.74
C GLY D 17 -1.01 71.22 20.90
N SER D 18 -1.24 69.93 20.68
CA SER D 18 -1.84 69.07 21.69
C SER D 18 -1.48 67.63 21.38
N THR D 19 -1.80 66.75 22.32
CA THR D 19 -1.55 65.33 22.19
C THR D 19 -2.74 64.57 21.60
N GLY D 20 -3.81 65.27 21.23
CA GLY D 20 -4.97 64.64 20.66
C GLY D 20 -5.07 64.78 19.16
N GLY D 21 -3.95 65.11 18.51
CA GLY D 21 -3.92 65.30 17.07
C GLY D 21 -3.87 64.02 16.25
N LEU D 22 -3.23 64.11 15.09
CA LEU D 22 -3.10 63.00 14.17
C LEU D 22 -2.18 61.91 14.72
N LEU D 23 -2.38 60.70 14.20
CA LEU D 23 -1.60 59.53 14.58
C LEU D 23 -1.08 58.86 13.32
N ARG D 24 -0.59 57.62 13.43
CA ARG D 24 -0.04 56.89 12.28
C ARG D 24 -1.08 56.63 11.19
N LYS D 25 -2.37 56.68 11.53
CA LYS D 25 -3.42 56.45 10.55
C LYS D 25 -3.40 57.51 9.45
N ALA D 26 -3.03 58.74 9.81
CA ALA D 26 -2.97 59.82 8.83
C ALA D 26 -1.86 59.58 7.81
N GLN D 27 -0.77 58.96 8.23
CA GLN D 27 0.35 58.68 7.33
C GLN D 27 0.22 57.35 6.61
N THR D 28 -0.64 56.44 7.09
CA THR D 28 -0.76 55.15 6.44
C THR D 28 -2.13 54.85 5.85
N GLU D 29 -3.22 55.40 6.38
CA GLU D 29 -4.54 55.11 5.84
C GLU D 29 -5.22 56.30 5.19
N GLU D 30 -5.50 57.36 5.95
CA GLU D 30 -6.16 58.58 5.46
C GLU D 30 -6.32 59.55 6.64
N PHE D 31 -6.68 60.79 6.30
CA PHE D 31 -6.93 61.83 7.28
C PHE D 31 -7.95 62.79 6.66
N TYR D 32 -8.37 63.79 7.42
CA TYR D 32 -9.38 64.72 6.93
C TYR D 32 -8.89 66.15 7.11
N VAL D 33 -9.30 67.01 6.17
CA VAL D 33 -8.90 68.41 6.17
C VAL D 33 -10.15 69.27 6.06
N ILE D 34 -10.33 70.20 7.01
CA ILE D 34 -11.47 71.10 7.03
C ILE D 34 -10.99 72.52 6.76
N THR D 35 -11.71 73.24 5.90
CA THR D 35 -11.38 74.61 5.55
C THR D 35 -12.62 75.47 5.70
N TRP D 36 -12.41 76.72 6.13
CA TRP D 36 -13.52 77.65 6.30
C TRP D 36 -13.00 79.07 6.20
N GLU D 37 -13.94 80.01 6.11
CA GLU D 37 -13.64 81.43 6.00
C GLU D 37 -14.18 82.13 7.24
N ALA D 38 -13.33 82.91 7.90
CA ALA D 38 -13.71 83.63 9.11
C ALA D 38 -13.70 85.13 8.83
N LYS D 39 -14.73 85.82 9.32
CA LYS D 39 -14.83 87.25 9.14
C LYS D 39 -13.89 88.03 10.05
N LYS D 40 -13.44 87.41 11.15
CA LYS D 40 -12.54 88.07 12.08
C LYS D 40 -11.83 87.01 12.92
N GLU D 41 -10.79 87.44 13.61
CA GLU D 41 -10.01 86.55 14.46
C GLU D 41 -10.85 86.20 15.69
N GLN D 42 -11.07 84.90 15.93
CA GLN D 42 -11.90 84.52 17.06
C GLN D 42 -11.42 83.23 17.68
N ILE D 43 -11.55 83.14 19.00
CA ILE D 43 -11.14 81.95 19.75
C ILE D 43 -12.28 80.94 19.73
N PHE D 44 -11.96 79.72 19.31
CA PHE D 44 -12.91 78.61 19.27
C PHE D 44 -12.30 77.43 19.98
N GLU D 45 -13.11 76.41 20.22
CA GLU D 45 -12.67 75.21 20.91
C GLU D 45 -12.36 74.09 19.92
N MET D 46 -11.17 73.51 20.04
CA MET D 46 -10.76 72.43 19.17
C MET D 46 -11.47 71.14 19.55
N PRO D 47 -11.94 70.36 18.58
CA PRO D 47 -12.61 69.09 18.90
C PRO D 47 -11.70 68.07 19.57
N THR D 48 -10.38 68.21 19.40
CA THR D 48 -9.41 67.32 20.00
C THR D 48 -8.93 67.81 21.36
N GLY D 49 -9.47 68.93 21.85
CA GLY D 49 -9.09 69.48 23.14
C GLY D 49 -8.24 70.73 23.02
N GLY D 50 -8.64 71.78 23.72
CA GLY D 50 -7.91 73.04 23.72
C GLY D 50 -8.69 74.14 23.01
N ALA D 51 -8.11 75.34 23.07
CA ALA D 51 -8.68 76.53 22.46
C ALA D 51 -7.72 77.08 21.42
N ALA D 52 -8.20 77.27 20.20
CA ALA D 52 -7.42 77.80 19.10
C ALA D 52 -8.01 79.13 18.67
N ILE D 53 -7.25 79.87 17.87
CA ILE D 53 -7.68 81.18 17.37
C ILE D 53 -7.75 81.11 15.86
N MET D 54 -8.96 81.23 15.31
CA MET D 54 -9.13 81.25 13.86
C MET D 54 -8.78 82.65 13.38
N ARG D 55 -8.02 82.70 12.29
CA ARG D 55 -7.58 83.95 11.72
C ARG D 55 -8.61 84.50 10.74
N GLN D 56 -8.42 85.77 10.38
CA GLN D 56 -9.32 86.42 9.45
C GLN D 56 -9.02 85.91 8.04
N GLY D 57 -10.00 85.26 7.42
CA GLY D 57 -9.83 84.72 6.10
C GLY D 57 -9.87 83.20 6.08
N PRO D 58 -9.09 82.59 5.18
CA PRO D 58 -9.08 81.13 5.10
C PRO D 58 -8.44 80.47 6.32
N ASN D 59 -8.97 79.30 6.68
CA ASN D 59 -8.50 78.51 7.80
C ASN D 59 -8.55 77.04 7.43
N LEU D 60 -7.45 76.33 7.66
CA LEU D 60 -7.33 74.91 7.36
C LEU D 60 -6.91 74.14 8.60
N LEU D 61 -7.49 72.95 8.78
CA LEU D 61 -7.19 72.11 9.93
C LEU D 61 -7.23 70.65 9.50
N LYS D 62 -6.52 69.80 10.24
CA LYS D 62 -6.46 68.37 9.97
C LYS D 62 -6.99 67.59 11.16
N PHE D 63 -7.74 66.53 10.86
CA PHE D 63 -8.33 65.68 11.89
C PHE D 63 -8.19 64.21 11.48
N GLY D 64 -8.26 63.34 12.49
CA GLY D 64 -8.11 61.92 12.23
C GLY D 64 -9.35 61.22 11.72
N LYS D 65 -10.53 61.74 12.03
CA LYS D 65 -11.76 61.12 11.56
C LYS D 65 -12.76 62.19 11.12
N LYS D 66 -13.76 61.74 10.35
CA LYS D 66 -14.78 62.63 9.81
C LYS D 66 -15.67 63.22 10.89
N GLU D 67 -15.85 62.52 12.02
CA GLU D 67 -16.68 63.04 13.09
C GLU D 67 -16.11 64.30 13.69
N GLN D 68 -14.78 64.39 13.79
CA GLN D 68 -14.15 65.60 14.34
C GLN D 68 -14.39 66.79 13.41
N CYS D 69 -14.29 66.55 12.09
CA CYS D 69 -14.53 67.61 11.13
C CYS D 69 -15.98 68.07 11.17
N LEU D 70 -16.93 67.13 11.28
CA LEU D 70 -18.32 67.54 11.33
C LEU D 70 -18.65 68.22 12.66
N ALA D 71 -17.99 67.83 13.75
CA ALA D 71 -18.23 68.49 15.04
C ALA D 71 -17.75 69.92 14.97
N LEU D 72 -16.58 70.15 14.35
CA LEU D 72 -16.08 71.51 14.19
C LEU D 72 -16.99 72.30 13.25
N THR D 73 -17.53 71.64 12.22
CA THR D 73 -18.45 72.29 11.29
C THR D 73 -19.71 72.74 12.02
N THR D 74 -20.25 71.89 12.88
CA THR D 74 -21.44 72.22 13.65
C THR D 74 -21.17 73.38 14.59
N GLN D 75 -19.99 73.37 15.23
CA GLN D 75 -19.65 74.47 16.14
C GLN D 75 -19.49 75.79 15.40
N LEU D 76 -18.84 75.77 14.24
CA LEU D 76 -18.64 77.00 13.47
C LEU D 76 -19.95 77.51 12.87
N ARG D 77 -20.85 76.60 12.49
CA ARG D 77 -22.12 77.02 11.90
C ARG D 77 -23.09 77.55 12.95
N ASN D 78 -23.20 76.87 14.10
CA ASN D 78 -24.14 77.29 15.12
C ASN D 78 -23.68 78.49 15.94
N LYS D 79 -22.38 78.65 16.15
CA LYS D 79 -21.90 79.76 16.97
C LYS D 79 -21.49 81.00 16.17
N PHE D 80 -20.54 80.84 15.25
CA PHE D 80 -20.03 81.96 14.47
C PHE D 80 -20.73 82.15 13.13
N LYS D 81 -21.72 81.32 12.81
CA LYS D 81 -22.51 81.40 11.57
C LYS D 81 -21.64 81.39 10.32
N LEU D 82 -20.70 80.44 10.27
CA LEU D 82 -19.80 80.28 9.14
C LEU D 82 -20.25 79.12 8.26
N THR D 83 -19.54 78.92 7.16
CA THR D 83 -19.84 77.85 6.19
C THR D 83 -18.56 77.07 5.91
N PRO D 84 -18.25 76.06 6.74
CA PRO D 84 -17.05 75.24 6.52
C PRO D 84 -17.28 74.09 5.56
N SNC D 85 -16.20 73.50 5.06
CA SNC D 85 -16.30 72.37 4.15
CB SNC D 85 -16.36 72.79 2.67
SG SNC D 85 -14.92 73.94 2.43
ND SNC D 85 -15.78 75.42 2.47
OE SNC D 85 -15.20 76.39 2.78
C SNC D 85 -15.07 71.41 4.36
O SNC D 85 -13.96 71.94 4.63
N PHE D 86 -15.24 70.10 4.26
CA PHE D 86 -14.07 69.26 4.45
C PHE D 86 -13.89 68.18 3.38
N TYR D 87 -12.67 67.66 3.36
CA TYR D 87 -12.25 66.66 2.41
C TYR D 87 -11.52 65.53 3.14
N ARG D 88 -11.43 64.40 2.44
CA ARG D 88 -10.73 63.21 2.90
C ARG D 88 -9.48 63.12 2.05
N VAL D 89 -8.31 63.14 2.68
CA VAL D 89 -7.03 63.08 2.00
C VAL D 89 -6.36 61.75 2.29
N PHE D 90 -5.86 61.12 1.25
CA PHE D 90 -5.16 59.85 1.25
C PHE D 90 -3.66 60.11 1.20
N PRO D 91 -2.83 59.15 1.66
CA PRO D 91 -1.37 59.37 1.63
C PRO D 91 -0.79 59.57 0.24
N ASP D 92 -1.45 59.05 -0.80
CA ASP D 92 -0.94 59.23 -2.15
C ASP D 92 -1.15 60.64 -2.66
N GLY D 93 -1.99 61.43 -1.99
CA GLY D 93 -2.27 62.79 -2.39
C GLY D 93 -3.67 63.01 -2.92
N LYS D 94 -4.48 61.96 -3.01
CA LYS D 94 -5.84 62.08 -3.51
C LYS D 94 -6.70 62.84 -2.51
N VAL D 95 -7.54 63.73 -3.02
CA VAL D 95 -8.44 64.55 -2.22
C VAL D 95 -9.87 64.25 -2.65
N GLN D 96 -10.74 64.00 -1.69
CA GLN D 96 -12.14 63.70 -1.97
C GLN D 96 -13.04 64.64 -1.17
N TYR D 97 -13.83 65.45 -1.86
CA TYR D 97 -14.74 66.39 -1.22
C TYR D 97 -15.83 65.60 -0.50
N LEU D 98 -16.14 65.97 0.74
CA LEU D 98 -17.15 65.22 1.49
C LEU D 98 -18.40 66.00 1.85
N HIS D 99 -18.28 67.12 2.56
CA HIS D 99 -19.46 67.86 2.99
C HIS D 99 -19.34 69.37 2.89
N PRO D 100 -20.35 70.07 2.36
CA PRO D 100 -21.61 69.55 1.79
C PRO D 100 -21.40 68.96 0.40
N ALA D 101 -21.69 67.65 0.27
CA ALA D 101 -21.52 66.86 -0.95
C ALA D 101 -22.00 67.54 -2.24
N ASP D 102 -23.20 68.11 -2.23
CA ASP D 102 -23.75 68.76 -3.41
C ASP D 102 -23.69 70.28 -3.33
N GLY D 103 -22.92 70.82 -2.40
CA GLY D 103 -22.82 72.25 -2.22
C GLY D 103 -23.88 72.86 -1.33
N VAL D 104 -24.93 72.11 -1.03
CA VAL D 104 -26.02 72.55 -0.18
C VAL D 104 -26.03 71.62 1.03
N TYR D 105 -26.28 72.16 2.21
CA TYR D 105 -26.29 71.36 3.42
C TYR D 105 -27.41 70.32 3.36
N PRO D 106 -27.17 69.11 3.86
CA PRO D 106 -28.19 68.04 3.77
C PRO D 106 -29.47 68.29 4.57
N GLU D 107 -29.49 69.21 5.54
CA GLU D 107 -30.71 69.42 6.29
C GLU D 107 -31.80 70.06 5.45
N LYS D 108 -31.43 70.77 4.39
CA LYS D 108 -32.38 71.40 3.49
C LYS D 108 -32.38 70.64 2.17
N VAL D 109 -33.59 70.38 1.65
CA VAL D 109 -33.73 69.62 0.41
C VAL D 109 -33.18 70.41 -0.78
N ASN D 110 -32.48 69.72 -1.66
CA ASN D 110 -31.89 70.30 -2.85
C ASN D 110 -32.21 69.43 -4.05
N ALA D 111 -32.43 70.06 -5.19
CA ALA D 111 -32.75 69.32 -6.41
C ALA D 111 -31.53 68.57 -6.92
N GLY D 112 -31.79 67.43 -7.56
CA GLY D 112 -30.73 66.60 -8.11
C GLY D 112 -30.32 65.45 -7.22
N ARG D 113 -30.73 65.43 -5.96
CA ARG D 113 -30.37 64.36 -5.04
C ARG D 113 -31.24 63.14 -5.30
N VAL D 114 -30.60 61.99 -5.50
CA VAL D 114 -31.30 60.73 -5.74
C VAL D 114 -31.39 59.99 -4.42
N GLY D 115 -32.60 59.58 -4.05
CA GLY D 115 -32.79 58.88 -2.79
C GLY D 115 -32.12 57.52 -2.79
N ALA D 116 -31.49 57.19 -1.66
CA ALA D 116 -30.80 55.93 -1.47
C ALA D 116 -31.24 55.28 -0.17
N ASN D 117 -31.30 53.95 -0.17
CA ASN D 117 -31.68 53.13 0.98
C ASN D 117 -33.07 53.50 1.50
N GLN D 118 -34.02 53.68 0.60
CA GLN D 118 -35.39 54.03 0.95
C GLN D 118 -36.29 52.84 0.69
N ASN D 119 -37.04 52.44 1.70
CA ASN D 119 -37.98 51.32 1.60
C ASN D 119 -39.38 51.90 1.43
N MET D 120 -40.06 51.47 0.36
CA MET D 120 -41.42 51.96 0.07
C MET D 120 -42.47 51.11 0.80
N ARG D 121 -42.30 51.04 2.12
CA ARG D 121 -43.16 50.29 3.03
C ARG D 121 -42.82 50.76 4.43
N ARG D 122 -43.58 50.28 5.41
CA ARG D 122 -43.31 50.63 6.79
C ARG D 122 -42.58 49.49 7.47
N ILE D 123 -42.22 49.69 8.74
CA ILE D 123 -41.50 48.68 9.50
C ILE D 123 -42.36 47.44 9.73
N GLY D 124 -43.65 47.64 10.07
CA GLY D 124 -44.54 46.52 10.31
C GLY D 124 -44.77 45.62 9.12
N GLN D 125 -44.45 46.09 7.91
CA GLN D 125 -44.62 45.31 6.70
C GLN D 125 -43.38 44.48 6.36
N ASN D 126 -42.37 44.49 7.20
CA ASN D 126 -41.17 43.69 6.96
C ASN D 126 -41.47 42.22 7.15
N VAL D 127 -40.86 41.38 6.31
CA VAL D 127 -41.08 39.94 6.38
C VAL D 127 -40.36 39.34 7.57
N ASN D 128 -40.64 38.08 7.87
CA ASN D 128 -40.02 37.39 8.98
C ASN D 128 -38.61 36.94 8.59
N PRO D 129 -37.72 36.74 9.57
CA PRO D 129 -36.34 36.30 9.25
C PRO D 129 -36.27 34.93 8.58
N ILE D 130 -37.28 34.07 8.76
CA ILE D 130 -37.28 32.75 8.15
C ILE D 130 -37.27 32.84 6.63
N LYS D 131 -37.91 33.88 6.08
CA LYS D 131 -37.92 34.07 4.63
C LYS D 131 -36.57 34.57 4.13
N VAL D 132 -35.72 35.08 5.02
CA VAL D 132 -34.41 35.59 4.66
C VAL D 132 -33.30 34.60 5.00
N LYS D 133 -33.64 33.53 5.71
CA LYS D 133 -32.67 32.51 6.12
C LYS D 133 -32.03 31.81 4.92
N PHE D 134 -30.83 31.28 5.17
CA PHE D 134 -30.02 30.56 4.18
C PHE D 134 -29.68 31.41 2.96
N SER D 135 -29.34 32.66 3.23
CA SER D 135 -28.94 33.61 2.20
C SER D 135 -27.42 33.55 2.06
N GLY D 136 -26.85 34.53 1.37
CA GLY D 136 -25.40 34.56 1.20
C GLY D 136 -24.66 34.76 2.51
N ARG D 137 -25.23 35.55 3.42
CA ARG D 137 -24.63 35.83 4.71
C ARG D 137 -25.75 36.28 5.65
N MET D 138 -25.39 36.82 6.81
CA MET D 138 -26.36 37.31 7.78
C MET D 138 -27.11 38.50 7.21
N MET D 139 -28.37 38.29 6.82
CA MET D 139 -29.18 39.34 6.24
C MET D 139 -30.44 39.55 7.04
N SER D 140 -30.75 40.79 7.28
CA SER D 140 -31.92 41.26 7.99
C SER D 140 -33.08 41.41 7.00
N PRO D 141 -34.32 41.25 7.45
CA PRO D 141 -35.46 41.42 6.52
C PRO D 141 -35.60 42.83 5.96
N ALA D 142 -34.99 43.83 6.59
CA ALA D 142 -35.07 45.19 6.09
C ALA D 142 -34.17 45.43 4.90
N GLU D 143 -33.17 44.57 4.68
CA GLU D 143 -32.25 44.71 3.56
C GLU D 143 -32.87 44.31 2.24
N ILE D 144 -34.01 43.65 2.24
CA ILE D 144 -34.66 43.24 1.00
C ILE D 144 -35.88 44.12 0.73
N GLU E 1 -63.40 65.94 2.76
CA GLU E 1 -64.47 65.17 3.39
C GLU E 1 -64.07 63.72 3.59
N VAL E 2 -62.94 63.32 3.01
CA VAL E 2 -62.46 61.96 3.14
C VAL E 2 -61.79 61.78 4.51
N GLY E 3 -62.04 60.63 5.13
CA GLY E 3 -61.47 60.34 6.43
C GLY E 3 -62.43 60.66 7.56
N PRO E 4 -62.00 60.42 8.80
CA PRO E 4 -62.86 60.69 9.95
C PRO E 4 -63.04 62.19 10.19
N LYS E 5 -64.09 62.51 10.94
CA LYS E 5 -64.40 63.88 11.26
C LYS E 5 -63.37 64.45 12.24
N ARG E 6 -63.06 65.73 12.09
CA ARG E 6 -62.09 66.39 12.97
C ARG E 6 -62.65 66.48 14.38
N GLY E 7 -61.83 66.11 15.36
CA GLY E 7 -62.23 66.13 16.75
C GLY E 7 -62.84 64.85 17.25
N SER E 8 -63.07 63.87 16.38
CA SER E 8 -63.65 62.60 16.79
C SER E 8 -62.58 61.70 17.40
N LEU E 9 -63.04 60.63 18.04
CA LEU E 9 -62.17 59.65 18.68
C LEU E 9 -62.07 58.41 17.82
N VAL E 10 -60.84 57.94 17.59
CA VAL E 10 -60.60 56.76 16.77
C VAL E 10 -59.67 55.80 17.50
N LYS E 11 -59.69 54.55 17.04
CA LYS E 11 -58.85 53.49 17.58
C LYS E 11 -57.76 53.19 16.56
N ILE E 12 -56.52 53.10 17.03
CA ILE E 12 -55.39 52.84 16.16
C ILE E 12 -55.28 51.35 15.87
N LEU E 13 -55.17 51.00 14.59
CA LEU E 13 -55.04 49.63 14.16
C LEU E 13 -53.63 49.26 13.71
N ARG E 14 -52.67 50.17 13.82
CA ARG E 14 -51.30 49.85 13.41
C ARG E 14 -50.67 48.95 14.46
N PRO E 15 -50.23 47.75 14.09
CA PRO E 15 -49.65 46.83 15.09
C PRO E 15 -48.36 47.32 15.74
N GLU E 16 -47.46 47.93 14.98
CA GLU E 16 -46.20 48.40 15.53
C GLU E 16 -46.31 49.74 16.24
N SER E 17 -47.49 50.35 16.26
CA SER E 17 -47.67 51.62 16.92
C SER E 17 -47.78 51.44 18.43
N TYR E 18 -47.33 52.46 19.16
CA TYR E 18 -47.39 52.43 20.62
C TYR E 18 -48.84 52.49 21.09
N TRP E 19 -49.67 53.24 20.38
CA TRP E 19 -51.08 53.41 20.73
C TRP E 19 -51.99 52.41 20.05
N PHE E 20 -51.49 51.20 19.76
CA PHE E 20 -52.32 50.18 19.13
C PHE E 20 -53.45 49.83 20.09
N ASN E 21 -54.67 49.74 19.55
CA ASN E 21 -55.90 49.47 20.29
C ASN E 21 -56.23 50.56 21.31
N GLN E 22 -55.71 51.77 21.12
CA GLN E 22 -55.95 52.88 22.02
C GLN E 22 -56.74 53.96 21.30
N VAL E 23 -57.43 54.78 22.08
CA VAL E 23 -58.28 55.84 21.56
C VAL E 23 -57.52 57.17 21.51
N GLY E 24 -57.62 57.84 20.38
CA GLY E 24 -56.97 59.13 20.20
C GLY E 24 -57.91 60.08 19.47
N LYS E 25 -57.68 61.38 19.67
CA LYS E 25 -58.49 62.41 19.06
C LYS E 25 -57.96 62.80 17.68
N VAL E 26 -58.87 62.96 16.74
CA VAL E 26 -58.50 63.32 15.37
C VAL E 26 -58.27 64.83 15.31
N VAL E 27 -57.10 65.22 14.79
CA VAL E 27 -56.72 66.62 14.67
C VAL E 27 -57.01 67.16 13.27
N SER E 28 -56.49 66.50 12.25
CA SER E 28 -56.69 66.94 10.88
C SER E 28 -56.47 65.77 9.93
N VAL E 29 -57.13 65.81 8.78
CA VAL E 29 -57.02 64.79 7.76
C VAL E 29 -56.61 65.48 6.46
N ASP E 30 -55.49 65.06 5.88
CA ASP E 30 -55.02 65.66 4.64
C ASP E 30 -55.92 65.27 3.48
N GLN E 31 -56.21 66.23 2.61
CA GLN E 31 -57.08 66.02 1.46
C GLN E 31 -56.35 65.57 0.20
N SER E 32 -55.04 65.41 0.25
CA SER E 32 -54.29 64.97 -0.91
C SER E 32 -54.22 63.44 -0.91
N GLY E 33 -53.39 62.86 -1.77
CA GLY E 33 -53.26 61.43 -1.82
C GLY E 33 -52.08 60.90 -1.03
N VAL E 34 -51.83 61.48 0.15
CA VAL E 34 -50.73 61.04 0.97
C VAL E 34 -51.05 59.69 1.59
N ARG E 35 -50.00 58.94 1.95
CA ARG E 35 -50.19 57.61 2.53
C ARG E 35 -50.86 57.66 3.90
N TYR E 36 -50.47 58.61 4.74
CA TYR E 36 -51.01 58.73 6.09
C TYR E 36 -51.56 60.14 6.30
N PRO E 37 -52.82 60.37 5.93
CA PRO E 37 -53.40 61.71 6.08
C PRO E 37 -54.00 62.01 7.45
N VAL E 38 -54.43 60.99 8.19
CA VAL E 38 -55.05 61.22 9.48
C VAL E 38 -54.01 61.58 10.53
N VAL E 39 -54.26 62.64 11.29
CA VAL E 39 -53.39 63.10 12.36
C VAL E 39 -54.14 62.78 13.66
N VAL E 40 -53.52 62.02 14.54
CA VAL E 40 -54.14 61.62 15.80
C VAL E 40 -53.28 62.07 16.97
N ARG E 41 -53.93 62.70 17.96
CA ARG E 41 -53.31 63.19 19.18
C ARG E 41 -53.77 62.30 20.33
N PHE E 42 -52.83 61.93 21.20
CA PHE E 42 -53.14 61.05 22.32
C PHE E 42 -52.84 61.72 23.65
N GLU E 43 -53.54 61.28 24.69
CA GLU E 43 -53.36 61.82 26.02
C GLU E 43 -52.11 61.27 26.71
N ASN E 44 -51.72 60.04 26.39
CA ASN E 44 -50.54 59.42 26.98
C ASN E 44 -49.39 59.41 25.97
N GLN E 45 -48.24 59.92 26.38
CA GLN E 45 -47.08 59.96 25.50
C GLN E 45 -46.44 58.58 25.39
N ASN E 46 -45.71 58.38 24.30
CA ASN E 46 -45.04 57.10 24.06
C ASN E 46 -43.67 57.12 24.78
N TYR E 47 -42.81 56.16 24.44
CA TYR E 47 -41.51 56.09 25.07
C TYR E 47 -40.61 57.26 24.65
N ALA E 48 -40.85 57.82 23.48
CA ALA E 48 -40.08 58.95 22.98
C ALA E 48 -40.65 60.28 23.43
N GLY E 49 -41.76 60.29 24.17
CA GLY E 49 -42.37 61.52 24.63
C GLY E 49 -43.28 62.20 23.64
N VAL E 50 -43.59 61.55 22.53
CA VAL E 50 -44.45 62.11 21.49
C VAL E 50 -45.90 61.77 21.81
N THR E 51 -46.81 62.68 21.49
CA THR E 51 -48.24 62.50 21.73
C THR E 51 -49.08 62.53 20.46
N THR E 52 -48.47 62.66 19.28
CA THR E 52 -49.21 62.73 18.03
C THR E 52 -48.54 61.83 16.99
N ASN E 53 -49.34 61.38 16.03
CA ASN E 53 -48.83 60.52 14.96
C ASN E 53 -49.74 60.60 13.75
N ASN E 54 -49.23 60.11 12.62
CA ASN E 54 -49.95 60.09 11.36
C ASN E 54 -50.31 58.65 11.01
N TYR E 55 -51.56 58.45 10.58
CA TYR E 55 -52.06 57.13 10.22
C TYR E 55 -52.85 57.21 8.93
N ALA E 56 -52.97 56.06 8.28
CA ALA E 56 -53.71 55.94 7.04
C ALA E 56 -55.21 55.88 7.31
N LEU E 57 -55.99 55.87 6.23
CA LEU E 57 -57.44 55.82 6.37
C LEU E 57 -57.89 54.46 6.90
N ASP E 58 -57.24 53.38 6.47
CA ASP E 58 -57.61 52.05 6.92
C ASP E 58 -56.95 51.67 8.25
N GLU E 59 -56.03 52.48 8.75
CA GLU E 59 -55.36 52.19 10.02
C GLU E 59 -56.10 52.76 11.22
N VAL E 60 -57.17 53.51 11.01
CA VAL E 60 -57.95 54.09 12.09
C VAL E 60 -59.41 53.70 11.88
N VAL E 61 -60.08 53.41 12.99
CA VAL E 61 -61.50 53.02 12.97
C VAL E 61 -62.21 53.87 14.01
N ALA E 62 -63.43 54.31 13.67
CA ALA E 62 -64.21 55.14 14.58
C ALA E 62 -64.64 54.33 15.79
N ALA E 63 -63.96 54.53 16.92
CA ALA E 63 -64.30 53.81 18.14
C ALA E 63 -64.27 54.76 19.34
N ASP F 1 -49.38 14.25 67.94
CA ASP F 1 -50.59 14.37 67.13
C ASP F 1 -50.24 14.37 65.64
N ILE F 2 -50.49 15.51 64.99
CA ILE F 2 -50.23 15.65 63.57
C ILE F 2 -48.73 15.64 63.33
N ALA F 3 -48.29 14.87 62.32
CA ALA F 3 -46.89 14.74 61.91
C ALA F 3 -45.97 14.29 63.05
N GLY F 4 -46.49 13.49 63.98
CA GLY F 4 -45.66 13.02 65.08
C GLY F 4 -45.30 14.08 66.09
N LEU F 5 -45.93 15.24 66.07
CA LEU F 5 -45.62 16.30 67.02
C LEU F 5 -46.39 16.07 68.32
N THR F 6 -45.98 16.79 69.35
CA THR F 6 -46.59 16.72 70.66
C THR F 6 -47.08 18.10 71.05
N PRO F 7 -48.14 18.20 71.86
CA PRO F 7 -48.63 19.51 72.28
C PRO F 7 -47.58 20.23 73.13
N CYS F 8 -47.54 21.55 73.01
CA CYS F 8 -46.57 22.35 73.75
C CYS F 8 -46.81 22.28 75.26
N SER F 9 -48.03 21.98 75.70
CA SER F 9 -48.30 21.89 77.12
C SER F 9 -47.67 20.64 77.74
N GLU F 10 -47.29 19.67 76.93
CA GLU F 10 -46.66 18.44 77.41
C GLU F 10 -45.23 18.27 76.95
N SER F 11 -44.70 19.16 76.10
CA SER F 11 -43.34 19.03 75.62
C SER F 11 -42.35 19.41 76.71
N LYS F 12 -41.33 18.58 76.90
CA LYS F 12 -40.31 18.86 77.91
C LYS F 12 -39.35 19.93 77.43
N ALA F 13 -39.08 19.96 76.11
CA ALA F 13 -38.18 20.97 75.57
C ALA F 13 -38.82 22.35 75.64
N TYR F 14 -40.14 22.43 75.56
CA TYR F 14 -40.84 23.71 75.66
C TYR F 14 -40.65 24.32 77.04
N ALA F 15 -40.88 23.51 78.08
CA ALA F 15 -40.70 23.97 79.45
C ALA F 15 -39.24 24.27 79.72
N LYS F 16 -38.34 23.48 79.12
CA LYS F 16 -36.91 23.70 79.29
C LYS F 16 -36.50 25.04 78.69
N LEU F 17 -37.05 25.37 77.51
CA LEU F 17 -36.75 26.64 76.87
C LEU F 17 -37.29 27.80 77.69
N GLU F 18 -38.48 27.62 78.28
CA GLU F 18 -39.05 28.67 79.12
C GLU F 18 -38.17 28.90 80.34
N LYS F 19 -37.68 27.81 80.94
CA LYS F 19 -36.80 27.91 82.09
C LYS F 19 -35.48 28.57 81.71
N LYS F 20 -34.97 28.28 80.51
CA LYS F 20 -33.71 28.87 80.06
C LYS F 20 -33.85 30.38 79.87
N GLU F 21 -34.96 30.81 79.25
CA GLU F 21 -35.19 32.24 79.05
C GLU F 21 -35.36 32.97 80.37
N LEU F 22 -36.13 32.37 81.28
CA LEU F 22 -36.32 32.99 82.59
C LEU F 22 -35.01 33.00 83.38
N LYS F 23 -34.17 31.99 83.17
CA LYS F 23 -32.89 31.90 83.87
C LYS F 23 -31.93 33.00 83.40
N THR F 24 -31.85 33.23 82.09
CA THR F 24 -30.95 34.29 81.62
C THR F 24 -31.48 35.67 82.03
N LEU F 25 -32.81 35.85 82.02
CA LEU F 25 -33.36 37.13 82.46
C LEU F 25 -33.10 37.36 83.95
N GLU F 26 -33.26 36.31 84.77
CA GLU F 26 -33.01 36.42 86.20
C GLU F 26 -31.54 36.66 86.47
N LYS F 27 -30.66 36.04 85.67
CA LYS F 27 -29.23 36.24 85.83
C LYS F 27 -28.85 37.68 85.54
N ARG F 28 -29.48 38.28 84.52
CA ARG F 28 -29.22 39.69 84.22
C ARG F 28 -29.78 40.58 85.32
N LEU F 29 -30.92 40.19 85.89
CA LEU F 29 -31.57 40.97 86.94
C LEU F 29 -30.81 40.91 88.27
N LYS F 30 -30.04 39.85 88.51
CA LYS F 30 -29.29 39.69 89.75
C LYS F 30 -28.23 40.76 89.98
N GLN F 31 -27.83 41.49 88.94
CA GLN F 31 -26.80 42.53 89.08
C GLN F 31 -27.35 43.91 89.42
N TYR F 32 -28.66 44.09 89.43
CA TYR F 32 -29.27 45.38 89.72
C TYR F 32 -29.87 45.40 91.12
N GLU F 33 -30.51 46.53 91.44
CA GLU F 33 -31.15 46.71 92.73
C GLU F 33 -32.53 46.05 92.71
N ALA F 34 -33.37 46.36 93.71
CA ALA F 34 -34.70 45.78 93.77
C ALA F 34 -35.81 46.79 93.49
N ASP F 35 -35.50 48.08 93.47
CA ASP F 35 -36.51 49.10 93.20
C ASP F 35 -35.98 50.15 92.24
N SER F 36 -35.32 49.71 91.19
CA SER F 36 -34.76 50.60 90.17
C SER F 36 -35.43 50.35 88.83
N ALA F 37 -35.17 51.25 87.88
CA ALA F 37 -35.75 51.11 86.54
C ALA F 37 -35.31 49.84 85.82
N PRO F 38 -34.01 49.44 85.79
CA PRO F 38 -33.68 48.18 85.10
C PRO F 38 -34.31 46.96 85.75
N ALA F 39 -34.47 46.97 87.08
CA ALA F 39 -35.09 45.85 87.77
C ALA F 39 -36.56 45.73 87.40
N VAL F 40 -37.27 46.86 87.34
CA VAL F 40 -38.68 46.85 86.96
C VAL F 40 -38.85 46.42 85.51
N ALA F 41 -37.96 46.90 84.63
CA ALA F 41 -38.03 46.52 83.22
C ALA F 41 -37.76 45.04 83.03
N LEU F 42 -36.77 44.50 83.74
CA LEU F 42 -36.46 43.08 83.64
C LEU F 42 -37.59 42.23 84.20
N LYS F 43 -38.21 42.69 85.29
CA LYS F 43 -39.33 41.95 85.86
C LYS F 43 -40.52 41.96 84.90
N ALA F 44 -40.73 43.09 84.22
CA ALA F 44 -41.81 43.18 83.25
C ALA F 44 -41.55 42.24 82.08
N THR F 45 -40.29 42.14 81.64
CA THR F 45 -39.94 41.24 80.56
C THR F 45 -40.15 39.78 80.98
N MET F 46 -39.81 39.47 82.24
CA MET F 46 -40.01 38.10 82.75
C MET F 46 -41.49 37.75 82.80
N GLU F 47 -42.33 38.69 83.25
CA GLU F 47 -43.76 38.45 83.31
C GLU F 47 -44.33 38.29 81.90
N ARG F 48 -43.81 39.07 80.94
CA ARG F 48 -44.26 38.94 79.56
C ARG F 48 -43.88 37.59 78.98
N THR F 49 -42.68 37.10 79.33
CA THR F 49 -42.23 35.80 78.85
C THR F 49 -43.09 34.69 79.41
N LYS F 50 -43.40 34.75 80.72
CA LYS F 50 -44.25 33.74 81.34
C LYS F 50 -45.65 33.75 80.75
N ALA F 51 -46.20 34.95 80.52
CA ALA F 51 -47.54 35.06 79.93
C ALA F 51 -47.54 34.55 78.50
N ARG F 52 -46.48 34.82 77.75
CA ARG F 52 -46.41 34.36 76.36
C ARG F 52 -46.34 32.84 76.29
N PHE F 53 -45.54 32.22 77.16
CA PHE F 53 -45.43 30.77 77.16
C PHE F 53 -46.75 30.13 77.58
N ALA F 54 -47.41 30.70 78.61
CA ALA F 54 -48.69 30.15 79.06
C ALA F 54 -49.77 30.34 78.00
N ASN F 55 -49.74 31.46 77.28
CA ASN F 55 -50.74 31.71 76.24
C ASN F 55 -50.52 30.81 75.04
N TYR F 56 -49.26 30.51 74.70
CA TYR F 56 -48.99 29.64 73.57
C TYR F 56 -49.37 28.20 73.91
N ALA F 57 -49.16 27.81 75.17
CA ALA F 57 -49.54 26.45 75.56
C ALA F 57 -51.06 26.33 75.68
N LYS F 58 -51.72 27.42 76.11
CA LYS F 58 -53.17 27.42 76.25
C LYS F 58 -53.86 27.39 74.89
N ALA F 59 -53.22 27.95 73.86
CA ALA F 59 -53.79 27.98 72.53
C ALA F 59 -53.83 26.61 71.86
N GLY F 60 -53.14 25.62 72.42
CA GLY F 60 -53.13 24.29 71.83
C GLY F 60 -52.15 24.08 70.71
N LEU F 61 -51.08 24.88 70.66
CA LEU F 61 -50.09 24.73 69.61
C LEU F 61 -49.30 23.45 69.78
N LEU F 62 -48.81 22.93 68.65
CA LEU F 62 -48.03 21.70 68.62
C LEU F 62 -46.55 22.04 68.57
N CYS F 63 -45.77 21.41 69.43
CA CYS F 63 -44.33 21.64 69.49
C CYS F 63 -43.58 20.42 68.98
N GLY F 64 -42.45 20.66 68.32
CA GLY F 64 -41.61 19.62 67.78
C GLY F 64 -40.58 19.15 68.79
N ASN F 65 -39.54 18.50 68.26
CA ASN F 65 -38.46 18.00 69.12
C ASN F 65 -37.62 19.15 69.67
N ASP F 66 -37.70 20.32 69.07
CA ASP F 66 -36.95 21.50 69.50
C ASP F 66 -37.70 22.30 70.55
N GLY F 67 -38.95 21.96 70.84
CA GLY F 67 -39.73 22.68 71.82
C GLY F 67 -40.36 23.96 71.32
N LEU F 68 -40.33 24.21 70.02
CA LEU F 68 -40.91 25.41 69.43
C LEU F 68 -42.24 25.08 68.76
N PRO F 69 -43.20 26.02 68.79
CA PRO F 69 -44.50 25.76 68.17
C PRO F 69 -44.40 25.58 66.66
N HIS F 70 -45.25 24.70 66.14
CA HIS F 70 -45.32 24.39 64.73
C HIS F 70 -46.74 24.67 64.24
N LEU F 71 -46.84 25.32 63.09
CA LEU F 71 -48.13 25.68 62.53
C LEU F 71 -48.62 24.64 61.52
N ILE F 72 -49.93 24.50 61.45
CA ILE F 72 -50.60 23.56 60.55
C ILE F 72 -51.28 24.38 59.46
N ALA F 73 -50.85 24.18 58.21
CA ALA F 73 -51.42 24.92 57.09
C ALA F 73 -52.51 24.18 56.34
N ASP F 74 -52.65 22.88 56.55
CA ASP F 74 -53.69 22.13 55.85
C ASP F 74 -55.05 22.43 56.46
N PRO F 75 -56.03 22.86 55.66
CA PRO F 75 -57.35 23.18 56.24
C PRO F 75 -58.04 21.98 56.88
N GLY F 76 -57.86 20.78 56.33
CA GLY F 76 -58.50 19.61 56.91
C GLY F 76 -57.97 19.28 58.29
N LEU F 77 -56.64 19.25 58.44
CA LEU F 77 -56.05 18.95 59.75
C LEU F 77 -56.32 20.05 60.74
N ALA F 78 -56.27 21.31 60.29
CA ALA F 78 -56.53 22.45 61.17
C ALA F 78 -57.96 22.45 61.67
N LEU F 79 -58.92 22.15 60.80
CA LEU F 79 -60.31 22.12 61.22
C LEU F 79 -60.69 20.86 61.97
N LYS F 80 -59.93 19.77 61.79
CA LYS F 80 -60.22 18.53 62.50
C LYS F 80 -59.58 18.46 63.88
N TYR F 81 -58.44 19.11 64.10
CA TYR F 81 -57.78 19.04 65.40
C TYR F 81 -57.73 20.40 66.11
N GLY F 82 -58.59 21.34 65.73
CA GLY F 82 -58.63 22.64 66.37
C GLY F 82 -57.41 23.52 66.17
N HIS F 83 -56.91 23.60 64.94
CA HIS F 83 -55.75 24.43 64.62
C HIS F 83 -56.08 25.48 63.56
N ALA F 84 -57.36 25.83 63.41
CA ALA F 84 -57.76 26.82 62.41
C ALA F 84 -57.25 28.22 62.72
N GLY F 85 -56.88 28.50 63.96
CA GLY F 85 -56.37 29.82 64.30
C GLY F 85 -54.96 30.08 63.85
N GLU F 86 -54.24 29.04 63.41
CA GLU F 86 -52.87 29.22 62.95
C GLU F 86 -52.83 29.69 61.49
N VAL F 87 -53.31 28.85 60.57
CA VAL F 87 -53.33 29.18 59.15
C VAL F 87 -54.69 28.76 58.58
N PHE F 88 -55.63 29.71 58.51
CA PHE F 88 -57.00 29.58 57.99
C PHE F 88 -57.70 30.90 58.28
N ILE F 89 -57.94 31.15 59.56
CA ILE F 89 -58.54 32.42 59.97
C ILE F 89 -57.62 33.59 59.64
N PRO F 90 -56.29 33.55 59.90
CA PRO F 90 -55.45 34.67 59.46
C PRO F 90 -55.40 34.78 57.95
N THR F 91 -55.57 33.67 57.25
CA THR F 91 -55.59 33.68 55.79
C THR F 91 -56.77 34.52 55.29
N PHE F 92 -57.96 34.24 55.83
CA PHE F 92 -59.14 35.00 55.42
C PHE F 92 -59.06 36.44 55.90
N GLY F 93 -58.42 36.68 57.05
CA GLY F 93 -58.26 38.04 57.53
C GLY F 93 -57.38 38.86 56.60
N PHE F 94 -56.27 38.26 56.17
CA PHE F 94 -55.41 38.96 55.23
C PHE F 94 -56.11 39.18 53.91
N LEU F 95 -56.87 38.18 53.45
CA LEU F 95 -57.57 38.31 52.19
C LEU F 95 -58.56 39.48 52.24
N TYR F 96 -59.26 39.62 53.37
CA TYR F 96 -60.20 40.72 53.53
C TYR F 96 -59.49 42.08 53.51
N VAL F 97 -58.42 42.23 54.28
CA VAL F 97 -57.73 43.54 54.31
C VAL F 97 -57.03 43.84 52.99
N ALA F 98 -56.42 42.84 52.36
CA ALA F 98 -55.73 43.05 51.09
C ALA F 98 -56.72 43.42 49.98
N GLY F 99 -57.85 42.70 49.91
CA GLY F 99 -58.84 43.02 48.92
C GLY F 99 -59.47 44.37 49.20
N TYR F 100 -59.53 44.75 50.48
CA TYR F 100 -60.05 46.05 50.89
C TYR F 100 -59.19 47.15 50.28
N ILE F 101 -57.87 47.04 50.47
CA ILE F 101 -56.92 48.02 49.97
C ILE F 101 -56.96 48.08 48.44
N GLY F 102 -56.94 46.91 47.80
CA GLY F 102 -56.97 46.87 46.34
C GLY F 102 -58.25 47.44 45.76
N TYR F 103 -59.40 47.15 46.38
CA TYR F 103 -60.66 47.68 45.90
C TYR F 103 -60.75 49.18 46.07
N VAL F 104 -60.27 49.70 47.21
CA VAL F 104 -60.30 51.14 47.45
C VAL F 104 -59.41 51.86 46.43
N GLY F 105 -58.23 51.30 46.17
CA GLY F 105 -57.34 51.92 45.19
C GLY F 105 -57.91 51.88 43.79
N ARG F 106 -58.53 50.76 43.41
CA ARG F 106 -59.14 50.65 42.09
C ARG F 106 -60.29 51.63 41.94
N GLN F 107 -61.10 51.78 42.99
CA GLN F 107 -62.22 52.72 42.94
C GLN F 107 -61.71 54.15 42.81
N TYR F 108 -60.61 54.47 43.50
CA TYR F 108 -60.05 55.82 43.39
C TYR F 108 -59.53 56.09 41.98
N LEU F 109 -58.88 55.09 41.38
CA LEU F 109 -58.36 55.26 40.02
C LEU F 109 -59.49 55.45 39.02
N ILE F 110 -60.56 54.65 39.15
CA ILE F 110 -61.70 54.76 38.24
C ILE F 110 -62.40 56.10 38.44
N ALA F 111 -62.46 56.58 39.69
CA ALA F 111 -63.12 57.85 39.97
C ALA F 111 -62.34 59.02 39.40
N VAL F 112 -61.02 59.04 39.56
CA VAL F 112 -60.23 60.16 39.05
C VAL F 112 -59.89 60.04 37.57
N LYS F 113 -60.15 58.89 36.94
CA LYS F 113 -59.83 58.74 35.53
C LYS F 113 -60.75 59.56 34.63
N GLY F 114 -61.93 59.93 35.10
CA GLY F 114 -62.87 60.68 34.29
C GLY F 114 -62.79 62.19 34.47
N GLU F 115 -61.68 62.68 35.02
CA GLU F 115 -61.51 64.10 35.26
C GLU F 115 -60.64 64.74 34.18
N ALA F 116 -60.33 66.02 34.36
CA ALA F 116 -59.53 66.76 33.38
C ALA F 116 -58.07 66.31 33.40
N LYS F 117 -57.46 66.23 34.58
CA LYS F 117 -56.07 65.84 34.74
C LYS F 117 -55.98 64.72 35.78
N PRO F 118 -56.16 63.47 35.38
CA PRO F 118 -56.07 62.35 36.34
C PRO F 118 -54.69 62.20 36.97
N THR F 119 -53.63 62.54 36.23
CA THR F 119 -52.27 62.45 36.76
C THR F 119 -52.09 63.40 37.94
N ASP F 120 -52.70 64.58 37.86
CA ASP F 120 -52.62 65.56 38.95
C ASP F 120 -53.26 64.99 40.20
N LYS F 121 -54.36 64.25 40.06
CA LYS F 121 -55.00 63.63 41.20
C LYS F 121 -54.19 62.44 41.68
N GLU F 122 -53.35 61.87 40.81
CA GLU F 122 -52.52 60.75 41.21
C GLU F 122 -51.34 61.22 42.04
N ILE F 123 -50.81 62.41 41.76
CA ILE F 123 -49.68 62.88 42.57
C ILE F 123 -50.19 63.65 43.80
N ILE F 124 -51.25 64.41 43.65
CA ILE F 124 -51.86 65.16 44.75
C ILE F 124 -53.16 64.44 45.08
N ILE F 125 -53.14 63.66 46.16
CA ILE F 125 -54.28 62.86 46.56
C ILE F 125 -55.47 63.72 46.99
N ASP F 126 -56.63 63.42 46.43
CA ASP F 126 -57.87 64.10 46.79
C ASP F 126 -58.32 63.43 48.08
N VAL F 127 -58.04 64.07 49.21
CA VAL F 127 -58.36 63.49 50.52
C VAL F 127 -59.85 63.22 50.74
N PRO F 128 -60.79 64.13 50.40
CA PRO F 128 -62.22 63.78 50.64
C PRO F 128 -62.70 62.57 49.85
N LEU F 129 -62.33 62.48 48.58
CA LEU F 129 -62.73 61.33 47.77
C LEU F 129 -62.08 60.05 48.27
N ALA F 130 -60.80 60.12 48.65
CA ALA F 130 -60.08 58.96 49.15
C ALA F 130 -60.68 58.48 50.48
N THR F 131 -61.05 59.41 51.35
CA THR F 131 -61.66 59.04 52.63
C THR F 131 -63.03 58.42 52.43
N LYS F 132 -63.83 58.98 51.51
CA LYS F 132 -65.15 58.42 51.24
C LYS F 132 -65.04 57.02 50.67
N LEU F 133 -64.10 56.80 49.74
CA LEU F 133 -63.92 55.48 49.16
C LEU F 133 -63.36 54.49 50.19
N ALA F 134 -62.49 54.98 51.08
CA ALA F 134 -61.92 54.12 52.11
C ALA F 134 -63.01 53.66 53.08
N TRP F 135 -63.96 54.54 53.39
CA TRP F 135 -65.05 54.14 54.27
C TRP F 135 -66.03 53.23 53.55
N GLN F 136 -66.28 53.48 52.26
CA GLN F 136 -67.21 52.66 51.50
C GLN F 136 -66.63 51.33 51.08
N GLY F 137 -65.33 51.11 51.26
CA GLY F 137 -64.73 49.85 50.87
C GLY F 137 -64.97 48.68 51.82
N ALA F 138 -65.80 48.85 52.85
CA ALA F 138 -66.06 47.76 53.79
C ALA F 138 -66.80 46.61 53.12
N GLY F 139 -67.60 46.91 52.10
CA GLY F 139 -68.33 45.88 51.39
C GLY F 139 -67.64 45.47 50.12
N TRP F 140 -66.31 45.47 50.13
CA TRP F 140 -65.54 45.10 48.94
C TRP F 140 -65.82 43.69 48.40
N PRO F 141 -66.01 42.62 49.20
CA PRO F 141 -66.26 41.31 48.56
C PRO F 141 -67.59 41.25 47.83
N LEU F 142 -68.66 41.81 48.43
CA LEU F 142 -69.97 41.82 47.78
C LEU F 142 -69.94 42.66 46.51
N ALA F 143 -69.31 43.84 46.59
CA ALA F 143 -69.22 44.72 45.43
C ALA F 143 -68.37 44.09 44.32
N ALA F 144 -67.29 43.41 44.70
CA ALA F 144 -66.43 42.76 43.72
C ALA F 144 -67.15 41.61 43.03
N VAL F 145 -67.92 40.82 43.80
CA VAL F 145 -68.68 39.71 43.21
C VAL F 145 -69.74 40.26 42.26
N GLN F 146 -70.39 41.37 42.65
CA GLN F 146 -71.40 41.98 41.78
C GLN F 146 -70.77 42.52 40.50
N GLU F 147 -69.58 43.13 40.62
CA GLU F 147 -68.91 43.66 39.43
C GLU F 147 -68.48 42.53 38.51
N LEU F 148 -68.04 41.41 39.08
CA LEU F 148 -67.63 40.27 38.27
C LEU F 148 -68.83 39.63 37.57
N GLN F 149 -69.97 39.56 38.26
CA GLN F 149 -71.16 38.96 37.67
C GLN F 149 -71.77 39.83 36.58
N ARG F 150 -71.64 41.15 36.68
CA ARG F 150 -72.18 42.04 35.66
C ARG F 150 -71.26 42.20 34.46
N GLY F 151 -70.02 41.71 34.54
CA GLY F 151 -69.08 41.83 33.44
C GLY F 151 -68.36 43.15 33.38
N THR F 152 -68.48 44.00 34.39
CA THR F 152 -67.81 45.31 34.42
C THR F 152 -66.48 45.27 35.14
N LEU F 153 -66.06 44.11 35.66
CA LEU F 153 -64.79 44.03 36.36
C LEU F 153 -63.60 44.00 35.41
N LEU F 154 -63.75 43.32 34.27
CA LEU F 154 -62.69 43.20 33.29
C LEU F 154 -62.91 44.12 32.10
N GLU F 155 -61.82 44.33 31.37
CA GLU F 155 -61.80 45.14 30.16
C GLU F 155 -61.71 44.21 28.95
N LYS F 156 -62.34 44.61 27.85
CA LYS F 156 -62.33 43.80 26.64
C LYS F 156 -60.92 43.73 26.05
N GLU F 157 -60.67 42.64 25.32
CA GLU F 157 -59.36 42.43 24.72
C GLU F 157 -59.05 43.48 23.64
N GLU F 158 -60.09 43.97 22.95
CA GLU F 158 -59.89 44.96 21.90
C GLU F 158 -59.52 46.34 22.44
N ASN F 159 -59.68 46.58 23.73
CA ASN F 159 -59.36 47.87 24.33
C ASN F 159 -58.04 47.87 25.10
N ILE F 160 -57.26 46.79 25.01
CA ILE F 160 -55.98 46.67 25.69
C ILE F 160 -54.88 46.55 24.66
N THR F 161 -53.85 47.37 24.80
CA THR F 161 -52.73 47.35 23.85
C THR F 161 -51.85 46.12 24.04
N VAL F 162 -51.31 45.63 22.93
CA VAL F 162 -50.43 44.46 22.91
C VAL F 162 -49.30 44.69 21.91
N SER F 163 -48.26 43.89 22.07
CA SER F 163 -47.09 43.96 21.21
C SER F 163 -47.40 43.39 19.82
N PRO F 164 -46.57 43.69 18.81
CA PRO F 164 -46.84 43.16 17.46
C PRO F 164 -46.57 41.67 17.28
N ARG F 165 -46.37 40.90 18.35
CA ARG F 165 -46.11 39.45 18.32
C ARG F 165 -44.86 39.05 17.53
N LEU G 1 -47.99 -25.61 33.30
CA LEU G 1 -48.58 -24.99 32.11
C LEU G 1 -47.74 -25.28 30.88
N ASP G 2 -48.38 -25.81 29.84
CA ASP G 2 -47.69 -26.14 28.61
C ASP G 2 -47.31 -24.84 27.90
N PRO G 3 -46.02 -24.57 27.70
CA PRO G 3 -45.63 -23.32 27.02
C PRO G 3 -46.02 -23.31 25.56
N GLN G 4 -45.90 -24.45 24.89
CA GLN G 4 -46.23 -24.55 23.48
C GLN G 4 -47.70 -24.28 23.22
N ILE G 5 -48.58 -24.83 24.06
CA ILE G 5 -50.01 -24.63 23.91
C ILE G 5 -50.39 -23.17 24.11
N VAL G 6 -49.84 -22.55 25.16
CA VAL G 6 -50.15 -21.14 25.46
C VAL G 6 -49.64 -20.22 24.36
N ILE G 7 -48.40 -20.42 23.91
CA ILE G 7 -47.82 -19.57 22.87
C ILE G 7 -48.57 -19.75 21.56
N SER G 8 -48.85 -21.00 21.18
CA SER G 8 -49.57 -21.28 19.94
C SER G 8 -50.98 -20.70 19.97
N GLY G 9 -51.68 -20.85 21.10
CA GLY G 9 -53.02 -20.32 21.20
C GLY G 9 -53.05 -18.80 21.16
N SER G 10 -52.12 -18.15 21.87
CA SER G 10 -52.08 -16.70 21.86
C SER G 10 -51.75 -16.15 20.47
N THR G 11 -50.79 -16.78 19.79
CA THR G 11 -50.42 -16.33 18.45
C THR G 11 -51.56 -16.54 17.46
N ALA G 12 -52.23 -17.70 17.54
CA ALA G 12 -53.35 -17.97 16.64
C ALA G 12 -54.51 -17.04 16.91
N ALA G 13 -54.78 -16.74 18.19
CA ALA G 13 -55.86 -15.83 18.54
C ALA G 13 -55.59 -14.42 18.05
N PHE G 14 -54.36 -13.93 18.22
CA PHE G 14 -54.06 -12.58 17.75
C PHE G 14 -54.07 -12.51 16.23
N LEU G 15 -53.61 -13.58 15.56
CA LEU G 15 -53.65 -13.58 14.10
C LEU G 15 -55.09 -13.62 13.60
N ALA G 16 -55.96 -14.34 14.31
CA ALA G 16 -57.37 -14.41 13.93
C ALA G 16 -58.07 -13.08 14.13
N ILE G 17 -57.80 -12.39 15.24
CA ILE G 17 -58.45 -11.09 15.45
C ILE G 17 -57.82 -10.04 14.54
N GLY G 18 -56.60 -10.28 14.05
CA GLY G 18 -56.00 -9.32 13.14
C GLY G 18 -56.38 -9.52 11.70
N ARG G 19 -56.83 -10.73 11.35
CA ARG G 19 -57.23 -11.05 9.99
C ARG G 19 -58.75 -10.95 9.79
N PHE G 20 -59.55 -11.30 10.80
CA PHE G 20 -60.99 -11.25 10.67
C PHE G 20 -61.70 -10.16 11.48
N VAL G 21 -61.02 -9.45 12.37
CA VAL G 21 -61.71 -8.44 13.16
C VAL G 21 -61.16 -7.03 12.95
N PHE G 22 -59.88 -6.81 13.24
CA PHE G 22 -59.28 -5.49 13.15
C PHE G 22 -58.56 -5.23 11.83
N LEU G 23 -58.77 -6.04 10.79
CA LEU G 23 -58.06 -5.80 9.54
C LEU G 23 -58.63 -4.57 8.82
N GLY G 24 -59.96 -4.44 8.79
CA GLY G 24 -60.58 -3.30 8.13
C GLY G 24 -60.27 -1.99 8.84
N TYR G 25 -60.31 -2.00 10.17
CA TYR G 25 -60.01 -0.81 10.94
C TYR G 25 -58.55 -0.41 10.76
N GLN G 26 -57.64 -1.38 10.75
CA GLN G 26 -56.22 -1.08 10.55
C GLN G 26 -55.97 -0.55 9.16
N ARG G 27 -56.63 -1.12 8.14
CA ARG G 27 -56.44 -0.65 6.78
C ARG G 27 -56.98 0.76 6.61
N ARG G 28 -58.11 1.07 7.26
CA ARG G 28 -58.66 2.41 7.18
C ARG G 28 -57.77 3.41 7.90
N GLU G 29 -57.16 2.99 9.02
CA GLU G 29 -56.28 3.89 9.75
C GLU G 29 -54.92 4.05 9.07
N ALA G 30 -54.45 3.01 8.38
CA ALA G 30 -53.16 3.10 7.70
C ALA G 30 -53.24 3.97 6.46
N ASN G 31 -54.38 3.94 5.76
CA ASN G 31 -54.52 4.76 4.57
C ASN G 31 -54.75 6.22 4.93
N PHE G 32 -55.44 6.47 6.05
CA PHE G 32 -55.69 7.83 6.51
C PHE G 32 -54.50 8.41 7.24
N ASP G 33 -53.44 7.61 7.44
CA ASP G 33 -52.24 8.04 8.13
C ASP G 33 -51.40 9.03 7.31
N SER G 34 -51.73 9.24 6.04
CA SER G 34 -50.98 10.17 5.19
C SER G 34 -51.11 11.62 5.68
N ASN G 52 -39.58 6.13 -0.78
CA ASN G 52 -39.22 4.79 -1.21
C ASN G 52 -40.00 3.76 -0.40
N SER G 53 -40.48 2.71 -1.06
CA SER G 53 -41.24 1.67 -0.37
C SER G 53 -41.22 0.40 -1.21
N THR G 54 -41.53 -0.72 -0.54
CA THR G 54 -41.59 -2.03 -1.18
C THR G 54 -43.00 -2.57 -1.01
N ILE G 55 -43.61 -2.98 -2.13
CA ILE G 55 -44.97 -3.50 -2.10
C ILE G 55 -44.92 -4.98 -1.77
N PHE G 56 -45.41 -5.34 -0.60
CA PHE G 56 -45.44 -6.75 -0.16
C PHE G 56 -46.76 -7.38 -0.57
N ALA G 57 -46.93 -7.52 -1.87
CA ALA G 57 -48.15 -8.10 -2.42
C ALA G 57 -48.25 -9.57 -2.05
N THR G 58 -49.45 -9.99 -1.64
CA THR G 58 -49.70 -11.36 -1.26
C THR G 58 -50.98 -11.84 -1.92
N ASN G 59 -51.11 -13.17 -2.00
CA ASN G 59 -52.28 -13.78 -2.61
C ASN G 59 -53.43 -13.92 -1.63
N ASP G 60 -53.31 -13.38 -0.43
CA ASP G 60 -54.38 -13.45 0.55
C ASP G 60 -55.56 -12.63 0.04
N PRO G 61 -56.79 -13.18 0.04
CA PRO G 61 -57.93 -12.41 -0.47
C PRO G 61 -58.26 -11.16 0.31
N ALA G 62 -57.83 -11.06 1.57
CA ALA G 62 -58.11 -9.88 2.37
C ALA G 62 -56.94 -8.92 2.44
N GLY G 63 -55.83 -9.21 1.77
CA GLY G 63 -54.68 -8.34 1.78
C GLY G 63 -53.78 -8.47 2.99
N PHE G 64 -53.95 -9.53 3.78
CA PHE G 64 -53.14 -9.78 4.97
C PHE G 64 -51.77 -10.25 4.51
N ASN G 65 -50.79 -9.35 4.53
CA ASN G 65 -49.45 -9.66 4.06
C ASN G 65 -48.52 -10.17 5.16
N ILE G 66 -47.25 -10.31 4.79
CA ILE G 66 -46.21 -10.82 5.69
C ILE G 66 -45.94 -9.84 6.83
N ILE G 67 -46.01 -8.53 6.56
CA ILE G 67 -45.76 -7.54 7.61
C ILE G 67 -46.84 -7.61 8.67
N ASP G 68 -48.10 -7.78 8.25
CA ASP G 68 -49.20 -7.90 9.20
C ASP G 68 -49.05 -9.18 10.00
N VAL G 69 -48.56 -10.25 9.36
CA VAL G 69 -48.34 -11.51 10.04
C VAL G 69 -47.31 -11.33 11.14
N ALA G 70 -46.22 -10.63 10.82
CA ALA G 70 -45.16 -10.40 11.80
C ALA G 70 -45.66 -9.53 12.95
N GLY G 71 -46.43 -8.47 12.65
CA GLY G 71 -46.92 -7.61 13.72
C GLY G 71 -47.90 -8.31 14.66
N TRP G 72 -48.87 -9.01 14.09
CA TRP G 72 -49.85 -9.71 14.93
C TRP G 72 -49.21 -10.88 15.66
N GLY G 73 -48.25 -11.56 15.02
CA GLY G 73 -47.56 -12.64 15.69
C GLY G 73 -46.71 -12.13 16.83
N ALA G 74 -46.14 -10.93 16.68
CA ALA G 74 -45.35 -10.32 17.73
C ALA G 74 -46.23 -9.99 18.93
N LEU G 75 -47.41 -9.42 18.66
CA LEU G 75 -48.33 -9.10 19.75
C LEU G 75 -48.80 -10.37 20.47
N GLY G 76 -49.08 -11.42 19.69
CA GLY G 76 -49.51 -12.68 20.28
C GLY G 76 -48.42 -13.32 21.11
N HIS G 77 -47.17 -13.24 20.65
CA HIS G 77 -46.05 -13.81 21.39
C HIS G 77 -45.83 -13.05 22.70
N ALA G 78 -45.94 -11.72 22.65
CA ALA G 78 -45.77 -10.93 23.86
C ALA G 78 -46.85 -11.25 24.88
N VAL G 79 -48.10 -11.38 24.42
CA VAL G 79 -49.21 -11.71 25.32
C VAL G 79 -49.03 -13.11 25.91
N GLY G 80 -48.66 -14.08 25.05
CA GLY G 80 -48.46 -15.44 25.53
C GLY G 80 -47.33 -15.56 26.53
N PHE G 81 -46.21 -14.87 26.29
CA PHE G 81 -45.10 -14.95 27.22
C PHE G 81 -45.43 -14.21 28.51
N ALA G 82 -46.24 -13.15 28.44
CA ALA G 82 -46.64 -12.45 29.65
C ALA G 82 -47.54 -13.35 30.51
N VAL G 83 -48.45 -14.08 29.85
CA VAL G 83 -49.33 -15.00 30.55
C VAL G 83 -48.53 -16.13 31.19
N LEU G 84 -47.57 -16.68 30.44
CA LEU G 84 -46.73 -17.75 30.95
C LEU G 84 -45.89 -17.28 32.13
N ALA G 85 -45.39 -16.04 32.05
CA ALA G 85 -44.58 -15.47 33.12
C ALA G 85 -45.39 -15.28 34.40
N ILE G 86 -46.60 -14.72 34.26
CA ILE G 86 -47.48 -14.51 35.40
C ILE G 86 -47.86 -15.84 36.04
N ASN G 87 -48.14 -16.85 35.20
CA ASN G 87 -48.48 -18.16 35.74
C ASN G 87 -47.28 -18.81 36.41
N SER G 88 -46.07 -18.52 35.91
CA SER G 88 -44.87 -19.09 36.51
C SER G 88 -44.59 -18.47 37.88
N LEU G 89 -44.99 -17.22 38.07
CA LEU G 89 -44.79 -16.55 39.36
C LEU G 89 -45.60 -17.19 40.48
N GLN G 90 -46.60 -18.02 40.14
CA GLN G 90 -47.47 -18.72 41.09
C GLN G 90 -48.24 -17.74 41.96
N GLY G 91 -48.97 -16.84 41.32
CA GLY G 91 -49.75 -15.83 42.00
C GLY G 91 -50.77 -15.17 41.10
N PRO H 1 0.87 -4.58 28.58
CA PRO H 1 0.90 -4.05 29.95
C PRO H 1 0.43 -2.61 30.03
N PHE H 2 0.82 -1.80 29.04
CA PHE H 2 0.50 -0.39 28.86
C PHE H 2 1.00 0.50 29.99
N VAL H 3 1.85 0.01 30.90
CA VAL H 3 2.33 0.85 31.99
C VAL H 3 3.43 1.78 31.46
N PRO H 4 3.30 3.08 31.65
CA PRO H 4 4.34 4.00 31.17
C PRO H 4 5.54 3.98 32.11
N PRO H 5 6.70 4.44 31.65
CA PRO H 5 7.88 4.43 32.52
C PRO H 5 7.75 5.40 33.69
N SER H 6 8.71 5.30 34.60
CA SER H 6 8.71 6.16 35.77
C SER H 6 9.01 7.60 35.39
N TRP H 7 9.83 7.80 34.35
CA TRP H 7 10.19 9.14 33.89
C TRP H 7 9.17 9.74 32.94
N ALA H 8 8.07 9.04 32.67
CA ALA H 8 7.05 9.57 31.75
C ALA H 8 6.44 10.90 32.22
N PRO H 9 6.08 11.12 33.49
CA PRO H 9 5.54 12.44 33.84
C PRO H 9 6.55 13.57 33.72
N SER H 10 7.82 13.30 34.06
CA SER H 10 8.86 14.31 33.98
C SER H 10 9.13 14.77 32.55
N VAL H 11 8.66 14.02 31.55
CA VAL H 11 8.83 14.39 30.17
C VAL H 11 7.53 14.88 29.56
N PHE H 12 6.40 14.26 29.86
CA PHE H 12 5.11 14.65 29.30
C PHE H 12 4.51 15.89 29.92
N VAL H 13 4.63 16.08 31.24
CA VAL H 13 4.09 17.30 31.86
C VAL H 13 4.80 18.55 31.35
N PRO H 14 6.14 18.62 31.27
CA PRO H 14 6.74 19.84 30.70
C PRO H 14 6.43 20.00 29.23
N LEU H 15 6.28 18.90 28.50
CA LEU H 15 5.95 18.95 27.08
C LEU H 15 4.58 19.60 26.88
N THR H 16 3.54 18.97 27.44
CA THR H 16 2.17 19.45 27.34
C THR H 16 1.98 20.82 28.00
N GLY H 17 2.84 21.18 28.95
CA GLY H 17 2.67 22.46 29.59
C GLY H 17 3.43 23.62 28.96
N LEU H 18 4.56 23.36 28.29
CA LEU H 18 5.33 24.45 27.73
C LEU H 18 5.69 24.30 26.25
N VAL H 19 6.04 23.10 25.80
CA VAL H 19 6.45 22.93 24.40
C VAL H 19 5.24 22.94 23.48
N LEU H 20 4.28 22.07 23.75
CA LEU H 20 3.07 22.01 22.92
C LEU H 20 2.28 23.32 22.94
N PRO H 21 2.04 24.00 24.08
CA PRO H 21 1.29 25.27 24.00
C PRO H 21 2.04 26.35 23.27
N ALA H 22 3.39 26.37 23.35
CA ALA H 22 4.15 27.39 22.64
C ALA H 22 4.04 27.19 21.13
N ILE H 23 4.14 25.94 20.68
CA ILE H 23 4.02 25.62 19.26
C ILE H 23 2.61 25.92 18.77
N ALA H 24 1.60 25.53 19.56
CA ALA H 24 0.22 25.78 19.18
C ALA H 24 -0.09 27.27 19.14
N MET H 25 0.39 28.03 20.12
CA MET H 25 0.15 29.46 20.16
C MET H 25 0.87 30.16 19.01
N ALA H 26 2.09 29.73 18.68
CA ALA H 26 2.83 30.35 17.59
C ALA H 26 2.16 30.07 16.24
N THR H 27 1.76 28.81 16.01
CA THR H 27 1.11 28.46 14.76
C THR H 27 -0.25 29.15 14.64
N LEU H 28 -1.00 29.20 15.74
CA LEU H 28 -2.29 29.87 15.71
C LEU H 28 -2.13 31.37 15.51
N PHE H 29 -1.12 31.96 16.13
CA PHE H 29 -0.89 33.40 15.97
C PHE H 29 -0.52 33.73 14.53
N VAL H 30 0.29 32.87 13.90
CA VAL H 30 0.66 33.12 12.51
C VAL H 30 -0.56 32.94 11.61
N TYR H 31 -1.43 31.98 11.93
CA TYR H 31 -2.62 31.74 11.12
C TYR H 31 -3.64 32.87 11.25
N ILE H 32 -3.80 33.44 12.45
CA ILE H 32 -4.79 34.51 12.63
C ILE H 32 -4.37 35.78 11.88
N GLU H 33 -3.09 36.12 11.91
CA GLU H 33 -2.62 37.32 11.24
C GLU H 33 -2.26 37.13 9.77
N LYS H 34 -2.50 35.96 9.19
CA LYS H 34 -2.15 35.78 7.78
C LYS H 34 -3.13 36.55 6.90
N GLU H 35 -2.60 37.28 5.94
CA GLU H 35 -3.40 38.09 5.03
C GLU H 35 -3.84 37.27 3.83
N ALA H 36 -5.10 37.45 3.43
CA ALA H 36 -5.64 36.73 2.28
C ALA H 36 -5.05 37.28 0.99
N PRO H 37 -4.84 36.43 -0.03
CA PRO H 37 -4.29 36.88 -1.30
C PRO H 37 -5.25 37.77 -2.10
N MET I 1 -54.32 79.15 53.03
CA MET I 1 -54.62 77.90 53.72
C MET I 1 -54.96 76.81 52.70
N LYS I 2 -55.61 77.22 51.61
CA LYS I 2 -55.98 76.27 50.55
C LYS I 2 -54.74 75.66 49.92
N ASP I 3 -53.72 76.48 49.67
CA ASP I 3 -52.48 76.00 49.09
C ASP I 3 -51.75 75.08 50.06
N PHE I 4 -51.80 75.40 51.37
CA PHE I 4 -51.15 74.57 52.37
C PHE I 4 -51.82 73.21 52.46
N THR I 5 -53.15 73.18 52.40
CA THR I 5 -53.85 71.90 52.44
C THR I 5 -53.57 71.10 51.18
N THR I 6 -53.42 71.79 50.05
CA THR I 6 -53.10 71.10 48.80
C THR I 6 -51.70 70.51 48.88
N TYR I 7 -50.78 71.22 49.55
CA TYR I 7 -49.43 70.70 49.73
C TYR I 7 -49.45 69.49 50.64
N LEU I 8 -50.30 69.52 51.68
CA LEU I 8 -50.43 68.39 52.59
C LEU I 8 -51.08 67.21 51.91
N SER I 9 -51.81 67.45 50.82
CA SER I 9 -52.46 66.39 50.06
C SER I 9 -51.55 65.73 49.05
N THR I 10 -50.29 66.17 48.94
CA THR I 10 -49.35 65.57 48.01
C THR I 10 -48.99 64.16 48.45
N ALA I 11 -48.53 63.36 47.48
CA ALA I 11 -48.17 61.95 47.71
C ALA I 11 -47.17 61.70 48.84
N PRO I 12 -46.03 62.45 48.99
CA PRO I 12 -45.11 62.13 50.11
C PRO I 12 -45.70 62.44 51.48
N VAL I 13 -46.39 63.58 51.62
CA VAL I 13 -46.98 63.94 52.91
C VAL I 13 -48.09 62.97 53.28
N ILE I 14 -48.94 62.62 52.31
CA ILE I 14 -50.04 61.69 52.54
C ILE I 14 -49.49 60.32 52.91
N ALA I 15 -48.44 59.88 52.19
CA ALA I 15 -47.83 58.59 52.47
C ALA I 15 -47.21 58.57 53.86
N THR I 16 -46.56 59.68 54.26
CA THR I 16 -45.94 59.77 55.57
C THR I 16 -46.99 59.69 56.68
N ILE I 17 -48.08 60.46 56.54
CA ILE I 17 -49.14 60.45 57.54
C ILE I 17 -49.82 59.09 57.62
N TRP I 18 -50.12 58.50 56.45
CA TRP I 18 -50.78 57.20 56.41
C TRP I 18 -49.90 56.11 57.00
N PHE I 19 -48.61 56.10 56.68
CA PHE I 19 -47.73 55.08 57.22
C PHE I 19 -47.50 55.29 58.71
N THR I 20 -47.49 56.54 59.16
CA THR I 20 -47.33 56.80 60.58
C THR I 20 -48.57 56.31 61.34
N PHE I 21 -49.76 56.51 60.74
CA PHE I 21 -50.99 56.05 61.37
C PHE I 21 -51.04 54.52 61.42
N THR I 22 -50.70 53.87 60.30
CA THR I 22 -50.72 52.41 60.24
C THR I 22 -49.69 51.80 61.19
N ALA I 23 -48.48 52.36 61.21
CA ALA I 23 -47.44 51.87 62.09
C ALA I 23 -47.83 52.08 63.55
N GLY I 24 -48.43 53.24 63.87
CA GLY I 24 -48.85 53.48 65.22
C GLY I 24 -49.94 52.53 65.66
N LEU I 25 -50.86 52.21 64.75
CA LEU I 25 -51.94 51.27 65.07
C LEU I 25 -51.38 49.88 65.33
N LEU I 26 -50.45 49.42 64.48
CA LEU I 26 -49.85 48.11 64.68
C LEU I 26 -49.03 48.06 65.97
N ILE I 27 -48.29 49.14 66.26
CA ILE I 27 -47.48 49.19 67.47
C ILE I 27 -48.36 49.19 68.71
N GLU I 28 -49.46 49.95 68.69
CA GLU I 28 -50.36 49.98 69.85
C GLU I 28 -51.05 48.63 70.03
N ILE I 29 -51.38 47.96 68.94
CA ILE I 29 -52.02 46.64 69.03
C ILE I 29 -51.03 45.65 69.64
N ASN I 30 -49.77 45.70 69.21
CA ASN I 30 -48.77 44.80 69.77
C ASN I 30 -48.40 45.19 71.20
N ARG I 31 -48.66 46.44 71.59
CA ARG I 31 -48.36 46.86 72.95
C ARG I 31 -49.44 46.38 73.91
N TYR I 32 -50.71 46.55 73.55
CA TYR I 32 -51.78 46.09 74.41
C TYR I 32 -52.02 44.59 74.31
N PHE I 33 -51.58 43.96 73.23
CA PHE I 33 -51.70 42.52 73.02
C PHE I 33 -50.32 42.00 72.68
N PRO I 34 -49.45 41.85 73.68
CA PRO I 34 -48.08 41.41 73.43
C PRO I 34 -47.97 39.98 72.93
N ASP I 35 -47.00 39.79 72.05
CA ASP I 35 -46.66 38.51 71.44
C ASP I 35 -47.81 37.71 70.84
N PRO I 36 -48.54 38.26 69.85
CA PRO I 36 -49.64 37.51 69.23
C PRO I 36 -49.13 36.61 68.11
N LEU I 37 -49.25 35.29 68.33
CA LEU I 37 -48.80 34.33 67.32
C LEU I 37 -49.95 33.65 66.59
N VAL I 38 -51.01 33.26 67.29
CA VAL I 38 -52.15 32.60 66.67
C VAL I 38 -53.44 33.27 67.12
N PHE I 39 -54.48 33.06 66.32
CA PHE I 39 -55.80 33.62 66.58
C PHE I 39 -56.54 32.80 67.63
N PHE J 1 7.89 99.24 85.02
CA PHE J 1 7.81 98.86 83.61
C PHE J 1 8.34 99.98 82.72
N ILE J 2 8.11 101.23 83.13
CA ILE J 2 8.56 102.38 82.35
C ILE J 2 10.08 102.44 82.39
N GLY J 3 10.70 102.48 81.21
CA GLY J 3 12.14 102.50 81.09
C GLY J 3 12.78 101.14 80.99
N SER J 4 12.01 100.07 81.11
CA SER J 4 12.55 98.72 81.01
C SER J 4 12.87 98.39 79.55
N SER J 5 13.51 97.23 79.36
CA SER J 5 13.88 96.80 78.01
C SER J 5 12.66 96.52 77.15
N THR J 6 11.63 95.88 77.72
CA THR J 6 10.42 95.57 76.96
C THR J 6 9.71 96.84 76.51
N ASN J 7 9.55 97.80 77.43
CA ASN J 7 8.88 99.06 77.10
C ASN J 7 9.65 99.84 76.05
N LEU J 8 10.98 99.93 76.20
CA LEU J 8 11.80 100.65 75.24
C LEU J 8 11.77 100.00 73.86
N ILE J 9 11.84 98.67 73.82
CA ILE J 9 11.82 97.96 72.54
C ILE J 9 10.48 98.13 71.85
N MET J 10 9.37 98.03 72.60
CA MET J 10 8.05 98.19 72.00
C MET J 10 7.83 99.61 71.50
N VAL J 11 8.25 100.61 72.28
CA VAL J 11 8.09 102.01 71.86
C VAL J 11 8.93 102.30 70.63
N ALA J 12 10.17 101.79 70.61
CA ALA J 12 11.04 102.00 69.46
C ALA J 12 10.49 101.31 68.22
N SER J 13 9.93 100.10 68.38
CA SER J 13 9.38 99.38 67.24
C SER J 13 8.17 100.11 66.65
N THR J 14 7.26 100.57 67.52
CA THR J 14 6.08 101.29 67.05
C THR J 14 6.47 102.61 66.38
N THR J 15 7.40 103.35 66.99
CA THR J 15 7.85 104.61 66.41
C THR J 15 8.55 104.39 65.08
N ALA J 16 9.36 103.32 64.97
CA ALA J 16 10.07 103.04 63.73
C ALA J 16 9.12 102.66 62.62
N THR J 17 8.11 101.83 62.91
CA THR J 17 7.18 101.45 61.86
C THR J 17 6.28 102.62 61.46
N LEU J 18 5.93 103.49 62.41
CA LEU J 18 5.10 104.64 62.07
C LEU J 18 5.89 105.66 61.27
N ALA J 19 7.17 105.83 61.58
CA ALA J 19 7.99 106.80 60.88
C ALA J 19 8.39 106.34 59.49
N ALA J 20 8.46 105.02 59.28
CA ALA J 20 8.83 104.50 57.96
C ALA J 20 7.72 104.74 56.94
N ALA J 21 6.48 104.43 57.31
CA ALA J 21 5.37 104.62 56.39
C ALA J 21 5.08 106.09 56.11
N ARG J 22 5.29 106.95 57.09
CA ARG J 22 5.05 108.38 56.90
C ARG J 22 6.07 109.03 55.99
N PHE J 23 7.34 108.62 56.06
CA PHE J 23 8.40 109.21 55.25
C PHE J 23 8.68 108.42 53.97
N GLY J 24 7.67 107.76 53.41
CA GLY J 24 7.83 107.01 52.17
C GLY J 24 8.79 105.84 52.19
N LEU J 25 8.75 105.03 53.24
CA LEU J 25 9.63 103.87 53.33
C LEU J 25 8.87 102.57 53.57
N ALA J 26 7.58 102.60 53.81
CA ALA J 26 6.77 101.42 54.05
C ALA J 26 5.44 101.58 53.34
N PRO J 27 4.75 100.46 53.04
CA PRO J 27 3.45 100.57 52.36
C PRO J 27 2.42 101.29 53.22
N THR J 28 1.56 102.07 52.56
CA THR J 28 0.52 102.83 53.23
C THR J 28 -0.82 102.57 52.56
N VAL J 29 -1.82 103.35 52.99
CA VAL J 29 -3.16 103.25 52.43
C VAL J 29 -3.23 103.97 51.09
N LYS J 30 -2.26 104.83 50.82
CA LYS J 30 -2.19 105.59 49.58
C LYS J 30 -1.19 105.03 48.59
N LYS J 31 -0.09 104.46 49.06
CA LYS J 31 0.94 103.90 48.21
C LYS J 31 1.04 102.40 48.41
N ASN J 32 0.95 101.65 47.32
CA ASN J 32 1.04 100.20 47.31
C ASN J 32 2.45 99.80 46.87
N THR J 33 2.66 98.51 46.64
CA THR J 33 3.94 98.01 46.18
C THR J 33 3.75 97.07 45.01
N THR J 34 4.71 97.06 44.09
CA THR J 34 4.68 96.19 42.93
C THR J 34 5.36 94.87 43.28
N ALA J 35 5.63 94.04 42.28
CA ALA J 35 6.30 92.77 42.52
C ALA J 35 7.78 92.96 42.84
N GLY J 36 8.36 94.10 42.46
CA GLY J 36 9.75 94.38 42.73
C GLY J 36 9.96 95.18 44.00
N LEU J 37 8.93 95.18 44.86
CA LEU J 37 8.92 95.89 46.15
C LEU J 37 9.17 97.39 45.96
N LYS J 38 8.59 97.97 44.93
CA LYS J 38 8.72 99.39 44.62
C LYS J 38 7.40 100.07 44.93
N LEU J 39 7.46 101.26 45.53
CA LEU J 39 6.24 101.98 45.88
C LEU J 39 5.51 102.48 44.65
N VAL J 40 4.20 102.23 44.61
CA VAL J 40 3.33 102.63 43.51
C VAL J 40 2.02 103.12 44.11
N ASP J 41 1.30 103.93 43.35
CA ASP J 41 0.02 104.45 43.81
C ASP J 41 -1.03 103.35 43.90
N SER J 42 -1.94 103.49 44.86
CA SER J 42 -3.00 102.54 45.10
C SER J 42 -4.33 103.09 44.58
N LYS J 43 -5.39 102.30 44.77
CA LYS J 43 -6.75 102.63 44.35
C LYS J 43 -7.73 102.31 45.48
N ASN J 44 -7.45 102.86 46.67
CA ASN J 44 -8.28 102.66 47.85
C ASN J 44 -9.74 103.06 47.61
N SER J 45 -10.65 102.17 48.01
CA SER J 45 -12.08 102.42 47.81
C SER J 45 -12.64 103.40 48.82
N ALA J 46 -12.12 103.39 50.05
CA ALA J 46 -12.62 104.30 51.08
C ALA J 46 -12.26 105.74 50.77
N GLY J 47 -10.97 106.02 50.57
CA GLY J 47 -10.54 107.37 50.30
C GLY J 47 -10.63 108.19 51.57
N VAL J 48 -9.96 107.71 52.63
CA VAL J 48 -9.98 108.38 53.92
C VAL J 48 -9.33 109.75 53.83
N ILE J 49 -10.08 110.77 54.20
CA ILE J 49 -9.62 112.16 54.17
C ILE J 49 -8.68 112.41 55.34
N SER J 50 -7.59 113.12 55.08
CA SER J 50 -6.64 113.42 56.13
C SER J 50 -6.00 114.77 55.86
N ASN J 51 -5.87 115.58 56.91
CA ASN J 51 -5.24 116.89 56.77
C ASN J 51 -3.73 116.82 56.72
N ASP J 52 -3.17 115.63 56.99
CA ASP J 52 -1.73 115.43 56.96
C ASP J 52 -1.18 115.69 55.56
N PRO J 53 -0.02 116.36 55.45
CA PRO J 53 0.53 116.66 54.12
C PRO J 53 0.88 115.44 53.28
N ALA J 54 1.30 114.33 53.91
CA ALA J 54 1.66 113.12 53.19
C ALA J 54 0.48 112.18 52.98
N GLY J 55 -0.73 112.60 53.34
CA GLY J 55 -1.88 111.73 53.18
C GLY J 55 -1.97 110.61 54.17
N PHE J 56 -1.30 110.74 55.31
CA PHE J 56 -1.32 109.71 56.33
C PHE J 56 -2.69 109.69 57.02
N THR J 57 -3.42 108.59 56.89
CA THR J 57 -4.73 108.44 57.48
C THR J 57 -4.64 107.58 58.74
N ILE J 58 -5.77 107.47 59.44
CA ILE J 58 -5.84 106.68 60.67
C ILE J 58 -5.64 105.20 60.37
N VAL J 59 -5.99 104.76 59.15
CA VAL J 59 -5.79 103.37 58.75
C VAL J 59 -4.32 103.04 58.74
N ASP J 60 -3.50 104.00 58.30
CA ASP J 60 -2.05 103.80 58.30
C ASP J 60 -1.53 103.70 59.73
N VAL J 61 -2.12 104.46 60.64
CA VAL J 61 -1.72 104.42 62.05
C VAL J 61 -2.03 103.05 62.63
N LEU J 62 -3.22 102.52 62.33
CA LEU J 62 -3.58 101.19 62.85
C LEU J 62 -2.71 100.10 62.26
N ALA J 63 -2.46 100.16 60.94
CA ALA J 63 -1.63 99.13 60.29
C ALA J 63 -0.20 99.17 60.81
N MET J 64 0.38 100.37 60.92
CA MET J 64 1.74 100.49 61.41
C MET J 64 1.83 100.14 62.88
N GLY J 65 0.80 100.45 63.67
CA GLY J 65 0.82 100.10 65.07
C GLY J 65 0.76 98.60 65.27
N ALA J 66 -0.07 97.92 64.47
CA ALA J 66 -0.16 96.46 64.57
C ALA J 66 1.14 95.81 64.14
N ALA J 67 1.73 96.29 63.02
CA ALA J 67 2.99 95.73 62.55
C ALA J 67 4.12 95.97 63.55
N GLY J 68 4.17 97.19 64.11
CA GLY J 68 5.19 97.50 65.08
C GLY J 68 5.03 96.71 66.36
N HIS J 69 3.78 96.45 66.76
CA HIS J 69 3.55 95.67 67.97
C HIS J 69 3.96 94.22 67.74
N GLY J 70 3.69 93.69 66.54
CA GLY J 70 4.11 92.33 66.24
C GLY J 70 5.61 92.21 66.23
N LEU J 71 6.28 93.19 65.60
CA LEU J 71 7.74 93.20 65.55
C LEU J 71 8.35 93.33 66.94
N GLY J 72 7.79 94.21 67.78
CA GLY J 72 8.29 94.38 69.13
C GLY J 72 8.09 93.16 69.99
N VAL J 73 6.92 92.50 69.85
CA VAL J 73 6.65 91.29 70.62
C VAL J 73 7.62 90.20 70.21
N GLY J 74 7.85 90.06 68.90
CA GLY J 74 8.79 89.05 68.43
C GLY J 74 10.21 89.31 68.89
N ILE J 75 10.64 90.58 68.87
CA ILE J 75 11.99 90.92 69.31
C ILE J 75 12.15 90.68 70.81
N VAL J 76 11.16 91.08 71.62
CA VAL J 76 11.24 90.89 73.07
C VAL J 76 11.27 89.40 73.42
N LEU J 77 10.38 88.62 72.81
CA LEU J 77 10.35 87.19 73.10
C LEU J 77 11.58 86.48 72.57
N GLY J 78 12.17 87.00 71.49
CA GLY J 78 13.38 86.40 70.97
C GLY J 78 14.58 86.67 71.84
N LEU J 79 14.66 87.89 72.38
CA LEU J 79 15.77 88.23 73.26
C LEU J 79 15.63 87.51 74.59
N LYS J 80 14.39 87.30 75.05
CA LYS J 80 14.18 86.58 76.30
C LYS J 80 14.50 85.10 76.14
N GLY J 81 14.43 84.58 74.92
CA GLY J 81 14.71 83.18 74.64
C GLY J 81 16.16 82.84 74.43
N ILE J 82 17.02 83.81 74.14
CA ILE J 82 18.44 83.59 73.95
C ILE J 82 19.27 84.06 75.13
N GLY J 83 18.61 84.46 76.21
CA GLY J 83 19.31 84.94 77.39
C GLY J 83 19.68 86.40 77.38
N ALA J 84 19.33 87.12 76.32
CA ALA J 84 19.65 88.55 76.22
C ALA J 84 18.53 89.39 76.81
N GLY K 1 0.14 71.67 15.73
CA GLY K 1 -0.50 70.37 15.68
C GLY K 1 -0.19 69.50 16.87
N MET K 2 0.99 68.88 16.86
CA MET K 2 1.42 68.02 17.96
C MET K 2 2.03 68.87 19.06
N LEU K 3 2.29 68.22 20.20
CA LEU K 3 2.86 68.89 21.36
C LEU K 3 4.36 68.63 21.42
N GLU K 4 5.14 69.71 21.39
CA GLU K 4 6.60 69.62 21.45
C GLU K 4 7.05 70.09 22.84
N THR K 5 7.95 69.33 23.44
CA THR K 5 8.47 69.60 24.77
C THR K 5 9.97 69.36 24.76
N PRO K 6 10.71 69.94 25.72
CA PRO K 6 12.17 69.71 25.74
C PRO K 6 12.57 68.26 25.96
N VAL K 7 11.68 67.42 26.49
CA VAL K 7 12.01 66.02 26.70
C VAL K 7 12.14 65.30 25.36
N THR K 8 11.19 65.56 24.45
CA THR K 8 11.18 64.94 23.13
C THR K 8 11.90 65.76 22.07
N SER K 9 12.41 66.95 22.40
CA SER K 9 13.08 67.78 21.43
C SER K 9 14.52 68.12 21.79
N ALA K 10 15.06 67.57 22.87
CA ALA K 10 16.44 67.87 23.24
C ALA K 10 17.39 67.20 22.26
N PRO K 11 18.47 67.86 21.84
CA PRO K 11 19.39 67.22 20.90
C PRO K 11 20.20 66.11 21.54
N ILE K 12 20.41 66.17 22.86
CA ILE K 12 21.19 65.15 23.55
C ILE K 12 20.46 63.81 23.55
N VAL K 13 19.15 63.81 23.83
CA VAL K 13 18.40 62.56 23.82
C VAL K 13 18.23 62.05 22.40
N ALA K 14 18.14 62.96 21.42
CA ALA K 14 18.02 62.54 20.03
C ALA K 14 19.29 61.85 19.57
N THR K 15 20.45 62.39 19.98
CA THR K 15 21.72 61.76 19.62
C THR K 15 21.88 60.42 20.34
N TYR K 16 21.42 60.35 21.59
CA TYR K 16 21.50 59.10 22.34
C TYR K 16 20.64 58.02 21.69
N LEU K 17 19.45 58.39 21.22
CA LEU K 17 18.56 57.42 20.57
C LEU K 17 19.11 57.03 19.21
N SER K 18 19.72 57.98 18.49
CA SER K 18 20.28 57.67 17.18
C SER K 18 21.51 56.78 17.30
N ASN K 19 22.21 56.85 18.44
CA ASN K 19 23.39 56.01 18.63
C ASN K 19 23.02 54.58 18.97
N LEU K 20 21.77 54.31 19.34
CA LEU K 20 21.34 52.96 19.67
C LEU K 20 21.31 52.10 18.41
N PRO K 21 21.56 50.79 18.55
CA PRO K 21 21.56 49.91 17.36
C PRO K 21 20.25 49.86 16.59
N ALA K 22 19.11 49.97 17.29
CA ALA K 22 17.81 49.91 16.60
C ALA K 22 17.61 51.08 15.65
N TYR K 23 18.20 52.24 15.95
CA TYR K 23 18.06 53.42 15.10
C TYR K 23 19.31 53.69 14.27
N ARG K 24 20.07 52.65 13.93
CA ARG K 24 21.27 52.87 13.13
C ARG K 24 20.93 53.21 11.69
N THR K 25 20.00 52.44 11.08
CA THR K 25 19.50 52.64 9.72
C THR K 25 20.66 52.61 8.71
N GLY K 26 21.16 51.39 8.48
CA GLY K 26 22.26 51.22 7.55
C GLY K 26 23.21 50.06 7.82
N VAL K 27 23.05 49.38 8.95
CA VAL K 27 23.88 48.23 9.26
C VAL K 27 23.06 46.97 9.00
N ALA K 28 23.72 45.83 9.01
CA ALA K 28 23.03 44.57 8.77
C ALA K 28 22.10 44.25 9.94
N PRO K 29 20.90 43.74 9.66
CA PRO K 29 19.97 43.41 10.76
C PRO K 29 20.48 42.32 11.68
N VAL K 30 21.29 41.40 11.17
CA VAL K 30 21.83 40.34 12.03
C VAL K 30 22.80 40.93 13.04
N LEU K 31 23.57 41.95 12.65
CA LEU K 31 24.49 42.59 13.58
C LEU K 31 23.73 43.34 14.66
N ARG K 32 22.63 43.99 14.26
CA ARG K 32 21.79 44.71 15.21
C ARG K 32 21.18 43.73 16.21
N GLY K 33 20.75 42.57 15.71
CA GLY K 33 20.19 41.56 16.58
C GLY K 33 21.22 41.00 17.54
N VAL K 34 22.45 40.80 17.07
CA VAL K 34 23.51 40.28 17.94
C VAL K 34 23.81 41.28 19.06
N GLU K 35 23.91 42.56 18.71
CA GLU K 35 24.19 43.58 19.73
C GLU K 35 23.06 43.69 20.76
N ILE K 36 21.81 43.75 20.27
CA ILE K 36 20.66 43.85 21.17
C ILE K 36 20.56 42.61 22.04
N GLY K 37 20.79 41.43 21.45
CA GLY K 37 20.72 40.19 22.21
C GLY K 37 21.76 40.10 23.30
N LEU K 38 22.99 40.54 23.00
CA LEU K 38 24.04 40.50 24.01
C LEU K 38 23.71 41.44 25.16
N ALA K 39 23.30 42.68 24.82
CA ALA K 39 22.95 43.66 25.84
C ALA K 39 21.77 43.21 26.68
N HIS K 40 20.87 42.41 26.10
CA HIS K 40 19.71 41.95 26.86
C HIS K 40 20.00 40.71 27.69
N GLY K 41 20.76 39.76 27.14
CA GLY K 41 21.07 38.56 27.90
C GLY K 41 21.93 38.84 29.11
N PHE K 42 22.86 39.79 28.99
CA PHE K 42 23.73 40.13 30.12
C PHE K 42 22.92 40.63 31.31
N LEU K 43 21.92 41.49 31.06
CA LEU K 43 21.11 41.99 32.16
C LEU K 43 20.06 40.97 32.59
N LEU K 44 19.61 40.12 31.67
CA LEU K 44 18.58 39.14 31.98
C LEU K 44 19.07 38.04 32.89
N ALA K 45 20.37 37.70 32.83
CA ALA K 45 20.89 36.65 33.69
C ALA K 45 20.83 36.98 35.18
N GLY K 46 20.81 38.25 35.55
CA GLY K 46 20.79 38.67 36.95
C GLY K 46 19.63 38.26 37.83
N PRO K 47 18.39 38.63 37.44
CA PRO K 47 17.23 38.28 38.29
C PRO K 47 17.02 36.80 38.56
N PHE K 48 17.25 35.94 37.56
CA PHE K 48 17.09 34.50 37.79
C PHE K 48 18.17 33.96 38.71
N ILE K 49 19.36 34.55 38.65
CA ILE K 49 20.47 34.09 39.50
C ILE K 49 20.26 34.52 40.95
N LYS K 50 19.92 35.78 41.18
CA LYS K 50 19.78 36.26 42.54
C LYS K 50 18.39 36.09 43.16
N LEU K 51 17.37 35.70 42.41
CA LEU K 51 16.06 35.57 43.03
C LEU K 51 15.32 34.27 42.74
N GLY K 52 15.88 33.36 41.95
CA GLY K 52 15.22 32.11 41.63
C GLY K 52 15.04 31.18 42.83
N PRO K 53 14.32 30.07 42.62
CA PRO K 53 14.10 29.13 43.73
C PRO K 53 15.38 28.48 44.26
N LEU K 54 16.45 28.43 43.47
CA LEU K 54 17.71 27.85 43.89
C LEU K 54 18.76 28.92 44.19
N ARG K 55 18.33 30.09 44.64
CA ARG K 55 19.25 31.19 44.92
C ARG K 55 20.07 30.99 46.20
N ASN K 56 19.61 30.13 47.12
CA ASN K 56 20.35 29.96 48.36
C ASN K 56 21.34 28.79 48.28
N VAL K 57 21.06 27.80 47.45
CA VAL K 57 21.98 26.66 47.33
C VAL K 57 23.24 27.10 46.58
N PRO K 58 24.44 26.77 47.07
CA PRO K 58 25.66 27.18 46.39
C PRO K 58 26.06 26.26 45.24
N GLU K 59 26.88 26.82 44.35
CA GLU K 59 27.44 26.22 43.14
C GLU K 59 26.41 25.88 42.08
N THR K 60 25.12 26.10 42.33
CA THR K 60 24.07 25.82 41.35
C THR K 60 23.13 26.98 41.15
N ALA K 61 23.25 28.06 41.92
CA ALA K 61 22.38 29.22 41.73
C ALA K 61 22.66 29.90 40.41
N GLU K 62 23.95 30.05 40.09
CA GLU K 62 24.33 30.67 38.82
C GLU K 62 23.98 29.76 37.65
N ILE K 63 24.11 28.44 37.83
CA ILE K 63 23.78 27.49 36.77
C ILE K 63 22.30 27.57 36.43
N ALA K 64 21.46 27.50 37.47
CA ALA K 64 20.01 27.55 37.26
C ALA K 64 19.57 28.90 36.71
N GLY K 65 20.17 29.98 37.22
CA GLY K 65 19.82 31.30 36.73
C GLY K 65 20.19 31.50 35.27
N SER K 66 21.38 31.03 34.88
CA SER K 66 21.81 31.16 33.51
C SER K 66 20.95 30.29 32.58
N LEU K 67 20.58 29.10 33.03
CA LEU K 67 19.73 28.24 32.21
C LEU K 67 18.35 28.86 32.03
N SER K 68 17.82 29.47 33.09
CA SER K 68 16.52 30.13 33.00
C SER K 68 16.59 31.33 32.07
N ALA K 69 17.68 32.09 32.13
CA ALA K 69 17.85 33.24 31.25
C ALA K 69 17.98 32.78 29.80
N ALA K 70 18.67 31.65 29.58
CA ALA K 70 18.81 31.11 28.23
C ALA K 70 17.46 30.69 27.68
N GLY K 71 16.63 30.07 28.53
CA GLY K 71 15.31 29.68 28.09
C GLY K 71 14.45 30.88 27.76
N LEU K 72 14.59 31.95 28.54
CA LEU K 72 13.83 33.17 28.28
C LEU K 72 14.29 33.81 26.98
N VAL K 73 15.60 33.76 26.69
CA VAL K 73 16.12 34.31 25.45
C VAL K 73 15.57 33.51 24.27
N LEU K 74 15.46 32.19 24.43
CA LEU K 74 14.92 31.35 23.38
C LEU K 74 13.45 31.67 23.12
N ILE K 75 12.68 31.90 24.20
CA ILE K 75 11.27 32.25 24.05
C ILE K 75 11.14 33.61 23.35
N LEU K 76 12.01 34.56 23.69
CA LEU K 76 11.98 35.87 23.06
C LEU K 76 12.36 35.78 21.60
N ALA K 77 13.28 34.87 21.25
CA ALA K 77 13.67 34.68 19.86
C ALA K 77 12.50 34.12 19.06
N LEU K 78 11.76 33.18 19.66
CA LEU K 78 10.59 32.63 18.99
C LEU K 78 9.53 33.71 18.80
N CYS K 79 9.39 34.60 19.80
CA CYS K 79 8.44 35.70 19.70
C CYS K 79 8.83 36.65 18.58
N LEU K 80 10.12 36.92 18.44
CA LEU K 80 10.59 37.80 17.38
C LEU K 80 10.34 37.18 16.00
N SER K 81 10.57 35.87 15.89
CA SER K 81 10.35 35.18 14.62
C SER K 81 8.88 35.20 14.21
N ILE K 82 7.97 34.90 15.16
CA ILE K 82 6.56 34.91 14.82
C ILE K 82 6.08 36.34 14.55
N TYR K 83 6.66 37.33 15.24
CA TYR K 83 6.27 38.71 14.97
C TYR K 83 6.67 39.11 13.56
N GLY K 84 7.86 38.71 13.13
CA GLY K 84 8.30 39.02 11.78
C GLY K 84 7.47 38.32 10.72
N SER K 85 7.07 37.07 11.01
CA SER K 85 6.26 36.33 10.05
C SER K 85 4.86 36.93 9.93
N ALA K 86 4.31 37.42 11.03
CA ALA K 86 2.95 37.98 10.99
C ALA K 86 2.92 39.48 10.69
N GLN K 87 4.06 40.16 10.66
CA GLN K 87 4.06 41.59 10.40
C GLN K 87 4.39 41.95 8.96
N PHE K 88 5.38 41.30 8.35
CA PHE K 88 5.79 41.59 6.99
C PHE K 88 5.36 40.45 6.07
N GLN K 89 4.22 40.63 5.42
CA GLN K 89 3.67 39.65 4.51
C GLN K 89 3.57 40.14 3.07
N SER K 90 3.39 41.43 2.85
CA SER K 90 3.27 41.98 1.50
C SER K 90 3.82 43.39 1.48
N THR K 91 4.17 43.83 0.26
CA THR K 91 4.72 45.16 -0.02
C THR K 91 5.95 45.51 0.82
N VAL K 104 14.08 59.90 3.80
CA VAL K 104 15.19 58.96 3.89
C VAL K 104 14.87 57.69 3.11
N ALA K 105 15.61 56.63 3.38
CA ALA K 105 15.44 55.35 2.70
C ALA K 105 14.74 54.37 3.63
N ARG K 106 14.21 53.29 3.03
CA ARG K 106 13.52 52.28 3.79
C ARG K 106 14.52 51.38 4.51
N ASP K 107 14.29 51.17 5.80
CA ASP K 107 15.18 50.32 6.60
C ASP K 107 14.97 48.86 6.21
N PRO K 108 16.05 48.12 5.90
CA PRO K 108 15.88 46.71 5.54
C PRO K 108 15.46 45.83 6.70
N LEU K 109 15.53 46.33 7.94
CA LEU K 109 15.12 45.55 9.11
C LEU K 109 13.63 45.27 9.07
N PHE K 110 12.83 46.21 8.58
CA PHE K 110 11.38 46.07 8.50
C PHE K 110 10.99 45.35 7.22
N SER K 111 11.35 44.07 7.18
CA SER K 111 11.08 43.19 6.04
C SER K 111 11.08 41.77 6.58
N ALA K 112 10.59 40.83 5.78
CA ALA K 112 10.54 39.44 6.20
C ALA K 112 11.93 38.87 6.40
N ASP K 113 12.80 39.02 5.40
CA ASP K 113 14.17 38.51 5.51
C ASP K 113 14.94 39.29 6.56
N GLY K 114 14.76 40.62 6.60
CA GLY K 114 15.45 41.43 7.58
C GLY K 114 15.09 41.09 9.00
N TRP K 115 13.79 40.92 9.27
CA TRP K 115 13.37 40.58 10.62
C TRP K 115 13.74 39.15 10.99
N SER K 116 13.76 38.23 10.01
CA SER K 116 14.16 36.86 10.32
C SER K 116 15.63 36.82 10.71
N GLU K 117 16.46 37.56 9.96
CA GLU K 117 17.88 37.63 10.28
C GLU K 117 18.09 38.34 11.62
N PHE K 118 17.25 39.33 11.91
CA PHE K 118 17.33 40.04 13.18
C PHE K 118 17.00 39.12 14.34
N ALA K 119 15.98 38.27 14.18
CA ALA K 119 15.61 37.33 15.24
C ALA K 119 16.70 36.30 15.46
N ALA K 120 17.31 35.81 14.37
CA ALA K 120 18.39 34.84 14.52
C ALA K 120 19.59 35.48 15.21
N GLY K 121 19.91 36.72 14.84
CA GLY K 121 21.01 37.42 15.46
C GLY K 121 20.72 37.68 16.94
N PHE K 122 19.45 37.95 17.25
CA PHE K 122 19.06 38.18 18.64
C PHE K 122 19.24 36.90 19.44
N LEU K 123 18.90 35.75 18.86
CA LEU K 123 19.06 34.49 19.57
C LEU K 123 20.53 34.19 19.84
N VAL K 124 21.38 34.37 18.83
CA VAL K 124 22.81 34.11 19.01
C VAL K 124 23.40 35.07 20.03
N GLY K 125 23.06 36.36 19.91
CA GLY K 125 23.57 37.35 20.85
C GLY K 125 23.07 37.14 22.26
N GLY K 126 21.80 36.75 22.41
CA GLY K 126 21.25 36.51 23.73
C GLY K 126 21.89 35.33 24.42
N GLU K 127 22.10 34.24 23.68
CA GLU K 127 22.75 33.08 24.28
C GLU K 127 24.20 33.39 24.64
N ALA K 128 24.89 34.15 23.77
CA ALA K 128 26.26 34.52 24.07
C ALA K 128 26.31 35.46 25.27
N GLY K 129 25.33 36.35 25.41
CA GLY K 129 25.30 37.25 26.55
C GLY K 129 25.04 36.51 27.84
N VAL K 130 24.16 35.51 27.80
CA VAL K 130 23.87 34.71 28.98
C VAL K 130 25.10 33.92 29.40
N ALA K 131 25.78 33.31 28.41
CA ALA K 131 26.99 32.54 28.71
C ALA K 131 28.10 33.45 29.23
N TRP K 132 28.18 34.68 28.71
CA TRP K 132 29.21 35.61 29.18
C TRP K 132 28.90 36.10 30.59
N ALA K 133 27.60 36.29 30.89
CA ALA K 133 27.24 36.73 32.22
C ALA K 133 27.45 35.61 33.24
N TYR K 134 27.37 34.36 32.80
CA TYR K 134 27.59 33.26 33.73
C TYR K 134 29.07 33.15 34.10
N VAL K 135 29.96 33.27 33.11
CA VAL K 135 31.38 33.16 33.39
C VAL K 135 31.90 34.42 34.06
N CYS K 136 31.18 35.54 33.94
CA CYS K 136 31.64 36.78 34.56
C CYS K 136 31.49 36.73 36.08
N THR K 137 30.66 35.83 36.59
CA THR K 137 30.45 35.66 38.02
C THR K 137 31.34 34.59 38.61
N GLN K 138 32.24 34.01 37.82
CA GLN K 138 33.14 32.97 38.29
C GLN K 138 34.56 33.53 38.44
N LYS L 1 -89.94 16.99 23.74
CA LYS L 1 -88.93 16.67 24.74
C LYS L 1 -89.51 15.75 25.82
N ALA L 2 -88.62 15.05 26.52
CA ALA L 2 -89.06 14.16 27.59
C ALA L 2 -89.48 14.93 28.83
N GLY L 3 -88.94 16.14 29.01
CA GLY L 3 -89.30 16.94 30.17
C GLY L 3 -88.30 18.07 30.34
N ASN L 4 -88.20 18.56 31.57
CA ASN L 4 -87.30 19.64 31.92
C ASN L 4 -86.54 19.28 33.18
N TRP L 5 -85.21 19.23 33.09
CA TRP L 5 -84.41 18.90 34.26
C TRP L 5 -84.42 20.05 35.26
N LEU L 6 -84.71 21.27 34.81
CA LEU L 6 -84.76 22.44 35.66
C LEU L 6 -86.04 23.16 35.26
N PRO L 7 -87.13 22.96 35.99
CA PRO L 7 -88.40 23.61 35.65
C PRO L 7 -88.30 25.13 35.61
N GLY L 8 -88.53 25.68 34.43
CA GLY L 8 -88.46 27.10 34.21
C GLY L 8 -87.21 27.59 33.52
N SER L 9 -86.24 26.71 33.25
CA SER L 9 -85.01 27.09 32.59
C SER L 9 -85.11 26.76 31.11
N ASP L 10 -84.50 27.61 30.28
CA ASP L 10 -84.53 27.40 28.84
C ASP L 10 -83.65 26.23 28.44
N ALA L 11 -84.17 25.38 27.57
CA ALA L 11 -83.46 24.22 27.09
C ALA L 11 -82.34 24.64 26.12
N PRO L 12 -81.23 23.92 26.11
CA PRO L 12 -80.13 24.27 25.19
C PRO L 12 -80.54 24.08 23.74
N ALA L 13 -80.03 24.96 22.89
CA ALA L 13 -80.36 24.92 21.46
C ALA L 13 -79.66 23.79 20.72
N TRP L 14 -78.58 23.24 21.26
CA TRP L 14 -77.86 22.17 20.58
C TRP L 14 -78.44 20.79 20.86
N LEU L 15 -79.48 20.69 21.68
CA LEU L 15 -80.09 19.41 21.97
C LEU L 15 -81.34 19.26 21.11
N PRO L 16 -81.37 18.33 20.15
CA PRO L 16 -82.56 18.18 19.30
C PRO L 16 -83.76 17.66 20.09
N ASP L 17 -84.95 18.06 19.63
CA ASP L 17 -86.18 17.66 20.29
C ASP L 17 -86.48 16.18 20.12
N ASP L 18 -86.18 15.61 18.95
CA ASP L 18 -86.46 14.20 18.71
C ASP L 18 -85.48 13.26 19.40
N LEU L 19 -84.44 13.77 20.05
CA LEU L 19 -83.48 12.93 20.74
C LEU L 19 -84.14 12.27 21.95
N PRO L 20 -84.06 10.95 22.09
CA PRO L 20 -84.70 10.29 23.25
C PRO L 20 -84.06 10.70 24.56
N GLY L 21 -84.91 10.86 25.59
CA GLY L 21 -84.44 11.26 26.90
C GLY L 21 -83.91 12.67 26.95
N ASN L 22 -84.46 13.57 26.13
CA ASN L 22 -84.00 14.95 26.08
C ASN L 22 -84.71 15.77 27.16
N TYR L 23 -84.03 15.95 28.28
CA TYR L 23 -84.53 16.75 29.40
C TYR L 23 -83.87 18.11 29.44
N GLY L 24 -83.04 18.44 28.44
CA GLY L 24 -82.35 19.70 28.40
C GLY L 24 -81.24 19.82 29.43
N PHE L 25 -80.71 18.69 29.90
CA PHE L 25 -79.67 18.68 30.92
C PHE L 25 -78.29 18.67 30.28
N ASP L 26 -77.64 19.82 30.29
CA ASP L 26 -76.30 20.03 29.78
C ASP L 26 -75.74 21.33 30.33
N PRO L 27 -75.45 21.41 31.64
CA PRO L 27 -74.93 22.68 32.18
C PRO L 27 -73.51 23.00 31.73
N LEU L 28 -72.66 21.99 31.56
CA LEU L 28 -71.29 22.20 31.14
C LEU L 28 -71.14 22.35 29.64
N SER L 29 -72.24 22.20 28.88
CA SER L 29 -72.28 22.33 27.43
C SER L 29 -71.30 21.36 26.75
N LEU L 30 -71.26 20.12 27.25
CA LEU L 30 -70.36 19.12 26.69
C LEU L 30 -70.82 18.66 25.32
N GLY L 31 -72.12 18.61 25.07
CA GLY L 31 -72.64 18.16 23.79
C GLY L 31 -72.94 19.29 22.83
N LYS L 32 -72.27 20.42 23.02
CA LYS L 32 -72.49 21.57 22.15
C LYS L 32 -72.06 21.29 20.70
N GLU L 33 -70.91 20.65 20.53
CA GLU L 33 -70.43 20.33 19.19
C GLU L 33 -71.25 19.19 18.62
N PRO L 34 -71.74 19.30 17.38
CA PRO L 34 -72.56 18.22 16.79
C PRO L 34 -71.84 16.89 16.66
N ALA L 35 -70.53 16.91 16.41
CA ALA L 35 -69.79 15.65 16.28
C ALA L 35 -69.65 14.98 17.64
N SER L 36 -69.43 15.76 18.70
CA SER L 36 -69.29 15.19 20.03
C SER L 36 -70.62 14.67 20.54
N LEU L 37 -71.72 15.38 20.23
CA LEU L 37 -73.05 14.95 20.65
C LEU L 37 -73.44 13.64 20.00
N LYS L 38 -73.01 13.42 18.76
CA LYS L 38 -73.32 12.17 18.06
C LYS L 38 -72.66 10.98 18.76
N ARG L 39 -71.40 11.15 19.17
CA ARG L 39 -70.70 10.07 19.86
C ARG L 39 -71.25 9.88 21.26
N PHE L 40 -71.60 10.98 21.94
CA PHE L 40 -72.12 10.91 23.29
C PHE L 40 -73.44 10.14 23.35
N THR L 41 -74.26 10.22 22.29
CA THR L 41 -75.54 9.50 22.28
C THR L 41 -75.33 7.99 22.30
N GLU L 42 -74.51 7.47 21.39
CA GLU L 42 -74.26 6.04 21.37
C GLU L 42 -73.49 5.60 22.60
N SER L 43 -72.62 6.47 23.12
CA SER L 43 -71.87 6.13 24.32
C SER L 43 -72.80 5.99 25.51
N GLU L 44 -73.79 6.89 25.63
CA GLU L 44 -74.75 6.83 26.72
C GLU L 44 -75.64 5.60 26.59
N VAL L 45 -76.06 5.27 25.37
CA VAL L 45 -76.92 4.09 25.19
C VAL L 45 -76.15 2.81 25.54
N ILE L 46 -74.90 2.71 25.09
CA ILE L 46 -74.07 1.53 25.38
C ILE L 46 -73.81 1.44 26.88
N HIS L 47 -73.51 2.57 27.53
CA HIS L 47 -73.28 2.59 28.97
C HIS L 47 -74.53 2.19 29.73
N GLY L 48 -75.69 2.66 29.27
CA GLY L 48 -76.93 2.32 29.93
C GLY L 48 -77.24 0.84 29.83
N ARG L 49 -77.00 0.25 28.66
CA ARG L 49 -77.27 -1.18 28.49
C ARG L 49 -76.31 -2.02 29.33
N TRP L 50 -75.03 -1.65 29.35
CA TRP L 50 -74.05 -2.39 30.15
C TRP L 50 -74.37 -2.25 31.63
N ALA L 51 -74.76 -1.05 32.07
CA ALA L 51 -75.10 -0.83 33.47
C ALA L 51 -76.38 -1.56 33.85
N MET L 52 -77.33 -1.67 32.92
CA MET L 52 -78.57 -2.39 33.20
C MET L 52 -78.27 -3.85 33.43
N LEU L 53 -77.44 -4.44 32.55
CA LEU L 53 -77.06 -5.84 32.72
C LEU L 53 -76.25 -6.04 33.99
N GLY L 54 -75.34 -5.11 34.29
CA GLY L 54 -74.51 -5.22 35.49
C GLY L 54 -75.31 -5.13 36.77
N VAL L 55 -76.23 -4.17 36.84
CA VAL L 55 -77.05 -4.01 38.03
C VAL L 55 -77.99 -5.20 38.19
N ALA L 56 -78.55 -5.70 37.09
CA ALA L 56 -79.41 -6.86 37.16
C ALA L 56 -78.66 -8.08 37.66
N GLY L 57 -77.42 -8.27 37.20
CA GLY L 57 -76.63 -9.40 37.67
C GLY L 57 -76.21 -9.26 39.12
N SER L 58 -75.82 -8.05 39.51
CA SER L 58 -75.41 -7.80 40.90
C SER L 58 -76.56 -8.03 41.86
N LEU L 59 -77.78 -7.68 41.44
CA LEU L 59 -78.92 -7.90 42.30
C LEU L 59 -79.34 -9.36 42.29
N ALA L 60 -79.24 -10.02 41.14
CA ALA L 60 -79.64 -11.43 41.01
C ALA L 60 -78.76 -12.35 41.84
N VAL L 61 -77.45 -12.12 41.86
CA VAL L 61 -76.56 -13.00 42.62
C VAL L 61 -76.85 -12.91 44.12
N GLU L 62 -77.05 -11.70 44.64
CA GLU L 62 -77.34 -11.54 46.06
C GLU L 62 -78.75 -12.03 46.40
N LEU L 63 -79.70 -11.85 45.48
CA LEU L 63 -81.07 -12.32 45.76
C LEU L 63 -81.12 -13.84 45.78
N LEU L 64 -80.39 -14.49 44.89
CA LEU L 64 -80.40 -15.94 44.86
C LEU L 64 -79.56 -16.54 45.98
N GLY L 65 -78.53 -15.82 46.45
CA GLY L 65 -77.74 -16.34 47.54
C GLY L 65 -76.36 -16.86 47.20
N TYR L 66 -75.63 -16.17 46.34
CA TYR L 66 -74.29 -16.55 45.93
C TYR L 66 -73.31 -15.42 46.19
N GLY L 67 -73.53 -14.67 47.26
CA GLY L 67 -72.68 -13.55 47.60
C GLY L 67 -73.08 -12.29 46.87
N ASN L 68 -72.27 -11.25 47.06
CA ASN L 68 -72.52 -9.98 46.42
C ASN L 68 -71.68 -9.85 45.15
N TRP L 69 -71.78 -8.69 44.51
CA TRP L 69 -71.04 -8.44 43.28
C TRP L 69 -69.55 -8.27 43.54
N TYR L 70 -69.18 -7.78 44.72
CA TYR L 70 -67.77 -7.58 45.04
C TYR L 70 -67.06 -8.88 45.36
N ASP L 71 -67.74 -9.81 46.04
CA ASP L 71 -67.12 -11.07 46.42
C ASP L 71 -67.16 -12.12 45.31
N ALA L 72 -67.75 -11.81 44.15
CA ALA L 72 -67.81 -12.78 43.07
C ALA L 72 -66.45 -13.17 42.49
N PRO L 73 -65.50 -12.24 42.18
CA PRO L 73 -64.21 -12.72 41.63
C PRO L 73 -63.20 -13.13 42.69
N LEU L 74 -63.64 -13.36 43.93
CA LEU L 74 -62.73 -13.75 45.00
C LEU L 74 -62.23 -15.18 44.88
N TRP L 75 -62.79 -15.99 43.98
CA TRP L 75 -62.33 -17.36 43.83
C TRP L 75 -61.02 -17.45 43.05
N ALA L 76 -60.77 -16.49 42.15
CA ALA L 76 -59.59 -16.50 41.31
C ALA L 76 -58.33 -15.94 41.98
N VAL L 77 -58.44 -15.38 43.19
CA VAL L 77 -57.25 -14.84 43.84
C VAL L 77 -56.66 -15.78 44.88
N ASN L 78 -57.47 -16.63 45.53
CA ASN L 78 -56.91 -17.54 46.53
C ASN L 78 -57.59 -18.91 46.48
N GLY L 79 -57.03 -19.80 45.64
CA GLY L 79 -57.46 -21.17 45.46
C GLY L 79 -58.94 -21.52 45.43
N GLY L 80 -59.68 -21.04 44.43
CA GLY L 80 -61.10 -21.31 44.34
C GLY L 80 -61.52 -21.64 42.92
N LYS L 81 -62.79 -22.04 42.80
CA LYS L 81 -63.38 -22.40 41.52
C LYS L 81 -64.65 -21.58 41.32
N ALA L 82 -64.91 -21.20 40.07
CA ALA L 82 -66.10 -20.43 39.76
C ALA L 82 -67.34 -21.30 39.82
N THR L 83 -68.41 -20.76 40.40
CA THR L 83 -69.67 -21.48 40.52
C THR L 83 -70.79 -20.59 40.00
N TRP L 84 -71.39 -20.98 38.87
CA TRP L 84 -72.50 -20.26 38.27
C TRP L 84 -73.77 -21.02 38.61
N PHE L 85 -74.67 -20.35 39.34
CA PHE L 85 -75.96 -20.93 39.78
C PHE L 85 -75.73 -22.18 40.63
N GLY L 86 -74.62 -22.22 41.37
CA GLY L 86 -74.30 -23.36 42.20
C GLY L 86 -73.66 -24.51 41.47
N ILE L 87 -73.34 -24.34 40.19
CA ILE L 87 -72.72 -25.37 39.36
C ILE L 87 -71.27 -24.99 39.11
N GLU L 88 -70.36 -25.93 39.34
CA GLU L 88 -68.93 -25.68 39.15
C GLU L 88 -68.59 -25.49 37.68
N VAL L 89 -67.87 -24.42 37.39
CA VAL L 89 -67.44 -24.08 36.04
C VAL L 89 -66.01 -24.61 35.85
N PRO L 90 -65.75 -25.44 34.82
CA PRO L 90 -64.42 -26.00 34.61
C PRO L 90 -63.47 -25.09 33.81
N PHE L 91 -63.37 -23.83 34.22
CA PHE L 91 -62.50 -22.88 33.54
C PHE L 91 -61.75 -22.06 34.57
N ASP L 92 -60.44 -21.96 34.40
CA ASP L 92 -59.60 -21.18 35.30
C ASP L 92 -59.52 -19.74 34.80
N LEU L 93 -58.91 -18.87 35.61
CA LEU L 93 -58.78 -17.45 35.26
C LEU L 93 -58.00 -17.23 33.98
N ASN L 94 -57.02 -18.10 33.67
CA ASN L 94 -56.25 -17.95 32.45
C ASN L 94 -57.11 -18.18 31.21
N ALA L 95 -58.01 -19.17 31.28
CA ALA L 95 -58.86 -19.46 30.13
C ALA L 95 -59.97 -18.41 29.98
N LEU L 96 -60.41 -17.83 31.10
CA LEU L 96 -61.46 -16.82 31.05
C LEU L 96 -61.01 -15.55 30.35
N LEU L 97 -59.77 -15.12 30.58
CA LEU L 97 -59.27 -13.91 29.96
C LEU L 97 -59.14 -14.07 28.45
N ALA L 98 -58.71 -15.25 27.99
CA ALA L 98 -58.57 -15.47 26.55
C ALA L 98 -59.92 -15.50 25.86
N PHE L 99 -60.88 -16.28 26.41
CA PHE L 99 -62.21 -16.37 25.84
C PHE L 99 -62.91 -15.03 25.80
N GLU L 100 -62.90 -14.32 26.93
CA GLU L 100 -63.55 -13.01 27.01
C GLU L 100 -62.87 -12.00 26.09
N PHE L 101 -61.53 -11.99 26.06
CA PHE L 101 -60.82 -11.04 25.21
C PHE L 101 -61.15 -11.27 23.75
N VAL L 102 -61.12 -12.52 23.29
CA VAL L 102 -61.41 -12.81 21.89
C VAL L 102 -62.86 -12.50 21.55
N ALA L 103 -63.80 -12.96 22.39
CA ALA L 103 -65.22 -12.73 22.14
C ALA L 103 -65.58 -11.24 22.13
N MET L 104 -65.12 -10.50 23.15
CA MET L 104 -65.42 -9.08 23.21
C MET L 104 -64.71 -8.32 22.10
N ALA L 105 -63.50 -8.74 21.74
CA ALA L 105 -62.78 -8.07 20.67
C ALA L 105 -63.52 -8.23 19.35
N ALA L 106 -64.02 -9.44 19.07
CA ALA L 106 -64.75 -9.68 17.83
C ALA L 106 -66.07 -8.91 17.80
N ALA L 107 -66.86 -9.01 18.88
CA ALA L 107 -68.15 -8.33 18.93
C ALA L 107 -68.00 -6.82 18.87
N GLU L 108 -67.14 -6.25 19.70
CA GLU L 108 -66.93 -4.82 19.69
C GLU L 108 -66.25 -4.35 18.41
N GLY L 109 -65.45 -5.21 17.77
CA GLY L 109 -64.83 -4.82 16.52
C GLY L 109 -65.87 -4.68 15.42
N GLN L 110 -66.82 -5.62 15.38
CA GLN L 110 -67.89 -5.53 14.39
C GLN L 110 -68.77 -4.32 14.67
N ARG L 111 -69.06 -4.06 15.95
CA ARG L 111 -69.87 -2.90 16.32
C ARG L 111 -69.17 -1.60 15.94
N GLY L 112 -67.85 -1.53 16.15
CA GLY L 112 -67.11 -0.33 15.79
C GLY L 112 -67.04 -0.14 14.29
N ASP L 113 -66.85 -1.25 13.55
CA ASP L 113 -66.78 -1.18 12.10
C ASP L 113 -68.13 -0.80 11.48
N ALA L 114 -69.22 -0.98 12.23
CA ALA L 114 -70.54 -0.62 11.71
C ALA L 114 -70.66 0.88 11.45
N GLY L 115 -69.99 1.71 12.27
CA GLY L 115 -70.05 3.14 12.07
C GLY L 115 -70.96 3.89 13.05
N GLY L 116 -70.87 3.55 14.32
CA GLY L 116 -71.68 4.20 15.34
C GLY L 116 -73.16 3.91 15.29
N VAL L 117 -73.54 2.66 15.04
CA VAL L 117 -74.94 2.28 14.99
C VAL L 117 -75.47 2.12 16.41
N VAL L 118 -76.54 2.85 16.73
CA VAL L 118 -77.14 2.82 18.05
C VAL L 118 -78.28 1.81 18.12
N TYR L 119 -79.11 1.75 17.08
CA TYR L 119 -80.26 0.86 17.00
C TYR L 119 -80.12 -0.02 15.77
N PRO L 120 -79.41 -1.16 15.87
CA PRO L 120 -79.23 -2.04 14.71
C PRO L 120 -80.51 -2.71 14.22
N GLY L 121 -81.19 -3.40 15.11
CA GLY L 121 -82.40 -4.10 14.74
C GLY L 121 -82.09 -5.36 13.95
N GLY L 122 -83.13 -5.92 13.35
CA GLY L 122 -82.97 -7.12 12.56
C GLY L 122 -82.72 -8.35 13.41
N ALA L 123 -81.49 -8.87 13.38
CA ALA L 123 -81.15 -10.05 14.16
C ALA L 123 -81.19 -9.78 15.65
N PHE L 124 -80.91 -8.54 16.07
CA PHE L 124 -80.93 -8.19 17.48
C PHE L 124 -82.32 -7.97 18.02
N ASP L 125 -83.33 -7.91 17.15
CA ASP L 125 -84.72 -7.73 17.54
C ASP L 125 -85.55 -8.83 16.88
N PRO L 126 -85.42 -10.08 17.34
CA PRO L 126 -86.20 -11.17 16.72
C PRO L 126 -87.70 -11.04 16.92
N LEU L 127 -88.14 -10.50 18.06
CA LEU L 127 -89.56 -10.34 18.32
C LEU L 127 -90.17 -9.20 17.53
N GLY L 128 -89.35 -8.30 16.99
CA GLY L 128 -89.85 -7.19 16.20
C GLY L 128 -90.66 -6.17 16.98
N PHE L 129 -90.22 -5.83 18.19
CA PHE L 129 -90.95 -4.86 19.00
C PHE L 129 -90.77 -3.44 18.50
N ALA L 130 -89.80 -3.19 17.63
CA ALA L 130 -89.53 -1.86 17.07
C ALA L 130 -89.45 -1.93 15.56
N LYS L 131 -90.37 -2.69 14.94
CA LYS L 131 -90.38 -2.82 13.49
C LYS L 131 -90.74 -1.51 12.82
N ASP L 132 -91.64 -0.74 13.42
CA ASP L 132 -92.07 0.54 12.90
C ASP L 132 -91.41 1.65 13.71
N SER L 133 -90.82 2.62 13.03
CA SER L 133 -90.14 3.73 13.69
C SER L 133 -91.09 4.73 14.35
N SER L 134 -92.39 4.61 14.13
CA SER L 134 -93.34 5.54 14.74
C SER L 134 -93.44 5.33 16.24
N LYS L 135 -93.61 4.07 16.66
CA LYS L 135 -93.73 3.73 18.07
C LYS L 135 -92.39 3.45 18.74
N SER L 136 -91.29 3.49 17.98
CA SER L 136 -89.98 3.23 18.58
C SER L 136 -89.49 4.39 19.42
N GLY L 137 -90.03 5.60 19.20
CA GLY L 137 -89.60 6.75 19.97
C GLY L 137 -89.95 6.64 21.44
N GLU L 138 -91.12 6.09 21.74
CA GLU L 138 -91.54 5.95 23.14
C GLU L 138 -90.78 4.81 23.82
N LEU L 139 -90.48 3.74 23.08
CA LEU L 139 -89.74 2.63 23.67
C LEU L 139 -88.28 2.98 23.89
N LYS L 140 -87.72 3.88 23.09
CA LYS L 140 -86.32 4.28 23.28
C LYS L 140 -86.18 5.16 24.52
N LEU L 141 -87.21 5.93 24.84
CA LEU L 141 -87.19 6.78 26.03
C LEU L 141 -87.12 5.93 27.29
N LYS L 142 -87.86 4.82 27.31
CA LYS L 142 -87.84 3.92 28.45
C LYS L 142 -86.47 3.29 28.61
N GLU L 143 -85.84 2.93 27.49
CA GLU L 143 -84.52 2.31 27.51
C GLU L 143 -83.47 3.28 28.04
N ILE L 144 -83.49 4.54 27.58
CA ILE L 144 -82.49 5.50 28.05
C ILE L 144 -82.75 5.87 29.51
N LYS L 145 -84.02 5.94 29.93
CA LYS L 145 -84.31 6.27 31.32
C LYS L 145 -83.88 5.15 32.25
N ASN L 146 -84.16 3.90 31.88
CA ASN L 146 -83.73 2.77 32.68
C ASN L 146 -82.21 2.66 32.67
N GLY L 147 -81.57 3.05 31.57
CA GLY L 147 -80.12 3.01 31.51
C GLY L 147 -79.48 4.03 32.44
N ARG L 148 -80.04 5.25 32.47
CA ARG L 148 -79.50 6.27 33.37
C ARG L 148 -79.73 5.87 34.82
N LEU L 149 -80.90 5.29 35.10
CA LEU L 149 -81.19 4.83 36.46
C LEU L 149 -80.25 3.71 36.87
N ALA L 150 -79.95 2.79 35.95
CA ALA L 150 -79.05 1.69 36.26
C ALA L 150 -77.61 2.19 36.42
N MET L 151 -77.22 3.22 35.67
CA MET L 151 -75.89 3.78 35.83
C MET L 151 -75.74 4.39 37.22
N VAL L 152 -76.77 5.13 37.65
CA VAL L 152 -76.77 5.73 38.98
C VAL L 152 -76.77 4.63 40.04
N ALA L 153 -77.51 3.55 39.78
CA ALA L 153 -77.58 2.43 40.72
C ALA L 153 -76.23 1.74 40.86
N PHE L 154 -75.51 1.54 39.75
CA PHE L 154 -74.21 0.89 39.85
C PHE L 154 -73.21 1.79 40.57
N LEU L 155 -73.28 3.10 40.30
CA LEU L 155 -72.40 4.02 41.01
C LEU L 155 -72.70 3.99 42.50
N GLY L 156 -73.99 3.85 42.84
CA GLY L 156 -74.38 3.75 44.23
C GLY L 156 -73.91 2.46 44.86
N PHE L 157 -73.91 1.37 44.08
CA PHE L 157 -73.43 0.09 44.57
C PHE L 157 -71.95 0.19 44.96
N VAL L 158 -71.15 0.75 44.04
CA VAL L 158 -69.72 0.90 44.27
C VAL L 158 -69.45 1.81 45.46
N ALA L 159 -70.16 2.94 45.53
CA ALA L 159 -69.95 3.90 46.62
C ALA L 159 -70.36 3.32 47.97
N GLN L 160 -71.54 2.68 48.04
CA GLN L 160 -71.99 2.12 49.31
C GLN L 160 -71.08 0.98 49.75
N HIS L 161 -70.53 0.21 48.80
CA HIS L 161 -69.63 -0.86 49.19
C HIS L 161 -68.32 -0.29 49.71
N ALA L 162 -67.74 0.69 48.98
CA ALA L 162 -66.50 1.31 49.40
C ALA L 162 -66.64 2.05 50.72
N ALA L 163 -67.86 2.44 51.09
CA ALA L 163 -68.06 3.14 52.35
C ALA L 163 -68.46 2.24 53.51
N THR L 164 -69.09 1.07 53.26
CA THR L 164 -69.50 0.24 54.39
C THR L 164 -68.95 -1.19 54.36
N GLY L 165 -68.86 -1.81 53.19
CA GLY L 165 -68.38 -3.18 53.10
C GLY L 165 -69.45 -4.23 52.95
N LYS L 166 -70.70 -3.83 52.73
CA LYS L 166 -71.81 -4.76 52.58
C LYS L 166 -72.38 -4.67 51.17
N GLY L 167 -73.12 -5.70 50.79
CA GLY L 167 -73.73 -5.75 49.49
C GLY L 167 -74.96 -4.87 49.43
N PRO L 168 -75.43 -4.63 48.20
CA PRO L 168 -76.63 -3.78 48.03
C PRO L 168 -77.88 -4.30 48.73
N ILE L 169 -78.10 -5.62 48.74
CA ILE L 169 -79.27 -6.16 49.41
C ILE L 169 -79.09 -6.06 50.92
N ALA L 170 -77.88 -6.34 51.41
CA ALA L 170 -77.60 -6.24 52.84
C ALA L 170 -77.72 -4.80 53.32
N ALA L 171 -77.30 -3.84 52.50
CA ALA L 171 -77.42 -2.44 52.88
C ALA L 171 -78.87 -2.01 52.88
N LEU L 172 -79.68 -2.58 51.99
CA LEU L 172 -81.10 -2.24 51.94
C LEU L 172 -81.82 -2.77 53.17
N GLY L 173 -81.50 -4.00 53.59
CA GLY L 173 -82.13 -4.56 54.78
C GLY L 173 -81.74 -3.80 56.04
N GLU L 174 -80.47 -3.38 56.12
CA GLU L 174 -80.01 -2.61 57.27
C GLU L 174 -80.72 -1.26 57.32
N HIS L 175 -80.89 -0.62 56.16
CA HIS L 175 -81.58 0.65 56.11
C HIS L 175 -83.05 0.48 56.45
N LEU L 176 -83.65 -0.64 56.06
CA LEU L 176 -85.05 -0.87 56.40
C LEU L 176 -85.20 -1.12 57.89
N ALA L 177 -84.20 -1.75 58.51
CA ALA L 177 -84.26 -2.01 59.95
C ALA L 177 -84.07 -0.71 60.74
N ASN L 178 -83.21 0.18 60.25
CA ASN L 178 -82.95 1.45 60.93
C ASN L 178 -82.68 2.52 59.88
N PRO L 179 -83.73 3.21 59.42
CA PRO L 179 -83.54 4.26 58.40
C PRO L 179 -82.77 5.47 58.87
N TRP L 180 -83.19 6.04 60.01
CA TRP L 180 -82.53 7.22 60.53
C TRP L 180 -81.14 6.91 61.08
N GLY L 181 -80.93 5.71 61.60
CA GLY L 181 -79.64 5.34 62.14
C GLY L 181 -78.67 4.66 61.20
N ALA L 182 -79.08 4.33 59.97
CA ALA L 182 -78.17 3.66 59.04
C ALA L 182 -78.39 4.24 57.65
N ASN L 183 -77.58 5.23 57.30
CA ASN L 183 -77.64 5.86 55.99
C ASN L 183 -76.24 6.38 55.66
N PHE L 184 -76.14 7.16 54.59
CA PHE L 184 -74.84 7.70 54.19
C PHE L 184 -74.32 8.73 55.18
N ALA L 185 -75.22 9.36 55.94
CA ALA L 185 -74.79 10.35 56.92
C ALA L 185 -74.40 9.73 58.26
N THR L 186 -74.50 8.40 58.40
CA THR L 186 -74.14 7.72 59.63
C THR L 186 -73.05 6.68 59.46
N ASN L 187 -72.49 6.53 58.27
CA ASN L 187 -71.44 5.52 58.08
C ASN L 187 -70.05 6.02 58.49
N GLY L 188 -69.91 7.31 58.79
CA GLY L 188 -68.62 7.85 59.19
C GLY L 188 -67.59 7.92 58.09
N ILE L 189 -68.01 7.79 56.83
CA ILE L 189 -67.11 7.82 55.68
C ILE L 189 -67.48 8.94 54.72
N SER L 190 -68.76 9.01 54.34
CA SER L 190 -69.25 10.02 53.40
C SER L 190 -69.03 11.44 53.91
N VAL L 191 -69.70 11.83 54.98
CA VAL L 191 -69.54 13.16 55.54
C VAL L 191 -68.59 13.04 56.74
N PRO L 192 -67.38 13.59 56.66
CA PRO L 192 -66.43 13.43 57.79
C PRO L 192 -66.77 14.25 59.02
N PHE L 193 -67.54 15.31 58.90
CA PHE L 193 -67.86 16.12 60.08
C PHE L 193 -69.16 15.74 60.75
N PHE L 194 -69.87 14.72 60.26
CA PHE L 194 -71.12 14.32 60.90
C PHE L 194 -70.82 13.36 62.06
N LYS M 1 -124.47 24.07 41.75
CA LYS M 1 -123.55 23.92 42.89
C LYS M 1 -124.22 23.12 44.01
N ALA M 2 -123.39 22.49 44.85
CA ALA M 2 -123.92 21.71 45.96
C ALA M 2 -124.25 22.57 47.17
N GLY M 3 -123.64 23.73 47.29
CA GLY M 3 -123.90 24.61 48.43
C GLY M 3 -122.83 25.68 48.51
N ASN M 4 -122.73 26.28 49.69
CA ASN M 4 -121.75 27.33 49.94
C ASN M 4 -120.98 26.97 51.20
N TRP M 5 -119.66 26.81 51.07
CA TRP M 5 -118.85 26.48 52.25
C TRP M 5 -118.80 27.65 53.22
N LEU M 6 -118.75 28.87 52.70
CA LEU M 6 -118.73 30.06 53.55
C LEU M 6 -119.95 30.89 53.19
N PRO M 7 -120.97 30.93 54.05
CA PRO M 7 -122.17 31.72 53.74
C PRO M 7 -121.84 33.20 53.59
N GLY M 8 -122.40 33.79 52.54
CA GLY M 8 -122.16 35.18 52.21
C GLY M 8 -121.03 35.41 51.24
N SER M 9 -120.23 34.39 50.97
CA SER M 9 -119.11 34.49 50.04
C SER M 9 -119.55 34.09 48.64
N ASP M 10 -118.85 34.64 47.65
CA ASP M 10 -119.15 34.36 46.25
C ASP M 10 -118.33 33.16 45.77
N ALA M 11 -118.98 32.28 45.03
CA ALA M 11 -118.30 31.09 44.53
C ALA M 11 -117.27 31.47 43.47
N PRO M 12 -116.15 30.75 43.39
CA PRO M 12 -115.13 31.07 42.39
C PRO M 12 -115.63 30.80 40.97
N ALA M 13 -115.14 31.62 40.04
CA ALA M 13 -115.55 31.49 38.64
C ALA M 13 -114.90 30.31 37.93
N TRP M 14 -113.86 29.72 38.52
CA TRP M 14 -113.17 28.60 37.88
C TRP M 14 -113.76 27.24 38.26
N LEU M 15 -114.78 27.20 39.11
CA LEU M 15 -115.40 25.95 39.49
C LEU M 15 -116.71 25.79 38.73
N PRO M 16 -116.83 24.79 37.86
CA PRO M 16 -118.09 24.62 37.11
C PRO M 16 -119.26 24.27 38.01
N ASP M 17 -120.45 24.72 37.60
CA ASP M 17 -121.67 24.48 38.38
C ASP M 17 -122.10 23.02 38.33
N ASP M 18 -121.82 22.31 37.24
CA ASP M 18 -122.22 20.91 37.13
C ASP M 18 -121.24 19.96 37.79
N LEU M 19 -120.15 20.47 38.37
CA LEU M 19 -119.18 19.60 39.02
C LEU M 19 -119.76 19.03 40.31
N PRO M 20 -119.68 17.72 40.54
CA PRO M 20 -120.24 17.14 41.76
C PRO M 20 -119.48 17.60 43.00
N GLY M 21 -120.24 17.91 44.05
CA GLY M 21 -119.66 18.37 45.30
C GLY M 21 -119.03 19.73 45.21
N ASN M 22 -119.56 20.60 44.35
CA ASN M 22 -119.02 21.95 44.17
C ASN M 22 -119.64 22.89 45.20
N TYR M 23 -118.95 23.10 46.30
CA TYR M 23 -119.37 24.00 47.36
C TYR M 23 -118.68 25.34 47.25
N GLY M 24 -117.86 25.54 46.21
CA GLY M 24 -117.14 26.78 46.04
C GLY M 24 -115.98 26.92 47.01
N PHE M 25 -115.46 25.81 47.51
CA PHE M 25 -114.36 25.83 48.48
C PHE M 25 -113.02 25.70 47.76
N ASP M 26 -112.33 26.83 47.62
CA ASP M 26 -111.02 26.92 47.00
C ASP M 26 -110.35 28.22 47.40
N PRO M 27 -109.99 28.41 48.67
CA PRO M 27 -109.36 29.67 49.07
C PRO M 27 -107.93 29.81 48.59
N LEU M 28 -107.22 28.71 48.39
CA LEU M 28 -105.84 28.76 47.94
C LEU M 28 -105.70 28.85 46.43
N SER M 29 -106.83 28.78 45.70
CA SER M 29 -106.86 28.84 44.24
C SER M 29 -105.97 27.78 43.60
N LEU M 30 -106.04 26.56 44.15
CA LEU M 30 -105.22 25.47 43.62
C LEU M 30 -105.74 24.98 42.27
N GLY M 31 -107.05 24.92 42.09
CA GLY M 31 -107.62 24.47 40.85
C GLY M 31 -107.97 25.60 39.90
N LYS M 32 -107.15 26.65 39.92
CA LYS M 32 -107.39 27.82 39.07
C LYS M 32 -107.26 27.46 37.59
N GLU M 33 -106.23 26.71 37.23
CA GLU M 33 -106.03 26.30 35.84
C GLU M 33 -106.90 25.09 35.52
N PRO M 34 -107.48 25.03 34.32
CA PRO M 34 -108.33 23.88 33.96
C PRO M 34 -107.59 22.56 33.90
N ALA M 35 -106.30 22.55 33.54
CA ALA M 35 -105.55 21.30 33.47
C ALA M 35 -105.33 20.72 34.86
N SER M 36 -105.15 21.58 35.85
CA SER M 36 -104.93 21.10 37.21
C SER M 36 -106.23 20.64 37.85
N LEU M 37 -107.36 21.28 37.50
CA LEU M 37 -108.65 20.93 38.08
C LEU M 37 -109.07 19.51 37.70
N LYS M 38 -108.78 19.09 36.47
CA LYS M 38 -109.14 17.75 36.03
C LYS M 38 -108.40 16.68 36.82
N ARG M 39 -107.08 16.84 36.93
CA ARG M 39 -106.26 15.89 37.67
C ARG M 39 -106.65 15.87 39.14
N PHE M 40 -106.91 17.05 39.71
CA PHE M 40 -107.30 17.12 41.12
C PHE M 40 -108.67 16.50 41.33
N THR M 41 -109.57 16.62 40.34
CA THR M 41 -110.90 16.01 40.47
C THR M 41 -110.80 14.49 40.49
N GLU M 42 -110.03 13.93 39.55
CA GLU M 42 -109.85 12.48 39.50
C GLU M 42 -109.15 12.00 40.76
N SER M 43 -108.15 12.77 41.23
CA SER M 43 -107.42 12.42 42.44
C SER M 43 -108.33 12.44 43.66
N GLU M 44 -109.24 13.41 43.73
CA GLU M 44 -110.16 13.50 44.86
C GLU M 44 -111.13 12.33 44.88
N VAL M 45 -111.64 11.94 43.70
CA VAL M 45 -112.56 10.81 43.65
C VAL M 45 -111.85 9.50 44.04
N ILE M 46 -110.63 9.32 43.52
CA ILE M 46 -109.85 8.12 43.84
C ILE M 46 -109.52 8.08 45.34
N HIS M 47 -109.16 9.24 45.89
CA HIS M 47 -108.84 9.33 47.32
C HIS M 47 -110.06 9.02 48.16
N GLY M 48 -111.24 9.50 47.74
CA GLY M 48 -112.45 9.23 48.47
C GLY M 48 -112.81 7.77 48.47
N ARG M 49 -112.64 7.11 47.32
CA ARG M 49 -112.95 5.68 47.24
C ARG M 49 -111.99 4.86 48.10
N TRP M 50 -110.69 5.17 48.03
CA TRP M 50 -109.70 4.46 48.83
C TRP M 50 -109.92 4.71 50.32
N ALA M 51 -110.28 5.93 50.69
CA ALA M 51 -110.54 6.25 52.09
C ALA M 51 -111.78 5.54 52.59
N MET M 52 -112.81 5.41 51.73
CA MET M 52 -114.02 4.70 52.14
C MET M 52 -113.69 3.25 52.41
N LEU M 53 -112.88 2.63 51.53
CA LEU M 53 -112.48 1.24 51.72
C LEU M 53 -111.66 1.09 52.99
N GLY M 54 -110.72 2.01 53.23
CA GLY M 54 -109.88 1.93 54.41
C GLY M 54 -110.64 2.10 55.71
N VAL M 55 -111.55 3.09 55.77
CA VAL M 55 -112.33 3.32 56.98
C VAL M 55 -113.28 2.15 57.23
N ALA M 56 -113.90 1.62 56.17
CA ALA M 56 -114.79 0.48 56.34
C ALA M 56 -114.02 -0.74 56.85
N GLY M 57 -112.80 -0.94 56.31
CA GLY M 57 -111.99 -2.06 56.76
C GLY M 57 -111.55 -1.93 58.20
N SER M 58 -111.13 -0.72 58.60
CA SER M 58 -110.70 -0.50 59.98
C SER M 58 -111.87 -0.69 60.95
N LEU M 59 -113.03 -0.14 60.61
CA LEU M 59 -114.19 -0.29 61.48
C LEU M 59 -114.63 -1.74 61.60
N ALA M 60 -114.64 -2.46 60.47
CA ALA M 60 -115.05 -3.87 60.51
C ALA M 60 -114.05 -4.73 61.27
N VAL M 61 -112.75 -4.51 61.09
CA VAL M 61 -111.76 -5.32 61.78
C VAL M 61 -111.78 -5.04 63.28
N GLU M 62 -112.07 -3.81 63.70
CA GLU M 62 -112.12 -3.58 65.13
C GLU M 62 -113.46 -3.97 65.73
N LEU M 63 -114.53 -3.98 64.94
CA LEU M 63 -115.83 -4.36 65.46
C LEU M 63 -116.00 -5.87 65.53
N LEU M 64 -115.27 -6.62 64.70
CA LEU M 64 -115.38 -8.08 64.70
C LEU M 64 -114.44 -8.74 65.71
N GLY M 65 -113.68 -7.95 66.47
CA GLY M 65 -112.79 -8.51 67.47
C GLY M 65 -111.47 -9.05 66.95
N TYR M 66 -110.97 -8.52 65.84
CA TYR M 66 -109.70 -8.97 65.25
C TYR M 66 -108.64 -7.88 65.32
N GLY M 67 -108.62 -7.10 66.40
CA GLY M 67 -107.65 -6.04 66.57
C GLY M 67 -108.03 -4.79 65.81
N ASN M 68 -107.23 -3.75 66.01
CA ASN M 68 -107.46 -2.47 65.36
C ASN M 68 -106.67 -2.39 64.06
N TRP M 69 -106.77 -1.23 63.40
CA TRP M 69 -106.07 -1.03 62.13
C TRP M 69 -104.57 -0.86 62.31
N TYR M 70 -104.12 -0.38 63.47
CA TYR M 70 -102.69 -0.16 63.69
C TYR M 70 -101.94 -1.45 63.98
N ASP M 71 -102.56 -2.43 64.64
CA ASP M 71 -101.90 -3.68 64.97
C ASP M 71 -102.04 -4.74 63.88
N ALA M 72 -102.63 -4.42 62.74
CA ALA M 72 -102.79 -5.40 61.67
C ALA M 72 -101.46 -5.89 61.09
N PRO M 73 -100.49 -5.06 60.71
CA PRO M 73 -99.24 -5.62 60.16
C PRO M 73 -98.19 -5.95 61.21
N LEU M 74 -98.55 -6.03 62.49
CA LEU M 74 -97.60 -6.31 63.55
C LEU M 74 -97.12 -7.77 63.53
N TRP M 75 -97.80 -8.65 62.81
CA TRP M 75 -97.38 -10.06 62.75
C TRP M 75 -96.05 -10.22 62.03
N ALA M 76 -95.75 -9.32 61.08
CA ALA M 76 -94.51 -9.37 60.32
C ALA M 76 -93.42 -8.50 60.92
N VAL M 77 -93.51 -8.19 62.21
CA VAL M 77 -92.50 -7.35 62.87
C VAL M 77 -91.81 -8.17 63.95
N ASN M 78 -92.55 -9.11 64.54
CA ASN M 78 -92.02 -9.96 65.59
C ASN M 78 -92.17 -11.44 65.28
N GLY M 79 -92.60 -11.79 64.07
CA GLY M 79 -92.77 -13.18 63.71
C GLY M 79 -94.18 -13.67 63.93
N GLY M 80 -94.87 -14.01 62.85
CA GLY M 80 -96.24 -14.49 62.96
C GLY M 80 -96.81 -14.74 61.59
N LYS M 81 -98.08 -15.12 61.57
CA LYS M 81 -98.81 -15.41 60.34
C LYS M 81 -100.06 -14.56 60.31
N ALA M 82 -100.33 -13.96 59.15
CA ALA M 82 -101.52 -13.12 59.00
C ALA M 82 -102.77 -13.97 58.99
N THR M 83 -103.84 -13.44 59.59
CA THR M 83 -105.12 -14.13 59.66
C THR M 83 -106.23 -13.21 59.19
N TRP M 84 -107.03 -13.69 58.24
CA TRP M 84 -108.16 -12.95 57.70
C TRP M 84 -109.44 -13.65 58.12
N PHE M 85 -110.28 -12.96 58.90
CA PHE M 85 -111.54 -13.49 59.43
C PHE M 85 -111.30 -14.73 60.29
N GLY M 86 -110.13 -14.80 60.93
CA GLY M 86 -109.77 -15.93 61.76
C GLY M 86 -109.14 -17.08 61.01
N ILE M 87 -108.96 -16.96 59.70
CA ILE M 87 -108.37 -18.01 58.87
C ILE M 87 -106.93 -17.65 58.57
N GLU M 88 -106.02 -18.59 58.84
CA GLU M 88 -104.60 -18.37 58.62
C GLU M 88 -104.26 -18.26 57.13
N VAL M 89 -103.28 -17.41 56.84
CA VAL M 89 -102.80 -17.16 55.48
C VAL M 89 -101.31 -17.50 55.46
N PRO M 90 -100.84 -18.34 54.54
CA PRO M 90 -99.42 -18.71 54.53
C PRO M 90 -98.51 -17.80 53.71
N PHE M 91 -98.97 -16.59 53.38
CA PHE M 91 -98.16 -15.67 52.60
C PHE M 91 -97.34 -14.77 53.51
N ASP M 92 -96.02 -14.81 53.35
CA ASP M 92 -95.16 -13.96 54.16
C ASP M 92 -95.10 -12.56 53.58
N LEU M 93 -94.45 -11.65 54.32
CA LEU M 93 -94.36 -10.25 53.90
C LEU M 93 -93.66 -10.08 52.56
N ASN M 94 -92.67 -10.92 52.27
CA ASN M 94 -91.95 -10.81 51.00
C ASN M 94 -92.84 -11.16 49.81
N ALA M 95 -93.66 -12.21 49.93
CA ALA M 95 -94.53 -12.58 48.82
C ALA M 95 -95.72 -11.63 48.70
N LEU M 96 -96.07 -10.94 49.78
CA LEU M 96 -97.20 -10.01 49.72
C LEU M 96 -96.83 -8.74 48.98
N LEU M 97 -95.63 -8.22 49.21
CA LEU M 97 -95.20 -6.99 48.55
C LEU M 97 -95.07 -7.19 47.04
N ALA M 98 -94.58 -8.34 46.61
CA ALA M 98 -94.41 -8.60 45.18
C ALA M 98 -95.75 -8.75 44.48
N PHE M 99 -96.65 -9.56 45.03
CA PHE M 99 -97.96 -9.75 44.40
C PHE M 99 -98.78 -8.46 44.40
N GLU M 100 -98.77 -7.74 45.52
CA GLU M 100 -99.50 -6.48 45.59
C GLU M 100 -98.91 -5.46 44.63
N PHE M 101 -97.58 -5.42 44.52
CA PHE M 101 -96.93 -4.49 43.61
C PHE M 101 -97.30 -4.78 42.17
N VAL M 102 -97.26 -6.06 41.78
CA VAL M 102 -97.59 -6.43 40.40
C VAL M 102 -99.06 -6.14 40.08
N ALA M 103 -99.96 -6.57 40.98
CA ALA M 103 -101.39 -6.36 40.77
C ALA M 103 -101.76 -4.87 40.73
N MET M 104 -101.24 -4.10 41.69
CA MET M 104 -101.54 -2.67 41.74
C MET M 104 -100.92 -1.95 40.56
N ALA M 105 -99.70 -2.34 40.14
CA ALA M 105 -99.07 -1.71 39.00
C ALA M 105 -99.86 -1.96 37.73
N ALA M 106 -100.33 -3.19 37.53
CA ALA M 106 -101.11 -3.50 36.33
C ALA M 106 -102.45 -2.77 36.34
N ALA M 107 -103.17 -2.81 37.47
CA ALA M 107 -104.48 -2.16 37.55
C ALA M 107 -104.36 -0.64 37.40
N GLU M 108 -103.40 -0.03 38.08
CA GLU M 108 -103.23 1.42 38.00
C GLU M 108 -102.71 1.83 36.63
N GLY M 109 -101.89 1.00 35.98
CA GLY M 109 -101.43 1.33 34.65
C GLY M 109 -102.57 1.29 33.66
N GLN M 110 -103.44 0.29 33.79
CA GLN M 110 -104.60 0.20 32.90
C GLN M 110 -105.55 1.37 33.14
N ARG M 111 -105.71 1.79 34.39
CA ARG M 111 -106.58 2.91 34.69
C ARG M 111 -106.00 4.23 34.18
N GLY M 112 -104.69 4.43 34.34
CA GLY M 112 -104.09 5.66 33.89
C GLY M 112 -103.92 5.75 32.38
N ASP M 113 -103.88 4.60 31.70
CA ASP M 113 -103.72 4.63 30.25
C ASP M 113 -104.97 5.14 29.52
N ALA M 114 -106.11 5.18 30.21
CA ALA M 114 -107.35 5.65 29.60
C ALA M 114 -107.41 7.17 29.46
N GLY M 115 -106.44 7.90 30.00
CA GLY M 115 -106.44 9.35 29.89
C GLY M 115 -107.16 10.04 31.03
N GLY M 116 -107.06 9.49 32.23
CA GLY M 116 -107.70 10.07 33.39
C GLY M 116 -109.21 9.99 33.36
N VAL M 117 -109.75 8.78 33.43
CA VAL M 117 -111.19 8.54 33.42
C VAL M 117 -111.64 8.37 34.86
N VAL M 118 -112.64 9.15 35.25
CA VAL M 118 -113.16 9.11 36.62
C VAL M 118 -114.37 8.19 36.73
N TYR M 119 -115.22 8.14 35.71
CA TYR M 119 -116.42 7.31 35.71
C TYR M 119 -116.41 6.40 34.48
N PRO M 120 -115.71 5.26 34.56
CA PRO M 120 -115.66 4.36 33.39
C PRO M 120 -116.98 3.68 33.07
N GLY M 121 -117.60 3.05 34.06
CA GLY M 121 -118.85 2.36 33.84
C GLY M 121 -118.62 1.03 33.14
N GLY M 122 -119.72 0.47 32.64
CA GLY M 122 -119.66 -0.80 31.95
C GLY M 122 -119.38 -1.97 32.86
N ALA M 123 -118.16 -2.50 32.79
CA ALA M 123 -117.79 -3.64 33.62
C ALA M 123 -117.75 -3.29 35.10
N PHE M 124 -117.47 -2.02 35.43
CA PHE M 124 -117.42 -1.61 36.82
C PHE M 124 -118.80 -1.35 37.41
N ASP M 125 -119.84 -1.36 36.59
CA ASP M 125 -121.22 -1.15 37.03
C ASP M 125 -122.09 -2.25 36.43
N PRO M 126 -121.97 -3.49 36.92
CA PRO M 126 -122.79 -4.57 36.36
C PRO M 126 -124.27 -4.45 36.70
N LEU M 127 -124.60 -3.80 37.81
CA LEU M 127 -126.00 -3.63 38.20
C LEU M 127 -126.69 -2.50 37.46
N GLY M 128 -125.95 -1.63 36.81
CA GLY M 128 -126.54 -0.52 36.07
C GLY M 128 -127.24 0.51 36.93
N PHE M 129 -126.66 0.86 38.08
CA PHE M 129 -127.29 1.84 38.96
C PHE M 129 -127.18 3.26 38.40
N ALA M 130 -126.28 3.50 37.45
CA ALA M 130 -126.10 4.80 36.84
C ALA M 130 -126.20 4.72 35.32
N LYS M 131 -127.17 3.94 34.84
CA LYS M 131 -127.36 3.79 33.39
C LYS M 131 -127.79 5.11 32.75
N ASP M 132 -128.69 5.83 33.42
CA ASP M 132 -129.19 7.11 32.92
C ASP M 132 -128.32 8.24 33.48
N SER M 133 -128.06 9.24 32.65
CA SER M 133 -127.24 10.37 33.09
C SER M 133 -128.02 11.38 33.92
N SER M 134 -129.35 11.23 34.03
CA SER M 134 -130.13 12.17 34.83
C SER M 134 -129.87 11.98 36.32
N LYS M 135 -129.89 10.74 36.78
CA LYS M 135 -129.65 10.41 38.18
C LYS M 135 -128.17 10.23 38.49
N SER M 136 -127.31 10.33 37.47
CA SER M 136 -125.88 10.16 37.69
C SER M 136 -125.29 11.30 38.50
N GLY M 137 -125.78 12.53 38.27
CA GLY M 137 -125.26 13.68 39.02
C GLY M 137 -125.58 13.64 40.49
N GLU M 138 -126.74 13.07 40.85
CA GLU M 138 -127.13 13.00 42.26
C GLU M 138 -126.30 11.97 43.00
N LEU M 139 -126.08 10.80 42.39
CA LEU M 139 -125.31 9.75 43.04
C LEU M 139 -123.83 10.12 43.13
N LYS M 140 -123.34 10.91 42.16
CA LYS M 140 -121.94 11.34 42.18
C LYS M 140 -121.69 12.26 43.37
N LEU M 141 -122.69 13.09 43.70
CA LEU M 141 -122.58 13.97 44.85
C LEU M 141 -122.51 13.17 46.14
N LYS M 142 -123.30 12.11 46.24
CA LYS M 142 -123.28 11.25 47.41
C LYS M 142 -121.93 10.55 47.53
N GLU M 143 -121.37 10.13 46.39
CA GLU M 143 -120.07 9.45 46.39
C GLU M 143 -118.96 10.38 46.84
N ILE M 144 -118.92 11.60 46.30
CA ILE M 144 -117.87 12.54 46.68
C ILE M 144 -118.04 13.00 48.14
N LYS M 145 -119.28 13.13 48.61
CA LYS M 145 -119.49 13.55 50.00
C LYS M 145 -119.09 12.44 50.97
N ASN M 146 -119.46 11.20 50.66
CA ASN M 146 -119.08 10.08 51.50
C ASN M 146 -117.58 9.89 51.48
N GLY M 147 -116.95 10.14 50.33
CA GLY M 147 -115.50 10.02 50.23
C GLY M 147 -114.79 11.09 51.03
N ARG M 148 -115.31 12.32 51.02
CA ARG M 148 -114.70 13.40 51.81
C ARG M 148 -114.84 13.10 53.29
N LEU M 149 -116.01 12.58 53.70
CA LEU M 149 -116.24 12.22 55.09
C LEU M 149 -115.30 11.08 55.50
N ALA M 150 -115.07 10.14 54.59
CA ALA M 150 -114.17 9.02 54.89
C ALA M 150 -112.72 9.50 55.00
N MET M 151 -112.33 10.47 54.17
CA MET M 151 -110.97 11.01 54.25
C MET M 151 -110.77 11.70 55.59
N VAL M 152 -111.76 12.48 56.01
CA VAL M 152 -111.70 13.16 57.29
C VAL M 152 -111.66 12.14 58.43
N ALA M 153 -112.44 11.06 58.29
CA ALA M 153 -112.48 10.01 59.30
C ALA M 153 -111.14 9.29 59.40
N PHE M 154 -110.48 9.03 58.28
CA PHE M 154 -109.19 8.35 58.33
C PHE M 154 -108.13 9.25 58.94
N LEU M 155 -108.18 10.56 58.63
CA LEU M 155 -107.23 11.49 59.25
C LEU M 155 -107.47 11.53 60.74
N GLY M 156 -108.75 11.47 61.14
CA GLY M 156 -109.07 11.44 62.56
C GLY M 156 -108.60 10.17 63.22
N PHE M 157 -108.67 9.05 62.51
CA PHE M 157 -108.20 7.76 63.02
C PHE M 157 -106.71 7.84 63.34
N VAL M 158 -105.93 8.31 62.37
CA VAL M 158 -104.48 8.41 62.53
C VAL M 158 -104.12 9.39 63.65
N ALA M 159 -104.77 10.57 63.67
CA ALA M 159 -104.46 11.57 64.67
C ALA M 159 -104.84 11.10 66.08
N GLN M 160 -106.03 10.52 66.25
CA GLN M 160 -106.44 10.04 67.56
C GLN M 160 -105.57 8.88 68.01
N HIS M 161 -105.11 8.05 67.09
CA HIS M 161 -104.26 6.94 67.50
C HIS M 161 -102.91 7.47 67.96
N ALA M 162 -102.30 8.38 67.19
CA ALA M 162 -101.03 8.97 67.57
C ALA M 162 -101.14 9.82 68.83
N ALA M 163 -102.35 10.24 69.20
CA ALA M 163 -102.52 11.04 70.40
C ALA M 163 -102.84 10.22 71.64
N THR M 164 -103.57 9.11 71.50
CA THR M 164 -103.94 8.30 72.65
C THR M 164 -103.28 6.93 72.68
N GLY M 165 -103.37 6.16 71.60
CA GLY M 165 -102.82 4.82 71.54
C GLY M 165 -103.86 3.75 71.27
N LYS M 166 -105.13 4.03 71.55
CA LYS M 166 -106.21 3.08 71.35
C LYS M 166 -106.77 3.20 69.93
N GLY M 167 -107.60 2.22 69.56
CA GLY M 167 -108.21 2.20 68.26
C GLY M 167 -109.46 3.07 68.21
N PRO M 168 -110.00 3.23 66.99
CA PRO M 168 -111.21 4.06 66.83
C PRO M 168 -112.42 3.57 67.61
N ILE M 169 -112.66 2.27 67.68
CA ILE M 169 -113.81 1.76 68.42
C ILE M 169 -113.58 1.92 69.92
N ALA M 170 -112.34 1.69 70.38
CA ALA M 170 -112.03 1.84 71.80
C ALA M 170 -112.10 3.31 72.22
N ALA M 171 -111.74 4.22 71.31
CA ALA M 171 -111.80 5.64 71.63
C ALA M 171 -113.24 6.13 71.70
N LEU M 172 -114.12 5.56 70.87
CA LEU M 172 -115.52 5.96 70.89
C LEU M 172 -116.20 5.51 72.17
N GLY M 173 -115.89 4.30 72.64
CA GLY M 173 -116.47 3.81 73.88
C GLY M 173 -116.01 4.62 75.09
N GLU M 174 -114.73 4.99 75.09
CA GLU M 174 -114.19 5.79 76.19
C GLU M 174 -114.85 7.17 76.22
N HIS M 175 -115.06 7.77 75.04
CA HIS M 175 -115.71 9.07 74.98
C HIS M 175 -117.18 8.96 75.37
N LEU M 176 -117.83 7.85 75.03
CA LEU M 176 -119.22 7.67 75.42
C LEU M 176 -119.35 7.46 76.91
N ALA M 177 -118.34 6.84 77.53
CA ALA M 177 -118.37 6.61 78.97
C ALA M 177 -118.09 7.91 79.73
N ASN M 178 -117.07 8.66 79.31
CA ASN M 178 -116.70 9.92 79.96
C ASN M 178 -116.48 10.98 78.89
N PRO M 179 -117.53 11.71 78.50
CA PRO M 179 -117.35 12.74 77.46
C PRO M 179 -116.53 13.94 77.91
N TRP M 180 -116.78 14.46 79.11
CA TRP M 180 -116.03 15.61 79.59
C TRP M 180 -114.62 15.22 80.03
N GLY M 181 -114.46 14.00 80.53
CA GLY M 181 -113.14 13.56 80.98
C GLY M 181 -112.25 12.95 79.92
N ALA M 182 -112.78 12.60 78.76
CA ALA M 182 -111.99 11.98 77.70
C ALA M 182 -112.35 12.62 76.36
N ASN M 183 -111.42 13.40 75.82
CA ASN M 183 -111.58 14.09 74.54
C ASN M 183 -110.18 14.48 74.07
N PHE M 184 -110.12 15.31 73.03
CA PHE M 184 -108.81 15.72 72.52
C PHE M 184 -108.10 16.66 73.48
N ALA M 185 -108.85 17.38 74.31
CA ALA M 185 -108.22 18.31 75.24
C ALA M 185 -107.58 17.62 76.43
N THR M 186 -107.92 16.37 76.71
CA THR M 186 -107.36 15.63 77.83
C THR M 186 -106.27 14.63 77.44
N ASN M 187 -105.87 14.57 76.17
CA ASN M 187 -104.84 13.61 75.80
C ASN M 187 -103.45 14.04 76.27
N GLY M 188 -103.22 15.34 76.41
CA GLY M 188 -101.94 15.86 76.85
C GLY M 188 -101.05 16.41 75.76
N ILE M 189 -101.36 16.17 74.48
CA ILE M 189 -100.53 16.67 73.40
C ILE M 189 -101.27 17.68 72.52
N SER M 190 -102.59 17.63 72.44
CA SER M 190 -103.31 18.60 71.61
C SER M 190 -103.22 20.00 72.21
N VAL M 191 -103.49 20.12 73.49
CA VAL M 191 -103.40 21.40 74.20
C VAL M 191 -102.17 21.30 75.11
N PRO M 192 -101.10 22.05 74.82
CA PRO M 192 -99.89 21.96 75.65
C PRO M 192 -99.96 22.54 77.04
N PHE M 193 -100.54 23.75 77.16
CA PHE M 193 -100.60 24.42 78.46
C PHE M 193 -101.52 23.69 79.44
N PHE M 194 -102.65 23.17 78.97
CA PHE M 194 -103.56 22.48 79.86
C PHE M 194 -103.25 20.98 79.87
N LEU N 1 -15.68 115.70 58.99
CA LEU N 1 -15.33 116.60 60.08
C LEU N 1 -14.51 115.88 61.15
N TYR N 2 -14.98 114.69 61.55
CA TYR N 2 -14.26 113.92 62.55
C TYR N 2 -13.17 113.07 61.89
N VAL N 3 -12.35 112.44 62.72
CA VAL N 3 -11.29 111.59 62.21
C VAL N 3 -11.90 110.30 61.66
N GLY N 4 -11.32 109.80 60.57
CA GLY N 4 -11.81 108.60 59.93
C GLY N 4 -12.82 108.85 58.84
N ALA N 5 -13.08 110.11 58.50
CA ALA N 5 -14.03 110.43 57.44
C ALA N 5 -13.43 110.10 56.08
N SER N 6 -14.30 109.93 55.08
CA SER N 6 -13.83 109.57 53.75
C SER N 6 -14.80 110.08 52.70
N GLN N 7 -14.33 110.09 51.45
CA GLN N 7 -15.16 110.54 50.33
C GLN N 7 -16.32 109.60 50.06
N SER N 8 -16.18 108.32 50.44
CA SER N 8 -17.25 107.36 50.23
C SER N 8 -18.45 107.65 51.12
N SER N 9 -18.19 108.03 52.38
CA SER N 9 -19.27 108.33 53.30
C SER N 9 -19.87 109.71 53.04
N LEU N 10 -19.06 110.64 52.53
CA LEU N 10 -19.53 112.00 52.25
C LEU N 10 -20.50 112.06 51.08
N ALA N 11 -20.62 110.99 50.31
CA ALA N 11 -21.55 110.99 49.18
C ALA N 11 -22.99 111.01 49.64
N TYR N 12 -23.30 110.28 50.71
CA TYR N 12 -24.66 110.21 51.24
C TYR N 12 -24.85 110.94 52.56
N LEU N 13 -23.77 111.51 53.13
CA LEU N 13 -23.85 112.24 54.39
C LEU N 13 -23.69 113.72 54.07
N ASP N 14 -24.82 114.37 53.77
CA ASP N 14 -24.84 115.79 53.43
C ASP N 14 -25.07 116.71 54.62
N GLY N 15 -25.29 116.16 55.82
CA GLY N 15 -25.53 116.97 56.99
C GLY N 15 -26.98 117.11 57.40
N SER N 16 -27.89 116.40 56.72
CA SER N 16 -29.31 116.49 57.06
C SER N 16 -29.61 115.85 58.41
N LEU N 17 -29.01 114.69 58.69
CA LEU N 17 -29.24 114.02 59.95
C LEU N 17 -28.53 114.73 61.10
N PRO N 18 -29.10 114.71 62.30
CA PRO N 18 -28.44 115.36 63.44
C PRO N 18 -27.19 114.59 63.85
N GLY N 19 -26.14 115.34 64.19
CA GLY N 19 -24.89 114.71 64.58
C GLY N 19 -24.10 114.14 63.42
N ASP N 20 -24.37 114.61 62.21
CA ASP N 20 -23.68 114.14 61.01
C ASP N 20 -22.30 114.77 60.94
N PHE N 21 -21.28 114.01 61.31
CA PHE N 21 -19.89 114.46 61.27
C PHE N 21 -19.10 113.74 60.18
N GLY N 22 -19.80 113.05 59.29
CA GLY N 22 -19.16 112.33 58.20
C GLY N 22 -18.37 111.13 58.66
N PHE N 23 -18.67 110.59 59.82
CA PHE N 23 -17.95 109.43 60.36
C PHE N 23 -18.71 108.15 60.06
N ASP N 24 -18.33 107.49 58.98
CA ASP N 24 -18.93 106.22 58.58
C ASP N 24 -17.93 105.46 57.72
N PRO N 25 -16.81 105.00 58.28
CA PRO N 25 -15.84 104.25 57.44
C PRO N 25 -16.34 102.88 57.02
N LEU N 26 -17.38 102.37 57.66
CA LEU N 26 -17.92 101.06 57.32
C LEU N 26 -19.07 101.13 56.33
N GLY N 27 -19.48 102.34 55.94
CA GLY N 27 -20.55 102.55 54.98
C GLY N 27 -21.89 101.92 55.33
N LEU N 28 -22.34 102.11 56.56
CA LEU N 28 -23.62 101.52 56.96
C LEU N 28 -24.82 102.34 56.56
N LEU N 29 -24.66 103.60 56.12
CA LEU N 29 -25.82 104.37 55.70
C LEU N 29 -25.91 104.54 54.20
N ASP N 30 -25.38 103.62 53.44
CA ASP N 30 -25.47 103.73 52.00
C ASP N 30 -26.90 103.41 51.59
N PRO N 31 -27.62 104.33 50.96
CA PRO N 31 -29.01 104.02 50.56
C PRO N 31 -29.11 103.10 49.36
N VAL N 32 -28.04 102.93 48.59
CA VAL N 32 -28.05 102.08 47.42
C VAL N 32 -28.01 100.62 47.86
N ASN N 33 -29.01 99.86 47.41
CA ASN N 33 -29.14 98.42 47.70
C ASN N 33 -29.15 98.13 49.20
N SER N 34 -29.90 98.93 49.94
CA SER N 34 -30.02 98.78 51.38
C SER N 34 -31.35 98.12 51.71
N GLY N 35 -31.38 97.39 52.82
CA GLY N 35 -32.60 96.72 53.21
C GLY N 35 -32.49 96.18 54.62
N GLY N 36 -33.51 95.42 55.01
CA GLY N 36 -33.56 94.82 56.33
C GLY N 36 -33.50 95.87 57.42
N PHE N 37 -32.50 95.72 58.30
CA PHE N 37 -32.29 96.66 59.39
C PHE N 37 -31.16 97.63 59.09
N ILE N 38 -30.31 97.33 58.11
CA ILE N 38 -29.19 98.22 57.76
C ILE N 38 -29.71 99.16 56.70
N GLU N 39 -30.38 100.22 57.16
CA GLU N 39 -30.95 101.25 56.31
C GLU N 39 -30.97 102.53 57.13
N PRO N 40 -30.94 103.70 56.49
CA PRO N 40 -30.87 104.96 57.25
C PRO N 40 -31.94 105.22 58.30
N LYS N 41 -33.21 104.91 58.03
CA LYS N 41 -34.27 105.18 59.00
C LYS N 41 -34.11 104.34 60.26
N TRP N 42 -33.95 103.02 60.11
CA TRP N 42 -33.80 102.15 61.27
C TRP N 42 -32.51 102.43 62.02
N LEU N 43 -31.42 102.71 61.32
CA LEU N 43 -30.15 102.98 61.98
C LEU N 43 -30.20 104.27 62.78
N GLN N 44 -30.77 105.33 62.21
CA GLN N 44 -30.86 106.59 62.94
C GLN N 44 -31.80 106.45 64.13
N TYR N 45 -32.90 105.72 63.95
CA TYR N 45 -33.85 105.48 65.03
C TYR N 45 -33.21 104.68 66.16
N SER N 46 -32.44 103.65 65.80
CA SER N 46 -31.78 102.82 66.80
C SER N 46 -30.71 103.62 67.53
N GLU N 47 -30.05 104.55 66.83
CA GLU N 47 -29.03 105.37 67.47
C GLU N 47 -29.65 106.31 68.50
N VAL N 48 -30.77 106.95 68.17
CA VAL N 48 -31.38 107.86 69.14
C VAL N 48 -31.99 107.07 70.31
N ILE N 49 -32.51 105.85 70.04
CA ILE N 49 -33.09 105.04 71.11
C ILE N 49 -31.98 104.62 72.07
N HIS N 50 -30.83 104.19 71.52
CA HIS N 50 -29.68 103.81 72.33
C HIS N 50 -29.15 105.01 73.11
N ALA N 51 -29.20 106.19 72.48
CA ALA N 51 -28.73 107.41 73.12
C ALA N 51 -29.56 107.74 74.36
N ARG N 52 -30.89 107.70 74.22
CA ARG N 52 -31.75 108.00 75.37
C ARG N 52 -31.64 106.93 76.46
N TRP N 53 -31.60 105.65 76.07
CA TRP N 53 -31.48 104.59 77.07
C TRP N 53 -30.14 104.68 77.79
N ALA N 54 -29.08 105.01 77.06
CA ALA N 54 -27.76 105.13 77.67
C ALA N 54 -27.66 106.35 78.56
N MET N 55 -28.39 107.43 78.22
CA MET N 55 -28.37 108.60 79.08
C MET N 55 -29.00 108.28 80.42
N LEU N 56 -30.15 107.59 80.37
CA LEU N 56 -30.81 107.16 81.60
C LEU N 56 -29.94 106.17 82.36
N GLY N 57 -29.25 105.28 81.62
CA GLY N 57 -28.40 104.29 82.25
C GLY N 57 -27.19 104.89 82.94
N ALA N 58 -26.52 105.84 82.31
CA ALA N 58 -25.35 106.47 82.90
C ALA N 58 -25.74 107.25 84.15
N ALA N 59 -26.82 108.04 84.05
CA ALA N 59 -27.27 108.81 85.21
C ALA N 59 -27.70 107.88 86.34
N GLY N 60 -28.39 106.80 86.01
CA GLY N 60 -28.84 105.86 87.02
C GLY N 60 -27.77 104.98 87.60
N CYS N 61 -26.67 104.78 86.88
CA CYS N 61 -25.59 103.96 87.39
C CYS N 61 -24.65 104.76 88.26
N ILE N 62 -24.58 106.08 88.06
CA ILE N 62 -23.72 106.90 88.89
C ILE N 62 -24.47 107.65 89.99
N ALA N 63 -25.81 107.74 89.91
CA ALA N 63 -26.57 108.48 90.93
C ALA N 63 -26.56 107.87 92.32
N PRO N 64 -26.79 106.56 92.54
CA PRO N 64 -26.79 106.07 93.94
C PRO N 64 -25.46 106.20 94.65
N GLU N 65 -24.34 105.99 93.97
CA GLU N 65 -23.04 106.12 94.63
C GLU N 65 -22.74 107.57 94.98
N VAL N 66 -23.06 108.49 94.07
CA VAL N 66 -22.82 109.92 94.33
C VAL N 66 -23.72 110.42 95.44
N LEU N 67 -25.00 110.02 95.42
CA LEU N 67 -25.92 110.44 96.47
C LEU N 67 -25.58 109.80 97.81
N GLY N 68 -25.02 108.60 97.80
CA GLY N 68 -24.64 107.96 99.05
C GLY N 68 -23.38 108.55 99.62
N ALA N 69 -22.50 109.06 98.75
CA ALA N 69 -21.27 109.69 99.23
C ALA N 69 -21.56 111.02 99.91
N ALA N 70 -22.65 111.68 99.52
CA ALA N 70 -23.03 112.95 100.10
C ALA N 70 -23.93 112.81 101.32
N GLY N 71 -24.33 111.59 101.66
CA GLY N 71 -25.18 111.35 102.81
C GLY N 71 -26.65 111.61 102.59
N LEU N 72 -27.08 111.85 101.35
CA LEU N 72 -28.48 112.13 101.08
C LEU N 72 -29.34 110.87 101.22
N ILE N 73 -28.80 109.71 100.83
CA ILE N 73 -29.54 108.46 100.94
C ILE N 73 -28.86 107.62 102.03
N PRO N 74 -29.57 106.70 102.69
CA PRO N 74 -28.96 105.91 103.76
C PRO N 74 -27.92 104.92 103.27
N ASP N 75 -27.39 104.15 104.23
CA ASP N 75 -26.36 103.16 103.96
C ASP N 75 -26.92 101.82 103.47
N ALA N 76 -28.20 101.53 103.73
CA ALA N 76 -28.79 100.28 103.26
C ALA N 76 -28.82 100.26 101.74
N THR N 77 -29.10 101.42 101.14
CA THR N 77 -29.09 101.65 99.71
C THR N 77 -27.65 102.08 99.40
N ASN N 78 -27.41 102.73 98.25
CA ASN N 78 -26.05 103.15 97.85
C ASN N 78 -25.15 101.93 97.67
N ILE N 79 -25.48 101.17 96.63
CA ILE N 79 -24.75 99.97 96.25
C ILE N 79 -24.33 100.16 94.80
N LYS N 80 -23.42 99.30 94.36
CA LYS N 80 -22.94 99.38 92.98
C LYS N 80 -24.06 99.01 92.02
N TRP N 81 -23.98 99.55 90.81
CA TRP N 81 -25.01 99.30 89.81
C TRP N 81 -25.11 97.83 89.42
N PHE N 82 -24.00 97.10 89.44
CA PHE N 82 -24.02 95.69 89.10
C PHE N 82 -24.36 94.81 90.30
N GLU N 83 -24.62 95.40 91.46
CA GLU N 83 -24.98 94.67 92.66
C GLU N 83 -26.36 95.02 93.18
N SER N 84 -27.18 95.67 92.36
CA SER N 84 -28.53 96.08 92.73
C SER N 84 -29.58 95.02 92.43
N GLY N 85 -29.17 93.85 91.96
CA GLY N 85 -30.09 92.80 91.60
C GLY N 85 -30.11 92.49 90.12
N VAL N 86 -29.30 93.23 89.34
CA VAL N 86 -29.21 93.00 87.90
C VAL N 86 -28.60 91.63 87.64
N ILE N 87 -27.40 91.44 88.17
CA ILE N 87 -26.65 90.20 88.04
C ILE N 87 -26.51 89.61 89.44
N PRO N 88 -27.35 88.64 89.79
CA PRO N 88 -27.29 88.01 91.12
C PRO N 88 -25.92 87.42 91.47
N PRO N 89 -25.15 86.82 90.53
CA PRO N 89 -23.81 86.35 90.94
C PRO N 89 -22.89 87.46 91.38
N ALA N 90 -23.07 88.69 90.87
CA ALA N 90 -22.26 89.82 91.27
C ALA N 90 -22.77 90.50 92.52
N GLY N 91 -24.00 90.23 92.92
CA GLY N 91 -24.61 90.83 94.10
C GLY N 91 -26.06 91.14 93.84
N SER N 92 -26.83 91.23 94.92
CA SER N 92 -28.26 91.52 94.80
C SER N 92 -28.73 92.26 96.04
N TYR N 93 -29.83 92.98 95.88
CA TYR N 93 -30.45 93.75 96.95
C TYR N 93 -31.76 93.09 97.34
N ASN N 94 -31.94 92.82 98.63
CA ASN N 94 -33.13 92.17 99.14
C ASN N 94 -34.10 93.14 99.81
N GLY N 95 -33.89 94.45 99.67
CA GLY N 95 -34.75 95.43 100.28
C GLY N 95 -35.91 95.92 99.43
N TYR N 96 -36.16 95.29 98.28
CA TYR N 96 -37.27 95.71 97.43
C TYR N 96 -38.59 95.22 98.00
N TRP N 97 -39.70 95.73 97.43
CA TRP N 97 -41.00 95.32 97.91
C TRP N 97 -41.39 93.93 97.42
N ALA N 98 -40.64 93.34 96.51
CA ALA N 98 -40.92 92.01 95.99
C ALA N 98 -39.63 91.44 95.41
N ASP N 99 -39.69 90.17 95.04
CA ASP N 99 -38.54 89.52 94.44
C ASP N 99 -38.30 90.10 93.03
N PRO N 100 -37.05 90.03 92.54
CA PRO N 100 -36.78 90.60 91.20
C PRO N 100 -37.54 89.96 90.05
N TYR N 101 -38.02 88.72 90.20
CA TYR N 101 -38.76 88.10 89.09
C TYR N 101 -40.18 88.66 88.98
N THR N 102 -40.80 88.99 90.12
CA THR N 102 -42.13 89.59 90.09
C THR N 102 -42.08 90.96 89.42
N ILE N 103 -41.08 91.76 89.82
CA ILE N 103 -40.86 93.07 89.26
C ILE N 103 -40.49 92.94 87.79
N PHE N 104 -39.77 91.88 87.44
CA PHE N 104 -39.40 91.65 86.05
C PHE N 104 -40.63 91.34 85.21
N PHE N 105 -41.60 90.61 85.74
CA PHE N 105 -42.81 90.33 84.98
C PHE N 105 -43.60 91.62 84.76
N VAL N 106 -43.64 92.48 85.79
CA VAL N 106 -44.30 93.76 85.66
C VAL N 106 -43.62 94.58 84.57
N GLU N 107 -42.28 94.53 84.54
CA GLU N 107 -41.50 95.22 83.53
C GLU N 107 -41.75 94.64 82.15
N ILE N 108 -41.98 93.32 82.08
CA ILE N 108 -42.25 92.66 80.81
C ILE N 108 -43.52 93.22 80.20
N VAL N 109 -44.60 93.27 81.00
CA VAL N 109 -45.87 93.77 80.50
C VAL N 109 -45.76 95.25 80.13
N ALA N 110 -45.16 96.04 81.01
CA ALA N 110 -45.01 97.48 80.78
C ALA N 110 -44.18 97.79 79.54
N MET N 111 -43.00 97.16 79.43
CA MET N 111 -42.12 97.37 78.30
C MET N 111 -42.72 96.84 77.01
N GLN N 112 -43.50 95.76 77.07
CA GLN N 112 -44.11 95.26 75.84
C GLN N 112 -45.14 96.24 75.32
N PHE N 113 -45.95 96.80 76.22
CA PHE N 113 -46.94 97.79 75.79
C PHE N 113 -46.25 99.00 75.15
N ALA N 114 -45.28 99.58 75.86
CA ALA N 114 -44.58 100.76 75.36
C ALA N 114 -43.80 100.49 74.07
N GLU N 115 -42.95 99.46 74.08
CA GLU N 115 -42.11 99.16 72.92
C GLU N 115 -42.93 98.71 71.70
N LEU N 116 -43.96 97.89 71.91
CA LEU N 116 -44.75 97.45 70.76
C LEU N 116 -45.55 98.59 70.15
N ARG N 117 -46.07 99.51 70.99
CA ARG N 117 -46.79 100.65 70.42
C ARG N 117 -45.82 101.58 69.69
N ARG N 118 -44.61 101.72 70.22
CA ARG N 118 -43.58 102.53 69.57
C ARG N 118 -43.20 101.93 68.22
N LEU N 119 -43.06 100.60 68.18
CA LEU N 119 -42.72 99.91 66.95
C LEU N 119 -43.82 100.08 65.92
N GLN N 120 -45.08 100.05 66.36
CA GLN N 120 -46.18 100.23 65.41
C GLN N 120 -46.22 101.64 64.86
N ASP N 121 -45.82 102.63 65.66
CA ASP N 121 -45.79 103.99 65.13
C ASP N 121 -44.65 104.11 64.11
N PHE N 122 -43.59 103.33 64.30
CA PHE N 122 -42.50 103.37 63.34
C PHE N 122 -42.91 102.66 62.04
N ARG N 123 -43.55 101.50 62.15
CA ARG N 123 -43.95 100.74 60.97
C ARG N 123 -45.08 101.44 60.22
N TYR N 124 -46.11 101.87 60.94
CA TYR N 124 -47.26 102.57 60.37
C TYR N 124 -47.30 103.95 61.04
N PRO N 125 -46.79 104.99 60.37
CA PRO N 125 -46.78 106.32 60.98
C PRO N 125 -48.19 106.85 61.22
N GLY N 126 -48.44 107.23 62.47
CA GLY N 126 -49.73 107.76 62.89
C GLY N 126 -50.77 106.72 63.24
N SER N 127 -50.43 105.43 63.20
CA SER N 127 -51.41 104.39 63.52
C SER N 127 -51.76 104.31 65.00
N MET N 128 -50.96 104.93 65.87
CA MET N 128 -51.23 104.89 67.29
C MET N 128 -52.20 105.97 67.73
N GLY N 129 -52.70 106.78 66.81
CA GLY N 129 -53.63 107.84 67.11
C GLY N 129 -55.07 107.59 66.72
N GLN N 130 -55.45 106.37 66.30
CA GLN N 130 -56.82 106.09 65.92
C GLN N 130 -57.52 105.09 66.84
N GLN N 131 -56.90 103.93 67.12
CA GLN N 131 -57.53 102.94 67.98
C GLN N 131 -57.65 103.48 69.40
N TYR N 132 -58.75 103.13 70.05
CA TYR N 132 -59.03 103.59 71.42
C TYR N 132 -58.02 103.04 72.42
N PHE N 133 -57.42 103.95 73.18
CA PHE N 133 -56.46 103.61 74.22
C PHE N 133 -56.74 104.46 75.46
N LEU N 134 -58.01 104.47 75.88
CA LEU N 134 -58.49 105.23 77.05
C LEU N 134 -58.26 106.73 76.89
N GLY N 135 -58.38 107.22 75.66
CA GLY N 135 -58.18 108.63 75.38
C GLY N 135 -56.74 109.04 75.21
N LEU N 136 -55.79 108.12 75.37
CA LEU N 136 -54.38 108.44 75.22
C LEU N 136 -53.93 108.49 73.77
N GLU N 137 -54.78 108.09 72.83
CA GLU N 137 -54.41 108.11 71.43
C GLU N 137 -54.27 109.52 70.88
N ALA N 138 -54.76 110.53 71.59
CA ALA N 138 -54.65 111.92 71.14
C ALA N 138 -53.22 112.43 71.19
N ILE N 139 -52.35 111.77 71.95
CA ILE N 139 -50.94 112.16 72.08
C ILE N 139 -50.00 111.16 71.44
N PHE N 140 -50.53 110.12 70.79
CA PHE N 140 -49.71 109.09 70.16
C PHE N 140 -49.72 109.20 68.64
N LYS N 141 -50.14 110.34 68.10
CA LYS N 141 -50.17 110.51 66.66
C LYS N 141 -48.77 110.59 66.09
N GLY N 142 -47.82 111.09 66.86
CA GLY N 142 -46.45 111.20 66.40
C GLY N 142 -46.31 112.26 65.32
N SER N 143 -45.32 112.07 64.47
CA SER N 143 -45.04 112.97 63.36
C SER N 143 -44.47 112.15 62.22
N GLY N 144 -43.83 112.82 61.26
CA GLY N 144 -43.24 112.12 60.13
C GLY N 144 -42.06 111.27 60.54
N ASP N 145 -41.26 111.75 61.49
CA ASP N 145 -40.08 111.03 61.96
C ASP N 145 -40.43 110.21 63.19
N ALA N 146 -40.17 108.91 63.13
CA ALA N 146 -40.47 108.02 64.26
C ALA N 146 -39.56 108.32 65.45
N ALA N 147 -38.35 108.82 65.18
CA ALA N 147 -37.41 109.14 66.23
C ALA N 147 -37.81 110.36 67.03
N TYR N 148 -38.64 111.24 66.46
CA TYR N 148 -39.09 112.45 67.13
C TYR N 148 -40.60 112.57 67.04
N PRO N 149 -41.35 111.80 67.85
CA PRO N 149 -42.81 111.85 67.78
C PRO N 149 -43.41 113.17 68.27
N GLY N 150 -43.01 113.63 69.45
CA GLY N 150 -43.55 114.87 69.96
C GLY N 150 -44.99 114.70 70.41
N GLY N 151 -45.69 115.84 70.46
CA GLY N 151 -47.07 115.85 70.87
C GLY N 151 -47.24 116.54 72.20
N PRO N 152 -48.46 116.48 72.76
CA PRO N 152 -48.70 117.14 74.05
C PRO N 152 -47.91 116.56 75.21
N PHE N 153 -47.47 115.30 75.15
CA PHE N 153 -46.70 114.70 76.22
C PHE N 153 -45.22 114.56 75.92
N PHE N 154 -44.88 114.04 74.73
CA PHE N 154 -43.47 113.87 74.37
C PHE N 154 -42.78 115.21 74.20
N ASN N 155 -43.54 116.27 73.94
CA ASN N 155 -43.05 117.64 73.84
C ASN N 155 -44.00 118.36 74.79
N LEU N 156 -43.70 118.24 76.09
CA LEU N 156 -44.55 118.82 77.12
C LEU N 156 -44.48 120.34 77.16
N PHE N 157 -43.27 120.89 77.13
CA PHE N 157 -43.09 122.33 77.21
C PHE N 157 -42.95 123.02 75.87
N ASN N 158 -43.19 122.29 74.76
CA ASN N 158 -43.11 122.81 73.40
C ASN N 158 -41.75 123.45 73.13
N LEU N 159 -40.70 122.73 73.50
CA LEU N 159 -39.34 123.23 73.32
C LEU N 159 -38.89 123.04 71.88
N GLY N 160 -38.12 124.01 71.38
CA GLY N 160 -37.63 123.96 70.03
C GLY N 160 -38.71 124.28 69.00
N LYS N 161 -39.38 125.42 69.19
CA LYS N 161 -40.43 125.83 68.27
C LYS N 161 -39.85 126.16 66.90
N THR N 162 -38.72 126.83 66.86
CA THR N 162 -38.05 127.20 65.63
C THR N 162 -37.35 125.97 65.05
N GLU N 163 -37.21 125.94 63.73
CA GLU N 163 -36.53 124.82 63.08
C GLU N 163 -35.06 124.76 63.48
N ALA N 164 -34.40 125.93 63.56
CA ALA N 164 -33.00 125.98 63.95
C ALA N 164 -32.82 125.55 65.41
N ALA N 165 -33.76 125.95 66.28
CA ALA N 165 -33.68 125.55 67.68
C ALA N 165 -33.87 124.06 67.83
N MET N 166 -34.77 123.48 67.03
CA MET N 166 -35.00 122.04 67.07
C MET N 166 -33.76 121.29 66.58
N LYS N 167 -33.11 121.81 65.53
CA LYS N 167 -31.89 121.17 65.02
C LYS N 167 -30.78 121.24 66.05
N GLU N 168 -30.65 122.39 66.72
CA GLU N 168 -29.63 122.58 67.76
C GLU N 168 -29.85 121.61 68.92
N LEU N 169 -31.09 121.50 69.38
CA LEU N 169 -31.40 120.60 70.48
C LEU N 169 -31.23 119.14 70.08
N LYS N 170 -31.53 118.82 68.82
CA LYS N 170 -31.34 117.44 68.35
C LYS N 170 -29.87 117.07 68.33
N LEU N 171 -29.02 118.02 67.92
CA LEU N 171 -27.58 117.78 67.91
C LEU N 171 -27.07 117.61 69.33
N LYS N 172 -27.60 118.42 70.26
CA LYS N 172 -27.19 118.29 71.66
C LYS N 172 -27.61 116.95 72.23
N GLU N 173 -28.81 116.49 71.87
CA GLU N 173 -29.31 115.20 72.35
C GLU N 173 -28.48 114.05 71.83
N ILE N 174 -28.15 114.06 70.53
CA ILE N 174 -27.37 112.95 69.98
C ILE N 174 -25.94 112.97 70.53
N LYS N 175 -25.36 114.16 70.77
CA LYS N 175 -24.01 114.19 71.32
C LYS N 175 -23.99 113.71 72.77
N ASN N 176 -24.97 114.14 73.57
CA ASN N 176 -25.05 113.70 74.96
C ASN N 176 -25.29 112.19 75.02
N GLY N 177 -26.12 111.68 74.10
CA GLY N 177 -26.38 110.26 74.08
C GLY N 177 -25.18 109.43 73.69
N ARG N 178 -24.38 109.93 72.72
CA ARG N 178 -23.18 109.21 72.32
C ARG N 178 -22.19 109.18 73.47
N LEU N 179 -22.08 110.31 74.20
CA LEU N 179 -21.18 110.37 75.35
C LEU N 179 -21.66 109.40 76.43
N ALA N 180 -22.98 109.30 76.62
CA ALA N 180 -23.53 108.38 77.61
C ALA N 180 -23.32 106.93 77.21
N MET N 181 -23.36 106.65 75.90
CA MET N 181 -23.11 105.28 75.43
C MET N 181 -21.68 104.88 75.73
N LEU N 182 -20.74 105.81 75.47
CA LEU N 182 -19.33 105.53 75.78
C LEU N 182 -19.15 105.39 77.28
N ALA N 183 -19.90 106.16 78.06
CA ALA N 183 -19.83 106.07 79.52
C ALA N 183 -20.35 104.72 80.00
N MET N 184 -21.41 104.20 79.38
CA MET N 184 -21.94 102.90 79.79
C MET N 184 -20.95 101.79 79.45
N LEU N 185 -20.28 101.92 78.29
CA LEU N 185 -19.27 100.95 77.92
C LEU N 185 -18.12 100.99 78.93
N GLY N 186 -17.74 102.20 79.34
CA GLY N 186 -16.70 102.34 80.35
C GLY N 186 -17.12 101.81 81.69
N TYR N 187 -18.41 101.95 82.04
CA TYR N 187 -18.92 101.45 83.30
C TYR N 187 -18.81 99.93 83.33
N GLY N 188 -19.21 99.27 82.25
CA GLY N 188 -19.12 97.82 82.19
C GLY N 188 -17.68 97.33 82.20
N ALA N 189 -16.81 98.01 81.46
CA ALA N 189 -15.40 97.60 81.42
C ALA N 189 -14.73 97.82 82.77
N GLN N 190 -15.09 98.88 83.48
CA GLN N 190 -14.50 99.14 84.80
C GLN N 190 -15.06 98.17 85.82
N ALA N 191 -16.32 97.75 85.66
CA ALA N 191 -16.92 96.79 86.56
C ALA N 191 -16.24 95.43 86.41
N VAL N 192 -15.92 95.05 85.18
CA VAL N 192 -15.26 93.77 84.96
C VAL N 192 -13.78 93.86 85.39
N MET N 193 -13.13 94.99 85.12
CA MET N 193 -11.72 95.16 85.44
C MET N 193 -11.45 95.37 86.93
N THR N 194 -11.98 96.45 87.50
CA THR N 194 -11.73 96.75 88.90
C THR N 194 -12.70 96.10 89.88
N GLY N 195 -13.92 95.79 89.46
CA GLY N 195 -14.85 95.19 90.38
C GLY N 195 -15.44 96.17 91.38
N LYS N 196 -15.36 97.46 91.09
CA LYS N 196 -15.88 98.51 91.95
C LYS N 196 -16.80 99.41 91.14
N GLY N 197 -17.44 100.35 91.82
CA GLY N 197 -18.33 101.28 91.19
C GLY N 197 -17.59 102.32 90.39
N PRO N 198 -18.28 102.98 89.45
CA PRO N 198 -17.62 104.00 88.64
C PRO N 198 -17.19 105.22 89.43
N PHE N 199 -18.00 105.64 90.41
CA PHE N 199 -17.64 106.79 91.23
C PHE N 199 -16.43 106.47 92.09
N GLN N 200 -16.35 105.24 92.59
CA GLN N 200 -15.20 104.84 93.39
C GLN N 200 -13.94 104.83 92.54
N ASN N 201 -14.07 104.41 91.28
CA ASN N 201 -12.93 104.41 90.36
C ASN N 201 -12.47 105.83 90.08
N LEU N 202 -13.43 106.75 89.90
CA LEU N 202 -13.08 108.15 89.65
C LEU N 202 -12.39 108.76 90.87
N VAL N 203 -12.87 108.46 92.06
CA VAL N 203 -12.25 108.99 93.29
C VAL N 203 -10.84 108.44 93.47
N GLU N 204 -10.68 107.13 93.25
CA GLU N 204 -9.36 106.50 93.39
C GLU N 204 -8.40 107.04 92.35
N HIS N 205 -8.90 107.33 91.14
CA HIS N 205 -8.02 107.87 90.12
C HIS N 205 -7.65 109.33 90.42
N LEU N 206 -8.59 110.08 91.00
CA LEU N 206 -8.28 111.47 91.33
C LEU N 206 -7.31 111.56 92.50
N ALA N 207 -7.31 110.56 93.39
CA ALA N 207 -6.40 110.58 94.53
C ALA N 207 -4.96 110.33 94.09
N ASP N 208 -4.74 109.41 93.16
CA ASP N 208 -3.40 109.10 92.67
C ASP N 208 -3.53 108.64 91.23
N PRO N 209 -3.49 109.57 90.27
CA PRO N 209 -3.64 109.21 88.85
C PRO N 209 -2.57 108.30 88.28
N VAL N 210 -1.31 108.41 88.74
CA VAL N 210 -0.26 107.57 88.21
C VAL N 210 -0.42 106.13 88.66
N ASN N 211 -0.79 105.91 89.92
CA ASN N 211 -0.93 104.56 90.45
C ASN N 211 -2.35 104.01 90.36
N ASN N 212 -3.28 104.72 89.71
CA ASN N 212 -4.66 104.23 89.59
C ASN N 212 -5.14 104.51 88.16
N ASN N 213 -4.93 103.55 87.27
CA ASN N 213 -5.32 103.64 85.87
C ASN N 213 -5.48 102.24 85.32
N ILE N 214 -5.77 102.14 84.02
CA ILE N 214 -5.95 100.83 83.40
C ILE N 214 -4.65 100.05 83.36
N LEU N 215 -3.51 100.74 83.39
CA LEU N 215 -2.22 100.04 83.35
C LEU N 215 -1.94 99.35 84.67
N THR N 216 -2.18 100.04 85.80
CA THR N 216 -1.94 99.46 87.10
C THR N 216 -3.04 98.50 87.54
N ASN N 217 -4.21 98.56 86.91
CA ASN N 217 -5.31 97.67 87.27
C ASN N 217 -5.26 96.34 86.54
N PHE N 218 -4.24 96.12 85.69
CA PHE N 218 -4.12 94.84 84.99
C PHE N 218 -3.81 93.72 85.95
N GLY N 219 -3.00 94.00 86.97
CA GLY N 219 -2.63 93.01 87.97
C GLY N 219 -2.52 93.60 89.36
N VAL O 1 -60.98 100.27 60.93
CA VAL O 1 -61.79 101.21 61.70
C VAL O 1 -62.09 100.62 63.08
N ARG O 2 -62.60 99.40 63.10
CA ARG O 2 -62.93 98.73 64.35
C ARG O 2 -61.64 98.36 65.08
N PRO O 3 -61.68 98.25 66.41
CA PRO O 3 -60.46 97.89 67.15
C PRO O 3 -60.06 96.46 66.84
N VAL O 4 -58.76 96.28 66.60
CA VAL O 4 -58.20 94.98 66.29
C VAL O 4 -57.38 94.50 67.48
N TRP O 5 -56.93 93.25 67.40
CA TRP O 5 -56.13 92.70 68.49
C TRP O 5 -54.80 93.42 68.62
N PHE O 6 -54.09 93.64 67.52
CA PHE O 6 -52.80 94.30 67.62
C PHE O 6 -52.93 95.64 66.91
N PRO O 7 -53.04 96.75 67.65
CA PRO O 7 -53.23 98.07 67.02
C PRO O 7 -52.17 98.45 66.02
N GLY O 8 -52.61 99.04 64.91
CA GLY O 8 -51.75 99.45 63.83
C GLY O 8 -51.72 98.49 62.67
N ASN O 9 -51.94 97.21 62.92
CA ASN O 9 -51.93 96.21 61.85
C ASN O 9 -53.31 96.10 61.24
N PRO O 10 -53.42 96.08 59.91
CA PRO O 10 -54.74 95.94 59.29
C PRO O 10 -55.30 94.54 59.52
N PRO O 11 -56.61 94.41 59.67
CA PRO O 11 -57.20 93.08 59.88
C PRO O 11 -57.14 92.26 58.61
N PRO O 12 -57.20 90.94 58.72
CA PRO O 12 -57.17 90.10 57.51
C PRO O 12 -58.42 90.27 56.67
N ALA O 13 -58.31 89.87 55.40
CA ALA O 13 -59.42 90.00 54.47
C ALA O 13 -60.56 89.05 54.81
N HIS O 14 -60.26 87.91 55.44
CA HIS O 14 -61.34 86.98 55.77
C HIS O 14 -62.06 87.33 57.06
N LEU O 15 -61.66 88.39 57.75
CA LEU O 15 -62.30 88.85 58.98
C LEU O 15 -62.72 90.30 58.73
N ASP O 16 -63.99 90.50 58.38
CA ASP O 16 -64.53 91.82 58.07
C ASP O 16 -65.37 92.43 59.18
N GLY O 17 -65.33 91.88 60.40
CA GLY O 17 -66.10 92.45 61.49
C GLY O 17 -67.55 92.05 61.54
N SER O 18 -68.00 91.13 60.69
CA SER O 18 -69.40 90.72 60.71
C SER O 18 -69.71 89.77 61.88
N LEU O 19 -68.78 88.89 62.23
CA LEU O 19 -68.99 87.96 63.32
C LEU O 19 -68.82 88.64 64.68
N ALA O 20 -69.36 87.99 65.70
CA ALA O 20 -69.28 88.52 67.05
C ALA O 20 -67.86 88.35 67.60
N GLY O 21 -67.36 89.40 68.25
CA GLY O 21 -66.01 89.36 68.81
C GLY O 21 -64.93 89.33 67.77
N ASP O 22 -65.14 90.01 66.65
CA ASP O 22 -64.17 90.07 65.57
C ASP O 22 -63.13 91.13 65.88
N TYR O 23 -61.87 90.71 66.01
CA TYR O 23 -60.76 91.61 66.29
C TYR O 23 -59.62 91.38 65.30
N GLY O 24 -59.87 90.68 64.20
CA GLY O 24 -58.85 90.41 63.20
C GLY O 24 -57.71 89.56 63.71
N PHE O 25 -57.97 88.64 64.63
CA PHE O 25 -56.94 87.78 65.20
C PHE O 25 -56.93 86.44 64.48
N ASP O 26 -56.01 86.30 63.53
CA ASP O 26 -55.80 85.09 62.76
C ASP O 26 -54.42 85.15 62.11
N PRO O 27 -53.33 85.12 62.87
CA PRO O 27 -52.00 85.19 62.23
C PRO O 27 -51.63 83.95 61.46
N LEU O 28 -52.17 82.79 61.82
CA LEU O 28 -51.87 81.55 61.13
C LEU O 28 -52.83 81.27 59.98
N PHE O 29 -53.84 82.14 59.77
CA PHE O 29 -54.83 82.01 58.70
C PHE O 29 -55.56 80.66 58.74
N LEU O 30 -55.90 80.22 59.95
CA LEU O 30 -56.59 78.95 60.10
C LEU O 30 -58.01 79.00 59.53
N GLY O 31 -58.70 80.13 59.72
CA GLY O 31 -60.05 80.28 59.21
C GLY O 31 -60.13 81.12 57.96
N GLN O 32 -59.15 80.97 57.07
CA GLN O 32 -59.14 81.75 55.83
C GLN O 32 -60.25 81.28 54.88
N GLU O 33 -60.52 79.99 54.84
CA GLU O 33 -61.58 79.48 53.98
C GLU O 33 -62.94 79.75 54.60
N PRO O 34 -63.97 80.08 53.79
CA PRO O 34 -65.29 80.38 54.37
C PRO O 34 -65.95 79.23 55.10
N GLN O 35 -65.97 78.02 54.53
CA GLN O 35 -66.59 76.88 55.21
C GLN O 35 -65.81 76.51 56.46
N THR O 36 -64.48 76.57 56.39
CA THR O 36 -63.66 76.29 57.55
C THR O 36 -63.88 77.34 58.63
N LEU O 37 -64.08 78.60 58.21
CA LEU O 37 -64.34 79.66 59.17
C LEU O 37 -65.68 79.44 59.86
N LYS O 38 -66.69 79.01 59.11
CA LYS O 38 -68.01 78.74 59.70
C LYS O 38 -67.92 77.61 60.72
N TRP O 39 -67.19 76.55 60.36
CA TRP O 39 -66.99 75.42 61.26
C TRP O 39 -66.25 75.86 62.52
N TYR O 40 -65.24 76.72 62.35
CA TYR O 40 -64.48 77.21 63.49
C TYR O 40 -65.33 78.13 64.37
N VAL O 41 -66.26 78.88 63.77
CA VAL O 41 -67.14 79.74 64.57
C VAL O 41 -68.01 78.89 65.46
N GLN O 42 -68.58 77.81 64.92
CA GLN O 42 -69.39 76.94 65.75
C GLN O 42 -68.54 76.25 66.82
N ALA O 43 -67.30 75.89 66.47
CA ALA O 43 -66.40 75.26 67.44
C ALA O 43 -66.06 76.22 68.58
N GLU O 44 -65.79 77.48 68.25
CA GLU O 44 -65.47 78.47 69.28
C GLU O 44 -66.67 78.74 70.17
N LEU O 45 -67.88 78.78 69.60
CA LEU O 45 -69.07 79.01 70.40
C LEU O 45 -69.32 77.85 71.37
N VAL O 46 -69.16 76.62 70.88
CA VAL O 46 -69.36 75.44 71.74
C VAL O 46 -68.30 75.42 72.84
N HIS O 47 -67.05 75.74 72.48
CA HIS O 47 -65.96 75.78 73.45
C HIS O 47 -66.21 76.83 74.52
N GLY O 48 -66.66 78.02 74.09
CA GLY O 48 -66.93 79.09 75.04
C GLY O 48 -68.07 78.76 75.98
N ARG O 49 -69.15 78.16 75.46
CA ARG O 49 -70.28 77.81 76.31
C ARG O 49 -69.90 76.72 77.32
N PHE O 50 -69.15 75.70 76.87
CA PHE O 50 -68.72 74.65 77.78
C PHE O 50 -67.76 75.20 78.82
N ALA O 51 -66.86 76.11 78.42
CA ALA O 51 -65.92 76.71 79.36
C ALA O 51 -66.64 77.61 80.35
N MET O 52 -67.71 78.28 79.91
CA MET O 52 -68.47 79.14 80.81
C MET O 52 -69.16 78.31 81.87
N LEU O 53 -69.77 77.19 81.46
CA LEU O 53 -70.42 76.31 82.42
C LEU O 53 -69.39 75.71 83.38
N GLY O 54 -68.24 75.29 82.84
CA GLY O 54 -67.20 74.72 83.68
C GLY O 54 -66.63 75.71 84.67
N ALA O 55 -66.39 76.95 84.23
CA ALA O 55 -65.86 77.98 85.11
C ALA O 55 -66.85 78.33 86.20
N ALA O 56 -68.13 78.46 85.85
CA ALA O 56 -69.15 78.78 86.86
C ALA O 56 -69.27 77.66 87.87
N GLY O 57 -69.25 76.41 87.41
CA GLY O 57 -69.34 75.29 88.34
C GLY O 57 -68.13 75.18 89.24
N ILE O 58 -66.93 75.41 88.69
CA ILE O 58 -65.70 75.36 89.48
C ILE O 58 -65.69 76.45 90.52
N ILE O 59 -66.11 77.66 90.15
CA ILE O 59 -66.15 78.78 91.08
C ILE O 59 -67.16 78.52 92.20
N LEU O 60 -68.34 78.02 91.85
CA LEU O 60 -69.35 77.74 92.88
C LEU O 60 -68.91 76.65 93.83
N THR O 61 -68.34 75.56 93.29
CA THR O 61 -67.88 74.47 94.16
C THR O 61 -66.71 74.92 95.02
N SER O 62 -65.83 75.77 94.48
CA SER O 62 -64.70 76.26 95.27
C SER O 62 -65.19 77.20 96.37
N ILE O 63 -66.26 77.95 96.09
CA ILE O 63 -66.84 78.84 97.10
C ILE O 63 -67.42 77.99 98.22
N GLY O 64 -68.10 76.91 97.87
CA GLY O 64 -68.65 76.04 98.89
C GLY O 64 -67.57 75.28 99.64
N ALA O 65 -66.43 75.04 99.00
CA ALA O 65 -65.34 74.33 99.66
C ALA O 65 -64.59 75.25 100.62
N LYS O 66 -64.49 76.54 100.28
CA LYS O 66 -63.78 77.47 101.15
C LYS O 66 -64.54 77.72 102.45
N VAL O 67 -65.86 77.79 102.38
CA VAL O 67 -66.68 78.01 103.56
C VAL O 67 -66.96 76.59 104.07
N GLY O 68 -67.38 76.43 105.31
CA GLY O 68 -67.63 75.11 105.83
C GLY O 68 -68.91 74.45 105.30
N LEU O 69 -68.94 74.11 104.01
CA LEU O 69 -70.09 73.45 103.42
C LEU O 69 -69.83 72.01 103.01
N GLY O 70 -68.58 71.55 103.06
CA GLY O 70 -68.27 70.18 102.71
C GLY O 70 -68.10 69.89 101.24
N PHE O 71 -68.00 70.91 100.39
CA PHE O 71 -67.84 70.68 98.97
C PHE O 71 -66.41 70.25 98.67
N PRO O 72 -66.22 69.38 97.66
CA PRO O 72 -64.87 68.95 97.31
C PRO O 72 -64.29 69.85 96.22
N GLU O 73 -63.00 69.65 95.96
CA GLU O 73 -62.34 70.43 94.92
C GLU O 73 -62.76 69.90 93.56
N TRP O 74 -62.51 70.71 92.52
CA TRP O 74 -62.89 70.30 91.18
C TRP O 74 -62.04 69.13 90.67
N TYR O 75 -60.82 68.97 91.17
CA TYR O 75 -59.98 67.87 90.73
C TYR O 75 -60.23 66.59 91.52
N ASP O 76 -61.17 66.60 92.47
CA ASP O 76 -61.52 65.43 93.26
C ASP O 76 -63.02 65.20 93.29
N ALA O 77 -63.81 66.08 92.66
CA ALA O 77 -65.27 65.97 92.67
C ALA O 77 -65.75 64.70 91.96
N GLY O 78 -65.09 64.32 90.87
CA GLY O 78 -65.50 63.12 90.16
C GLY O 78 -65.37 61.87 91.01
N LYS O 79 -64.22 61.73 91.69
CA LYS O 79 -64.00 60.59 92.57
C LYS O 79 -64.94 60.61 93.76
N VAL O 80 -65.17 61.81 94.33
CA VAL O 80 -66.06 61.91 95.48
C VAL O 80 -67.49 61.55 95.11
N VAL O 81 -67.95 61.98 93.93
CA VAL O 81 -69.31 61.68 93.50
C VAL O 81 -69.47 60.20 93.17
N VAL O 82 -68.49 59.61 92.47
CA VAL O 82 -68.58 58.20 92.11
C VAL O 82 -68.45 57.29 93.34
N GLU O 83 -67.70 57.70 94.35
CA GLU O 83 -67.57 56.85 95.53
C GLU O 83 -68.63 57.09 96.59
N LYS O 84 -69.09 58.34 96.77
CA LYS O 84 -70.10 58.63 97.77
C LYS O 84 -71.44 58.01 97.41
N ASN O 85 -71.83 58.09 96.15
CA ASN O 85 -73.07 57.51 95.65
C ASN O 85 -72.73 56.26 94.87
N ASN O 86 -73.57 55.25 94.94
CA ASN O 86 -73.32 54.01 94.22
C ASN O 86 -73.58 54.26 92.74
N ILE O 87 -72.59 54.86 92.09
CA ILE O 87 -72.64 55.22 90.67
C ILE O 87 -71.51 54.51 89.94
N ASP O 88 -71.86 53.77 88.91
CA ASP O 88 -70.87 53.07 88.11
C ASP O 88 -70.31 54.06 87.09
N PHE O 89 -68.98 54.21 87.07
CA PHE O 89 -68.34 55.15 86.14
C PHE O 89 -68.56 54.80 84.66
N PRO O 90 -68.35 53.55 84.19
CA PRO O 90 -68.60 53.29 82.76
C PRO O 90 -70.06 53.50 82.35
N THR O 91 -71.00 53.22 83.24
CA THR O 91 -72.42 53.42 82.94
C THR O 91 -72.72 54.89 82.72
N LEU O 92 -72.16 55.75 83.59
CA LEU O 92 -72.35 57.18 83.46
C LEU O 92 -71.71 57.69 82.18
N MET O 93 -70.53 57.14 81.84
CA MET O 93 -69.84 57.50 80.61
C MET O 93 -70.69 57.16 79.38
N VAL O 94 -71.27 55.96 79.37
CA VAL O 94 -72.09 55.52 78.25
C VAL O 94 -73.36 56.37 78.14
N ILE O 95 -74.01 56.68 79.26
CA ILE O 95 -75.23 57.49 79.24
C ILE O 95 -74.93 58.89 78.69
N GLN O 96 -73.84 59.49 79.17
CA GLN O 96 -73.46 60.82 78.71
C GLN O 96 -73.09 60.79 77.24
N PHE O 97 -72.40 59.73 76.80
CA PHE O 97 -72.03 59.64 75.40
C PHE O 97 -73.26 59.43 74.52
N TYR O 98 -74.27 58.75 75.03
CA TYR O 98 -75.51 58.54 74.27
C TYR O 98 -76.24 59.86 74.06
N LEU O 99 -76.46 60.60 75.16
CA LEU O 99 -77.17 61.88 75.08
C LEU O 99 -76.38 62.90 74.27
N MET O 100 -75.08 63.00 74.54
CA MET O 100 -74.24 63.94 73.80
C MET O 100 -74.13 63.54 72.34
N GLY O 101 -74.14 62.25 72.05
CA GLY O 101 -74.07 61.81 70.67
C GLY O 101 -75.31 62.20 69.91
N TRP O 102 -76.48 62.06 70.54
CA TRP O 102 -77.72 62.44 69.88
C TRP O 102 -77.75 63.95 69.62
N ALA O 103 -77.47 64.75 70.65
CA ALA O 103 -77.49 66.21 70.49
C ALA O 103 -76.44 66.70 69.50
N GLU O 104 -75.21 66.19 69.61
CA GLU O 104 -74.13 66.62 68.72
C GLU O 104 -74.35 66.14 67.29
N THR O 105 -74.94 64.95 67.10
CA THR O 105 -75.18 64.48 65.75
C THR O 105 -76.26 65.33 65.09
N LYS O 106 -77.28 65.72 65.85
CA LYS O 106 -78.32 66.57 65.27
C LYS O 106 -77.72 67.93 64.91
N ARG O 107 -76.87 68.48 65.78
CA ARG O 107 -76.22 69.76 65.51
C ARG O 107 -75.29 69.66 64.29
N TRP O 108 -74.57 68.54 64.18
CA TRP O 108 -73.65 68.32 63.06
C TRP O 108 -74.39 68.25 61.73
N TYR O 109 -75.45 67.44 61.68
CA TYR O 109 -76.18 67.34 60.42
C TYR O 109 -76.95 68.62 60.12
N ASP O 110 -77.23 69.44 61.14
CA ASP O 110 -77.86 70.72 60.85
C ASP O 110 -76.81 71.67 60.28
N PHE O 111 -75.54 71.50 60.69
CA PHE O 111 -74.48 72.34 60.13
C PHE O 111 -74.24 71.96 58.67
N LYS O 112 -74.27 70.66 58.37
CA LYS O 112 -74.07 70.20 57.00
C LYS O 112 -75.22 70.61 56.10
N ASN O 113 -76.45 70.51 56.62
CA ASN O 113 -77.67 70.84 55.89
C ASN O 113 -78.49 71.74 56.81
N PRO O 114 -78.42 73.07 56.62
CA PRO O 114 -79.18 73.97 57.50
C PRO O 114 -80.68 73.82 57.35
N GLY O 115 -81.37 73.79 58.49
CA GLY O 115 -82.80 73.63 58.54
C GLY O 115 -83.30 72.24 58.27
N SER O 116 -82.40 71.26 58.15
CA SER O 116 -82.81 69.88 57.87
C SER O 116 -83.41 69.18 59.07
N GLN O 117 -83.15 69.66 60.28
CA GLN O 117 -83.70 69.03 61.48
C GLN O 117 -85.10 69.54 61.80
N ALA O 118 -85.63 70.43 60.95
CA ALA O 118 -86.96 71.00 61.12
C ALA O 118 -88.03 70.26 60.33
N ASP O 119 -87.70 69.12 59.73
CA ASP O 119 -88.67 68.38 58.95
C ASP O 119 -89.75 67.71 59.80
N GLY O 120 -89.49 67.49 61.08
CA GLY O 120 -90.46 66.86 61.96
C GLY O 120 -90.24 65.39 62.19
N SER O 121 -89.10 64.84 61.77
CA SER O 121 -88.82 63.42 61.97
C SER O 121 -88.51 63.07 63.43
N PHE O 122 -88.27 64.07 64.27
CA PHE O 122 -87.97 63.84 65.69
C PHE O 122 -89.18 64.27 66.50
N LEU O 123 -90.05 63.30 66.80
CA LEU O 123 -91.28 63.44 67.59
C LEU O 123 -92.24 64.50 67.06
N GLY O 124 -92.12 64.92 65.80
CA GLY O 124 -93.00 65.91 65.24
C GLY O 124 -92.60 67.35 65.44
N PHE O 125 -91.51 67.61 66.15
CA PHE O 125 -91.07 68.98 66.37
C PHE O 125 -90.48 69.56 65.10
N THR O 126 -90.94 70.74 64.70
CA THR O 126 -90.45 71.36 63.48
C THR O 126 -89.76 72.69 63.71
N GLU O 127 -90.44 73.69 64.28
CA GLU O 127 -89.83 75.01 64.48
C GLU O 127 -88.80 75.05 65.58
N GLU O 128 -88.78 74.06 66.49
CA GLU O 128 -87.83 74.08 67.58
C GLU O 128 -86.40 73.70 67.16
N PHE O 129 -86.21 73.19 65.95
CA PHE O 129 -84.88 72.79 65.51
C PHE O 129 -84.54 73.38 64.14
N LYS O 130 -85.17 74.49 63.76
CA LYS O 130 -84.88 75.09 62.46
C LYS O 130 -83.51 75.78 62.46
N GLY O 131 -83.18 76.47 63.55
CA GLY O 131 -81.90 77.15 63.63
C GLY O 131 -81.96 78.55 63.03
N LEU O 132 -81.49 79.55 63.77
CA LEU O 132 -81.50 80.92 63.28
C LEU O 132 -80.27 81.21 62.43
N GLU O 133 -79.08 81.09 63.01
CA GLU O 133 -77.82 81.31 62.32
C GLU O 133 -76.89 80.16 62.65
N ASN O 134 -75.67 80.22 62.10
CA ASN O 134 -74.69 79.18 62.37
C ASN O 134 -74.16 79.34 63.79
N GLY O 135 -74.34 78.31 64.61
CA GLY O 135 -73.91 78.36 65.98
C GLY O 135 -74.87 79.09 66.89
N TYR O 136 -75.99 79.57 66.37
CA TYR O 136 -77.00 80.29 67.13
C TYR O 136 -78.36 79.65 66.85
N PRO O 137 -78.67 78.55 67.53
CA PRO O 137 -79.95 77.82 67.30
C PRO O 137 -81.17 78.36 68.04
N GLY O 138 -81.80 79.38 67.48
CA GLY O 138 -82.97 79.97 68.09
C GLY O 138 -84.18 79.05 68.05
N GLY O 139 -85.15 79.38 68.88
CA GLY O 139 -86.37 78.61 68.95
C GLY O 139 -86.93 78.68 70.36
N ARG O 140 -88.08 78.02 70.53
CA ARG O 140 -88.74 78.01 71.83
C ARG O 140 -88.03 77.12 72.84
N PHE O 141 -87.23 76.17 72.39
CA PHE O 141 -86.52 75.26 73.30
C PHE O 141 -85.20 75.84 73.78
N PHE O 142 -84.32 76.23 72.84
CA PHE O 142 -83.03 76.78 73.22
C PHE O 142 -83.12 78.22 73.69
N ASP O 143 -84.13 78.96 73.25
CA ASP O 143 -84.33 80.35 73.66
C ASP O 143 -85.78 80.55 74.08
N PRO O 144 -86.16 80.00 75.25
CA PRO O 144 -87.56 80.17 75.70
C PRO O 144 -87.96 81.60 76.00
N MET O 145 -87.00 82.46 76.36
CA MET O 145 -87.34 83.85 76.66
C MET O 145 -87.46 84.71 75.41
N GLY O 146 -87.04 84.21 74.25
CA GLY O 146 -87.15 84.96 73.01
C GLY O 146 -86.29 86.19 72.94
N LEU O 147 -85.08 86.14 73.49
CA LEU O 147 -84.20 87.30 73.45
C LEU O 147 -83.52 87.45 72.09
N SER O 148 -83.57 86.42 71.25
CA SER O 148 -82.98 86.47 69.92
C SER O 148 -83.97 86.84 68.84
N ARG O 149 -85.26 86.87 69.15
CA ARG O 149 -86.30 87.22 68.19
C ARG O 149 -87.00 88.50 68.61
N GLY O 150 -86.22 89.48 69.04
CA GLY O 150 -86.72 90.77 69.47
C GLY O 150 -85.56 91.69 69.80
N ASP O 151 -85.61 92.94 69.31
CA ASP O 151 -84.58 93.95 69.54
C ASP O 151 -83.21 93.47 69.03
N ALA O 152 -83.11 93.42 67.71
CA ALA O 152 -81.92 93.00 66.95
C ALA O 152 -80.61 93.58 67.47
N ALA O 153 -80.61 94.87 67.84
CA ALA O 153 -79.41 95.50 68.37
C ALA O 153 -79.00 94.86 69.69
N LYS O 154 -79.98 94.58 70.54
CA LYS O 154 -79.71 93.93 71.82
C LYS O 154 -79.22 92.51 71.59
N TYR O 155 -79.71 91.86 70.54
CA TYR O 155 -79.28 90.51 70.21
C TYR O 155 -77.82 90.51 69.77
N GLN O 156 -77.41 91.51 68.97
CA GLN O 156 -76.01 91.61 68.55
C GLN O 156 -75.11 91.91 69.74
N GLU O 157 -75.57 92.77 70.65
CA GLU O 157 -74.80 93.10 71.84
C GLU O 157 -74.63 91.86 72.72
N TYR O 158 -75.69 91.06 72.86
CA TYR O 158 -75.61 89.84 73.63
C TYR O 158 -74.69 88.82 72.96
N LYS O 159 -74.64 88.83 71.62
CA LYS O 159 -73.72 87.92 70.92
C LYS O 159 -72.28 88.28 71.21
N GLN O 160 -71.98 89.58 71.22
CA GLN O 160 -70.62 90.04 71.54
C GLN O 160 -70.27 89.69 72.98
N LYS O 161 -71.23 89.89 73.89
CA LYS O 161 -71.01 89.56 75.30
C LYS O 161 -70.75 88.07 75.49
N GLU O 162 -71.50 87.24 74.76
CA GLU O 162 -71.36 85.80 74.85
C GLU O 162 -70.01 85.32 74.36
N VAL O 163 -69.56 85.81 73.20
CA VAL O 163 -68.28 85.35 72.68
C VAL O 163 -67.12 85.84 73.56
N LYS O 164 -67.22 87.08 74.09
CA LYS O 164 -66.14 87.57 74.94
C LYS O 164 -66.10 86.82 76.27
N ASN O 165 -67.27 86.55 76.85
CA ASN O 165 -67.32 85.81 78.11
C ASN O 165 -66.84 84.37 77.89
N GLY O 166 -67.12 83.80 76.72
CA GLY O 166 -66.66 82.45 76.44
C GLY O 166 -65.16 82.38 76.32
N ARG O 167 -64.55 83.38 75.66
CA ARG O 167 -63.09 83.40 75.54
C ARG O 167 -62.45 83.58 76.91
N LEU O 168 -63.04 84.46 77.74
CA LEU O 168 -62.51 84.68 79.09
C LEU O 168 -62.64 83.41 79.92
N ALA O 169 -63.74 82.68 79.75
CA ALA O 169 -63.94 81.44 80.49
C ALA O 169 -62.96 80.36 80.03
N MET O 170 -62.61 80.35 78.74
CA MET O 170 -61.63 79.38 78.25
C MET O 170 -60.27 79.67 78.88
N ILE O 171 -59.91 80.95 78.95
CA ILE O 171 -58.65 81.33 79.58
C ILE O 171 -58.68 80.99 81.07
N ALA O 172 -59.85 81.14 81.70
CA ALA O 172 -60.00 80.81 83.12
C ALA O 172 -59.85 79.30 83.36
N CYS O 173 -60.38 78.48 82.46
CA CYS O 173 -60.24 77.03 82.61
C CYS O 173 -58.79 76.62 82.44
N LEU O 174 -58.09 77.26 81.50
CA LEU O 174 -56.66 76.98 81.33
C LEU O 174 -55.91 77.40 82.57
N GLY O 175 -56.31 78.50 83.18
CA GLY O 175 -55.68 78.97 84.40
C GLY O 175 -55.93 78.01 85.55
N PHE O 176 -57.12 77.40 85.60
CA PHE O 176 -57.43 76.45 86.65
C PHE O 176 -56.54 75.22 86.52
N ALA O 177 -56.38 74.73 85.28
CA ALA O 177 -55.52 73.58 85.04
C ALA O 177 -54.07 73.87 85.38
N ALA O 178 -53.56 75.03 84.96
CA ALA O 178 -52.17 75.39 85.26
C ALA O 178 -51.95 75.63 86.74
N GLN O 179 -52.91 76.26 87.43
CA GLN O 179 -52.78 76.51 88.86
C GLN O 179 -52.78 75.21 89.65
N TYR O 180 -53.62 74.25 89.25
CA TYR O 180 -53.62 72.97 89.95
C TYR O 180 -52.35 72.19 89.65
N ALA O 181 -51.85 72.30 88.42
CA ALA O 181 -50.63 71.57 88.07
C ALA O 181 -49.40 72.17 88.75
N ALA O 182 -49.42 73.46 89.06
CA ALA O 182 -48.27 74.10 89.69
C ALA O 182 -48.36 74.14 91.22
N THR O 183 -49.39 74.81 91.75
CA THR O 183 -49.53 74.93 93.21
C THR O 183 -50.11 73.67 93.85
N GLY O 184 -50.98 72.94 93.17
CA GLY O 184 -51.57 71.75 93.74
C GLY O 184 -52.76 71.96 94.62
N LYS O 185 -53.28 73.19 94.70
CA LYS O 185 -54.43 73.53 95.53
C LYS O 185 -55.57 74.02 94.63
N GLY O 186 -56.69 74.35 95.25
CA GLY O 186 -57.85 74.85 94.55
C GLY O 186 -57.68 76.26 94.06
N PRO O 187 -58.52 76.69 93.12
CA PRO O 187 -58.39 78.07 92.61
C PRO O 187 -58.67 79.15 93.64
N LEU O 188 -59.69 78.95 94.49
CA LEU O 188 -59.95 79.95 95.52
C LEU O 188 -58.87 79.93 96.59
N ASP O 189 -58.23 78.78 96.79
CA ASP O 189 -57.13 78.72 97.75
C ASP O 189 -55.97 79.56 97.24
N ASN O 190 -55.73 79.50 95.92
CA ASN O 190 -54.69 80.32 95.31
C ASN O 190 -55.04 81.79 95.41
N LEU O 191 -56.32 82.13 95.21
CA LEU O 191 -56.76 83.51 95.30
C LEU O 191 -56.60 84.05 96.72
N ALA O 192 -56.93 83.23 97.73
CA ALA O 192 -56.78 83.65 99.11
C ALA O 192 -55.31 83.80 99.48
N ASP O 193 -54.47 82.86 99.01
CA ASP O 193 -53.04 82.94 99.29
C ASP O 193 -52.44 84.18 98.63
N HIS O 194 -52.95 84.55 97.47
CA HIS O 194 -52.44 85.75 96.80
C HIS O 194 -52.92 87.00 97.51
N LEU O 195 -54.17 87.01 97.96
CA LEU O 195 -54.68 88.19 98.66
C LEU O 195 -54.00 88.37 100.01
N ALA O 196 -53.50 87.29 100.60
CA ALA O 196 -52.80 87.40 101.89
C ALA O 196 -51.46 88.10 101.73
N ASP O 197 -50.75 87.84 100.64
CA ASP O 197 -49.44 88.45 100.38
C ASP O 197 -49.22 88.47 98.87
N PRO O 198 -49.69 89.51 98.19
CA PRO O 198 -49.52 89.56 96.73
C PRO O 198 -48.09 89.79 96.25
N ASN O 199 -47.23 90.36 97.09
CA ASN O 199 -45.86 90.61 96.65
C ASN O 199 -44.99 89.38 96.71
N HIS O 200 -45.36 88.36 97.48
CA HIS O 200 -44.54 87.16 97.60
C HIS O 200 -45.26 85.86 97.28
N VAL O 201 -46.56 85.89 97.01
CA VAL O 201 -47.30 84.67 96.68
C VAL O 201 -47.89 84.88 95.29
N ASN O 202 -47.16 84.46 94.27
CA ASN O 202 -47.60 84.60 92.88
C ASN O 202 -46.89 83.52 92.06
N PHE O 203 -47.02 83.61 90.73
CA PHE O 203 -46.38 82.63 89.86
C PHE O 203 -44.87 82.79 89.84
N ALA O 204 -44.36 83.98 90.20
CA ALA O 204 -42.91 84.19 90.20
C ALA O 204 -42.24 83.60 91.44
N THR O 205 -43.02 83.13 92.41
CA THR O 205 -42.47 82.56 93.63
C THR O 205 -42.96 81.14 93.91
N ASN O 206 -43.73 80.53 93.01
CA ASN O 206 -44.21 79.17 93.26
C ASN O 206 -43.14 78.12 93.06
N GLY O 207 -42.02 78.47 92.43
CA GLY O 207 -40.94 77.54 92.20
C GLY O 207 -41.14 76.60 91.03
N VAL O 208 -42.23 76.73 90.29
CA VAL O 208 -42.52 75.87 89.15
C VAL O 208 -42.58 76.66 87.84
N SER O 209 -43.24 77.83 87.86
CA SER O 209 -43.35 78.63 86.64
C SER O 209 -41.99 79.13 86.16
N ILE O 210 -41.23 79.78 87.03
CA ILE O 210 -39.91 80.26 86.64
C ILE O 210 -38.87 79.34 87.25
N PRO O 211 -38.25 78.46 86.46
CA PRO O 211 -37.26 77.53 87.03
C PRO O 211 -35.97 78.20 87.45
N ILE O 212 -35.63 79.36 86.88
CA ILE O 212 -34.40 80.06 87.24
C ILE O 212 -34.59 80.99 88.42
N ALA O 213 -35.76 80.97 89.06
CA ALA O 213 -36.03 81.82 90.21
C ALA O 213 -35.72 81.10 91.52
N ARG P 1 -90.63 62.05 53.11
CA ARG P 1 -89.60 61.05 52.90
C ARG P 1 -88.85 60.74 54.19
N GLN P 2 -89.15 59.59 54.79
CA GLN P 2 -88.48 59.19 56.01
C GLN P 2 -87.03 58.83 55.73
N SER P 3 -86.13 59.29 56.59
CA SER P 3 -84.71 59.03 56.42
C SER P 3 -84.10 58.47 57.69
N TRP P 4 -83.05 57.67 57.51
CA TRP P 4 -82.33 57.08 58.62
C TRP P 4 -81.38 58.07 59.27
N LEU P 5 -81.23 59.26 58.69
CA LEU P 5 -80.33 60.28 59.23
C LEU P 5 -80.84 61.62 58.73
N PRO P 6 -81.63 62.33 59.54
CA PRO P 6 -82.14 63.65 59.11
C PRO P 6 -81.05 64.64 58.78
N GLY P 7 -80.97 65.01 57.50
CA GLY P 7 -79.97 65.92 57.00
C GLY P 7 -78.93 65.27 56.13
N SER P 8 -78.78 63.95 56.21
CA SER P 8 -77.79 63.25 55.40
C SER P 8 -78.27 63.16 53.95
N GLN P 9 -77.31 63.08 53.04
CA GLN P 9 -77.61 62.99 51.62
C GLN P 9 -78.03 61.56 51.30
N ILE P 10 -79.27 61.38 50.90
CA ILE P 10 -79.77 60.05 50.54
C ILE P 10 -79.14 59.63 49.22
N PRO P 11 -78.65 58.39 49.09
CA PRO P 11 -78.04 57.96 47.83
C PRO P 11 -79.03 58.01 46.68
N ALA P 12 -78.52 58.28 45.48
CA ALA P 12 -79.36 58.40 44.30
C ALA P 12 -79.98 57.06 43.92
N HIS P 13 -79.28 55.95 44.16
CA HIS P 13 -79.82 54.64 43.81
C HIS P 13 -80.98 54.23 44.71
N LEU P 14 -81.15 54.88 45.86
CA LEU P 14 -82.25 54.57 46.76
C LEU P 14 -83.40 55.57 46.63
N ASP P 15 -83.29 56.52 45.71
CA ASP P 15 -84.33 57.52 45.48
C ASP P 15 -85.10 57.29 44.19
N THR P 16 -84.74 56.27 43.41
CA THR P 16 -85.43 55.99 42.17
C THR P 16 -86.82 55.42 42.48
N PRO P 17 -87.78 55.57 41.55
CA PRO P 17 -89.13 55.03 41.81
C PRO P 17 -89.16 53.53 42.04
N ALA P 18 -88.25 52.78 41.41
CA ALA P 18 -88.21 51.34 41.60
C ALA P 18 -87.69 50.99 43.01
N ALA P 19 -86.69 51.73 43.48
CA ALA P 19 -86.15 51.47 44.81
C ALA P 19 -87.09 51.99 45.89
N GLN P 20 -87.83 53.06 45.60
CA GLN P 20 -88.76 53.61 46.58
C GLN P 20 -89.97 52.72 46.79
N ALA P 21 -90.22 51.78 45.87
CA ALA P 21 -91.35 50.87 46.02
C ALA P 21 -91.05 49.78 47.04
N LEU P 22 -89.79 49.59 47.41
CA LEU P 22 -89.43 48.58 48.39
C LEU P 22 -89.88 49.00 49.78
N ALA P 23 -90.29 48.03 50.58
CA ALA P 23 -90.75 48.31 51.94
C ALA P 23 -89.58 48.68 52.85
N GLY P 24 -89.83 49.64 53.74
CA GLY P 24 -88.82 50.09 54.68
C GLY P 24 -87.66 50.85 54.06
N ASN P 25 -87.93 51.67 53.04
CA ASN P 25 -86.89 52.46 52.38
C ASN P 25 -86.65 53.71 53.21
N PHE P 26 -85.51 53.75 53.89
CA PHE P 26 -85.12 54.89 54.71
C PHE P 26 -83.84 55.53 54.21
N GLY P 27 -83.39 55.19 53.01
CA GLY P 27 -82.19 55.74 52.44
C GLY P 27 -80.93 55.33 53.16
N PHE P 28 -80.92 54.16 53.76
CA PHE P 28 -79.76 53.66 54.52
C PHE P 28 -78.91 52.73 53.66
N ASP P 29 -77.81 53.26 53.14
CA ASP P 29 -76.84 52.52 52.34
C ASP P 29 -75.52 53.28 52.30
N PRO P 30 -74.79 53.37 53.42
CA PRO P 30 -73.51 54.11 53.38
C PRO P 30 -72.43 53.44 52.55
N LEU P 31 -72.41 52.11 52.50
CA LEU P 31 -71.40 51.42 51.72
C LEU P 31 -71.71 51.39 50.22
N GLY P 32 -72.95 51.71 49.84
CA GLY P 32 -73.34 51.70 48.44
C GLY P 32 -73.39 50.33 47.82
N LEU P 33 -73.81 49.32 48.59
CA LEU P 33 -73.90 47.97 48.06
C LEU P 33 -75.09 47.77 47.14
N GLY P 34 -76.09 48.65 47.19
CA GLY P 34 -77.26 48.53 46.35
C GLY P 34 -77.26 49.44 45.15
N LYS P 35 -76.09 49.91 44.72
CA LYS P 35 -76.01 50.80 43.56
C LYS P 35 -76.49 50.11 42.29
N ASP P 36 -76.15 48.83 42.13
CA ASP P 36 -76.58 48.07 40.97
C ASP P 36 -78.02 47.61 41.17
N PRO P 37 -78.93 47.89 40.23
CA PRO P 37 -80.33 47.44 40.41
C PRO P 37 -80.48 45.94 40.55
N VAL P 38 -79.68 45.15 39.83
CA VAL P 38 -79.74 43.70 39.94
C VAL P 38 -79.28 43.27 41.33
N ALA P 39 -78.19 43.88 41.81
CA ALA P 39 -77.69 43.59 43.14
C ALA P 39 -78.69 44.02 44.20
N LEU P 40 -79.37 45.14 43.96
CA LEU P 40 -80.38 45.62 44.91
C LEU P 40 -81.55 44.65 44.98
N ARG P 41 -81.97 44.11 43.84
CA ARG P 41 -83.06 43.13 43.82
C ARG P 41 -82.66 41.85 44.56
N TRP P 42 -81.44 41.37 44.31
CA TRP P 42 -80.95 40.18 44.98
C TRP P 42 -80.84 40.40 46.49
N TYR P 43 -80.34 41.56 46.90
CA TYR P 43 -80.22 41.87 48.31
C TYR P 43 -81.59 42.04 48.95
N GLN P 44 -82.58 42.49 48.18
CA GLN P 44 -83.94 42.63 48.70
C GLN P 44 -84.51 41.25 49.01
N GLN P 45 -84.24 40.29 48.11
CA GLN P 45 -84.69 38.93 48.36
C GLN P 45 -83.98 38.35 49.58
N ALA P 46 -82.68 38.62 49.70
CA ALA P 46 -81.90 38.12 50.84
C ALA P 46 -82.41 38.73 52.14
N GLU P 47 -82.75 40.02 52.12
CA GLU P 47 -83.27 40.68 53.32
C GLU P 47 -84.63 40.12 53.71
N LEU P 48 -85.48 39.82 52.73
CA LEU P 48 -86.79 39.23 53.04
C LEU P 48 -86.63 37.86 53.68
N ILE P 49 -85.76 37.03 53.12
CA ILE P 49 -85.54 35.69 53.65
C ILE P 49 -84.93 35.78 55.06
N HIS P 50 -83.99 36.71 55.24
CA HIS P 50 -83.37 36.89 56.56
C HIS P 50 -84.39 37.37 57.58
N CYS P 51 -85.29 38.27 57.17
CA CYS P 51 -86.31 38.79 58.06
C CYS P 51 -87.24 37.69 58.52
N ARG P 52 -87.73 36.88 57.59
CA ARG P 52 -88.65 35.80 57.96
C ARG P 52 -87.97 34.73 58.81
N THR P 53 -86.75 34.33 58.43
CA THR P 53 -86.03 33.32 59.21
C THR P 53 -85.69 33.82 60.61
N ALA P 54 -85.24 35.08 60.72
CA ALA P 54 -84.91 35.65 62.01
C ALA P 54 -86.15 35.81 62.88
N MET P 55 -87.29 36.17 62.28
CA MET P 55 -88.51 36.30 63.06
C MET P 55 -88.94 34.95 63.61
N ALA P 56 -88.88 33.90 62.80
CA ALA P 56 -89.25 32.57 63.27
C ALA P 56 -88.30 32.09 64.37
N GLY P 57 -87.00 32.27 64.17
CA GLY P 57 -86.03 31.83 65.18
C GLY P 57 -86.12 32.60 66.48
N VAL P 58 -86.22 33.94 66.40
CA VAL P 58 -86.32 34.76 67.60
C VAL P 58 -87.62 34.46 68.33
N ALA P 59 -88.70 34.18 67.59
CA ALA P 59 -89.94 33.82 68.24
C ALA P 59 -89.79 32.49 68.98
N GLY P 60 -89.14 31.52 68.32
CA GLY P 60 -88.90 30.22 68.91
C GLY P 60 -87.93 30.24 70.07
N ILE P 61 -87.20 31.34 70.25
CA ILE P 61 -86.28 31.49 71.37
C ILE P 61 -86.92 32.28 72.51
N LEU P 62 -87.63 33.36 72.17
CA LEU P 62 -88.24 34.26 73.13
C LEU P 62 -89.52 33.71 73.75
N ILE P 63 -90.50 33.29 72.93
CA ILE P 63 -91.76 32.79 73.49
C ILE P 63 -91.58 31.55 74.38
N PRO P 64 -90.87 30.49 73.96
CA PRO P 64 -90.69 29.37 74.90
C PRO P 64 -89.82 29.75 76.08
N GLY P 65 -88.88 30.67 75.89
CA GLY P 65 -88.05 31.12 76.99
C GLY P 65 -88.85 31.93 78.00
N LEU P 66 -89.77 32.76 77.51
CA LEU P 66 -90.60 33.55 78.41
C LEU P 66 -91.60 32.65 79.13
N LEU P 67 -92.09 31.61 78.46
CA LEU P 67 -93.01 30.68 79.11
C LEU P 67 -92.27 29.81 80.11
N THR P 68 -90.97 29.60 79.90
CA THR P 68 -90.19 28.79 80.83
C THR P 68 -89.93 29.55 82.12
N LYS P 69 -89.88 30.89 82.05
CA LYS P 69 -89.69 31.71 83.24
C LYS P 69 -90.86 31.53 84.19
N ALA P 70 -92.05 31.38 83.64
CA ALA P 70 -93.27 31.13 84.39
C ALA P 70 -93.45 29.61 84.45
N GLY P 71 -94.61 29.15 84.88
CA GLY P 71 -94.83 27.72 84.94
C GLY P 71 -95.52 27.13 83.74
N ALA P 72 -95.56 27.87 82.62
CA ALA P 72 -96.24 27.37 81.43
C ALA P 72 -95.43 26.29 80.71
N LEU P 73 -94.13 26.49 80.56
CA LEU P 73 -93.30 25.53 79.85
C LEU P 73 -92.00 25.28 80.63
N ASN P 74 -91.19 24.37 80.09
CA ASN P 74 -89.90 23.99 80.66
C ASN P 74 -88.85 23.82 79.57
N VAL P 75 -88.95 24.62 78.51
CA VAL P 75 -88.02 24.56 77.38
C VAL P 75 -86.64 25.05 77.83
N PRO P 76 -85.56 24.32 77.53
CA PRO P 76 -84.22 24.77 77.94
C PRO P 76 -83.75 25.98 77.15
N GLU P 77 -82.54 26.46 77.45
CA GLU P 77 -81.99 27.62 76.74
C GLU P 77 -81.73 27.28 75.28
N TRP P 78 -81.78 28.32 74.44
CA TRP P 78 -81.59 28.15 73.01
C TRP P 78 -80.19 27.63 72.68
N TYR P 79 -79.19 27.99 73.48
CA TYR P 79 -77.85 27.50 73.22
C TYR P 79 -77.61 26.09 73.73
N ASP P 80 -78.59 25.51 74.45
CA ASP P 80 -78.49 24.16 74.98
C ASP P 80 -79.63 23.26 74.52
N ALA P 81 -80.63 23.81 73.82
CA ALA P 81 -81.78 23.01 73.39
C ALA P 81 -81.41 21.97 72.34
N GLY P 82 -80.35 22.21 71.56
CA GLY P 82 -79.96 21.24 70.54
C GLY P 82 -79.51 19.92 71.14
N LYS P 83 -78.65 19.99 72.17
CA LYS P 83 -78.16 18.79 72.82
C LYS P 83 -79.27 18.03 73.53
N VAL P 84 -80.14 18.77 74.24
CA VAL P 84 -81.25 18.16 74.96
C VAL P 84 -82.22 17.49 73.98
N ALA P 85 -82.48 18.15 72.84
CA ALA P 85 -83.39 17.58 71.86
C ALA P 85 -82.78 16.38 71.15
N ILE P 86 -81.48 16.40 70.90
CA ILE P 86 -80.85 15.28 70.21
C ILE P 86 -80.59 14.10 71.15
N GLU P 87 -80.63 14.32 72.47
CA GLU P 87 -80.41 13.21 73.40
C GLU P 87 -81.54 12.19 73.31
N ASN P 88 -82.77 12.63 73.53
CA ASN P 88 -83.94 11.74 73.45
C ASN P 88 -84.60 11.86 72.08
N SER P 89 -83.81 11.60 71.04
CA SER P 89 -84.25 11.68 69.66
C SER P 89 -84.10 10.33 68.97
N PHE P 90 -84.77 10.21 67.83
CA PHE P 90 -84.76 9.00 67.02
C PHE P 90 -83.67 9.00 65.95
N ALA P 91 -82.94 10.10 65.79
CA ALA P 91 -81.93 10.17 64.76
C ALA P 91 -80.76 11.02 65.23
N PRO P 92 -79.54 10.75 64.76
CA PRO P 92 -78.41 11.59 65.14
C PRO P 92 -78.49 12.93 64.42
N TRP P 93 -77.65 13.87 64.83
CA TRP P 93 -77.70 15.19 64.21
C TRP P 93 -77.22 15.16 62.76
N GLY P 94 -76.32 14.24 62.40
CA GLY P 94 -75.84 14.19 61.03
C GLY P 94 -76.92 13.74 60.05
N SER P 95 -77.63 12.66 60.37
CA SER P 95 -78.69 12.16 59.50
C SER P 95 -79.80 13.19 59.36
N LEU P 96 -80.16 13.82 60.48
CA LEU P 96 -81.19 14.85 60.49
C LEU P 96 -80.78 16.04 59.64
N LEU P 97 -79.50 16.43 59.73
CA LEU P 97 -79.01 17.55 58.93
C LEU P 97 -79.00 17.21 57.46
N ALA P 98 -78.72 15.95 57.11
CA ALA P 98 -78.71 15.54 55.72
C ALA P 98 -80.11 15.60 55.13
N VAL P 99 -81.10 15.07 55.86
CA VAL P 99 -82.49 15.10 55.39
C VAL P 99 -82.96 16.55 55.27
N GLN P 100 -82.59 17.38 56.25
CA GLN P 100 -82.92 18.79 56.23
C GLN P 100 -82.30 19.50 55.04
N LEU P 101 -81.03 19.20 54.74
CA LEU P 101 -80.35 19.83 53.62
C LEU P 101 -81.01 19.46 52.30
N PHE P 102 -81.45 18.21 52.15
CA PHE P 102 -82.13 17.81 50.92
C PHE P 102 -83.48 18.51 50.76
N LEU P 103 -84.30 18.46 51.82
CA LEU P 103 -85.62 19.09 51.79
C LEU P 103 -85.52 20.60 51.60
N CYS P 104 -84.54 21.24 52.23
CA CYS P 104 -84.38 22.68 52.10
C CYS P 104 -83.79 23.04 50.74
N GLY P 105 -82.91 22.19 50.21
CA GLY P 105 -82.31 22.46 48.92
C GLY P 105 -83.31 22.43 47.80
N PHE P 106 -84.31 21.55 47.90
CA PHE P 106 -85.33 21.48 46.86
C PHE P 106 -86.12 22.79 46.75
N VAL P 107 -86.66 23.26 47.87
CA VAL P 107 -87.46 24.49 47.87
C VAL P 107 -86.58 25.72 47.63
N GLU P 108 -85.32 25.69 48.09
CA GLU P 108 -84.45 26.84 47.86
C GLU P 108 -84.06 26.92 46.40
N ALA P 109 -83.91 25.76 45.73
CA ALA P 109 -83.59 25.77 44.32
C ALA P 109 -84.78 26.25 43.51
N LYS P 110 -85.99 25.89 43.93
CA LYS P 110 -87.18 26.38 43.23
C LYS P 110 -87.31 27.89 43.41
N ARG P 111 -87.04 28.39 44.61
CA ARG P 111 -87.09 29.83 44.87
C ARG P 111 -85.99 30.55 44.08
N TRP P 112 -84.83 29.92 43.95
CA TRP P 112 -83.72 30.52 43.18
C TRP P 112 -84.08 30.63 41.71
N GLN P 113 -84.71 29.59 41.16
CA GLN P 113 -85.12 29.63 39.77
C GLN P 113 -86.21 30.67 39.55
N ASP P 114 -87.06 30.86 40.57
CA ASP P 114 -88.09 31.89 40.44
C ASP P 114 -87.46 33.28 40.52
N ILE P 115 -86.37 33.42 41.27
CA ILE P 115 -85.68 34.70 41.36
C ILE P 115 -85.03 35.01 40.03
N ARG P 116 -84.40 34.00 39.41
CA ARG P 116 -83.75 34.19 38.12
C ARG P 116 -84.77 34.49 37.03
N LYS P 117 -85.92 33.82 37.07
CA LYS P 117 -86.99 34.03 36.10
C LYS P 117 -88.31 34.03 36.86
N PRO P 118 -88.93 35.21 37.05
CA PRO P 118 -90.19 35.28 37.79
C PRO P 118 -91.32 34.57 37.06
N GLY P 119 -92.04 33.73 37.80
CA GLY P 119 -93.15 32.97 37.26
C GLY P 119 -92.75 31.74 36.47
N SER P 120 -91.46 31.41 36.44
CA SER P 120 -90.98 30.26 35.68
C SER P 120 -91.36 28.92 36.31
N GLN P 121 -91.77 28.91 37.58
CA GLN P 121 -92.16 27.65 38.23
C GLN P 121 -93.55 27.19 37.83
N GLY P 122 -94.24 27.95 36.98
CA GLY P 122 -95.56 27.60 36.53
C GLY P 122 -95.55 26.86 35.20
N GLU P 123 -94.45 26.19 34.91
CA GLU P 123 -94.32 25.43 33.68
C GLU P 123 -95.32 24.28 33.68
N PRO P 124 -96.24 24.22 32.73
CA PRO P 124 -97.26 23.15 32.73
C PRO P 124 -96.66 21.76 32.58
N GLY P 125 -97.30 20.81 33.26
CA GLY P 125 -96.87 19.42 33.24
C GLY P 125 -95.51 19.18 33.87
N SER P 126 -95.21 19.90 34.95
CA SER P 126 -93.91 19.74 35.62
C SER P 126 -94.00 19.50 37.11
N PHE P 127 -95.10 19.83 37.78
CA PHE P 127 -95.16 19.60 39.23
C PHE P 127 -96.51 19.00 39.62
N LEU P 128 -96.97 18.01 38.84
CA LEU P 128 -98.22 17.27 39.08
C LEU P 128 -99.45 18.17 39.22
N GLY P 129 -99.52 19.21 38.39
CA GLY P 129 -100.63 20.13 38.43
C GLY P 129 -100.53 21.22 39.47
N PHE P 130 -99.59 21.12 40.41
CA PHE P 130 -99.42 22.13 41.43
C PHE P 130 -98.59 23.31 40.95
N GLU P 131 -98.07 23.25 39.72
CA GLU P 131 -97.26 24.33 39.18
C GLU P 131 -98.08 25.60 38.96
N ALA P 132 -99.40 25.48 38.82
CA ALA P 132 -100.23 26.66 38.61
C ALA P 132 -100.23 27.55 39.84
N SER P 133 -100.11 26.96 41.02
CA SER P 133 -100.08 27.70 42.28
C SER P 133 -98.68 28.12 42.68
N LEU P 134 -97.65 27.68 41.95
CA LEU P 134 -96.27 28.01 42.26
C LEU P 134 -95.81 29.30 41.60
N LYS P 135 -96.68 30.00 40.89
CA LYS P 135 -96.33 31.27 40.26
C LYS P 135 -96.54 32.36 41.30
N GLY P 136 -95.52 33.17 41.52
CA GLY P 136 -95.62 34.23 42.49
C GLY P 136 -96.46 35.39 41.95
N THR P 137 -96.58 36.42 42.77
CA THR P 137 -97.34 37.60 42.39
C THR P 137 -96.45 38.50 41.53
N SER P 138 -96.89 39.73 41.30
CA SER P 138 -96.10 40.66 40.49
C SER P 138 -94.88 41.17 41.23
N GLU P 139 -94.81 40.99 42.55
CA GLU P 139 -93.68 41.44 43.34
C GLU P 139 -92.83 40.23 43.76
N LEU P 140 -91.53 40.32 43.51
CA LEU P 140 -90.63 39.23 43.87
C LEU P 140 -90.52 39.10 45.39
N GLY P 141 -90.54 37.86 45.86
CA GLY P 141 -90.47 37.61 47.28
C GLY P 141 -91.81 37.60 47.98
N TYR P 142 -92.91 37.78 47.24
CA TYR P 142 -94.26 37.80 47.81
C TYR P 142 -95.16 36.88 46.99
N PRO P 143 -95.05 35.57 47.18
CA PRO P 143 -95.90 34.64 46.41
C PRO P 143 -97.24 34.38 47.09
N GLY P 144 -98.17 33.87 46.30
CA GLY P 144 -99.49 33.54 46.81
C GLY P 144 -99.72 32.05 46.74
N GLY P 145 -100.89 31.62 46.28
CA GLY P 145 -101.22 30.22 46.15
C GLY P 145 -101.22 29.51 47.49
N PRO P 146 -100.37 28.48 47.63
CA PRO P 146 -100.31 27.74 48.91
C PRO P 146 -99.88 28.65 50.05
N PHE P 147 -98.98 29.59 49.77
CA PHE P 147 -98.57 30.55 50.77
C PHE P 147 -99.70 31.57 50.87
N ASP P 148 -99.82 32.16 52.06
CA ASP P 148 -100.87 33.13 52.41
C ASP P 148 -102.25 32.48 52.23
N PRO P 149 -102.63 31.51 53.08
CA PRO P 149 -103.95 30.89 52.92
C PRO P 149 -105.10 31.80 53.29
N LEU P 150 -104.92 32.71 54.23
CA LEU P 150 -106.00 33.61 54.65
C LEU P 150 -106.34 34.66 53.60
N GLY P 151 -105.50 34.85 52.59
CA GLY P 151 -105.77 35.83 51.55
C GLY P 151 -105.74 37.26 52.03
N LEU P 152 -104.83 37.58 52.95
CA LEU P 152 -104.73 38.94 53.45
C LEU P 152 -103.97 39.87 52.51
N SER P 153 -103.36 39.32 51.46
CA SER P 153 -102.60 40.10 50.49
C SER P 153 -103.46 40.57 49.33
N LYS P 154 -104.73 40.15 49.25
CA LYS P 154 -105.60 40.58 48.16
C LYS P 154 -106.05 42.02 48.31
N GLU P 155 -106.08 42.54 49.53
CA GLU P 155 -106.51 43.91 49.79
C GLU P 155 -105.29 44.82 49.63
N ALA P 156 -105.33 45.67 48.60
CA ALA P 156 -104.20 46.56 48.32
C ALA P 156 -104.07 47.70 49.33
N ASP P 157 -105.20 48.21 49.86
CA ASP P 157 -105.18 49.34 50.80
C ASP P 157 -104.28 49.08 52.00
N LYS P 158 -104.24 47.85 52.49
CA LYS P 158 -103.38 47.52 53.62
C LYS P 158 -102.09 46.85 53.19
N TRP P 159 -101.97 46.49 51.91
CA TRP P 159 -100.80 45.78 51.39
C TRP P 159 -99.51 46.54 51.67
N ALA P 160 -99.45 47.82 51.28
CA ALA P 160 -98.27 48.64 51.52
C ALA P 160 -97.95 48.74 53.00
N ASP P 161 -98.98 48.66 53.84
CA ASP P 161 -98.76 48.72 55.27
C ASP P 161 -98.24 47.39 55.77
N TRP P 162 -98.81 46.28 55.27
CA TRP P 162 -98.43 44.94 55.71
C TRP P 162 -96.94 44.68 55.48
N LYS P 163 -96.44 45.04 54.30
CA LYS P 163 -95.03 44.85 53.99
C LYS P 163 -94.17 45.66 54.95
N LEU P 164 -94.62 46.88 55.31
CA LEU P 164 -93.86 47.70 56.23
C LEU P 164 -93.79 47.04 57.60
N LYS P 165 -94.80 46.25 57.97
CA LYS P 165 -94.79 45.58 59.25
C LYS P 165 -93.98 44.29 59.19
N GLU P 166 -93.65 43.82 57.98
CA GLU P 166 -92.90 42.58 57.88
C GLU P 166 -91.40 42.82 57.88
N VAL P 167 -90.94 43.82 57.12
CA VAL P 167 -89.52 44.11 57.04
C VAL P 167 -89.00 44.65 58.36
N LYS P 168 -89.66 45.69 58.89
CA LYS P 168 -89.26 46.34 60.14
C LYS P 168 -89.14 45.34 61.28
N ASN P 169 -90.21 44.56 61.50
CA ASN P 169 -90.20 43.53 62.53
C ASN P 169 -89.04 42.57 62.28
N GLY P 170 -88.88 42.16 61.02
CA GLY P 170 -87.80 41.26 60.67
C GLY P 170 -86.45 41.84 61.00
N ARG P 171 -86.25 43.13 60.69
CA ARG P 171 -84.99 43.79 60.99
C ARG P 171 -84.74 43.75 62.49
N LEU P 172 -85.79 44.03 63.28
CA LEU P 172 -85.67 43.98 64.72
C LEU P 172 -85.28 42.58 65.17
N ALA P 173 -85.93 41.58 64.57
CA ALA P 173 -85.61 40.20 64.92
C ALA P 173 -84.17 39.88 64.56
N MET P 174 -83.70 40.41 63.43
CA MET P 174 -82.32 40.17 63.01
C MET P 174 -81.36 40.72 64.04
N LEU P 175 -81.72 41.84 64.67
CA LEU P 175 -80.84 42.38 65.69
C LEU P 175 -80.97 41.57 66.97
N ALA P 176 -82.18 41.11 67.28
CA ALA P 176 -82.45 40.35 68.50
C ALA P 176 -81.57 39.11 68.58
N PHE P 177 -81.57 38.31 67.51
CA PHE P 177 -80.74 37.12 67.47
C PHE P 177 -79.28 37.47 67.66
N LEU P 178 -78.84 38.58 67.05
CA LEU P 178 -77.45 39.02 67.21
C LEU P 178 -77.16 39.29 68.66
N GLY P 179 -78.09 39.98 69.35
CA GLY P 179 -77.91 40.22 70.76
C GLY P 179 -77.86 38.93 71.53
N PHE P 180 -78.71 37.97 71.16
CA PHE P 180 -78.76 36.66 71.79
C PHE P 180 -77.40 35.98 71.74
N VAL P 181 -76.63 36.24 70.68
CA VAL P 181 -75.32 35.63 70.58
C VAL P 181 -74.33 36.40 71.45
N ALA P 182 -74.33 37.73 71.33
CA ALA P 182 -73.38 38.56 72.07
C ALA P 182 -73.57 38.41 73.56
N GLN P 183 -74.82 38.42 74.01
CA GLN P 183 -75.10 38.23 75.44
C GLN P 183 -74.61 36.88 75.91
N LYS P 184 -74.76 35.84 75.05
CA LYS P 184 -74.29 34.51 75.42
C LYS P 184 -72.79 34.50 75.60
N TYR P 185 -72.08 35.34 74.86
CA TYR P 185 -70.63 35.40 74.99
C TYR P 185 -70.18 36.46 75.97
N ALA P 186 -71.11 37.12 76.66
CA ALA P 186 -70.74 38.15 77.62
C ALA P 186 -71.28 37.93 79.01
N THR P 187 -72.36 37.16 79.18
CA THR P 187 -72.93 36.93 80.49
C THR P 187 -73.00 35.45 80.84
N GLY P 188 -73.20 34.60 79.83
CA GLY P 188 -73.30 33.17 80.06
C GLY P 188 -74.68 32.70 80.46
N ALA P 189 -75.70 33.54 80.34
CA ALA P 189 -77.07 33.19 80.68
C ALA P 189 -77.96 33.46 79.48
N GLY P 190 -79.24 33.12 79.61
CA GLY P 190 -80.20 33.32 78.55
C GLY P 190 -80.67 34.75 78.46
N PRO P 191 -81.39 35.04 77.37
CA PRO P 191 -81.90 36.41 77.16
C PRO P 191 -82.90 36.86 78.22
N VAL P 192 -83.79 35.97 78.67
CA VAL P 192 -84.76 36.35 79.71
C VAL P 192 -84.04 36.60 81.02
N ASP P 193 -82.99 35.81 81.30
CA ASP P 193 -82.21 36.01 82.51
C ASP P 193 -81.50 37.35 82.48
N ASN P 194 -80.96 37.72 81.30
CA ASN P 194 -80.28 39.00 81.17
C ASN P 194 -81.27 40.15 81.33
N LEU P 195 -82.49 39.99 80.78
CA LEU P 195 -83.50 41.02 80.91
C LEU P 195 -83.91 41.22 82.36
N ALA P 196 -84.09 40.11 83.10
CA ALA P 196 -84.46 40.21 84.51
C ALA P 196 -83.32 40.80 85.34
N ALA P 197 -82.08 40.40 85.03
CA ALA P 197 -80.92 40.92 85.75
C ALA P 197 -80.76 42.41 85.52
N HIS P 198 -81.05 42.87 84.30
CA HIS P 198 -80.95 44.30 84.01
C HIS P 198 -82.10 45.06 84.65
N LEU P 199 -83.30 44.47 84.66
CA LEU P 199 -84.44 45.16 85.26
C LEU P 199 -84.29 45.27 86.77
N LYS P 200 -83.55 44.34 87.39
CA LYS P 200 -83.35 44.41 88.83
C LYS P 200 -82.45 45.58 89.21
N ASP P 201 -81.43 45.85 88.39
CA ASP P 201 -80.50 46.96 88.65
C ASP P 201 -79.90 47.39 87.32
N PRO P 202 -80.55 48.34 86.63
CA PRO P 202 -80.01 48.77 85.33
C PRO P 202 -78.79 49.66 85.42
N TRP P 203 -78.62 50.39 86.53
CA TRP P 203 -77.49 51.27 86.69
C TRP P 203 -76.17 50.55 86.96
N HIS P 204 -76.22 49.24 87.21
CA HIS P 204 -75.01 48.47 87.48
C HIS P 204 -74.92 47.16 86.71
N VAL P 205 -75.98 46.70 86.07
CA VAL P 205 -75.97 45.46 85.30
C VAL P 205 -76.29 45.84 83.86
N ASN P 206 -75.25 45.97 83.04
CA ASN P 206 -75.39 46.33 81.64
C ASN P 206 -74.11 45.91 80.92
N TYR P 207 -73.96 46.34 79.66
CA TYR P 207 -72.76 45.95 78.91
C TYR P 207 -71.54 46.76 79.32
N ALA P 208 -71.71 47.82 80.10
CA ALA P 208 -70.58 48.60 80.55
C ALA P 208 -69.92 47.99 81.78
N THR P 209 -70.55 46.96 82.37
CA THR P 209 -70.02 46.29 83.55
C THR P 209 -69.76 44.81 83.35
N ASN P 210 -69.97 44.27 82.15
CA ASN P 210 -69.73 42.84 81.95
C ASN P 210 -68.25 42.49 81.84
N GLY P 211 -67.38 43.46 81.65
CA GLY P 211 -65.96 43.21 81.53
C GLY P 211 -65.51 42.71 80.18
N VAL P 212 -66.41 42.60 79.21
CA VAL P 212 -66.08 42.11 77.87
C VAL P 212 -66.31 43.18 76.82
N SER P 213 -67.48 43.83 76.85
CA SER P 213 -67.81 44.86 75.87
C SER P 213 -66.94 46.12 76.02
N LEU P 214 -66.34 46.34 77.18
CA LEU P 214 -65.49 47.52 77.40
C LEU P 214 -64.18 47.04 78.02
N PRO P 215 -63.27 46.50 77.21
CA PRO P 215 -61.99 46.01 77.76
C PRO P 215 -61.05 47.12 78.20
N PHE P 216 -61.25 48.35 77.75
CA PHE P 216 -60.40 49.47 78.14
C PHE P 216 -60.86 50.15 79.42
N LEU P 217 -61.98 49.73 79.99
CA LEU P 217 -62.49 50.33 81.21
C LEU P 217 -62.52 49.29 82.33
N ASP Q 1 -113.50 69.13 64.71
CA ASP Q 1 -113.55 70.45 64.09
C ASP Q 1 -114.98 70.98 64.02
N ALA Q 2 -115.76 70.71 65.04
CA ALA Q 2 -117.16 71.16 65.09
C ALA Q 2 -117.53 71.42 66.54
N ALA Q 3 -118.84 71.50 66.80
CA ALA Q 3 -119.36 71.74 68.15
C ALA Q 3 -119.54 70.45 68.95
N LEU Q 4 -118.99 69.34 68.47
CA LEU Q 4 -119.09 68.07 69.16
C LEU Q 4 -118.30 68.11 70.46
N PRO Q 5 -118.70 67.32 71.48
CA PRO Q 5 -117.98 67.33 72.76
C PRO Q 5 -116.53 66.89 72.59
N SER Q 6 -115.65 67.53 73.37
CA SER Q 6 -114.23 67.27 73.29
C SER Q 6 -113.66 66.87 74.65
N TRP Q 7 -112.53 66.17 74.58
CA TRP Q 7 -111.80 65.73 75.76
C TRP Q 7 -110.86 66.81 76.28
N MET Q 8 -110.84 67.95 75.64
CA MET Q 8 -110.01 69.09 76.03
C MET Q 8 -110.64 70.32 75.40
N PRO Q 9 -111.49 71.04 76.15
CA PRO Q 9 -112.14 72.25 75.60
C PRO Q 9 -111.17 73.29 75.07
N GLY Q 10 -111.24 73.53 73.75
CA GLY Q 10 -110.40 74.47 73.07
C GLY Q 10 -109.30 73.84 72.24
N ALA Q 11 -108.93 72.59 72.53
CA ALA Q 11 -107.88 71.91 71.79
C ALA Q 11 -108.29 71.64 70.35
N ASP Q 12 -107.30 71.59 69.46
CA ASP Q 12 -107.52 71.33 68.05
C ASP Q 12 -107.56 69.83 67.83
N LEU Q 13 -108.78 69.30 67.78
CA LEU Q 13 -108.97 67.86 67.56
C LEU Q 13 -108.72 67.51 66.10
N PRO Q 14 -108.38 66.25 65.82
CA PRO Q 14 -108.15 65.84 64.43
C PRO Q 14 -109.45 65.87 63.63
N GLY Q 15 -109.30 66.03 62.32
CA GLY Q 15 -110.46 66.10 61.44
C GLY Q 15 -111.07 64.77 61.04
N TYR Q 16 -110.38 63.66 61.25
CA TYR Q 16 -110.97 62.38 60.85
C TYR Q 16 -112.03 61.89 61.83
N LEU Q 17 -112.19 62.53 62.98
CA LEU Q 17 -113.19 62.17 63.97
C LEU Q 17 -114.28 63.24 63.88
N ASN Q 18 -115.32 62.94 63.10
CA ASN Q 18 -116.42 63.87 62.86
C ASN Q 18 -117.69 63.51 63.62
N GLY Q 19 -117.60 62.68 64.65
CA GLY Q 19 -118.77 62.31 65.42
C GLY Q 19 -119.60 61.17 64.84
N THR Q 20 -119.14 60.51 63.79
CA THR Q 20 -119.90 59.41 63.23
C THR Q 20 -119.93 58.21 64.18
N LEU Q 21 -118.79 57.89 64.78
CA LEU Q 21 -118.70 56.78 65.71
C LEU Q 21 -119.27 57.20 67.07
N PRO Q 22 -119.84 56.27 67.83
CA PRO Q 22 -120.39 56.64 69.14
C PRO Q 22 -119.29 57.00 70.13
N GLY Q 23 -119.58 57.99 70.96
CA GLY Q 23 -118.62 58.46 71.95
C GLY Q 23 -117.40 59.13 71.38
N ASP Q 24 -117.56 59.90 70.30
CA ASP Q 24 -116.44 60.58 69.68
C ASP Q 24 -116.16 61.87 70.45
N PHE Q 25 -114.97 61.95 71.05
CA PHE Q 25 -114.56 63.12 71.80
C PHE Q 25 -113.24 63.67 71.29
N GLY Q 26 -112.80 63.22 70.13
CA GLY Q 26 -111.55 63.69 69.55
C GLY Q 26 -110.32 63.30 70.32
N PHE Q 27 -110.38 62.20 71.07
CA PHE Q 27 -109.24 61.73 71.87
C PHE Q 27 -108.42 60.76 71.04
N ASP Q 28 -107.30 61.25 70.51
CA ASP Q 28 -106.36 60.46 69.73
C ASP Q 28 -105.03 61.19 69.67
N PRO Q 29 -104.30 61.34 70.79
CA PRO Q 29 -103.02 62.05 70.73
C PRO Q 29 -101.94 61.32 69.97
N LEU Q 30 -102.06 60.00 69.82
CA LEU Q 30 -101.08 59.22 69.08
C LEU Q 30 -101.45 59.07 67.61
N TYR Q 31 -102.61 59.59 67.20
CA TYR Q 31 -103.10 59.54 65.82
C TYR Q 31 -103.19 58.11 65.29
N LEU Q 32 -103.68 57.19 66.13
CA LEU Q 32 -103.80 55.80 65.72
C LEU Q 32 -104.96 55.58 64.76
N GLY Q 33 -105.92 56.50 64.70
CA GLY Q 33 -107.06 56.35 63.82
C GLY Q 33 -106.99 57.18 62.56
N GLN Q 34 -105.78 57.53 62.12
CA GLN Q 34 -105.62 58.32 60.90
C GLN Q 34 -106.10 57.56 59.68
N ASP Q 35 -105.71 56.30 59.56
CA ASP Q 35 -106.11 55.47 58.44
C ASP Q 35 -107.58 55.10 58.59
N PRO Q 36 -108.44 55.36 57.60
CA PRO Q 36 -109.87 55.02 57.74
C PRO Q 36 -110.14 53.54 57.94
N VAL Q 37 -109.37 52.66 57.29
CA VAL Q 37 -109.58 51.23 57.47
C VAL Q 37 -109.15 50.81 58.87
N LYS Q 38 -108.05 51.39 59.36
CA LYS Q 38 -107.58 51.08 60.71
C LYS Q 38 -108.59 51.56 61.74
N LEU Q 39 -109.18 52.74 61.52
CA LEU Q 39 -110.19 53.27 62.43
C LEU Q 39 -111.44 52.40 62.40
N LYS Q 40 -111.82 51.92 61.21
CA LYS Q 40 -112.98 51.04 61.09
C LYS Q 40 -112.77 49.75 61.86
N TRP Q 41 -111.55 49.22 61.82
CA TRP Q 41 -111.25 48.01 62.57
C TRP Q 41 -111.19 48.27 64.07
N TYR Q 42 -110.59 49.41 64.46
CA TYR Q 42 -110.47 49.75 65.87
C TYR Q 42 -111.82 50.01 66.51
N ALA Q 43 -112.81 50.46 65.74
CA ALA Q 43 -114.14 50.68 66.30
C ALA Q 43 -114.75 49.35 66.75
N GLN Q 44 -114.65 48.34 65.90
CA GLN Q 44 -115.17 47.02 66.24
C GLN Q 44 -114.36 46.40 67.38
N ALA Q 45 -113.04 46.63 67.38
CA ALA Q 45 -112.20 46.11 68.45
C ALA Q 45 -112.58 46.74 69.79
N GLU Q 46 -112.83 48.05 69.79
CA GLU Q 46 -113.23 48.75 71.00
C GLU Q 46 -114.57 48.25 71.49
N LEU Q 47 -115.52 48.01 70.58
CA LEU Q 47 -116.83 47.52 70.96
C LEU Q 47 -116.75 46.13 71.59
N MET Q 48 -115.99 45.23 70.96
CA MET Q 48 -115.86 43.87 71.49
C MET Q 48 -115.13 43.85 72.83
N ASN Q 49 -114.02 44.59 72.93
CA ASN Q 49 -113.26 44.66 74.18
C ASN Q 49 -114.11 45.27 75.28
N ALA Q 50 -114.91 46.29 74.93
CA ALA Q 50 -115.76 46.96 75.90
C ALA Q 50 -116.85 46.02 76.43
N ARG Q 51 -117.51 45.28 75.54
CA ARG Q 51 -118.56 44.37 75.98
C ARG Q 51 -118.00 43.24 76.83
N PHE Q 52 -116.84 42.69 76.43
CA PHE Q 52 -116.24 41.61 77.22
C PHE Q 52 -115.76 42.14 78.58
N ALA Q 53 -115.25 43.37 78.62
CA ALA Q 53 -114.81 43.94 79.88
C ALA Q 53 -116.01 44.23 80.78
N MET Q 54 -117.14 44.62 80.20
CA MET Q 54 -118.33 44.86 81.00
C MET Q 54 -118.81 43.57 81.64
N LEU Q 55 -118.84 42.49 80.85
CA LEU Q 55 -119.24 41.19 81.39
C LEU Q 55 -118.25 40.72 82.46
N ALA Q 56 -116.96 40.99 82.24
CA ALA Q 56 -115.93 40.58 83.20
C ALA Q 56 -116.04 41.32 84.52
N VAL Q 57 -116.21 42.65 84.47
CA VAL Q 57 -116.32 43.43 85.68
C VAL Q 57 -117.58 43.05 86.44
N ALA Q 58 -118.68 42.80 85.71
CA ALA Q 58 -119.90 42.36 86.37
C ALA Q 58 -119.71 41.00 87.04
N GLY Q 59 -119.04 40.08 86.34
CA GLY Q 59 -118.79 38.75 86.86
C GLY Q 59 -117.70 38.69 87.92
N ILE Q 60 -117.00 39.78 88.15
CA ILE Q 60 -115.97 39.81 89.18
C ILE Q 60 -116.57 40.46 90.42
N LEU Q 61 -117.33 41.54 90.23
CA LEU Q 61 -117.95 42.28 91.33
C LEU Q 61 -119.19 41.62 91.91
N VAL Q 62 -120.04 40.98 91.10
CA VAL Q 62 -121.26 40.36 91.63
C VAL Q 62 -120.98 39.20 92.59
N PRO Q 63 -120.11 38.21 92.28
CA PRO Q 63 -119.89 37.14 93.27
C PRO Q 63 -119.28 37.62 94.57
N GLU Q 64 -118.42 38.64 94.53
CA GLU Q 64 -117.85 39.14 95.77
C GLU Q 64 -118.89 39.92 96.57
N LEU Q 65 -119.78 40.64 95.87
CA LEU Q 65 -120.83 41.38 96.55
C LEU Q 65 -121.82 40.43 97.21
N LEU Q 66 -122.13 39.32 96.54
CA LEU Q 66 -123.06 38.35 97.12
C LEU Q 66 -122.37 37.50 98.19
N SER Q 67 -121.03 37.44 98.16
CA SER Q 67 -120.31 36.66 99.16
C SER Q 67 -120.23 37.40 100.49
N ASN Q 68 -120.20 38.73 100.44
CA ASN Q 68 -120.12 39.54 101.65
C ASN Q 68 -121.43 39.58 102.44
N ILE Q 69 -122.52 39.05 101.87
CA ILE Q 69 -123.80 39.01 102.55
C ILE Q 69 -124.14 37.57 102.85
N GLY Q 70 -125.34 37.34 103.42
CA GLY Q 70 -125.77 36.00 103.80
C GLY Q 70 -125.92 35.01 102.66
N PHE Q 71 -125.90 35.46 101.41
CA PHE Q 71 -126.04 34.55 100.27
C PHE Q 71 -124.82 33.64 100.18
N SER Q 72 -125.08 32.34 100.01
CA SER Q 72 -124.01 31.35 99.92
C SER Q 72 -124.27 30.38 98.78
N TRP Q 73 -123.17 29.88 98.22
CA TRP Q 73 -123.19 28.94 97.11
C TRP Q 73 -121.82 28.26 97.07
N PRO Q 74 -121.64 27.16 96.26
CA PRO Q 74 -120.34 26.47 96.20
C PRO Q 74 -119.09 27.34 96.06
N GLY Q 75 -118.99 28.15 95.00
CA GLY Q 75 -117.83 29.00 94.88
C GLY Q 75 -118.11 30.38 95.44
N ALA Q 76 -117.77 30.60 96.70
CA ALA Q 76 -118.01 31.88 97.36
C ALA Q 76 -116.73 32.56 97.83
N GLY Q 77 -115.90 31.89 98.61
CA GLY Q 77 -114.68 32.49 99.10
C GLY Q 77 -113.55 32.53 98.09
N VAL Q 78 -113.71 31.86 96.95
CA VAL Q 78 -112.68 31.84 95.93
C VAL Q 78 -112.62 33.19 95.22
N ALA Q 79 -111.42 33.71 95.05
CA ALA Q 79 -111.22 34.98 94.38
C ALA Q 79 -111.37 34.83 92.88
N TRP Q 80 -111.42 35.97 92.17
CA TRP Q 80 -111.56 35.92 90.72
C TRP Q 80 -110.29 35.38 90.07
N TYR Q 81 -109.13 35.67 90.64
CA TYR Q 81 -107.89 35.16 90.08
C TYR Q 81 -107.58 33.74 90.54
N ASP Q 82 -108.34 33.22 91.50
CA ASP Q 82 -108.16 31.87 92.01
C ASP Q 82 -109.24 30.91 91.52
N ALA Q 83 -110.18 31.40 90.69
CA ALA Q 83 -111.26 30.56 90.19
C ALA Q 83 -110.78 29.55 89.14
N GLY Q 84 -109.58 29.74 88.60
CA GLY Q 84 -109.10 28.81 87.60
C GLY Q 84 -108.79 27.43 88.15
N LYS Q 85 -108.16 27.37 89.32
CA LYS Q 85 -107.81 26.10 89.94
C LYS Q 85 -108.91 25.64 90.92
N PHE Q 86 -110.14 25.65 90.42
CA PHE Q 86 -111.30 25.26 91.18
C PHE Q 86 -111.82 23.93 90.64
N GLU Q 87 -112.46 23.15 91.50
CA GLU Q 87 -112.99 21.84 91.12
C GLU Q 87 -114.37 22.00 90.51
N TYR Q 88 -114.50 21.74 89.22
CA TYR Q 88 -115.75 21.82 88.50
C TYR Q 88 -116.16 20.43 88.03
N PHE Q 89 -117.31 20.37 87.36
CA PHE Q 89 -117.81 19.10 86.86
C PHE Q 89 -116.98 18.55 85.71
N ALA Q 90 -116.21 19.40 85.04
CA ALA Q 90 -115.36 19.02 83.93
C ALA Q 90 -114.00 19.68 84.10
N PRO Q 91 -112.93 19.07 83.57
CA PRO Q 91 -111.61 19.69 83.68
C PRO Q 91 -111.53 20.97 82.86
N ALA Q 92 -110.58 21.83 83.24
CA ALA Q 92 -110.41 23.11 82.57
C ALA Q 92 -110.06 22.95 81.10
N SER Q 93 -109.31 21.89 80.75
CA SER Q 93 -108.92 21.66 79.37
C SER Q 93 -110.13 21.36 78.48
N SER Q 94 -111.04 20.52 78.97
CA SER Q 94 -112.23 20.17 78.20
C SER Q 94 -113.12 21.39 77.98
N LEU Q 95 -113.30 22.20 79.02
CA LEU Q 95 -114.10 23.42 78.89
C LEU Q 95 -113.45 24.39 77.93
N PHE Q 96 -112.11 24.46 77.96
CA PHE Q 96 -111.37 25.34 77.06
C PHE Q 96 -111.55 24.91 75.61
N GLY Q 97 -111.51 23.60 75.35
CA GLY Q 97 -111.69 23.13 73.99
C GLY Q 97 -113.10 23.36 73.48
N VAL Q 98 -114.11 23.09 74.33
CA VAL Q 98 -115.50 23.30 73.95
C VAL Q 98 -115.76 24.77 73.64
N GLN Q 99 -115.28 25.66 74.52
CA GLN Q 99 -115.48 27.08 74.30
C GLN Q 99 -114.70 27.56 73.09
N MET Q 100 -113.53 26.97 72.81
CA MET Q 100 -112.77 27.40 71.65
C MET Q 100 -113.52 27.08 70.37
N LEU Q 101 -114.17 25.90 70.32
CA LEU Q 101 -114.95 25.55 69.13
C LEU Q 101 -116.16 26.46 68.98
N LEU Q 102 -116.90 26.68 70.08
CA LEU Q 102 -118.09 27.54 70.02
C LEU Q 102 -117.73 28.98 69.66
N PHE Q 103 -116.68 29.53 70.29
CA PHE Q 103 -116.26 30.89 69.96
C PHE Q 103 -115.70 30.96 68.55
N ALA Q 104 -115.12 29.87 68.04
CA ALA Q 104 -114.64 29.89 66.67
C ALA Q 104 -115.81 30.06 65.72
N TRP Q 105 -116.91 29.35 65.99
CA TRP Q 105 -118.10 29.47 65.14
C TRP Q 105 -118.68 30.88 65.18
N VAL Q 106 -118.93 31.41 66.38
CA VAL Q 106 -119.55 32.74 66.47
C VAL Q 106 -118.61 33.85 66.00
N GLU Q 107 -117.30 33.72 66.24
CA GLU Q 107 -116.37 34.76 65.82
C GLU Q 107 -116.20 34.76 64.31
N ILE Q 108 -116.21 33.58 63.67
CA ILE Q 108 -116.09 33.55 62.21
C ILE Q 108 -117.37 34.13 61.59
N ARG Q 109 -118.53 33.87 62.23
CA ARG Q 109 -119.77 34.46 61.72
C ARG Q 109 -119.74 35.98 61.85
N ARG Q 110 -119.26 36.48 62.98
CA ARG Q 110 -119.15 37.92 63.20
C ARG Q 110 -118.18 38.55 62.22
N TYR Q 111 -117.05 37.88 61.95
CA TYR Q 111 -116.07 38.41 61.00
C TYR Q 111 -116.65 38.42 59.59
N GLN Q 112 -117.45 37.40 59.25
CA GLN Q 112 -118.09 37.34 57.94
C GLN Q 112 -119.05 38.51 57.77
N ASP Q 113 -119.79 38.84 58.85
CA ASP Q 113 -120.70 39.98 58.75
C ASP Q 113 -119.91 41.29 58.76
N PHE Q 114 -118.71 41.30 59.33
CA PHE Q 114 -117.92 42.53 59.34
C PHE Q 114 -117.34 42.83 57.97
N VAL Q 115 -116.84 41.81 57.27
CA VAL Q 115 -116.26 42.05 55.95
C VAL Q 115 -117.35 42.27 54.91
N LYS Q 116 -118.56 41.78 55.18
CA LYS Q 116 -119.69 41.92 54.27
C LYS Q 116 -120.94 42.09 55.13
N PRO Q 117 -121.40 43.32 55.35
CA PRO Q 117 -122.59 43.53 56.17
C PRO Q 117 -123.84 42.95 55.52
N GLY Q 118 -124.64 42.25 56.32
CA GLY Q 118 -125.86 41.63 55.86
C GLY Q 118 -125.69 40.29 55.20
N SER Q 119 -124.46 39.77 55.12
CA SER Q 119 -124.18 38.49 54.50
C SER Q 119 -124.25 37.32 55.48
N ALA Q 120 -124.48 37.58 56.76
CA ALA Q 120 -124.56 36.53 57.77
C ALA Q 120 -125.85 36.61 58.59
N ASN Q 121 -126.82 37.39 58.14
CA ASN Q 121 -128.08 37.55 58.85
C ASN Q 121 -129.00 36.35 58.73
N GLN Q 122 -128.70 35.41 57.84
CA GLN Q 122 -129.54 34.23 57.61
C GLN Q 122 -129.07 33.03 58.43
N ASP Q 123 -130.03 32.38 59.09
CA ASP Q 123 -129.76 31.20 59.89
C ASP Q 123 -129.47 30.03 58.95
N PRO Q 124 -128.32 29.37 59.07
CA PRO Q 124 -128.00 28.25 58.15
C PRO Q 124 -128.93 27.06 58.21
N ILE Q 125 -129.44 26.70 59.38
CA ILE Q 125 -130.32 25.54 59.48
C ILE Q 125 -131.76 25.91 59.13
N PHE Q 126 -132.34 26.82 59.91
CA PHE Q 126 -133.72 27.26 59.70
C PHE Q 126 -133.69 28.45 58.74
N THR Q 127 -134.08 28.19 57.49
CA THR Q 127 -134.08 29.24 56.47
C THR Q 127 -135.09 30.35 56.74
N ASN Q 128 -136.12 30.07 57.53
CA ASN Q 128 -137.12 31.10 57.83
C ASN Q 128 -136.59 32.12 58.82
N ASN Q 129 -135.77 31.69 59.79
CA ASN Q 129 -135.22 32.60 60.79
C ASN Q 129 -134.12 33.46 60.19
N LYS Q 130 -134.22 34.77 60.40
CA LYS Q 130 -133.23 35.71 59.89
C LYS Q 130 -133.33 37.01 60.65
N LEU Q 131 -132.27 37.83 60.53
CA LEU Q 131 -132.12 39.15 61.12
C LEU Q 131 -132.62 40.20 60.14
N PRO Q 132 -133.06 41.37 60.63
CA PRO Q 132 -133.55 42.41 59.71
C PRO Q 132 -132.47 42.90 58.76
N ASP Q 133 -132.91 43.32 57.58
CA ASP Q 133 -131.99 43.79 56.54
C ASP Q 133 -131.18 45.00 56.98
N GLY Q 134 -131.82 45.97 57.63
CA GLY Q 134 -131.10 47.14 58.08
C GLY Q 134 -130.20 46.81 59.25
N ASN Q 135 -128.90 46.73 59.01
CA ASN Q 135 -127.95 46.40 60.06
C ASN Q 135 -126.59 46.98 59.74
N GLU Q 136 -125.79 47.14 60.78
CA GLU Q 136 -124.44 47.66 60.74
C GLU Q 136 -123.53 46.72 61.49
N PRO Q 137 -122.25 46.63 61.12
CA PRO Q 137 -121.33 45.73 61.84
C PRO Q 137 -121.16 46.16 63.29
N GLY Q 138 -121.18 45.18 64.19
CA GLY Q 138 -121.07 45.42 65.60
C GLY Q 138 -122.39 45.66 66.29
N TYR Q 139 -123.48 45.80 65.54
CA TYR Q 139 -124.81 46.02 66.06
C TYR Q 139 -125.77 45.07 65.36
N PRO Q 140 -125.76 43.77 65.74
CA PRO Q 140 -126.62 42.79 65.07
C PRO Q 140 -128.12 43.00 65.20
N GLY Q 141 -128.64 43.08 66.42
CA GLY Q 141 -130.08 43.27 66.55
C GLY Q 141 -130.84 41.98 66.26
N GLY Q 142 -132.13 42.15 65.98
CA GLY Q 142 -132.98 41.00 65.68
C GLY Q 142 -133.18 40.13 66.91
N ILE Q 143 -132.63 38.91 66.88
CA ILE Q 143 -132.76 38.02 68.03
C ILE Q 143 -131.88 38.51 69.17
N PHE Q 144 -130.81 39.26 68.85
CA PHE Q 144 -129.94 39.79 69.87
C PHE Q 144 -130.58 40.93 70.64
N ASP Q 145 -131.67 41.49 70.11
CA ASP Q 145 -132.43 42.56 70.75
C ASP Q 145 -133.90 42.16 70.72
N PRO Q 146 -134.29 41.16 71.53
CA PRO Q 146 -135.69 40.72 71.50
C PRO Q 146 -136.66 41.73 72.08
N PHE Q 147 -136.20 42.59 72.99
CA PHE Q 147 -137.09 43.57 73.61
C PHE Q 147 -137.32 44.81 72.75
N GLY Q 148 -136.59 44.95 71.63
CA GLY Q 148 -136.76 46.10 70.77
C GLY Q 148 -136.32 47.41 71.41
N TRP Q 149 -135.25 47.36 72.21
CA TRP Q 149 -134.76 48.56 72.86
C TRP Q 149 -134.11 49.54 71.88
N SER Q 150 -133.65 49.03 70.73
CA SER Q 150 -133.00 49.88 69.74
C SER Q 150 -133.99 50.69 68.92
N LYS Q 151 -135.30 50.51 69.12
CA LYS Q 151 -136.28 51.26 68.35
C LYS Q 151 -136.36 52.72 68.79
N GLY Q 152 -135.79 53.08 69.93
CA GLY Q 152 -135.82 54.45 70.41
C GLY Q 152 -134.63 55.26 69.96
N ASP Q 153 -134.00 55.97 70.90
CA ASP Q 153 -132.83 56.81 70.60
C ASP Q 153 -131.61 55.90 70.55
N ILE Q 154 -131.26 55.46 69.34
CA ILE Q 154 -130.11 54.58 69.16
C ILE Q 154 -128.79 55.32 69.40
N LYS Q 155 -128.76 56.63 69.19
CA LYS Q 155 -127.52 57.39 69.40
C LYS Q 155 -127.18 57.51 70.89
N SER Q 156 -128.17 57.88 71.71
CA SER Q 156 -127.94 58.01 73.14
C SER Q 156 -127.59 56.68 73.79
N LEU Q 157 -128.28 55.62 73.37
CA LEU Q 157 -127.99 54.29 73.93
C LEU Q 157 -126.60 53.82 73.52
N LYS Q 158 -126.18 54.12 72.28
CA LYS Q 158 -124.85 53.74 71.84
C LYS Q 158 -123.79 54.51 72.62
N LEU Q 159 -124.07 55.78 72.93
CA LEU Q 159 -123.14 56.58 73.72
C LEU Q 159 -123.01 56.01 75.13
N LYS Q 160 -124.15 55.59 75.70
CA LYS Q 160 -124.13 54.98 77.03
C LYS Q 160 -123.32 53.69 77.02
N GLU Q 161 -123.49 52.90 75.95
CA GLU Q 161 -122.78 51.64 75.82
C GLU Q 161 -121.28 51.83 75.73
N ILE Q 162 -120.83 52.77 74.88
CA ILE Q 162 -119.40 52.99 74.74
C ILE Q 162 -118.79 53.59 76.00
N LYS Q 163 -119.55 54.45 76.70
CA LYS Q 163 -119.03 55.05 77.94
C LYS Q 163 -118.89 53.99 79.03
N ASN Q 164 -119.93 53.16 79.20
CA ASN Q 164 -119.88 52.10 80.20
C ASN Q 164 -118.79 51.09 79.86
N GLY Q 165 -118.59 50.83 78.57
CA GLY Q 165 -117.55 49.90 78.16
C GLY Q 165 -116.16 50.41 78.45
N ARG Q 166 -115.92 51.71 78.21
CA ARG Q 166 -114.61 52.29 78.50
C ARG Q 166 -114.35 52.27 80.01
N LEU Q 167 -115.38 52.58 80.79
CA LEU Q 167 -115.25 52.56 82.25
C LEU Q 167 -114.97 51.14 82.74
N ALA Q 168 -115.62 50.14 82.15
CA ALA Q 168 -115.38 48.77 82.55
C ALA Q 168 -114.00 48.29 82.13
N MET Q 169 -113.49 48.77 80.99
CA MET Q 169 -112.15 48.40 80.56
C MET Q 169 -111.12 48.93 81.54
N LEU Q 170 -111.30 50.18 81.97
CA LEU Q 170 -110.40 50.76 82.95
C LEU Q 170 -110.54 50.03 84.29
N ALA Q 171 -111.76 49.58 84.60
CA ALA Q 171 -111.99 48.85 85.84
C ALA Q 171 -111.27 47.50 85.82
N PHE Q 172 -111.28 46.82 84.67
CA PHE Q 172 -110.59 45.53 84.60
C PHE Q 172 -109.08 45.73 84.69
N ALA Q 173 -108.57 46.81 84.07
CA ALA Q 173 -107.15 47.10 84.17
C ALA Q 173 -106.79 47.38 85.63
N GLY Q 174 -107.67 48.09 86.34
CA GLY Q 174 -107.47 48.35 87.74
C GLY Q 174 -107.53 47.08 88.57
N PHE Q 175 -108.37 46.12 88.16
CA PHE Q 175 -108.47 44.85 88.86
C PHE Q 175 -107.14 44.11 88.77
N ILE Q 176 -106.56 44.09 87.57
CA ILE Q 176 -105.26 43.44 87.37
C ILE Q 176 -104.18 44.13 88.20
N GLY Q 177 -104.17 45.46 88.16
CA GLY Q 177 -103.17 46.21 88.91
C GLY Q 177 -103.28 46.01 90.41
N GLN Q 178 -104.50 46.07 90.95
CA GLN Q 178 -104.72 45.89 92.38
C GLN Q 178 -104.38 44.47 92.81
N ALA Q 179 -104.71 43.47 91.98
CA ALA Q 179 -104.39 42.09 92.32
C ALA Q 179 -102.90 41.85 92.27
N TYR Q 180 -102.17 42.56 91.40
CA TYR Q 180 -100.73 42.38 91.33
C TYR Q 180 -99.98 43.14 92.42
N THR Q 181 -100.51 44.28 92.87
CA THR Q 181 -99.82 45.05 93.90
C THR Q 181 -100.26 44.67 95.32
N THR Q 182 -101.55 44.81 95.62
CA THR Q 182 -102.03 44.50 96.96
C THR Q 182 -102.18 43.00 97.20
N GLY Q 183 -102.41 42.23 96.14
CA GLY Q 183 -102.59 40.79 96.28
C GLY Q 183 -103.86 40.45 97.04
N THR Q 184 -104.92 41.24 96.83
CA THR Q 184 -106.19 41.02 97.50
C THR Q 184 -107.28 41.38 96.49
N THR Q 185 -108.49 40.87 96.73
CA THR Q 185 -109.62 41.09 95.86
C THR Q 185 -110.00 42.58 95.80
N PRO Q 186 -110.58 43.04 94.67
CA PRO Q 186 -110.93 44.47 94.54
C PRO Q 186 -111.89 45.03 95.57
N LEU Q 187 -112.93 44.28 95.96
CA LEU Q 187 -113.87 44.85 96.95
C LEU Q 187 -113.20 44.98 98.31
N LYS Q 188 -112.25 44.10 98.62
CA LYS Q 188 -111.53 44.23 99.88
C LYS Q 188 -110.65 45.48 99.86
N ASN Q 189 -110.08 45.78 98.69
CA ASN Q 189 -109.28 47.00 98.55
C ASN Q 189 -110.17 48.22 98.71
N LEU Q 190 -111.38 48.15 98.16
CA LEU Q 190 -112.33 49.25 98.28
C LEU Q 190 -112.73 49.47 99.73
N SER Q 191 -112.95 48.38 100.47
CA SER Q 191 -113.31 48.49 101.88
C SER Q 191 -112.14 49.05 102.69
N THR Q 192 -110.92 48.60 102.38
CA THR Q 192 -109.74 49.08 103.08
C THR Q 192 -109.55 50.58 102.84
N HIS Q 193 -109.79 51.02 101.60
CA HIS Q 193 -109.66 52.44 101.29
C HIS Q 193 -110.79 53.23 101.92
N LEU Q 194 -111.99 52.67 101.99
CA LEU Q 194 -113.12 53.37 102.59
C LEU Q 194 -113.00 53.46 104.10
N ALA Q 195 -112.18 52.60 104.72
CA ALA Q 195 -111.99 52.67 106.17
C ALA Q 195 -111.28 53.97 106.57
N ASP Q 196 -110.25 54.34 105.82
CA ASP Q 196 -109.46 55.56 106.05
C ASP Q 196 -108.79 55.93 104.73
N PRO Q 197 -109.45 56.73 103.89
CA PRO Q 197 -108.85 57.09 102.58
C PRO Q 197 -107.62 57.98 102.66
N TRP Q 198 -107.43 58.70 103.76
CA TRP Q 198 -106.28 59.59 103.86
C TRP Q 198 -104.97 58.81 104.01
N SER Q 199 -105.02 57.67 104.67
CA SER Q 199 -103.83 56.85 104.87
C SER Q 199 -103.78 55.63 103.96
N THR Q 200 -104.78 55.42 103.10
CA THR Q 200 -104.82 54.28 102.20
C THR Q 200 -104.98 54.79 100.76
N THR Q 201 -103.87 55.13 100.13
CA THR Q 201 -103.85 55.60 98.75
C THR Q 201 -102.81 54.78 98.00
N VAL Q 202 -102.76 54.98 96.68
CA VAL Q 202 -101.79 54.25 95.87
C VAL Q 202 -100.37 54.69 96.21
N TRP Q 203 -100.19 55.97 96.53
CA TRP Q 203 -98.86 56.48 96.88
C TRP Q 203 -98.38 55.91 98.20
N GLN Q 204 -99.26 55.89 99.21
CA GLN Q 204 -98.88 55.37 100.53
C GLN Q 204 -98.62 53.86 100.47
N ASN Q 205 -99.52 53.11 99.83
CA ASN Q 205 -99.36 51.66 99.73
C ASN Q 205 -98.13 51.29 98.91
N ASP Q 206 -97.85 52.03 97.84
CA ASP Q 206 -96.68 51.70 97.04
C ASP Q 206 -95.39 52.19 97.69
N LEU Q 207 -95.46 53.24 98.51
CA LEU Q 207 -94.28 53.74 99.19
C LEU Q 207 -93.91 52.82 100.35
N ALA Q 208 -94.91 52.13 100.92
CA ALA Q 208 -94.65 51.21 102.03
C ALA Q 208 -93.91 49.96 101.56
N ARG Q 209 -93.89 49.71 100.24
CA ARG Q 209 -93.19 48.55 99.68
C ARG Q 209 -91.86 48.92 99.03
N LEU Q 210 -91.54 50.21 98.97
CA LEU Q 210 -90.30 50.67 98.37
C LEU Q 210 -89.15 50.59 99.38
N ASP R 1 -55.06 137.13 75.50
CA ASP R 1 -55.62 135.82 75.82
C ASP R 1 -55.31 135.46 77.27
N ARG R 2 -55.92 134.37 77.75
CA ARG R 2 -55.70 133.92 79.12
C ARG R 2 -54.29 133.34 79.27
N LYS R 3 -53.82 133.34 80.50
CA LYS R 3 -52.49 132.81 80.80
C LYS R 3 -52.54 131.29 80.84
N LEU R 4 -51.67 130.65 80.07
CA LEU R 4 -51.63 129.20 80.03
C LEU R 4 -50.81 128.63 81.19
N TRP R 5 -50.72 127.31 81.23
CA TRP R 5 -50.00 126.61 82.28
C TRP R 5 -48.48 126.69 82.13
N ALA R 6 -47.97 127.18 81.02
CA ALA R 6 -46.52 127.27 80.85
C ALA R 6 -46.22 128.32 79.80
N PRO R 7 -45.07 129.00 79.89
CA PRO R 7 -44.75 130.00 78.88
C PRO R 7 -44.28 129.34 77.59
N GLY R 8 -44.90 129.73 76.48
CA GLY R 8 -44.57 129.19 75.18
C GLY R 8 -45.37 127.98 74.76
N VAL R 9 -46.11 127.34 75.66
CA VAL R 9 -46.90 126.17 75.30
C VAL R 9 -48.15 126.62 74.56
N VAL R 10 -48.72 125.72 73.77
CA VAL R 10 -49.93 125.99 73.00
C VAL R 10 -51.07 125.17 73.57
N ALA R 11 -52.18 125.83 73.88
CA ALA R 11 -53.34 125.16 74.42
C ALA R 11 -54.00 124.28 73.36
N PRO R 12 -54.68 123.21 73.77
CA PRO R 12 -55.36 122.36 72.79
C PRO R 12 -56.55 123.09 72.18
N GLU R 13 -57.02 122.55 71.05
CA GLU R 13 -58.14 123.17 70.34
C GLU R 13 -59.43 123.09 71.16
N TYR R 14 -59.64 121.98 71.88
CA TYR R 14 -60.86 121.84 72.66
C TYR R 14 -60.87 122.68 73.94
N LEU R 15 -59.74 123.27 74.32
CA LEU R 15 -59.65 124.10 75.53
C LEU R 15 -59.58 125.55 75.06
N LYS R 16 -60.74 126.14 74.79
CA LYS R 16 -60.82 127.52 74.33
C LYS R 16 -61.11 128.51 75.44
N GLY R 17 -61.12 128.06 76.70
CA GLY R 17 -61.38 128.95 77.81
C GLY R 17 -62.82 129.05 78.23
N ASP R 18 -63.69 128.13 77.78
CA ASP R 18 -65.10 128.19 78.14
C ASP R 18 -65.29 127.82 79.61
N LEU R 19 -64.67 126.74 80.06
CA LEU R 19 -64.81 126.31 81.44
C LEU R 19 -63.95 127.19 82.35
N ALA R 20 -64.36 127.26 83.62
CA ALA R 20 -63.64 128.05 84.60
C ALA R 20 -62.30 127.42 84.97
N GLY R 21 -61.29 128.25 85.16
CA GLY R 21 -59.97 127.77 85.51
C GLY R 21 -59.29 126.98 84.42
N ASP R 22 -59.41 127.43 83.18
CA ASP R 22 -58.80 126.74 82.05
C ASP R 22 -57.41 127.34 81.78
N TYR R 23 -56.39 126.49 81.82
CA TYR R 23 -55.01 126.88 81.59
C TYR R 23 -54.44 126.19 80.36
N GLY R 24 -55.27 125.50 79.59
CA GLY R 24 -54.81 124.78 78.41
C GLY R 24 -53.89 123.65 78.78
N TRP R 25 -54.15 122.99 79.91
CA TRP R 25 -53.32 121.91 80.41
C TRP R 25 -54.00 120.56 80.17
N ASP R 26 -53.43 119.78 79.27
CA ASP R 26 -53.91 118.44 78.94
C ASP R 26 -52.80 117.66 78.24
N PRO R 27 -51.74 117.27 78.96
CA PRO R 27 -50.66 116.52 78.30
C PRO R 27 -51.04 115.14 77.82
N LEU R 28 -52.15 114.58 78.30
CA LEU R 28 -52.55 113.24 77.87
C LEU R 28 -53.67 113.25 76.86
N GLY R 29 -54.23 114.41 76.53
CA GLY R 29 -55.30 114.48 75.55
C GLY R 29 -56.56 113.78 75.98
N LEU R 30 -56.80 113.68 77.29
CA LEU R 30 -58.00 113.01 77.79
C LEU R 30 -59.25 113.82 77.54
N GLY R 31 -59.13 115.12 77.28
CA GLY R 31 -60.26 115.97 77.01
C GLY R 31 -60.62 116.10 75.54
N ALA R 32 -60.03 115.27 74.68
CA ALA R 32 -60.33 115.32 73.25
C ALA R 32 -61.79 114.96 72.98
N ASP R 33 -62.31 113.97 73.68
CA ASP R 33 -63.70 113.57 73.50
C ASP R 33 -64.60 114.52 74.29
N PRO R 34 -65.59 115.16 73.67
CA PRO R 34 -66.46 116.09 74.43
C PRO R 34 -67.24 115.43 75.56
N THR R 35 -67.78 114.23 75.34
CA THR R 35 -68.52 113.54 76.39
C THR R 35 -67.59 113.19 77.55
N ALA R 36 -66.39 112.71 77.21
CA ALA R 36 -65.41 112.39 78.24
C ALA R 36 -64.99 113.66 78.96
N LEU R 37 -64.89 114.78 78.25
CA LEU R 37 -64.51 116.04 78.87
C LEU R 37 -65.57 116.49 79.87
N LYS R 38 -66.85 116.33 79.53
CA LYS R 38 -67.91 116.71 80.46
C LYS R 38 -67.90 115.82 81.70
N TRP R 39 -67.71 114.52 81.50
CA TRP R 39 -67.66 113.60 82.64
C TRP R 39 -66.45 113.89 83.53
N TYR R 40 -65.30 114.22 82.92
CA TYR R 40 -64.11 114.54 83.70
C TYR R 40 -64.29 115.86 84.43
N ARG R 41 -65.07 116.79 83.86
CA ARG R 41 -65.32 118.05 84.56
C ARG R 41 -66.17 117.80 85.79
N GLN R 42 -67.17 116.92 85.66
CA GLN R 42 -68.00 116.58 86.82
C GLN R 42 -67.16 115.87 87.88
N SER R 43 -66.26 114.99 87.45
CA SER R 43 -65.40 114.27 88.38
C SER R 43 -64.45 115.22 89.09
N GLU R 44 -63.92 116.20 88.35
CA GLU R 44 -63.03 117.19 88.94
C GLU R 44 -63.77 118.05 89.96
N LEU R 45 -65.01 118.41 89.66
CA LEU R 45 -65.79 119.20 90.60
C LEU R 45 -66.08 118.41 91.87
N GLN R 46 -66.42 117.13 91.73
CA GLN R 46 -66.69 116.29 92.89
C GLN R 46 -65.44 116.12 93.74
N HIS R 47 -64.30 115.86 93.10
CA HIS R 47 -63.04 115.70 93.81
C HIS R 47 -62.66 116.99 94.52
N ALA R 48 -62.86 118.13 93.85
CA ALA R 48 -62.52 119.42 94.42
C ALA R 48 -63.34 119.71 95.67
N ARG R 49 -64.67 119.52 95.59
CA ARG R 49 -65.52 119.80 96.74
C ARG R 49 -65.24 118.83 97.89
N TRP R 50 -65.08 117.54 97.58
CA TRP R 50 -64.79 116.57 98.64
C TRP R 50 -63.44 116.82 99.28
N ALA R 51 -62.44 117.22 98.49
CA ALA R 51 -61.12 117.50 99.04
C ALA R 51 -61.15 118.75 99.90
N MET R 52 -61.93 119.77 99.50
CA MET R 52 -62.03 120.98 100.31
C MET R 52 -62.66 120.65 101.65
N LEU R 53 -63.71 119.82 101.62
CA LEU R 53 -64.37 119.40 102.86
C LEU R 53 -63.42 118.60 103.73
N GLY R 54 -62.63 117.71 103.12
CA GLY R 54 -61.70 116.89 103.89
C GLY R 54 -60.59 117.71 104.52
N VAL R 55 -60.04 118.68 103.78
CA VAL R 55 -58.97 119.53 104.31
C VAL R 55 -59.50 120.38 105.46
N ALA R 56 -60.68 120.99 105.26
CA ALA R 56 -61.27 121.81 106.31
C ALA R 56 -61.60 120.96 107.54
N GLY R 57 -62.07 119.74 107.33
CA GLY R 57 -62.39 118.88 108.45
C GLY R 57 -61.16 118.45 109.23
N VAL R 58 -60.07 118.14 108.52
CA VAL R 58 -58.84 117.74 109.19
C VAL R 58 -58.28 118.90 110.00
N LEU R 59 -58.26 120.10 109.41
CA LEU R 59 -57.73 121.27 110.12
C LEU R 59 -58.57 121.63 111.34
N VAL R 60 -59.90 121.67 111.19
CA VAL R 60 -60.77 122.01 112.30
C VAL R 60 -60.71 120.94 113.38
N GLN R 61 -60.60 119.66 112.98
CA GLN R 61 -60.51 118.59 113.96
C GLN R 61 -59.21 118.68 114.74
N GLU R 62 -58.10 119.01 114.07
CA GLU R 62 -56.82 119.12 114.76
C GLU R 62 -56.81 120.32 115.69
N ILE R 63 -57.53 121.39 115.32
CA ILE R 63 -57.58 122.57 116.19
C ILE R 63 -58.46 122.31 117.41
N VAL R 64 -59.65 121.75 117.21
CA VAL R 64 -60.57 121.48 118.31
C VAL R 64 -60.14 120.29 119.14
N LYS R 65 -59.75 119.18 118.50
CA LYS R 65 -59.34 117.96 119.19
C LYS R 65 -57.91 117.62 118.78
N PRO R 66 -56.91 118.21 119.45
CA PRO R 66 -55.51 117.90 119.09
C PRO R 66 -55.05 116.54 119.58
N ASP R 67 -55.76 115.94 120.53
CA ASP R 67 -55.39 114.63 121.06
C ASP R 67 -55.92 113.47 120.23
N VAL R 68 -56.64 113.74 119.15
CA VAL R 68 -57.19 112.69 118.29
C VAL R 68 -56.49 112.76 116.93
N TYR R 69 -55.94 111.64 116.51
CA TYR R 69 -55.25 111.52 115.24
C TYR R 69 -56.28 111.35 114.13
N PHE R 70 -56.18 112.17 113.08
CA PHE R 70 -57.15 112.09 111.98
C PHE R 70 -57.01 110.81 111.19
N TYR R 71 -55.79 110.24 111.12
CA TYR R 71 -55.59 109.02 110.37
C TYR R 71 -56.32 107.84 111.03
N GLU R 72 -56.34 107.82 112.36
CA GLU R 72 -57.00 106.77 113.12
C GLU R 72 -58.36 107.21 113.66
N ALA R 73 -58.89 108.33 113.19
CA ALA R 73 -60.18 108.81 113.66
C ALA R 73 -61.33 107.95 113.17
N GLY R 74 -61.11 107.12 112.16
CA GLY R 74 -62.15 106.26 111.64
C GLY R 74 -62.43 105.04 112.49
N LEU R 75 -61.59 104.77 113.48
CA LEU R 75 -61.80 103.61 114.35
C LEU R 75 -63.02 103.85 115.24
N PRO R 76 -63.81 102.81 115.52
CA PRO R 76 -65.00 103.00 116.37
C PRO R 76 -64.66 103.41 117.79
N GLN R 77 -63.50 103.03 118.31
CA GLN R 77 -63.13 103.42 119.67
C GLN R 77 -62.73 104.87 119.77
N ASN R 78 -62.42 105.52 118.65
CA ASN R 78 -62.04 106.93 118.63
C ASN R 78 -63.21 107.85 118.33
N LEU R 79 -64.40 107.31 118.13
CA LEU R 79 -65.57 108.12 117.83
C LEU R 79 -66.01 108.89 119.08
N PRO R 80 -66.59 110.08 118.91
CA PRO R 80 -67.03 110.85 120.08
C PRO R 80 -68.35 110.32 120.62
N GLU R 81 -68.69 110.79 121.82
CA GLU R 81 -69.93 110.38 122.45
C GLU R 81 -71.12 111.00 121.73
N PRO R 82 -72.23 110.25 121.58
CA PRO R 82 -72.46 108.88 122.05
C PRO R 82 -72.24 107.83 120.97
N PHE R 83 -71.40 108.13 119.99
CA PHE R 83 -71.11 107.21 118.91
C PHE R 83 -69.89 106.33 119.16
N THR R 84 -69.30 106.38 120.36
CA THR R 84 -68.13 105.56 120.65
C THR R 84 -68.51 104.09 120.72
N ASN R 85 -67.64 103.25 120.13
CA ASN R 85 -67.79 101.80 120.07
C ASN R 85 -69.14 101.38 119.48
N ILE R 86 -69.60 102.13 118.49
CA ILE R 86 -70.87 101.85 117.84
C ILE R 86 -70.64 100.78 116.78
N ASN R 87 -71.72 100.13 116.35
CA ASN R 87 -71.62 99.10 115.32
C ASN R 87 -71.38 99.79 113.99
N MET R 88 -70.29 99.40 113.31
CA MET R 88 -69.97 100.02 112.04
C MET R 88 -70.89 99.54 110.91
N GLY R 89 -71.57 98.41 111.09
CA GLY R 89 -72.47 97.93 110.05
C GLY R 89 -73.65 98.86 109.83
N GLY R 90 -74.27 99.32 110.92
CA GLY R 90 -75.40 100.23 110.79
C GLY R 90 -74.97 101.57 110.25
N LEU R 91 -73.77 102.02 110.63
CA LEU R 91 -73.23 103.28 110.15
C LEU R 91 -72.99 103.21 108.64
N LEU R 92 -72.39 102.10 108.19
CA LEU R 92 -72.15 101.91 106.76
C LEU R 92 -73.46 101.79 106.01
N ALA R 93 -74.48 101.19 106.63
CA ALA R 93 -75.78 101.06 106.00
C ALA R 93 -76.43 102.43 105.79
N TRP R 94 -76.36 103.29 106.83
CA TRP R 94 -76.90 104.63 106.75
C TRP R 94 -76.24 105.42 105.63
N GLU R 95 -74.90 105.44 105.63
CA GLU R 95 -74.16 106.17 104.62
C GLU R 95 -74.40 105.61 103.23
N PHE R 96 -74.43 104.28 103.10
CA PHE R 96 -74.65 103.66 101.79
C PHE R 96 -75.99 104.04 101.21
N ILE R 97 -77.05 103.98 102.01
CA ILE R 97 -78.38 104.32 101.51
C ILE R 97 -78.47 105.80 101.11
N LEU R 98 -78.07 106.70 102.02
CA LEU R 98 -78.18 108.13 101.73
C LEU R 98 -77.29 108.56 100.56
N MET R 99 -76.02 108.13 100.57
CA MET R 99 -75.09 108.48 99.50
C MET R 99 -75.52 107.86 98.18
N HIS R 100 -76.07 106.63 98.23
CA HIS R 100 -76.54 105.99 97.00
C HIS R 100 -77.68 106.79 96.38
N TRP R 101 -78.60 107.27 97.20
CA TRP R 101 -79.72 108.06 96.69
C TRP R 101 -79.24 109.36 96.04
N VAL R 102 -78.42 110.13 96.76
CA VAL R 102 -77.97 111.42 96.23
C VAL R 102 -77.07 111.24 95.01
N GLU R 103 -76.23 110.20 95.01
CA GLU R 103 -75.34 110.01 93.87
C GLU R 103 -76.10 109.50 92.66
N VAL R 104 -77.17 108.71 92.85
CA VAL R 104 -77.95 108.26 91.70
C VAL R 104 -78.69 109.46 91.11
N ARG R 105 -79.17 110.37 91.97
CA ARG R 105 -79.85 111.57 91.47
C ARG R 105 -78.87 112.43 90.66
N ARG R 106 -77.65 112.60 91.18
CA ARG R 106 -76.63 113.39 90.47
C ARG R 106 -76.24 112.72 89.15
N TRP R 107 -76.10 111.39 89.15
CA TRP R 107 -75.75 110.66 87.93
C TRP R 107 -76.84 110.78 86.89
N GLN R 108 -78.10 110.69 87.31
CA GLN R 108 -79.20 110.82 86.36
C GLN R 108 -79.26 112.24 85.81
N ASP R 109 -78.86 113.23 86.63
CA ASP R 109 -78.80 114.60 86.15
C ASP R 109 -77.72 114.73 85.10
N TYR R 110 -76.62 113.99 85.26
CA TYR R 110 -75.55 114.03 84.27
C TYR R 110 -76.00 113.38 82.97
N LYS R 111 -76.66 112.22 83.06
CA LYS R 111 -77.11 111.50 81.86
C LYS R 111 -78.16 112.30 81.10
N ASN R 112 -79.13 112.87 81.83
CA ASN R 112 -80.20 113.67 81.24
C ASN R 112 -80.23 114.99 82.01
N PHE R 113 -79.65 116.02 81.41
CA PHE R 113 -79.59 117.34 82.06
C PHE R 113 -80.99 117.94 82.24
N GLY R 114 -81.23 118.47 83.43
CA GLY R 114 -82.50 119.09 83.75
C GLY R 114 -83.69 118.14 83.76
N SER R 115 -83.51 116.93 84.25
CA SER R 115 -84.59 115.96 84.30
C SER R 115 -84.93 115.47 85.70
N VAL R 116 -84.14 115.82 86.72
CA VAL R 116 -84.41 115.41 88.09
C VAL R 116 -84.38 116.64 89.01
N ASN R 117 -84.63 117.82 88.44
CA ASN R 117 -84.61 119.05 89.24
C ASN R 117 -85.77 119.10 90.22
N GLU R 118 -86.94 118.59 89.83
CA GLU R 118 -88.11 118.63 90.69
C GLU R 118 -88.04 117.58 91.80
N ASP R 119 -88.61 117.94 92.95
CA ASP R 119 -88.67 117.07 94.11
C ASP R 119 -89.67 115.95 93.81
N PRO R 120 -89.28 114.68 93.93
CA PRO R 120 -90.22 113.59 93.62
C PRO R 120 -91.38 113.44 94.61
N ILE R 121 -91.32 114.06 95.79
CA ILE R 121 -92.42 113.94 96.74
C ILE R 121 -93.31 115.17 96.71
N PHE R 122 -92.74 116.32 97.03
CA PHE R 122 -93.48 117.59 97.05
C PHE R 122 -93.26 118.27 95.71
N LYS R 123 -94.28 118.23 94.86
CA LYS R 123 -94.19 118.85 93.55
C LYS R 123 -94.12 120.37 93.67
N GLY R 124 -93.36 120.98 92.75
CA GLY R 124 -93.16 122.40 92.73
C GLY R 124 -91.82 122.84 93.28
N ASN R 125 -91.14 121.97 94.01
CA ASN R 125 -89.83 122.27 94.59
C ASN R 125 -88.77 121.84 93.58
N LYS R 126 -88.25 122.80 92.82
CA LYS R 126 -87.25 122.53 91.81
C LYS R 126 -86.02 123.41 92.05
N VAL R 127 -84.93 123.03 91.38
CA VAL R 127 -83.67 123.77 91.45
C VAL R 127 -83.48 124.33 90.05
N PRO R 128 -82.89 125.53 89.90
CA PRO R 128 -82.71 126.08 88.55
C PRO R 128 -81.77 125.27 87.67
N ASN R 129 -80.60 124.89 88.22
CA ASN R 129 -79.60 124.11 87.51
C ASN R 129 -79.20 124.71 86.16
N PRO R 130 -78.49 125.84 86.15
CA PRO R 130 -78.09 126.43 84.85
C PRO R 130 -77.04 125.63 84.11
N GLU R 131 -76.07 125.06 84.83
CA GLU R 131 -75.01 124.26 84.22
C GLU R 131 -74.87 122.96 84.99
N MET R 132 -74.28 121.97 84.34
CA MET R 132 -74.06 120.67 84.97
C MET R 132 -73.06 120.82 86.10
N GLY R 133 -73.38 120.26 87.26
CA GLY R 133 -72.53 120.37 88.43
C GLY R 133 -72.80 121.61 89.25
N TYR R 134 -73.77 122.43 88.86
CA TYR R 134 -74.13 123.65 89.56
C TYR R 134 -75.65 123.67 89.72
N PRO R 135 -76.19 122.90 90.68
CA PRO R 135 -77.66 122.88 90.84
C PRO R 135 -78.28 124.18 91.35
N GLY R 136 -77.76 124.74 92.43
CA GLY R 136 -78.33 125.98 92.93
C GLY R 136 -79.66 125.77 93.63
N GLY R 137 -80.37 126.89 93.83
CA GLY R 137 -81.66 126.84 94.49
C GLY R 137 -81.56 126.51 95.97
N ILE R 138 -81.97 125.30 96.34
CA ILE R 138 -81.89 124.89 97.74
C ILE R 138 -80.42 124.68 98.13
N PHE R 139 -79.56 124.36 97.16
CA PHE R 139 -78.14 124.16 97.41
C PHE R 139 -77.41 125.49 97.61
N ASP R 140 -78.02 126.60 97.21
CA ASP R 140 -77.46 127.94 97.38
C ASP R 140 -78.55 128.84 97.96
N PRO R 141 -78.91 128.64 99.23
CA PRO R 141 -79.97 129.48 99.81
C PRO R 141 -79.56 130.91 100.06
N PHE R 142 -78.25 131.20 100.14
CA PHE R 142 -77.83 132.57 100.40
C PHE R 142 -77.86 133.44 99.14
N GLY R 143 -78.12 132.86 97.98
CA GLY R 143 -78.21 133.62 96.75
C GLY R 143 -76.94 134.30 96.29
N PHE R 144 -75.82 133.58 96.29
CA PHE R 144 -74.55 134.13 95.84
C PHE R 144 -74.30 133.91 94.36
N SER R 145 -75.23 133.26 93.65
CA SER R 145 -75.10 132.99 92.23
C SER R 145 -75.66 134.09 91.35
N LYS R 146 -76.30 135.11 91.93
CA LYS R 146 -76.86 136.19 91.12
C LYS R 146 -75.83 137.28 90.86
N GLY R 147 -74.67 136.90 90.36
CA GLY R 147 -73.61 137.85 90.08
C GLY R 147 -72.63 137.29 89.07
N ASN R 148 -71.34 137.54 89.28
CA ASN R 148 -70.31 137.05 88.37
C ASN R 148 -70.04 135.59 88.73
N LEU R 149 -70.78 134.69 88.09
CA LEU R 149 -70.63 133.27 88.36
C LEU R 149 -69.33 132.71 87.78
N LYS R 150 -68.79 133.35 86.75
CA LYS R 150 -67.56 132.87 86.12
C LYS R 150 -66.37 132.98 87.05
N GLU R 151 -66.14 134.17 87.64
CA GLU R 151 -65.00 134.33 88.54
C GLU R 151 -65.16 133.50 89.80
N LEU R 152 -66.41 133.37 90.28
CA LEU R 152 -66.65 132.55 91.47
C LEU R 152 -66.38 131.08 91.17
N GLN R 153 -66.75 130.62 89.96
CA GLN R 153 -66.50 129.24 89.58
C GLN R 153 -65.00 129.01 89.43
N THR R 154 -64.28 130.01 88.92
CA THR R 154 -62.83 129.91 88.79
C THR R 154 -62.19 129.79 90.17
N LYS R 155 -62.67 130.59 91.13
CA LYS R 155 -62.16 130.54 92.49
C LYS R 155 -62.44 129.18 93.11
N GLU R 156 -63.63 128.63 92.84
CA GLU R 156 -64.00 127.32 93.39
C GLU R 156 -63.11 126.21 92.85
N ILE R 157 -62.91 126.17 91.53
CA ILE R 157 -62.09 125.11 90.95
C ILE R 157 -60.63 125.26 91.36
N LYS R 158 -60.12 126.49 91.50
CA LYS R 158 -58.73 126.67 91.91
C LYS R 158 -58.54 126.28 93.37
N ASN R 159 -59.46 126.67 94.24
CA ASN R 159 -59.37 126.29 95.64
C ASN R 159 -59.51 124.79 95.80
N GLY R 160 -60.34 124.17 94.96
CA GLY R 160 -60.51 122.73 95.02
C GLY R 160 -59.27 121.99 94.57
N ARG R 161 -58.60 122.48 93.53
CA ARG R 161 -57.36 121.83 93.07
C ARG R 161 -56.28 121.95 94.14
N LEU R 162 -56.19 123.13 94.76
CA LEU R 162 -55.21 123.34 95.83
C LEU R 162 -55.53 122.43 97.01
N ALA R 163 -56.82 122.26 97.32
CA ALA R 163 -57.21 121.37 98.41
C ALA R 163 -56.94 119.92 98.10
N MET R 164 -57.03 119.53 96.82
CA MET R 164 -56.73 118.15 96.44
C MET R 164 -55.26 117.86 96.69
N ILE R 165 -54.40 118.76 96.24
CA ILE R 165 -52.96 118.61 96.44
C ILE R 165 -52.64 118.62 97.94
N ALA R 166 -53.30 119.51 98.69
CA ALA R 166 -53.09 119.62 100.13
C ALA R 166 -53.55 118.37 100.87
N TYR R 167 -54.67 117.78 100.47
CA TYR R 167 -55.14 116.57 101.15
C TYR R 167 -54.19 115.41 100.90
N MET R 168 -53.67 115.30 99.67
CA MET R 168 -52.72 114.22 99.43
C MET R 168 -51.43 114.48 100.20
N ALA R 169 -51.09 115.75 100.39
CA ALA R 169 -49.93 116.10 101.20
C ALA R 169 -50.14 115.68 102.64
N PHE R 170 -51.37 115.87 103.15
CA PHE R 170 -51.69 115.47 104.52
C PHE R 170 -51.58 113.96 104.67
N ILE R 171 -52.08 113.22 103.68
CA ILE R 171 -52.04 111.76 103.71
C ILE R 171 -50.60 111.25 103.72
N LEU R 172 -49.76 111.78 102.82
CA LEU R 172 -48.36 111.33 102.79
C LEU R 172 -47.59 111.77 104.04
N GLN R 173 -47.91 112.94 104.58
CA GLN R 173 -47.26 113.41 105.80
C GLN R 173 -47.61 112.51 106.97
N ALA R 174 -48.87 112.07 107.03
CA ALA R 174 -49.30 111.19 108.10
C ALA R 174 -48.71 109.79 107.92
N GLN R 175 -48.56 109.35 106.67
CA GLN R 175 -48.00 108.03 106.42
C GLN R 175 -46.48 107.98 106.61
N ALA R 176 -45.80 109.13 106.55
CA ALA R 176 -44.36 109.16 106.73
C ALA R 176 -43.92 109.62 108.11
N THR R 177 -44.75 110.35 108.83
CA THR R 177 -44.39 110.85 110.16
C THR R 177 -45.31 110.39 111.28
N GLY R 178 -46.54 109.96 110.98
CA GLY R 178 -47.42 109.53 112.03
C GLY R 178 -48.10 110.64 112.79
N LYS R 179 -48.24 111.82 112.18
CA LYS R 179 -48.88 112.95 112.83
C LYS R 179 -49.68 113.74 111.80
N GLY R 180 -50.53 114.63 112.30
CA GLY R 180 -51.35 115.46 111.46
C GLY R 180 -50.59 116.58 110.79
N PRO R 181 -51.26 117.34 109.91
CA PRO R 181 -50.58 118.44 109.22
C PRO R 181 -50.06 119.53 110.14
N LEU R 182 -50.84 119.95 111.14
CA LEU R 182 -50.36 120.99 112.04
C LEU R 182 -49.22 120.48 112.92
N ALA R 183 -49.32 119.22 113.35
CA ALA R 183 -48.26 118.63 114.15
C ALA R 183 -46.99 118.49 113.33
N ALA R 184 -47.12 118.11 112.06
CA ALA R 184 -45.96 117.99 111.18
C ALA R 184 -45.34 119.35 110.93
N LEU R 185 -46.18 120.39 110.78
CA LEU R 185 -45.67 121.74 110.56
C LEU R 185 -44.91 122.23 111.79
N SER R 186 -45.44 121.97 112.98
CA SER R 186 -44.76 122.37 114.20
C SER R 186 -43.45 121.61 114.39
N ALA R 187 -43.46 120.32 114.06
CA ALA R 187 -42.25 119.50 114.17
C ALA R 187 -41.19 119.99 113.21
N HIS R 188 -41.59 120.40 112.01
CA HIS R 188 -40.64 120.92 111.05
C HIS R 188 -40.14 122.29 111.48
N LEU R 189 -41.00 123.08 112.13
CA LEU R 189 -40.58 124.39 112.59
C LEU R 189 -39.62 124.28 113.76
N SER R 190 -39.68 123.18 114.51
CA SER R 190 -38.75 123.00 115.64
C SER R 190 -37.32 122.81 115.14
N ASN R 191 -37.15 122.05 114.06
CA ASN R 191 -35.82 121.81 113.48
C ASN R 191 -36.01 121.50 111.99
N PRO R 192 -35.97 122.53 111.15
CA PRO R 192 -36.16 122.31 109.70
C PRO R 192 -35.09 121.44 109.06
N PHE R 193 -33.87 121.49 109.57
CA PHE R 193 -32.79 120.68 109.01
C PHE R 193 -32.77 119.27 109.56
N GLY R 194 -33.61 118.95 110.54
CA GLY R 194 -33.66 117.62 111.11
C GLY R 194 -34.93 116.87 110.80
N ASN R 195 -36.04 117.60 110.63
CA ASN R 195 -37.34 117.01 110.34
C ASN R 195 -37.83 117.52 108.99
N ASN R 196 -37.70 116.68 107.96
CA ASN R 196 -38.13 117.01 106.61
C ASN R 196 -38.29 115.72 105.83
N ILE R 197 -38.54 115.85 104.52
CA ILE R 197 -38.73 114.66 103.69
C ILE R 197 -37.42 113.92 103.44
N LEU R 198 -36.27 114.51 103.79
CA LEU R 198 -35.01 113.82 103.57
C LEU R 198 -34.84 112.64 104.52
N LYS R 199 -35.37 112.74 105.74
CA LYS R 199 -35.25 111.67 106.73
C LYS R 199 -36.56 110.98 107.04
N ASN R 200 -37.69 111.68 106.96
CA ASN R 200 -38.98 111.06 107.28
C ASN R 200 -39.42 110.09 106.20
N ILE R 201 -38.92 110.25 104.98
CA ILE R 201 -39.30 109.33 103.91
C ILE R 201 -38.65 107.96 104.15
N GLY R 202 -39.20 106.94 103.51
CA GLY R 202 -38.69 105.59 103.68
C GLY R 202 -39.23 104.85 104.87
N THR R 203 -40.04 105.50 105.71
CA THR R 203 -40.64 104.89 106.88
C THR R 203 -42.16 105.00 106.77
N CYS R 204 -42.84 103.86 106.86
CA CYS R 204 -44.30 103.80 106.77
C CYS R 204 -44.83 103.53 108.17
N THR R 205 -45.43 104.55 108.80
CA THR R 205 -45.96 104.42 110.15
C THR R 205 -47.29 103.68 110.21
N VAL R 206 -47.94 103.47 109.09
CA VAL R 206 -49.22 102.77 109.07
C VAL R 206 -48.99 101.28 109.31
N PRO R 207 -49.78 100.63 110.18
CA PRO R 207 -49.57 99.20 110.43
C PRO R 207 -49.97 98.35 109.24
N HIS R 208 -49.68 97.05 109.35
CA HIS R 208 -50.01 96.10 108.28
C HIS R 208 -51.51 95.97 108.12
N SER R 209 -52.24 95.84 109.23
CA SER R 209 -53.69 95.71 109.21
C SER R 209 -54.21 96.13 110.58
N VAL R 210 -55.51 96.36 110.63
CA VAL R 210 -56.18 96.77 111.87
C VAL R 210 -57.45 95.94 112.02
N ASP R 211 -57.71 95.48 113.24
CA ASP R 211 -58.90 94.68 113.53
C ASP R 211 -60.00 95.61 113.98
N VAL R 212 -60.91 95.94 113.06
CA VAL R 212 -62.03 96.82 113.37
C VAL R 212 -63.12 95.90 113.93
N GLN R 213 -63.24 95.88 115.27
CA GLN R 213 -64.20 95.06 116.01
C GLN R 213 -63.98 93.58 115.69
N GLY R 214 -64.72 93.04 114.73
CA GLY R 214 -64.57 91.64 114.39
C GLY R 214 -63.71 91.31 113.18
N LEU R 215 -63.77 92.12 112.13
CA LEU R 215 -62.99 91.84 110.93
C LEU R 215 -61.74 92.70 110.86
N THR R 216 -60.75 92.21 110.13
CA THR R 216 -59.48 92.89 109.96
C THR R 216 -59.45 93.59 108.60
N ILE R 217 -59.02 94.84 108.59
CA ILE R 217 -58.94 95.66 107.38
C ILE R 217 -57.47 95.84 107.03
N PRO R 218 -57.02 95.40 105.87
CA PRO R 218 -55.61 95.58 105.51
C PRO R 218 -55.29 97.03 105.21
N LEU R 219 -54.10 97.47 105.60
CA LEU R 219 -53.66 98.83 105.38
C LEU R 219 -52.30 98.83 104.71
N THR R 220 -52.01 99.92 103.99
CA THR R 220 -50.74 100.06 103.30
C THR R 220 -50.47 101.53 103.05
N CYS R 221 -49.20 101.85 102.82
CA CYS R 221 -48.79 103.20 102.52
C CYS R 221 -48.76 103.36 101.01
N LEU R 222 -48.69 104.62 100.56
CA LEU R 222 -48.66 104.86 99.13
C LEU R 222 -47.35 104.43 98.49
N TRP R 223 -46.27 104.38 99.26
CA TRP R 223 -44.96 103.98 98.78
C TRP R 223 -44.43 102.85 99.66
N PRO R 224 -43.53 101.99 99.12
CA PRO R 224 -43.01 100.88 99.93
C PRO R 224 -42.01 101.29 101.01
N GLY R 225 -42.48 102.02 102.02
CA GLY R 225 -41.60 102.41 103.10
C GLY R 225 -41.47 101.32 104.14
N SER R 226 -40.57 101.55 105.10
CA SER R 226 -40.33 100.59 106.16
C SER R 226 -41.49 100.63 107.16
N GLN R 227 -42.10 99.47 107.40
CA GLN R 227 -43.24 99.38 108.31
C GLN R 227 -42.83 99.64 109.76
N ARG S 1 -95.67 110.72 82.81
CA ARG S 1 -95.80 109.30 83.07
C ARG S 1 -94.72 108.83 84.04
N PRO S 2 -95.12 108.26 85.18
CA PRO S 2 -94.14 107.78 86.16
C PRO S 2 -93.29 106.65 85.61
N LEU S 3 -92.01 106.67 85.95
CA LEU S 3 -91.06 105.67 85.51
C LEU S 3 -90.20 105.22 86.69
N TRP S 4 -89.53 104.09 86.48
CA TRP S 4 -88.62 103.55 87.50
C TRP S 4 -87.34 104.36 87.60
N LEU S 5 -87.12 105.30 86.69
CA LEU S 5 -85.94 106.15 86.70
C LEU S 5 -86.34 107.44 86.04
N PRO S 6 -86.67 108.46 86.83
CA PRO S 6 -87.10 109.75 86.25
C PRO S 6 -86.00 110.38 85.41
N GLY S 7 -86.35 110.70 84.17
CA GLY S 7 -85.42 111.29 83.24
C GLY S 7 -84.79 110.30 82.29
N SER S 8 -85.14 109.03 82.38
CA SER S 8 -84.61 107.99 81.51
C SER S 8 -85.61 107.67 80.41
N THR S 9 -85.11 107.03 79.36
CA THR S 9 -85.96 106.66 78.24
C THR S 9 -86.45 105.23 78.42
N PRO S 10 -87.76 104.99 78.47
CA PRO S 10 -88.26 103.62 78.63
C PRO S 10 -88.03 102.81 77.36
N PRO S 11 -88.05 101.48 77.45
CA PRO S 11 -87.83 100.65 76.25
C PRO S 11 -88.93 100.84 75.21
N ALA S 12 -88.58 100.54 73.96
CA ALA S 12 -89.53 100.70 72.85
C ALA S 12 -90.73 99.78 72.99
N HIS S 13 -90.53 98.55 73.46
CA HIS S 13 -91.64 97.61 73.60
C HIS S 13 -92.55 97.94 74.77
N LEU S 14 -92.17 98.87 75.64
CA LEU S 14 -92.99 99.26 76.79
C LEU S 14 -93.61 100.62 76.48
N LYS S 15 -94.83 100.61 75.96
CA LYS S 15 -95.53 101.84 75.60
C LYS S 15 -96.46 102.35 76.69
N GLY S 16 -96.56 101.64 77.82
CA GLY S 16 -97.43 102.07 78.89
C GLY S 16 -98.86 101.61 78.78
N ASP S 17 -99.13 100.55 78.01
CA ASP S 17 -100.48 100.03 77.86
C ASP S 17 -100.85 99.07 78.98
N LEU S 18 -99.94 98.17 79.33
CA LEU S 18 -100.21 97.21 80.39
C LEU S 18 -100.19 97.91 81.76
N PRO S 19 -100.98 97.42 82.72
CA PRO S 19 -100.97 98.04 84.04
C PRO S 19 -99.63 97.82 84.74
N GLY S 20 -99.21 98.82 85.50
CA GLY S 20 -97.93 98.71 86.18
C GLY S 20 -96.74 98.95 85.29
N ASP S 21 -96.95 99.51 84.11
CA ASP S 21 -95.87 99.79 83.16
C ASP S 21 -95.09 101.00 83.64
N PHE S 22 -93.83 100.80 83.97
CA PHE S 22 -92.96 101.88 84.43
C PHE S 22 -91.67 101.92 83.63
N GLY S 23 -91.64 101.26 82.47
CA GLY S 23 -90.47 101.24 81.61
C GLY S 23 -89.27 100.56 82.21
N PHE S 24 -89.48 99.48 82.96
CA PHE S 24 -88.38 98.75 83.60
C PHE S 24 -88.16 97.41 82.91
N ASP S 25 -87.14 97.36 82.05
CA ASP S 25 -86.75 96.15 81.34
C ASP S 25 -85.33 96.32 80.81
N PRO S 26 -84.30 96.36 81.68
CA PRO S 26 -82.94 96.52 81.16
C PRO S 26 -82.43 95.33 80.39
N LEU S 27 -82.94 94.13 80.68
CA LEU S 27 -82.51 92.94 79.96
C LEU S 27 -83.29 92.72 78.68
N GLY S 28 -84.38 93.44 78.47
CA GLY S 28 -85.19 93.29 77.28
C GLY S 28 -85.90 91.95 77.20
N LEU S 29 -86.39 91.45 78.34
CA LEU S 29 -87.08 90.16 78.34
C LEU S 29 -88.46 90.24 77.72
N GLY S 30 -89.11 91.41 77.80
CA GLY S 30 -90.42 91.60 77.23
C GLY S 30 -90.45 92.12 75.82
N ALA S 31 -89.35 92.04 75.08
CA ALA S 31 -89.31 92.53 73.71
C ALA S 31 -90.23 91.71 72.81
N ASN S 32 -90.24 90.40 72.98
CA ASN S 32 -91.10 89.54 72.18
C ASN S 32 -92.55 89.67 72.64
N ALA S 33 -93.49 89.60 71.69
CA ALA S 33 -94.90 89.73 72.04
C ALA S 33 -95.42 88.51 72.78
N GLU S 34 -95.11 87.31 72.29
CA GLU S 34 -95.58 86.10 72.95
C GLU S 34 -94.92 85.93 74.32
N SER S 35 -93.64 86.25 74.41
CA SER S 35 -92.93 86.15 75.69
C SER S 35 -93.53 87.13 76.70
N LEU S 36 -93.85 88.35 76.25
CA LEU S 36 -94.45 89.33 77.14
C LEU S 36 -95.84 88.88 77.58
N LYS S 37 -96.60 88.26 76.66
CA LYS S 37 -97.93 87.77 76.99
C LYS S 37 -97.86 86.68 78.06
N TRP S 38 -96.86 85.81 77.96
CA TRP S 38 -96.69 84.74 78.94
C TRP S 38 -96.19 85.31 80.28
N PHE S 39 -95.23 86.23 80.22
CA PHE S 39 -94.66 86.81 81.44
C PHE S 39 -95.68 87.66 82.19
N LYS S 40 -96.66 88.23 81.49
CA LYS S 40 -97.68 89.03 82.17
C LYS S 40 -98.51 88.14 83.10
N GLU S 41 -98.92 86.98 82.59
CA GLU S 41 -99.67 86.04 83.41
C GLU S 41 -98.80 85.49 84.52
N SER S 42 -97.52 85.26 84.23
CA SER S 42 -96.60 84.75 85.24
C SER S 42 -96.47 85.75 86.38
N GLU S 43 -96.36 87.04 86.06
CA GLU S 43 -96.24 88.08 87.07
C GLU S 43 -97.54 88.21 87.87
N LEU S 44 -98.69 88.09 87.21
CA LEU S 44 -99.97 88.19 87.92
C LEU S 44 -100.15 87.04 88.91
N VAL S 45 -99.84 85.82 88.46
CA VAL S 45 -99.97 84.64 89.32
C VAL S 45 -98.98 84.72 90.48
N HIS S 46 -97.75 85.16 90.20
CA HIS S 46 -96.75 85.32 91.25
C HIS S 46 -97.18 86.36 92.26
N SER S 47 -97.76 87.45 91.77
CA SER S 47 -98.22 88.54 92.63
C SER S 47 -99.31 88.06 93.57
N ARG S 48 -100.32 87.37 93.03
CA ARG S 48 -101.42 86.89 93.87
C ARG S 48 -100.95 85.84 94.88
N TRP S 49 -100.09 84.91 94.44
CA TRP S 49 -99.59 83.88 95.36
C TRP S 49 -98.76 84.51 96.47
N ALA S 50 -97.90 85.47 96.14
CA ALA S 50 -97.08 86.12 97.14
C ALA S 50 -97.92 86.96 98.09
N MET S 51 -98.96 87.62 97.59
CA MET S 51 -99.82 88.43 98.46
C MET S 51 -100.52 87.54 99.48
N ALA S 52 -101.11 86.44 99.00
CA ALA S 52 -101.79 85.51 99.91
C ALA S 52 -100.81 84.90 100.90
N ALA S 53 -99.59 84.57 100.44
CA ALA S 53 -98.60 83.97 101.30
C ALA S 53 -98.12 84.93 102.39
N VAL S 54 -97.85 86.19 102.04
CA VAL S 54 -97.39 87.17 103.02
C VAL S 54 -98.49 87.44 104.04
N ALA S 55 -99.74 87.60 103.57
CA ALA S 55 -100.84 87.82 104.50
C ALA S 55 -101.02 86.63 105.42
N GLY S 56 -100.90 85.42 104.88
CA GLY S 56 -101.02 84.23 105.69
C GLY S 56 -99.93 84.10 106.73
N ILE S 57 -98.69 84.44 106.35
CA ILE S 57 -97.57 84.36 107.29
C ILE S 57 -97.77 85.35 108.44
N LEU S 58 -98.17 86.58 108.10
CA LEU S 58 -98.39 87.59 109.15
C LEU S 58 -99.53 87.19 110.08
N VAL S 59 -100.64 86.70 109.52
CA VAL S 59 -101.77 86.27 110.35
C VAL S 59 -101.38 85.04 111.17
N GLN S 60 -100.54 84.16 110.61
CA GLN S 60 -100.09 82.97 111.33
C GLN S 60 -99.26 83.34 112.53
N GLU S 61 -98.35 84.31 112.38
CA GLU S 61 -97.53 84.72 113.51
C GLU S 61 -98.34 85.49 114.54
N ILE S 62 -99.33 86.27 114.08
CA ILE S 62 -100.15 87.04 115.03
C ILE S 62 -101.03 86.10 115.84
N VAL S 63 -101.72 85.16 115.17
CA VAL S 63 -102.61 84.22 115.85
C VAL S 63 -101.83 83.15 116.62
N ARG S 64 -100.81 82.57 116.00
CA ARG S 64 -100.00 81.52 116.63
C ARG S 64 -98.53 81.97 116.69
N PRO S 65 -98.16 82.77 117.69
CA PRO S 65 -96.77 83.22 117.80
C PRO S 65 -95.81 82.11 118.20
N ASP S 66 -96.30 81.02 118.79
CA ASP S 66 -95.45 79.92 119.21
C ASP S 66 -95.10 78.97 118.07
N VAL S 67 -95.67 79.16 116.88
CA VAL S 67 -95.41 78.29 115.75
C VAL S 67 -94.67 79.10 114.69
N PHE S 68 -93.49 78.60 114.30
CA PHE S 68 -92.68 79.24 113.27
C PHE S 68 -93.24 78.86 111.91
N TRP S 69 -93.37 79.86 111.02
CA TRP S 69 -93.91 79.59 109.70
C TRP S 69 -93.00 78.66 108.90
N TYR S 70 -91.68 78.81 109.06
CA TYR S 70 -90.74 77.95 108.37
C TYR S 70 -90.88 76.50 108.81
N ASN S 71 -91.34 76.28 110.04
CA ASN S 71 -91.57 74.95 110.59
C ASN S 71 -93.04 74.56 110.49
N ALA S 72 -93.87 75.41 109.88
CA ALA S 72 -95.31 75.13 109.78
C ALA S 72 -95.59 73.85 109.02
N GLY S 73 -94.74 73.49 108.06
CA GLY S 73 -95.00 72.25 107.36
C GLY S 73 -94.62 71.02 108.15
N LYS S 74 -93.95 71.17 109.28
CA LYS S 74 -93.50 70.06 110.11
C LYS S 74 -94.29 69.88 111.40
N GLU S 75 -94.57 70.96 112.14
CA GLU S 75 -95.27 70.86 113.42
C GLU S 75 -96.79 71.01 113.30
N VAL S 76 -97.38 70.63 112.17
CA VAL S 76 -98.83 70.69 111.99
C VAL S 76 -99.33 69.28 111.77
N GLU S 77 -100.19 68.81 112.68
CA GLU S 77 -100.76 67.48 112.63
C GLU S 77 -102.26 67.58 112.38
N SER S 78 -102.74 66.86 111.39
CA SER S 78 -104.15 66.83 111.01
C SER S 78 -104.59 65.38 110.87
N PRO S 79 -105.88 65.09 111.09
CA PRO S 79 -106.36 63.71 110.92
C PRO S 79 -106.18 63.19 109.51
N LEU S 80 -106.14 64.10 108.54
CA LEU S 80 -105.92 63.74 107.15
C LEU S 80 -104.41 63.58 106.97
N GLY S 81 -103.99 62.43 106.43
CA GLY S 81 -102.59 62.15 106.24
C GLY S 81 -101.91 63.09 105.27
N PRO S 82 -100.58 63.24 105.41
CA PRO S 82 -99.84 64.14 104.50
C PRO S 82 -99.92 63.71 103.05
N LEU S 83 -99.90 62.40 102.78
CA LEU S 83 -100.00 61.93 101.40
C LEU S 83 -101.40 62.19 100.85
N GLY S 84 -102.43 62.05 101.70
CA GLY S 84 -103.78 62.33 101.27
C GLY S 84 -103.97 63.79 100.94
N LEU S 85 -103.41 64.67 101.77
CA LEU S 85 -103.50 66.11 101.53
C LEU S 85 -102.75 66.46 100.25
N LEU S 86 -101.59 65.82 100.03
CA LEU S 86 -100.82 66.08 98.83
C LEU S 86 -101.59 65.64 97.59
N ALA S 87 -102.30 64.50 97.67
CA ALA S 87 -103.08 64.03 96.53
C ALA S 87 -104.24 64.97 96.24
N VAL S 88 -104.94 65.42 97.28
CA VAL S 88 -106.07 66.34 97.09
C VAL S 88 -105.58 67.64 96.45
N GLU S 89 -104.50 68.20 96.99
CA GLU S 89 -103.94 69.43 96.47
C GLU S 89 -103.45 69.26 95.03
N PHE S 90 -102.84 68.11 94.73
CA PHE S 90 -102.34 67.86 93.38
C PHE S 90 -103.47 67.81 92.38
N PHE S 91 -104.56 67.11 92.70
CA PHE S 91 -105.67 67.01 91.75
C PHE S 91 -106.38 68.35 91.56
N LEU S 92 -106.67 69.07 92.65
CA LEU S 92 -107.35 70.36 92.53
C LEU S 92 -106.48 71.40 91.82
N MET S 93 -105.20 71.47 92.19
CA MET S 93 -104.29 72.41 91.56
C MET S 93 -104.07 72.06 90.09
N HIS S 94 -104.02 70.76 89.77
CA HIS S 94 -103.84 70.36 88.37
C HIS S 94 -105.04 70.79 87.54
N TRP S 95 -106.25 70.60 88.08
CA TRP S 95 -107.45 71.00 87.35
C TRP S 95 -107.48 72.51 87.09
N VAL S 96 -107.28 73.31 88.14
CA VAL S 96 -107.34 74.77 87.97
C VAL S 96 -106.19 75.29 87.11
N GLU S 97 -104.99 74.72 87.23
CA GLU S 97 -103.88 75.20 86.44
C GLU S 97 -104.03 74.82 84.97
N VAL S 98 -104.61 73.65 84.68
CA VAL S 98 -104.83 73.29 83.28
C VAL S 98 -105.89 74.20 82.68
N ARG S 99 -106.94 74.54 83.45
CA ARG S 99 -107.95 75.45 82.92
C ARG S 99 -107.37 76.84 82.65
N ARG S 100 -106.54 77.34 83.58
CA ARG S 100 -105.92 78.65 83.41
C ARG S 100 -104.96 78.65 82.22
N TRP S 101 -104.17 77.57 82.08
CA TRP S 101 -103.23 77.45 80.98
C TRP S 101 -103.95 77.40 79.64
N GLN S 102 -105.08 76.69 79.59
CA GLN S 102 -105.84 76.61 78.35
C GLN S 102 -106.45 77.98 78.01
N ASP S 103 -106.84 78.74 79.04
CA ASP S 103 -107.36 80.07 78.78
C ASP S 103 -106.26 80.98 78.24
N LEU S 104 -105.03 80.76 78.72
CA LEU S 104 -103.90 81.55 78.25
C LEU S 104 -103.60 81.26 76.78
N ARG S 105 -103.45 79.98 76.44
CA ARG S 105 -103.12 79.63 75.07
C ARG S 105 -104.31 79.76 74.12
N LYS S 106 -105.53 79.60 74.62
CA LYS S 106 -106.74 79.70 73.81
C LYS S 106 -107.75 80.58 74.54
N PRO S 107 -107.68 81.90 74.34
CA PRO S 107 -108.61 82.80 75.02
C PRO S 107 -110.05 82.56 74.62
N GLY S 108 -110.96 82.65 75.59
CA GLY S 108 -112.37 82.43 75.34
C GLY S 108 -112.71 81.01 74.95
N SER S 109 -112.09 80.03 75.60
CA SER S 109 -112.34 78.63 75.30
C SER S 109 -112.72 77.78 76.51
N VAL S 110 -112.43 78.22 77.74
CA VAL S 110 -112.76 77.45 78.93
C VAL S 110 -113.65 78.26 79.85
N ASP S 111 -114.32 79.29 79.31
CA ASP S 111 -115.20 80.13 80.10
C ASP S 111 -116.52 79.45 80.45
N GLN S 112 -116.82 78.31 79.85
CA GLN S 112 -118.07 77.60 80.09
C GLN S 112 -117.93 76.60 81.23
N ASP S 113 -118.93 76.56 82.09
CA ASP S 113 -118.95 75.63 83.22
C ASP S 113 -119.21 74.23 82.68
N PRO S 114 -118.30 73.27 82.89
CA PRO S 114 -118.53 71.91 82.36
C PRO S 114 -119.66 71.16 83.05
N ILE S 115 -120.06 71.54 84.26
CA ILE S 115 -121.12 70.84 84.96
C ILE S 115 -122.48 71.41 84.62
N PHE S 116 -122.63 72.74 84.69
CA PHE S 116 -123.88 73.42 84.41
C PHE S 116 -123.72 74.22 83.12
N SER S 117 -124.59 73.97 82.14
CA SER S 117 -124.51 74.68 80.87
C SER S 117 -125.07 76.09 80.94
N GLN S 118 -125.72 76.47 82.04
CA GLN S 118 -126.30 77.79 82.22
C GLN S 118 -125.32 78.81 82.78
N TYR S 119 -124.11 78.39 83.16
CA TYR S 119 -123.11 79.28 83.72
C TYR S 119 -121.94 79.41 82.75
N LYS S 120 -121.58 80.65 82.43
CA LYS S 120 -120.49 80.92 81.52
C LYS S 120 -119.89 82.28 81.85
N LEU S 121 -118.57 82.35 81.86
CA LEU S 121 -117.89 83.61 82.14
C LEU S 121 -118.06 84.56 80.97
N PRO S 122 -118.25 85.85 81.23
CA PRO S 122 -118.39 86.82 80.15
C PRO S 122 -117.04 87.04 79.48
N PRO S 123 -117.01 87.66 78.29
CA PRO S 123 -115.72 87.89 77.63
C PRO S 123 -114.83 88.79 78.47
N HIS S 124 -113.55 88.43 78.55
CA HIS S 124 -112.57 89.15 79.35
C HIS S 124 -111.21 89.04 78.70
N GLU S 125 -110.17 89.40 79.45
CA GLU S 125 -108.79 89.35 79.01
C GLU S 125 -108.05 88.25 79.77
N VAL S 126 -106.90 87.86 79.22
CA VAL S 126 -106.09 86.82 79.84
C VAL S 126 -105.49 87.36 81.12
N GLY S 127 -105.65 86.62 82.21
CA GLY S 127 -105.15 87.01 83.51
C GLY S 127 -106.17 87.73 84.37
N TYR S 128 -107.30 88.13 83.80
CA TYR S 128 -108.37 88.83 84.51
C TYR S 128 -109.67 88.12 84.18
N PRO S 129 -109.97 86.99 84.87
CA PRO S 129 -111.21 86.23 84.59
C PRO S 129 -112.50 87.00 84.79
N GLY S 130 -112.74 87.51 86.00
CA GLY S 130 -113.96 88.23 86.25
C GLY S 130 -115.17 87.32 86.32
N GLY S 131 -116.34 87.93 86.20
CA GLY S 131 -117.58 87.16 86.25
C GLY S 131 -117.85 86.68 87.67
N VAL S 132 -117.83 85.35 87.84
CA VAL S 132 -118.06 84.78 89.16
C VAL S 132 -116.84 85.01 90.06
N PHE S 133 -115.66 85.23 89.47
CA PHE S 133 -114.45 85.48 90.23
C PHE S 133 -114.38 86.89 90.77
N ALA S 134 -115.21 87.81 90.28
CA ALA S 134 -115.23 89.20 90.73
C ALA S 134 -116.65 89.62 91.04
N PRO S 135 -117.19 89.20 92.20
CA PRO S 135 -118.57 89.60 92.54
C PRO S 135 -118.70 91.07 92.89
N PHE S 136 -117.64 91.70 93.39
CA PHE S 136 -117.67 93.12 93.75
C PHE S 136 -116.40 93.79 93.28
N ILE S 137 -116.56 94.86 92.50
CA ILE S 137 -115.44 95.63 91.96
C ILE S 137 -115.65 97.09 92.34
N PRO S 138 -115.23 97.52 93.54
CA PRO S 138 -115.41 98.91 93.95
C PRO S 138 -114.32 99.83 93.40
N GLY S 139 -114.70 100.68 92.46
CA GLY S 139 -113.78 101.63 91.85
C GLY S 139 -113.48 101.30 90.40
N ASP S 140 -112.55 102.06 89.85
CA ASP S 140 -112.13 101.89 88.46
C ASP S 140 -111.34 100.60 88.30
N LEU S 141 -111.45 100.00 87.11
CA LEU S 141 -110.74 98.74 86.86
C LEU S 141 -109.25 98.96 86.64
N ALA S 142 -108.88 99.99 85.88
CA ALA S 142 -107.46 100.25 85.62
C ALA S 142 -106.71 100.65 86.89
N GLU S 143 -107.31 101.52 87.71
CA GLU S 143 -106.69 101.95 88.95
C GLU S 143 -106.49 100.78 89.89
N LEU S 144 -107.51 99.92 90.00
CA LEU S 144 -107.42 98.75 90.85
C LEU S 144 -106.39 97.76 90.33
N LYS S 145 -106.25 97.68 88.99
CA LYS S 145 -105.26 96.78 88.40
C LYS S 145 -103.85 97.25 88.74
N VAL S 146 -103.64 98.57 88.69
CA VAL S 146 -102.33 99.14 89.03
C VAL S 146 -102.05 98.89 90.51
N LYS S 147 -103.06 99.06 91.36
CA LYS S 147 -102.90 98.83 92.79
C LYS S 147 -102.56 97.36 93.06
N GLU S 148 -103.21 96.44 92.34
CA GLU S 148 -102.96 95.02 92.51
C GLU S 148 -101.56 94.64 92.10
N ILE S 149 -101.09 95.13 90.95
CA ILE S 149 -99.75 94.77 90.50
C ILE S 149 -98.68 95.38 91.41
N LYS S 150 -98.92 96.59 91.93
CA LYS S 150 -97.94 97.20 92.82
C LYS S 150 -97.87 96.46 94.15
N ASN S 151 -99.05 96.11 94.70
CA ASN S 151 -99.09 95.37 95.95
C ASN S 151 -98.48 93.99 95.77
N GLY S 152 -98.67 93.40 94.58
CA GLY S 152 -98.10 92.09 94.31
C GLY S 152 -96.59 92.12 94.23
N ARG S 153 -96.02 93.15 93.60
CA ARG S 153 -94.57 93.26 93.54
C ARG S 153 -93.98 93.46 94.93
N LEU S 154 -94.64 94.30 95.74
CA LEU S 154 -94.19 94.51 97.10
C LEU S 154 -94.28 93.22 97.91
N ALA S 155 -95.34 92.44 97.71
CA ALA S 155 -95.50 91.17 98.42
C ALA S 155 -94.47 90.14 97.97
N MET S 156 -94.07 90.17 96.69
CA MET S 156 -93.06 89.23 96.22
C MET S 156 -91.73 89.51 96.90
N LEU S 157 -91.34 90.79 96.95
CA LEU S 157 -90.10 91.15 97.63
C LEU S 157 -90.22 90.86 99.12
N ALA S 158 -91.42 91.02 99.68
CA ALA S 158 -91.66 90.74 101.09
C ALA S 158 -91.48 89.26 101.38
N PHE S 159 -91.96 88.38 100.51
CA PHE S 159 -91.81 86.95 100.75
C PHE S 159 -90.34 86.55 100.66
N VAL S 160 -89.60 87.14 99.72
CA VAL S 160 -88.17 86.82 99.62
C VAL S 160 -87.46 87.29 100.89
N GLY S 161 -87.85 88.46 101.41
CA GLY S 161 -87.28 88.95 102.64
C GLY S 161 -87.64 88.08 103.83
N PHE S 162 -88.87 87.53 103.81
CA PHE S 162 -89.32 86.64 104.88
C PHE S 162 -88.45 85.38 104.92
N VAL S 163 -88.22 84.79 103.75
CA VAL S 163 -87.41 83.58 103.64
C VAL S 163 -85.97 83.86 104.08
N MET S 164 -85.39 84.96 103.60
CA MET S 164 -84.01 85.28 103.96
C MET S 164 -83.85 85.59 105.44
N ALA S 165 -84.81 86.33 106.02
CA ALA S 165 -84.73 86.64 107.45
C ALA S 165 -84.95 85.41 108.30
N ALA S 166 -85.77 84.47 107.82
CA ALA S 166 -86.01 83.24 108.57
C ALA S 166 -84.80 82.32 108.49
N GLN S 167 -84.05 82.39 107.39
CA GLN S 167 -82.87 81.55 107.26
C GLN S 167 -81.65 82.15 107.94
N VAL S 168 -81.60 83.47 108.09
CA VAL S 168 -80.46 84.13 108.71
C VAL S 168 -80.65 84.30 110.22
N THR S 169 -81.83 84.73 110.66
CA THR S 169 -82.07 84.93 112.08
C THR S 169 -82.88 83.83 112.74
N GLY S 170 -83.62 83.03 111.98
CA GLY S 170 -84.40 81.96 112.58
C GLY S 170 -85.66 82.43 113.28
N LYS S 171 -86.17 83.61 112.93
CA LYS S 171 -87.38 84.17 113.54
C LYS S 171 -88.35 84.57 112.45
N GLY S 172 -89.60 84.80 112.86
CA GLY S 172 -90.64 85.21 111.94
C GLY S 172 -90.52 86.68 111.58
N PRO S 173 -91.41 87.12 110.68
CA PRO S 173 -91.37 88.54 110.26
C PRO S 173 -91.59 89.54 111.39
N ILE S 174 -92.62 89.35 112.21
CA ILE S 174 -92.86 90.27 113.32
C ILE S 174 -91.74 90.17 114.35
N ALA S 175 -91.27 88.94 114.61
CA ALA S 175 -90.18 88.76 115.57
C ALA S 175 -88.90 89.42 115.08
N ALA S 176 -88.61 89.29 113.78
CA ALA S 176 -87.42 89.94 113.22
C ALA S 176 -87.56 91.45 113.25
N LEU S 177 -88.78 91.95 113.02
CA LEU S 177 -89.01 93.40 113.07
C LEU S 177 -88.80 93.93 114.48
N GLN S 178 -89.28 93.20 115.49
CA GLN S 178 -89.10 93.64 116.87
C GLN S 178 -87.63 93.57 117.26
N GLU S 179 -86.92 92.52 116.81
CA GLU S 179 -85.50 92.37 117.12
C GLU S 179 -84.70 93.50 116.47
N HIS S 180 -85.10 93.91 115.26
CA HIS S 180 -84.41 94.99 114.59
C HIS S 180 -84.74 96.33 115.23
N LEU S 181 -85.99 96.51 115.67
CA LEU S 181 -86.40 97.76 116.29
C LEU S 181 -85.74 97.94 117.65
N ALA S 182 -85.38 96.83 118.32
CA ALA S 182 -84.73 96.93 119.63
C ALA S 182 -83.33 97.52 119.50
N ASP S 183 -82.55 97.02 118.53
CA ASP S 183 -81.17 97.48 118.29
C ASP S 183 -81.01 97.71 116.79
N PRO S 184 -81.50 98.85 116.26
CA PRO S 184 -81.39 99.10 114.82
C PRO S 184 -79.98 99.22 114.28
N TRP S 185 -79.03 99.72 115.07
CA TRP S 185 -77.66 99.87 114.57
C TRP S 185 -76.90 98.56 114.56
N GLY S 186 -77.37 97.55 115.30
CA GLY S 186 -76.66 96.28 115.34
C GLY S 186 -77.43 95.06 114.92
N THR S 187 -78.46 95.23 114.09
CA THR S 187 -79.25 94.10 113.62
C THR S 187 -79.42 94.05 112.11
N THR S 188 -78.85 94.99 111.36
CA THR S 188 -78.98 94.96 109.91
C THR S 188 -78.06 93.88 109.34
N ILE S 189 -78.22 93.62 108.04
CA ILE S 189 -77.38 92.62 107.39
C ILE S 189 -75.93 93.08 107.36
N PHE S 190 -75.70 94.40 107.34
CA PHE S 190 -74.34 94.92 107.35
C PHE S 190 -73.69 94.69 108.71
N SER S 191 -74.50 94.66 109.77
CA SER S 191 -74.01 94.42 111.12
C SER S 191 -73.79 92.94 111.40
N LYS S 192 -74.33 92.06 110.55
CA LYS S 192 -74.20 90.62 110.71
C LYS S 192 -73.09 90.01 109.87
N ALA S 193 -72.69 90.67 108.78
CA ALA S 193 -71.65 90.12 107.92
C ALA S 193 -70.93 91.24 107.18
N ALA S 194 -69.76 90.90 106.66
CA ALA S 194 -68.91 91.80 105.91
C ALA S 194 -67.86 90.98 105.19
N VAL S 195 -67.46 91.44 104.00
CA VAL S 195 -66.47 90.74 103.19
C VAL S 195 -65.35 91.71 102.83
N VAL S 196 -64.11 91.28 103.00
CA VAL S 196 -62.93 92.07 102.64
C VAL S 196 -61.95 91.14 101.96
N PRO S 197 -60.99 91.69 101.21
CA PRO S 197 -60.01 90.81 100.52
C PRO S 197 -59.21 89.88 101.44
N GLY S 198 -59.23 90.08 102.75
CA GLY S 198 -58.51 89.21 103.64
C GLY S 198 -59.39 88.28 104.46
N GLN S 199 -60.67 88.60 104.59
CA GLN S 199 -61.58 87.77 105.37
C GLN S 199 -63.00 87.90 104.84
N ALA S 200 -63.73 86.79 104.90
CA ALA S 200 -65.13 86.74 104.45
C ALA S 200 -65.94 86.05 105.55
N VAL S 201 -66.74 86.83 106.28
CA VAL S 201 -67.57 86.30 107.36
C VAL S 201 -69.03 86.36 106.92
N ALA S 202 -69.76 85.29 107.20
CA ALA S 202 -71.16 85.14 106.85
C ALA S 202 -71.95 84.71 108.07
N PRO S 203 -73.23 85.05 108.16
CA PRO S 203 -74.03 84.63 109.31
C PRO S 203 -74.32 83.15 109.23
N PRO S 204 -74.40 82.46 110.36
CA PRO S 204 -74.69 81.02 110.32
C PRO S 204 -76.13 80.75 109.93
N CYS S 205 -76.32 79.62 109.26
CA CYS S 205 -77.65 79.19 108.82
C CYS S 205 -78.39 78.64 110.04
N LYS S 206 -79.43 79.36 110.47
CA LYS S 206 -80.19 78.93 111.64
C LYS S 206 -81.08 77.72 111.36
N ILE S 207 -81.37 77.45 110.10
CA ILE S 207 -82.22 76.30 109.75
C ILE S 207 -81.38 75.03 109.80
N PRO S 208 -81.83 73.99 110.51
CA PRO S 208 -81.05 72.75 110.55
C PRO S 208 -81.00 72.10 109.17
N ALA S 209 -79.89 71.39 108.91
CA ALA S 209 -79.71 70.74 107.62
C ALA S 209 -80.73 69.65 107.37
N SER S 210 -81.03 68.84 108.38
CA SER S 210 -81.99 67.75 108.25
C SER S 210 -83.15 67.92 109.23
N VAL S 211 -84.33 67.51 108.78
CA VAL S 211 -85.56 67.58 109.55
C VAL S 211 -86.22 66.21 109.52
N SER S 212 -86.50 65.65 110.69
CA SER S 212 -87.13 64.34 110.80
C SER S 212 -88.64 64.50 110.77
N TYR S 213 -89.28 63.96 109.74
CA TYR S 213 -90.72 64.04 109.57
C TYR S 213 -91.24 62.63 109.31
N LYS S 214 -91.72 61.97 110.37
CA LYS S 214 -92.25 60.60 110.31
C LYS S 214 -91.24 59.62 109.74
N GLY S 215 -89.98 59.77 110.14
CA GLY S 215 -88.91 58.91 109.68
C GLY S 215 -88.58 58.99 108.21
N ILE S 216 -88.45 60.20 107.66
CA ILE S 216 -88.12 60.36 106.25
C ILE S 216 -86.86 61.20 106.02
N GLU S 217 -86.44 62.03 106.98
CA GLU S 217 -85.23 62.85 106.91
C GLU S 217 -85.23 63.80 105.70
N ILE S 218 -86.12 64.78 105.77
CA ILE S 218 -86.23 65.79 104.71
C ILE S 218 -85.08 66.79 104.84
N PRO S 219 -84.29 67.01 103.79
CA PRO S 219 -83.20 67.99 103.88
C PRO S 219 -83.73 69.41 103.74
N THR S 220 -83.30 70.29 104.64
CA THR S 220 -83.74 71.69 104.65
C THR S 220 -82.53 72.63 104.67
N PRO S 221 -81.91 72.86 103.52
CA PRO S 221 -80.74 73.76 103.50
C PRO S 221 -81.07 75.21 103.17
N CYS S 222 -80.29 76.11 103.76
CA CYS S 222 -80.47 77.55 103.52
C CYS S 222 -80.16 77.88 102.08
N PHE S 223 -81.00 78.72 101.47
CA PHE S 223 -80.85 79.09 100.06
C PHE S 223 -79.54 79.79 99.75
N LEU S 224 -78.68 79.09 98.99
CA LEU S 224 -77.37 79.56 98.54
C LEU S 224 -76.53 80.09 99.70
N GLN S 225 -76.36 79.25 100.72
CA GLN S 225 -75.59 79.63 101.91
C GLN S 225 -74.13 79.93 101.57
N GLY S 226 -73.57 79.27 100.54
CA GLY S 226 -72.19 79.52 100.18
C GLY S 226 -71.97 80.91 99.61
N LEU S 227 -72.96 81.46 98.91
CA LEU S 227 -72.87 82.79 98.33
C LEU S 227 -73.34 83.88 99.27
N TRP S 228 -73.61 83.55 100.53
CA TRP S 228 -74.06 84.55 101.49
C TRP S 228 -72.94 85.55 101.76
N PRO S 229 -73.27 86.84 101.91
CA PRO S 229 -72.25 87.85 102.18
C PRO S 229 -71.77 87.79 103.62
N ARG T 1 6.20 7.54 -13.31
CA ARG T 1 6.48 8.24 -12.06
C ARG T 1 5.78 7.55 -10.89
N PRO T 2 6.53 6.75 -10.14
CA PRO T 2 5.94 6.05 -8.99
C PRO T 2 5.54 7.03 -7.90
N MET T 3 4.49 6.69 -7.16
CA MET T 3 3.97 7.52 -6.09
C MET T 3 4.22 6.85 -4.75
N TRP T 4 3.72 7.47 -3.67
CA TRP T 4 3.96 6.91 -2.34
C TRP T 4 3.07 5.72 -1.98
N TYR T 5 2.33 5.17 -2.94
CA TYR T 5 1.50 3.97 -2.79
C TYR T 5 0.95 3.64 -4.18
N PRO T 6 0.55 2.38 -4.43
CA PRO T 6 0.06 2.04 -5.77
C PRO T 6 -1.25 2.69 -6.15
N GLY T 7 -1.21 3.91 -6.68
CA GLY T 7 -2.42 4.58 -7.10
C GLY T 7 -2.69 5.93 -6.48
N ALA T 8 -1.63 6.62 -6.06
CA ALA T 8 -1.81 7.94 -5.44
C ALA T 8 -2.00 9.02 -6.50
N THR T 9 -2.20 10.24 -6.03
CA THR T 9 -2.41 11.40 -6.89
C THR T 9 -1.70 12.58 -6.25
N ALA T 10 -0.96 13.35 -7.05
CA ALA T 10 -0.22 14.49 -6.54
C ALA T 10 -1.19 15.55 -6.01
N PRO T 11 -0.86 16.21 -4.89
CA PRO T 11 -1.78 17.22 -4.33
C PRO T 11 -1.70 18.59 -4.99
N ALA T 12 -1.69 18.63 -6.33
CA ALA T 12 -1.67 19.83 -7.16
C ALA T 12 -0.47 20.76 -6.98
N HIS T 13 0.49 20.42 -6.11
CA HIS T 13 1.65 21.26 -5.90
C HIS T 13 2.94 20.44 -5.88
N LEU T 14 2.85 19.16 -6.23
CA LEU T 14 3.97 18.22 -6.30
C LEU T 14 3.94 17.52 -7.65
N ASP T 15 3.86 18.34 -8.70
CA ASP T 15 3.78 17.85 -10.08
C ASP T 15 4.98 16.99 -10.47
N GLY T 16 6.15 17.27 -9.90
CA GLY T 16 7.31 16.47 -10.24
C GLY T 16 8.53 17.29 -10.63
N SER T 17 8.47 18.60 -10.45
CA SER T 17 9.61 19.44 -10.79
C SER T 17 10.76 19.23 -9.82
N MET T 18 10.46 18.86 -8.58
CA MET T 18 11.48 18.61 -7.58
C MET T 18 11.91 17.15 -7.64
N LEU T 19 13.19 16.91 -7.36
CA LEU T 19 13.71 15.56 -7.38
C LEU T 19 13.16 14.74 -6.23
N GLY T 20 13.01 13.44 -6.47
CA GLY T 20 12.48 12.55 -5.44
C GLY T 20 11.03 12.83 -5.08
N ASP T 21 10.23 13.18 -6.08
CA ASP T 21 8.81 13.48 -5.88
C ASP T 21 7.99 12.20 -5.94
N TYR T 22 7.08 12.05 -4.97
CA TYR T 22 6.20 10.90 -4.90
C TYR T 22 4.78 11.33 -4.53
N GLY T 23 4.50 12.63 -4.50
CA GLY T 23 3.19 13.13 -4.16
C GLY T 23 2.79 12.88 -2.72
N PHE T 24 3.75 12.98 -1.80
CA PHE T 24 3.50 12.74 -0.38
C PHE T 24 3.44 14.08 0.36
N ASP T 25 2.23 14.52 0.67
CA ASP T 25 2.01 15.75 1.42
C ASP T 25 0.59 15.74 1.98
N PRO T 26 0.27 14.86 2.95
CA PRO T 26 -1.10 14.87 3.48
C PRO T 26 -1.42 16.08 4.32
N LEU T 27 -0.45 16.60 5.06
CA LEU T 27 -0.68 17.79 5.88
C LEU T 27 -0.66 19.06 5.05
N ARG T 28 -0.23 18.98 3.80
CA ARG T 28 -0.16 20.11 2.85
C ARG T 28 0.66 21.28 3.41
N LEU T 29 1.81 20.96 4.00
CA LEU T 29 2.67 22.00 4.54
C LEU T 29 3.49 22.70 3.46
N GLY T 30 3.61 22.09 2.29
CA GLY T 30 4.36 22.66 1.19
C GLY T 30 3.49 23.35 0.17
N VAL T 31 2.33 23.84 0.64
CA VAL T 31 1.40 24.53 -0.26
C VAL T 31 2.01 25.85 -0.73
N ASN T 32 2.82 26.49 0.10
CA ASN T 32 3.45 27.74 -0.27
C ASN T 32 4.71 27.46 -1.09
N LYS T 33 4.87 28.19 -2.19
CA LYS T 33 6.03 28.00 -3.06
C LYS T 33 7.32 28.42 -2.37
N ASP T 34 7.25 29.49 -1.56
CA ASP T 34 8.45 29.94 -0.87
C ASP T 34 8.86 28.97 0.24
N ASN T 35 7.88 28.32 0.88
CA ASN T 35 8.19 27.38 1.95
C ASN T 35 8.72 26.06 1.40
N LEU T 36 8.38 25.74 0.14
CA LEU T 36 8.82 24.48 -0.45
C LEU T 36 10.34 24.44 -0.63
N LYS T 37 10.94 25.57 -1.00
CA LYS T 37 12.39 25.61 -1.18
C LYS T 37 13.11 25.49 0.16
N TRP T 38 12.63 26.23 1.17
CA TRP T 38 13.24 26.18 2.49
C TRP T 38 13.09 24.80 3.12
N PHE T 39 11.92 24.19 2.96
CA PHE T 39 11.71 22.85 3.50
C PHE T 39 12.58 21.84 2.78
N ARG T 40 12.83 22.06 1.48
CA ARG T 40 13.69 21.17 0.72
C ARG T 40 15.13 21.27 1.20
N GLU T 41 15.60 22.49 1.46
CA GLU T 41 16.95 22.68 1.96
C GLU T 41 17.08 22.07 3.36
N ALA T 42 16.03 22.21 4.17
CA ALA T 42 16.04 21.64 5.51
C ALA T 42 16.07 20.12 5.45
N GLU T 43 15.34 19.54 4.49
CA GLU T 43 15.34 18.09 4.32
C GLU T 43 16.72 17.60 3.90
N LEU T 44 17.36 18.33 2.99
CA LEU T 44 18.68 17.95 2.52
C LEU T 44 19.73 18.03 3.62
N THR T 45 19.73 19.10 4.42
CA THR T 45 20.73 19.20 5.48
C THR T 45 20.43 18.20 6.61
N ASN T 46 19.15 17.93 6.89
CA ASN T 46 18.81 16.95 7.90
C ASN T 46 19.26 15.58 7.44
N GLY T 47 19.11 15.32 6.14
CA GLY T 47 19.55 14.04 5.58
C GLY T 47 21.06 13.90 5.64
N ARG T 48 21.80 14.97 5.34
CA ARG T 48 23.26 14.90 5.39
C ARG T 48 23.74 14.66 6.82
N TRP T 49 23.13 15.36 7.79
CA TRP T 49 23.49 15.18 9.19
C TRP T 49 23.17 13.75 9.64
N ALA T 50 22.01 13.23 9.23
CA ALA T 50 21.63 11.87 9.60
C ALA T 50 22.54 10.84 8.94
N MET T 51 23.00 11.12 7.71
CA MET T 51 23.89 10.20 7.02
C MET T 51 25.21 10.08 7.75
N ALA T 52 25.82 11.23 8.09
CA ALA T 52 27.09 11.21 8.82
C ALA T 52 26.92 10.58 10.20
N ALA T 53 25.81 10.92 10.89
CA ALA T 53 25.58 10.38 12.23
C ALA T 53 25.38 8.86 12.21
N VAL T 54 24.61 8.35 11.24
CA VAL T 54 24.37 6.92 11.15
C VAL T 54 25.66 6.17 10.82
N VAL T 55 26.48 6.73 9.92
CA VAL T 55 27.75 6.08 9.60
C VAL T 55 28.66 6.09 10.82
N GLY T 56 28.63 7.17 11.61
CA GLY T 56 29.46 7.23 12.80
C GLY T 56 29.01 6.25 13.88
N ILE T 57 27.69 6.10 14.06
CA ILE T 57 27.18 5.19 15.07
C ILE T 57 27.46 3.75 14.68
N LEU T 58 27.30 3.43 13.38
CA LEU T 58 27.57 2.07 12.91
C LEU T 58 29.05 1.73 13.02
N PHE T 59 29.92 2.72 12.87
CA PHE T 59 31.35 2.45 12.96
C PHE T 59 31.82 2.30 14.40
N THR T 60 31.14 2.93 15.36
CA THR T 60 31.56 2.83 16.75
C THR T 60 31.24 1.46 17.33
N ASP T 61 30.13 0.85 16.91
CA ASP T 61 29.76 -0.46 17.44
C ASP T 61 30.64 -1.58 16.89
N ALA T 62 31.19 -1.41 15.69
CA ALA T 62 32.03 -2.45 15.11
C ALA T 62 33.39 -2.55 15.82
N VAL T 63 34.03 -1.40 16.06
CA VAL T 63 35.32 -1.37 16.74
C VAL T 63 35.23 -1.77 18.21
N GLY T 64 34.17 -1.39 18.90
CA GLY T 64 34.02 -1.71 20.30
C GLY T 64 34.04 -0.51 21.21
N LEU T 65 33.97 0.69 20.65
CA LEU T 65 33.98 1.93 21.39
C LEU T 65 32.65 2.08 22.15
N PRO T 66 32.59 3.02 23.15
CA PRO T 66 31.33 3.23 23.89
C PRO T 66 30.11 3.48 23.03
N LYS T 67 28.94 3.20 23.58
CA LYS T 67 27.68 3.37 22.86
C LYS T 67 27.42 4.84 22.54
N PHE T 68 26.63 5.06 21.48
CA PHE T 68 26.34 6.42 21.04
C PHE T 68 25.54 7.21 22.07
N TRP T 69 24.74 6.54 22.89
CA TRP T 69 23.97 7.28 23.88
C TRP T 69 24.75 7.49 25.17
N THR T 70 25.94 6.92 25.30
CA THR T 70 26.76 7.08 26.49
C THR T 70 28.14 7.64 26.18
N ALA T 71 28.39 8.05 24.94
CA ALA T 71 29.70 8.61 24.60
C ALA T 71 29.90 9.99 25.22
N GLY T 72 28.80 10.71 25.46
CA GLY T 72 28.91 12.03 26.06
C GLY T 72 29.39 11.97 27.51
N ALA T 73 28.95 10.96 28.25
CA ALA T 73 29.34 10.83 29.65
C ALA T 73 30.81 10.46 29.81
N GLU T 74 31.46 9.99 28.75
CA GLU T 74 32.87 9.63 28.83
C GLU T 74 33.71 10.89 29.00
N LYS T 75 34.82 10.75 29.72
CA LYS T 75 35.72 11.88 29.96
C LYS T 75 36.76 11.94 28.84
N TYR T 76 36.83 13.07 28.17
CA TYR T 76 37.75 13.27 27.06
C TYR T 76 38.92 14.15 27.50
N ALA T 77 39.80 14.49 26.56
CA ALA T 77 40.96 15.32 26.86
C ALA T 77 40.67 16.80 26.62
N LEU T 78 39.53 17.25 27.16
CA LEU T 78 39.06 18.64 27.07
C LEU T 78 37.98 18.82 28.12
N ASP T 79 37.45 20.04 28.18
CA ASP T 79 36.40 20.41 29.11
C ASP T 79 35.12 20.61 28.33
N ASN T 80 33.99 20.12 28.86
CA ASN T 80 32.71 20.26 28.17
C ASN T 80 32.29 21.72 28.07
N GLN T 81 32.67 22.55 29.04
CA GLN T 81 32.32 23.97 29.00
C GLN T 81 33.02 24.66 27.84
N THR T 82 34.29 24.32 27.60
CA THR T 82 35.02 24.92 26.49
C THR T 82 34.56 24.34 25.16
N LEU T 83 34.10 23.08 25.16
CA LEU T 83 33.63 22.44 23.94
C LEU T 83 32.37 23.10 23.41
N ALA T 84 31.45 23.45 24.31
CA ALA T 84 30.21 24.10 23.87
C ALA T 84 30.48 25.51 23.36
N LEU T 85 31.42 26.22 23.98
CA LEU T 85 31.73 27.58 23.55
C LEU T 85 32.37 27.56 22.16
N ILE T 86 33.26 26.62 21.90
CA ILE T 86 33.92 26.51 20.60
C ILE T 86 32.92 26.06 19.55
N GLU T 87 32.03 25.13 19.91
CA GLU T 87 31.04 24.59 18.97
C GLU T 87 30.09 25.67 18.48
N VAL T 88 29.62 26.54 19.38
CA VAL T 88 28.68 27.58 18.95
C VAL T 88 29.41 28.74 18.28
N ALA T 89 30.70 28.93 18.59
CA ALA T 89 31.44 30.03 17.97
C ALA T 89 31.78 29.70 16.52
N VAL T 90 32.18 28.46 16.24
CA VAL T 90 32.51 28.05 14.89
C VAL T 90 31.25 27.94 14.04
N PHE T 91 30.21 27.31 14.61
CA PHE T 91 28.97 27.12 13.88
C PHE T 91 28.23 28.42 13.60
N ALA T 92 28.48 29.47 14.38
CA ALA T 92 27.83 30.75 14.08
C ALA T 92 28.30 31.27 12.74
N VAL T 93 29.62 31.29 12.52
CA VAL T 93 30.18 31.75 11.26
C VAL T 93 29.87 30.76 10.14
N LEU T 94 29.94 29.45 10.43
CA LEU T 94 29.66 28.44 9.41
C LEU T 94 28.21 28.49 8.94
N GLU T 95 27.26 28.59 9.87
CA GLU T 95 25.85 28.65 9.49
C GLU T 95 25.53 29.99 8.85
N GLY T 96 26.21 31.06 9.25
CA GLY T 96 25.98 32.35 8.61
C GLY T 96 26.46 32.34 7.17
N LYS T 97 27.57 31.66 6.92
CA LYS T 97 28.08 31.58 5.55
C LYS T 97 27.23 30.62 4.72
N ARG T 98 26.64 29.59 5.35
CA ARG T 98 25.80 28.66 4.62
C ARG T 98 24.47 29.30 4.26
N TYR T 99 23.92 30.12 5.17
CA TYR T 99 22.64 30.78 4.90
C TYR T 99 22.76 31.78 3.77
N GLU T 100 23.87 32.51 3.69
CA GLU T 100 24.05 33.48 2.61
C GLU T 100 24.22 32.77 1.27
N ILE T 101 24.64 31.51 1.29
CA ILE T 101 24.78 30.75 0.05
C ILE T 101 23.41 30.41 -0.50
N TYR T 102 22.48 30.02 0.38
CA TYR T 102 21.13 29.67 -0.05
C TYR T 102 20.37 30.88 -0.58
N LYS T 103 20.66 32.07 -0.06
CA LYS T 103 19.97 33.25 -0.55
C LYS T 103 20.44 33.67 -1.94
N LYS T 104 21.71 33.37 -2.26
CA LYS T 104 22.24 33.75 -3.57
C LYS T 104 22.06 32.64 -4.60
N THR T 105 22.28 31.38 -4.21
CA THR T 105 22.16 30.26 -5.13
C THR T 105 20.89 29.45 -4.93
N GLY T 106 20.67 28.94 -3.72
CA GLY T 106 19.49 28.14 -3.43
C GLY T 106 19.80 26.74 -2.92
N GLU T 107 21.07 26.36 -2.81
CA GLU T 107 21.44 25.03 -2.33
C GLU T 107 22.41 25.17 -1.16
N THR T 108 23.01 24.06 -0.74
CA THR T 108 23.95 24.08 0.36
C THR T 108 25.33 24.51 -0.12
N GLY T 109 26.22 24.72 0.83
CA GLY T 109 27.59 25.11 0.53
C GLY T 109 28.43 25.05 1.79
N PHE T 110 29.73 25.16 1.59
CA PHE T 110 30.69 25.14 2.70
C PHE T 110 31.49 26.42 2.67
N LEU T 111 31.46 27.16 3.78
CA LEU T 111 32.16 28.43 3.95
C LEU T 111 31.80 29.42 2.86
N SER T 112 32.79 29.82 2.07
CA SER T 112 32.59 30.76 0.98
C SER T 112 32.39 30.07 -0.36
N PHE T 113 32.33 28.74 -0.37
CA PHE T 113 32.15 27.96 -1.58
C PHE T 113 30.69 27.53 -1.67
N ALA T 114 29.93 28.14 -2.58
CA ALA T 114 28.52 27.74 -2.73
C ALA T 114 28.43 26.37 -3.40
N PRO T 115 28.92 26.17 -4.66
CA PRO T 115 28.82 24.79 -5.18
C PRO T 115 30.09 24.06 -4.77
N PHE T 116 30.12 23.57 -3.53
CA PHE T 116 31.30 22.89 -3.00
C PHE T 116 31.46 21.51 -3.62
N ASP T 117 32.31 21.40 -4.64
CA ASP T 117 32.57 20.12 -5.28
C ASP T 117 33.99 20.10 -5.83
N PRO T 118 35.01 19.86 -4.98
CA PRO T 118 36.39 19.84 -5.48
C PRO T 118 36.63 18.77 -6.53
N MET T 119 35.97 17.62 -6.44
CA MET T 119 36.15 16.58 -7.43
C MET T 119 35.36 16.92 -8.69
N GLY T 120 34.11 17.37 -8.54
CA GLY T 120 33.31 17.78 -9.67
C GLY T 120 32.19 16.87 -10.15
N MET T 121 31.77 15.88 -9.36
CA MET T 121 30.68 15.02 -9.86
C MET T 121 29.29 15.51 -9.42
N LYS T 122 29.02 16.80 -9.65
CA LYS T 122 27.73 17.38 -9.30
C LYS T 122 26.81 17.21 -10.51
N SER T 123 26.00 16.17 -10.47
CA SER T 123 25.07 15.84 -11.54
C SER T 123 23.64 15.86 -11.00
N GLU T 124 22.68 15.86 -11.92
CA GLU T 124 21.28 15.85 -11.52
C GLU T 124 20.92 14.53 -10.84
N GLU T 125 21.51 13.44 -11.31
CA GLU T 125 21.26 12.14 -10.70
C GLU T 125 21.91 12.05 -9.33
N MET T 126 23.05 12.72 -9.16
CA MET T 126 23.74 12.68 -7.86
C MET T 126 22.96 13.45 -6.81
N LYS T 127 22.23 14.49 -7.22
CA LYS T 127 21.44 15.26 -6.26
C LYS T 127 20.27 14.43 -5.73
N LEU T 128 19.66 13.61 -6.59
CA LEU T 128 18.55 12.78 -6.15
C LEU T 128 19.04 11.63 -5.28
N LYS T 129 20.25 11.12 -5.56
CA LYS T 129 20.81 10.04 -4.75
C LYS T 129 21.08 10.53 -3.34
N GLU T 130 21.52 11.79 -3.21
CA GLU T 130 21.78 12.38 -1.91
C GLU T 130 20.49 12.49 -1.12
N LEU T 131 19.40 12.87 -1.77
CA LEU T 131 18.11 12.99 -1.10
C LEU T 131 17.58 11.63 -0.66
N LYS T 132 17.69 10.62 -1.53
CA LYS T 132 17.21 9.28 -1.18
C LYS T 132 18.01 8.70 -0.02
N ASN T 133 19.35 8.83 -0.08
CA ASN T 133 20.19 8.32 0.98
C ASN T 133 19.97 9.09 2.27
N GLY T 134 19.69 10.39 2.18
CA GLY T 134 19.42 11.18 3.37
C GLY T 134 18.13 10.77 4.03
N ARG T 135 17.09 10.50 3.24
CA ARG T 135 15.82 10.07 3.78
C ARG T 135 15.97 8.71 4.47
N LEU T 136 16.71 7.81 3.81
CA LEU T 136 16.95 6.49 4.38
C LEU T 136 17.74 6.59 5.68
N ALA T 137 18.72 7.50 5.72
CA ALA T 137 19.51 7.67 6.92
C ALA T 137 18.72 8.32 8.04
N MET T 138 17.76 9.18 7.70
CA MET T 138 16.91 9.79 8.73
C MET T 138 16.08 8.72 9.40
N LEU T 139 15.50 7.82 8.59
CA LEU T 139 14.74 6.71 9.16
C LEU T 139 15.65 5.78 9.95
N ALA T 140 16.89 5.59 9.47
CA ALA T 140 17.84 4.73 10.16
C ALA T 140 18.23 5.29 11.52
N PHE T 141 18.41 6.62 11.61
CA PHE T 141 18.76 7.22 12.89
C PHE T 141 17.59 7.12 13.85
N LEU T 142 16.37 7.32 13.34
CA LEU T 142 15.20 7.18 14.20
C LEU T 142 15.09 5.74 14.70
N GLY T 143 15.43 4.78 13.84
CA GLY T 143 15.42 3.39 14.24
C GLY T 143 16.49 3.08 15.26
N PHE T 144 17.66 3.72 15.13
CA PHE T 144 18.75 3.51 16.09
C PHE T 144 18.33 3.97 17.48
N CYS T 145 17.78 5.19 17.55
CA CYS T 145 17.32 5.73 18.82
C CYS T 145 16.19 4.92 19.42
N SER T 146 15.23 4.49 18.58
CA SER T 146 14.11 3.70 19.08
C SER T 146 14.55 2.32 19.56
N GLN T 147 15.49 1.69 18.86
CA GLN T 147 15.98 0.38 19.29
C GLN T 147 16.75 0.51 20.59
N ALA T 148 17.51 1.60 20.74
CA ALA T 148 18.23 1.80 21.99
C ALA T 148 17.29 2.18 23.13
N ALA T 149 16.11 2.70 22.81
CA ALA T 149 15.16 3.09 23.84
C ALA T 149 14.51 1.89 24.52
N VAL T 150 14.05 0.91 23.74
CA VAL T 150 13.38 -0.26 24.30
C VAL T 150 14.33 -1.43 24.51
N TYR T 151 15.25 -1.68 23.58
CA TYR T 151 16.16 -2.81 23.71
C TYR T 151 17.54 -2.43 24.23
N GLY T 152 17.97 -1.20 24.01
CA GLY T 152 19.31 -0.83 24.46
C GLY T 152 20.31 -1.52 23.56
N LYS T 153 21.40 -2.00 24.16
CA LYS T 153 22.45 -2.74 23.48
C LYS T 153 23.04 -1.96 22.30
N GLY T 154 22.55 -2.19 21.09
CA GLY T 154 23.06 -1.48 19.94
C GLY T 154 22.45 -1.89 18.62
N PRO T 155 22.65 -1.07 17.57
CA PRO T 155 22.10 -1.38 16.24
C PRO T 155 22.59 -2.69 15.65
N ILE T 156 23.91 -2.89 15.65
CA ILE T 156 24.49 -4.13 15.14
C ILE T 156 24.05 -5.29 16.01
N GLU T 157 23.99 -5.06 17.33
CA GLU T 157 23.53 -6.09 18.24
C GLU T 157 22.06 -6.39 18.00
N THR T 158 21.27 -5.36 17.68
CA THR T 158 19.85 -5.56 17.40
C THR T 158 19.66 -6.42 16.16
N LEU T 159 20.45 -6.15 15.11
CA LEU T 159 20.37 -6.96 13.90
C LEU T 159 20.81 -8.39 14.19
N GLN T 160 21.85 -8.56 15.01
CA GLN T 160 22.32 -9.91 15.35
C GLN T 160 21.28 -10.66 16.17
N LEU T 161 20.55 -9.96 17.05
CA LEU T 161 19.53 -10.59 17.86
C LEU T 161 18.31 -10.95 17.00
N HIS T 162 18.04 -10.15 15.97
CA HIS T 162 16.89 -10.44 15.11
C HIS T 162 17.13 -11.69 14.28
N LEU T 163 18.39 -11.99 13.94
CA LEU T 163 18.67 -13.18 13.15
C LEU T 163 18.52 -14.45 13.98
N ALA T 164 18.65 -14.35 15.30
CA ALA T 164 18.54 -15.53 16.16
C ALA T 164 17.12 -16.09 16.14
N ASP T 165 16.12 -15.22 16.17
CA ASP T 165 14.72 -15.65 16.15
C ASP T 165 13.88 -14.55 15.51
N PRO T 166 13.87 -14.47 14.17
CA PRO T 166 13.09 -13.42 13.50
C PRO T 166 11.59 -13.48 13.76
N GLY T 167 11.04 -14.69 13.93
CA GLY T 167 9.62 -14.79 14.18
C GLY T 167 9.22 -14.43 15.59
N HIS T 168 10.19 -14.43 16.53
CA HIS T 168 9.91 -14.09 17.91
C HIS T 168 10.55 -12.80 18.38
N ASN T 169 11.56 -12.29 17.68
CA ASN T 169 12.23 -11.05 18.06
C ASN T 169 11.93 -9.99 17.01
N ASN T 170 11.04 -9.07 17.36
CA ASN T 170 10.66 -7.98 16.48
C ASN T 170 10.01 -6.87 17.31
N ILE T 171 9.57 -5.82 16.63
CA ILE T 171 8.94 -4.70 17.30
C ILE T 171 7.58 -5.09 17.88
N TYR T 172 6.94 -6.11 17.31
CA TYR T 172 5.63 -6.54 17.78
C TYR T 172 5.73 -7.34 19.07
N THR T 173 6.84 -8.04 19.30
CA THR T 173 7.01 -8.81 20.53
C THR T 173 7.74 -8.02 21.60
N SER T 174 8.04 -6.74 21.35
CA SER T 174 8.75 -5.90 22.30
C SER T 174 7.75 -5.18 23.19
N SER T 175 8.23 -4.19 23.94
CA SER T 175 7.37 -3.43 24.85
C SER T 175 6.45 -2.45 24.12
N VAL T 176 6.67 -2.21 22.83
CA VAL T 176 5.83 -1.28 22.07
C VAL T 176 5.10 -2.06 20.97
N GLY T 177 4.82 -3.32 21.24
CA GLY T 177 4.15 -4.21 20.31
C GLY T 177 2.76 -3.85 19.84
N PRO T 178 1.79 -3.79 20.77
CA PRO T 178 0.41 -3.45 20.35
C PRO T 178 0.26 -2.09 19.70
N GLU T 179 1.00 -1.07 20.17
CA GLU T 179 0.90 0.26 19.58
C GLU T 179 1.37 0.25 18.13
N THR T 180 2.53 -0.35 17.87
CA THR T 180 3.02 -0.38 16.49
C THR T 180 2.18 -1.31 15.63
N ALA T 181 1.56 -2.36 16.21
CA ALA T 181 0.73 -3.24 15.40
C ALA T 181 -0.54 -2.52 14.95
N VAL T 182 -1.15 -1.77 15.87
CA VAL T 182 -2.35 -1.01 15.53
C VAL T 182 -2.00 0.09 14.53
N THR T 183 -0.82 0.71 14.70
CA THR T 183 -0.38 1.75 13.77
C THR T 183 -0.12 1.18 12.38
N VAL T 184 0.45 -0.03 12.31
CA VAL T 184 0.71 -0.66 11.03
C VAL T 184 -0.61 -0.99 10.33
N ALA T 185 -1.60 -1.49 11.08
CA ALA T 185 -2.90 -1.79 10.48
C ALA T 185 -3.59 -0.52 9.99
N VAL T 186 -3.52 0.55 10.77
CA VAL T 186 -4.13 1.83 10.39
C VAL T 186 -3.44 2.36 9.14
N LEU T 187 -2.11 2.25 9.08
CA LEU T 187 -1.37 2.71 7.92
C LEU T 187 -1.72 1.89 6.69
N CYS T 188 -1.88 0.57 6.85
CA CYS T 188 -2.24 -0.28 5.73
C CYS T 188 -3.63 0.04 5.21
N VAL T 189 -4.51 0.52 6.10
CA VAL T 189 -5.86 0.88 5.69
C VAL T 189 -5.90 2.27 5.05
N LEU T 190 -4.95 3.14 5.42
CA LEU T 190 -4.88 4.52 4.90
C LEU T 190 -4.95 4.69 3.37
N PRO T 191 -4.20 3.93 2.52
CA PRO T 191 -4.35 4.16 1.08
C PRO T 191 -5.75 3.88 0.58
N MET T 192 -6.43 2.89 1.17
CA MET T 192 -7.80 2.61 0.79
C MET T 192 -8.73 3.74 1.23
N ILE T 193 -8.41 4.38 2.36
CA ILE T 193 -9.19 5.51 2.83
C ILE T 193 -9.09 6.67 1.85
N ILE T 194 -7.87 6.95 1.40
CA ILE T 194 -7.66 8.05 0.45
C ILE T 194 -8.27 7.72 -0.90
N GLU T 195 -8.20 6.46 -1.32
CA GLU T 195 -8.76 6.09 -2.62
C GLU T 195 -10.29 6.01 -2.59
N ALA T 196 -10.88 5.76 -1.43
CA ALA T 196 -12.33 5.66 -1.35
C ALA T 196 -13.00 7.02 -1.48
N THR T 197 -12.35 8.07 -0.97
CA THR T 197 -12.90 9.42 -1.05
C THR T 197 -12.44 10.15 -2.31
N LYS T 198 -11.12 10.34 -2.45
CA LYS T 198 -10.49 11.02 -3.58
C LYS T 198 -11.08 12.41 -3.86
N ARG U 1 -39.46 -15.12 -14.19
CA ARG U 1 -38.45 -15.11 -13.14
C ARG U 1 -39.11 -15.28 -11.78
N PRO U 2 -38.83 -16.40 -11.11
CA PRO U 2 -39.42 -16.66 -9.80
C PRO U 2 -38.78 -15.78 -8.72
N THR U 3 -39.63 -15.27 -7.84
CA THR U 3 -39.20 -14.42 -6.74
C THR U 3 -39.23 -15.20 -5.44
N TRP U 4 -38.74 -14.56 -4.37
CA TRP U 4 -38.70 -15.20 -3.06
C TRP U 4 -40.08 -15.37 -2.45
N LEU U 5 -40.98 -14.41 -2.61
CA LEU U 5 -42.32 -14.52 -2.04
C LEU U 5 -43.30 -14.77 -3.17
N PRO U 6 -44.14 -15.81 -3.07
CA PRO U 6 -45.10 -16.08 -4.15
C PRO U 6 -46.14 -14.97 -4.25
N GLY U 7 -46.44 -14.59 -5.48
CA GLY U 7 -47.39 -13.53 -5.72
C GLY U 7 -46.85 -12.13 -5.51
N LEU U 8 -45.55 -12.01 -5.23
CA LEU U 8 -44.90 -10.73 -5.00
C LEU U 8 -44.12 -10.35 -6.24
N ASN U 9 -44.39 -9.17 -6.77
CA ASN U 9 -43.67 -8.73 -7.96
C ASN U 9 -42.28 -8.25 -7.58
N PRO U 10 -41.27 -8.50 -8.40
CA PRO U 10 -39.92 -8.05 -8.08
C PRO U 10 -39.85 -6.54 -8.13
N PRO U 11 -38.95 -5.93 -7.38
CA PRO U 11 -38.84 -4.47 -7.38
C PRO U 11 -38.31 -3.92 -8.69
N ALA U 12 -38.50 -2.61 -8.87
CA ALA U 12 -38.05 -1.96 -10.09
C ALA U 12 -36.53 -1.86 -10.15
N HIS U 13 -35.88 -1.65 -9.00
CA HIS U 13 -34.43 -1.53 -8.98
C HIS U 13 -33.72 -2.86 -9.15
N LEU U 14 -34.42 -3.98 -9.04
CA LEU U 14 -33.84 -5.30 -9.19
C LEU U 14 -34.31 -5.90 -10.51
N LYS U 15 -33.38 -6.10 -11.43
CA LYS U 15 -33.66 -6.68 -12.74
C LYS U 15 -32.83 -7.95 -12.87
N GLY U 16 -33.33 -8.88 -13.68
CA GLY U 16 -32.67 -10.15 -13.89
C GLY U 16 -31.31 -10.15 -14.57
N ALA U 17 -30.73 -8.97 -14.80
CA ALA U 17 -29.43 -8.90 -15.44
C ALA U 17 -28.33 -9.43 -14.53
N LEU U 18 -28.49 -9.30 -13.22
CA LEU U 18 -27.48 -9.77 -12.29
C LEU U 18 -27.52 -11.29 -12.19
N ALA U 19 -26.47 -11.86 -11.60
CA ALA U 19 -26.31 -13.30 -11.49
C ALA U 19 -27.42 -13.98 -10.67
N GLY U 20 -27.46 -13.73 -9.36
CA GLY U 20 -28.46 -14.39 -8.56
C GLY U 20 -29.70 -13.58 -8.24
N ASP U 21 -30.08 -12.67 -9.13
CA ASP U 21 -31.24 -11.82 -8.92
C ASP U 21 -32.54 -12.59 -8.82
N ASN U 22 -33.08 -12.67 -7.61
CA ASN U 22 -34.35 -13.34 -7.33
C ASN U 22 -35.39 -12.35 -6.82
N GLY U 23 -35.14 -11.06 -6.99
CA GLY U 23 -36.06 -10.03 -6.54
C GLY U 23 -36.21 -9.98 -5.04
N PHE U 24 -35.16 -10.29 -4.29
CA PHE U 24 -35.21 -10.29 -2.83
C PHE U 24 -34.50 -9.05 -2.29
N ASP U 25 -35.27 -8.07 -1.87
CA ASP U 25 -34.77 -6.84 -1.29
C ASP U 25 -35.89 -6.14 -0.53
N PRO U 26 -36.36 -6.70 0.60
CA PRO U 26 -37.44 -6.03 1.33
C PRO U 26 -37.03 -4.71 1.94
N LEU U 27 -35.75 -4.55 2.25
CA LEU U 27 -35.25 -3.32 2.84
C LEU U 27 -34.89 -2.27 1.80
N GLY U 28 -34.72 -2.65 0.54
CA GLY U 28 -34.39 -1.68 -0.49
C GLY U 28 -33.00 -1.09 -0.38
N LEU U 29 -32.00 -1.96 -0.23
CA LEU U 29 -30.61 -1.50 -0.11
C LEU U 29 -29.93 -1.29 -1.46
N GLY U 30 -30.55 -1.71 -2.55
CA GLY U 30 -29.97 -1.57 -3.86
C GLY U 30 -30.76 -0.67 -4.79
N GLN U 31 -31.22 0.48 -4.27
CA GLN U 31 -32.01 1.41 -5.07
C GLN U 31 -31.21 1.94 -6.26
N ASP U 32 -30.02 2.48 -6.02
CA ASP U 32 -29.20 3.00 -7.09
C ASP U 32 -28.30 1.90 -7.64
N GLU U 33 -27.95 2.00 -8.92
CA GLU U 33 -27.12 0.98 -9.54
C GLU U 33 -25.68 1.02 -9.03
N GLY U 34 -25.19 2.16 -8.56
CA GLY U 34 -23.83 2.25 -8.06
C GLY U 34 -23.66 1.42 -6.81
N ARG U 35 -24.53 1.65 -5.84
CA ARG U 35 -24.48 0.88 -4.61
C ARG U 35 -24.83 -0.57 -4.88
N LEU U 36 -25.68 -0.82 -5.88
CA LEU U 36 -26.08 -2.18 -6.22
C LEU U 36 -24.89 -2.97 -6.75
N LYS U 37 -24.10 -2.38 -7.66
CA LYS U 37 -22.95 -3.10 -8.19
C LYS U 37 -21.86 -3.24 -7.13
N TRP U 38 -21.70 -2.23 -6.26
CA TRP U 38 -20.71 -2.35 -5.20
C TRP U 38 -21.11 -3.47 -4.23
N TYR U 39 -22.40 -3.56 -3.92
CA TYR U 39 -22.89 -4.62 -3.05
C TYR U 39 -22.80 -5.97 -3.73
N ALA U 40 -22.91 -6.01 -5.07
CA ALA U 40 -22.78 -7.27 -5.78
C ALA U 40 -21.35 -7.79 -5.64
N GLU U 41 -20.38 -6.88 -5.76
CA GLU U 41 -18.99 -7.30 -5.58
C GLU U 41 -18.74 -7.71 -4.14
N ALA U 42 -19.36 -7.00 -3.19
CA ALA U 42 -19.21 -7.33 -1.78
C ALA U 42 -19.80 -8.70 -1.48
N GLU U 43 -20.94 -9.03 -2.10
CA GLU U 43 -21.56 -10.32 -1.91
C GLU U 43 -20.69 -11.43 -2.49
N LYS U 44 -20.11 -11.19 -3.67
CA LYS U 44 -19.26 -12.20 -4.30
C LYS U 44 -18.02 -12.47 -3.45
N THR U 45 -17.37 -11.42 -2.95
CA THR U 45 -16.18 -11.65 -2.13
C THR U 45 -16.52 -12.22 -0.75
N ASN U 46 -17.67 -11.83 -0.17
CA ASN U 46 -18.09 -12.41 1.10
C ASN U 46 -18.33 -13.90 0.93
N GLY U 47 -18.97 -14.26 -0.19
CA GLY U 47 -19.22 -15.66 -0.46
C GLY U 47 -17.94 -16.42 -0.74
N ARG U 48 -16.96 -15.78 -1.38
CA ARG U 48 -15.69 -16.43 -1.65
C ARG U 48 -14.97 -16.75 -0.34
N TRP U 49 -14.92 -15.77 0.56
CA TRP U 49 -14.27 -15.97 1.84
C TRP U 49 -15.01 -17.02 2.67
N ALA U 50 -16.35 -17.02 2.59
CA ALA U 50 -17.14 -18.01 3.33
C ALA U 50 -16.95 -19.40 2.75
N MET U 51 -16.82 -19.49 1.42
CA MET U 51 -16.59 -20.79 0.77
C MET U 51 -15.26 -21.36 1.22
N MET U 52 -14.23 -20.52 1.22
CA MET U 52 -12.91 -20.98 1.65
C MET U 52 -12.91 -21.34 3.13
N ALA U 53 -13.64 -20.57 3.96
CA ALA U 53 -13.70 -20.85 5.39
C ALA U 53 -14.41 -22.15 5.70
N VAL U 54 -15.56 -22.39 5.05
CA VAL U 54 -16.30 -23.61 5.28
C VAL U 54 -15.50 -24.81 4.77
N ALA U 55 -14.86 -24.66 3.61
CA ALA U 55 -14.03 -25.73 3.07
C ALA U 55 -12.86 -26.02 4.01
N GLY U 56 -12.26 -24.97 4.58
CA GLY U 56 -11.15 -25.17 5.49
C GLY U 56 -11.57 -25.84 6.79
N ILE U 57 -12.72 -25.45 7.33
CA ILE U 57 -13.20 -26.05 8.57
C ILE U 57 -13.52 -27.53 8.35
N LEU U 58 -14.22 -27.83 7.25
CA LEU U 58 -14.55 -29.22 6.95
C LEU U 58 -13.30 -30.04 6.66
N GLY U 59 -12.31 -29.43 6.00
CA GLY U 59 -11.08 -30.15 5.72
C GLY U 59 -10.27 -30.41 6.97
N GLN U 60 -10.27 -29.44 7.90
CA GLN U 60 -9.55 -29.61 9.15
C GLN U 60 -10.18 -30.71 9.99
N GLU U 61 -11.52 -30.76 10.00
CA GLU U 61 -12.19 -31.81 10.76
C GLU U 61 -12.01 -33.17 10.11
N LEU U 62 -12.08 -33.23 8.78
CA LEU U 62 -11.93 -34.49 8.08
C LEU U 62 -10.52 -35.06 8.19
N LEU U 63 -9.52 -34.20 8.33
CA LEU U 63 -8.13 -34.64 8.45
C LEU U 63 -7.70 -34.87 9.89
N GLY U 64 -8.62 -34.78 10.84
CA GLY U 64 -8.33 -35.03 12.23
C GLY U 64 -7.35 -34.13 12.97
N VAL U 65 -7.48 -32.81 12.85
CA VAL U 65 -6.57 -31.92 13.56
C VAL U 65 -6.92 -31.96 15.05
N THR U 66 -5.91 -31.72 15.89
CA THR U 66 -6.13 -31.78 17.34
C THR U 66 -7.09 -30.70 17.87
N PRO U 67 -6.92 -29.40 17.60
CA PRO U 67 -7.90 -28.46 18.14
C PRO U 67 -9.06 -28.23 17.18
N ALA U 68 -10.18 -27.81 17.75
CA ALA U 68 -11.34 -27.55 16.92
C ALA U 68 -11.13 -26.26 16.13
N TRP U 69 -12.07 -25.95 15.23
CA TRP U 69 -11.93 -24.76 14.40
C TRP U 69 -12.00 -23.47 15.22
N TRP U 70 -12.59 -23.50 16.41
CA TRP U 70 -12.66 -22.30 17.23
C TRP U 70 -11.51 -22.19 18.23
N GLU U 71 -10.54 -23.12 18.18
CA GLU U 71 -9.37 -23.10 19.05
C GLU U 71 -8.08 -22.95 18.27
N ALA U 72 -8.13 -22.90 16.93
CA ALA U 72 -6.92 -22.80 16.13
C ALA U 72 -6.18 -21.49 16.35
N GLY U 73 -6.87 -20.44 16.81
CA GLY U 73 -6.20 -19.17 17.06
C GLY U 73 -5.24 -19.23 18.23
N ALA U 74 -5.63 -19.92 19.30
CA ALA U 74 -4.80 -20.02 20.50
C ALA U 74 -3.77 -21.14 20.42
N LYS U 75 -3.71 -21.90 19.34
CA LYS U 75 -2.74 -22.98 19.23
C LYS U 75 -1.34 -22.40 19.02
N GLU U 76 -0.36 -23.05 19.64
CA GLU U 76 1.03 -22.61 19.52
C GLU U 76 1.53 -22.82 18.09
N TYR U 77 2.23 -21.82 17.57
CA TYR U 77 2.76 -21.88 16.21
C TYR U 77 4.04 -21.07 16.16
N ASP U 78 4.88 -21.38 15.18
CA ASP U 78 6.08 -20.60 14.98
C ASP U 78 5.62 -19.25 14.45
N ILE U 79 6.36 -18.19 14.81
CA ILE U 79 6.03 -16.80 14.45
C ILE U 79 4.67 -16.53 15.08
N PRO U 80 4.59 -16.28 16.41
CA PRO U 80 3.31 -16.06 17.11
C PRO U 80 2.31 -15.09 16.49
N ALA U 81 1.06 -15.20 16.96
CA ALA U 81 -0.05 -14.38 16.47
C ALA U 81 0.23 -12.88 16.58
N GLN U 82 1.04 -12.48 17.55
CA GLN U 82 1.38 -11.06 17.68
C GLN U 82 2.21 -10.58 16.50
N ALA U 83 3.00 -11.47 15.89
CA ALA U 83 3.82 -11.14 14.74
C ALA U 83 3.14 -11.45 13.41
N LEU U 84 2.13 -12.32 13.42
CA LEU U 84 1.42 -12.67 12.19
C LEU U 84 0.47 -11.59 11.74
N THR U 85 -0.08 -10.82 12.68
CA THR U 85 -1.03 -9.75 12.34
C THR U 85 -0.44 -8.67 11.41
N PRO U 86 0.74 -8.10 11.68
CA PRO U 86 1.24 -7.06 10.75
C PRO U 86 1.61 -7.58 9.37
N ILE U 87 2.18 -8.79 9.27
CA ILE U 87 2.53 -9.34 7.97
C ILE U 87 1.28 -9.54 7.13
N GLU U 88 0.25 -10.13 7.76
CA GLU U 88 -1.02 -10.36 7.10
C GLU U 88 -1.67 -9.05 6.70
N PHE U 89 -1.62 -8.04 7.58
CA PHE U 89 -2.21 -6.75 7.24
C PHE U 89 -1.51 -6.08 6.07
N ILE U 90 -0.18 -6.18 6.01
CA ILE U 90 0.57 -5.56 4.91
C ILE U 90 0.27 -6.24 3.59
N VAL U 91 0.36 -7.58 3.55
CA VAL U 91 0.12 -8.29 2.30
C VAL U 91 -1.34 -8.17 1.89
N MET U 92 -2.27 -8.19 2.86
CA MET U 92 -3.68 -8.07 2.54
C MET U 92 -3.99 -6.67 2.06
N GLY U 93 -3.32 -5.66 2.62
CA GLY U 93 -3.54 -4.30 2.16
C GLY U 93 -3.10 -4.12 0.72
N PHE U 94 -1.95 -4.71 0.37
CA PHE U 94 -1.47 -4.62 -1.01
C PHE U 94 -2.42 -5.35 -1.97
N LEU U 95 -2.77 -6.60 -1.63
CA LEU U 95 -3.66 -7.39 -2.49
C LEU U 95 -5.03 -6.75 -2.62
N GLU U 96 -5.59 -6.25 -1.52
CA GLU U 96 -6.91 -5.64 -1.56
C GLU U 96 -6.89 -4.30 -2.26
N ILE U 97 -5.80 -3.54 -2.17
CA ILE U 97 -5.78 -2.26 -2.88
C ILE U 97 -5.64 -2.52 -4.38
N LYS U 98 -4.92 -3.58 -4.76
CA LYS U 98 -4.82 -3.91 -6.18
C LYS U 98 -6.16 -4.40 -6.70
N ARG U 99 -6.88 -5.18 -5.87
CA ARG U 99 -8.20 -5.68 -6.25
C ARG U 99 -9.20 -4.54 -6.36
N TYR U 100 -9.12 -3.57 -5.46
CA TYR U 100 -10.05 -2.44 -5.49
C TYR U 100 -9.77 -1.52 -6.68
N GLN U 101 -8.49 -1.26 -6.97
CA GLN U 101 -8.17 -0.40 -8.10
C GLN U 101 -8.51 -1.07 -9.41
N GLY U 102 -8.38 -2.40 -9.47
CA GLY U 102 -8.76 -3.10 -10.67
C GLY U 102 -10.27 -3.11 -10.86
N PHE U 103 -11.02 -2.93 -9.78
CA PHE U 103 -12.47 -2.88 -9.82
C PHE U 103 -12.96 -1.55 -10.34
N LYS U 104 -12.16 -0.48 -10.17
CA LYS U 104 -12.58 0.83 -10.66
C LYS U 104 -12.39 0.94 -12.16
N GLN U 105 -11.32 0.32 -12.70
CA GLN U 105 -11.08 0.36 -14.13
C GLN U 105 -12.14 -0.43 -14.88
N THR U 106 -12.47 -1.61 -14.36
CA THR U 106 -13.49 -2.49 -14.93
C THR U 106 -14.27 -3.13 -13.81
N GLY U 107 -15.58 -3.22 -13.98
CA GLY U 107 -16.44 -3.79 -12.96
C GLY U 107 -16.37 -5.30 -12.85
N THR U 108 -15.23 -5.83 -12.41
CA THR U 108 -15.08 -7.28 -12.28
C THR U 108 -14.00 -7.57 -11.25
N SER U 109 -13.97 -8.82 -10.80
CA SER U 109 -13.01 -9.28 -9.81
C SER U 109 -11.66 -9.54 -10.47
N GLY U 110 -10.65 -9.77 -9.65
CA GLY U 110 -9.34 -10.02 -10.20
C GLY U 110 -8.35 -10.52 -9.17
N PHE U 111 -7.08 -10.50 -9.58
CA PHE U 111 -5.98 -10.97 -8.74
C PHE U 111 -4.75 -10.13 -9.09
N ILE U 112 -4.45 -9.14 -8.24
CA ILE U 112 -3.34 -8.19 -8.35
C ILE U 112 -3.51 -7.35 -9.62
N ASN U 113 -3.20 -7.92 -10.78
CA ASN U 113 -3.30 -7.17 -12.02
C ASN U 113 -3.97 -7.97 -13.14
N SER U 114 -4.58 -9.10 -12.82
CA SER U 114 -5.26 -9.95 -13.79
C SER U 114 -6.75 -9.70 -13.61
N PHE U 115 -7.30 -8.79 -14.39
CA PHE U 115 -8.71 -8.44 -14.30
C PHE U 115 -9.40 -8.64 -15.66
N PRO U 116 -10.24 -9.68 -15.81
CA PRO U 116 -10.55 -10.65 -14.77
C PRO U 116 -9.54 -11.78 -14.67
N PHE U 117 -9.31 -12.29 -13.46
CA PHE U 117 -8.39 -13.40 -13.24
C PHE U 117 -9.15 -14.63 -13.69
N ASP U 118 -9.05 -14.95 -14.98
CA ASP U 118 -9.75 -16.10 -15.53
C ASP U 118 -8.85 -16.98 -16.38
N PRO U 119 -8.02 -17.81 -15.75
CA PRO U 119 -7.19 -18.73 -16.54
C PRO U 119 -8.00 -19.94 -16.94
N ALA U 120 -7.65 -20.52 -18.08
CA ALA U 120 -8.26 -21.70 -18.69
C ALA U 120 -9.74 -21.51 -19.05
N GLY U 121 -10.18 -20.26 -19.25
CA GLY U 121 -11.56 -19.97 -19.63
C GLY U 121 -12.64 -20.36 -18.65
N MET U 122 -13.47 -21.33 -19.03
CA MET U 122 -14.59 -21.90 -18.28
C MET U 122 -15.47 -20.88 -17.54
N ASN U 123 -15.69 -19.72 -18.15
CA ASN U 123 -16.52 -18.67 -17.56
C ASN U 123 -17.78 -18.52 -18.39
N SER U 124 -18.92 -18.38 -17.72
CA SER U 124 -20.23 -18.23 -18.35
C SER U 124 -21.17 -17.62 -17.34
N PRO U 125 -22.29 -17.03 -17.79
CA PRO U 125 -23.25 -16.45 -16.83
C PRO U 125 -23.82 -17.47 -15.87
N SER U 126 -24.04 -18.71 -16.35
CA SER U 126 -24.54 -19.77 -15.47
C SER U 126 -23.55 -20.06 -14.36
N MET U 127 -22.25 -20.03 -14.69
CA MET U 127 -21.23 -20.24 -13.69
C MET U 127 -21.23 -19.12 -12.67
N ALA U 128 -21.55 -17.90 -13.11
CA ALA U 128 -21.63 -16.76 -12.18
C ALA U 128 -22.78 -16.95 -11.21
N THR U 129 -23.92 -17.44 -11.72
CA THR U 129 -25.07 -17.69 -10.85
C THR U 129 -24.72 -18.80 -9.85
N LYS U 130 -23.99 -19.82 -10.31
CA LYS U 130 -23.57 -20.90 -9.43
C LYS U 130 -22.64 -20.39 -8.34
N GLU U 131 -21.74 -19.46 -8.71
CA GLU U 131 -20.81 -18.89 -7.74
C GLU U 131 -21.55 -18.09 -6.68
N VAL U 132 -22.52 -17.29 -7.09
CA VAL U 132 -23.28 -16.48 -6.13
C VAL U 132 -24.10 -17.37 -5.21
N LYS U 133 -24.76 -18.40 -5.76
CA LYS U 133 -25.56 -19.30 -4.95
C LYS U 133 -24.70 -20.10 -3.97
N ASN U 134 -23.54 -20.59 -4.43
CA ASN U 134 -22.65 -21.32 -3.56
C ASN U 134 -22.10 -20.42 -2.47
N GLY U 135 -21.86 -19.15 -2.78
CA GLY U 135 -21.37 -18.22 -1.79
C GLY U 135 -22.42 -17.94 -0.73
N ARG U 136 -23.68 -17.80 -1.14
CA ARG U 136 -24.76 -17.57 -0.19
C ARG U 136 -24.92 -18.78 0.74
N LEU U 137 -24.86 -19.98 0.17
CA LEU U 137 -24.98 -21.20 0.96
C LEU U 137 -23.81 -21.31 1.94
N ALA U 138 -22.61 -20.95 1.49
CA ALA U 138 -21.44 -21.01 2.37
C ALA U 138 -21.53 -20.00 3.49
N MET U 139 -22.09 -18.81 3.22
CA MET U 139 -22.23 -17.80 4.25
C MET U 139 -23.19 -18.28 5.34
N VAL U 140 -24.33 -18.82 4.91
CA VAL U 140 -25.31 -19.35 5.86
C VAL U 140 -24.71 -20.52 6.63
N ALA U 141 -23.91 -21.35 5.96
CA ALA U 141 -23.27 -22.49 6.61
C ALA U 141 -22.25 -22.05 7.64
N PHE U 142 -21.51 -20.96 7.36
CA PHE U 142 -20.52 -20.49 8.33
C PHE U 142 -21.22 -19.98 9.58
N ILE U 143 -22.32 -19.25 9.41
CA ILE U 143 -23.04 -18.76 10.59
C ILE U 143 -23.63 -19.95 11.35
N GLY U 144 -24.04 -20.98 10.62
CA GLY U 144 -24.54 -22.18 11.27
C GLY U 144 -23.46 -22.87 12.06
N PHE U 145 -22.23 -22.87 11.53
CA PHE U 145 -21.10 -23.48 12.22
C PHE U 145 -20.82 -22.74 13.52
N CYS U 146 -20.84 -21.40 13.46
CA CYS U 146 -20.58 -20.58 14.64
C CYS U 146 -21.63 -20.81 15.73
N VAL U 147 -22.91 -20.71 15.37
CA VAL U 147 -23.96 -20.89 16.37
C VAL U 147 -24.01 -22.33 16.88
N GLN U 148 -23.70 -23.30 16.02
CA GLN U 148 -23.68 -24.69 16.44
C GLN U 148 -22.57 -24.93 17.45
N ALA U 149 -21.40 -24.34 17.20
CA ALA U 149 -20.31 -24.50 18.15
C ALA U 149 -20.60 -23.76 19.45
N LEU U 150 -21.36 -22.67 19.38
CA LEU U 150 -21.68 -21.91 20.58
C LEU U 150 -22.67 -22.65 21.47
N ALA U 151 -23.77 -23.14 20.89
CA ALA U 151 -24.82 -23.79 21.67
C ALA U 151 -24.63 -25.29 21.89
N THR U 152 -23.82 -25.98 21.07
CA THR U 152 -23.65 -27.42 21.23
C THR U 152 -22.23 -27.86 21.55
N ARG U 153 -21.22 -27.01 21.35
CA ARG U 153 -19.82 -27.32 21.59
C ARG U 153 -19.32 -28.50 20.77
N THR U 154 -19.95 -28.74 19.62
CA THR U 154 -19.59 -29.84 18.74
C THR U 154 -19.23 -29.28 17.37
N GLN U 155 -18.26 -29.92 16.73
CA GLN U 155 -17.83 -29.51 15.41
C GLN U 155 -18.90 -29.88 14.37
N PRO U 156 -18.88 -29.25 13.17
CA PRO U 156 -19.90 -29.54 12.14
C PRO U 156 -20.17 -31.00 11.80
N ILE U 157 -19.16 -31.77 11.43
CA ILE U 157 -19.38 -33.18 11.09
C ILE U 157 -19.79 -33.96 12.34
N GLU U 158 -19.20 -33.62 13.49
CA GLU U 158 -19.55 -34.30 14.73
C GLU U 158 -21.00 -34.03 15.10
N GLY U 159 -21.44 -32.77 14.97
CA GLY U 159 -22.82 -32.44 15.27
C GLY U 159 -23.79 -33.08 14.29
N LEU U 160 -23.39 -33.16 13.02
CA LEU U 160 -24.24 -33.80 12.02
C LEU U 160 -24.40 -35.29 12.32
N THR U 161 -23.31 -35.95 12.71
CA THR U 161 -23.39 -37.36 13.04
C THR U 161 -24.23 -37.58 14.30
N ALA U 162 -24.11 -36.66 15.26
CA ALA U 162 -24.89 -36.75 16.48
C ALA U 162 -26.37 -36.59 16.19
N HIS U 163 -26.71 -35.73 15.22
CA HIS U 163 -28.10 -35.55 14.85
C HIS U 163 -28.62 -36.74 14.05
N LEU U 164 -27.77 -37.33 13.21
CA LEU U 164 -28.19 -38.47 12.41
C LEU U 164 -28.39 -39.71 13.28
N ALA U 165 -27.57 -39.85 14.32
CA ALA U 165 -27.71 -41.00 15.22
C ALA U 165 -29.02 -40.97 15.97
N ASP U 166 -29.41 -39.80 16.47
CA ASP U 166 -30.66 -39.61 17.20
C ASP U 166 -31.34 -38.39 16.60
N PRO U 167 -32.22 -38.58 15.63
CA PRO U 167 -32.91 -37.42 14.99
C PRO U 167 -33.88 -36.72 15.92
N PHE U 168 -34.80 -37.47 16.53
CA PHE U 168 -35.79 -36.90 17.45
C PHE U 168 -35.11 -36.72 18.81
N GLY U 169 -34.24 -35.72 18.83
CA GLY U 169 -33.42 -35.36 19.95
C GLY U 169 -32.13 -34.84 19.39
N LYS U 170 -31.29 -34.29 20.28
CA LYS U 170 -30.00 -33.71 19.89
C LYS U 170 -30.16 -32.66 18.79
N ASN U 171 -31.21 -31.86 18.92
CA ASN U 171 -31.54 -30.80 17.98
C ASN U 171 -31.47 -29.46 18.71
N ILE U 172 -31.97 -28.41 18.07
CA ILE U 172 -31.94 -27.07 18.66
C ILE U 172 -32.74 -27.03 19.96
N THR U 173 -33.82 -27.79 20.05
CA THR U 173 -34.63 -27.80 21.27
C THR U 173 -33.87 -28.44 22.43
N TYR U 174 -33.27 -29.61 22.19
CA TYR U 174 -32.52 -30.29 23.24
C TYR U 174 -31.28 -29.50 23.65
N TYR U 175 -30.55 -28.97 22.68
CA TYR U 175 -29.33 -28.23 23.01
C TYR U 175 -29.64 -26.90 23.67
N LEU U 176 -30.76 -26.27 23.30
CA LEU U 176 -31.11 -25.01 23.95
C LEU U 176 -31.69 -25.24 25.34
N THR U 177 -32.28 -26.42 25.57
CA THR U 177 -32.83 -26.70 26.89
C THR U 177 -31.81 -27.39 27.80
N HIS U 178 -31.05 -28.35 27.28
CA HIS U 178 -30.04 -29.04 28.07
C HIS U 178 -28.69 -28.35 27.95
N LEU U 179 -28.72 -27.04 28.20
CA LEU U 179 -27.50 -26.23 28.12
C LEU U 179 -26.52 -26.53 29.26
N PRO U 180 -26.94 -26.68 30.54
CA PRO U 180 -25.92 -26.98 31.57
C PRO U 180 -25.24 -28.33 31.40
N GLU U 181 -25.93 -29.30 30.80
CA GLU U 181 -25.34 -30.62 30.61
C GLU U 181 -24.25 -30.59 29.55
N THR U 182 -24.33 -29.65 28.61
CA THR U 182 -23.33 -29.56 27.56
C THR U 182 -22.03 -28.96 28.10
N LEU U 183 -22.13 -28.03 29.04
CA LEU U 183 -20.94 -27.41 29.61
C LEU U 183 -20.47 -28.16 30.85
N LYS V 1 3.63 -69.83 -87.64
CA LYS V 1 2.79 -70.99 -87.37
C LYS V 1 3.62 -72.27 -87.38
N LYS V 2 4.83 -72.17 -87.93
CA LYS V 2 5.75 -73.29 -88.02
C LYS V 2 6.89 -73.11 -87.03
N VAL V 3 7.16 -74.16 -86.24
CA VAL V 3 8.23 -74.14 -85.26
C VAL V 3 9.46 -74.74 -85.93
N LYS V 4 10.47 -73.90 -86.15
CA LYS V 4 11.69 -74.34 -86.82
C LYS V 4 12.88 -73.64 -86.18
N ILE V 5 14.06 -73.87 -86.75
CA ILE V 5 15.30 -73.29 -86.26
C ILE V 5 15.69 -72.14 -87.18
N ALA V 6 15.29 -70.92 -86.82
CA ALA V 6 15.61 -69.72 -87.57
C ALA V 6 16.93 -69.19 -87.04
N VAL V 7 17.81 -68.73 -87.94
CA VAL V 7 19.12 -68.26 -87.52
C VAL V 7 19.71 -67.31 -88.56
N ASP V 8 20.69 -66.53 -88.13
CA ASP V 8 21.44 -65.59 -88.96
C ASP V 8 22.90 -65.99 -88.86
N ARG V 9 23.61 -65.95 -89.99
CA ARG V 9 25.02 -66.34 -90.03
C ARG V 9 25.93 -65.12 -89.97
N ASN V 10 26.96 -65.22 -89.12
CA ASN V 10 27.99 -64.21 -88.88
C ASN V 10 27.43 -62.79 -88.72
N PRO V 11 26.58 -62.54 -87.72
CA PRO V 11 26.03 -61.19 -87.56
C PRO V 11 27.06 -60.21 -87.01
N VAL V 12 27.85 -60.65 -86.04
CA VAL V 12 28.88 -59.83 -85.41
C VAL V 12 30.22 -60.52 -85.67
N GLU V 13 31.24 -59.73 -85.98
CA GLU V 13 32.55 -60.29 -86.26
C GLU V 13 33.39 -60.36 -84.99
N THR V 14 34.05 -61.49 -84.81
CA THR V 14 34.89 -61.71 -83.64
C THR V 14 36.16 -60.88 -83.79
N SER V 15 36.29 -59.83 -82.99
CA SER V 15 37.45 -58.97 -83.04
C SER V 15 37.64 -58.29 -81.69
N PHE V 16 38.84 -57.75 -81.49
CA PHE V 16 39.18 -57.05 -80.26
C PHE V 16 39.10 -55.54 -80.42
N GLU V 17 38.60 -55.08 -81.56
CA GLU V 17 38.49 -53.65 -81.85
C GLU V 17 37.62 -52.92 -80.84
N LYS V 18 36.51 -53.54 -80.43
CA LYS V 18 35.63 -52.90 -79.46
C LYS V 18 36.10 -53.05 -78.03
N TRP V 19 37.06 -53.95 -77.75
CA TRP V 19 37.56 -54.10 -76.39
C TRP V 19 38.34 -52.88 -75.95
N ALA V 20 38.94 -52.16 -76.90
CA ALA V 20 39.72 -50.96 -76.63
C ALA V 20 38.86 -49.71 -76.60
N LYS V 21 37.55 -49.84 -76.84
CA LYS V 21 36.63 -48.70 -76.85
C LYS V 21 35.59 -48.90 -75.75
N PRO V 22 35.85 -48.37 -74.56
CA PRO V 22 34.88 -48.52 -73.46
C PRO V 22 33.60 -47.74 -73.72
N GLY V 23 32.48 -48.30 -73.25
CA GLY V 23 31.19 -47.66 -73.41
C GLY V 23 30.65 -47.62 -74.82
N HIS V 24 31.04 -48.58 -75.66
CA HIS V 24 30.56 -48.59 -77.05
C HIS V 24 29.13 -49.06 -77.17
N PHE V 25 28.62 -49.77 -76.15
CA PHE V 25 27.27 -50.30 -76.21
C PHE V 25 26.20 -49.21 -76.21
N SER V 26 26.42 -48.12 -75.49
CA SER V 26 25.45 -47.04 -75.40
C SER V 26 25.90 -45.84 -76.21
N ARG V 27 24.94 -45.09 -76.74
CA ARG V 27 25.26 -43.91 -77.53
C ARG V 27 25.75 -42.77 -76.65
N THR V 28 25.35 -42.75 -75.39
CA THR V 28 25.78 -41.69 -74.49
C THR V 28 27.20 -41.90 -73.99
N LEU V 29 27.60 -43.16 -73.78
CA LEU V 29 28.94 -43.46 -73.29
C LEU V 29 29.96 -43.64 -74.40
N SER V 30 29.50 -43.73 -75.66
CA SER V 30 30.43 -43.91 -76.77
C SER V 30 31.31 -42.69 -77.02
N LYS V 31 30.90 -41.52 -76.52
CA LYS V 31 31.69 -40.31 -76.71
C LYS V 31 33.02 -40.38 -75.95
N GLY V 32 32.98 -40.90 -74.73
CA GLY V 32 34.17 -41.00 -73.93
C GLY V 32 33.99 -40.37 -72.57
N PRO V 33 34.98 -40.53 -71.69
CA PRO V 33 34.88 -39.95 -70.35
C PRO V 33 35.23 -38.47 -70.32
N ASN V 34 34.52 -37.74 -69.47
CA ASN V 34 34.76 -36.32 -69.27
C ASN V 34 34.73 -36.07 -67.78
N THR V 35 33.95 -36.88 -67.07
CA THR V 35 33.81 -36.81 -65.62
C THR V 35 33.84 -38.23 -65.08
N THR V 36 34.09 -38.34 -63.77
CA THR V 36 34.17 -39.65 -63.13
C THR V 36 32.84 -40.38 -63.15
N THR V 37 31.73 -39.63 -63.19
CA THR V 37 30.38 -40.19 -63.22
C THR V 37 30.23 -41.19 -64.36
N TRP V 38 30.82 -40.84 -65.52
CA TRP V 38 30.80 -41.67 -66.72
C TRP V 38 31.29 -43.07 -66.41
N ILE V 39 32.39 -43.17 -65.64
CA ILE V 39 32.96 -44.47 -65.29
C ILE V 39 31.92 -45.32 -64.58
N TRP V 40 31.24 -44.74 -63.59
CA TRP V 40 30.20 -45.48 -62.88
C TRP V 40 29.09 -45.87 -63.83
N ASN V 41 28.74 -44.97 -64.75
CA ASN V 41 27.71 -45.26 -65.73
C ASN V 41 28.13 -46.43 -66.60
N LEU V 42 29.42 -46.52 -66.91
CA LEU V 42 29.95 -47.60 -67.73
C LEU V 42 29.65 -48.95 -67.10
N HIS V 43 29.59 -49.02 -65.78
CA HIS V 43 29.27 -50.29 -65.13
C HIS V 43 27.79 -50.43 -64.83
N ALA V 44 27.05 -49.33 -64.77
CA ALA V 44 25.62 -49.41 -64.46
C ALA V 44 24.78 -49.81 -65.65
N ASP V 45 25.20 -49.48 -66.88
CA ASP V 45 24.46 -49.79 -68.08
C ASP V 45 25.11 -50.89 -68.89
N ALA V 46 25.99 -51.69 -68.28
CA ALA V 46 26.68 -52.75 -68.99
C ALA V 46 25.72 -53.85 -69.45
N HIS V 47 24.91 -54.38 -68.54
CA HIS V 47 23.96 -55.44 -68.86
C HIS V 47 22.58 -54.93 -69.21
N ASP V 48 22.39 -53.61 -69.23
CA ASP V 48 21.10 -53.03 -69.55
C ASP V 48 20.95 -53.13 -71.08
N PHE V 49 20.52 -54.31 -71.53
CA PHE V 49 20.42 -54.59 -72.97
C PHE V 49 19.26 -53.88 -73.65
N ASP V 50 18.16 -53.61 -72.95
CA ASP V 50 17.07 -52.92 -73.63
C ASP V 50 17.29 -51.42 -73.68
N SER V 51 18.45 -50.94 -73.22
CA SER V 51 18.78 -49.52 -73.28
C SER V 51 19.80 -49.24 -74.38
N HIS V 52 20.56 -50.26 -74.79
CA HIS V 52 21.54 -50.06 -75.86
C HIS V 52 20.82 -49.88 -77.20
N THR V 53 19.83 -50.71 -77.47
CA THR V 53 19.07 -50.64 -78.70
C THR V 53 17.63 -51.05 -78.42
N SER V 54 16.74 -50.67 -79.33
CA SER V 54 15.33 -50.99 -79.19
C SER V 54 14.94 -52.25 -79.95
N ASP V 55 15.88 -52.92 -80.61
CA ASP V 55 15.60 -54.14 -81.35
C ASP V 55 15.47 -55.29 -80.37
N LEU V 56 14.33 -55.98 -80.40
CA LEU V 56 14.10 -57.11 -79.50
C LEU V 56 14.98 -58.31 -79.85
N GLU V 57 15.31 -58.47 -81.13
CA GLU V 57 16.15 -59.58 -81.55
C GLU V 57 17.56 -59.45 -80.99
N GLU V 58 18.12 -58.24 -81.01
CA GLU V 58 19.44 -58.02 -80.46
C GLU V 58 19.47 -58.27 -78.97
N ILE V 59 18.42 -57.85 -78.26
CA ILE V 59 18.32 -58.06 -76.83
C ILE V 59 18.25 -59.55 -76.52
N SER V 60 17.44 -60.29 -77.27
CA SER V 60 17.30 -61.73 -77.03
C SER V 60 18.61 -62.46 -77.29
N ARG V 61 19.33 -62.10 -78.36
CA ARG V 61 20.61 -62.75 -78.66
C ARG V 61 21.62 -62.47 -77.57
N LYS V 62 21.67 -61.22 -77.09
CA LYS V 62 22.59 -60.87 -76.02
C LYS V 62 22.25 -61.62 -74.74
N VAL V 63 20.96 -61.83 -74.48
CA VAL V 63 20.52 -62.56 -73.30
C VAL V 63 20.97 -64.01 -73.38
N PHE V 64 20.84 -64.61 -74.57
CA PHE V 64 21.24 -66.00 -74.79
C PHE V 64 22.73 -66.18 -74.53
N SER V 65 23.55 -65.28 -75.08
CA SER V 65 24.99 -65.37 -74.87
C SER V 65 25.37 -65.10 -73.42
N ALA V 66 24.63 -64.20 -72.75
CA ALA V 66 24.90 -63.93 -71.35
C ALA V 66 24.61 -65.16 -70.50
N HIS V 67 23.55 -65.90 -70.87
CA HIS V 67 23.20 -67.12 -70.15
C HIS V 67 24.30 -68.16 -70.31
N PHE V 68 24.86 -68.26 -71.52
CA PHE V 68 25.94 -69.22 -71.75
C PHE V 68 27.18 -68.85 -70.94
N GLY V 69 27.50 -67.55 -70.89
CA GLY V 69 28.66 -67.13 -70.10
C GLY V 69 28.45 -67.39 -68.62
N GLN V 70 27.23 -67.18 -68.14
CA GLN V 70 26.91 -67.43 -66.74
C GLN V 70 27.06 -68.91 -66.41
N LEU V 71 26.55 -69.79 -67.29
CA LEU V 71 26.69 -71.22 -67.04
C LEU V 71 28.15 -71.64 -67.09
N GLY V 72 28.96 -70.97 -67.92
CA GLY V 72 30.38 -71.27 -67.94
C GLY V 72 31.03 -70.91 -66.62
N ILE V 73 30.61 -69.77 -66.04
CA ILE V 73 31.13 -69.35 -64.73
C ILE V 73 30.73 -70.36 -63.66
N ILE V 74 29.49 -70.82 -63.72
CA ILE V 74 28.99 -71.80 -62.74
C ILE V 74 29.75 -73.11 -62.87
N PHE V 75 30.05 -73.52 -64.11
CA PHE V 75 30.81 -74.76 -64.30
C PHE V 75 32.23 -74.61 -63.78
N ILE V 76 32.81 -73.42 -63.90
CA ILE V 76 34.15 -73.20 -63.35
C ILE V 76 34.09 -73.33 -61.83
N TRP V 77 33.04 -72.79 -61.22
CA TRP V 77 32.87 -72.86 -59.77
C TRP V 77 32.70 -74.30 -59.30
N LEU V 78 31.87 -75.09 -60.01
CA LEU V 78 31.68 -76.49 -59.64
C LEU V 78 32.95 -77.30 -59.83
N SER V 79 33.68 -77.04 -60.92
CA SER V 79 34.92 -77.75 -61.16
C SER V 79 35.93 -77.42 -60.08
N GLY V 80 35.89 -76.17 -59.59
CA GLY V 80 36.79 -75.79 -58.52
C GLY V 80 36.46 -76.50 -57.23
N MET V 81 35.17 -76.66 -56.94
CA MET V 81 34.78 -77.36 -55.71
C MET V 81 35.20 -78.82 -55.79
N TYR V 82 35.03 -79.45 -56.96
CA TYR V 82 35.44 -80.84 -57.11
C TYR V 82 36.95 -81.00 -57.05
N PHE V 83 37.69 -80.05 -57.63
CA PHE V 83 39.15 -80.12 -57.58
C PHE V 83 39.66 -79.92 -56.17
N HIS V 84 39.03 -79.01 -55.41
CA HIS V 84 39.44 -78.78 -54.03
C HIS V 84 39.11 -80.00 -53.19
N GLY V 85 38.01 -80.68 -53.49
CA GLY V 85 37.68 -81.89 -52.77
C GLY V 85 38.57 -83.05 -53.15
N ALA V 86 39.17 -83.01 -54.33
CA ALA V 86 40.05 -84.07 -54.80
C ALA V 86 41.51 -83.88 -54.45
N ARG V 87 41.97 -82.64 -54.21
CA ARG V 87 43.39 -82.45 -53.92
C ARG V 87 43.71 -81.73 -52.62
N PHE V 88 42.78 -80.94 -52.08
CA PHE V 88 43.02 -80.21 -50.84
C PHE V 88 41.96 -80.51 -49.81
N SER V 89 41.47 -81.75 -49.78
CA SER V 89 40.44 -82.11 -48.83
C SER V 89 40.77 -83.44 -48.16
N ASN V 90 39.95 -83.81 -47.19
CA ASN V 90 40.07 -85.05 -46.44
C ASN V 90 38.81 -85.90 -46.62
N TYR V 91 38.29 -85.93 -47.84
CA TYR V 91 37.08 -86.70 -48.14
C TYR V 91 37.31 -88.19 -47.97
N GLU V 92 38.49 -88.69 -48.37
CA GLU V 92 38.78 -90.10 -48.20
C GLU V 92 38.83 -90.48 -46.74
N ALA V 93 39.38 -89.60 -45.89
CA ALA V 93 39.42 -89.89 -44.46
C ALA V 93 38.04 -89.70 -43.85
N TRP V 94 37.28 -88.71 -44.33
CA TRP V 94 35.94 -88.47 -43.80
C TRP V 94 35.00 -89.63 -44.11
N LEU V 95 35.25 -90.33 -45.22
CA LEU V 95 34.40 -91.47 -45.56
C LEU V 95 34.54 -92.60 -44.54
N SER V 96 35.74 -92.78 -43.99
CA SER V 96 35.98 -93.82 -43.01
C SER V 96 35.45 -93.46 -41.63
N ASP V 97 35.21 -92.18 -41.36
CA ASP V 97 34.70 -91.72 -40.06
C ASP V 97 33.88 -90.46 -40.30
N PRO V 98 32.63 -90.61 -40.77
CA PRO V 98 31.81 -89.43 -41.02
C PRO V 98 31.14 -88.86 -39.78
N THR V 99 31.41 -89.40 -38.59
CA THR V 99 30.81 -88.89 -37.37
C THR V 99 31.82 -88.23 -36.44
N HIS V 100 33.11 -88.25 -36.76
CA HIS V 100 34.10 -87.64 -35.89
C HIS V 100 35.00 -86.67 -36.64
N ILE V 101 35.31 -86.99 -37.90
CA ILE V 101 36.18 -86.14 -38.71
C ILE V 101 35.35 -85.00 -39.31
N LYS V 102 35.82 -83.77 -39.12
CA LYS V 102 35.11 -82.61 -39.65
C LYS V 102 35.46 -82.42 -41.12
N PRO V 103 34.48 -82.12 -41.98
CA PRO V 103 34.78 -81.91 -43.40
C PRO V 103 35.63 -80.66 -43.61
N SER V 104 36.58 -80.75 -44.53
CA SER V 104 37.46 -79.62 -44.83
C SER V 104 37.97 -79.77 -46.25
N ALA V 105 37.99 -78.66 -46.99
CA ALA V 105 38.46 -78.69 -48.37
C ALA V 105 39.26 -77.46 -48.76
N GLN V 106 39.79 -76.72 -47.79
CA GLN V 106 40.59 -75.52 -48.10
C GLN V 106 41.77 -75.45 -47.17
N VAL V 107 42.95 -75.26 -47.76
CA VAL V 107 44.21 -75.15 -47.04
C VAL V 107 44.75 -73.75 -47.32
N VAL V 108 45.51 -73.21 -46.36
CA VAL V 108 46.10 -71.88 -46.52
C VAL V 108 47.62 -72.02 -46.54
N TRP V 109 48.26 -71.09 -47.23
CA TRP V 109 49.71 -71.09 -47.34
C TRP V 109 50.35 -70.52 -46.08
N PRO V 110 51.48 -71.07 -45.61
CA PRO V 110 52.12 -70.56 -44.39
C PRO V 110 52.80 -69.21 -44.60
N ILE V 111 51.99 -68.16 -44.58
CA ILE V 111 52.45 -66.78 -44.78
C ILE V 111 51.76 -65.90 -43.76
N VAL V 112 52.49 -64.86 -43.31
CA VAL V 112 52.12 -63.83 -42.32
C VAL V 112 51.35 -64.35 -41.12
N GLY V 113 51.58 -65.60 -40.74
CA GLY V 113 50.92 -66.18 -39.59
C GLY V 113 49.51 -66.69 -39.80
N GLN V 114 49.06 -66.82 -41.04
CA GLN V 114 47.70 -67.32 -41.27
C GLN V 114 47.59 -68.83 -41.12
N GLU V 115 48.71 -69.54 -40.95
CA GLU V 115 48.69 -70.99 -40.81
C GLU V 115 47.90 -71.46 -39.60
N ILE V 116 47.58 -70.55 -38.66
CA ILE V 116 46.78 -70.89 -37.50
C ILE V 116 45.36 -71.26 -37.92
N LEU V 117 44.92 -70.80 -39.11
CA LEU V 117 43.59 -71.12 -39.60
C LEU V 117 43.48 -72.58 -40.04
N ASN V 118 44.62 -73.25 -40.25
CA ASN V 118 44.65 -74.65 -40.65
C ASN V 118 44.43 -75.49 -39.39
N GLY V 119 43.18 -75.50 -38.93
CA GLY V 119 42.85 -76.25 -37.74
C GLY V 119 42.80 -77.74 -37.98
N ASP V 120 42.94 -78.48 -36.89
CA ASP V 120 42.93 -79.94 -36.91
C ASP V 120 41.49 -80.40 -37.09
N VAL V 121 41.10 -80.59 -38.35
CA VAL V 121 39.75 -81.03 -38.67
C VAL V 121 39.54 -82.52 -38.51
N GLY V 122 40.62 -83.28 -38.31
CA GLY V 122 40.51 -84.72 -38.14
C GLY V 122 41.03 -85.49 -39.34
N GLY V 123 41.28 -86.78 -39.11
CA GLY V 123 41.78 -87.66 -40.15
C GLY V 123 43.17 -87.35 -40.65
N GLY V 124 44.03 -86.78 -39.80
CA GLY V 124 45.38 -86.45 -40.23
C GLY V 124 45.43 -85.33 -41.25
N PHE V 125 44.61 -84.30 -41.06
CA PHE V 125 44.53 -83.17 -41.97
C PHE V 125 44.41 -81.88 -41.19
N GLN V 126 44.84 -80.78 -41.80
CA GLN V 126 44.78 -79.45 -41.22
C GLN V 126 44.22 -78.49 -42.25
N GLY V 127 43.05 -77.93 -41.98
CA GLY V 127 42.46 -77.01 -42.92
C GLY V 127 41.35 -76.20 -42.31
N ILE V 128 40.42 -75.77 -43.16
CA ILE V 128 39.28 -74.96 -42.77
C ILE V 128 38.03 -75.80 -42.89
N GLN V 129 37.25 -75.89 -41.81
CA GLN V 129 36.03 -76.68 -41.82
C GLN V 129 34.99 -76.04 -42.74
N ILE V 130 34.60 -76.77 -43.75
CA ILE V 130 33.61 -76.31 -44.73
C ILE V 130 32.21 -76.63 -44.24
N THR V 131 31.25 -75.84 -44.73
CA THR V 131 29.85 -75.99 -44.38
C THR V 131 28.96 -76.09 -45.61
N SER V 132 29.55 -76.27 -46.79
CA SER V 132 28.75 -76.36 -48.01
C SER V 132 28.06 -77.71 -48.15
N GLY V 133 28.48 -78.72 -47.40
CA GLY V 133 27.85 -80.02 -47.51
C GLY V 133 28.23 -80.82 -48.72
N PHE V 134 29.38 -80.53 -49.32
CA PHE V 134 29.79 -81.27 -50.50
C PHE V 134 30.21 -82.70 -50.16
N PHE V 135 30.75 -82.91 -48.96
CA PHE V 135 31.17 -84.25 -48.55
C PHE V 135 30.00 -85.20 -48.48
N GLN V 136 28.89 -84.74 -47.88
CA GLN V 136 27.69 -85.55 -47.77
C GLN V 136 27.07 -85.82 -49.14
N LEU V 137 27.11 -84.82 -50.03
CA LEU V 137 26.57 -84.99 -51.37
C LEU V 137 27.39 -85.99 -52.17
N TRP V 138 28.72 -85.95 -52.02
CA TRP V 138 29.58 -86.89 -52.73
C TRP V 138 29.40 -88.29 -52.16
N ARG V 139 29.15 -88.38 -50.85
CA ARG V 139 28.91 -89.69 -50.23
C ARG V 139 27.59 -90.27 -50.71
N ALA V 140 26.60 -89.40 -50.93
CA ALA V 140 25.29 -89.83 -51.40
C ALA V 140 25.34 -90.35 -52.83
N SER V 141 26.19 -89.75 -53.66
CA SER V 141 26.30 -90.17 -55.06
C SER V 141 27.19 -91.41 -55.23
N GLY V 142 27.86 -91.86 -54.18
CA GLY V 142 28.70 -93.02 -54.27
C GLY V 142 30.16 -92.76 -54.55
N ILE V 143 30.62 -91.51 -54.43
CA ILE V 143 32.03 -91.20 -54.68
C ILE V 143 32.86 -91.72 -53.51
N THR V 144 33.87 -92.54 -53.82
CA THR V 144 34.72 -93.13 -52.81
C THR V 144 36.21 -92.84 -52.96
N SER V 145 36.61 -91.99 -53.90
CA SER V 145 38.03 -91.72 -54.08
C SER V 145 38.24 -90.34 -54.70
N GLU V 146 39.47 -89.82 -54.52
CA GLU V 146 39.83 -88.51 -55.05
C GLU V 146 39.94 -88.51 -56.57
N LEU V 147 40.17 -89.68 -57.18
CA LEU V 147 40.28 -89.75 -58.63
C LEU V 147 38.96 -89.41 -59.30
N GLN V 148 37.84 -89.87 -58.73
CA GLN V 148 36.53 -89.56 -59.29
C GLN V 148 36.22 -88.07 -59.22
N LEU V 149 36.59 -87.43 -58.11
CA LEU V 149 36.38 -86.00 -57.97
C LEU V 149 37.29 -85.22 -58.91
N TYR V 150 38.51 -85.70 -59.12
CA TYR V 150 39.43 -85.02 -60.03
C TYR V 150 38.92 -85.12 -61.46
N THR V 151 38.39 -86.29 -61.83
CA THR V 151 37.83 -86.47 -63.16
C THR V 151 36.60 -85.59 -63.35
N THR V 152 35.80 -85.43 -62.29
CA THR V 152 34.64 -84.57 -62.36
C THR V 152 35.07 -83.11 -62.51
N ALA V 153 36.19 -82.73 -61.89
CA ALA V 153 36.69 -81.37 -62.04
C ALA V 153 37.14 -81.12 -63.47
N ILE V 154 37.81 -82.10 -64.07
CA ILE V 154 38.25 -81.95 -65.47
C ILE V 154 37.04 -81.87 -66.39
N GLY V 155 36.02 -82.69 -66.12
CA GLY V 155 34.82 -82.64 -66.93
C GLY V 155 34.10 -81.31 -66.78
N GLY V 156 34.14 -80.73 -65.58
CA GLY V 156 33.52 -79.44 -65.36
C GLY V 156 34.24 -78.34 -66.11
N LEU V 157 35.57 -78.42 -66.16
CA LEU V 157 36.34 -77.43 -66.91
C LEU V 157 36.03 -77.53 -68.40
N VAL V 158 35.89 -78.76 -68.90
CA VAL V 158 35.55 -78.97 -70.31
C VAL V 158 34.16 -78.41 -70.59
N MET V 159 33.22 -78.63 -69.67
CA MET V 159 31.86 -78.11 -69.83
C MET V 159 31.86 -76.58 -69.80
N ALA V 160 32.75 -75.98 -69.00
CA ALA V 160 32.83 -74.52 -68.95
C ALA V 160 33.33 -73.97 -70.27
N ALA V 161 34.34 -74.63 -70.86
CA ALA V 161 34.85 -74.21 -72.15
C ALA V 161 33.78 -74.38 -73.22
N ALA V 162 32.97 -75.44 -73.11
CA ALA V 162 31.91 -75.68 -74.07
C ALA V 162 30.82 -74.61 -73.96
N MET V 163 30.49 -74.20 -72.73
CA MET V 163 29.50 -73.15 -72.54
C MET V 163 29.98 -71.82 -73.11
N PHE V 164 31.26 -71.49 -72.90
CA PHE V 164 31.79 -70.25 -73.44
C PHE V 164 31.81 -70.29 -74.96
N PHE V 165 32.21 -71.43 -75.54
CA PHE V 165 32.22 -71.57 -76.98
C PHE V 165 30.81 -71.47 -77.54
N ALA V 166 29.82 -72.01 -76.81
CA ALA V 166 28.43 -71.94 -77.24
C ALA V 166 27.95 -70.49 -77.26
N GLY V 167 28.34 -69.72 -76.25
CA GLY V 167 27.94 -68.32 -76.23
C GLY V 167 28.56 -67.53 -77.37
N TRP V 168 29.85 -67.76 -77.62
CA TRP V 168 30.52 -67.07 -78.71
C TRP V 168 29.92 -67.48 -80.06
N PHE V 169 29.63 -68.77 -80.23
CA PHE V 169 29.06 -69.27 -81.47
C PHE V 169 27.67 -68.71 -81.72
N HIS V 170 26.84 -68.66 -80.67
CA HIS V 170 25.50 -68.14 -80.86
C HIS V 170 25.46 -66.63 -80.96
N TYR V 171 26.55 -65.94 -80.65
CA TYR V 171 26.51 -64.50 -80.83
C TYR V 171 27.21 -64.03 -82.09
N HIS V 172 28.28 -64.71 -82.52
CA HIS V 172 29.03 -64.28 -83.68
C HIS V 172 28.98 -65.21 -84.88
N LYS V 173 28.47 -66.43 -84.75
CA LYS V 173 28.46 -67.34 -85.89
C LYS V 173 27.05 -67.76 -86.31
N ALA V 174 26.18 -68.06 -85.36
CA ALA V 174 24.82 -68.49 -85.67
C ALA V 174 23.89 -67.92 -84.60
N ALA V 175 23.35 -66.73 -84.84
CA ALA V 175 22.46 -66.09 -83.89
C ALA V 175 21.01 -66.35 -84.24
N PRO V 176 20.22 -66.96 -83.36
CA PRO V 176 18.82 -67.24 -83.69
C PRO V 176 18.00 -65.97 -83.85
N LYS V 177 16.97 -66.06 -84.70
CA LYS V 177 16.08 -64.95 -84.97
C LYS V 177 15.12 -64.75 -83.80
N LEU V 178 14.32 -63.68 -83.89
CA LEU V 178 13.36 -63.38 -82.83
C LEU V 178 12.22 -64.39 -82.81
N GLU V 179 11.88 -64.95 -83.97
CA GLU V 179 10.79 -65.93 -84.00
C GLU V 179 11.19 -67.24 -83.32
N TRP V 180 12.50 -67.52 -83.24
CA TRP V 180 12.95 -68.73 -82.59
C TRP V 180 12.82 -68.60 -81.07
N PHE V 181 13.05 -67.40 -80.55
CA PHE V 181 12.95 -67.16 -79.12
C PHE V 181 11.51 -67.11 -78.65
N GLN V 182 10.58 -66.72 -79.51
CA GLN V 182 9.17 -66.60 -79.15
C GLN V 182 8.40 -67.91 -79.25
N ASN V 183 9.06 -69.06 -79.34
CA ASN V 183 8.38 -70.35 -79.39
C ASN V 183 8.27 -70.88 -77.96
N VAL V 184 7.43 -70.19 -77.18
CA VAL V 184 7.25 -70.53 -75.78
C VAL V 184 6.57 -71.89 -75.60
N GLU V 185 5.73 -72.31 -76.55
CA GLU V 185 5.09 -73.61 -76.44
C GLU V 185 6.11 -74.72 -76.56
N SER V 186 6.95 -74.63 -77.60
CA SER V 186 8.00 -75.62 -77.81
C SER V 186 9.02 -75.57 -76.69
N MET V 187 9.35 -74.36 -76.23
CA MET V 187 10.31 -74.20 -75.15
C MET V 187 9.82 -74.86 -73.87
N LEU V 188 8.55 -74.65 -73.54
CA LEU V 188 7.99 -75.25 -72.33
C LEU V 188 7.90 -76.75 -72.48
N ASN V 189 7.54 -77.25 -73.66
CA ASN V 189 7.47 -78.69 -73.88
C ASN V 189 8.82 -79.34 -73.67
N HIS V 190 9.88 -78.70 -74.17
CA HIS V 190 11.22 -79.25 -74.02
C HIS V 190 11.73 -79.14 -72.59
N HIS V 191 11.53 -77.99 -71.95
CA HIS V 191 12.00 -77.82 -70.58
C HIS V 191 11.25 -78.74 -69.62
N LEU V 192 10.00 -79.07 -69.94
CA LEU V 192 9.25 -79.96 -69.07
C LEU V 192 9.65 -81.41 -69.31
N GLY V 193 9.56 -81.87 -70.56
CA GLY V 193 9.94 -83.23 -70.85
C GLY V 193 11.44 -83.45 -70.80
N GLY V 194 12.17 -82.93 -71.79
CA GLY V 194 13.60 -83.11 -71.88
C GLY V 194 14.42 -82.72 -70.67
N LEU V 195 14.52 -81.43 -70.35
CA LEU V 195 15.33 -80.99 -69.22
C LEU V 195 14.96 -81.62 -67.89
N LEU V 196 13.79 -81.31 -67.34
CA LEU V 196 13.39 -81.84 -66.05
C LEU V 196 13.15 -83.36 -66.06
N GLY V 197 12.33 -83.86 -66.98
CA GLY V 197 12.04 -85.28 -66.99
C GLY V 197 13.26 -86.15 -67.29
N LEU V 198 14.03 -85.80 -68.33
CA LEU V 198 15.20 -86.59 -68.65
C LEU V 198 16.28 -86.45 -67.58
N GLY V 199 16.40 -85.27 -66.95
CA GLY V 199 17.39 -85.13 -65.89
C GLY V 199 17.02 -85.96 -64.68
N SER V 200 15.73 -85.99 -64.32
CA SER V 200 15.30 -86.80 -63.20
C SER V 200 15.43 -88.28 -63.51
N LEU V 201 15.16 -88.67 -64.75
CA LEU V 201 15.30 -90.08 -65.14
C LEU V 201 16.76 -90.51 -65.13
N ALA V 202 17.65 -89.65 -65.62
CA ALA V 202 19.08 -89.97 -65.63
C ALA V 202 19.61 -90.05 -64.21
N TRP V 203 19.19 -89.14 -63.34
CA TRP V 203 19.64 -89.20 -61.96
C TRP V 203 19.06 -90.41 -61.26
N ALA V 204 17.84 -90.82 -61.65
CA ALA V 204 17.25 -92.02 -61.06
C ALA V 204 18.04 -93.25 -61.47
N GLY V 205 18.49 -93.27 -62.73
CA GLY V 205 19.30 -94.39 -63.19
C GLY V 205 20.64 -94.45 -62.47
N HIS V 206 21.27 -93.29 -62.24
CA HIS V 206 22.53 -93.28 -61.53
C HIS V 206 22.34 -93.69 -60.08
N GLN V 207 21.26 -93.22 -59.44
CA GLN V 207 21.00 -93.58 -58.06
C GLN V 207 20.72 -95.06 -57.91
N ILE V 208 19.98 -95.64 -58.86
CA ILE V 208 19.66 -97.06 -58.80
C ILE V 208 20.90 -97.91 -59.06
N HIS V 209 21.73 -97.51 -60.01
CA HIS V 209 22.91 -98.31 -60.35
C HIS V 209 24.18 -97.94 -59.61
N VAL V 210 24.29 -96.77 -58.99
CA VAL V 210 25.53 -96.45 -58.31
C VAL V 210 25.32 -96.05 -56.85
N SER V 211 24.47 -95.05 -56.61
CA SER V 211 24.25 -94.57 -55.25
C SER V 211 23.66 -95.64 -54.35
N LEU V 212 22.63 -96.35 -54.83
CA LEU V 212 22.01 -97.38 -54.00
C LEU V 212 22.95 -98.51 -53.60
N PRO V 213 23.66 -99.22 -54.51
CA PRO V 213 24.53 -100.30 -54.00
C PRO V 213 25.74 -99.82 -53.24
N VAL V 214 26.40 -98.74 -53.68
CA VAL V 214 27.58 -98.25 -52.96
C VAL V 214 27.21 -97.77 -51.57
N ASN V 215 26.14 -96.98 -51.46
CA ASN V 215 25.72 -96.49 -50.16
C ASN V 215 25.19 -97.61 -49.28
N LYS V 216 24.54 -98.62 -49.89
CA LYS V 216 24.07 -99.76 -49.10
C LYS V 216 25.25 -100.52 -48.50
N LEU V 217 26.31 -100.66 -49.29
CA LEU V 217 27.50 -101.35 -48.78
C LEU V 217 28.20 -100.50 -47.72
N LEU V 218 28.20 -99.17 -47.89
CA LEU V 218 28.80 -98.28 -46.91
C LEU V 218 28.04 -98.36 -45.59
N ASP V 219 26.72 -98.48 -45.66
CA ASP V 219 25.90 -98.59 -44.46
C ASP V 219 25.95 -100.01 -43.89
N ALA V 220 26.46 -100.97 -44.68
CA ALA V 220 26.59 -102.34 -44.22
C ALA V 220 27.91 -102.59 -43.50
N GLY V 221 28.77 -101.58 -43.39
CA GLY V 221 30.04 -101.72 -42.73
C GLY V 221 31.23 -102.06 -43.61
N VAL V 222 31.05 -102.08 -44.93
CA VAL V 222 32.14 -102.41 -45.83
C VAL V 222 33.08 -101.22 -45.96
N ASP V 223 34.39 -101.51 -45.97
CA ASP V 223 35.40 -100.47 -46.11
C ASP V 223 35.26 -99.85 -47.51
N PRO V 224 35.53 -98.54 -47.64
CA PRO V 224 35.39 -97.90 -48.97
C PRO V 224 36.36 -98.44 -50.03
N LYS V 225 37.48 -99.02 -49.62
CA LYS V 225 38.40 -99.56 -50.62
C LYS V 225 37.91 -100.91 -51.15
N GLU V 226 37.21 -101.68 -50.32
CA GLU V 226 36.74 -102.99 -50.75
C GLU V 226 35.41 -102.94 -51.49
N ILE V 227 34.76 -101.79 -51.55
CA ILE V 227 33.48 -101.69 -52.26
C ILE V 227 33.75 -101.74 -53.76
N PRO V 228 32.96 -102.50 -54.54
CA PRO V 228 33.18 -102.58 -55.98
C PRO V 228 32.99 -101.22 -56.65
N LEU V 229 33.72 -101.02 -57.74
CA LEU V 229 33.64 -99.78 -58.48
C LEU V 229 32.26 -99.66 -59.13
N PRO V 230 31.80 -98.44 -59.43
CA PRO V 230 30.48 -98.28 -60.05
C PRO V 230 30.32 -99.01 -61.36
N HIS V 231 31.37 -99.04 -62.18
CA HIS V 231 31.27 -99.76 -63.44
C HIS V 231 31.20 -101.26 -63.20
N ASP V 232 31.80 -101.74 -62.11
CA ASP V 232 31.73 -103.17 -61.79
C ASP V 232 30.29 -103.55 -61.49
N LEU V 233 29.59 -102.68 -60.76
CA LEU V 233 28.18 -102.91 -60.45
C LEU V 233 27.32 -102.75 -61.68
N LEU V 234 27.73 -101.90 -62.61
CA LEU V 234 26.99 -101.65 -63.84
C LEU V 234 27.27 -102.68 -64.94
N LEU V 235 28.29 -103.52 -64.78
CA LEU V 235 28.65 -104.50 -65.79
C LEU V 235 28.09 -105.90 -65.54
N ASN V 236 28.02 -106.36 -64.30
CA ASN V 236 27.51 -107.70 -64.03
C ASN V 236 26.24 -107.64 -63.19
N ARG V 237 25.38 -108.63 -63.39
CA ARG V 237 24.12 -108.74 -62.69
C ARG V 237 24.22 -109.54 -61.39
N ALA V 238 25.36 -110.20 -61.16
CA ALA V 238 25.52 -111.01 -59.95
C ALA V 238 25.56 -110.17 -58.69
N ILE V 239 26.40 -109.12 -58.68
CA ILE V 239 26.54 -108.27 -57.50
C ILE V 239 25.24 -107.54 -57.21
N MET V 240 24.62 -107.00 -58.26
CA MET V 240 23.36 -106.29 -58.08
C MET V 240 22.25 -107.24 -57.64
N ALA V 241 22.26 -108.48 -58.16
CA ALA V 241 21.25 -109.45 -57.77
C ALA V 241 21.45 -109.86 -56.31
N ASP V 242 22.70 -109.89 -55.85
CA ASP V 242 22.96 -110.23 -54.45
C ASP V 242 22.51 -109.11 -53.53
N LEU V 243 22.78 -107.86 -53.93
CA LEU V 243 22.37 -106.73 -53.10
C LEU V 243 20.88 -106.47 -53.23
N TYR V 244 20.30 -106.75 -54.40
CA TYR V 244 18.88 -106.54 -54.66
C TYR V 244 18.40 -107.70 -55.52
N PRO V 245 17.60 -108.63 -54.98
CA PRO V 245 17.14 -109.79 -55.77
C PRO V 245 16.33 -109.42 -57.01
N SER V 246 15.66 -108.26 -57.00
CA SER V 246 14.86 -107.85 -58.16
C SER V 246 15.72 -107.67 -59.40
N PHE V 247 17.01 -107.39 -59.23
CA PHE V 247 17.89 -107.22 -60.37
C PHE V 247 18.12 -108.53 -61.11
N ALA V 248 17.85 -109.67 -60.46
CA ALA V 248 18.04 -110.95 -61.13
C ALA V 248 16.99 -111.18 -62.21
N LYS V 249 15.93 -110.39 -62.22
CA LYS V 249 14.88 -110.51 -63.23
C LYS V 249 15.07 -109.56 -64.41
N GLY V 250 16.09 -108.71 -64.37
CA GLY V 250 16.34 -107.79 -65.46
C GLY V 250 15.31 -106.68 -65.55
N ILE V 251 15.05 -106.24 -66.78
CA ILE V 251 14.07 -105.18 -67.01
C ILE V 251 12.73 -105.80 -67.39
N ALA V 252 12.63 -107.12 -67.29
CA ALA V 252 11.38 -107.82 -67.59
C ALA V 252 10.20 -107.39 -66.73
N PRO V 253 10.31 -107.19 -65.40
CA PRO V 253 9.13 -106.77 -64.64
C PRO V 253 8.62 -105.38 -65.02
N PHE V 254 9.47 -104.55 -65.62
CA PHE V 254 9.02 -103.22 -66.01
C PHE V 254 8.08 -103.28 -67.21
N PHE V 255 8.41 -104.08 -68.21
CA PHE V 255 7.59 -104.18 -69.41
C PHE V 255 6.37 -105.07 -69.23
N THR V 256 6.37 -105.95 -68.22
CA THR V 256 5.24 -106.83 -67.99
C THR V 256 4.26 -106.26 -66.98
N LEU V 257 4.44 -104.99 -66.59
CA LEU V 257 3.60 -104.29 -65.62
C LEU V 257 3.61 -105.01 -64.28
N ASN V 258 4.76 -105.54 -63.92
CA ASN V 258 5.00 -106.24 -62.67
C ASN V 258 6.00 -105.45 -61.85
N TRP V 259 5.75 -104.13 -61.75
CA TRP V 259 6.64 -103.22 -61.04
C TRP V 259 6.77 -103.58 -59.56
N SER V 260 5.79 -104.32 -59.01
CA SER V 260 5.85 -104.73 -57.61
C SER V 260 7.06 -105.60 -57.31
N GLU V 261 7.65 -106.23 -58.34
CA GLU V 261 8.84 -107.05 -58.14
C GLU V 261 10.04 -106.20 -57.74
N TYR V 262 10.02 -104.91 -58.10
CA TYR V 262 11.07 -103.96 -57.78
C TYR V 262 10.88 -103.32 -56.41
N SER V 263 10.18 -104.00 -55.49
CA SER V 263 9.91 -103.46 -54.17
C SER V 263 11.10 -103.52 -53.22
N ASP V 264 12.33 -103.68 -53.71
CA ASP V 264 13.48 -103.71 -52.82
C ASP V 264 14.32 -102.45 -52.94
N PHE V 265 14.18 -101.72 -54.04
CA PHE V 265 14.93 -100.48 -54.24
C PHE V 265 14.00 -99.32 -54.63
N LEU V 266 12.69 -99.56 -54.64
CA LEU V 266 11.69 -98.53 -54.95
C LEU V 266 10.59 -98.70 -53.90
N THR V 267 10.75 -98.03 -52.75
CA THR V 267 9.78 -98.15 -51.67
C THR V 267 9.34 -96.78 -51.14
N PHE V 268 8.56 -96.84 -50.08
CA PHE V 268 8.01 -95.74 -49.29
C PHE V 268 8.38 -95.92 -47.83
N LYS V 269 9.68 -96.12 -47.57
CA LYS V 269 10.15 -96.32 -46.20
C LYS V 269 9.83 -95.12 -45.32
N GLY V 270 10.08 -93.92 -45.80
CA GLY V 270 9.80 -92.73 -45.02
C GLY V 270 10.76 -92.58 -43.85
N GLY V 271 10.59 -91.47 -43.14
CA GLY V 271 11.45 -91.21 -41.99
C GLY V 271 12.89 -90.98 -42.43
N LEU V 272 13.82 -91.51 -41.65
CA LEU V 272 15.24 -91.35 -41.93
C LEU V 272 15.98 -92.65 -41.69
N ASN V 273 17.15 -92.76 -42.30
CA ASN V 273 18.01 -93.92 -42.14
C ASN V 273 18.58 -93.91 -40.73
N PRO V 274 18.40 -94.97 -39.94
CA PRO V 274 18.94 -94.96 -38.57
C PRO V 274 20.44 -95.02 -38.49
N VAL V 275 21.14 -95.38 -39.57
CA VAL V 275 22.59 -95.46 -39.52
C VAL V 275 23.21 -94.12 -39.92
N THR V 276 22.78 -93.57 -41.05
CA THR V 276 23.33 -92.32 -41.56
C THR V 276 22.58 -91.07 -41.09
N GLY V 277 21.29 -91.17 -40.80
CA GLY V 277 20.54 -90.01 -40.40
C GLY V 277 19.83 -89.29 -41.52
N GLY V 278 20.15 -89.60 -42.78
CA GLY V 278 19.53 -88.99 -43.93
C GLY V 278 18.40 -89.84 -44.48
N LEU V 279 17.78 -89.31 -45.54
CA LEU V 279 16.67 -90.00 -46.19
C LEU V 279 17.15 -91.27 -46.89
N TRP V 280 16.25 -92.23 -47.02
CA TRP V 280 16.58 -93.48 -47.68
C TRP V 280 16.79 -93.22 -49.17
N LEU V 281 17.92 -93.68 -49.71
CA LEU V 281 18.19 -93.44 -51.12
C LEU V 281 17.25 -94.26 -52.01
N SER V 282 16.68 -95.34 -51.50
CA SER V 282 15.72 -96.10 -52.28
C SER V 282 14.48 -95.25 -52.52
N ASP V 283 14.07 -94.51 -51.49
CA ASP V 283 12.93 -93.61 -51.61
C ASP V 283 13.24 -92.47 -52.55
N THR V 284 14.47 -91.95 -52.52
CA THR V 284 14.83 -90.85 -53.43
C THR V 284 14.87 -91.34 -54.86
N ALA V 285 15.33 -92.59 -55.08
CA ALA V 285 15.36 -93.14 -56.43
C ALA V 285 13.95 -93.32 -56.95
N HIS V 286 13.05 -93.84 -56.11
CA HIS V 286 11.66 -94.00 -56.51
C HIS V 286 11.02 -92.63 -56.77
N HIS V 287 11.42 -91.65 -55.98
CA HIS V 287 10.96 -90.29 -56.12
C HIS V 287 11.36 -89.71 -57.46
N HIS V 288 12.62 -89.90 -57.85
CA HIS V 288 13.11 -89.39 -59.11
C HIS V 288 12.45 -90.10 -60.29
N VAL V 289 12.14 -91.38 -60.14
CA VAL V 289 11.46 -92.12 -61.20
C VAL V 289 10.06 -91.54 -61.42
N ALA V 290 9.33 -91.33 -60.33
CA ALA V 290 7.98 -90.75 -60.42
C ALA V 290 8.02 -89.33 -60.96
N ILE V 291 9.00 -88.54 -60.53
CA ILE V 291 9.16 -87.16 -60.99
C ILE V 291 9.46 -87.13 -62.47
N ALA V 292 10.32 -88.04 -62.94
CA ALA V 292 10.66 -88.12 -64.35
C ALA V 292 9.44 -88.47 -65.19
N VAL V 293 8.63 -89.43 -64.73
CA VAL V 293 7.44 -89.81 -65.48
C VAL V 293 6.44 -88.66 -65.52
N LEU V 294 6.26 -87.98 -64.40
CA LEU V 294 5.34 -86.84 -64.35
C LEU V 294 5.77 -85.70 -65.27
N PHE V 295 7.07 -85.35 -65.24
CA PHE V 295 7.53 -84.27 -66.10
C PHE V 295 7.53 -84.68 -67.57
N LEU V 296 7.82 -85.95 -67.86
CA LEU V 296 7.78 -86.39 -69.25
C LEU V 296 6.35 -86.35 -69.76
N VAL V 297 5.38 -86.69 -68.91
CA VAL V 297 3.98 -86.62 -69.30
C VAL V 297 3.58 -85.17 -69.54
N ALA V 298 3.98 -84.27 -68.63
CA ALA V 298 3.67 -82.86 -68.78
C ALA V 298 4.35 -82.21 -69.98
N GLY V 299 5.43 -82.80 -70.47
CA GLY V 299 6.14 -82.25 -71.62
C GLY V 299 5.45 -82.41 -72.96
N HIS V 300 4.26 -82.98 -73.00
CA HIS V 300 3.50 -83.18 -74.24
C HIS V 300 2.15 -82.50 -74.14
N MET V 301 2.14 -81.29 -73.60
CA MET V 301 0.93 -80.53 -73.39
C MET V 301 0.67 -79.47 -74.45
N TYR V 302 1.68 -78.70 -74.85
CA TYR V 302 1.50 -77.64 -75.82
C TYR V 302 1.76 -78.10 -77.25
N ARG V 303 1.02 -77.50 -78.19
CA ARG V 303 1.18 -77.85 -79.60
C ARG V 303 2.40 -77.14 -80.15
N THR V 304 3.17 -77.84 -80.99
CA THR V 304 4.38 -77.29 -81.57
C THR V 304 4.31 -77.21 -83.09
N ASN V 305 4.18 -78.34 -83.78
CA ASN V 305 4.12 -78.38 -85.22
C ASN V 305 3.03 -79.31 -85.72
N TRP V 306 2.31 -79.95 -84.82
CA TRP V 306 1.23 -80.86 -85.15
C TRP V 306 -0.05 -80.32 -84.53
N GLY V 307 -1.17 -80.95 -84.88
CA GLY V 307 -2.46 -80.50 -84.38
C GLY V 307 -2.66 -80.73 -82.90
N ILE V 308 -2.18 -81.86 -82.37
CA ILE V 308 -2.35 -82.16 -80.96
C ILE V 308 -1.56 -81.17 -80.11
N GLY V 309 -2.07 -80.90 -78.91
CA GLY V 309 -1.43 -79.98 -77.99
C GLY V 309 -2.28 -78.74 -77.76
N HIS V 310 -1.76 -77.85 -76.92
CA HIS V 310 -2.45 -76.62 -76.59
C HIS V 310 -1.73 -75.39 -77.10
N SER V 311 -2.48 -74.31 -77.13
CA SER V 311 -2.02 -72.98 -77.50
C SER V 311 -2.27 -72.19 -76.22
N MET V 312 -1.21 -71.63 -75.63
CA MET V 312 -1.37 -70.89 -74.39
C MET V 312 -2.24 -69.66 -74.54
N LYS V 313 -2.25 -69.05 -75.73
CA LYS V 313 -3.09 -67.89 -75.96
C LYS V 313 -4.56 -68.28 -75.91
N GLU V 314 -4.88 -69.46 -76.42
CA GLU V 314 -6.27 -69.93 -76.40
C GLU V 314 -6.72 -70.19 -74.97
N ILE V 315 -5.88 -70.81 -74.15
CA ILE V 315 -6.23 -71.09 -72.76
C ILE V 315 -6.37 -69.80 -71.98
N LEU V 316 -5.49 -68.83 -72.23
CA LEU V 316 -5.56 -67.56 -71.53
C LEU V 316 -6.82 -66.80 -71.91
N GLU V 317 -7.19 -66.82 -73.20
CA GLU V 317 -8.38 -66.11 -73.62
C GLU V 317 -9.66 -66.82 -73.19
N ALA V 318 -9.58 -68.14 -72.95
CA ALA V 318 -10.78 -68.87 -72.54
C ALA V 318 -11.12 -68.66 -71.07
N HIS V 319 -10.19 -68.09 -70.28
CA HIS V 319 -10.41 -67.86 -68.86
C HIS V 319 -10.88 -66.42 -68.66
N ARG V 320 -12.19 -66.23 -68.52
CA ARG V 320 -12.74 -64.89 -68.32
C ARG V 320 -14.06 -65.01 -67.59
N GLY V 321 -14.19 -64.33 -66.45
CA GLY V 321 -15.39 -64.35 -65.66
C GLY V 321 -16.10 -63.01 -65.63
N PRO V 322 -17.21 -62.96 -64.88
CA PRO V 322 -17.98 -61.70 -64.80
C PRO V 322 -17.33 -60.62 -63.95
N PHE V 323 -16.48 -60.97 -62.98
CA PHE V 323 -15.85 -59.98 -62.12
C PHE V 323 -14.49 -59.51 -62.61
N THR V 324 -14.03 -59.97 -63.77
CA THR V 324 -12.71 -59.56 -64.25
C THR V 324 -12.74 -58.90 -65.63
N GLY V 325 -13.90 -58.67 -66.22
CA GLY V 325 -13.93 -58.02 -67.52
C GLY V 325 -13.51 -58.93 -68.66
N GLU V 326 -12.46 -58.51 -69.37
CA GLU V 326 -11.99 -59.29 -70.52
C GLU V 326 -11.16 -60.50 -70.08
N GLY V 327 -10.40 -60.37 -69.00
CA GLY V 327 -9.61 -61.49 -68.52
C GLY V 327 -8.12 -61.44 -68.81
N HIS V 328 -7.56 -62.53 -69.34
CA HIS V 328 -6.15 -62.62 -69.65
C HIS V 328 -5.83 -62.24 -71.09
N VAL V 329 -6.64 -61.39 -71.70
CA VAL V 329 -6.40 -60.97 -73.08
C VAL V 329 -5.15 -60.11 -73.12
N GLY V 330 -4.23 -60.43 -74.02
CA GLY V 330 -3.01 -59.69 -74.15
C GLY V 330 -1.88 -60.12 -73.25
N LEU V 331 -2.10 -61.08 -72.34
CA LEU V 331 -1.03 -61.51 -71.46
C LEU V 331 0.02 -62.31 -72.21
N TYR V 332 -0.43 -63.11 -73.19
CA TYR V 332 0.50 -63.90 -74.00
C TYR V 332 1.44 -63.00 -74.78
N GLU V 333 0.92 -61.90 -75.34
CA GLU V 333 1.76 -60.98 -76.08
C GLU V 333 2.71 -60.24 -75.15
N ILE V 334 2.30 -60.04 -73.90
CA ILE V 334 3.14 -59.36 -72.92
C ILE V 334 4.33 -60.24 -72.55
N LEU V 335 4.07 -61.51 -72.28
CA LEU V 335 5.15 -62.41 -71.87
C LEU V 335 6.01 -62.88 -73.04
N THR V 336 5.53 -62.81 -74.27
CA THR V 336 6.31 -63.24 -75.43
C THR V 336 7.11 -62.10 -76.06
N THR V 337 7.05 -60.89 -75.51
CA THR V 337 7.78 -59.76 -76.05
C THR V 337 8.57 -58.97 -75.01
N SER V 338 8.36 -59.21 -73.72
CA SER V 338 9.07 -58.48 -72.67
C SER V 338 9.88 -59.45 -71.83
N TRP V 339 11.20 -59.29 -71.83
CA TRP V 339 12.06 -60.15 -71.04
C TRP V 339 11.98 -59.81 -69.55
N HIS V 340 11.67 -58.55 -69.23
CA HIS V 340 11.57 -58.13 -67.83
C HIS V 340 10.39 -58.77 -67.13
N ALA V 341 9.26 -58.92 -67.83
CA ALA V 341 8.07 -59.54 -67.25
C ALA V 341 8.34 -61.01 -66.94
N GLN V 342 8.98 -61.70 -67.87
CA GLN V 342 9.34 -63.10 -67.68
C GLN V 342 10.36 -63.22 -66.56
N LEU V 343 11.28 -62.25 -66.48
CA LEU V 343 12.27 -62.25 -65.42
C LEU V 343 11.62 -62.07 -64.05
N ALA V 344 10.59 -61.22 -63.99
CA ALA V 344 9.88 -61.00 -62.73
C ALA V 344 9.18 -62.27 -62.28
N ILE V 345 8.45 -62.92 -63.20
CA ILE V 345 7.74 -64.16 -62.85
C ILE V 345 8.72 -65.26 -62.44
N ASN V 346 9.78 -65.44 -63.23
CA ASN V 346 10.76 -66.48 -62.95
C ASN V 346 11.51 -66.23 -61.66
N LEU V 347 11.91 -64.98 -61.40
CA LEU V 347 12.61 -64.66 -60.17
C LEU V 347 11.73 -64.87 -58.95
N ALA V 348 10.44 -64.53 -59.04
CA ALA V 348 9.55 -64.72 -57.90
C ALA V 348 9.37 -66.19 -57.57
N LEU V 349 9.05 -67.00 -58.59
CA LEU V 349 8.84 -68.42 -58.34
C LEU V 349 10.14 -69.12 -57.95
N PHE V 350 11.27 -68.66 -58.51
CA PHE V 350 12.57 -69.23 -58.22
C PHE V 350 12.98 -68.94 -56.77
N GLY V 351 12.76 -67.70 -56.31
CA GLY V 351 13.09 -67.38 -54.94
C GLY V 351 12.21 -68.11 -53.95
N SER V 352 10.92 -68.23 -54.28
CA SER V 352 9.99 -68.96 -53.41
C SER V 352 10.41 -70.42 -53.31
N LEU V 353 10.79 -71.02 -54.45
CA LEU V 353 11.22 -72.40 -54.43
C LEU V 353 12.52 -72.56 -53.66
N SER V 354 13.40 -71.55 -53.69
CA SER V 354 14.65 -71.62 -52.94
C SER V 354 14.38 -71.67 -51.43
N ILE V 355 13.44 -70.84 -50.97
CA ILE V 355 13.09 -70.84 -49.54
C ILE V 355 12.44 -72.18 -49.17
N ILE V 356 11.62 -72.70 -50.08
CA ILE V 356 10.99 -74.01 -49.86
C ILE V 356 12.05 -75.10 -49.76
N VAL V 357 13.10 -74.97 -50.58
CA VAL V 357 14.21 -75.92 -50.56
C VAL V 357 14.89 -75.89 -49.21
N ALA V 358 15.11 -74.69 -48.65
CA ALA V 358 15.75 -74.57 -47.35
C ALA V 358 14.93 -75.27 -46.27
N HIS V 359 13.61 -75.04 -46.27
CA HIS V 359 12.76 -75.66 -45.28
C HIS V 359 12.71 -77.18 -45.42
N HIS V 360 12.57 -77.66 -46.66
CA HIS V 360 12.49 -79.10 -46.89
C HIS V 360 13.82 -79.78 -46.63
N MET V 361 14.93 -79.04 -46.74
CA MET V 361 16.21 -79.68 -46.49
C MET V 361 16.52 -79.76 -45.01
N TYR V 362 16.09 -78.79 -44.20
CA TYR V 362 16.44 -79.03 -42.79
C TYR V 362 15.48 -80.06 -42.23
N ALA V 363 14.22 -80.04 -42.68
CA ALA V 363 13.22 -80.96 -42.15
C ALA V 363 13.46 -82.40 -42.58
N MET V 364 13.71 -82.63 -43.86
CA MET V 364 13.95 -83.97 -44.39
C MET V 364 15.37 -83.99 -44.95
N PRO V 365 16.36 -84.36 -44.16
CA PRO V 365 17.74 -84.40 -44.66
C PRO V 365 17.91 -85.54 -45.64
N PRO V 366 18.28 -85.25 -46.88
CA PRO V 366 18.41 -86.31 -47.88
C PRO V 366 19.80 -86.91 -48.02
N TYR V 367 20.80 -86.23 -47.48
CA TYR V 367 22.13 -86.75 -47.61
C TYR V 367 22.56 -87.50 -46.36
N PRO V 368 23.39 -88.54 -46.51
CA PRO V 368 23.85 -89.28 -45.34
C PRO V 368 24.78 -88.44 -44.50
N TYR V 369 24.60 -88.54 -43.17
CA TYR V 369 25.40 -87.83 -42.17
C TYR V 369 25.29 -86.31 -42.32
N LEU V 370 24.16 -85.84 -42.84
CA LEU V 370 23.90 -84.41 -43.04
C LEU V 370 23.23 -83.78 -41.84
N ALA V 371 22.28 -84.49 -41.23
CA ALA V 371 21.58 -83.95 -40.06
C ALA V 371 22.51 -83.85 -38.88
N THR V 372 23.47 -84.78 -38.75
CA THR V 372 24.40 -84.72 -37.64
C THR V 372 25.38 -83.57 -37.77
N ASP V 373 25.56 -83.04 -38.98
CA ASP V 373 26.44 -81.89 -39.20
C ASP V 373 25.56 -80.65 -39.07
N TYR V 374 25.52 -80.12 -37.84
CA TYR V 374 24.69 -78.95 -37.55
C TYR V 374 25.19 -77.72 -38.30
N GLY V 375 26.50 -77.63 -38.50
CA GLY V 375 27.04 -76.49 -39.22
C GLY V 375 26.55 -76.41 -40.65
N THR V 376 26.57 -77.55 -41.33
CA THR V 376 26.09 -77.62 -42.70
C THR V 376 24.60 -77.32 -42.77
N GLN V 377 23.82 -77.87 -41.84
CA GLN V 377 22.37 -77.65 -41.84
C GLN V 377 22.02 -76.18 -41.66
N LEU V 378 22.62 -75.53 -40.65
CA LEU V 378 22.34 -74.12 -40.41
C LEU V 378 22.81 -73.24 -41.57
N SER V 379 24.03 -73.48 -42.07
CA SER V 379 24.56 -72.69 -43.17
C SER V 379 23.73 -72.87 -44.45
N LEU V 380 23.31 -74.10 -44.74
CA LEU V 380 22.53 -74.36 -45.94
C LEU V 380 21.16 -73.69 -45.87
N PHE V 381 20.48 -73.80 -44.72
CA PHE V 381 19.18 -73.17 -44.58
C PHE V 381 19.29 -71.66 -44.73
N THR V 382 20.26 -71.06 -44.04
CA THR V 382 20.45 -69.61 -44.10
C THR V 382 20.81 -69.15 -45.52
N HIS V 383 21.70 -69.88 -46.19
CA HIS V 383 22.13 -69.49 -47.53
C HIS V 383 20.97 -69.55 -48.53
N HIS V 384 20.23 -70.67 -48.54
CA HIS V 384 19.11 -70.80 -49.47
C HIS V 384 18.03 -69.77 -49.18
N THR V 385 17.81 -69.45 -47.90
CA THR V 385 16.80 -68.45 -47.56
C THR V 385 17.21 -67.08 -48.08
N TRP V 386 18.48 -66.71 -47.92
CA TRP V 386 18.94 -65.41 -48.40
C TRP V 386 18.84 -65.31 -49.91
N ILE V 387 19.20 -66.38 -50.62
CA ILE V 387 19.12 -66.37 -52.08
C ILE V 387 17.67 -66.21 -52.51
N GLY V 388 16.75 -66.90 -51.83
CA GLY V 388 15.34 -66.77 -52.17
C GLY V 388 14.81 -65.37 -51.95
N GLY V 389 15.19 -64.75 -50.83
CA GLY V 389 14.74 -63.39 -50.55
C GLY V 389 15.26 -62.38 -51.56
N PHE V 390 16.55 -62.49 -51.92
CA PHE V 390 17.12 -61.58 -52.91
C PHE V 390 16.44 -61.75 -54.25
N CYS V 391 16.19 -63.00 -54.66
CA CYS V 391 15.52 -63.24 -55.94
C CYS V 391 14.10 -62.68 -55.94
N ILE V 392 13.43 -62.72 -54.79
CA ILE V 392 12.07 -62.17 -54.71
C ILE V 392 12.10 -60.64 -54.88
N VAL V 393 13.08 -59.99 -54.25
CA VAL V 393 13.20 -58.53 -54.40
C VAL V 393 13.50 -58.18 -55.85
N GLY V 394 14.35 -58.99 -56.50
CA GLY V 394 14.65 -58.77 -57.90
C GLY V 394 13.43 -58.96 -58.78
N ALA V 395 12.54 -59.88 -58.39
CA ALA V 395 11.31 -60.11 -59.12
C ALA V 395 10.46 -58.86 -59.11
N GLY V 396 10.32 -58.26 -57.92
CA GLY V 396 9.55 -57.03 -57.82
C GLY V 396 10.18 -55.90 -58.63
N ALA V 397 11.51 -55.85 -58.64
CA ALA V 397 12.22 -54.83 -59.40
C ALA V 397 11.95 -54.96 -60.89
N HIS V 398 12.01 -56.19 -61.41
CA HIS V 398 11.78 -56.38 -62.83
C HIS V 398 10.31 -56.20 -63.19
N ALA V 399 9.41 -56.43 -62.24
CA ALA V 399 8.00 -56.17 -62.51
C ALA V 399 7.80 -54.67 -62.71
N ALA V 400 8.48 -53.88 -61.88
CA ALA V 400 8.40 -52.43 -62.01
C ALA V 400 9.04 -51.96 -63.31
N ILE V 401 10.16 -52.61 -63.72
CA ILE V 401 10.82 -52.25 -64.97
C ILE V 401 9.88 -52.51 -66.14
N PHE V 402 9.18 -53.66 -66.12
CA PHE V 402 8.25 -53.96 -67.19
C PHE V 402 7.12 -52.93 -67.22
N MET V 403 6.62 -52.56 -66.04
CA MET V 403 5.53 -51.59 -65.96
C MET V 403 5.94 -50.23 -66.48
N VAL V 404 7.22 -49.89 -66.35
CA VAL V 404 7.68 -48.57 -66.81
C VAL V 404 8.05 -48.58 -68.29
N ARG V 405 8.81 -49.56 -68.75
CA ARG V 405 9.29 -49.62 -70.13
C ARG V 405 8.42 -50.40 -71.12
N ASP V 406 8.19 -51.68 -70.88
CA ASP V 406 7.45 -52.51 -71.83
C ASP V 406 5.93 -52.42 -71.74
N TYR V 407 5.36 -51.69 -70.78
CA TYR V 407 3.91 -51.62 -70.72
C TYR V 407 3.37 -50.67 -71.80
N ASP V 408 2.27 -51.08 -72.41
CA ASP V 408 1.60 -50.32 -73.46
C ASP V 408 0.10 -50.32 -73.18
N PRO V 409 -0.52 -49.16 -72.93
CA PRO V 409 -1.96 -49.13 -72.64
C PRO V 409 -2.86 -49.47 -73.82
N THR V 410 -2.34 -49.46 -75.05
CA THR V 410 -3.18 -49.76 -76.21
C THR V 410 -3.53 -51.24 -76.31
N ASN V 411 -2.87 -52.11 -75.55
CA ASN V 411 -3.14 -53.53 -75.58
C ASN V 411 -3.63 -54.08 -74.24
N ASN V 412 -3.94 -53.19 -73.29
CA ASN V 412 -4.40 -53.53 -71.96
C ASN V 412 -5.60 -52.67 -71.58
N TYR V 413 -6.64 -52.68 -72.42
CA TYR V 413 -7.80 -51.84 -72.14
C TYR V 413 -8.60 -52.32 -70.93
N ASN V 414 -9.18 -53.51 -71.00
CA ASN V 414 -10.00 -53.96 -69.87
C ASN V 414 -9.60 -55.35 -69.39
N ASN V 415 -8.30 -55.57 -69.22
CA ASN V 415 -7.81 -56.85 -68.75
C ASN V 415 -7.60 -56.80 -67.25
N LEU V 416 -6.98 -57.86 -66.72
CA LEU V 416 -6.71 -57.91 -65.29
C LEU V 416 -5.72 -56.84 -64.85
N LEU V 417 -4.65 -56.65 -65.63
CA LEU V 417 -3.62 -55.67 -65.28
C LEU V 417 -4.19 -54.25 -65.25
N ASP V 418 -5.06 -53.91 -66.20
CA ASP V 418 -5.64 -52.58 -66.22
C ASP V 418 -6.54 -52.35 -65.01
N ARG V 419 -7.32 -53.37 -64.62
CA ARG V 419 -8.19 -53.23 -63.47
C ARG V 419 -7.37 -53.12 -62.19
N VAL V 420 -6.24 -53.82 -62.13
CA VAL V 420 -5.37 -53.74 -60.96
C VAL V 420 -4.81 -52.32 -60.84
N ILE V 421 -4.40 -51.74 -61.97
CA ILE V 421 -3.91 -50.37 -61.95
C ILE V 421 -5.04 -49.42 -61.59
N ARG V 422 -6.27 -49.75 -61.99
CA ARG V 422 -7.43 -48.90 -61.69
C ARG V 422 -7.74 -48.86 -60.20
N HIS V 423 -7.63 -49.99 -59.49
CA HIS V 423 -7.90 -50.00 -58.06
C HIS V 423 -6.64 -50.18 -57.21
N ARG V 424 -5.49 -49.74 -57.73
CA ARG V 424 -4.23 -49.82 -57.00
C ARG V 424 -4.28 -49.08 -55.67
N ASP V 425 -5.07 -48.00 -55.58
CA ASP V 425 -5.18 -47.24 -54.34
C ASP V 425 -5.84 -48.08 -53.27
N ALA V 426 -6.89 -48.83 -53.63
CA ALA V 426 -7.56 -49.70 -52.68
C ALA V 426 -6.64 -50.83 -52.26
N ILE V 427 -5.87 -51.38 -53.20
CA ILE V 427 -4.94 -52.46 -52.89
C ILE V 427 -3.90 -51.99 -51.88
N ILE V 428 -3.27 -50.84 -52.15
CA ILE V 428 -2.23 -50.31 -51.28
C ILE V 428 -2.79 -49.92 -49.93
N SER V 429 -3.99 -49.33 -49.89
CA SER V 429 -4.57 -48.92 -48.61
C SER V 429 -4.89 -50.13 -47.73
N HIS V 430 -5.47 -51.19 -48.30
CA HIS V 430 -5.77 -52.36 -47.50
C HIS V 430 -4.50 -53.08 -47.07
N LEU V 431 -3.49 -53.14 -47.94
CA LEU V 431 -2.24 -53.79 -47.56
C LEU V 431 -1.51 -52.98 -46.49
N ASN V 432 -1.64 -51.65 -46.55
CA ASN V 432 -1.04 -50.80 -45.53
C ASN V 432 -1.71 -51.02 -44.19
N TRP V 433 -3.05 -51.13 -44.20
CA TRP V 433 -3.77 -51.37 -42.96
C TRP V 433 -3.42 -52.72 -42.37
N VAL V 434 -3.33 -53.77 -43.21
CA VAL V 434 -3.00 -55.08 -42.65
C VAL V 434 -1.57 -55.08 -42.14
N CYS V 435 -0.68 -54.29 -42.75
CA CYS V 435 0.69 -54.21 -42.26
C CYS V 435 0.72 -53.55 -40.89
N ILE V 436 -0.08 -52.50 -40.70
CA ILE V 436 -0.14 -51.82 -39.41
C ILE V 436 -0.74 -52.74 -38.35
N PHE V 437 -1.81 -53.46 -38.72
CA PHE V 437 -2.46 -54.38 -37.79
C PHE V 437 -1.51 -55.48 -37.36
N LEU V 438 -0.79 -56.07 -38.33
CA LEU V 438 0.16 -57.13 -38.01
C LEU V 438 1.32 -56.59 -37.18
N GLY V 439 1.76 -55.37 -37.47
CA GLY V 439 2.85 -54.79 -36.70
C GLY V 439 2.46 -54.56 -35.26
N PHE V 440 1.25 -54.06 -35.04
CA PHE V 440 0.78 -53.84 -33.68
C PHE V 440 0.62 -55.16 -32.94
N HIS V 441 -0.12 -56.09 -33.52
CA HIS V 441 -0.36 -57.38 -32.87
C HIS V 441 0.86 -58.31 -32.85
N SER V 442 1.95 -57.93 -33.48
CA SER V 442 3.14 -58.77 -33.47
C SER V 442 4.23 -58.17 -32.59
N PHE V 443 4.45 -56.86 -32.66
CA PHE V 443 5.47 -56.21 -31.87
C PHE V 443 4.96 -55.81 -30.50
N GLY V 444 3.67 -55.45 -30.38
CA GLY V 444 3.12 -55.07 -29.11
C GLY V 444 3.13 -56.20 -28.11
N LEU V 445 3.03 -57.45 -28.60
CA LEU V 445 3.09 -58.58 -27.70
C LEU V 445 4.46 -58.67 -27.04
N TYR V 446 5.54 -58.48 -27.82
CA TYR V 446 6.88 -58.52 -27.28
C TYR V 446 7.14 -57.35 -26.35
N ILE V 447 6.65 -56.16 -26.72
CA ILE V 447 6.84 -54.98 -25.87
C ILE V 447 6.07 -55.14 -24.56
N HIS V 448 4.85 -55.68 -24.64
CA HIS V 448 4.03 -55.91 -23.46
C HIS V 448 4.69 -56.94 -22.56
N ASN V 449 5.30 -57.97 -23.16
CA ASN V 449 5.99 -58.98 -22.36
C ASN V 449 7.22 -58.38 -21.67
N ASP V 450 7.96 -57.53 -22.38
CA ASP V 450 9.13 -56.89 -21.80
C ASP V 450 8.72 -55.98 -20.66
N THR V 451 7.61 -55.27 -20.82
CA THR V 451 7.12 -54.37 -19.79
C THR V 451 6.66 -55.15 -18.57
N MET V 452 5.85 -56.19 -18.76
CA MET V 452 5.36 -56.99 -17.66
C MET V 452 6.49 -57.71 -16.93
N SER V 453 7.51 -58.15 -17.67
CA SER V 453 8.64 -58.80 -17.01
C SER V 453 9.48 -57.80 -16.25
N ALA V 454 9.62 -56.59 -16.79
CA ALA V 454 10.40 -55.56 -16.11
C ALA V 454 9.64 -54.99 -14.91
N LEU V 455 8.32 -54.91 -15.00
CA LEU V 455 7.49 -54.41 -13.91
C LEU V 455 7.28 -55.45 -12.82
N GLY V 456 7.87 -56.63 -12.95
CA GLY V 456 7.71 -57.67 -11.97
C GLY V 456 6.36 -58.35 -12.01
N ARG V 457 5.77 -58.47 -13.19
CA ARG V 457 4.46 -59.10 -13.36
C ARG V 457 4.56 -60.18 -14.43
N PRO V 458 5.19 -61.32 -14.13
CA PRO V 458 5.30 -62.38 -15.13
C PRO V 458 3.98 -63.07 -15.44
N GLN V 459 2.98 -62.94 -14.57
CA GLN V 459 1.70 -63.58 -14.80
C GLN V 459 0.84 -62.84 -15.82
N ASP V 460 1.23 -61.62 -16.20
CA ASP V 460 0.51 -60.82 -17.17
C ASP V 460 1.15 -60.85 -18.55
N MET V 461 2.11 -61.74 -18.77
CA MET V 461 2.79 -61.83 -20.04
C MET V 461 2.03 -62.75 -20.99
N PHE V 462 2.62 -62.93 -22.17
CA PHE V 462 2.07 -63.81 -23.20
C PHE V 462 3.04 -64.98 -23.32
N SER V 463 2.83 -65.98 -22.47
CA SER V 463 3.68 -67.15 -22.44
C SER V 463 2.83 -68.38 -22.15
N ASP V 464 3.51 -69.52 -22.05
CA ASP V 464 2.83 -70.79 -21.77
C ASP V 464 2.27 -70.81 -20.35
N THR V 465 3.01 -70.26 -19.39
CA THR V 465 2.55 -70.24 -18.01
C THR V 465 1.45 -69.20 -17.82
N ALA V 466 1.64 -68.02 -18.40
CA ALA V 466 0.70 -66.91 -18.37
C ALA V 466 -0.28 -67.10 -19.52
N ILE V 467 -0.91 -66.01 -19.98
CA ILE V 467 -1.85 -66.02 -21.11
C ILE V 467 -1.17 -66.68 -22.31
N GLN V 468 -1.70 -67.81 -22.74
CA GLN V 468 -1.10 -68.57 -23.82
C GLN V 468 -1.87 -68.44 -25.13
N LEU V 469 -1.11 -68.37 -26.22
CA LEU V 469 -1.61 -68.27 -27.59
C LEU V 469 -0.99 -69.47 -28.29
N GLN V 470 -1.65 -70.61 -28.21
CA GLN V 470 -1.14 -71.84 -28.81
C GLN V 470 -1.53 -71.92 -30.28
N PRO V 471 -0.59 -72.27 -31.18
CA PRO V 471 -0.92 -72.41 -32.61
C PRO V 471 -1.61 -73.75 -32.82
N VAL V 472 -2.92 -73.75 -32.57
CA VAL V 472 -3.73 -74.97 -32.66
C VAL V 472 -3.79 -75.51 -34.09
N PHE V 473 -3.78 -74.63 -35.10
CA PHE V 473 -3.84 -75.10 -36.48
C PHE V 473 -2.58 -75.87 -36.86
N ALA V 474 -1.41 -75.31 -36.51
CA ALA V 474 -0.15 -75.98 -36.81
C ALA V 474 -0.01 -77.28 -36.04
N GLN V 475 -0.44 -77.30 -34.78
CA GLN V 475 -0.36 -78.52 -33.98
C GLN V 475 -1.27 -79.59 -34.54
N TRP V 476 -2.47 -79.20 -35.00
CA TRP V 476 -3.39 -80.18 -35.57
C TRP V 476 -2.83 -80.73 -36.88
N ILE V 477 -2.20 -79.87 -37.68
CA ILE V 477 -1.62 -80.31 -38.94
C ILE V 477 -0.46 -81.26 -38.65
N GLN V 478 0.31 -80.97 -37.60
CA GLN V 478 1.41 -81.85 -37.21
C GLN V 478 0.90 -83.22 -36.80
N ASN V 479 -0.21 -83.23 -36.04
CA ASN V 479 -0.81 -84.50 -35.62
C ASN V 479 -1.35 -85.28 -36.82
N THR V 480 -1.94 -84.58 -37.78
CA THR V 480 -2.47 -85.24 -38.97
C THR V 480 -1.34 -85.85 -39.79
N HIS V 481 -0.22 -85.14 -39.90
CA HIS V 481 0.93 -85.67 -40.63
C HIS V 481 1.54 -86.86 -39.91
N PHE V 482 1.53 -86.84 -38.59
CA PHE V 482 2.07 -87.96 -37.83
C PHE V 482 1.19 -89.19 -37.97
N LEU V 483 -0.13 -89.01 -37.97
CA LEU V 483 -1.05 -90.13 -38.10
C LEU V 483 -1.33 -90.53 -39.54
N ALA V 484 -0.80 -89.81 -40.52
CA ALA V 484 -1.04 -90.14 -41.93
C ALA V 484 -0.61 -91.54 -42.37
N PRO V 485 0.55 -92.11 -41.98
CA PRO V 485 0.88 -93.46 -42.47
C PRO V 485 -0.04 -94.58 -41.98
N GLN V 486 -1.07 -94.31 -41.19
CA GLN V 486 -1.95 -95.37 -40.72
C GLN V 486 -3.34 -95.33 -41.35
N LEU V 487 -3.82 -94.17 -41.79
CA LEU V 487 -5.14 -94.08 -42.39
C LEU V 487 -5.11 -93.57 -43.82
N THR V 488 -4.49 -92.42 -44.07
CA THR V 488 -4.44 -91.86 -45.41
C THR V 488 -3.22 -92.29 -46.21
N ALA V 489 -2.28 -93.01 -45.62
CA ALA V 489 -1.10 -93.48 -46.33
C ALA V 489 -0.87 -94.94 -45.95
N PRO V 490 -1.73 -95.84 -46.42
CA PRO V 490 -1.55 -97.26 -46.06
C PRO V 490 -0.30 -97.89 -46.65
N ASN V 491 0.18 -97.39 -47.78
CA ASN V 491 1.37 -97.94 -48.40
C ASN V 491 2.66 -97.29 -47.92
N ALA V 492 2.57 -96.28 -47.07
CA ALA V 492 3.75 -95.62 -46.53
C ALA V 492 4.08 -96.26 -45.18
N LEU V 493 5.36 -96.50 -44.93
CA LEU V 493 5.75 -97.10 -43.66
C LEU V 493 5.81 -96.06 -42.54
N ALA V 494 6.63 -95.03 -42.70
CA ALA V 494 6.77 -93.99 -41.70
C ALA V 494 6.29 -92.67 -42.29
N ALA V 495 6.35 -91.62 -41.48
CA ALA V 495 5.94 -90.29 -41.90
C ALA V 495 7.00 -89.65 -42.79
N THR V 496 6.62 -88.54 -43.42
CA THR V 496 7.53 -87.82 -44.32
C THR V 496 8.73 -87.25 -43.57
N SER V 497 8.50 -86.74 -42.37
CA SER V 497 9.56 -86.17 -41.56
C SER V 497 9.28 -86.46 -40.10
N LEU V 498 10.32 -86.38 -39.28
CA LEU V 498 10.19 -86.64 -37.86
C LEU V 498 9.73 -85.42 -37.08
N THR V 499 9.70 -84.23 -37.69
CA THR V 499 9.30 -83.03 -36.99
C THR V 499 7.83 -83.05 -36.59
N TRP V 500 7.01 -83.89 -37.25
CA TRP V 500 5.60 -83.95 -36.91
C TRP V 500 5.39 -84.60 -35.54
N GLY V 501 6.04 -85.71 -35.29
CA GLY V 501 5.92 -86.42 -34.04
C GLY V 501 6.52 -87.79 -34.14
N GLY V 502 6.47 -88.50 -33.02
CA GLY V 502 6.99 -89.85 -32.95
C GLY V 502 8.37 -89.93 -32.30
N ASP V 503 9.06 -91.02 -32.60
CA ASP V 503 10.39 -91.26 -32.05
C ASP V 503 11.44 -90.45 -32.80
N LEU V 504 12.45 -90.03 -32.05
CA LEU V 504 13.55 -89.25 -32.61
C LEU V 504 14.64 -90.19 -33.14
N VAL V 505 15.42 -89.67 -34.08
CA VAL V 505 16.52 -90.42 -34.68
C VAL V 505 17.80 -89.69 -34.35
N ALA V 506 18.76 -90.42 -33.76
CA ALA V 506 20.05 -89.89 -33.37
C ALA V 506 21.16 -90.76 -33.95
N VAL V 507 22.22 -90.12 -34.45
CA VAL V 507 23.34 -90.83 -35.06
C VAL V 507 24.63 -90.31 -34.45
N GLY V 508 25.46 -91.22 -33.94
CA GLY V 508 26.73 -90.86 -33.34
C GLY V 508 26.62 -90.00 -32.10
N GLY V 509 25.59 -90.23 -31.28
CA GLY V 509 25.40 -89.47 -30.07
C GLY V 509 24.78 -88.10 -30.26
N LYS V 510 24.59 -87.67 -31.49
CA LYS V 510 24.00 -86.38 -31.82
C LYS V 510 22.61 -86.62 -32.39
N VAL V 511 21.66 -85.76 -32.00
CA VAL V 511 20.28 -85.90 -32.48
C VAL V 511 20.22 -85.51 -33.94
N ALA V 512 19.85 -86.46 -34.80
CA ALA V 512 19.72 -86.16 -36.22
C ALA V 512 18.42 -85.40 -36.47
N MET V 513 17.31 -85.89 -35.93
CA MET V 513 16.04 -85.22 -36.11
C MET V 513 15.06 -85.72 -35.05
N MET V 514 14.41 -84.78 -34.37
CA MET V 514 13.44 -85.06 -33.32
C MET V 514 12.20 -84.22 -33.60
N PRO V 515 11.05 -84.58 -33.00
CA PRO V 515 9.84 -83.78 -33.24
C PRO V 515 9.97 -82.35 -32.73
N ILE V 516 9.29 -81.44 -33.41
CA ILE V 516 9.31 -80.02 -33.08
C ILE V 516 7.94 -79.65 -32.53
N SER V 517 7.92 -79.03 -31.36
CA SER V 517 6.70 -78.60 -30.70
C SER V 517 6.61 -77.08 -30.73
N LEU V 518 5.43 -76.59 -31.11
CA LEU V 518 5.19 -75.16 -31.22
C LEU V 518 4.36 -74.67 -30.04
N GLY V 519 4.76 -73.54 -29.47
CA GLY V 519 4.10 -72.92 -28.34
C GLY V 519 3.79 -71.46 -28.61
N THR V 520 3.76 -70.68 -27.54
CA THR V 520 3.46 -69.24 -27.63
C THR V 520 4.57 -68.49 -28.34
N SER V 521 5.84 -68.81 -28.04
CA SER V 521 6.96 -68.13 -28.67
C SER V 521 6.97 -68.38 -30.18
N ASP V 522 6.63 -69.60 -30.59
CA ASP V 522 6.58 -69.93 -32.00
C ASP V 522 5.46 -69.15 -32.68
N PHE V 523 4.32 -69.01 -32.00
CA PHE V 523 3.19 -68.26 -32.53
C PHE V 523 3.58 -66.79 -32.75
N MET V 524 4.24 -66.20 -31.74
CA MET V 524 4.66 -64.81 -31.84
C MET V 524 5.67 -64.59 -32.95
N VAL V 525 6.68 -65.46 -33.05
CA VAL V 525 7.68 -65.29 -34.09
C VAL V 525 7.08 -65.54 -35.48
N HIS V 526 6.09 -66.43 -35.59
CA HIS V 526 5.46 -66.65 -36.89
C HIS V 526 4.67 -65.42 -37.31
N HIS V 527 4.02 -64.76 -36.36
CA HIS V 527 3.29 -63.54 -36.69
C HIS V 527 4.26 -62.42 -37.04
N ILE V 528 5.45 -62.43 -36.43
CA ILE V 528 6.47 -61.44 -36.76
C ILE V 528 6.92 -61.64 -38.20
N HIS V 529 7.12 -62.91 -38.60
CA HIS V 529 7.52 -63.23 -39.96
C HIS V 529 6.46 -62.80 -40.95
N ALA V 530 5.18 -63.07 -40.63
CA ALA V 530 4.09 -62.68 -41.51
C ALA V 530 4.03 -61.17 -41.69
N PHE V 531 4.23 -60.44 -40.60
CA PHE V 531 4.19 -58.97 -40.66
C PHE V 531 5.33 -58.42 -41.51
N THR V 532 6.54 -58.95 -41.34
CA THR V 532 7.68 -58.47 -42.13
C THR V 532 7.51 -58.81 -43.60
N ILE V 533 6.96 -60.00 -43.90
CA ILE V 533 6.72 -60.38 -45.30
C ILE V 533 5.69 -59.46 -45.91
N HIS V 534 4.63 -59.13 -45.15
CA HIS V 534 3.60 -58.24 -45.64
C HIS V 534 4.14 -56.85 -45.92
N VAL V 535 5.02 -56.34 -45.07
CA VAL V 535 5.57 -55.00 -45.30
C VAL V 535 6.48 -54.99 -46.53
N THR V 536 7.28 -56.04 -46.71
CA THR V 536 8.14 -56.10 -47.90
C THR V 536 7.28 -56.16 -49.15
N VAL V 537 6.19 -56.93 -49.10
CA VAL V 537 5.27 -57.02 -50.22
C VAL V 537 4.62 -55.66 -50.48
N LEU V 538 4.31 -54.92 -49.40
CA LEU V 538 3.71 -53.60 -49.55
C LEU V 538 4.63 -52.65 -50.28
N ILE V 539 5.91 -52.61 -49.89
CA ILE V 539 6.86 -51.71 -50.54
C ILE V 539 7.06 -52.09 -52.01
N LEU V 540 7.24 -53.39 -52.28
CA LEU V 540 7.45 -53.82 -53.66
C LEU V 540 6.21 -53.61 -54.52
N LEU V 541 5.03 -53.98 -54.02
CA LEU V 541 3.79 -53.83 -54.78
C LEU V 541 3.45 -52.36 -54.98
N LYS V 542 3.80 -51.50 -54.02
CA LYS V 542 3.56 -50.08 -54.18
C LYS V 542 4.47 -49.52 -55.25
N GLY V 543 5.71 -50.01 -55.31
CA GLY V 543 6.62 -49.56 -56.34
C GLY V 543 6.28 -50.10 -57.71
N VAL V 544 5.54 -51.20 -57.77
CA VAL V 544 5.15 -51.78 -59.06
C VAL V 544 3.89 -51.12 -59.59
N LEU V 545 2.86 -51.01 -58.76
CA LEU V 545 1.59 -50.42 -59.20
C LEU V 545 1.72 -48.92 -59.48
N PHE V 546 2.42 -48.20 -58.61
CA PHE V 546 2.58 -46.75 -58.79
C PHE V 546 3.85 -46.39 -59.55
N ALA V 547 4.33 -47.29 -60.42
CA ALA V 547 5.55 -47.01 -61.18
C ALA V 547 5.30 -46.05 -62.33
N ARG V 548 4.15 -46.15 -63.00
CA ARG V 548 3.82 -45.28 -64.12
C ARG V 548 3.31 -43.92 -63.69
N SER V 549 2.44 -43.87 -62.69
CA SER V 549 1.88 -42.61 -62.22
C SER V 549 1.41 -42.77 -60.79
N SER V 550 1.06 -41.63 -60.19
CA SER V 550 0.57 -41.60 -58.83
C SER V 550 -0.19 -40.29 -58.63
N ARG V 551 -0.79 -40.15 -57.45
CA ARG V 551 -1.51 -38.92 -57.15
C ARG V 551 -0.59 -37.75 -56.90
N LEU V 552 0.69 -38.00 -56.65
CA LEU V 552 1.69 -36.96 -56.43
C LEU V 552 2.37 -36.55 -57.73
N ILE V 553 2.72 -37.51 -58.56
CA ILE V 553 3.37 -37.28 -59.84
C ILE V 553 2.61 -38.07 -60.90
N PRO V 554 1.84 -37.39 -61.76
CA PRO V 554 1.08 -38.12 -62.80
C PRO V 554 1.91 -38.56 -64.00
N ASP V 555 3.12 -38.06 -64.17
CA ASP V 555 3.92 -38.45 -65.32
C ASP V 555 5.21 -39.14 -64.90
N LYS V 556 5.11 -40.05 -63.92
CA LYS V 556 6.28 -40.77 -63.44
C LYS V 556 6.89 -41.65 -64.51
N ALA V 557 6.06 -42.20 -65.40
CA ALA V 557 6.56 -43.05 -66.48
C ALA V 557 7.48 -42.28 -67.43
N ASN V 558 7.27 -40.97 -67.55
CA ASN V 558 8.13 -40.17 -68.41
C ASN V 558 9.49 -39.98 -67.78
N LEU V 559 9.56 -40.06 -66.46
CA LEU V 559 10.83 -39.91 -65.76
C LEU V 559 11.64 -41.19 -65.73
N GLY V 560 11.07 -42.29 -66.19
CA GLY V 560 11.78 -43.56 -66.22
C GLY V 560 11.53 -44.41 -65.00
N PHE V 561 12.29 -45.50 -64.94
CA PHE V 561 12.20 -46.45 -63.83
C PHE V 561 13.15 -46.08 -62.71
N ARG V 562 14.36 -45.63 -63.05
CA ARG V 562 15.39 -45.28 -62.08
C ARG V 562 15.78 -43.80 -62.23
N PHE V 563 15.27 -42.98 -61.32
CA PHE V 563 15.56 -41.56 -61.27
C PHE V 563 15.56 -41.18 -59.80
N PRO V 564 16.37 -40.19 -59.41
CA PRO V 564 16.42 -39.84 -57.98
C PRO V 564 15.14 -39.26 -57.41
N CYS V 565 14.62 -38.20 -58.01
CA CYS V 565 13.43 -37.55 -57.50
C CYS V 565 12.84 -36.66 -58.60
N ASP V 566 11.88 -35.83 -58.21
CA ASP V 566 11.23 -34.87 -59.08
C ASP V 566 11.39 -33.47 -58.53
N GLY V 567 12.36 -33.26 -57.65
CA GLY V 567 12.60 -31.98 -57.06
C GLY V 567 12.05 -31.85 -55.66
N PRO V 568 12.36 -30.73 -55.00
CA PRO V 568 11.85 -30.53 -53.64
C PRO V 568 10.42 -30.01 -53.63
N GLY V 569 9.83 -29.86 -54.81
CA GLY V 569 8.47 -29.37 -54.91
C GLY V 569 7.45 -30.35 -54.39
N ARG V 570 6.22 -29.84 -54.25
CA ARG V 570 5.07 -30.57 -53.72
C ARG V 570 5.37 -31.04 -52.29
N GLY V 571 6.19 -30.27 -51.58
CA GLY V 571 6.63 -30.59 -50.25
C GLY V 571 7.88 -31.45 -50.21
N GLY V 572 8.22 -32.09 -51.33
CA GLY V 572 9.37 -32.95 -51.45
C GLY V 572 8.99 -34.25 -52.12
N THR V 573 9.66 -34.60 -53.21
CA THR V 573 9.38 -35.83 -53.95
C THR V 573 10.59 -36.75 -53.94
N CYS V 574 11.24 -36.87 -52.79
CA CYS V 574 12.40 -37.72 -52.66
C CYS V 574 12.01 -39.19 -52.65
N GLN V 575 12.65 -39.99 -53.49
CA GLN V 575 12.43 -41.44 -53.62
C GLN V 575 11.01 -41.81 -54.08
N VAL V 576 10.63 -41.27 -55.23
CA VAL V 576 9.32 -41.58 -55.80
C VAL V 576 9.42 -42.64 -56.90
N SER V 577 10.61 -42.89 -57.42
CA SER V 577 10.79 -43.87 -58.48
C SER V 577 10.61 -45.28 -57.94
N ALA V 578 10.38 -46.21 -58.88
CA ALA V 578 10.22 -47.61 -58.51
C ALA V 578 11.53 -48.19 -58.02
N TRP V 579 12.66 -47.65 -58.50
CA TRP V 579 13.96 -48.10 -58.07
C TRP V 579 14.14 -47.88 -56.58
N ASP V 580 13.66 -46.74 -56.08
CA ASP V 580 13.76 -46.46 -54.65
C ASP V 580 12.88 -47.41 -53.85
N HIS V 581 11.77 -47.86 -54.44
CA HIS V 581 10.92 -48.82 -53.75
C HIS V 581 11.65 -50.15 -53.63
N VAL V 582 12.41 -50.52 -54.67
CA VAL V 582 13.21 -51.74 -54.61
C VAL V 582 14.31 -51.57 -53.57
N PHE V 583 14.86 -50.36 -53.48
CA PHE V 583 15.92 -50.03 -52.54
C PHE V 583 15.42 -50.19 -51.10
N LEU V 584 14.18 -49.78 -50.82
CA LEU V 584 13.61 -49.93 -49.48
C LEU V 584 13.19 -51.37 -49.22
N GLY V 585 12.72 -52.06 -50.27
CA GLY V 585 12.34 -53.45 -50.13
C GLY V 585 13.53 -54.32 -49.80
N LEU V 586 14.73 -53.90 -50.23
CA LEU V 586 15.93 -54.66 -49.90
C LEU V 586 16.19 -54.65 -48.40
N PHE V 587 16.04 -53.47 -47.77
CA PHE V 587 16.22 -53.36 -46.34
C PHE V 587 15.18 -54.18 -45.60
N TRP V 588 13.93 -54.13 -46.05
CA TRP V 588 12.89 -54.89 -45.36
C TRP V 588 13.07 -56.39 -45.56
N MET V 589 13.60 -56.81 -46.71
CA MET V 589 13.86 -58.22 -46.93
C MET V 589 14.99 -58.67 -46.02
N TYR V 590 15.99 -57.81 -45.84
CA TYR V 590 17.10 -58.13 -44.95
C TYR V 590 16.61 -58.30 -43.52
N ASN V 591 15.74 -57.40 -43.07
CA ASN V 591 15.19 -57.47 -41.72
C ASN V 591 14.36 -58.74 -41.53
N SER V 592 13.49 -59.03 -42.50
CA SER V 592 12.63 -60.21 -42.44
C SER V 592 13.43 -61.50 -42.40
N LEU V 593 14.34 -61.67 -43.36
CA LEU V 593 15.15 -62.89 -43.42
C LEU V 593 16.10 -63.00 -42.25
N SER V 594 16.55 -61.88 -41.68
CA SER V 594 17.41 -61.95 -40.51
C SER V 594 16.64 -62.50 -39.32
N ILE V 595 15.39 -62.06 -39.15
CA ILE V 595 14.59 -62.59 -38.06
C ILE V 595 14.27 -64.07 -38.31
N VAL V 596 14.09 -64.44 -39.59
CA VAL V 596 13.79 -65.83 -39.93
C VAL V 596 14.98 -66.74 -39.56
N ILE V 597 16.19 -66.33 -39.95
CA ILE V 597 17.35 -67.16 -39.64
C ILE V 597 17.64 -67.17 -38.14
N PHE V 598 17.37 -66.06 -37.44
CA PHE V 598 17.57 -66.06 -35.99
C PHE V 598 16.62 -67.03 -35.32
N HIS V 599 15.35 -67.04 -35.75
CA HIS V 599 14.38 -67.97 -35.19
C HIS V 599 14.76 -69.40 -35.50
N PHE V 600 15.24 -69.66 -36.71
CA PHE V 600 15.65 -71.02 -37.08
C PHE V 600 16.81 -71.49 -36.22
N SER V 601 17.83 -70.64 -36.07
CA SER V 601 19.00 -70.99 -35.27
C SER V 601 18.65 -71.24 -33.81
N TRP V 602 17.84 -70.35 -33.22
CA TRP V 602 17.48 -70.53 -31.82
C TRP V 602 16.61 -71.75 -31.61
N LYS V 603 15.61 -71.97 -32.47
CA LYS V 603 14.74 -73.13 -32.31
C LYS V 603 15.50 -74.44 -32.51
N MET V 604 16.40 -74.49 -33.50
CA MET V 604 17.15 -75.71 -33.72
C MET V 604 18.14 -75.98 -32.60
N GLN V 605 18.85 -74.96 -32.14
CA GLN V 605 19.82 -75.18 -31.06
C GLN V 605 19.17 -75.36 -29.70
N SER V 606 17.90 -75.00 -29.57
CA SER V 606 17.21 -75.11 -28.29
C SER V 606 16.34 -76.35 -28.17
N ASP V 607 15.60 -76.72 -29.19
CA ASP V 607 14.71 -77.88 -29.07
C ASP V 607 14.98 -79.01 -30.04
N VAL V 608 16.01 -78.95 -30.88
CA VAL V 608 16.25 -80.05 -31.81
C VAL V 608 17.67 -80.58 -31.73
N TRP V 609 18.65 -79.71 -31.93
CA TRP V 609 20.04 -80.14 -31.90
C TRP V 609 20.54 -80.33 -30.48
N GLY V 610 21.43 -81.30 -30.31
CA GLY V 610 22.00 -81.58 -29.01
C GLY V 610 22.50 -83.00 -28.93
N THR V 611 23.29 -83.25 -27.89
CA THR V 611 23.87 -84.57 -27.66
C THR V 611 22.83 -85.51 -27.05
N VAL V 612 23.19 -86.80 -27.03
CA VAL V 612 22.34 -87.84 -26.48
C VAL V 612 23.05 -88.46 -25.28
N THR V 613 22.44 -88.35 -24.10
CA THR V 613 23.01 -88.87 -22.87
C THR V 613 22.24 -90.12 -22.46
N ALA V 614 22.58 -90.64 -21.29
CA ALA V 614 21.92 -91.83 -20.77
C ALA V 614 20.57 -91.43 -20.17
N SER V 615 19.49 -91.91 -20.78
CA SER V 615 18.11 -91.65 -20.36
C SER V 615 17.82 -90.15 -20.34
N GLY V 616 17.87 -89.54 -21.51
CA GLY V 616 17.62 -88.13 -21.67
C GLY V 616 18.44 -87.54 -22.79
N VAL V 617 17.88 -86.52 -23.42
CA VAL V 617 18.50 -85.79 -24.53
C VAL V 617 18.73 -84.35 -24.07
N SER V 618 19.97 -83.89 -24.13
CA SER V 618 20.33 -82.55 -23.73
C SER V 618 20.61 -81.71 -24.98
N HIS V 619 19.97 -80.56 -25.07
CA HIS V 619 20.16 -79.69 -26.22
C HIS V 619 21.34 -78.74 -25.99
N ILE V 620 21.60 -77.90 -27.00
CA ILE V 620 22.72 -76.98 -26.92
C ILE V 620 22.47 -75.88 -25.90
N THR V 621 21.30 -75.26 -25.95
CA THR V 621 20.98 -74.19 -25.01
C THR V 621 20.09 -74.62 -23.85
N GLY V 622 19.65 -75.87 -23.83
CA GLY V 622 18.82 -76.32 -22.74
C GLY V 622 17.33 -76.10 -22.87
N GLY V 623 16.84 -75.90 -24.08
CA GLY V 623 15.42 -75.70 -24.27
C GLY V 623 14.85 -74.43 -23.69
N ASN V 624 15.55 -73.32 -23.85
CA ASN V 624 15.12 -72.03 -23.33
C ASN V 624 14.31 -71.21 -24.34
N PHE V 625 13.97 -71.79 -25.49
CA PHE V 625 13.21 -71.05 -26.49
C PHE V 625 11.73 -70.93 -26.08
N ALA V 626 11.21 -71.91 -25.34
CA ALA V 626 9.81 -71.84 -24.95
C ALA V 626 9.60 -70.95 -23.72
N GLN V 627 10.68 -70.37 -23.20
CA GLN V 627 10.58 -69.52 -22.01
C GLN V 627 11.26 -68.17 -22.21
N SER V 628 12.27 -68.07 -23.06
CA SER V 628 12.97 -66.80 -23.24
C SER V 628 12.81 -66.15 -24.59
N ALA V 629 12.07 -66.73 -25.53
CA ALA V 629 11.92 -66.11 -26.84
C ALA V 629 10.70 -65.20 -26.96
N ASN V 630 9.94 -65.03 -25.89
CA ASN V 630 8.76 -64.18 -25.94
C ASN V 630 9.05 -62.73 -25.57
N THR V 631 10.31 -62.38 -25.37
CA THR V 631 10.71 -61.02 -25.01
C THR V 631 11.90 -60.62 -25.85
N ILE V 632 12.02 -59.31 -26.09
CA ILE V 632 13.17 -58.79 -26.83
C ILE V 632 14.42 -58.93 -25.99
N ASN V 633 14.29 -58.76 -24.67
CA ASN V 633 15.44 -58.90 -23.78
C ASN V 633 15.95 -60.34 -23.81
N GLY V 634 15.05 -61.30 -23.95
CA GLY V 634 15.48 -62.69 -24.03
C GLY V 634 16.25 -62.96 -25.31
N TRP V 635 15.80 -62.38 -26.42
CA TRP V 635 16.50 -62.54 -27.69
C TRP V 635 17.86 -61.88 -27.66
N LEU V 636 17.95 -60.71 -27.00
CA LEU V 636 19.20 -59.98 -26.93
C LEU V 636 20.20 -60.61 -25.96
N ARG V 637 19.72 -61.20 -24.88
CA ARG V 637 20.61 -61.78 -23.87
C ARG V 637 20.93 -63.26 -24.11
N ASP V 638 19.90 -64.10 -24.22
CA ASP V 638 20.12 -65.52 -24.39
C ASP V 638 20.52 -65.92 -25.80
N PHE V 639 20.03 -65.23 -26.82
CA PHE V 639 20.39 -65.60 -28.18
C PHE V 639 21.47 -64.75 -28.80
N LEU V 640 21.54 -63.46 -28.49
CA LEU V 640 22.57 -62.65 -29.12
C LEU V 640 23.79 -62.47 -28.22
N TRP V 641 23.59 -62.20 -26.94
CA TRP V 641 24.74 -62.00 -26.04
C TRP V 641 25.40 -63.31 -25.67
N ALA V 642 24.61 -64.34 -25.34
CA ALA V 642 25.17 -65.61 -24.92
C ALA V 642 25.80 -66.38 -26.07
N GLN V 643 25.11 -66.44 -27.22
CA GLN V 643 25.64 -67.19 -28.35
C GLN V 643 26.77 -66.49 -29.08
N SER V 644 27.05 -65.22 -28.80
CA SER V 644 28.15 -64.56 -29.49
C SER V 644 29.46 -64.70 -28.75
N SER V 645 29.50 -65.49 -27.69
CA SER V 645 30.73 -65.67 -26.93
C SER V 645 31.78 -66.40 -27.74
N GLN V 646 31.35 -67.32 -28.61
CA GLN V 646 32.28 -68.10 -29.42
C GLN V 646 32.96 -67.25 -30.49
N VAL V 647 32.23 -66.34 -31.11
CA VAL V 647 32.81 -65.51 -32.17
C VAL V 647 33.69 -64.39 -31.60
N ILE V 648 33.55 -64.04 -30.32
CA ILE V 648 34.38 -62.96 -29.81
C ILE V 648 35.65 -63.48 -29.16
N GLN V 649 35.67 -64.75 -28.73
CA GLN V 649 36.85 -65.34 -28.12
C GLN V 649 37.55 -66.31 -29.07
N SER V 650 37.18 -66.30 -30.34
CA SER V 650 37.76 -67.17 -31.35
C SER V 650 39.22 -66.86 -31.66
N TYR V 651 39.73 -65.70 -31.20
CA TYR V 651 41.10 -65.30 -31.44
C TYR V 651 42.08 -66.34 -30.89
N GLY V 652 43.08 -66.66 -31.70
CA GLY V 652 44.09 -67.63 -31.32
C GLY V 652 43.79 -69.05 -31.70
N SER V 653 42.62 -69.32 -32.25
CA SER V 653 42.23 -70.66 -32.67
C SER V 653 41.98 -70.65 -34.18
N ALA V 654 41.48 -71.76 -34.70
CA ALA V 654 41.21 -71.87 -36.14
C ALA V 654 40.01 -71.06 -36.59
N LEU V 655 39.21 -70.55 -35.66
CA LEU V 655 38.04 -69.75 -36.00
C LEU V 655 38.27 -68.25 -35.84
N SER V 656 39.52 -67.85 -35.55
CA SER V 656 39.86 -66.44 -35.35
C SER V 656 39.49 -65.58 -36.54
N ALA V 657 39.62 -66.14 -37.76
CA ALA V 657 39.27 -65.41 -38.97
C ALA V 657 37.82 -64.95 -38.91
N TYR V 658 36.94 -65.83 -38.42
CA TYR V 658 35.52 -65.49 -38.29
C TYR V 658 35.37 -64.27 -37.41
N GLY V 659 36.09 -64.26 -36.27
CA GLY V 659 36.05 -63.11 -35.38
C GLY V 659 36.47 -61.85 -36.09
N LEU V 660 37.53 -61.96 -36.91
CA LEU V 660 38.01 -60.82 -37.68
C LEU V 660 36.92 -60.33 -38.61
N ILE V 661 36.26 -61.28 -39.30
CA ILE V 661 35.19 -60.89 -40.20
C ILE V 661 34.03 -60.32 -39.40
N PHE V 662 33.80 -60.87 -38.19
CA PHE V 662 32.75 -60.38 -37.31
C PHE V 662 32.98 -58.91 -37.00
N LEU V 663 34.26 -58.51 -36.92
CA LEU V 663 34.53 -57.12 -36.69
C LEU V 663 34.46 -56.35 -37.99
N GLY V 664 35.03 -56.93 -39.06
CA GLY V 664 35.03 -56.27 -40.36
C GLY V 664 33.63 -56.02 -40.88
N ALA V 665 32.73 -56.98 -40.66
CA ALA V 665 31.35 -56.82 -41.10
C ALA V 665 30.65 -55.72 -40.32
N HIS V 666 31.09 -55.45 -39.09
CA HIS V 666 30.47 -54.37 -38.34
C HIS V 666 30.91 -53.03 -38.92
N PHE V 667 32.06 -53.02 -39.59
CA PHE V 667 32.59 -51.81 -40.18
C PHE V 667 31.82 -51.44 -41.44
N VAL V 668 31.77 -52.36 -42.40
CA VAL V 668 31.09 -52.15 -43.69
C VAL V 668 29.66 -51.71 -43.48
N TRP V 669 28.94 -52.37 -42.57
CA TRP V 669 27.56 -52.01 -42.28
C TRP V 669 27.47 -50.57 -41.80
N ALA V 670 28.31 -50.19 -40.85
CA ALA V 670 28.29 -48.81 -40.37
C ALA V 670 28.75 -47.87 -41.46
N PHE V 671 29.61 -48.37 -42.36
CA PHE V 671 30.08 -47.59 -43.50
C PHE V 671 28.91 -47.23 -44.38
N SER V 672 27.91 -48.12 -44.44
CA SER V 672 26.71 -47.89 -45.23
C SER V 672 25.98 -46.65 -44.76
N LEU V 673 26.00 -46.39 -43.45
CA LEU V 673 25.33 -45.24 -42.90
C LEU V 673 25.91 -43.93 -43.42
N MET V 674 27.13 -43.94 -43.95
CA MET V 674 27.68 -42.71 -44.50
C MET V 674 27.01 -42.37 -45.82
N PHE V 675 26.64 -43.40 -46.59
CA PHE V 675 26.00 -43.16 -47.88
C PHE V 675 24.48 -43.08 -47.79
N LEU V 676 23.91 -43.51 -46.67
CA LEU V 676 22.46 -43.49 -46.54
C LEU V 676 21.95 -42.27 -45.78
N PHE V 677 22.74 -41.69 -44.90
CA PHE V 677 22.28 -40.55 -44.11
C PHE V 677 22.74 -39.21 -44.67
N SER V 678 23.45 -39.19 -45.80
CA SER V 678 23.94 -37.94 -46.36
C SER V 678 23.51 -37.77 -47.81
N GLY V 679 23.90 -36.62 -48.36
CA GLY V 679 23.57 -36.26 -49.73
C GLY V 679 24.79 -35.84 -50.53
N ARG V 680 24.71 -35.97 -51.86
CA ARG V 680 25.82 -35.67 -52.75
C ARG V 680 26.19 -34.19 -52.87
N GLY V 681 25.37 -33.25 -52.41
CA GLY V 681 25.75 -31.85 -52.52
C GLY V 681 26.93 -31.51 -51.63
N TYR V 682 26.91 -32.02 -50.40
CA TYR V 682 28.01 -31.80 -49.47
C TYR V 682 29.29 -32.41 -50.00
N TRP V 683 29.19 -33.64 -50.53
CA TRP V 683 30.36 -34.32 -51.06
C TRP V 683 30.89 -33.62 -52.30
N GLN V 684 30.00 -33.03 -53.10
CA GLN V 684 30.47 -32.31 -54.27
C GLN V 684 31.25 -31.06 -53.88
N GLU V 685 30.78 -30.34 -52.86
CA GLU V 685 31.52 -29.16 -52.42
C GLU V 685 32.85 -29.55 -51.77
N LEU V 686 32.86 -30.66 -51.02
CA LEU V 686 34.10 -31.13 -50.41
C LEU V 686 35.09 -31.52 -51.50
N ILE V 687 34.58 -32.17 -52.56
CA ILE V 687 35.41 -32.55 -53.69
C ILE V 687 35.95 -31.30 -54.37
N GLU V 688 35.15 -30.22 -54.40
CA GLU V 688 35.63 -28.97 -54.99
C GLU V 688 36.82 -28.43 -54.21
N SER V 689 36.77 -28.50 -52.88
CA SER V 689 37.90 -28.04 -52.06
C SER V 689 39.13 -28.90 -52.32
N ILE V 690 38.93 -30.21 -52.44
CA ILE V 690 40.05 -31.13 -52.72
C ILE V 690 40.61 -30.85 -54.12
N VAL V 691 39.73 -30.51 -55.06
CA VAL V 691 40.13 -30.19 -56.41
C VAL V 691 40.97 -28.92 -56.41
N TRP V 692 40.63 -27.96 -55.52
CA TRP V 692 41.44 -26.75 -55.41
C TRP V 692 42.83 -27.10 -54.93
N ALA V 693 42.90 -28.01 -53.96
CA ALA V 693 44.20 -28.44 -53.44
C ALA V 693 45.02 -29.09 -54.55
N HIS V 694 44.36 -29.86 -55.42
CA HIS V 694 45.06 -30.51 -56.52
C HIS V 694 45.54 -29.48 -57.55
N ASN V 695 44.67 -28.52 -57.88
CA ASN V 695 44.99 -27.48 -58.86
C ASN V 695 46.16 -26.63 -58.40
N LYS V 696 46.31 -26.45 -57.07
CA LYS V 696 47.43 -25.66 -56.57
C LYS V 696 48.77 -26.32 -56.88
N LEU V 697 48.85 -27.64 -56.75
CA LEU V 697 50.07 -28.39 -57.01
C LEU V 697 50.11 -29.01 -58.40
N LYS V 698 49.23 -28.56 -59.31
CA LYS V 698 49.16 -29.04 -60.70
C LYS V 698 48.99 -30.57 -60.78
N VAL V 699 48.18 -31.12 -59.89
CA VAL V 699 47.95 -32.56 -59.87
C VAL V 699 46.47 -32.83 -60.03
N ALA V 700 45.77 -31.96 -60.74
CA ALA V 700 44.34 -32.14 -60.97
C ALA V 700 44.14 -32.99 -62.21
N PRO V 701 43.42 -34.11 -62.12
CA PRO V 701 43.21 -34.95 -63.31
C PRO V 701 42.33 -34.27 -64.33
N ALA V 702 42.47 -34.72 -65.59
CA ALA V 702 41.65 -34.17 -66.65
C ALA V 702 40.20 -34.60 -66.48
N ILE V 703 40.00 -35.82 -66.00
CA ILE V 703 38.66 -36.32 -65.75
C ILE V 703 38.18 -35.62 -64.48
N GLN V 704 37.18 -34.76 -64.62
CA GLN V 704 36.70 -33.99 -63.49
C GLN V 704 36.07 -34.88 -62.44
N PRO V 705 36.54 -34.84 -61.20
CA PRO V 705 35.97 -35.70 -60.15
C PRO V 705 34.62 -35.17 -59.69
N ARG V 706 33.59 -36.01 -59.85
CA ARG V 706 32.24 -35.67 -59.46
C ARG V 706 31.79 -36.66 -58.40
N ALA V 707 30.98 -36.17 -57.46
CA ALA V 707 30.47 -37.04 -56.40
C ALA V 707 29.53 -38.07 -56.99
N LEU V 708 29.26 -39.12 -56.21
CA LEU V 708 28.37 -40.16 -56.64
C LEU V 708 26.97 -39.60 -56.82
N SER V 709 26.21 -40.17 -57.74
CA SER V 709 24.87 -39.69 -57.96
C SER V 709 23.98 -40.12 -56.80
N ILE V 710 22.79 -39.52 -56.74
CA ILE V 710 21.84 -39.81 -55.66
C ILE V 710 21.46 -41.29 -55.68
N THR V 711 21.12 -41.80 -56.87
CA THR V 711 20.77 -43.21 -57.01
C THR V 711 21.97 -44.09 -56.69
N GLN V 712 23.16 -43.69 -57.13
CA GLN V 712 24.35 -44.45 -56.83
C GLN V 712 24.62 -44.46 -55.33
N GLY V 713 24.42 -43.30 -54.67
CA GLY V 713 24.62 -43.25 -53.23
C GLY V 713 23.68 -44.18 -52.49
N ARG V 714 22.42 -44.24 -52.93
CA ARG V 714 21.47 -45.14 -52.31
C ARG V 714 21.84 -46.60 -52.56
N ALA V 715 22.29 -46.91 -53.78
CA ALA V 715 22.69 -48.28 -54.10
C ALA V 715 23.91 -48.70 -53.30
N VAL V 716 24.89 -47.80 -53.16
CA VAL V 716 26.10 -48.08 -52.39
C VAL V 716 25.73 -48.31 -50.93
N GLY V 717 24.85 -47.46 -50.39
CA GLY V 717 24.45 -47.61 -49.01
C GLY V 717 23.74 -48.92 -48.74
N VAL V 718 22.78 -49.28 -49.60
CA VAL V 718 22.06 -50.54 -49.38
C VAL V 718 22.98 -51.74 -49.58
N ALA V 719 23.92 -51.65 -50.54
CA ALA V 719 24.84 -52.75 -50.78
C ALA V 719 25.74 -52.98 -49.57
N HIS V 720 26.28 -51.89 -49.01
CA HIS V 720 27.14 -52.00 -47.85
C HIS V 720 26.35 -52.47 -46.62
N TYR V 721 25.11 -51.99 -46.47
CA TYR V 721 24.28 -52.39 -45.35
C TYR V 721 24.00 -53.89 -45.39
N LEU V 722 23.63 -54.38 -46.56
CA LEU V 722 23.35 -55.80 -46.73
C LEU V 722 24.60 -56.64 -46.53
N LEU V 723 25.72 -56.23 -47.12
CA LEU V 723 26.95 -56.99 -46.97
C LEU V 723 27.43 -57.02 -45.52
N GLY V 724 27.37 -55.87 -44.84
CA GLY V 724 27.80 -55.83 -43.44
C GLY V 724 26.94 -56.68 -42.54
N GLY V 725 25.61 -56.53 -42.66
CA GLY V 725 24.73 -57.31 -41.81
C GLY V 725 24.77 -58.80 -42.09
N ILE V 726 24.75 -59.17 -43.36
CA ILE V 726 24.80 -60.58 -43.75
C ILE V 726 26.12 -61.21 -43.34
N ALA V 727 27.24 -60.49 -43.53
CA ALA V 727 28.53 -61.04 -43.14
C ALA V 727 28.64 -61.14 -41.62
N THR V 728 28.03 -60.22 -40.88
CA THR V 728 28.05 -60.28 -39.42
C THR V 728 27.33 -61.52 -38.93
N THR V 729 26.13 -61.75 -39.45
CA THR V 729 25.36 -62.92 -39.06
C THR V 729 26.04 -64.20 -39.54
N TRP V 730 26.70 -64.15 -40.69
CA TRP V 730 27.40 -65.32 -41.23
C TRP V 730 28.55 -65.72 -40.31
N SER V 731 29.34 -64.74 -39.86
CA SER V 731 30.45 -65.02 -38.97
C SER V 731 29.95 -65.55 -37.64
N PHE V 732 28.89 -64.92 -37.09
CA PHE V 732 28.34 -65.35 -35.81
C PHE V 732 27.81 -66.77 -35.88
N PHE V 733 26.96 -67.06 -36.87
CA PHE V 733 26.41 -68.41 -37.03
C PHE V 733 27.50 -69.45 -37.25
N LEU V 734 28.43 -69.19 -38.19
CA LEU V 734 29.45 -70.19 -38.48
C LEU V 734 30.38 -70.45 -37.30
N ALA V 735 30.84 -69.39 -36.64
CA ALA V 735 31.74 -69.58 -35.50
C ALA V 735 31.04 -70.32 -34.36
N ARG V 736 29.78 -69.94 -34.08
CA ARG V 736 29.05 -70.60 -32.99
C ARG V 736 28.74 -72.05 -33.31
N ILE V 737 28.17 -72.31 -34.50
CA ILE V 737 27.80 -73.68 -34.88
C ILE V 737 29.02 -74.57 -35.10
N ILE V 738 30.19 -74.00 -35.35
CA ILE V 738 31.36 -74.85 -35.52
C ILE V 738 31.98 -75.14 -34.16
N SER V 739 31.93 -74.17 -33.25
CA SER V 739 32.51 -74.38 -31.93
C SER V 739 31.67 -75.32 -31.07
N VAL V 740 30.34 -75.15 -31.04
CA VAL V 740 29.53 -76.01 -30.18
C VAL V 740 28.77 -77.11 -30.94
N GLY V 741 28.84 -77.14 -32.27
CA GLY V 741 28.14 -78.15 -33.03
C GLY V 741 29.01 -79.28 -33.50
N ALA W 1 -9.31 -21.89 -43.96
CA ALA W 1 -8.79 -20.54 -44.10
C ALA W 1 -7.55 -20.33 -43.24
N THR W 2 -7.23 -19.06 -43.00
CA THR W 2 -6.08 -18.74 -42.18
C THR W 2 -6.39 -19.02 -40.72
N LYS W 3 -5.46 -19.72 -40.06
CA LYS W 3 -5.61 -20.07 -38.66
C LYS W 3 -4.90 -19.06 -37.79
N LEU W 4 -5.16 -19.13 -36.49
CA LEU W 4 -4.51 -18.21 -35.56
C LEU W 4 -3.08 -18.64 -35.30
N PHE W 5 -2.81 -19.94 -35.30
CA PHE W 5 -1.45 -20.40 -35.07
C PHE W 5 -0.78 -20.74 -36.39
N PRO W 6 0.45 -20.25 -36.65
CA PRO W 6 1.20 -19.38 -35.74
C PRO W 6 0.85 -17.90 -35.91
N LYS W 7 1.08 -17.13 -34.85
CA LYS W 7 0.78 -15.70 -34.87
C LYS W 7 1.94 -14.88 -35.41
N PHE W 8 3.14 -15.45 -35.44
CA PHE W 8 4.32 -14.75 -35.92
C PHE W 8 4.60 -14.96 -37.39
N SER W 9 3.80 -15.75 -38.10
CA SER W 9 4.03 -16.01 -39.52
C SER W 9 2.69 -16.17 -40.22
N GLN W 10 2.31 -15.19 -41.04
CA GLN W 10 1.05 -15.27 -41.76
C GLN W 10 1.14 -16.30 -42.87
N GLY W 11 2.34 -16.50 -43.43
CA GLY W 11 2.51 -17.50 -44.47
C GLY W 11 2.32 -18.90 -43.94
N LEU W 12 2.86 -19.16 -42.74
CA LEU W 12 2.69 -20.48 -42.14
C LEU W 12 1.27 -20.67 -41.65
N ALA W 13 0.60 -19.58 -41.27
CA ALA W 13 -0.77 -19.66 -40.79
C ALA W 13 -1.73 -19.97 -41.93
N GLN W 14 -1.37 -19.60 -43.15
CA GLN W 14 -2.21 -19.87 -44.30
C GLN W 14 -2.01 -21.27 -44.85
N ASP W 15 -1.06 -22.02 -44.31
CA ASP W 15 -0.79 -23.39 -44.75
C ASP W 15 -1.91 -24.30 -44.27
N PRO W 16 -2.66 -24.95 -45.16
CA PRO W 16 -3.76 -25.82 -44.75
C PRO W 16 -3.39 -27.27 -44.46
N THR W 17 -2.11 -27.58 -44.30
CA THR W 17 -1.67 -28.94 -44.05
C THR W 17 -1.08 -29.08 -42.66
N THR W 18 -0.67 -30.31 -42.34
CA THR W 18 -0.05 -30.59 -41.05
C THR W 18 1.33 -29.99 -40.93
N ARG W 19 1.91 -29.55 -42.05
CA ARG W 19 3.22 -28.90 -42.07
C ARG W 19 3.20 -27.60 -41.27
N ARG W 20 2.01 -26.97 -41.17
CA ARG W 20 1.87 -25.72 -40.45
C ARG W 20 2.20 -25.88 -38.96
N ILE W 21 1.69 -26.94 -38.34
CA ILE W 21 1.93 -27.16 -36.91
C ILE W 21 3.41 -27.43 -36.64
N TRP W 22 4.01 -28.34 -37.42
CA TRP W 22 5.42 -28.68 -37.24
C TRP W 22 6.32 -27.48 -37.47
N TYR W 23 6.06 -26.72 -38.54
CA TYR W 23 6.88 -25.55 -38.83
C TYR W 23 6.67 -24.44 -37.82
N GLY W 24 5.44 -24.27 -37.31
CA GLY W 24 5.20 -23.24 -36.32
C GLY W 24 5.89 -23.58 -35.01
N LEU W 25 5.94 -24.87 -34.68
CA LEU W 25 6.62 -25.29 -33.46
C LEU W 25 8.13 -25.19 -33.59
N ALA W 26 8.66 -25.43 -34.79
CA ALA W 26 10.11 -25.38 -35.00
C ALA W 26 10.65 -23.99 -35.33
N MET W 27 9.80 -23.00 -35.56
CA MET W 27 10.26 -21.65 -35.89
C MET W 27 9.81 -20.61 -34.87
N ALA W 28 9.34 -21.06 -33.70
CA ALA W 28 8.87 -20.11 -32.69
C ALA W 28 10.01 -19.29 -32.09
N HIS W 29 11.18 -19.89 -31.92
CA HIS W 29 12.30 -19.15 -31.36
C HIS W 29 13.08 -18.36 -32.40
N ASP W 30 12.79 -18.57 -33.69
CA ASP W 30 13.47 -17.81 -34.75
C ASP W 30 12.83 -16.43 -34.81
N PHE W 31 13.25 -15.57 -33.87
CA PHE W 31 12.69 -14.23 -33.74
C PHE W 31 12.94 -13.37 -34.97
N GLU W 32 14.10 -13.51 -35.62
CA GLU W 32 14.40 -12.71 -36.80
C GLU W 32 13.49 -13.04 -37.97
N SER W 33 12.91 -14.24 -38.00
CA SER W 33 12.05 -14.68 -39.09
C SER W 33 10.57 -14.44 -38.85
N HIS W 34 10.19 -13.70 -37.81
CA HIS W 34 8.77 -13.47 -37.59
C HIS W 34 8.26 -12.35 -38.49
N ASP W 35 6.97 -12.06 -38.35
CA ASP W 35 6.35 -11.00 -39.13
C ASP W 35 6.44 -9.67 -38.39
N GLY W 36 7.00 -8.67 -39.06
CA GLY W 36 7.14 -7.36 -38.44
C GLY W 36 8.13 -7.33 -37.31
N MET W 37 9.36 -7.81 -37.55
CA MET W 37 10.38 -7.84 -36.52
C MET W 37 11.45 -6.79 -36.78
N THR W 38 11.73 -6.00 -35.75
CA THR W 38 12.74 -4.95 -35.78
C THR W 38 13.89 -5.37 -34.88
N GLU W 39 14.92 -4.54 -34.81
CA GLU W 39 16.08 -4.87 -33.97
C GLU W 39 15.76 -4.71 -32.48
N GLU W 40 15.11 -3.60 -32.12
CA GLU W 40 14.77 -3.34 -30.72
C GLU W 40 13.82 -4.40 -30.17
N ASN W 41 12.79 -4.74 -30.95
CA ASN W 41 11.84 -5.77 -30.52
C ASN W 41 12.53 -7.11 -30.39
N LEU W 42 13.46 -7.40 -31.31
CA LEU W 42 14.23 -8.65 -31.27
C LEU W 42 15.00 -8.78 -29.98
N TYR W 43 15.74 -7.73 -29.61
CA TYR W 43 16.51 -7.76 -28.38
C TYR W 43 15.61 -7.86 -27.15
N GLN W 44 14.46 -7.20 -27.18
CA GLN W 44 13.55 -7.29 -26.04
C GLN W 44 13.00 -8.71 -25.87
N LYS W 45 12.67 -9.37 -26.99
CA LYS W 45 12.18 -10.74 -26.93
C LYS W 45 13.25 -11.67 -26.39
N ILE W 46 14.50 -11.44 -26.78
CA ILE W 46 15.59 -12.28 -26.27
C ILE W 46 15.79 -12.04 -24.78
N PHE W 47 15.62 -10.80 -24.34
CA PHE W 47 15.76 -10.46 -22.92
C PHE W 47 14.72 -11.21 -22.09
N ALA W 48 13.47 -11.21 -22.57
CA ALA W 48 12.41 -11.95 -21.88
C ALA W 48 12.70 -13.43 -21.87
N SER W 49 13.19 -13.97 -22.99
CA SER W 49 13.53 -15.39 -23.07
C SER W 49 14.62 -15.75 -22.08
N HIS W 50 15.60 -14.86 -21.92
CA HIS W 50 16.69 -15.10 -20.98
C HIS W 50 16.15 -15.19 -19.56
N PHE W 51 15.23 -14.28 -19.21
CA PHE W 51 14.64 -14.30 -17.87
C PHE W 51 13.84 -15.58 -17.65
N GLY W 52 13.09 -16.02 -18.67
CA GLY W 52 12.31 -17.23 -18.54
C GLY W 52 13.18 -18.47 -18.37
N GLN W 53 14.31 -18.49 -19.08
CA GLN W 53 15.24 -19.61 -18.95
C GLN W 53 15.86 -19.64 -17.55
N LEU W 54 16.21 -18.45 -17.02
CA LEU W 54 16.78 -18.38 -15.69
C LEU W 54 15.77 -18.87 -14.66
N SER W 55 14.49 -18.51 -14.83
CA SER W 55 13.46 -18.96 -13.92
C SER W 55 13.31 -20.47 -13.96
N ILE W 56 13.38 -21.05 -15.16
CA ILE W 56 13.27 -22.50 -15.30
C ILE W 56 14.44 -23.20 -14.61
N ILE W 57 15.65 -22.66 -14.78
CA ILE W 57 16.84 -23.26 -14.15
C ILE W 57 16.73 -23.22 -12.64
N PHE W 58 16.34 -22.07 -12.09
CA PHE W 58 16.23 -21.95 -10.64
C PHE W 58 15.11 -22.82 -10.09
N LEU W 59 14.00 -22.92 -10.81
CA LEU W 59 12.89 -23.76 -10.33
C LEU W 59 13.30 -25.23 -10.34
N TRP W 60 14.07 -25.65 -11.36
CA TRP W 60 14.54 -27.02 -11.42
C TRP W 60 15.50 -27.33 -10.27
N THR W 61 16.37 -26.37 -9.95
CA THR W 61 17.29 -26.57 -8.82
C THR W 61 16.52 -26.68 -7.51
N SER W 62 15.49 -25.83 -7.34
CA SER W 62 14.68 -25.88 -6.14
C SER W 62 13.94 -27.20 -6.04
N GLY W 63 13.49 -27.73 -7.20
CA GLY W 63 12.80 -29.02 -7.19
C GLY W 63 13.73 -30.14 -6.76
N ASN W 64 14.98 -30.10 -7.20
CA ASN W 64 15.95 -31.12 -6.79
C ASN W 64 16.19 -31.05 -5.29
N LEU W 65 16.36 -29.84 -4.76
CA LEU W 65 16.59 -29.65 -3.33
C LEU W 65 15.40 -30.14 -2.52
N PHE W 66 14.20 -29.81 -2.97
CA PHE W 66 12.98 -30.20 -2.27
C PHE W 66 12.82 -31.71 -2.25
N HIS W 67 13.07 -32.38 -3.37
CA HIS W 67 12.90 -33.83 -3.40
C HIS W 67 13.96 -34.53 -2.55
N VAL W 68 15.18 -33.99 -2.51
CA VAL W 68 16.20 -34.61 -1.68
C VAL W 68 15.85 -34.42 -0.20
N ALA W 69 15.28 -33.27 0.16
CA ALA W 69 14.90 -33.04 1.55
C ALA W 69 13.67 -33.84 1.95
N TRP W 70 12.79 -34.14 0.99
CA TRP W 70 11.56 -34.86 1.30
C TRP W 70 11.70 -36.38 1.22
N GLN W 71 12.07 -36.92 0.06
CA GLN W 71 12.18 -38.36 -0.10
C GLN W 71 13.60 -38.89 -0.01
N GLY W 72 14.61 -38.02 0.03
CA GLY W 72 15.98 -38.44 0.13
C GLY W 72 16.37 -38.82 1.55
N ASN W 73 17.59 -39.33 1.66
CA ASN W 73 18.17 -39.75 2.94
C ASN W 73 19.44 -38.97 3.22
N PHE W 74 19.38 -37.65 3.03
CA PHE W 74 20.55 -36.81 3.25
C PHE W 74 20.96 -36.77 4.72
N GLU W 75 20.00 -36.84 5.64
CA GLU W 75 20.34 -36.80 7.05
C GLU W 75 21.08 -38.06 7.49
N GLN W 76 20.85 -39.18 6.81
CA GLN W 76 21.52 -40.42 7.14
C GLN W 76 22.75 -40.66 6.28
N TRP W 77 22.78 -40.07 5.07
CA TRP W 77 23.92 -40.25 4.19
C TRP W 77 25.15 -39.50 4.69
N VAL W 78 24.94 -38.36 5.38
CA VAL W 78 26.07 -37.58 5.88
C VAL W 78 26.80 -38.31 6.99
N THR W 79 26.09 -39.15 7.74
CA THR W 79 26.74 -39.89 8.83
C THR W 79 27.61 -41.02 8.30
N ASP W 80 27.21 -41.63 7.19
CA ASP W 80 27.95 -42.73 6.57
C ASP W 80 27.96 -42.54 5.06
N PRO W 81 28.80 -41.64 4.55
CA PRO W 81 28.84 -41.39 3.11
C PRO W 81 29.66 -42.40 2.31
N VAL W 82 30.00 -43.56 2.87
CA VAL W 82 30.78 -44.55 2.16
C VAL W 82 29.95 -45.79 1.90
N HIS W 83 29.12 -46.17 2.87
CA HIS W 83 28.30 -47.37 2.74
C HIS W 83 26.81 -47.12 2.57
N ILE W 84 26.39 -45.88 2.32
CA ILE W 84 24.98 -45.56 2.15
C ILE W 84 24.80 -44.92 0.78
N ARG W 85 23.88 -45.47 -0.01
CA ARG W 85 23.62 -44.95 -1.35
C ARG W 85 22.66 -43.78 -1.30
N PRO W 86 22.89 -42.73 -2.09
CA PRO W 86 21.98 -41.58 -2.07
C PRO W 86 20.66 -41.93 -2.73
N ILE W 87 19.61 -41.22 -2.33
CA ILE W 87 18.26 -41.42 -2.85
C ILE W 87 17.84 -40.16 -3.58
N ALA W 88 17.39 -40.33 -4.83
CA ALA W 88 16.95 -39.19 -5.63
C ALA W 88 15.55 -38.74 -5.23
N HIS W 89 14.57 -39.62 -5.37
CA HIS W 89 13.19 -39.34 -5.02
C HIS W 89 12.43 -40.66 -4.96
N ALA W 90 11.21 -40.60 -4.44
CA ALA W 90 10.42 -41.81 -4.35
C ALA W 90 9.79 -42.13 -5.70
N ILE W 91 9.23 -43.33 -5.79
CA ILE W 91 8.59 -43.81 -6.99
C ILE W 91 7.15 -44.17 -6.66
N TRP W 92 6.21 -43.61 -7.42
CA TRP W 92 4.79 -43.92 -7.25
C TRP W 92 4.31 -44.34 -8.63
N ASP W 93 4.39 -45.64 -8.90
CA ASP W 93 3.98 -46.20 -10.18
C ASP W 93 2.93 -47.28 -9.94
N PRO W 94 1.68 -47.06 -10.36
CA PRO W 94 0.66 -48.11 -10.16
C PRO W 94 0.91 -49.35 -10.99
N HIS W 95 1.79 -49.27 -11.98
CA HIS W 95 2.10 -50.41 -12.83
C HIS W 95 3.02 -51.39 -12.14
N PHE W 96 3.73 -50.97 -11.09
CA PHE W 96 4.63 -51.88 -10.39
C PHE W 96 3.87 -52.95 -9.62
N GLY W 97 4.35 -54.18 -9.74
CA GLY W 97 3.78 -55.29 -9.01
C GLY W 97 4.54 -55.42 -7.70
N GLN W 98 4.29 -56.51 -6.99
CA GLN W 98 4.99 -56.73 -5.73
C GLN W 98 6.51 -56.87 -5.90
N PRO W 99 7.03 -57.68 -6.85
CA PRO W 99 8.51 -57.76 -6.97
C PRO W 99 9.16 -56.43 -7.31
N ALA W 100 8.50 -55.57 -8.09
CA ALA W 100 9.09 -54.29 -8.41
C ALA W 100 9.16 -53.40 -7.18
N VAL W 101 8.13 -53.47 -6.33
CA VAL W 101 8.09 -52.66 -5.12
C VAL W 101 9.21 -53.09 -4.17
N GLU W 102 9.38 -54.40 -3.95
CA GLU W 102 10.47 -54.79 -3.06
C GLU W 102 11.84 -54.69 -3.74
N ALA W 103 11.90 -54.70 -5.07
CA ALA W 103 13.18 -54.60 -5.75
C ALA W 103 13.71 -53.17 -5.71
N PHE W 104 12.83 -52.19 -5.89
CA PHE W 104 13.27 -50.80 -5.84
C PHE W 104 13.37 -50.26 -4.42
N THR W 105 12.85 -50.98 -3.44
CA THR W 105 12.92 -50.57 -2.04
C THR W 105 14.33 -50.87 -1.58
N ARG W 106 15.17 -49.84 -1.60
CA ARG W 106 16.55 -49.97 -1.19
C ARG W 106 17.02 -48.62 -0.66
N GLY W 107 18.24 -48.58 -0.14
CA GLY W 107 18.79 -47.36 0.41
C GLY W 107 18.22 -46.96 1.75
N GLY W 108 17.65 -47.90 2.51
CA GLY W 108 17.10 -47.61 3.81
C GLY W 108 15.76 -46.89 3.79
N ALA W 109 15.09 -46.84 2.64
CA ALA W 109 13.81 -46.15 2.56
C ALA W 109 12.68 -47.10 2.94
N SER W 110 11.47 -46.54 2.98
CA SER W 110 10.28 -47.29 3.31
C SER W 110 9.46 -47.67 2.09
N GLY W 111 9.91 -47.30 0.90
CA GLY W 111 9.21 -47.62 -0.33
C GLY W 111 10.14 -47.60 -1.52
N PRO W 112 9.57 -47.73 -2.73
CA PRO W 112 10.42 -47.72 -3.93
C PRO W 112 10.95 -46.33 -4.21
N VAL W 113 12.28 -46.22 -4.27
CA VAL W 113 12.97 -44.95 -4.51
C VAL W 113 14.04 -45.16 -5.58
N ASN W 114 14.47 -44.06 -6.18
CA ASN W 114 15.52 -44.04 -7.19
C ASN W 114 16.83 -43.60 -6.55
N ILE W 115 17.91 -44.35 -6.83
CA ILE W 115 19.22 -44.02 -6.30
C ILE W 115 19.83 -42.99 -7.24
N SER W 116 20.14 -41.81 -6.70
CA SER W 116 20.69 -40.73 -7.53
C SER W 116 22.11 -40.99 -7.98
N THR W 117 22.44 -40.45 -9.16
CA THR W 117 23.77 -40.53 -9.76
C THR W 117 24.29 -39.15 -10.14
N SER W 118 23.53 -38.09 -9.83
CA SER W 118 23.92 -36.72 -10.16
C SER W 118 25.01 -36.14 -9.27
N GLY W 119 25.24 -36.72 -8.09
CA GLY W 119 26.27 -36.20 -7.21
C GLY W 119 25.93 -34.94 -6.46
N VAL W 120 24.64 -34.61 -6.31
CA VAL W 120 24.28 -33.41 -5.58
C VAL W 120 24.47 -33.60 -4.08
N TYR W 121 24.46 -34.85 -3.62
CA TYR W 121 24.66 -35.13 -2.20
C TYR W 121 26.05 -34.71 -1.73
N GLN W 122 27.07 -35.12 -2.48
CA GLN W 122 28.44 -34.78 -2.14
C GLN W 122 28.68 -33.27 -2.21
N TRP W 123 28.12 -32.63 -3.23
CA TRP W 123 28.28 -31.19 -3.41
C TRP W 123 27.62 -30.41 -2.28
N TRP W 124 26.39 -30.76 -1.95
CA TRP W 124 25.67 -30.08 -0.87
C TRP W 124 26.31 -30.35 0.48
N TYR W 125 26.82 -31.57 0.69
CA TYR W 125 27.46 -31.90 1.95
C TYR W 125 28.78 -31.14 2.09
N THR W 126 29.48 -30.94 0.97
CA THR W 126 30.74 -30.22 1.00
C THR W 126 30.54 -28.74 1.25
N ILE W 127 29.52 -28.14 0.63
CA ILE W 127 29.32 -26.71 0.81
C ILE W 127 28.72 -26.34 2.18
N GLY W 128 28.20 -27.32 2.93
CA GLY W 128 27.67 -26.98 4.23
C GLY W 128 26.32 -27.52 4.64
N MET W 129 25.59 -28.19 3.74
CA MET W 129 24.29 -28.74 4.10
C MET W 129 24.46 -29.96 4.99
N ARG W 130 23.73 -29.99 6.11
CA ARG W 130 23.83 -31.10 7.03
C ARG W 130 22.47 -31.71 7.36
N THR W 131 21.45 -30.88 7.49
CA THR W 131 20.11 -31.32 7.82
C THR W 131 19.17 -31.07 6.64
N ASN W 132 18.00 -31.71 6.70
CA ASN W 132 17.02 -31.55 5.64
C ASN W 132 16.39 -30.17 5.69
N GLN W 133 16.45 -29.51 6.85
CA GLN W 133 15.90 -28.16 6.99
C GLN W 133 16.66 -27.20 6.09
N ASP W 134 17.98 -27.38 5.96
CA ASP W 134 18.79 -26.53 5.10
C ASP W 134 18.37 -26.67 3.65
N LEU W 135 18.13 -27.91 3.21
CA LEU W 135 17.71 -28.16 1.85
C LEU W 135 16.32 -27.56 1.60
N TYR W 136 15.43 -27.66 2.59
CA TYR W 136 14.08 -27.10 2.43
C TYR W 136 14.15 -25.58 2.30
N VAL W 137 14.97 -24.94 3.13
CA VAL W 137 15.12 -23.49 3.08
C VAL W 137 15.72 -23.07 1.74
N GLY W 138 16.70 -23.83 1.26
CA GLY W 138 17.31 -23.52 -0.02
C GLY W 138 16.33 -23.69 -1.16
N SER W 139 15.47 -24.71 -1.10
CA SER W 139 14.48 -24.93 -2.14
C SER W 139 13.45 -23.82 -2.15
N VAL W 140 13.01 -23.37 -0.98
CA VAL W 140 12.04 -22.28 -0.91
C VAL W 140 12.66 -20.99 -1.44
N PHE W 141 13.91 -20.72 -1.07
CA PHE W 141 14.60 -19.51 -1.53
C PHE W 141 14.79 -19.53 -3.04
N LEU W 142 15.18 -20.68 -3.61
CA LEU W 142 15.37 -20.77 -5.05
C LEU W 142 14.03 -20.68 -5.79
N ALA W 143 12.96 -21.21 -5.21
CA ALA W 143 11.65 -21.09 -5.86
C ALA W 143 11.20 -19.64 -5.90
N LEU W 144 11.42 -18.91 -4.80
CA LEU W 144 11.05 -17.49 -4.78
C LEU W 144 11.91 -16.69 -5.75
N VAL W 145 13.19 -17.05 -5.87
CA VAL W 145 14.07 -16.35 -6.81
C VAL W 145 13.61 -16.62 -8.24
N SER W 146 13.18 -17.86 -8.52
CA SER W 146 12.69 -18.19 -9.86
C SER W 146 11.41 -17.42 -10.16
N ALA W 147 10.54 -17.26 -9.15
CA ALA W 147 9.31 -16.50 -9.36
C ALA W 147 9.63 -15.04 -9.63
N ILE W 148 10.63 -14.49 -8.94
CA ILE W 148 11.02 -13.10 -9.16
C ILE W 148 11.58 -12.94 -10.57
N PHE W 149 12.35 -13.93 -11.05
CA PHE W 149 12.90 -13.85 -12.40
C PHE W 149 11.78 -13.92 -13.44
N LEU W 150 10.77 -14.75 -13.20
CA LEU W 150 9.64 -14.84 -14.12
C LEU W 150 8.88 -13.52 -14.16
N PHE W 151 8.68 -12.91 -12.99
CA PHE W 151 7.99 -11.62 -12.93
C PHE W 151 8.81 -10.55 -13.65
N ALA W 152 10.14 -10.61 -13.50
CA ALA W 152 11.01 -9.65 -14.17
C ALA W 152 10.92 -9.82 -15.68
N GLY W 153 10.81 -11.07 -16.14
CA GLY W 153 10.68 -11.32 -17.56
C GLY W 153 9.37 -10.77 -18.10
N TRP W 154 8.31 -10.86 -17.31
CA TRP W 154 7.03 -10.31 -17.75
C TRP W 154 7.04 -8.78 -17.69
N LEU W 155 7.68 -8.22 -16.68
CA LEU W 155 7.73 -6.79 -16.47
C LEU W 155 8.56 -6.07 -17.52
N HIS W 156 9.67 -6.67 -17.94
CA HIS W 156 10.51 -5.98 -18.92
C HIS W 156 9.90 -5.90 -20.31
N LEU W 157 8.78 -6.55 -20.62
CA LEU W 157 8.17 -6.45 -21.93
C LEU W 157 7.10 -5.38 -22.02
N GLN W 158 6.60 -4.91 -20.89
CA GLN W 158 5.58 -3.89 -20.84
C GLN W 158 6.16 -2.50 -21.07
N PRO W 159 5.35 -1.54 -21.52
CA PRO W 159 5.86 -0.18 -21.74
C PRO W 159 6.32 0.44 -20.43
N ASN W 160 7.26 1.38 -20.56
CA ASN W 160 7.97 2.14 -19.52
C ASN W 160 9.01 1.24 -18.83
N PHE W 161 9.18 0.00 -19.30
CA PHE W 161 10.15 -0.92 -18.73
C PHE W 161 10.96 -1.62 -19.82
N GLN W 162 10.63 -1.43 -21.09
CA GLN W 162 11.37 -2.06 -22.18
C GLN W 162 12.67 -1.29 -22.42
N PRO W 163 13.83 -1.97 -22.41
CA PRO W 163 15.08 -1.26 -22.66
C PRO W 163 15.20 -0.78 -24.10
N SER W 164 15.96 0.29 -24.29
CA SER W 164 16.16 0.85 -25.61
C SER W 164 17.17 0.01 -26.40
N LEU W 165 17.22 0.26 -27.70
CA LEU W 165 18.14 -0.47 -28.56
C LEU W 165 19.59 -0.13 -28.24
N SER W 166 19.87 1.14 -27.90
CA SER W 166 21.23 1.53 -27.57
C SER W 166 21.68 0.91 -26.25
N TRP W 167 20.75 0.63 -25.35
CA TRP W 167 21.11 0.02 -24.07
C TRP W 167 21.64 -1.39 -24.27
N PHE W 168 21.05 -2.13 -25.21
CA PHE W 168 21.48 -3.49 -25.47
C PHE W 168 22.84 -3.55 -26.16
N LYS W 169 23.29 -2.46 -26.76
CA LYS W 169 24.56 -2.43 -27.47
C LYS W 169 25.69 -1.78 -26.68
N ASP W 170 25.50 -1.57 -25.38
CA ASP W 170 26.53 -0.98 -24.52
C ASP W 170 27.48 -2.11 -24.12
N ALA W 171 28.38 -2.44 -25.05
CA ALA W 171 29.33 -3.53 -24.82
C ALA W 171 30.32 -3.22 -23.70
N GLU W 172 30.82 -1.98 -23.63
CA GLU W 172 31.80 -1.63 -22.60
C GLU W 172 31.21 -1.74 -21.20
N SER W 173 30.03 -1.15 -20.99
CA SER W 173 29.39 -1.20 -19.68
C SER W 173 29.00 -2.62 -19.29
N ARG W 174 28.43 -3.37 -20.22
CA ARG W 174 28.00 -4.73 -19.92
C ARG W 174 29.18 -5.62 -19.60
N LEU W 175 30.27 -5.49 -20.36
CA LEU W 175 31.43 -6.33 -20.08
C LEU W 175 32.12 -5.92 -18.78
N ASN W 176 32.16 -4.62 -18.47
CA ASN W 176 32.77 -4.21 -17.20
C ASN W 176 31.96 -4.71 -16.02
N HIS W 177 30.63 -4.64 -16.13
CA HIS W 177 29.78 -5.11 -15.04
C HIS W 177 29.80 -6.63 -14.91
N HIS W 178 29.94 -7.36 -16.02
CA HIS W 178 29.99 -8.81 -15.90
C HIS W 178 31.34 -9.27 -15.38
N LEU W 179 32.42 -8.56 -15.71
CA LEU W 179 33.72 -8.99 -15.21
C LEU W 179 33.90 -8.60 -13.74
N SER W 180 33.39 -7.43 -13.36
CA SER W 180 33.55 -6.98 -11.98
C SER W 180 32.43 -7.44 -11.05
N GLY W 181 31.19 -7.38 -11.51
CA GLY W 181 30.07 -7.78 -10.66
C GLY W 181 29.59 -9.21 -10.73
N LEU W 182 29.23 -9.71 -11.92
CA LEU W 182 28.75 -11.08 -12.02
C LEU W 182 29.85 -12.12 -11.81
N PHE W 183 31.10 -11.76 -12.07
CA PHE W 183 32.22 -12.68 -11.90
C PHE W 183 33.02 -12.44 -10.64
N GLY W 184 33.38 -11.19 -10.36
CA GLY W 184 34.19 -10.90 -9.19
C GLY W 184 33.41 -10.89 -7.89
N VAL W 185 32.31 -10.14 -7.84
CA VAL W 185 31.52 -10.06 -6.61
C VAL W 185 30.91 -11.42 -6.26
N SER W 186 30.47 -12.16 -7.28
CA SER W 186 29.89 -13.49 -7.02
C SER W 186 30.95 -14.43 -6.45
N SER W 187 32.17 -14.38 -6.99
CA SER W 187 33.25 -15.22 -6.46
C SER W 187 33.64 -14.78 -5.06
N LEU W 188 33.62 -13.47 -4.80
CA LEU W 188 33.94 -12.96 -3.47
C LEU W 188 32.89 -13.42 -2.46
N ALA W 189 31.62 -13.41 -2.88
CA ALA W 189 30.55 -13.88 -2.01
C ALA W 189 30.70 -15.37 -1.74
N TRP W 190 31.14 -16.12 -2.74
CA TRP W 190 31.34 -17.56 -2.52
C TRP W 190 32.48 -17.78 -1.56
N THR W 191 33.52 -16.93 -1.63
CA THR W 191 34.62 -17.03 -0.69
C THR W 191 34.12 -16.75 0.72
N GLY W 192 33.22 -15.78 0.84
CA GLY W 192 32.66 -15.46 2.14
C GLY W 192 31.83 -16.61 2.69
N HIS W 193 31.11 -17.32 1.82
CA HIS W 193 30.33 -18.45 2.28
C HIS W 193 31.24 -19.59 2.71
N LEU W 194 32.29 -19.87 1.93
CA LEU W 194 33.21 -20.94 2.25
C LEU W 194 33.92 -20.69 3.57
N VAL W 195 34.39 -19.46 3.78
CA VAL W 195 35.08 -19.12 5.02
C VAL W 195 34.13 -19.06 6.22
N HIS W 196 32.93 -18.52 6.02
CA HIS W 196 31.95 -18.38 7.10
C HIS W 196 31.09 -19.61 7.35
N VAL W 197 30.79 -20.41 6.33
CA VAL W 197 29.89 -21.54 6.54
C VAL W 197 30.51 -22.90 6.27
N ALA W 198 30.99 -23.13 5.04
CA ALA W 198 31.55 -24.42 4.66
C ALA W 198 32.72 -24.84 5.54
N ILE W 199 33.70 -23.97 5.72
CA ILE W 199 34.86 -24.31 6.55
C ILE W 199 34.47 -24.57 8.01
N PRO W 200 33.64 -23.75 8.67
CA PRO W 200 33.26 -24.12 10.05
C PRO W 200 32.35 -25.33 10.11
N GLU W 201 31.52 -25.57 9.10
CA GLU W 201 30.64 -26.75 9.15
C GLU W 201 31.43 -28.03 8.94
N SER W 202 32.51 -27.99 8.16
CA SER W 202 33.32 -29.17 7.94
C SER W 202 34.16 -29.54 9.15
N ARG W 203 34.29 -28.64 10.12
CA ARG W 203 35.07 -28.88 11.33
C ARG W 203 34.19 -29.17 12.55
N GLY W 204 32.93 -29.54 12.33
CA GLY W 204 32.02 -29.87 13.40
C GLY W 204 31.30 -28.73 14.07
N GLN W 205 31.35 -27.52 13.51
CA GLN W 205 30.68 -26.37 14.09
C GLN W 205 29.53 -25.95 13.20
N HIS W 206 28.31 -26.00 13.72
CA HIS W 206 27.15 -25.59 12.94
C HIS W 206 27.02 -24.08 12.92
N VAL W 207 27.14 -23.49 11.73
CA VAL W 207 27.04 -22.06 11.53
C VAL W 207 25.91 -21.83 10.53
N GLY W 208 24.86 -21.14 10.98
CA GLY W 208 23.73 -20.86 10.13
C GLY W 208 23.29 -19.42 10.23
N TRP W 209 22.14 -19.10 9.64
CA TRP W 209 21.62 -17.73 9.68
C TRP W 209 21.30 -17.26 11.10
N ASP W 210 21.09 -18.19 12.03
CA ASP W 210 20.77 -17.85 13.41
C ASP W 210 22.00 -17.60 14.28
N ASN W 211 23.21 -17.96 13.84
CA ASN W 211 24.38 -17.74 14.67
C ASN W 211 25.64 -17.33 13.91
N PHE W 212 25.52 -16.95 12.63
CA PHE W 212 26.73 -16.57 11.90
C PHE W 212 27.19 -15.16 12.21
N LEU W 213 26.32 -14.34 12.79
CA LEU W 213 26.70 -12.97 13.12
C LEU W 213 27.44 -12.88 14.45
N SER W 214 27.53 -13.97 15.20
CA SER W 214 28.21 -13.98 16.49
C SER W 214 29.37 -14.97 16.54
N VAL W 215 29.57 -15.76 15.50
CA VAL W 215 30.65 -16.75 15.45
C VAL W 215 31.74 -16.20 14.54
N LEU W 216 32.97 -16.13 15.07
CA LEU W 216 34.13 -15.63 14.33
C LEU W 216 34.74 -16.73 13.46
N PRO W 217 34.94 -16.47 12.15
CA PRO W 217 35.53 -17.50 11.29
C PRO W 217 37.01 -17.73 11.57
N HIS W 218 37.68 -16.78 12.22
CA HIS W 218 39.09 -16.90 12.55
C HIS W 218 39.32 -16.33 13.94
N PRO W 219 40.26 -16.90 14.71
CA PRO W 219 40.50 -16.37 16.07
C PRO W 219 41.08 -14.96 16.11
N GLN W 220 41.64 -14.46 15.01
CA GLN W 220 42.19 -13.12 15.01
C GLN W 220 41.17 -12.06 14.62
N GLY W 221 40.05 -12.45 14.01
CA GLY W 221 38.97 -11.55 13.65
C GLY W 221 39.21 -10.32 12.79
N LEU W 222 39.50 -10.52 11.50
CA LEU W 222 39.71 -9.49 10.47
C LEU W 222 40.92 -8.59 10.69
N THR W 223 41.64 -8.75 11.80
CA THR W 223 42.81 -7.92 12.05
C THR W 223 43.96 -8.18 11.07
N PRO W 224 44.36 -9.43 10.76
CA PRO W 224 45.47 -9.60 9.80
C PRO W 224 45.16 -9.10 8.40
N PHE W 225 43.89 -9.03 8.01
CA PHE W 225 43.55 -8.52 6.70
C PHE W 225 43.82 -7.02 6.60
N PHE W 226 43.40 -6.26 7.62
CA PHE W 226 43.62 -4.82 7.62
C PHE W 226 45.07 -4.47 7.89
N THR W 227 45.79 -5.29 8.66
CA THR W 227 47.19 -4.99 8.93
C THR W 227 48.14 -5.55 7.89
N GLY W 228 47.63 -6.20 6.85
CA GLY W 228 48.47 -6.74 5.80
C GLY W 228 49.20 -8.02 6.13
N ASN W 229 48.98 -8.60 7.30
CA ASN W 229 49.65 -9.84 7.70
C ASN W 229 48.75 -11.04 7.34
N TRP W 230 48.49 -11.16 6.03
CA TRP W 230 47.62 -12.22 5.53
C TRP W 230 48.20 -13.61 5.77
N ALA W 231 49.52 -13.71 5.96
CA ALA W 231 50.16 -15.01 6.21
C ALA W 231 49.66 -15.66 7.48
N ALA W 232 49.06 -14.89 8.40
CA ALA W 232 48.52 -15.46 9.62
C ALA W 232 47.26 -16.26 9.36
N TYR W 233 46.61 -16.04 8.22
CA TYR W 233 45.39 -16.78 7.92
C TYR W 233 45.64 -18.22 7.53
N ALA W 234 46.83 -18.53 7.01
CA ALA W 234 47.19 -19.88 6.60
C ALA W 234 47.83 -20.68 7.73
N GLN W 235 47.99 -20.09 8.90
CA GLN W 235 48.57 -20.77 10.04
C GLN W 235 47.61 -21.79 10.62
N SER W 236 48.16 -22.91 11.10
CA SER W 236 47.44 -24.03 11.70
C SER W 236 46.37 -24.61 10.79
N PRO W 237 46.73 -25.27 9.68
CA PRO W 237 45.72 -25.83 8.79
C PRO W 237 45.21 -27.18 9.27
N ASP W 238 44.38 -27.82 8.45
CA ASP W 238 43.85 -29.13 8.81
C ASP W 238 44.96 -30.17 8.68
N THR W 239 45.12 -31.00 9.71
CA THR W 239 46.16 -32.01 9.72
C THR W 239 45.77 -33.21 8.85
N ALA W 240 46.70 -34.15 8.73
CA ALA W 240 46.48 -35.34 7.93
C ALA W 240 45.49 -36.33 8.56
N SER W 241 45.13 -36.15 9.83
CA SER W 241 44.19 -37.04 10.50
C SER W 241 42.84 -36.37 10.71
N HIS W 242 42.50 -35.37 9.90
CA HIS W 242 41.23 -34.68 10.07
C HIS W 242 40.08 -35.52 9.55
N VAL W 243 39.00 -35.55 10.30
CA VAL W 243 37.79 -36.27 9.94
C VAL W 243 36.80 -35.23 9.47
N PHE W 244 36.27 -35.41 8.26
CA PHE W 244 35.32 -34.47 7.69
C PHE W 244 34.01 -34.49 8.47
N GLY W 245 33.54 -33.30 8.86
CA GLY W 245 32.31 -33.15 9.59
C GLY W 245 32.47 -33.10 11.09
N THR W 246 33.64 -33.44 11.62
CA THR W 246 33.90 -33.43 13.04
C THR W 246 35.08 -32.51 13.34
N ALA W 247 35.34 -32.33 14.63
CA ALA W 247 36.44 -31.48 15.06
C ALA W 247 37.73 -32.26 15.32
N GLN W 248 37.75 -33.56 15.04
CA GLN W 248 38.95 -34.35 15.27
C GLN W 248 40.03 -34.00 14.26
N GLY W 249 41.15 -33.44 14.75
CA GLY W 249 42.25 -33.04 13.90
C GLY W 249 41.98 -31.86 13.00
N SER W 250 40.99 -31.04 13.32
CA SER W 250 40.64 -29.89 12.51
C SER W 250 41.48 -28.68 12.89
N GLY W 251 41.96 -27.97 11.86
CA GLY W 251 42.75 -26.78 12.03
C GLY W 251 41.91 -25.53 12.16
N GLN W 252 42.60 -24.39 12.20
CA GLN W 252 41.95 -23.10 12.34
C GLN W 252 42.19 -22.16 11.16
N ALA W 253 42.87 -22.62 10.12
CA ALA W 253 43.15 -21.78 8.97
C ALA W 253 41.95 -21.68 8.05
N ILE W 254 41.86 -20.56 7.34
CA ILE W 254 40.77 -20.33 6.42
C ILE W 254 41.21 -20.14 4.97
N LEU W 255 42.47 -19.77 4.71
CA LEU W 255 42.95 -19.57 3.35
C LEU W 255 44.35 -20.16 3.23
N THR W 256 44.44 -21.37 2.68
CA THR W 256 45.73 -22.04 2.49
C THR W 256 45.86 -22.48 1.05
N PHE W 257 47.02 -23.01 0.72
CA PHE W 257 47.33 -23.54 -0.62
C PHE W 257 48.15 -24.81 -0.47
N LEU W 258 47.67 -25.71 0.40
CA LEU W 258 48.36 -26.98 0.65
C LEU W 258 48.42 -27.85 -0.59
N GLY W 259 47.38 -27.81 -1.42
CA GLY W 259 47.36 -28.61 -2.62
C GLY W 259 46.99 -30.06 -2.34
N GLY W 260 47.01 -30.86 -3.39
CA GLY W 260 46.68 -32.27 -3.27
C GLY W 260 45.21 -32.48 -2.95
N PHE W 261 44.94 -33.54 -2.19
CA PHE W 261 43.60 -33.90 -1.78
C PHE W 261 43.55 -34.21 -0.29
N HIS W 262 42.34 -34.22 0.23
CA HIS W 262 42.11 -34.55 1.63
C HIS W 262 42.37 -36.05 1.80
N PRO W 263 43.09 -36.46 2.85
CA PRO W 263 43.37 -37.90 3.01
C PRO W 263 42.15 -38.79 3.16
N GLN W 264 41.08 -38.31 3.80
CA GLN W 264 39.91 -39.15 3.97
C GLN W 264 38.93 -39.07 2.81
N THR W 265 38.41 -37.88 2.53
CA THR W 265 37.43 -37.67 1.48
C THR W 265 38.00 -37.82 0.07
N GLN W 266 39.32 -37.76 -0.08
CA GLN W 266 40.00 -37.84 -1.38
C GLN W 266 39.51 -36.74 -2.30
N SER W 267 39.29 -35.55 -1.73
CA SER W 267 38.80 -34.39 -2.45
C SER W 267 39.64 -33.17 -2.08
N LEU W 268 39.42 -32.10 -2.82
CA LEU W 268 40.17 -30.86 -2.60
C LEU W 268 39.86 -30.24 -1.24
N TRP W 269 40.86 -29.58 -0.68
CA TRP W 269 40.71 -28.92 0.60
C TRP W 269 39.79 -27.71 0.46
N LEU W 270 38.99 -27.47 1.50
CA LEU W 270 38.07 -26.33 1.45
C LEU W 270 38.81 -25.01 1.56
N THR W 271 39.89 -24.97 2.34
CA THR W 271 40.66 -23.74 2.50
C THR W 271 41.31 -23.34 1.17
N ASP W 272 41.79 -24.33 0.42
CA ASP W 272 42.40 -24.05 -0.87
C ASP W 272 41.36 -23.54 -1.86
N MET W 273 40.15 -24.10 -1.82
CA MET W 273 39.09 -23.63 -2.70
C MET W 273 38.67 -22.21 -2.36
N ALA W 274 38.60 -21.89 -1.06
CA ALA W 274 38.26 -20.54 -0.64
C ALA W 274 39.32 -19.55 -1.08
N HIS W 275 40.60 -19.92 -0.91
CA HIS W 275 41.70 -19.07 -1.33
C HIS W 275 41.66 -18.86 -2.84
N HIS W 276 41.31 -19.91 -3.57
CA HIS W 276 41.20 -19.84 -5.01
C HIS W 276 40.14 -18.85 -5.44
N HIS W 277 38.95 -18.96 -4.83
CA HIS W 277 37.85 -18.07 -5.17
C HIS W 277 38.19 -16.63 -4.80
N LEU W 278 38.94 -16.43 -3.72
CA LEU W 278 39.33 -15.07 -3.34
C LEU W 278 40.29 -14.47 -4.36
N ALA W 279 41.31 -15.25 -4.78
CA ALA W 279 42.27 -14.76 -5.75
C ALA W 279 41.61 -14.47 -7.10
N ILE W 280 40.74 -15.37 -7.57
CA ILE W 280 40.09 -15.10 -8.84
C ILE W 280 39.08 -13.97 -8.70
N ALA W 281 38.53 -13.77 -7.50
CA ALA W 281 37.60 -12.65 -7.31
C ALA W 281 38.34 -11.34 -7.43
N VAL W 282 39.54 -11.27 -6.84
CA VAL W 282 40.35 -10.05 -6.93
C VAL W 282 40.75 -9.80 -8.38
N ILE W 283 41.15 -10.86 -9.08
CA ILE W 283 41.55 -10.70 -10.48
C ILE W 283 40.37 -10.25 -11.35
N PHE W 284 39.20 -10.86 -11.17
CA PHE W 284 38.04 -10.47 -11.98
C PHE W 284 37.57 -9.07 -11.66
N ILE W 285 37.60 -8.68 -10.39
CA ILE W 285 37.19 -7.32 -10.04
C ILE W 285 38.13 -6.32 -10.67
N VAL W 286 39.46 -6.55 -10.57
CA VAL W 286 40.43 -5.64 -11.17
C VAL W 286 40.23 -5.58 -12.68
N ALA W 287 39.98 -6.74 -13.31
CA ALA W 287 39.76 -6.77 -14.74
C ALA W 287 38.45 -6.08 -15.14
N GLY W 288 37.55 -5.86 -14.18
CA GLY W 288 36.31 -5.16 -14.48
C GLY W 288 36.44 -3.67 -14.72
N HIS W 289 37.63 -3.09 -14.63
CA HIS W 289 37.85 -1.67 -14.85
C HIS W 289 38.72 -1.42 -16.08
N MET W 290 38.44 -2.14 -17.15
CA MET W 290 39.26 -2.04 -18.35
C MET W 290 38.63 -1.19 -19.45
N TYR W 291 37.31 -1.07 -19.50
CA TYR W 291 36.66 -0.34 -20.57
C TYR W 291 36.01 0.96 -20.10
N ARG W 292 36.11 1.98 -20.97
CA ARG W 292 35.58 3.30 -20.70
C ARG W 292 34.07 3.30 -20.90
N THR W 293 33.33 3.65 -19.85
CA THR W 293 31.87 3.70 -19.94
C THR W 293 31.32 5.10 -19.74
N ASN W 294 31.53 5.71 -18.57
CA ASN W 294 31.00 7.05 -18.32
C ASN W 294 31.92 7.94 -17.50
N PHE W 295 33.18 7.55 -17.27
CA PHE W 295 34.06 8.36 -16.44
C PHE W 295 35.37 8.74 -17.12
N GLY W 296 35.42 8.76 -18.44
CA GLY W 296 36.64 9.14 -19.13
C GLY W 296 37.73 8.10 -19.22
N ILE W 297 38.12 7.51 -18.09
CA ILE W 297 39.18 6.50 -18.05
C ILE W 297 38.63 5.20 -18.61
N GLY W 298 39.52 4.34 -19.07
CA GLY W 298 39.15 3.06 -19.64
C GLY W 298 39.58 2.94 -21.09
N HIS W 299 39.05 1.89 -21.73
CA HIS W 299 39.34 1.60 -23.12
C HIS W 299 38.07 1.51 -23.95
N ARG W 300 38.27 1.48 -25.25
CA ARG W 300 37.22 1.32 -26.24
C ARG W 300 37.61 0.10 -27.06
N MET W 301 36.74 -0.90 -27.11
CA MET W 301 37.05 -2.13 -27.82
C MET W 301 37.25 -1.89 -29.32
N GLN W 302 36.58 -0.88 -29.86
CA GLN W 302 36.75 -0.55 -31.28
C GLN W 302 38.15 -0.03 -31.55
N ALA W 303 38.68 0.80 -30.64
CA ALA W 303 40.02 1.34 -30.82
C ALA W 303 41.07 0.24 -30.72
N ILE W 304 40.91 -0.69 -29.77
CA ILE W 304 41.87 -1.78 -29.63
C ILE W 304 41.81 -2.69 -30.84
N LEU W 305 40.60 -2.90 -31.39
CA LEU W 305 40.48 -3.75 -32.56
C LEU W 305 41.09 -3.09 -33.79
N GLU W 306 40.79 -1.82 -34.00
CA GLU W 306 41.30 -1.10 -35.16
C GLU W 306 42.80 -0.82 -35.06
N ALA W 307 43.37 -0.89 -33.87
CA ALA W 307 44.79 -0.66 -33.68
C ALA W 307 45.58 -1.96 -33.55
N HIS W 308 45.16 -3.01 -34.27
CA HIS W 308 45.85 -4.29 -34.20
C HIS W 308 46.08 -4.88 -35.58
N THR W 309 46.62 -4.07 -36.49
CA THR W 309 46.93 -4.55 -37.83
C THR W 309 48.44 -4.59 -38.02
N PRO W 310 49.02 -5.73 -38.39
CA PRO W 310 50.46 -5.83 -38.59
C PRO W 310 50.93 -4.95 -39.73
N PRO W 311 52.13 -4.37 -39.63
CA PRO W 311 52.61 -3.49 -40.71
C PRO W 311 52.97 -4.23 -41.98
N SER W 312 53.33 -5.50 -41.89
CA SER W 312 53.70 -6.27 -43.07
C SER W 312 52.52 -6.60 -43.97
N GLY W 313 51.29 -6.35 -43.53
CA GLY W 313 50.14 -6.66 -44.35
C GLY W 313 49.82 -8.14 -44.41
N SER W 314 50.34 -8.92 -43.47
CA SER W 314 50.09 -10.36 -43.45
C SER W 314 48.63 -10.67 -43.17
N LEU W 315 47.99 -9.88 -42.31
CA LEU W 315 46.59 -10.07 -41.97
C LEU W 315 45.68 -9.13 -42.75
N GLY W 316 46.22 -8.46 -43.77
CA GLY W 316 45.41 -7.54 -44.56
C GLY W 316 45.10 -6.28 -43.77
N ALA W 317 43.81 -6.02 -43.59
CA ALA W 317 43.39 -4.86 -42.82
C ALA W 317 43.37 -5.14 -41.33
N GLY W 318 43.76 -6.33 -40.92
CA GLY W 318 43.80 -6.71 -39.53
C GLY W 318 42.42 -6.92 -38.94
N HIS W 319 42.12 -6.23 -37.85
CA HIS W 319 40.84 -6.33 -37.18
C HIS W 319 39.99 -5.08 -37.36
N LYS W 320 40.21 -4.35 -38.44
CA LYS W 320 39.44 -3.13 -38.70
C LYS W 320 38.01 -3.50 -39.06
N GLY W 321 37.06 -2.83 -38.41
CA GLY W 321 35.67 -3.10 -38.65
C GLY W 321 35.11 -4.31 -37.95
N LEU W 322 35.91 -4.95 -37.08
CA LEU W 322 35.42 -6.13 -36.37
C LEU W 322 34.45 -5.76 -35.27
N PHE W 323 34.58 -4.55 -34.71
CA PHE W 323 33.67 -4.13 -33.65
C PHE W 323 32.24 -3.98 -34.17
N ASP W 324 32.09 -3.45 -35.38
CA ASP W 324 30.75 -3.27 -35.93
C ASP W 324 30.14 -4.58 -36.40
N THR W 325 30.95 -5.49 -36.94
CA THR W 325 30.38 -6.75 -37.42
C THR W 325 30.06 -7.72 -36.30
N VAL W 326 30.52 -7.45 -35.08
CA VAL W 326 30.25 -8.33 -33.96
C VAL W 326 29.15 -7.77 -33.06
N ASN W 327 29.22 -6.46 -32.79
CA ASN W 327 28.22 -5.81 -31.94
C ASN W 327 26.85 -5.77 -32.61
N ASN W 328 26.81 -5.75 -33.95
CA ASN W 328 25.55 -5.72 -34.68
C ASN W 328 25.08 -7.10 -35.12
N SER W 329 25.81 -8.16 -34.80
CA SER W 329 25.43 -9.52 -35.17
C SER W 329 25.26 -10.36 -33.92
N LEU W 330 24.05 -10.81 -33.66
CA LEU W 330 23.79 -11.64 -32.49
C LEU W 330 24.26 -13.07 -32.69
N HIS W 331 24.30 -13.54 -33.94
CA HIS W 331 24.75 -14.90 -34.19
C HIS W 331 26.25 -15.04 -33.94
N PHE W 332 27.01 -13.97 -34.20
CA PHE W 332 28.46 -13.99 -33.95
C PHE W 332 28.71 -14.08 -32.46
N GLN W 333 27.99 -13.27 -31.67
CA GLN W 333 28.15 -13.29 -30.22
C GLN W 333 27.70 -14.63 -29.65
N LEU W 334 26.61 -15.19 -30.17
CA LEU W 334 26.12 -16.48 -29.69
C LEU W 334 27.10 -17.58 -30.04
N GLY W 335 27.71 -17.51 -31.23
CA GLY W 335 28.67 -18.52 -31.61
C GLY W 335 29.92 -18.46 -30.75
N LEU W 336 30.41 -17.25 -30.45
CA LEU W 336 31.57 -17.10 -29.59
C LEU W 336 31.27 -17.61 -28.19
N ALA W 337 30.08 -17.26 -27.68
CA ALA W 337 29.67 -17.69 -26.35
C ALA W 337 29.53 -19.20 -26.28
N LEU W 338 28.93 -19.82 -27.30
CA LEU W 338 28.76 -21.27 -27.28
C LEU W 338 30.11 -21.98 -27.41
N ALA W 339 31.04 -21.43 -28.21
CA ALA W 339 32.35 -22.05 -28.33
C ALA W 339 33.08 -22.04 -27.01
N SER W 340 33.09 -20.88 -26.34
CA SER W 340 33.74 -20.77 -25.04
C SER W 340 33.05 -21.64 -24.00
N VAL W 341 31.72 -21.69 -24.01
CA VAL W 341 30.97 -22.49 -23.05
C VAL W 341 31.26 -23.97 -23.23
N GLY W 342 31.29 -24.45 -24.48
CA GLY W 342 31.58 -25.85 -24.72
C GLY W 342 32.99 -26.23 -24.28
N THR W 343 33.95 -25.35 -24.54
CA THR W 343 35.33 -25.63 -24.12
C THR W 343 35.41 -25.66 -22.59
N ILE W 344 34.73 -24.73 -21.93
CA ILE W 344 34.73 -24.69 -20.47
C ILE W 344 34.04 -25.92 -19.89
N THR W 345 32.98 -26.40 -20.55
CA THR W 345 32.28 -27.59 -20.08
C THR W 345 33.19 -28.81 -20.14
N SER W 346 33.95 -28.94 -21.23
CA SER W 346 34.89 -30.04 -21.33
C SER W 346 35.96 -29.92 -20.25
N LEU W 347 36.40 -28.68 -19.99
CA LEU W 347 37.39 -28.41 -18.95
C LEU W 347 36.86 -28.80 -17.59
N VAL W 348 35.57 -28.54 -17.34
CA VAL W 348 34.92 -28.92 -16.09
C VAL W 348 34.90 -30.43 -15.92
N ALA W 349 34.54 -31.15 -16.98
CA ALA W 349 34.49 -32.62 -16.89
C ALA W 349 35.86 -33.20 -16.55
N GLN W 350 36.90 -32.74 -17.26
CA GLN W 350 38.25 -33.25 -17.02
C GLN W 350 38.75 -32.89 -15.62
N HIS W 351 38.58 -31.62 -15.22
CA HIS W 351 39.05 -31.19 -13.90
C HIS W 351 38.27 -31.82 -12.77
N MET W 352 36.99 -32.10 -12.96
CA MET W 352 36.25 -32.69 -11.86
C MET W 352 36.56 -34.16 -11.70
N TYR W 353 36.83 -34.89 -12.80
CA TYR W 353 37.12 -36.29 -12.49
C TYR W 353 38.54 -36.42 -11.97
N SER W 354 39.48 -35.65 -12.52
CA SER W 354 40.86 -35.77 -12.08
C SER W 354 41.10 -35.13 -10.72
N LEU W 355 40.52 -33.96 -10.47
CA LEU W 355 40.65 -33.24 -9.20
C LEU W 355 39.26 -33.18 -8.57
N PRO W 356 38.91 -34.16 -7.73
CA PRO W 356 37.58 -34.15 -7.11
C PRO W 356 37.42 -33.01 -6.14
N PRO W 357 36.42 -32.16 -6.34
CA PRO W 357 36.23 -31.03 -5.43
C PRO W 357 35.26 -31.30 -4.27
N TYR W 358 34.35 -32.25 -4.42
CA TYR W 358 33.35 -32.56 -3.39
C TYR W 358 33.77 -33.77 -2.57
N ALA W 359 33.43 -33.73 -1.29
CA ALA W 359 33.80 -34.80 -0.35
C ALA W 359 33.10 -36.11 -0.69
N PHE W 360 33.88 -37.20 -0.58
CA PHE W 360 33.42 -38.58 -0.84
C PHE W 360 32.82 -38.73 -2.24
N GLN W 361 33.44 -38.08 -3.21
CA GLN W 361 32.99 -38.13 -4.58
C GLN W 361 33.79 -39.14 -5.39
N ALA W 362 35.06 -39.35 -5.04
CA ALA W 362 35.88 -40.31 -5.74
C ALA W 362 35.43 -41.74 -5.49
N ILE W 363 34.95 -42.03 -4.28
CA ILE W 363 34.49 -43.38 -3.99
C ILE W 363 33.21 -43.69 -4.75
N ASP W 364 32.41 -42.67 -5.07
CA ASP W 364 31.19 -42.92 -5.84
C ASP W 364 31.57 -43.03 -7.31
N PHE W 365 31.72 -44.26 -7.79
CA PHE W 365 32.12 -44.50 -9.16
C PHE W 365 31.02 -44.13 -10.16
N THR W 366 29.77 -44.44 -9.82
CA THR W 366 28.64 -44.12 -10.71
C THR W 366 28.52 -42.62 -10.92
N THR W 367 28.72 -41.85 -9.86
CA THR W 367 28.64 -40.40 -9.94
C THR W 367 29.69 -39.85 -10.91
N GLN W 368 30.93 -40.35 -10.80
CA GLN W 368 32.01 -39.94 -11.68
C GLN W 368 31.71 -40.25 -13.13
N ALA W 369 31.32 -41.50 -13.41
CA ALA W 369 31.03 -41.90 -14.78
C ALA W 369 29.89 -41.08 -15.38
N ALA W 370 28.77 -40.97 -14.66
CA ALA W 370 27.62 -40.23 -15.15
C ALA W 370 27.92 -38.74 -15.33
N LEU W 371 28.61 -38.12 -14.37
CA LEU W 371 28.92 -36.69 -14.48
C LEU W 371 29.85 -36.40 -15.65
N TYR W 372 30.92 -37.19 -15.80
CA TYR W 372 31.86 -36.97 -16.90
C TYR W 372 31.17 -37.14 -18.24
N THR W 373 30.38 -38.21 -18.39
CA THR W 373 29.70 -38.46 -19.66
C THR W 373 28.67 -37.37 -19.96
N HIS W 374 27.93 -36.93 -18.94
CA HIS W 374 26.93 -35.88 -19.11
C HIS W 374 27.57 -34.58 -19.58
N HIS W 375 28.62 -34.15 -18.91
CA HIS W 375 29.28 -32.90 -19.29
C HIS W 375 29.93 -33.00 -20.66
N GLN W 376 30.53 -34.16 -21.00
CA GLN W 376 31.16 -34.27 -22.31
C GLN W 376 30.14 -34.25 -23.44
N TYR W 377 29.00 -34.91 -23.27
CA TYR W 377 27.99 -34.87 -24.33
C TYR W 377 27.38 -33.49 -24.47
N ILE W 378 27.17 -32.80 -23.34
CA ILE W 378 26.63 -31.44 -23.39
C ILE W 378 27.62 -30.53 -24.10
N ALA W 379 28.91 -30.69 -23.81
CA ALA W 379 29.94 -29.88 -24.46
C ALA W 379 29.99 -30.14 -25.96
N GLY W 380 29.80 -31.39 -26.38
CA GLY W 380 29.81 -31.68 -27.80
C GLY W 380 28.65 -31.01 -28.52
N PHE W 381 27.45 -31.08 -27.91
CA PHE W 381 26.29 -30.43 -28.52
C PHE W 381 26.48 -28.92 -28.59
N ILE W 382 27.04 -28.34 -27.53
CA ILE W 382 27.26 -26.89 -27.48
C ILE W 382 28.28 -26.47 -28.54
N MET W 383 29.32 -27.29 -28.77
CA MET W 383 30.31 -26.95 -29.79
C MET W 383 29.69 -26.97 -31.19
N CYS W 384 28.86 -27.99 -31.45
CA CYS W 384 28.18 -28.07 -32.74
C CYS W 384 27.28 -26.86 -32.92
N GLY W 385 26.67 -26.40 -31.82
CA GLY W 385 25.82 -25.23 -31.90
C GLY W 385 26.61 -23.97 -32.19
N ALA W 386 27.83 -23.88 -31.66
CA ALA W 386 28.68 -22.73 -31.92
C ALA W 386 29.00 -22.63 -33.40
N PHE W 387 29.39 -23.75 -33.99
CA PHE W 387 29.71 -23.73 -35.42
C PHE W 387 28.47 -23.50 -36.28
N ALA W 388 27.32 -24.03 -35.85
CA ALA W 388 26.08 -23.80 -36.59
C ALA W 388 25.72 -22.32 -36.59
N HIS W 389 25.85 -21.67 -35.43
CA HIS W 389 25.56 -20.25 -35.37
C HIS W 389 26.58 -19.43 -36.14
N GLY W 390 27.81 -19.93 -36.28
CA GLY W 390 28.78 -19.24 -37.10
C GLY W 390 28.34 -19.25 -38.56
N ALA W 391 27.84 -20.40 -39.02
CA ALA W 391 27.32 -20.49 -40.39
C ALA W 391 26.11 -19.58 -40.57
N ILE W 392 25.26 -19.50 -39.54
CA ILE W 392 24.10 -18.62 -39.59
C ILE W 392 24.56 -17.17 -39.68
N PHE W 393 25.66 -16.85 -39.00
CA PHE W 393 26.20 -15.49 -39.08
C PHE W 393 26.66 -15.18 -40.50
N PHE W 394 27.35 -16.12 -41.14
CA PHE W 394 27.82 -15.86 -42.50
C PHE W 394 26.66 -15.67 -43.47
N ILE W 395 25.61 -16.47 -43.34
CA ILE W 395 24.50 -16.33 -44.28
C ILE W 395 23.65 -15.09 -43.98
N ARG W 396 23.29 -14.86 -42.72
CA ARG W 396 22.41 -13.75 -42.38
C ARG W 396 23.08 -12.43 -42.04
N ASP W 397 24.15 -12.41 -41.24
CA ASP W 397 24.74 -11.14 -40.83
C ASP W 397 26.09 -10.78 -41.42
N TYR W 398 26.63 -11.53 -42.37
CA TYR W 398 27.94 -11.14 -42.89
C TYR W 398 27.79 -10.06 -43.97
N ASP W 399 28.64 -9.04 -43.90
CA ASP W 399 28.62 -7.94 -44.87
C ASP W 399 30.01 -7.81 -45.47
N PRO W 400 30.24 -8.29 -46.69
CA PRO W 400 31.58 -8.18 -47.29
C PRO W 400 32.06 -6.75 -47.50
N GLU W 401 31.15 -5.80 -47.75
CA GLU W 401 31.57 -4.43 -47.98
C GLU W 401 32.09 -3.79 -46.70
N GLN W 402 31.49 -4.12 -45.55
CA GLN W 402 31.96 -3.56 -44.29
C GLN W 402 33.22 -4.29 -43.82
N ASN W 403 33.30 -5.61 -44.07
CA ASN W 403 34.46 -6.42 -43.71
C ASN W 403 35.28 -6.64 -44.98
N LYS W 404 35.99 -5.60 -45.39
CA LYS W 404 36.80 -5.66 -46.61
C LYS W 404 38.27 -5.67 -46.24
N GLY W 405 38.93 -6.80 -46.46
CA GLY W 405 40.34 -6.94 -46.18
C GLY W 405 40.71 -7.33 -44.77
N ASN W 406 39.73 -7.48 -43.86
CA ASN W 406 40.05 -7.86 -42.49
C ASN W 406 40.26 -9.37 -42.42
N VAL W 407 40.45 -9.87 -41.20
CA VAL W 407 40.67 -11.30 -40.99
C VAL W 407 39.43 -12.12 -41.36
N LEU W 408 38.24 -11.56 -41.11
CA LEU W 408 37.00 -12.26 -41.41
C LEU W 408 36.83 -12.50 -42.90
N ALA W 409 37.14 -11.51 -43.74
CA ALA W 409 37.02 -11.71 -45.18
C ALA W 409 38.12 -12.64 -45.68
N ARG W 410 39.30 -12.57 -45.07
CA ARG W 410 40.39 -13.44 -45.46
C ARG W 410 40.10 -14.89 -45.11
N MET W 411 39.18 -15.15 -44.18
CA MET W 411 38.80 -16.53 -43.90
C MET W 411 38.10 -17.14 -45.10
N LEU W 412 37.19 -16.38 -45.70
CA LEU W 412 36.51 -16.87 -46.89
C LEU W 412 37.42 -16.81 -48.10
N ASP W 413 38.47 -16.00 -48.04
CA ASP W 413 39.40 -15.88 -49.17
C ASP W 413 40.17 -17.16 -49.42
N HIS W 414 40.60 -17.86 -48.36
CA HIS W 414 41.34 -19.10 -48.50
C HIS W 414 40.63 -20.28 -47.81
N LYS W 415 39.31 -20.32 -47.94
CA LYS W 415 38.54 -21.42 -47.32
C LYS W 415 38.84 -22.77 -47.94
N GLU W 416 39.19 -22.80 -49.24
CA GLU W 416 39.49 -24.07 -49.90
C GLU W 416 40.73 -24.71 -49.28
N ALA W 417 41.73 -23.88 -48.95
CA ALA W 417 42.95 -24.39 -48.34
C ALA W 417 42.66 -24.97 -46.95
N LEU W 418 41.81 -24.28 -46.18
CA LEU W 418 41.45 -24.75 -44.85
C LEU W 418 40.71 -26.09 -44.90
N ILE W 419 39.71 -26.20 -45.78
CA ILE W 419 38.96 -27.44 -45.89
C ILE W 419 39.84 -28.57 -46.41
N SER W 420 40.75 -28.26 -47.34
CA SER W 420 41.66 -29.28 -47.87
C SER W 420 42.63 -29.79 -46.81
N HIS W 421 43.19 -28.89 -46.00
CA HIS W 421 44.12 -29.33 -44.96
C HIS W 421 43.40 -30.08 -43.86
N LEU W 422 42.15 -29.69 -43.56
CA LEU W 422 41.39 -30.43 -42.56
C LEU W 422 41.09 -31.82 -43.08
N SER W 423 40.81 -31.92 -44.39
CA SER W 423 40.54 -33.21 -45.01
C SER W 423 41.78 -34.09 -44.96
N TRP W 424 42.96 -33.51 -45.21
CA TRP W 424 44.19 -34.28 -45.15
C TRP W 424 44.47 -34.78 -43.74
N VAL W 425 44.27 -33.94 -42.73
CA VAL W 425 44.50 -34.35 -41.35
C VAL W 425 43.55 -35.47 -40.94
N SER W 426 42.27 -35.30 -41.27
CA SER W 426 41.28 -36.32 -40.94
C SER W 426 41.57 -37.63 -41.66
N LEU W 427 41.97 -37.55 -42.92
CA LEU W 427 42.28 -38.76 -43.69
C LEU W 427 43.49 -39.47 -43.12
N PHE W 428 44.54 -38.73 -42.79
CA PHE W 428 45.75 -39.32 -42.23
C PHE W 428 45.45 -40.01 -40.90
N LEU W 429 44.74 -39.30 -40.01
CA LEU W 429 44.41 -39.86 -38.70
C LEU W 429 43.52 -41.09 -38.83
N GLY W 430 42.53 -41.04 -39.70
CA GLY W 430 41.64 -42.18 -39.87
C GLY W 430 42.34 -43.40 -40.42
N PHE W 431 43.12 -43.22 -41.48
CA PHE W 431 43.85 -44.33 -42.09
C PHE W 431 44.83 -44.95 -41.11
N HIS W 432 45.60 -44.12 -40.40
CA HIS W 432 46.60 -44.68 -39.49
C HIS W 432 45.99 -45.33 -38.26
N THR W 433 44.99 -44.70 -37.64
CA THR W 433 44.38 -45.30 -36.45
C THR W 433 43.67 -46.60 -36.79
N LEU W 434 42.92 -46.60 -37.90
CA LEU W 434 42.22 -47.81 -38.31
C LEU W 434 43.21 -48.89 -38.73
N GLY W 435 44.30 -48.51 -39.41
CA GLY W 435 45.28 -49.48 -39.82
C GLY W 435 45.99 -50.14 -38.64
N LEU W 436 46.38 -49.32 -37.65
CA LEU W 436 47.03 -49.88 -36.47
C LEU W 436 46.09 -50.78 -35.68
N TYR W 437 44.82 -50.39 -35.56
CA TYR W 437 43.84 -51.23 -34.86
C TYR W 437 43.60 -52.55 -35.59
N VAL W 438 43.45 -52.52 -36.91
CA VAL W 438 43.21 -53.75 -37.65
C VAL W 438 44.46 -54.63 -37.59
N HIS W 439 45.65 -54.03 -37.64
CA HIS W 439 46.89 -54.80 -37.56
C HIS W 439 47.00 -55.48 -36.20
N ASN W 440 46.69 -54.78 -35.12
CA ASN W 440 46.74 -55.37 -33.79
C ASN W 440 45.68 -56.47 -33.66
N ASP W 441 44.51 -56.27 -34.29
CA ASP W 441 43.46 -57.28 -34.24
C ASP W 441 43.90 -58.55 -34.95
N VAL W 442 44.54 -58.41 -36.11
CA VAL W 442 45.00 -59.58 -36.86
C VAL W 442 46.10 -60.30 -36.09
N MET W 443 47.00 -59.53 -35.45
CA MET W 443 48.06 -60.16 -34.66
C MET W 443 47.48 -60.92 -33.48
N GLN W 444 46.45 -60.37 -32.84
CA GLN W 444 45.83 -61.06 -31.72
C GLN W 444 45.04 -62.27 -32.19
N ALA W 445 44.52 -62.21 -33.42
CA ALA W 445 43.77 -63.35 -33.95
C ALA W 445 44.71 -64.46 -34.41
N PHE W 446 45.89 -64.11 -34.90
CA PHE W 446 46.84 -65.11 -35.35
C PHE W 446 47.69 -65.68 -34.22
N GLY W 447 47.44 -65.28 -32.99
CA GLY W 447 48.17 -65.79 -31.85
C GLY W 447 49.55 -65.21 -31.64
N THR W 448 49.82 -64.03 -32.18
CA THR W 448 51.12 -63.37 -32.05
C THR W 448 50.94 -61.95 -31.53
N PRO W 449 50.69 -61.80 -30.23
CA PRO W 449 50.50 -60.44 -29.68
C PRO W 449 51.76 -59.60 -29.65
N GLU W 450 52.94 -60.20 -29.81
CA GLU W 450 54.17 -59.43 -29.80
C GLU W 450 54.44 -58.78 -31.15
N LYS W 451 53.71 -59.16 -32.18
CA LYS W 451 53.90 -58.60 -33.51
C LYS W 451 53.07 -57.34 -33.76
N GLN W 452 52.17 -56.99 -32.85
CA GLN W 452 51.36 -55.79 -33.04
C GLN W 452 52.17 -54.53 -32.75
N ILE W 453 51.78 -53.44 -33.39
CA ILE W 453 52.46 -52.16 -33.27
C ILE W 453 51.94 -51.41 -32.04
N LEU W 454 52.83 -51.18 -31.09
CA LEU W 454 52.50 -50.50 -29.83
C LEU W 454 53.45 -49.32 -29.65
N ILE W 455 53.05 -48.14 -30.11
CA ILE W 455 53.87 -46.94 -29.98
C ILE W 455 53.67 -46.35 -28.60
N GLU W 456 54.75 -46.16 -27.87
CA GLU W 456 54.68 -45.61 -26.53
C GLU W 456 54.46 -44.10 -26.59
N PRO W 457 53.43 -43.57 -25.91
CA PRO W 457 53.19 -42.12 -25.94
C PRO W 457 54.22 -41.36 -25.11
N VAL W 458 55.41 -41.20 -25.68
CA VAL W 458 56.50 -40.53 -24.98
C VAL W 458 56.24 -39.04 -24.74
N PHE W 459 55.44 -38.39 -25.59
CA PHE W 459 55.20 -36.96 -25.41
C PHE W 459 54.33 -36.68 -24.18
N ALA W 460 53.19 -37.38 -24.07
CA ALA W 460 52.32 -37.16 -22.93
C ALA W 460 52.96 -37.68 -21.65
N GLN W 461 53.73 -38.77 -21.75
CA GLN W 461 54.41 -39.29 -20.58
C GLN W 461 55.49 -38.32 -20.14
N TRP W 462 56.11 -37.64 -21.11
CA TRP W 462 57.12 -36.63 -20.79
C TRP W 462 56.48 -35.46 -20.07
N ILE W 463 55.27 -35.08 -20.49
CA ILE W 463 54.55 -34.00 -19.83
C ILE W 463 54.20 -34.41 -18.40
N GLN W 464 53.77 -35.66 -18.22
CA GLN W 464 53.44 -36.17 -16.89
C GLN W 464 54.68 -36.17 -16.00
N ALA W 465 55.84 -36.52 -16.57
CA ALA W 465 57.08 -36.50 -15.80
C ALA W 465 57.44 -35.06 -15.44
N ALA W 466 57.10 -34.11 -16.30
CA ALA W 466 57.35 -32.71 -15.99
C ALA W 466 56.49 -32.26 -14.83
N HIS W 467 55.27 -32.79 -14.73
CA HIS W 467 54.36 -32.44 -13.65
C HIS W 467 54.79 -33.00 -12.30
N GLY W 468 55.67 -34.01 -12.28
CA GLY W 468 56.11 -34.58 -11.02
C GLY W 468 56.00 -36.08 -10.89
N LYS W 469 55.50 -36.75 -11.93
CA LYS W 469 55.36 -38.20 -11.88
C LYS W 469 56.71 -38.85 -12.15
N ALA W 470 57.18 -39.69 -11.22
CA ALA W 470 58.47 -40.34 -11.34
C ALA W 470 58.38 -41.78 -11.83
N LEU W 471 57.21 -42.24 -12.29
CA LEU W 471 57.09 -43.62 -12.76
C LEU W 471 57.86 -43.85 -14.05
N TYR W 472 57.88 -42.86 -14.95
CA TYR W 472 58.60 -43.02 -16.21
C TYR W 472 60.11 -42.86 -16.04
N GLY W 473 60.56 -41.94 -15.20
CA GLY W 473 61.97 -41.77 -14.96
C GLY W 473 62.68 -40.67 -15.74
N PHE W 474 61.96 -39.67 -16.25
CA PHE W 474 62.63 -38.60 -16.98
C PHE W 474 63.44 -37.72 -16.04
N ASP W 475 62.95 -37.54 -14.80
CA ASP W 475 63.61 -36.79 -13.73
C ASP W 475 64.01 -35.37 -14.13
N PHE W 476 63.00 -34.55 -14.41
CA PHE W 476 63.26 -33.17 -14.78
C PHE W 476 62.06 -32.31 -14.37
N LEU W 477 62.32 -31.01 -14.19
CA LEU W 477 61.34 -29.99 -13.77
C LEU W 477 60.83 -30.38 -12.39
N LEU W 478 59.56 -30.75 -12.21
CA LEU W 478 59.08 -31.11 -10.88
C LEU W 478 59.45 -32.53 -10.49
N SER W 479 60.05 -33.31 -11.40
CA SER W 479 60.44 -34.67 -11.07
C SER W 479 61.84 -34.74 -10.47
N SER W 480 62.72 -33.79 -10.77
CA SER W 480 64.08 -33.76 -10.25
C SER W 480 64.10 -32.90 -8.99
N LYS W 481 64.73 -33.42 -7.94
CA LYS W 481 64.80 -32.72 -6.66
C LYS W 481 65.77 -31.55 -6.64
N THR W 482 66.69 -31.45 -7.60
CA THR W 482 67.66 -30.36 -7.64
C THR W 482 67.24 -29.22 -8.56
N SER W 483 66.03 -29.25 -9.10
CA SER W 483 65.55 -28.21 -9.99
C SER W 483 64.96 -27.04 -9.23
N ALA W 484 65.09 -25.84 -9.81
CA ALA W 484 64.55 -24.64 -9.19
C ALA W 484 63.03 -24.67 -9.17
N ALA W 485 62.41 -25.23 -10.20
CA ALA W 485 60.95 -25.33 -10.25
C ALA W 485 60.43 -26.21 -9.14
N PHE W 486 61.22 -27.22 -8.75
CA PHE W 486 60.83 -28.13 -7.68
C PHE W 486 61.09 -27.50 -6.31
N ALA W 487 62.26 -26.88 -6.14
CA ALA W 487 62.59 -26.28 -4.85
C ALA W 487 61.82 -25.00 -4.58
N ASN W 488 61.18 -24.42 -5.60
CA ASN W 488 60.43 -23.19 -5.35
C ASN W 488 59.01 -23.44 -4.91
N GLY W 489 58.53 -24.68 -4.93
CA GLY W 489 57.18 -24.97 -4.50
C GLY W 489 57.12 -25.88 -3.29
N GLN W 490 58.27 -26.33 -2.81
CA GLN W 490 58.31 -27.25 -1.67
C GLN W 490 57.78 -26.64 -0.39
N SER W 491 57.69 -25.32 -0.30
CA SER W 491 57.18 -24.65 0.89
C SER W 491 55.77 -24.12 0.71
N LEU W 492 55.20 -24.20 -0.49
CA LEU W 492 53.86 -23.68 -0.71
C LEU W 492 52.84 -24.75 -1.06
N TRP W 493 52.99 -25.46 -2.19
CA TRP W 493 52.00 -26.47 -2.57
C TRP W 493 52.55 -27.77 -3.13
N LEU W 494 53.82 -27.85 -3.53
CA LEU W 494 54.36 -29.06 -4.13
C LEU W 494 54.29 -30.34 -3.29
N PRO W 495 54.43 -30.35 -1.92
CA PRO W 495 54.34 -31.63 -1.19
C PRO W 495 53.04 -32.39 -1.42
N GLY W 496 51.90 -31.73 -1.17
CA GLY W 496 50.61 -32.39 -1.37
C GLY W 496 50.34 -32.74 -2.81
N TRP W 497 50.73 -31.85 -3.73
CA TRP W 497 50.52 -32.11 -5.17
C TRP W 497 51.32 -33.31 -5.64
N LEU W 498 52.57 -33.41 -5.21
CA LEU W 498 53.42 -34.54 -5.61
C LEU W 498 52.92 -35.83 -4.97
N ASP W 499 52.45 -35.75 -3.72
CA ASP W 499 51.93 -36.94 -3.04
C ASP W 499 50.65 -37.42 -3.71
N ALA W 500 49.87 -36.51 -4.27
CA ALA W 500 48.63 -36.91 -4.92
C ALA W 500 48.85 -37.37 -6.36
N ILE W 501 49.82 -36.77 -7.06
CA ILE W 501 50.05 -37.17 -8.44
C ILE W 501 50.84 -38.48 -8.51
N ASN W 502 51.69 -38.76 -7.52
CA ASN W 502 52.43 -40.01 -7.57
C ASN W 502 51.61 -41.20 -7.10
N ASN W 503 50.49 -40.97 -6.45
CA ASN W 503 49.62 -42.04 -5.99
C ASN W 503 48.84 -42.57 -7.19
N ASN W 504 48.88 -43.88 -7.40
CA ASN W 504 48.19 -44.48 -8.52
C ASN W 504 46.76 -44.92 -8.18
N GLN W 505 46.27 -44.57 -6.99
CA GLN W 505 44.92 -44.93 -6.58
C GLN W 505 43.88 -43.87 -6.91
N ASN W 506 44.29 -42.74 -7.48
CA ASN W 506 43.37 -41.68 -7.84
C ASN W 506 43.35 -41.50 -9.36
N SER W 507 42.54 -40.54 -9.80
CA SER W 507 42.41 -40.21 -11.21
C SER W 507 43.24 -39.00 -11.59
N LEU W 508 44.26 -38.67 -10.80
CA LEU W 508 45.11 -37.53 -11.07
C LEU W 508 46.29 -37.97 -11.91
N PHE W 509 46.19 -37.75 -13.23
CA PHE W 509 47.22 -38.09 -14.21
C PHE W 509 47.54 -39.58 -14.19
N LEU W 510 46.57 -40.36 -14.68
CA LEU W 510 46.71 -41.81 -14.72
C LEU W 510 47.84 -42.23 -15.66
N THR W 511 48.38 -43.42 -15.40
CA THR W 511 49.44 -43.97 -16.23
C THR W 511 48.88 -44.30 -17.61
N ILE W 512 49.65 -44.00 -18.65
CA ILE W 512 49.21 -44.22 -20.01
C ILE W 512 50.18 -45.12 -20.76
N GLY W 513 49.65 -45.83 -21.75
CA GLY W 513 50.44 -46.73 -22.57
C GLY W 513 50.02 -46.67 -24.02
N PRO W 514 50.34 -47.72 -24.79
CA PRO W 514 49.97 -47.75 -26.22
C PRO W 514 48.47 -47.68 -26.47
N GLY W 515 47.66 -48.27 -25.60
CA GLY W 515 46.22 -48.19 -25.79
C GLY W 515 45.72 -46.78 -25.64
N ASP W 516 46.30 -46.03 -24.70
CA ASP W 516 45.92 -44.64 -24.49
C ASP W 516 46.36 -43.79 -25.68
N PHE W 517 47.53 -44.10 -26.24
CA PHE W 517 48.04 -43.40 -27.40
C PHE W 517 47.11 -43.59 -28.60
N LEU W 518 46.71 -44.84 -28.83
CA LEU W 518 45.82 -45.15 -29.96
C LEU W 518 44.44 -44.52 -29.80
N VAL W 519 43.87 -44.62 -28.60
CA VAL W 519 42.54 -44.02 -28.41
C VAL W 519 42.62 -42.50 -28.48
N HIS W 520 43.76 -41.91 -28.10
CA HIS W 520 43.92 -40.46 -28.21
C HIS W 520 43.97 -40.07 -29.68
N HIS W 521 44.58 -40.91 -30.50
CA HIS W 521 44.60 -40.62 -31.93
C HIS W 521 43.20 -40.72 -32.51
N ALA W 522 42.40 -41.66 -32.00
CA ALA W 522 41.01 -41.78 -32.44
C ALA W 522 40.23 -40.54 -32.04
N ILE W 523 40.50 -40.01 -30.84
CA ILE W 523 39.85 -38.79 -30.37
C ILE W 523 40.21 -37.62 -31.27
N ALA W 524 41.50 -37.53 -31.64
CA ALA W 524 41.96 -36.46 -32.52
C ALA W 524 41.31 -36.58 -33.88
N LEU W 525 41.11 -37.81 -34.36
CA LEU W 525 40.43 -38.04 -35.63
C LEU W 525 39.00 -37.54 -35.57
N GLY W 526 38.29 -37.86 -34.48
CA GLY W 526 36.92 -37.42 -34.33
C GLY W 526 36.80 -35.92 -34.26
N LEU W 527 37.70 -35.28 -33.50
CA LEU W 527 37.68 -33.83 -33.38
C LEU W 527 37.96 -33.16 -34.71
N HIS W 528 38.98 -33.63 -35.44
CA HIS W 528 39.33 -33.03 -36.71
C HIS W 528 38.25 -33.24 -37.76
N THR W 529 37.61 -34.41 -37.78
CA THR W 529 36.57 -34.63 -38.78
C THR W 529 35.34 -33.79 -38.47
N THR W 530 34.96 -33.70 -37.18
CA THR W 530 33.82 -32.87 -36.82
C THR W 530 34.09 -31.42 -37.15
N THR W 531 35.32 -30.96 -36.88
CA THR W 531 35.70 -29.60 -37.20
C THR W 531 35.70 -29.39 -38.71
N LEU W 532 36.12 -30.40 -39.47
CA LEU W 532 36.13 -30.30 -40.92
C LEU W 532 34.74 -30.11 -41.46
N ILE W 533 33.79 -30.93 -41.00
CA ILE W 533 32.40 -30.82 -41.48
C ILE W 533 31.80 -29.48 -41.12
N LEU W 534 31.99 -29.06 -39.86
CA LEU W 534 31.40 -27.79 -39.41
C LEU W 534 32.04 -26.59 -40.10
N VAL W 535 33.37 -26.57 -40.19
CA VAL W 535 34.08 -25.47 -40.83
C VAL W 535 33.75 -25.39 -42.30
N LYS W 536 33.70 -26.54 -42.99
CA LYS W 536 33.36 -26.56 -44.40
C LYS W 536 31.93 -26.07 -44.62
N GLY W 537 31.00 -26.47 -43.74
CA GLY W 537 29.64 -26.00 -43.88
C GLY W 537 29.47 -24.53 -43.59
N ALA W 538 30.29 -23.98 -42.69
CA ALA W 538 30.20 -22.55 -42.39
C ALA W 538 30.82 -21.70 -43.48
N LEU W 539 31.93 -22.17 -44.06
CA LEU W 539 32.59 -21.39 -45.10
C LEU W 539 31.88 -21.51 -46.45
N ASP W 540 31.30 -22.67 -46.73
CA ASP W 540 30.57 -22.89 -47.98
C ASP W 540 29.10 -22.51 -47.86
N ALA W 541 28.70 -21.91 -46.74
CA ALA W 541 27.30 -21.54 -46.55
C ALA W 541 26.88 -20.41 -47.49
N ARG W 542 27.78 -19.48 -47.78
CA ARG W 542 27.43 -18.37 -48.67
C ARG W 542 27.50 -18.75 -50.14
N GLY W 543 28.07 -19.90 -50.48
CA GLY W 543 28.15 -20.29 -51.87
C GLY W 543 29.41 -21.05 -52.16
N SER W 544 29.33 -21.83 -53.24
CA SER W 544 30.43 -22.65 -53.73
C SER W 544 30.29 -22.75 -55.23
N LYS W 545 31.00 -23.70 -55.84
CA LYS W 545 30.91 -23.84 -57.29
C LYS W 545 29.60 -24.50 -57.69
N LEU W 546 29.07 -25.38 -56.84
CA LEU W 546 27.83 -26.05 -57.15
C LEU W 546 26.64 -25.11 -57.00
N MET W 547 26.64 -24.29 -55.95
CA MET W 547 25.57 -23.33 -55.68
C MET W 547 26.18 -21.95 -55.45
N PRO W 548 26.36 -21.16 -56.51
CA PRO W 548 26.95 -19.82 -56.35
C PRO W 548 26.08 -18.84 -55.59
N ASP W 549 24.79 -19.13 -55.42
CA ASP W 549 23.87 -18.25 -54.72
C ASP W 549 23.23 -18.91 -53.51
N LYS W 550 24.02 -19.66 -52.73
CA LYS W 550 23.47 -20.32 -51.56
C LYS W 550 23.12 -19.33 -50.46
N LYS W 551 23.75 -18.16 -50.46
CA LYS W 551 23.44 -17.15 -49.45
C LYS W 551 22.04 -16.57 -49.61
N ASP W 552 21.46 -16.66 -50.80
CA ASP W 552 20.12 -16.13 -51.06
C ASP W 552 19.01 -17.12 -50.72
N PHE W 553 19.36 -18.32 -50.26
CA PHE W 553 18.37 -19.33 -49.91
C PHE W 553 18.18 -19.51 -48.42
N GLY W 554 18.95 -18.81 -47.60
CA GLY W 554 18.84 -18.95 -46.17
C GLY W 554 19.75 -20.03 -45.62
N TYR W 555 19.71 -20.17 -44.30
CA TYR W 555 20.54 -21.16 -43.63
C TYR W 555 20.04 -22.57 -43.84
N SER W 556 18.73 -22.78 -43.79
CA SER W 556 18.15 -24.11 -43.94
C SER W 556 17.13 -24.11 -45.07
N PHE W 557 17.30 -25.04 -46.00
CA PHE W 557 16.43 -25.26 -47.14
C PHE W 557 16.64 -26.72 -47.56
N PRO W 558 15.65 -27.34 -48.21
CA PRO W 558 15.81 -28.75 -48.60
C PRO W 558 16.97 -29.06 -49.52
N CYS W 559 16.97 -28.48 -50.71
CA CYS W 559 18.01 -28.71 -51.72
C CYS W 559 17.81 -27.72 -52.85
N ASP W 560 18.56 -27.92 -53.93
CA ASP W 560 18.47 -27.13 -55.14
C ASP W 560 17.86 -27.95 -56.28
N GLY W 561 17.30 -29.11 -55.95
CA GLY W 561 16.70 -29.98 -56.93
C GLY W 561 17.67 -31.02 -57.44
N PRO W 562 17.17 -31.93 -58.30
CA PRO W 562 18.03 -32.97 -58.85
C PRO W 562 18.90 -32.50 -60.00
N GLY W 563 18.79 -31.24 -60.40
CA GLY W 563 19.61 -30.72 -61.48
C GLY W 563 21.06 -30.63 -61.08
N ARG W 564 21.91 -30.44 -62.09
CA ARG W 564 23.36 -30.35 -61.93
C ARG W 564 23.95 -31.59 -61.27
N GLY W 565 23.37 -32.75 -61.57
CA GLY W 565 23.81 -33.99 -61.00
C GLY W 565 23.21 -34.35 -59.66
N GLY W 566 22.65 -33.38 -58.94
CA GLY W 566 22.05 -33.64 -57.65
C GLY W 566 22.60 -32.69 -56.62
N THR W 567 21.73 -32.16 -55.76
CA THR W 567 22.14 -31.19 -54.75
C THR W 567 21.60 -31.57 -53.38
N CYS W 568 21.64 -32.85 -53.06
CA CYS W 568 21.15 -33.32 -51.77
C CYS W 568 22.09 -32.89 -50.65
N ASP W 569 21.52 -32.39 -49.56
CA ASP W 569 22.26 -31.95 -48.37
C ASP W 569 23.30 -30.87 -48.71
N ILE W 570 22.86 -29.86 -49.45
CA ILE W 570 23.76 -28.79 -49.88
C ILE W 570 23.77 -27.58 -48.93
N SER W 571 22.75 -27.40 -48.11
CA SER W 571 22.71 -26.27 -47.19
C SER W 571 23.66 -26.46 -46.00
N ALA W 572 23.90 -25.36 -45.29
CA ALA W 572 24.76 -25.40 -44.11
C ALA W 572 24.09 -26.17 -42.98
N TYR W 573 22.76 -26.16 -42.95
CA TYR W 573 22.01 -26.91 -41.95
C TYR W 573 22.30 -28.39 -42.12
N ASP W 574 22.45 -28.83 -43.37
CA ASP W 574 22.77 -30.22 -43.63
C ASP W 574 24.20 -30.55 -43.22
N ALA W 575 25.10 -29.58 -43.29
CA ALA W 575 26.46 -29.82 -42.84
C ALA W 575 26.47 -30.02 -41.33
N PHE W 576 25.69 -29.21 -40.62
CA PHE W 576 25.57 -29.38 -39.17
C PHE W 576 24.95 -30.73 -38.86
N TYR W 577 23.94 -31.10 -39.64
CA TYR W 577 23.23 -32.37 -39.52
C TYR W 577 24.17 -33.56 -39.65
N LEU W 578 25.08 -33.51 -40.62
CA LEU W 578 26.03 -34.60 -40.77
C LEU W 578 27.10 -34.53 -39.69
N ALA W 579 27.36 -33.33 -39.15
CA ALA W 579 28.37 -33.19 -38.12
C ALA W 579 27.90 -33.67 -36.75
N VAL W 580 26.58 -33.70 -36.51
CA VAL W 580 26.07 -34.16 -35.22
C VAL W 580 26.42 -35.63 -35.02
N PHE W 581 26.38 -36.43 -36.10
CA PHE W 581 26.74 -37.84 -36.01
C PHE W 581 28.21 -38.00 -35.62
N TRP W 582 29.07 -37.16 -36.20
CA TRP W 582 30.48 -37.24 -35.86
C TRP W 582 30.74 -36.77 -34.44
N MET W 583 29.96 -35.79 -33.97
CA MET W 583 30.12 -35.34 -32.60
C MET W 583 29.72 -36.45 -31.63
N LEU W 584 28.61 -37.13 -31.92
CA LEU W 584 28.16 -38.22 -31.08
C LEU W 584 29.16 -39.37 -31.09
N ASN W 585 29.76 -39.64 -32.25
CA ASN W 585 30.76 -40.69 -32.36
C ASN W 585 32.03 -40.33 -31.59
N THR W 586 32.46 -39.07 -31.67
CA THR W 586 33.66 -38.63 -30.95
C THR W 586 33.45 -38.69 -29.45
N ILE W 587 32.30 -38.19 -28.97
CA ILE W 587 32.02 -38.23 -27.55
C ILE W 587 31.83 -39.68 -27.12
N GLY W 588 31.34 -40.53 -28.01
CA GLY W 588 31.20 -41.93 -27.69
C GLY W 588 32.56 -42.57 -27.46
N TRP W 589 33.53 -42.21 -28.30
CA TRP W 589 34.88 -42.76 -28.13
C TRP W 589 35.53 -42.26 -26.84
N VAL W 590 35.39 -40.96 -26.54
CA VAL W 590 36.01 -40.41 -25.33
C VAL W 590 35.35 -40.98 -24.07
N THR W 591 34.02 -41.18 -24.10
CA THR W 591 33.34 -41.72 -22.94
C THR W 591 33.61 -43.21 -22.79
N PHE W 592 33.78 -43.92 -23.91
CA PHE W 592 34.13 -45.33 -23.84
C PHE W 592 35.49 -45.49 -23.20
N TYR W 593 36.45 -44.65 -23.62
CA TYR W 593 37.80 -44.69 -23.09
C TYR W 593 37.80 -44.37 -21.60
N TRP W 594 37.08 -43.33 -21.21
CA TRP W 594 37.01 -42.95 -19.80
C TRP W 594 36.41 -44.06 -18.96
N HIS W 595 35.27 -44.59 -19.40
CA HIS W 595 34.59 -45.65 -18.65
C HIS W 595 35.44 -46.91 -18.52
N TRP W 596 36.08 -47.34 -19.61
CA TRP W 596 36.88 -48.55 -19.53
C TRP W 596 38.12 -48.37 -18.66
N LYS W 597 38.84 -47.26 -18.82
CA LYS W 597 40.04 -47.04 -18.01
C LYS W 597 39.68 -46.94 -16.53
N HIS W 598 38.61 -46.21 -16.20
CA HIS W 598 38.24 -46.09 -14.80
C HIS W 598 37.68 -47.40 -14.26
N LEU W 599 36.98 -48.19 -15.09
CA LEU W 599 36.45 -49.46 -14.62
C LEU W 599 37.59 -50.41 -14.27
N THR W 600 38.62 -50.44 -15.12
CA THR W 600 39.76 -51.30 -14.84
C THR W 600 40.56 -50.77 -13.66
N LEU W 601 40.53 -49.47 -13.42
CA LEU W 601 41.24 -48.93 -12.27
C LEU W 601 40.50 -49.26 -10.97
N TRP W 602 39.18 -49.11 -10.99
CA TRP W 602 38.36 -49.38 -9.81
C TRP W 602 38.33 -50.88 -9.51
N GLN W 603 38.42 -51.72 -10.54
CA GLN W 603 38.42 -53.16 -10.31
C GLN W 603 39.78 -53.66 -9.84
N GLY W 604 40.80 -52.80 -9.85
CA GLY W 604 42.14 -53.16 -9.41
C GLY W 604 42.99 -53.85 -10.45
N ASN W 605 42.55 -53.88 -11.71
CA ASN W 605 43.31 -54.54 -12.77
C ASN W 605 43.45 -53.61 -13.97
N VAL W 606 44.44 -52.71 -13.92
CA VAL W 606 44.66 -51.80 -15.03
C VAL W 606 45.38 -52.50 -16.16
N ALA W 607 45.98 -53.66 -15.89
CA ALA W 607 46.66 -54.41 -16.93
C ALA W 607 45.66 -54.94 -17.96
N GLN W 608 44.41 -55.18 -17.54
CA GLN W 608 43.40 -55.66 -18.48
C GLN W 608 43.14 -54.61 -19.56
N PHE W 609 43.02 -53.35 -19.14
CA PHE W 609 42.83 -52.27 -20.10
C PHE W 609 44.08 -52.06 -20.93
N ASP W 610 45.26 -52.08 -20.27
CA ASP W 610 46.52 -51.87 -20.98
C ASP W 610 46.79 -52.95 -22.02
N GLU W 611 46.31 -54.17 -21.81
CA GLU W 611 46.53 -55.25 -22.76
C GLU W 611 45.42 -55.44 -23.77
N SER W 612 44.19 -54.99 -23.47
CA SER W 612 43.10 -55.17 -24.40
C SER W 612 42.65 -53.88 -25.09
N SER W 613 43.27 -52.75 -24.81
CA SER W 613 42.88 -51.50 -25.44
C SER W 613 43.60 -51.24 -26.75
N THR W 614 44.47 -52.16 -27.18
CA THR W 614 45.20 -51.96 -28.41
C THR W 614 44.51 -52.59 -29.62
N TYR W 615 43.59 -53.53 -29.39
CA TYR W 615 42.86 -54.17 -30.47
C TYR W 615 41.37 -53.98 -30.20
N LEU W 616 40.60 -53.79 -31.28
CA LEU W 616 39.17 -53.55 -31.17
C LEU W 616 38.40 -54.73 -30.61
N MET W 617 38.93 -55.95 -30.74
CA MET W 617 38.23 -57.09 -30.18
C MET W 617 38.21 -57.01 -28.67
N GLY W 618 39.27 -56.45 -28.07
CA GLY W 618 39.29 -56.28 -26.63
C GLY W 618 38.25 -55.27 -26.19
N TRP W 619 38.07 -54.21 -26.98
CA TRP W 619 37.06 -53.20 -26.66
C TRP W 619 35.65 -53.76 -26.79
N LEU W 620 35.42 -54.61 -27.79
CA LEU W 620 34.09 -55.16 -28.01
C LEU W 620 33.74 -56.28 -27.03
N ARG W 621 34.71 -57.11 -26.65
CA ARG W 621 34.44 -58.22 -25.75
C ARG W 621 34.68 -57.90 -24.28
N ASP W 622 35.88 -57.41 -23.95
CA ASP W 622 36.23 -57.11 -22.57
C ASP W 622 35.58 -55.86 -22.00
N TYR W 623 34.99 -55.00 -22.84
CA TYR W 623 34.36 -53.80 -22.31
C TYR W 623 32.87 -53.75 -22.59
N LEU W 624 32.45 -53.91 -23.83
CA LEU W 624 31.03 -53.83 -24.16
C LEU W 624 30.29 -55.13 -23.85
N TRP W 625 30.93 -56.28 -24.04
CA TRP W 625 30.26 -57.55 -23.78
C TRP W 625 30.41 -58.00 -22.34
N LEU W 626 31.56 -57.71 -21.73
CA LEU W 626 31.81 -58.15 -20.36
C LEU W 626 31.03 -57.31 -19.35
N ASN W 627 30.85 -56.02 -19.61
CA ASN W 627 30.16 -55.16 -18.65
C ASN W 627 28.64 -55.09 -18.86
N SER W 628 28.07 -55.80 -19.81
CA SER W 628 26.63 -55.75 -20.02
C SER W 628 25.91 -56.99 -19.51
N SER W 629 26.63 -57.93 -18.89
CA SER W 629 26.01 -59.17 -18.41
C SER W 629 24.99 -58.90 -17.31
N GLN W 630 25.28 -57.96 -16.42
CA GLN W 630 24.34 -57.65 -15.35
C GLN W 630 23.22 -56.74 -15.83
N LEU W 631 23.52 -55.88 -16.82
CA LEU W 631 22.52 -54.96 -17.34
C LEU W 631 21.36 -55.69 -18.00
N ILE W 632 21.66 -56.59 -18.93
CA ILE W 632 20.60 -57.31 -19.63
C ILE W 632 19.91 -58.35 -18.76
N ASN W 633 20.42 -58.58 -17.54
CA ASN W 633 19.83 -59.52 -16.61
C ASN W 633 18.92 -58.84 -15.60
N GLY W 634 18.50 -57.61 -15.87
CA GLY W 634 17.63 -56.91 -14.96
C GLY W 634 16.29 -57.59 -14.80
N TYR W 635 15.75 -58.13 -15.87
CA TYR W 635 14.50 -58.85 -15.85
C TYR W 635 14.63 -60.03 -16.79
N ASN W 636 14.29 -61.20 -16.30
CA ASN W 636 14.37 -62.46 -17.02
C ASN W 636 13.27 -63.37 -16.50
N PRO W 637 13.03 -64.56 -17.07
CA PRO W 637 11.95 -65.42 -16.54
C PRO W 637 12.11 -65.83 -15.08
N PHE W 638 13.31 -65.73 -14.50
CA PHE W 638 13.54 -66.09 -13.13
C PHE W 638 13.20 -64.97 -12.15
N GLY W 639 12.75 -63.81 -12.63
CA GLY W 639 12.41 -62.71 -11.76
C GLY W 639 13.07 -61.44 -12.23
N MET W 640 13.15 -60.46 -11.33
CA MET W 640 13.76 -59.17 -11.63
C MET W 640 14.32 -58.56 -10.36
N ASN W 641 15.15 -57.54 -10.55
CA ASN W 641 15.77 -56.80 -9.46
C ASN W 641 15.69 -55.31 -9.74
N SER W 642 16.43 -54.51 -8.98
CA SER W 642 16.42 -53.05 -9.17
C SER W 642 17.10 -52.61 -10.46
N LEU W 643 17.78 -53.51 -11.16
CA LEU W 643 18.48 -53.18 -12.38
C LEU W 643 17.62 -53.38 -13.62
N SER W 644 16.33 -53.70 -13.45
CA SER W 644 15.46 -53.92 -14.59
C SER W 644 15.09 -52.64 -15.32
N VAL W 645 15.07 -51.51 -14.61
CA VAL W 645 14.76 -50.23 -15.25
C VAL W 645 15.85 -49.86 -16.24
N TRP W 646 17.11 -50.16 -15.92
CA TRP W 646 18.19 -49.85 -16.84
C TRP W 646 18.15 -50.76 -18.06
N ALA W 647 17.68 -52.00 -17.88
CA ALA W 647 17.57 -52.90 -19.02
C ALA W 647 16.46 -52.42 -19.96
N TRP W 648 15.35 -51.97 -19.37
CA TRP W 648 14.27 -51.42 -20.17
C TRP W 648 14.72 -50.16 -20.90
N THR W 649 15.51 -49.32 -20.22
CA THR W 649 16.02 -48.09 -20.84
C THR W 649 17.00 -48.42 -21.96
N PHE W 650 17.78 -49.48 -21.79
CA PHE W 650 18.71 -49.94 -22.81
C PHE W 650 17.97 -50.31 -24.09
N LEU W 651 16.93 -51.15 -23.94
CA LEU W 651 16.14 -51.53 -25.10
C LEU W 651 15.35 -50.35 -25.65
N PHE W 652 14.95 -49.42 -24.78
CA PHE W 652 14.24 -48.22 -25.19
C PHE W 652 15.09 -47.37 -26.11
N GLY W 653 16.35 -47.16 -25.71
CA GLY W 653 17.27 -46.38 -26.53
C GLY W 653 17.56 -47.06 -27.85
N HIS W 654 17.67 -48.40 -27.83
CA HIS W 654 17.91 -49.13 -29.07
C HIS W 654 16.74 -48.95 -30.03
N LEU W 655 15.52 -49.00 -29.50
CA LEU W 655 14.32 -48.83 -30.32
C LEU W 655 14.24 -47.43 -30.89
N ILE W 656 14.56 -46.40 -30.09
CA ILE W 656 14.50 -45.02 -30.59
C ILE W 656 15.54 -44.81 -31.69
N TYR W 657 16.75 -45.38 -31.50
CA TYR W 657 17.81 -45.28 -32.49
C TYR W 657 17.39 -45.91 -33.82
N ALA W 658 16.83 -47.12 -33.74
CA ALA W 658 16.39 -47.80 -34.94
C ALA W 658 15.23 -47.06 -35.60
N THR W 659 14.39 -46.40 -34.80
CA THR W 659 13.29 -45.63 -35.37
C THR W 659 13.84 -44.42 -36.12
N GLY W 660 14.93 -43.84 -35.61
CA GLY W 660 15.54 -42.72 -36.29
C GLY W 660 16.12 -43.13 -37.62
N PHE W 661 16.59 -44.38 -37.70
CA PHE W 661 17.13 -44.89 -38.95
C PHE W 661 16.09 -44.86 -40.06
N MET W 662 14.79 -44.97 -39.72
CA MET W 662 13.74 -44.92 -40.73
C MET W 662 13.66 -43.56 -41.39
N PHE W 663 13.61 -42.50 -40.57
CA PHE W 663 13.57 -41.14 -41.09
C PHE W 663 14.88 -40.78 -41.78
N LEU W 664 15.96 -41.48 -41.42
CA LEU W 664 17.26 -41.20 -42.00
C LEU W 664 17.48 -41.88 -43.35
N ILE W 665 16.89 -43.06 -43.57
CA ILE W 665 17.06 -43.81 -44.81
C ILE W 665 15.92 -43.58 -45.79
N SER W 666 14.69 -43.88 -45.38
CA SER W 666 13.54 -43.67 -46.24
C SER W 666 13.25 -42.18 -46.37
N TRP W 667 12.90 -41.74 -47.57
CA TRP W 667 12.65 -40.32 -47.81
C TRP W 667 11.18 -40.07 -48.19
N ARG W 668 10.83 -38.77 -48.18
CA ARG W 668 9.47 -38.22 -48.31
C ARG W 668 8.53 -38.86 -49.35
N GLY W 669 8.89 -38.83 -50.63
CA GLY W 669 8.04 -39.33 -51.72
C GLY W 669 7.21 -40.58 -51.53
N TYR W 670 7.88 -41.64 -51.04
CA TYR W 670 7.19 -42.90 -50.77
C TYR W 670 6.09 -42.69 -49.73
N TRP W 671 6.43 -41.92 -48.69
CA TRP W 671 5.48 -41.64 -47.62
C TRP W 671 4.33 -40.78 -48.08
N GLN W 672 4.60 -39.80 -48.96
CA GLN W 672 3.52 -38.95 -49.47
C GLN W 672 2.55 -39.75 -50.31
N GLU W 673 3.07 -40.66 -51.15
CA GLU W 673 2.19 -41.50 -51.96
C GLU W 673 1.36 -42.41 -51.08
N LEU W 674 1.98 -42.97 -50.03
CA LEU W 674 1.26 -43.83 -49.10
C LEU W 674 0.16 -43.04 -48.38
N ILE W 675 0.48 -41.80 -47.99
CA ILE W 675 -0.48 -40.94 -47.30
C ILE W 675 -1.65 -40.63 -48.22
N GLU W 676 -1.38 -40.44 -49.52
CA GLU W 676 -2.46 -40.18 -50.47
C GLU W 676 -3.40 -41.38 -50.56
N THR W 677 -2.83 -42.58 -50.53
CA THR W 677 -3.68 -43.78 -50.54
C THR W 677 -4.52 -43.85 -49.27
N LEU W 678 -3.93 -43.48 -48.13
CA LEU W 678 -4.68 -43.50 -46.88
C LEU W 678 -5.78 -42.45 -46.88
N VAL W 679 -5.52 -41.30 -47.52
CA VAL W 679 -6.52 -40.24 -47.64
C VAL W 679 -7.72 -40.75 -48.42
N TRP W 680 -7.45 -41.45 -49.53
CA TRP W 680 -8.54 -42.02 -50.32
C TRP W 680 -9.32 -43.04 -49.50
N ALA W 681 -8.60 -43.88 -48.74
CA ALA W 681 -9.24 -44.90 -47.92
C ALA W 681 -10.15 -44.29 -46.87
N HIS W 682 -9.72 -43.20 -46.23
CA HIS W 682 -10.57 -42.58 -45.22
C HIS W 682 -11.75 -41.88 -45.86
N GLU W 683 -11.53 -41.26 -47.03
CA GLU W 683 -12.61 -40.54 -47.69
C GLU W 683 -13.66 -41.47 -48.27
N LYS W 684 -13.32 -42.72 -48.55
CA LYS W 684 -14.28 -43.67 -49.13
C LYS W 684 -14.73 -44.74 -48.14
N THR W 685 -14.66 -44.48 -46.84
CA THR W 685 -15.07 -45.44 -45.83
C THR W 685 -16.34 -44.97 -45.14
N PRO W 686 -17.40 -45.76 -45.10
CA PRO W 686 -18.61 -45.32 -44.42
C PRO W 686 -18.41 -45.39 -42.92
N LEU W 687 -19.25 -44.61 -42.21
CA LEU W 687 -19.26 -44.48 -40.75
C LEU W 687 -17.99 -43.84 -40.21
N ALA W 688 -17.08 -43.44 -41.09
CA ALA W 688 -15.83 -42.82 -40.73
C ALA W 688 -15.50 -41.58 -41.53
N ASN W 689 -16.07 -41.43 -42.74
CA ASN W 689 -15.81 -40.23 -43.52
C ASN W 689 -16.54 -39.02 -42.95
N LEU W 690 -17.45 -39.24 -41.99
CA LEU W 690 -18.14 -38.13 -41.34
C LEU W 690 -17.18 -37.34 -40.47
N VAL W 691 -16.12 -37.99 -40.00
CA VAL W 691 -15.09 -37.36 -39.18
C VAL W 691 -13.96 -37.00 -40.13
N TYR W 692 -13.91 -35.75 -40.56
CA TYR W 692 -12.89 -35.26 -41.47
C TYR W 692 -11.84 -34.46 -40.73
N TRP W 693 -10.64 -34.43 -41.29
CA TRP W 693 -9.53 -33.72 -40.69
C TRP W 693 -9.63 -32.21 -40.93
N LYS W 694 -9.01 -31.45 -40.02
CA LYS W 694 -8.99 -29.99 -40.14
C LYS W 694 -7.73 -29.52 -40.84
N ASP W 695 -6.71 -30.37 -40.88
CA ASP W 695 -5.45 -30.10 -41.54
C ASP W 695 -5.25 -31.22 -42.55
N LYS W 696 -4.85 -30.88 -43.75
CA LYS W 696 -4.64 -31.89 -44.78
C LYS W 696 -3.41 -32.71 -44.42
N PRO W 697 -3.52 -34.03 -44.30
CA PRO W 697 -2.35 -34.84 -43.94
C PRO W 697 -1.34 -34.91 -45.07
N VAL W 698 -0.09 -34.54 -44.77
CA VAL W 698 1.00 -34.58 -45.74
C VAL W 698 2.21 -35.20 -45.08
N ALA W 699 3.15 -35.65 -45.90
CA ALA W 699 4.37 -36.25 -45.39
C ALA W 699 5.28 -35.17 -44.81
N LEU W 700 6.15 -35.58 -43.91
CA LEU W 700 7.07 -34.64 -43.28
C LEU W 700 8.04 -34.10 -44.31
N SER W 701 8.43 -32.84 -44.15
CA SER W 701 9.36 -32.24 -45.10
C SER W 701 10.75 -32.85 -44.95
N ILE W 702 11.60 -32.57 -45.94
CA ILE W 702 12.96 -33.10 -45.96
C ILE W 702 13.75 -32.60 -44.76
N VAL W 703 13.69 -31.30 -44.49
CA VAL W 703 14.40 -30.73 -43.34
C VAL W 703 13.84 -31.29 -42.04
N GLN W 704 12.51 -31.40 -41.96
CA GLN W 704 11.87 -31.94 -40.77
C GLN W 704 12.26 -33.40 -40.59
N ALA W 705 12.37 -34.14 -41.70
CA ALA W 705 12.77 -35.54 -41.63
C ALA W 705 14.18 -35.68 -41.10
N ARG W 706 15.10 -34.82 -41.57
CA ARG W 706 16.47 -34.87 -41.09
C ARG W 706 16.54 -34.56 -39.61
N LEU W 707 15.77 -33.55 -39.17
CA LEU W 707 15.74 -33.19 -37.75
C LEU W 707 15.15 -34.30 -36.89
N VAL W 708 14.05 -34.92 -37.35
CA VAL W 708 13.40 -35.99 -36.60
C VAL W 708 14.32 -37.21 -36.49
N GLY W 709 14.97 -37.58 -37.60
CA GLY W 709 15.88 -38.70 -37.55
C GLY W 709 17.07 -38.43 -36.66
N LEU W 710 17.59 -37.20 -36.71
CA LEU W 710 18.72 -36.82 -35.88
C LEU W 710 18.33 -36.84 -34.40
N ALA W 711 17.11 -36.35 -34.09
CA ALA W 711 16.64 -36.33 -32.72
C ALA W 711 16.48 -37.73 -32.16
N HIS W 712 15.90 -38.64 -32.96
CA HIS W 712 15.75 -40.01 -32.50
C HIS W 712 17.11 -40.67 -32.31
N PHE W 713 18.03 -40.44 -33.26
CA PHE W 713 19.37 -41.00 -33.20
C PHE W 713 20.07 -40.55 -31.91
N SER W 714 20.05 -39.25 -31.64
CA SER W 714 20.70 -38.71 -30.46
C SER W 714 20.05 -39.18 -29.17
N VAL W 715 18.71 -39.21 -29.11
CA VAL W 715 18.02 -39.64 -27.90
C VAL W 715 18.31 -41.11 -27.61
N GLY W 716 18.24 -41.96 -28.63
CA GLY W 716 18.52 -43.37 -28.44
C GLY W 716 19.96 -43.61 -28.03
N TYR W 717 20.88 -42.88 -28.66
CA TYR W 717 22.31 -42.97 -28.35
C TYR W 717 22.57 -42.61 -26.89
N ILE W 718 22.04 -41.47 -26.46
CA ILE W 718 22.25 -40.96 -25.10
C ILE W 718 21.62 -41.91 -24.07
N PHE W 719 20.37 -42.32 -24.29
CA PHE W 719 19.70 -43.18 -23.33
C PHE W 719 20.36 -44.56 -23.25
N THR W 720 20.81 -45.09 -24.39
CA THR W 720 21.45 -46.40 -24.39
C THR W 720 22.76 -46.37 -23.62
N TYR W 721 23.60 -45.36 -23.89
CA TYR W 721 24.87 -45.31 -23.18
C TYR W 721 24.70 -44.97 -21.71
N ALA W 722 23.76 -44.08 -21.38
CA ALA W 722 23.55 -43.73 -19.97
C ALA W 722 23.06 -44.93 -19.19
N ALA W 723 22.13 -45.71 -19.77
CA ALA W 723 21.62 -46.89 -19.11
C ALA W 723 22.72 -47.93 -18.92
N PHE W 724 23.52 -48.18 -19.96
CA PHE W 724 24.60 -49.15 -19.85
C PHE W 724 25.65 -48.73 -18.83
N LEU W 725 26.03 -47.45 -18.86
CA LEU W 725 27.04 -46.93 -17.95
C LEU W 725 26.59 -47.04 -16.49
N ILE W 726 25.39 -46.53 -16.18
CA ILE W 726 24.92 -46.57 -14.80
C ILE W 726 24.70 -48.01 -14.33
N ALA W 727 24.11 -48.86 -15.18
CA ALA W 727 23.86 -50.25 -14.78
C ALA W 727 25.15 -51.01 -14.52
N SER W 728 26.12 -50.90 -15.43
CA SER W 728 27.38 -51.61 -15.25
C SER W 728 28.15 -51.11 -14.02
N THR W 729 28.24 -49.79 -13.85
CA THR W 729 28.97 -49.25 -12.70
C THR W 729 28.27 -49.55 -11.38
N SER W 730 26.93 -49.51 -11.35
CA SER W 730 26.21 -49.77 -10.11
C SER W 730 26.23 -51.26 -9.76
N GLY W 731 26.07 -52.15 -10.74
CA GLY W 731 26.11 -53.56 -10.45
C GLY W 731 27.50 -54.04 -10.05
N ARG W 732 28.53 -53.51 -10.72
CA ARG W 732 29.90 -53.92 -10.41
C ARG W 732 30.33 -53.41 -9.04
N PHE W 733 29.82 -52.27 -8.61
CA PHE W 733 30.19 -51.72 -7.30
C PHE W 733 28.95 -51.33 -6.51
N ALA X 1 3.20 -18.84 -51.81
CA ALA X 1 3.60 -19.32 -53.11
C ALA X 1 5.11 -19.20 -53.32
N HIS X 2 5.66 -20.04 -54.20
CA HIS X 2 7.08 -20.00 -54.48
C HIS X 2 7.41 -18.79 -55.36
N ILE X 3 8.66 -18.34 -55.26
CA ILE X 3 9.14 -17.19 -56.01
C ILE X 3 9.96 -17.67 -57.20
N VAL X 4 9.50 -17.38 -58.40
CA VAL X 4 10.18 -17.75 -59.63
C VAL X 4 10.69 -16.46 -60.27
N LYS X 5 11.99 -16.40 -60.52
CA LYS X 5 12.59 -15.21 -61.12
C LYS X 5 13.36 -15.55 -62.38
N ILE X 6 13.35 -14.61 -63.32
CA ILE X 6 14.08 -14.74 -64.58
C ILE X 6 15.12 -13.64 -64.62
N TYR X 7 16.36 -14.00 -64.89
CA TYR X 7 17.46 -13.03 -64.94
C TYR X 7 17.75 -12.66 -66.38
N ASP X 8 18.57 -11.60 -66.54
CA ASP X 8 18.89 -11.09 -67.87
C ASP X 8 19.79 -12.01 -68.70
N THR X 9 20.34 -13.08 -68.11
CA THR X 9 21.17 -13.99 -68.87
C THR X 9 20.37 -14.97 -69.71
N CYS X 10 19.05 -14.84 -69.71
CA CYS X 10 18.21 -15.74 -70.48
C CYS X 10 18.45 -15.56 -71.97
N ILE X 11 18.72 -16.68 -72.65
CA ILE X 11 18.98 -16.68 -74.09
C ILE X 11 17.74 -16.96 -74.91
N GLY X 12 16.59 -17.14 -74.29
CA GLY X 12 15.37 -17.41 -75.01
C GLY X 12 15.35 -18.74 -75.75
N CYS X 13 15.91 -19.78 -75.14
CA CYS X 13 15.96 -21.10 -75.76
C CYS X 13 14.66 -21.86 -75.60
N THR X 14 13.72 -21.34 -74.80
CA THR X 14 12.40 -21.92 -74.54
C THR X 14 12.44 -23.34 -73.99
N GLN X 15 13.55 -23.76 -73.39
CA GLN X 15 13.60 -25.11 -72.85
C GLN X 15 12.96 -25.17 -71.47
N CYS X 16 13.05 -24.07 -70.71
CA CYS X 16 12.48 -24.04 -69.37
C CYS X 16 10.96 -24.06 -69.40
N VAL X 17 10.35 -23.47 -70.44
CA VAL X 17 8.90 -23.44 -70.53
C VAL X 17 8.36 -24.83 -70.86
N ARG X 18 9.05 -25.55 -71.75
CA ARG X 18 8.61 -26.88 -72.13
C ARG X 18 8.77 -27.87 -70.98
N ALA X 19 9.78 -27.67 -70.13
CA ALA X 19 10.01 -28.55 -69.00
C ALA X 19 9.09 -28.26 -67.82
N CYS X 20 8.43 -27.11 -67.81
CA CYS X 20 7.53 -26.79 -66.71
C CYS X 20 6.30 -27.68 -66.79
N PRO X 21 6.00 -28.45 -65.74
CA PRO X 21 4.83 -29.33 -65.79
C PRO X 21 3.53 -28.72 -65.30
N LEU X 22 3.49 -27.45 -64.88
CA LEU X 22 2.21 -26.91 -64.42
C LEU X 22 1.85 -25.58 -65.12
N ASP X 23 2.48 -25.27 -66.26
CA ASP X 23 2.23 -24.07 -67.06
C ASP X 23 2.38 -22.77 -66.24
N VAL X 24 3.61 -22.54 -65.81
CA VAL X 24 3.96 -21.36 -65.04
C VAL X 24 4.75 -20.36 -65.87
N LEU X 25 5.68 -20.85 -66.68
CA LEU X 25 6.52 -20.03 -67.53
C LEU X 25 5.92 -19.83 -68.91
N GLU X 26 6.39 -18.79 -69.60
CA GLU X 26 5.94 -18.45 -70.94
C GLU X 26 7.05 -17.64 -71.61
N MET X 27 6.86 -17.30 -72.88
CA MET X 27 7.84 -16.53 -73.62
C MET X 27 7.24 -15.20 -74.04
N VAL X 28 7.96 -14.11 -73.80
CA VAL X 28 7.53 -12.77 -74.13
C VAL X 28 8.58 -12.16 -75.06
N PRO X 29 8.23 -11.14 -75.85
CA PRO X 29 9.24 -10.53 -76.74
C PRO X 29 10.28 -9.77 -75.93
N TRP X 30 11.49 -9.70 -76.48
CA TRP X 30 12.59 -9.02 -75.80
C TRP X 30 13.58 -8.54 -76.84
N ASP X 31 14.56 -7.76 -76.39
CA ASP X 31 15.62 -7.24 -77.25
C ASP X 31 17.01 -7.46 -76.69
N GLY X 32 17.18 -8.39 -75.76
CA GLY X 32 18.48 -8.65 -75.18
C GLY X 32 19.18 -9.89 -75.65
N CYS X 33 18.59 -10.65 -76.57
CA CYS X 33 19.21 -11.87 -77.08
C CYS X 33 18.92 -11.98 -78.57
N LYS X 34 19.62 -12.90 -79.23
CA LYS X 34 19.45 -13.10 -80.66
C LYS X 34 18.05 -13.64 -80.98
N ALA X 35 17.51 -14.51 -80.12
CA ALA X 35 16.19 -15.06 -80.34
C ALA X 35 15.09 -14.03 -80.13
N SER X 36 15.42 -12.90 -79.49
CA SER X 36 14.49 -11.80 -79.20
C SER X 36 13.29 -12.25 -78.36
N GLN X 37 13.50 -13.24 -77.50
CA GLN X 37 12.48 -13.78 -76.60
C GLN X 37 13.07 -13.88 -75.20
N MET X 38 12.18 -13.90 -74.21
CA MET X 38 12.63 -14.02 -72.83
C MET X 38 11.57 -14.77 -72.03
N ALA X 39 12.03 -15.59 -71.09
CA ALA X 39 11.11 -16.36 -70.27
C ALA X 39 10.45 -15.45 -69.23
N SER X 40 9.21 -15.77 -68.90
CA SER X 40 8.40 -15.02 -67.95
C SER X 40 7.65 -15.98 -67.05
N ALA X 41 7.31 -15.51 -65.85
CA ALA X 41 6.58 -16.30 -64.85
C ALA X 41 5.36 -15.54 -64.36
N PRO X 42 4.28 -15.51 -65.15
CA PRO X 42 3.07 -14.79 -64.72
C PRO X 42 2.07 -15.62 -63.95
N ARG X 43 2.30 -16.92 -63.77
CA ARG X 43 1.39 -17.80 -63.05
C ARG X 43 2.13 -18.56 -61.97
N THR X 44 2.91 -17.84 -61.15
CA THR X 44 3.65 -18.46 -60.07
C THR X 44 2.76 -19.02 -58.97
N GLU X 45 1.47 -18.68 -58.97
CA GLU X 45 0.56 -19.21 -57.96
C GLU X 45 0.33 -20.71 -58.14
N ASP X 46 0.65 -21.27 -59.29
CA ASP X 46 0.49 -22.69 -59.55
C ASP X 46 1.80 -23.46 -59.46
N CYS X 47 2.94 -22.78 -59.29
CA CYS X 47 4.22 -23.47 -59.22
C CYS X 47 4.35 -24.32 -57.95
N VAL X 48 4.84 -25.54 -58.12
CA VAL X 48 5.05 -26.45 -57.01
C VAL X 48 6.49 -26.45 -56.50
N GLY X 49 7.45 -26.12 -57.36
CA GLY X 49 8.84 -26.10 -56.96
C GLY X 49 9.64 -27.31 -57.36
N CYS X 50 9.22 -28.01 -58.43
CA CYS X 50 9.92 -29.21 -58.89
C CYS X 50 11.32 -28.91 -59.43
N LYS X 51 11.58 -27.65 -59.78
CA LYS X 51 12.85 -27.17 -60.29
C LYS X 51 13.25 -27.84 -61.61
N ARG X 52 12.25 -28.30 -62.38
CA ARG X 52 12.54 -28.89 -63.67
C ARG X 52 13.05 -27.83 -64.63
N CYS X 53 12.56 -26.61 -64.45
CA CYS X 53 12.99 -25.48 -65.27
C CYS X 53 14.46 -25.17 -65.02
N GLU X 54 14.91 -25.28 -63.76
CA GLU X 54 16.31 -25.03 -63.44
C GLU X 54 17.19 -26.09 -64.07
N THR X 55 16.70 -27.34 -64.11
CA THR X 55 17.44 -28.43 -64.72
C THR X 55 17.55 -28.22 -66.22
N ALA X 56 16.50 -27.71 -66.85
CA ALA X 56 16.48 -27.47 -68.28
C ALA X 56 17.19 -26.20 -68.71
N CYS X 57 17.62 -25.35 -67.78
CA CYS X 57 18.29 -24.12 -68.17
C CYS X 57 19.74 -24.40 -68.54
N PRO X 58 20.21 -23.94 -69.71
CA PRO X 58 21.61 -24.20 -70.10
C PRO X 58 22.59 -23.09 -69.81
N THR X 59 22.16 -21.95 -69.27
CA THR X 59 23.08 -20.86 -69.00
C THR X 59 23.88 -21.12 -67.73
N ASP X 60 25.07 -20.52 -67.66
CA ASP X 60 25.97 -20.63 -66.52
C ASP X 60 26.29 -19.23 -66.02
N PHE X 61 25.72 -18.84 -64.87
CA PHE X 61 24.83 -19.66 -64.07
C PHE X 61 23.39 -19.57 -64.62
N LEU X 62 22.45 -20.25 -63.95
CA LEU X 62 21.05 -20.31 -64.40
C LEU X 62 20.41 -18.95 -64.57
N SER X 63 19.40 -18.91 -65.43
CA SER X 63 18.63 -17.71 -65.71
C SER X 63 17.30 -17.71 -65.00
N VAL X 64 16.77 -18.89 -64.68
CA VAL X 64 15.51 -19.04 -63.97
C VAL X 64 15.82 -19.65 -62.60
N ARG X 65 15.29 -19.03 -61.55
CA ARG X 65 15.52 -19.51 -60.20
C ARG X 65 14.21 -19.67 -59.47
N VAL X 66 14.15 -20.71 -58.63
CA VAL X 66 12.96 -21.02 -57.85
C VAL X 66 13.36 -20.96 -56.39
N TYR X 67 12.60 -20.19 -55.62
CA TYR X 67 12.81 -20.03 -54.19
C TYR X 67 11.56 -20.52 -53.49
N LEU X 68 11.72 -21.50 -52.62
CA LEU X 68 10.58 -22.06 -51.90
C LEU X 68 9.97 -21.03 -50.95
N GLY X 69 8.68 -20.79 -51.11
CA GLY X 69 7.97 -19.83 -50.30
C GLY X 69 6.88 -20.45 -49.45
N SER X 70 5.78 -19.72 -49.26
CA SER X 70 4.68 -20.21 -48.46
C SER X 70 3.98 -21.36 -49.18
N GLU X 71 3.77 -22.45 -48.46
CA GLU X 71 3.12 -23.64 -49.01
C GLU X 71 1.61 -23.48 -48.94
N SER X 72 0.93 -23.95 -49.98
CA SER X 72 -0.53 -23.90 -50.05
C SER X 72 -1.00 -25.18 -50.72
N THR X 73 -2.27 -25.22 -51.13
CA THR X 73 -2.80 -26.41 -51.76
C THR X 73 -2.22 -26.63 -53.15
N ARG X 74 -2.14 -25.56 -53.96
CA ARG X 74 -1.59 -25.69 -55.30
C ARG X 74 -0.08 -25.90 -55.27
N SER X 75 0.61 -25.23 -54.33
CA SER X 75 2.06 -25.37 -54.22
C SER X 75 2.48 -26.75 -53.73
N MET X 76 1.66 -27.40 -52.90
CA MET X 76 2.00 -28.73 -52.41
C MET X 76 1.55 -29.83 -53.37
N GLY X 77 0.84 -29.48 -54.44
CA GLY X 77 0.37 -30.46 -55.40
C GLY X 77 -0.52 -31.53 -54.81
N LEU X 78 -1.49 -31.12 -53.99
CA LEU X 78 -2.38 -32.06 -53.33
C LEU X 78 -3.67 -32.21 -54.12
N SER X 79 -4.09 -33.45 -54.32
CA SER X 79 -5.33 -33.75 -55.02
C SER X 79 -6.51 -33.84 -54.07
N TYR X 80 -6.28 -33.58 -52.79
CA TYR X 80 -7.30 -33.62 -51.76
C TYR X 80 -7.32 -32.31 -50.99
N TRP Y 1 -9.13 -13.73 -81.49
CA TRP Y 1 -9.18 -14.88 -80.60
C TRP Y 1 -10.19 -14.63 -79.50
N THR Y 2 -10.87 -15.69 -79.06
CA THR Y 2 -11.90 -15.59 -78.03
C THR Y 2 -11.71 -16.70 -77.01
N VAL Y 3 -12.01 -16.38 -75.75
CA VAL Y 3 -11.89 -17.35 -74.65
C VAL Y 3 -12.96 -18.42 -74.81
N PRO Y 4 -12.61 -19.70 -74.82
CA PRO Y 4 -13.63 -20.75 -74.97
C PRO Y 4 -14.53 -20.86 -73.75
N THR Y 5 -15.76 -21.28 -74.02
CA THR Y 5 -16.79 -21.47 -73.00
C THR Y 5 -16.95 -22.96 -72.73
N LEU Y 6 -16.92 -23.33 -71.45
CA LEU Y 6 -17.05 -24.73 -71.07
C LEU Y 6 -18.43 -25.26 -71.37
N ASN Y 7 -18.47 -26.42 -72.04
CA ASN Y 7 -19.71 -27.11 -72.41
C ASN Y 7 -19.82 -28.32 -71.50
N PRO Y 8 -20.71 -28.29 -70.51
CA PRO Y 8 -20.83 -29.45 -69.62
C PRO Y 8 -21.46 -30.67 -70.28
N ASP Y 9 -22.21 -30.47 -71.37
CA ASP Y 9 -22.85 -31.57 -72.08
C ASP Y 9 -21.95 -32.05 -73.22
N THR Y 10 -20.69 -32.31 -72.85
CA THR Y 10 -19.67 -32.78 -73.76
C THR Y 10 -19.39 -34.25 -73.46
N PRO Y 11 -19.38 -35.12 -74.46
CA PRO Y 11 -19.10 -36.54 -74.20
C PRO Y 11 -17.69 -36.73 -73.64
N SER Y 12 -17.54 -37.73 -72.82
CA SER Y 12 -16.31 -38.07 -72.17
C SER Y 12 -15.75 -39.39 -72.70
N PRO Y 13 -14.43 -39.61 -72.61
CA PRO Y 13 -13.87 -40.87 -73.10
C PRO Y 13 -14.39 -42.07 -72.31
N ILE Y 14 -14.50 -43.20 -72.99
CA ILE Y 14 -15.01 -44.41 -72.35
C ILE Y 14 -13.94 -44.97 -71.42
N PHE Y 15 -14.16 -44.83 -70.12
CA PHE Y 15 -13.27 -45.31 -69.09
C PHE Y 15 -14.12 -46.06 -68.06
N GLY Y 16 -13.60 -47.17 -67.57
CA GLY Y 16 -14.34 -47.95 -66.59
C GLY Y 16 -14.34 -47.41 -65.19
N GLY Y 17 -13.57 -46.36 -64.94
CA GLY Y 17 -13.50 -45.79 -63.62
C GLY Y 17 -12.32 -46.34 -62.83
N SER Y 18 -11.84 -45.55 -61.89
CA SER Y 18 -10.70 -45.95 -61.09
C SER Y 18 -10.80 -45.32 -59.71
N THR Y 19 -9.85 -45.66 -58.87
CA THR Y 19 -9.76 -45.15 -57.51
C THR Y 19 -8.87 -43.93 -57.41
N GLY Y 20 -8.27 -43.49 -58.52
CA GLY Y 20 -7.41 -42.33 -58.52
C GLY Y 20 -8.15 -41.11 -59.02
N GLY Y 21 -9.48 -41.17 -59.01
CA GLY Y 21 -10.32 -40.09 -59.47
C GLY Y 21 -10.39 -38.91 -58.51
N LEU Y 22 -11.49 -38.17 -58.61
CA LEU Y 22 -11.70 -36.99 -57.78
C LEU Y 22 -11.92 -37.37 -56.33
N LEU Y 23 -11.68 -36.39 -55.45
CA LEU Y 23 -11.83 -36.55 -54.01
C LEU Y 23 -12.73 -35.45 -53.47
N ARG Y 24 -12.79 -35.28 -52.15
CA ARG Y 24 -13.63 -34.25 -51.54
C ARG Y 24 -13.19 -32.84 -51.90
N LYS Y 25 -11.97 -32.67 -52.41
CA LYS Y 25 -11.49 -31.35 -52.80
C LYS Y 25 -12.26 -30.84 -54.02
N ALA Y 26 -12.71 -31.75 -54.87
CA ALA Y 26 -13.45 -31.36 -56.07
C ALA Y 26 -14.81 -30.76 -55.71
N GLN Y 27 -15.33 -31.10 -54.53
CA GLN Y 27 -16.61 -30.56 -54.09
C GLN Y 27 -16.45 -29.47 -53.04
N THR Y 28 -15.28 -29.37 -52.41
CA THR Y 28 -15.07 -28.35 -51.39
C THR Y 28 -14.15 -27.22 -51.80
N GLU Y 29 -13.10 -27.47 -52.59
CA GLU Y 29 -12.20 -26.38 -52.94
C GLU Y 29 -12.23 -26.01 -54.43
N GLU Y 30 -11.84 -26.93 -55.32
CA GLU Y 30 -11.81 -26.71 -56.77
C GLU Y 30 -11.36 -28.00 -57.44
N PHE Y 31 -11.51 -28.02 -58.75
CA PHE Y 31 -11.08 -29.15 -59.57
C PHE Y 31 -10.77 -28.62 -60.97
N TYR Y 32 -10.33 -29.49 -61.86
CA TYR Y 32 -9.96 -29.06 -63.20
C TYR Y 32 -10.69 -29.90 -64.24
N VAL Y 33 -10.96 -29.27 -65.39
CA VAL Y 33 -11.67 -29.90 -66.50
C VAL Y 33 -10.86 -29.71 -67.77
N ILE Y 34 -10.49 -30.81 -68.42
CA ILE Y 34 -9.72 -30.80 -69.65
C ILE Y 34 -10.60 -31.21 -70.82
N THR Y 35 -10.57 -30.42 -71.89
CA THR Y 35 -11.36 -30.68 -73.09
C THR Y 35 -10.45 -30.66 -74.30
N TRP Y 36 -10.77 -31.51 -75.27
CA TRP Y 36 -9.98 -31.57 -76.50
C TRP Y 36 -10.83 -32.14 -77.62
N GLU Y 37 -10.30 -32.01 -78.84
CA GLU Y 37 -10.94 -32.50 -80.05
C GLU Y 37 -10.10 -33.61 -80.64
N ALA Y 38 -10.69 -34.79 -80.79
CA ALA Y 38 -10.00 -35.96 -81.33
C ALA Y 38 -10.55 -36.28 -82.71
N LYS Y 39 -9.65 -36.55 -83.65
CA LYS Y 39 -10.05 -36.86 -85.01
C LYS Y 39 -10.59 -38.28 -85.14
N LYS Y 40 -10.18 -39.20 -84.26
CA LYS Y 40 -10.64 -40.57 -84.33
C LYS Y 40 -10.55 -41.21 -82.95
N GLU Y 41 -11.22 -42.35 -82.81
CA GLU Y 41 -11.21 -43.09 -81.56
C GLU Y 41 -9.84 -43.70 -81.33
N GLN Y 42 -9.31 -43.54 -80.11
CA GLN Y 42 -7.99 -44.08 -79.82
C GLN Y 42 -7.82 -44.33 -78.34
N ILE Y 43 -7.17 -45.44 -78.01
CA ILE Y 43 -6.92 -45.80 -76.62
C ILE Y 43 -5.70 -45.01 -76.12
N PHE Y 44 -5.89 -44.25 -75.05
CA PHE Y 44 -4.85 -43.44 -74.44
C PHE Y 44 -4.72 -43.84 -72.98
N GLU Y 45 -3.66 -43.34 -72.34
CA GLU Y 45 -3.37 -43.65 -70.95
C GLU Y 45 -3.85 -42.54 -70.03
N MET Y 46 -4.60 -42.90 -69.01
CA MET Y 46 -5.11 -41.94 -68.05
C MET Y 46 -4.00 -41.53 -67.09
N PRO Y 47 -3.90 -40.23 -66.75
CA PRO Y 47 -2.84 -39.80 -65.82
C PRO Y 47 -3.01 -40.35 -64.41
N THR Y 48 -4.21 -40.78 -64.04
CA THR Y 48 -4.46 -41.32 -62.72
C THR Y 48 -4.47 -42.85 -62.71
N GLY Y 49 -4.07 -43.48 -63.81
CA GLY Y 49 -4.05 -44.93 -63.88
C GLY Y 49 -5.14 -45.51 -64.74
N GLY Y 50 -4.78 -46.43 -65.62
CA GLY Y 50 -5.73 -47.09 -66.50
C GLY Y 50 -5.66 -46.55 -67.92
N ALA Y 51 -6.28 -47.30 -68.81
CA ALA Y 51 -6.34 -46.96 -70.23
C ALA Y 51 -7.77 -46.67 -70.62
N ALA Y 52 -8.00 -45.50 -71.20
CA ALA Y 52 -9.33 -45.09 -71.64
C ALA Y 52 -9.33 -44.99 -73.15
N ILE Y 53 -10.51 -44.76 -73.72
CA ILE Y 53 -10.64 -44.65 -75.18
C ILE Y 53 -11.24 -43.29 -75.50
N MET Y 54 -10.44 -42.41 -76.11
CA MET Y 54 -10.93 -41.11 -76.49
C MET Y 54 -11.82 -41.28 -77.72
N ARG Y 55 -12.98 -40.62 -77.66
CA ARG Y 55 -14.00 -40.65 -78.69
C ARG Y 55 -13.64 -39.70 -79.82
N GLN Y 56 -14.37 -39.82 -80.93
CA GLN Y 56 -14.15 -38.95 -82.08
C GLN Y 56 -14.88 -37.64 -81.85
N GLY Y 57 -14.15 -36.53 -81.88
CA GLY Y 57 -14.74 -35.23 -81.67
C GLY Y 57 -14.39 -34.66 -80.31
N PRO Y 58 -15.34 -33.98 -79.67
CA PRO Y 58 -15.07 -33.38 -78.35
C PRO Y 58 -14.96 -34.44 -77.27
N ASN Y 59 -14.07 -34.19 -76.31
CA ASN Y 59 -13.84 -35.08 -75.18
C ASN Y 59 -13.54 -34.25 -73.96
N LEU Y 60 -14.21 -34.57 -72.85
CA LEU Y 60 -14.10 -33.87 -71.58
C LEU Y 60 -13.73 -34.82 -70.45
N LEU Y 61 -12.88 -34.34 -69.54
CA LEU Y 61 -12.45 -35.14 -68.40
C LEU Y 61 -12.26 -34.23 -67.19
N LYS Y 62 -12.34 -34.82 -66.00
CA LYS Y 62 -12.19 -34.11 -64.73
C LYS Y 62 -10.98 -34.64 -63.99
N PHE Y 63 -10.21 -33.73 -63.40
CA PHE Y 63 -9.01 -34.09 -62.64
C PHE Y 63 -8.95 -33.28 -61.35
N GLY Y 64 -8.19 -33.80 -60.40
CA GLY Y 64 -8.05 -33.15 -59.11
C GLY Y 64 -7.11 -31.97 -59.06
N LYS Y 65 -6.02 -32.00 -59.84
CA LYS Y 65 -5.07 -30.90 -59.83
C LYS Y 65 -4.67 -30.54 -61.25
N LYS Y 66 -4.10 -29.34 -61.39
CA LYS Y 66 -3.68 -28.82 -62.69
C LYS Y 66 -2.56 -29.64 -63.33
N GLU Y 67 -1.71 -30.26 -62.51
CA GLU Y 67 -0.61 -31.06 -63.05
C GLU Y 67 -1.13 -32.24 -63.84
N GLN Y 68 -2.24 -32.85 -63.40
CA GLN Y 68 -2.80 -33.98 -64.13
C GLN Y 68 -3.32 -33.54 -65.49
N CYS Y 69 -3.99 -32.39 -65.54
CA CYS Y 69 -4.50 -31.87 -66.80
C CYS Y 69 -3.37 -31.50 -67.76
N LEU Y 70 -2.32 -30.87 -67.25
CA LEU Y 70 -1.22 -30.52 -68.15
C LEU Y 70 -0.44 -31.76 -68.58
N ALA Y 71 -0.38 -32.79 -67.73
CA ALA Y 71 0.29 -34.02 -68.12
C ALA Y 71 -0.47 -34.71 -69.24
N LEU Y 72 -1.81 -34.73 -69.13
CA LEU Y 72 -2.63 -35.32 -70.19
C LEU Y 72 -2.54 -34.48 -71.46
N THR Y 73 -2.44 -33.16 -71.30
CA THR Y 73 -2.31 -32.26 -72.45
C THR Y 73 -1.01 -32.54 -73.20
N THR Y 74 0.08 -32.71 -72.46
CA THR Y 74 1.37 -33.02 -73.07
C THR Y 74 1.34 -34.37 -73.74
N GLN Y 75 0.68 -35.35 -73.11
CA GLN Y 75 0.59 -36.68 -73.71
C GLN Y 75 -0.20 -36.65 -75.02
N LEU Y 76 -1.31 -35.92 -75.04
CA LEU Y 76 -2.13 -35.83 -76.25
C LEU Y 76 -1.42 -35.05 -77.35
N ARG Y 77 -0.66 -34.02 -76.99
CA ARG Y 77 0.04 -33.23 -77.99
C ARG Y 77 1.23 -33.98 -78.57
N ASN Y 78 2.00 -34.67 -77.74
CA ASN Y 78 3.19 -35.36 -78.22
C ASN Y 78 2.93 -36.74 -78.79
N LYS Y 79 1.81 -37.39 -78.47
CA LYS Y 79 1.60 -38.74 -78.99
C LYS Y 79 0.57 -38.79 -80.12
N PHE Y 80 -0.41 -37.89 -80.11
CA PHE Y 80 -1.44 -37.91 -81.13
C PHE Y 80 -1.58 -36.62 -81.90
N LYS Y 81 -0.79 -35.60 -81.56
CA LYS Y 81 -0.79 -34.29 -82.23
C LYS Y 81 -2.17 -33.63 -82.19
N LEU Y 82 -2.63 -33.32 -80.97
CA LEU Y 82 -3.91 -32.66 -80.75
C LEU Y 82 -3.68 -31.29 -80.11
N THR Y 83 -4.78 -30.58 -79.88
CA THR Y 83 -4.76 -29.26 -79.27
C THR Y 83 -5.74 -29.21 -78.10
N PRO Y 84 -5.32 -29.64 -76.90
CA PRO Y 84 -6.22 -29.63 -75.75
C PRO Y 84 -6.19 -28.32 -74.98
N SNC Y 85 -7.20 -28.09 -74.14
CA SNC Y 85 -7.27 -26.87 -73.32
CB SNC Y 85 -7.98 -25.71 -74.02
SG SNC Y 85 -9.68 -26.35 -74.45
ND SNC Y 85 -9.40 -26.65 -76.11
OE SNC Y 85 -9.91 -27.60 -76.59
C SNC Y 85 -8.00 -27.19 -71.95
O SNC Y 85 -8.92 -28.06 -71.95
N PHE Y 86 -7.62 -26.54 -70.86
CA PHE Y 86 -8.32 -26.85 -69.62
C PHE Y 86 -8.69 -25.63 -68.78
N TYR Y 87 -9.64 -25.87 -67.88
CA TYR Y 87 -10.18 -24.88 -66.99
C TYR Y 87 -10.15 -25.36 -65.56
N ARG Y 88 -10.34 -24.42 -64.66
CA ARG Y 88 -10.42 -24.65 -63.22
C ARG Y 88 -11.87 -24.34 -62.85
N VAL Y 89 -12.56 -25.32 -62.28
CA VAL Y 89 -13.97 -25.18 -61.91
C VAL Y 89 -14.09 -25.23 -60.39
N PHE Y 90 -14.80 -24.25 -59.84
CA PHE Y 90 -15.12 -24.04 -58.44
C PHE Y 90 -16.47 -24.63 -58.10
N PRO Y 91 -16.72 -24.96 -56.83
CA PRO Y 91 -18.02 -25.55 -56.47
C PRO Y 91 -19.23 -24.65 -56.74
N ASP Y 92 -19.05 -23.32 -56.81
CA ASP Y 92 -20.17 -22.46 -57.09
C ASP Y 92 -20.51 -22.40 -58.57
N GLY Y 93 -19.71 -23.05 -59.42
CA GLY Y 93 -19.96 -23.06 -60.85
C GLY Y 93 -19.09 -22.13 -61.65
N LYS Y 94 -18.13 -21.45 -61.03
CA LYS Y 94 -17.27 -20.54 -61.78
C LYS Y 94 -16.23 -21.33 -62.56
N VAL Y 95 -16.09 -21.00 -63.84
CA VAL Y 95 -15.13 -21.65 -64.73
C VAL Y 95 -14.07 -20.64 -65.12
N GLN Y 96 -12.81 -21.01 -64.96
CA GLN Y 96 -11.69 -20.14 -65.28
C GLN Y 96 -10.76 -20.84 -66.27
N TYR Y 97 -10.61 -20.26 -67.45
CA TYR Y 97 -9.73 -20.81 -68.48
C TYR Y 97 -8.27 -20.67 -68.04
N LEU Y 98 -7.48 -21.74 -68.16
CA LEU Y 98 -6.09 -21.64 -67.73
C LEU Y 98 -5.07 -21.82 -68.84
N HIS Y 99 -5.08 -22.93 -69.56
CA HIS Y 99 -4.06 -23.17 -70.58
C HIS Y 99 -4.63 -23.63 -71.91
N PRO Y 100 -4.19 -23.04 -73.05
CA PRO Y 100 -3.22 -21.95 -73.16
C PRO Y 100 -3.84 -20.60 -72.75
N ALA Y 101 -3.06 -19.77 -72.06
CA ALA Y 101 -3.55 -18.48 -71.56
C ALA Y 101 -4.01 -17.52 -72.64
N ASP Y 102 -3.28 -17.42 -73.73
CA ASP Y 102 -3.62 -16.50 -74.81
C ASP Y 102 -4.10 -17.23 -76.06
N GLY Y 103 -4.33 -18.53 -75.98
CA GLY Y 103 -4.72 -19.32 -77.12
C GLY Y 103 -3.52 -19.87 -77.86
N VAL Y 104 -2.34 -19.34 -77.59
CA VAL Y 104 -1.08 -19.75 -78.17
C VAL Y 104 -0.31 -20.42 -77.05
N TYR Y 105 0.34 -21.54 -77.36
CA TYR Y 105 1.08 -22.26 -76.34
C TYR Y 105 2.27 -21.43 -75.89
N PRO Y 106 2.68 -21.52 -74.61
CA PRO Y 106 3.78 -20.68 -74.11
C PRO Y 106 5.17 -21.02 -74.63
N GLU Y 107 5.37 -22.10 -75.37
CA GLU Y 107 6.72 -22.40 -75.84
C GLU Y 107 7.14 -21.42 -76.92
N LYS Y 108 6.20 -20.93 -77.71
CA LYS Y 108 6.48 -19.99 -78.78
C LYS Y 108 6.14 -18.58 -78.30
N VAL Y 109 6.88 -17.58 -78.80
CA VAL Y 109 6.62 -16.21 -78.39
C VAL Y 109 5.39 -15.70 -79.12
N ASN Y 110 4.56 -14.95 -78.40
CA ASN Y 110 3.32 -14.39 -78.93
C ASN Y 110 3.23 -12.93 -78.53
N ALA Y 111 2.72 -12.11 -79.44
CA ALA Y 111 2.58 -10.68 -79.19
C ALA Y 111 1.49 -10.41 -78.16
N GLY Y 112 1.68 -9.37 -77.37
CA GLY Y 112 0.73 -8.98 -76.35
C GLY Y 112 1.09 -9.44 -74.95
N ARG Y 113 1.97 -10.43 -74.83
CA ARG Y 113 2.38 -10.93 -73.52
C ARG Y 113 3.34 -9.94 -72.87
N VAL Y 114 3.27 -9.83 -71.55
CA VAL Y 114 4.13 -8.93 -70.78
C VAL Y 114 4.93 -9.77 -69.79
N GLY Y 115 6.25 -9.64 -69.85
CA GLY Y 115 7.10 -10.40 -68.95
C GLY Y 115 6.94 -9.94 -67.51
N ALA Y 116 6.78 -10.91 -66.61
CA ALA Y 116 6.62 -10.66 -65.19
C ALA Y 116 7.64 -11.48 -64.41
N ASN Y 117 7.95 -11.01 -63.20
CA ASN Y 117 8.91 -11.65 -62.30
C ASN Y 117 10.29 -11.80 -62.96
N GLN Y 118 10.68 -10.79 -63.73
CA GLN Y 118 11.94 -10.77 -64.45
C GLN Y 118 12.87 -9.76 -63.80
N ASN Y 119 14.11 -10.19 -63.52
CA ASN Y 119 15.12 -9.34 -62.93
C ASN Y 119 16.08 -8.91 -64.03
N MET Y 120 16.24 -7.60 -64.20
CA MET Y 120 17.13 -7.05 -65.23
C MET Y 120 18.56 -6.94 -64.71
N ARG Y 121 19.07 -8.10 -64.29
CA ARG Y 121 20.42 -8.26 -63.75
C ARG Y 121 20.69 -9.76 -63.73
N ARG Y 122 21.84 -10.14 -63.18
CA ARG Y 122 22.16 -11.56 -63.08
C ARG Y 122 22.16 -11.99 -61.62
N ILE Y 123 22.40 -13.29 -61.41
CA ILE Y 123 22.40 -13.86 -60.07
C ILE Y 123 23.54 -13.28 -59.23
N GLY Y 124 24.73 -13.17 -59.81
CA GLY Y 124 25.88 -12.64 -59.09
C GLY Y 124 25.75 -11.18 -58.70
N GLN Y 125 24.78 -10.47 -59.26
CA GLN Y 125 24.56 -9.07 -58.94
C GLN Y 125 23.53 -8.86 -57.84
N ASN Y 126 23.06 -9.93 -57.19
CA ASN Y 126 22.10 -9.79 -56.12
C ASN Y 126 22.76 -9.22 -54.87
N VAL Y 127 21.94 -8.61 -54.01
CA VAL Y 127 22.43 -8.00 -52.78
C VAL Y 127 22.62 -9.03 -51.67
N ASN Y 128 23.33 -8.64 -50.60
CA ASN Y 128 23.55 -9.56 -49.49
C ASN Y 128 22.30 -9.62 -48.60
N PRO Y 129 22.09 -10.74 -47.90
CA PRO Y 129 20.92 -10.86 -47.03
C PRO Y 129 20.85 -9.82 -45.92
N ILE Y 130 22.00 -9.30 -45.47
CA ILE Y 130 22.02 -8.28 -44.42
C ILE Y 130 21.27 -7.03 -44.89
N LYS Y 131 21.27 -6.77 -46.20
CA LYS Y 131 20.56 -5.62 -46.74
C LYS Y 131 19.05 -5.84 -46.75
N VAL Y 132 18.58 -7.08 -46.82
CA VAL Y 132 17.15 -7.35 -46.83
C VAL Y 132 16.66 -7.85 -45.48
N LYS Y 133 17.49 -7.78 -44.45
CA LYS Y 133 17.11 -8.22 -43.12
C LYS Y 133 16.20 -7.18 -42.48
N PHE Y 134 15.50 -7.60 -41.42
CA PHE Y 134 14.57 -6.76 -40.65
C PHE Y 134 13.48 -6.16 -41.52
N SER Y 135 12.90 -6.98 -42.38
CA SER Y 135 11.84 -6.57 -43.27
C SER Y 135 10.49 -6.95 -42.65
N GLY Y 136 9.43 -6.85 -43.44
CA GLY Y 136 8.11 -7.20 -42.93
C GLY Y 136 7.98 -8.67 -42.59
N ARG Y 137 8.65 -9.52 -43.37
CA ARG Y 137 8.65 -10.96 -43.17
C ARG Y 137 9.94 -11.49 -43.80
N MET Y 138 10.07 -12.81 -43.88
CA MET Y 138 11.25 -13.43 -44.49
C MET Y 138 11.33 -13.09 -45.97
N MET Y 139 12.28 -12.24 -46.34
CA MET Y 139 12.47 -11.84 -47.72
C MET Y 139 13.84 -12.27 -48.21
N SER Y 140 13.86 -12.88 -49.34
CA SER Y 140 15.04 -13.35 -50.03
C SER Y 140 15.70 -12.20 -50.77
N PRO Y 141 17.01 -12.24 -50.98
CA PRO Y 141 17.67 -11.13 -51.71
C PRO Y 141 17.28 -11.06 -53.18
N ALA Y 142 16.63 -12.08 -53.73
CA ALA Y 142 16.23 -12.06 -55.13
C ALA Y 142 14.81 -11.55 -55.32
N GLU Y 143 14.05 -11.35 -54.24
CA GLU Y 143 12.69 -10.86 -54.34
C GLU Y 143 12.62 -9.39 -54.71
N ILE Y 144 13.71 -8.65 -54.58
CA ILE Y 144 13.73 -7.23 -54.90
C ILE Y 144 14.53 -6.98 -56.18
N GLU Z 1 33.66 -6.52 -85.28
CA GLU Z 1 35.09 -6.31 -85.04
C GLU Z 1 35.36 -6.04 -83.56
N VAL Z 2 34.29 -5.74 -82.82
CA VAL Z 2 34.43 -5.45 -81.39
C VAL Z 2 34.49 -6.75 -80.61
N GLY Z 3 35.38 -6.79 -79.62
CA GLY Z 3 35.53 -7.96 -78.78
C GLY Z 3 36.70 -8.83 -79.20
N PRO Z 4 36.87 -9.96 -78.52
CA PRO Z 4 38.00 -10.85 -78.84
C PRO Z 4 37.85 -11.49 -80.22
N LYS Z 5 38.99 -11.90 -80.77
CA LYS Z 5 39.04 -12.54 -82.06
C LYS Z 5 38.53 -13.97 -81.98
N ARG Z 6 37.81 -14.39 -83.02
CA ARG Z 6 37.26 -15.74 -83.08
C ARG Z 6 38.37 -16.79 -83.09
N GLY Z 7 38.24 -17.78 -82.22
CA GLY Z 7 39.22 -18.83 -82.09
C GLY Z 7 40.29 -18.59 -81.05
N SER Z 8 40.32 -17.41 -80.43
CA SER Z 8 41.32 -17.10 -79.42
C SER Z 8 40.94 -17.73 -78.09
N LEU Z 9 41.81 -17.56 -77.10
CA LEU Z 9 41.60 -18.09 -75.76
C LEU Z 9 41.44 -16.94 -74.78
N VAL Z 10 40.39 -16.98 -73.97
CA VAL Z 10 40.12 -15.92 -73.00
C VAL Z 10 39.85 -16.54 -71.63
N LYS Z 11 40.02 -15.72 -70.60
CA LYS Z 11 39.78 -16.11 -69.22
C LYS Z 11 38.43 -15.55 -68.79
N ILE Z 12 37.69 -16.33 -68.01
CA ILE Z 12 36.38 -15.90 -67.53
C ILE Z 12 36.54 -15.18 -66.20
N LEU Z 13 35.93 -13.98 -66.10
CA LEU Z 13 35.99 -13.18 -64.90
C LEU Z 13 34.68 -13.17 -64.13
N ARG Z 14 33.65 -13.85 -64.61
CA ARG Z 14 32.38 -13.88 -63.90
C ARG Z 14 32.52 -14.75 -62.67
N PRO Z 15 32.32 -14.20 -61.46
CA PRO Z 15 32.48 -15.01 -60.24
C PRO Z 15 31.50 -16.15 -60.10
N GLU Z 16 30.24 -15.96 -60.47
CA GLU Z 16 29.25 -17.01 -60.34
C GLU Z 16 29.34 -18.08 -61.42
N SER Z 17 30.20 -17.90 -62.42
CA SER Z 17 30.34 -18.88 -63.48
C SER Z 17 31.16 -20.08 -63.00
N TYR Z 18 30.86 -21.25 -63.57
CA TYR Z 18 31.58 -22.46 -63.22
C TYR Z 18 33.02 -22.41 -63.70
N TRP Z 19 33.25 -21.72 -64.80
CA TRP Z 19 34.58 -21.59 -65.38
C TRP Z 19 35.30 -20.32 -64.95
N PHE Z 20 35.03 -19.83 -63.74
CA PHE Z 20 35.70 -18.63 -63.26
C PHE Z 20 37.19 -18.91 -63.15
N ASN Z 21 38.01 -17.98 -63.65
CA ASN Z 21 39.46 -18.08 -63.69
C ASN Z 21 39.94 -19.25 -64.54
N GLN Z 22 39.17 -19.62 -65.58
CA GLN Z 22 39.51 -20.73 -66.46
C GLN Z 22 39.55 -20.24 -67.90
N VAL Z 23 40.33 -20.92 -68.71
CA VAL Z 23 40.54 -20.57 -70.11
C VAL Z 23 39.49 -21.25 -70.99
N GLY Z 24 39.02 -20.53 -71.98
CA GLY Z 24 38.04 -21.06 -72.92
C GLY Z 24 38.27 -20.46 -74.29
N LYS Z 25 37.89 -21.21 -75.32
CA LYS Z 25 38.06 -20.77 -76.70
C LYS Z 25 36.87 -19.96 -77.18
N VAL Z 26 37.15 -18.85 -77.83
CA VAL Z 26 36.11 -17.96 -78.33
C VAL Z 26 35.49 -18.58 -79.58
N VAL Z 27 34.15 -18.57 -79.64
CA VAL Z 27 33.41 -19.11 -80.78
C VAL Z 27 32.90 -18.00 -81.68
N SER Z 28 32.08 -17.10 -81.14
CA SER Z 28 31.52 -16.03 -81.94
C SER Z 28 31.14 -14.87 -81.04
N VAL Z 29 31.25 -13.66 -81.59
CA VAL Z 29 30.91 -12.44 -80.88
C VAL Z 29 29.75 -11.79 -81.63
N ASP Z 30 28.63 -11.60 -80.94
CA ASP Z 30 27.47 -11.01 -81.57
C ASP Z 30 27.71 -9.54 -81.87
N GLN Z 31 27.25 -9.10 -83.04
CA GLN Z 31 27.42 -7.73 -83.49
C GLN Z 31 26.29 -6.80 -83.09
N SER Z 32 25.33 -7.26 -82.31
CA SER Z 32 24.23 -6.42 -81.87
C SER Z 32 24.60 -5.78 -80.53
N GLY Z 33 23.62 -5.18 -79.87
CA GLY Z 33 23.88 -4.55 -78.59
C GLY Z 33 23.45 -5.42 -77.43
N VAL Z 34 23.64 -6.73 -77.56
CA VAL Z 34 23.27 -7.66 -76.50
C VAL Z 34 24.23 -7.53 -75.32
N ARG Z 35 23.75 -7.91 -74.14
CA ARG Z 35 24.57 -7.79 -72.93
C ARG Z 35 25.70 -8.80 -72.92
N TYR Z 36 25.48 -10.00 -73.44
CA TYR Z 36 26.49 -11.05 -73.45
C TYR Z 36 26.68 -11.54 -74.87
N PRO Z 37 27.50 -10.83 -75.66
CA PRO Z 37 27.72 -11.22 -77.05
C PRO Z 37 28.82 -12.25 -77.26
N VAL Z 38 29.80 -12.33 -76.35
CA VAL Z 38 30.89 -13.27 -76.52
C VAL Z 38 30.43 -14.68 -76.20
N VAL Z 39 30.74 -15.63 -77.07
CA VAL Z 39 30.40 -17.03 -76.89
C VAL Z 39 31.71 -17.76 -76.60
N VAL Z 40 31.78 -18.44 -75.46
CA VAL Z 40 32.99 -19.15 -75.07
C VAL Z 40 32.68 -20.62 -74.88
N ARG Z 41 33.50 -21.47 -75.50
CA ARG Z 41 33.39 -22.92 -75.43
C ARG Z 41 34.55 -23.44 -74.60
N PHE Z 42 34.26 -24.35 -73.69
CA PHE Z 42 35.27 -24.91 -72.80
C PHE Z 42 35.38 -26.42 -72.99
N GLU Z 43 36.59 -26.95 -72.76
CA GLU Z 43 36.78 -28.38 -72.90
C GLU Z 43 36.13 -29.15 -71.77
N ASN Z 44 36.16 -28.60 -70.55
CA ASN Z 44 35.56 -29.24 -69.38
C ASN Z 44 34.13 -28.77 -69.21
N GLN Z 45 33.21 -29.70 -69.03
CA GLN Z 45 31.81 -29.37 -68.85
C GLN Z 45 31.49 -29.03 -67.40
N ASN Z 46 30.36 -28.36 -67.20
CA ASN Z 46 29.92 -27.98 -65.87
C ASN Z 46 29.15 -29.14 -65.23
N TYR Z 47 28.47 -28.86 -64.12
CA TYR Z 47 27.69 -29.90 -63.45
C TYR Z 47 26.45 -30.27 -64.24
N ALA Z 48 25.98 -29.38 -65.12
CA ALA Z 48 24.82 -29.64 -65.95
C ALA Z 48 25.17 -30.28 -67.27
N GLY Z 49 26.45 -30.47 -67.56
CA GLY Z 49 26.89 -31.06 -68.81
C GLY Z 49 26.95 -30.11 -69.98
N VAL Z 50 27.12 -28.83 -69.72
CA VAL Z 50 27.16 -27.81 -70.76
C VAL Z 50 28.61 -27.35 -70.94
N THR Z 51 29.02 -27.11 -72.18
CA THR Z 51 30.38 -26.68 -72.47
C THR Z 51 30.46 -25.31 -73.12
N THR Z 52 29.34 -24.66 -73.40
CA THR Z 52 29.33 -23.35 -74.03
C THR Z 52 28.52 -22.36 -73.20
N ASN Z 53 28.91 -21.10 -73.27
CA ASN Z 53 28.19 -20.07 -72.52
C ASN Z 53 28.39 -18.72 -73.19
N ASN Z 54 27.57 -17.75 -72.77
CA ASN Z 54 27.61 -16.39 -73.29
C ASN Z 54 28.04 -15.45 -72.18
N TYR Z 55 29.10 -14.68 -72.46
CA TYR Z 55 29.66 -13.72 -71.52
C TYR Z 55 29.71 -12.35 -72.16
N ALA Z 56 29.81 -11.34 -71.30
CA ALA Z 56 29.86 -9.94 -71.71
C ALA Z 56 31.26 -9.56 -72.18
N LEU Z 57 31.38 -8.33 -72.68
CA LEU Z 57 32.67 -7.85 -73.17
C LEU Z 57 33.68 -7.67 -72.05
N ASP Z 58 33.24 -7.15 -70.90
CA ASP Z 58 34.17 -6.95 -69.79
C ASP Z 58 34.31 -8.18 -68.92
N GLU Z 59 33.50 -9.21 -69.14
CA GLU Z 59 33.57 -10.44 -68.35
C GLU Z 59 34.67 -11.37 -68.80
N VAL Z 60 35.30 -11.09 -69.94
CA VAL Z 60 36.37 -11.92 -70.47
C VAL Z 60 37.62 -11.07 -70.61
N VAL Z 61 38.75 -11.65 -70.23
CA VAL Z 61 40.06 -11.00 -70.33
C VAL Z 61 40.95 -11.91 -71.16
N ALA Z 62 41.75 -11.31 -72.04
CA ALA Z 62 42.62 -12.08 -72.89
C ALA Z 62 43.74 -12.73 -72.07
N ALA Z 63 43.90 -14.03 -72.22
CA ALA Z 63 44.93 -14.77 -71.49
C ALA Z 63 45.32 -16.05 -72.22
N ASP AA 1 64.38 -48.33 -18.18
CA ASP AA 1 65.01 -47.45 -19.16
C ASP AA 1 64.07 -46.31 -19.54
N ILE AA 2 63.67 -46.25 -20.82
CA ILE AA 2 62.81 -45.17 -21.28
C ILE AA 2 61.37 -45.46 -20.89
N ALA AA 3 60.75 -44.49 -20.21
CA ALA AA 3 59.36 -44.54 -19.76
C ALA AA 3 59.07 -45.76 -18.88
N GLY AA 4 60.03 -46.14 -18.05
CA GLY AA 4 59.85 -47.27 -17.16
C GLY AA 4 59.75 -48.62 -17.84
N LEU AA 5 60.19 -48.72 -19.09
CA LEU AA 5 60.15 -49.99 -19.80
C LEU AA 5 61.48 -50.72 -19.67
N THR AA 6 61.42 -52.04 -19.85
CA THR AA 6 62.60 -52.87 -19.77
C THR AA 6 62.86 -53.50 -21.12
N PRO AA 7 64.12 -53.81 -21.45
CA PRO AA 7 64.41 -54.44 -22.74
C PRO AA 7 63.75 -55.82 -22.81
N CYS AA 8 63.39 -56.22 -24.03
CA CYS AA 8 62.74 -57.52 -24.21
C CYS AA 8 63.68 -58.68 -23.91
N SER AA 9 64.99 -58.46 -23.97
CA SER AA 9 65.94 -59.54 -23.69
C SER AA 9 66.01 -59.85 -22.20
N GLU AA 10 65.54 -58.97 -21.34
CA GLU AA 10 65.54 -59.17 -19.90
C GLU AA 10 64.16 -59.05 -19.28
N SER AA 11 63.09 -59.36 -20.01
CA SER AA 11 61.74 -59.26 -19.47
C SER AA 11 61.19 -60.66 -19.19
N LYS AA 12 60.65 -60.86 -17.99
CA LYS AA 12 60.10 -62.16 -17.62
C LYS AA 12 58.79 -62.45 -18.35
N ALA AA 13 57.94 -61.43 -18.52
CA ALA AA 13 56.67 -61.62 -19.21
C ALA AA 13 56.90 -61.99 -20.67
N TYR AA 14 57.97 -61.47 -21.28
CA TYR AA 14 58.31 -61.78 -22.66
C TYR AA 14 58.63 -63.27 -22.81
N ALA AA 15 59.46 -63.79 -21.91
CA ALA AA 15 59.82 -65.20 -21.94
C ALA AA 15 58.60 -66.07 -21.63
N LYS AA 16 57.75 -65.62 -20.70
CA LYS AA 16 56.56 -66.39 -20.36
C LYS AA 16 55.60 -66.44 -21.55
N LEU AA 17 55.52 -65.34 -22.31
CA LEU AA 17 54.66 -65.30 -23.50
C LEU AA 17 55.19 -66.25 -24.56
N GLU AA 18 56.52 -66.27 -24.73
CA GLU AA 18 57.13 -67.17 -25.70
C GLU AA 18 56.89 -68.62 -25.30
N LYS AA 19 57.01 -68.91 -24.01
CA LYS AA 19 56.77 -70.26 -23.52
C LYS AA 19 55.30 -70.64 -23.68
N LYS AA 20 54.40 -69.67 -23.54
CA LYS AA 20 52.98 -69.95 -23.71
C LYS AA 20 52.65 -70.31 -25.16
N GLU AA 21 53.22 -69.54 -26.10
CA GLU AA 21 52.99 -69.81 -27.52
C GLU AA 21 53.59 -71.15 -27.92
N LEU AA 22 54.83 -71.42 -27.47
CA LEU AA 22 55.45 -72.70 -27.80
C LEU AA 22 54.71 -73.85 -27.14
N LYS AA 23 54.15 -73.63 -25.95
CA LYS AA 23 53.41 -74.68 -25.25
C LYS AA 23 52.13 -75.02 -25.98
N THR AA 24 51.38 -74.02 -26.45
CA THR AA 24 50.14 -74.33 -27.15
C THR AA 24 50.45 -74.98 -28.51
N LEU AA 25 51.54 -74.57 -29.16
CA LEU AA 25 51.89 -75.19 -30.44
C LEU AA 25 52.32 -76.63 -30.24
N GLU AA 26 53.11 -76.89 -29.19
CA GLU AA 26 53.57 -78.24 -28.90
C GLU AA 26 52.40 -79.13 -28.50
N LYS AA 27 51.44 -78.56 -27.76
CA LYS AA 27 50.26 -79.30 -27.35
C LYS AA 27 49.44 -79.69 -28.58
N ARG AA 28 49.34 -78.78 -29.56
CA ARG AA 28 48.61 -79.11 -30.77
C ARG AA 28 49.38 -80.14 -31.61
N LEU AA 29 50.71 -80.11 -31.54
CA LEU AA 29 51.55 -81.03 -32.29
C LEU AA 29 51.54 -82.46 -31.73
N LYS AA 30 51.32 -82.63 -30.42
CA LYS AA 30 51.31 -83.97 -29.82
C LYS AA 30 50.19 -84.88 -30.33
N GLN AA 31 49.17 -84.34 -31.00
CA GLN AA 31 48.08 -85.19 -31.49
C GLN AA 31 48.37 -85.84 -32.85
N TYR AA 32 49.44 -85.45 -33.53
CA TYR AA 32 49.78 -86.01 -34.84
C TYR AA 32 50.96 -86.96 -34.74
N GLU AA 33 51.31 -87.55 -35.88
CA GLU AA 33 52.43 -88.47 -35.99
C GLU AA 33 53.73 -87.68 -36.13
N ALA AA 34 54.81 -88.36 -36.51
CA ALA AA 34 56.10 -87.69 -36.66
C ALA AA 34 56.49 -87.41 -38.11
N ASP AA 35 56.06 -88.23 -39.06
CA ASP AA 35 56.43 -88.02 -40.45
C ASP AA 35 55.21 -87.67 -41.29
N SER AA 36 54.37 -86.78 -40.78
CA SER AA 36 53.17 -86.35 -41.48
C SER AA 36 53.27 -84.87 -41.78
N ALA AA 37 52.50 -84.45 -42.79
CA ALA AA 37 52.47 -83.04 -43.20
C ALA AA 37 52.04 -82.09 -42.09
N PRO AA 38 50.99 -82.35 -41.27
CA PRO AA 38 50.68 -81.39 -40.20
C PRO AA 38 51.78 -81.25 -39.17
N ALA AA 39 52.50 -82.34 -38.87
CA ALA AA 39 53.59 -82.26 -37.91
C ALA AA 39 54.73 -81.39 -38.44
N VAL AA 40 55.07 -81.54 -39.72
CA VAL AA 40 56.13 -80.74 -40.32
C VAL AA 40 55.70 -79.27 -40.35
N ALA AA 41 54.43 -79.01 -40.65
CA ALA AA 41 53.92 -77.65 -40.68
C ALA AA 41 53.97 -77.02 -39.29
N LEU AA 42 53.60 -77.80 -38.26
CA LEU AA 42 53.63 -77.27 -36.90
C LEU AA 42 55.06 -77.02 -36.44
N LYS AA 43 55.99 -77.90 -36.82
CA LYS AA 43 57.40 -77.71 -36.46
C LYS AA 43 57.96 -76.48 -37.15
N ALA AA 44 57.53 -76.23 -38.39
CA ALA AA 44 57.98 -75.05 -39.11
C ALA AA 44 57.45 -73.80 -38.44
N THR AA 45 56.19 -73.84 -37.99
CA THR AA 45 55.60 -72.69 -37.29
C THR AA 45 56.33 -72.44 -35.97
N MET AA 46 56.70 -73.52 -35.27
CA MET AA 46 57.43 -73.38 -34.01
C MET AA 46 58.80 -72.78 -34.24
N GLU AA 47 59.48 -73.20 -35.32
CA GLU AA 47 60.79 -72.64 -35.64
C GLU AA 47 60.66 -71.16 -35.99
N ARG AA 48 59.57 -70.81 -36.69
CA ARG AA 48 59.33 -69.42 -37.03
C ARG AA 48 59.09 -68.60 -35.78
N THR AA 49 58.38 -69.17 -34.81
CA THR AA 49 58.12 -68.49 -33.54
C THR AA 49 59.41 -68.25 -32.77
N LYS AA 50 60.27 -69.27 -32.71
CA LYS AA 50 61.56 -69.13 -32.01
C LYS AA 50 62.43 -68.09 -32.68
N ALA AA 51 62.48 -68.10 -34.01
CA ALA AA 51 63.27 -67.11 -34.74
C ALA AA 51 62.73 -65.71 -34.54
N ARG AA 52 61.40 -65.56 -34.52
CA ARG AA 52 60.80 -64.24 -34.34
C ARG AA 52 61.11 -63.68 -32.95
N PHE AA 53 60.96 -64.50 -31.92
CA PHE AA 53 61.24 -64.03 -30.56
C PHE AA 53 62.72 -63.71 -30.39
N ALA AA 54 63.60 -64.56 -30.95
CA ALA AA 54 65.03 -64.32 -30.86
C ALA AA 54 65.42 -63.05 -31.60
N ASN AA 55 64.82 -62.80 -32.76
CA ASN AA 55 65.13 -61.61 -33.53
C ASN AA 55 64.61 -60.35 -32.84
N TYR AA 56 63.44 -60.43 -32.21
CA TYR AA 56 62.90 -59.26 -31.52
C TYR AA 56 63.75 -58.93 -30.31
N ALA AA 57 64.22 -59.95 -29.58
CA ALA AA 57 65.07 -59.68 -28.42
C ALA AA 57 66.46 -59.23 -28.85
N LYS AA 58 66.92 -59.71 -30.01
CA LYS AA 58 68.23 -59.34 -30.53
C LYS AA 58 68.25 -57.90 -31.02
N ALA AA 59 67.12 -57.41 -31.54
CA ALA AA 59 67.01 -56.05 -32.05
C ALA AA 59 67.08 -54.98 -30.95
N GLY AA 60 66.99 -55.38 -29.69
CA GLY AA 60 67.04 -54.40 -28.61
C GLY AA 60 65.75 -53.67 -28.36
N LEU AA 61 64.62 -54.28 -28.69
CA LEU AA 61 63.33 -53.64 -28.47
C LEU AA 61 63.02 -53.53 -26.98
N LEU AA 62 62.21 -52.54 -26.65
CA LEU AA 62 61.80 -52.29 -25.28
C LEU AA 62 60.42 -52.88 -25.06
N CYS AA 63 60.29 -53.74 -24.06
CA CYS AA 63 59.02 -54.38 -23.74
C CYS AA 63 58.39 -53.72 -22.54
N GLY AA 64 57.09 -53.91 -22.39
CA GLY AA 64 56.34 -53.35 -21.28
C GLY AA 64 56.08 -54.39 -20.22
N ASN AA 65 55.06 -54.12 -19.39
CA ASN AA 65 54.70 -55.05 -18.34
C ASN AA 65 53.88 -56.22 -18.87
N ASP AA 66 53.44 -56.14 -20.12
CA ASP AA 66 52.64 -57.19 -20.74
C ASP AA 66 53.49 -58.17 -21.54
N GLY AA 67 54.79 -57.94 -21.66
CA GLY AA 67 55.67 -58.81 -22.41
C GLY AA 67 55.72 -58.52 -23.89
N LEU AA 68 55.06 -57.47 -24.36
CA LEU AA 68 55.03 -57.11 -25.76
C LEU AA 68 55.97 -55.93 -26.03
N PRO AA 69 56.56 -55.85 -27.23
CA PRO AA 69 57.48 -54.74 -27.52
C PRO AA 69 56.77 -53.40 -27.66
N HIS AA 70 57.55 -52.34 -27.53
CA HIS AA 70 57.08 -50.98 -27.63
C HIS AA 70 57.96 -50.22 -28.62
N LEU AA 71 57.35 -49.26 -29.32
CA LEU AA 71 58.07 -48.46 -30.29
C LEU AA 71 58.35 -47.06 -29.74
N ILE AA 72 59.50 -46.51 -30.11
CA ILE AA 72 59.93 -45.19 -29.69
C ILE AA 72 59.75 -44.25 -30.88
N ALA AA 73 58.82 -43.30 -30.75
CA ALA AA 73 58.52 -42.36 -31.82
C ALA AA 73 59.28 -41.06 -31.72
N ASP AA 74 59.87 -40.75 -30.57
CA ASP AA 74 60.62 -39.51 -30.45
C ASP AA 74 61.95 -39.63 -31.16
N PRO AA 75 62.27 -38.72 -32.10
CA PRO AA 75 63.56 -38.81 -32.79
C PRO AA 75 64.76 -38.73 -31.88
N GLY AA 76 64.69 -37.90 -30.84
CA GLY AA 76 65.81 -37.78 -29.91
C GLY AA 76 66.05 -39.06 -29.13
N LEU AA 77 64.99 -39.64 -28.59
CA LEU AA 77 65.12 -40.88 -27.82
C LEU AA 77 65.55 -42.04 -28.72
N ALA AA 78 65.01 -42.09 -29.94
CA ALA AA 78 65.36 -43.16 -30.86
C ALA AA 78 66.83 -43.07 -31.27
N LEU AA 79 67.30 -41.88 -31.58
CA LEU AA 79 68.70 -41.73 -31.99
C LEU AA 79 69.66 -41.74 -30.82
N LYS AA 80 69.18 -41.56 -29.59
CA LYS AA 80 70.03 -41.55 -28.41
C LYS AA 80 70.15 -42.91 -27.74
N TYR AA 81 69.11 -43.75 -27.79
CA TYR AA 81 69.17 -45.04 -27.13
C TYR AA 81 69.10 -46.21 -28.09
N GLY AA 82 69.49 -46.02 -29.35
CA GLY AA 82 69.49 -47.08 -30.34
C GLY AA 82 68.14 -47.65 -30.73
N HIS AA 83 67.16 -46.77 -30.96
CA HIS AA 83 65.83 -47.19 -31.37
C HIS AA 83 65.39 -46.53 -32.67
N ALA AA 84 66.35 -46.12 -33.51
CA ALA AA 84 66.01 -45.46 -34.77
C ALA AA 84 65.37 -46.40 -35.78
N GLY AA 85 65.55 -47.71 -35.63
CA GLY AA 85 64.96 -48.65 -36.56
C GLY AA 85 63.47 -48.87 -36.39
N GLU AA 86 62.88 -48.41 -35.28
CA GLU AA 86 61.46 -48.61 -35.07
C GLU AA 86 60.63 -47.57 -35.80
N VAL AA 87 60.74 -46.30 -35.42
CA VAL AA 87 60.00 -45.22 -36.06
C VAL AA 87 60.96 -44.04 -36.28
N PHE AA 88 61.56 -43.99 -37.48
CA PHE AA 88 62.50 -42.97 -37.94
C PHE AA 88 62.93 -43.40 -39.33
N ILE AA 89 63.69 -44.51 -39.37
CA ILE AA 89 64.10 -45.07 -40.65
C ILE AA 89 62.90 -45.53 -41.48
N PRO AA 90 61.89 -46.25 -40.92
CA PRO AA 90 60.74 -46.59 -41.76
C PRO AA 90 59.94 -45.36 -42.16
N THR AA 91 59.99 -44.31 -41.33
CA THR AA 91 59.32 -43.05 -41.66
C THR AA 91 59.93 -42.44 -42.91
N PHE AA 92 61.26 -42.39 -42.97
CA PHE AA 92 61.91 -41.85 -44.16
C PHE AA 92 61.73 -42.78 -45.35
N GLY AA 93 61.65 -44.09 -45.10
CA GLY AA 93 61.41 -45.02 -46.19
C GLY AA 93 60.05 -44.80 -46.82
N PHE AA 94 59.03 -44.61 -45.97
CA PHE AA 94 57.69 -44.34 -46.52
C PHE AA 94 57.66 -43.00 -47.20
N LEU AA 95 58.40 -42.02 -46.68
CA LEU AA 95 58.41 -40.72 -47.32
C LEU AA 95 58.99 -40.81 -48.72
N TYR AA 96 60.06 -41.61 -48.88
CA TYR AA 96 60.66 -41.79 -50.19
C TYR AA 96 59.70 -42.49 -51.15
N VAL AA 97 59.07 -43.59 -50.72
CA VAL AA 97 58.15 -44.29 -51.62
C VAL AA 97 56.90 -43.46 -51.90
N ALA AA 98 56.40 -42.73 -50.90
CA ALA AA 98 55.21 -41.91 -51.09
C ALA AA 98 55.46 -40.80 -52.08
N GLY AA 99 56.57 -40.07 -51.92
CA GLY AA 99 56.90 -39.02 -52.86
C GLY AA 99 57.23 -39.60 -54.22
N TYR AA 100 57.73 -40.84 -54.24
CA TYR AA 100 58.06 -41.53 -55.47
C TYR AA 100 56.80 -41.75 -56.30
N ILE AA 101 55.78 -42.33 -55.67
CA ILE AA 101 54.51 -42.60 -56.33
C ILE AA 101 53.82 -41.31 -56.72
N GLY AA 102 53.84 -40.32 -55.82
CA GLY AA 102 53.20 -39.04 -56.10
C GLY AA 102 53.86 -38.32 -57.27
N TYR AA 103 55.19 -38.33 -57.33
CA TYR AA 103 55.90 -37.66 -58.41
C TYR AA 103 55.67 -38.38 -59.74
N VAL AA 104 55.62 -39.72 -59.72
CA VAL AA 104 55.37 -40.46 -60.95
C VAL AA 104 53.99 -40.13 -61.49
N GLY AA 105 52.98 -40.12 -60.61
CA GLY AA 105 51.63 -39.78 -61.04
C GLY AA 105 51.52 -38.34 -61.53
N ARG AA 106 52.17 -37.41 -60.84
CA ARG AA 106 52.14 -36.02 -61.24
C ARG AA 106 52.80 -35.82 -62.60
N GLN AA 107 53.94 -36.48 -62.82
CA GLN AA 107 54.62 -36.38 -64.10
C GLN AA 107 53.77 -36.94 -65.22
N TYR AA 108 53.09 -38.07 -64.97
CA TYR AA 108 52.24 -38.65 -66.00
C TYR AA 108 51.08 -37.72 -66.33
N LEU AA 109 50.47 -37.11 -65.31
CA LEU AA 109 49.35 -36.20 -65.55
C LEU AA 109 49.79 -34.97 -66.33
N ILE AA 110 50.91 -34.36 -65.95
CA ILE AA 110 51.39 -33.17 -66.65
C ILE AA 110 51.81 -33.52 -68.08
N ALA AA 111 52.34 -34.72 -68.29
CA ALA AA 111 52.75 -35.13 -69.63
C ALA AA 111 51.54 -35.35 -70.54
N VAL AA 112 50.51 -36.04 -70.05
CA VAL AA 112 49.33 -36.28 -70.88
C VAL AA 112 48.38 -35.08 -70.94
N LYS AA 113 48.60 -34.06 -70.11
CA LYS AA 113 47.73 -32.89 -70.10
C LYS AA 113 47.82 -32.07 -71.38
N GLY AA 114 49.00 -31.99 -72.00
CA GLY AA 114 49.13 -31.22 -73.21
C GLY AA 114 48.75 -31.92 -74.49
N GLU AA 115 48.29 -33.16 -74.39
CA GLU AA 115 47.89 -33.92 -75.56
C GLU AA 115 46.48 -33.54 -76.01
N ALA AA 116 46.04 -34.18 -77.11
CA ALA AA 116 44.73 -33.89 -77.67
C ALA AA 116 43.59 -34.37 -76.79
N LYS AA 117 43.66 -35.61 -76.33
CA LYS AA 117 42.62 -36.20 -75.48
C LYS AA 117 43.24 -36.78 -74.22
N PRO AA 118 43.36 -35.98 -73.16
CA PRO AA 118 43.95 -36.50 -71.91
C PRO AA 118 43.08 -37.51 -71.20
N THR AA 119 41.75 -37.45 -71.37
CA THR AA 119 40.86 -38.40 -70.71
C THR AA 119 41.10 -39.82 -71.21
N ASP AA 120 41.44 -39.98 -72.49
CA ASP AA 120 41.74 -41.30 -73.01
C ASP AA 120 43.03 -41.82 -72.41
N LYS AA 121 43.99 -40.92 -72.17
CA LYS AA 121 45.25 -41.33 -71.54
C LYS AA 121 45.04 -41.59 -70.06
N GLU AA 122 43.91 -41.15 -69.51
CA GLU AA 122 43.63 -41.41 -68.11
C GLU AA 122 42.89 -42.73 -67.92
N ILE AA 123 41.94 -43.06 -68.81
CA ILE AA 123 41.25 -44.33 -68.63
C ILE AA 123 42.06 -45.48 -69.24
N ILE AA 124 42.78 -45.21 -70.32
CA ILE AA 124 43.63 -46.20 -70.98
C ILE AA 124 45.05 -45.73 -70.72
N ILE AA 125 45.76 -46.44 -69.83
CA ILE AA 125 47.10 -46.04 -69.44
C ILE AA 125 48.11 -46.26 -70.55
N ASP AA 126 48.90 -45.23 -70.81
CA ASP AA 126 49.98 -45.29 -71.80
C ASP AA 126 51.13 -45.99 -71.10
N VAL AA 127 51.22 -47.31 -71.29
CA VAL AA 127 52.25 -48.11 -70.61
C VAL AA 127 53.69 -47.68 -70.91
N PRO AA 128 54.08 -47.35 -72.16
CA PRO AA 128 55.49 -46.92 -72.35
C PRO AA 128 55.87 -45.65 -71.61
N LEU AA 129 55.04 -44.60 -71.68
CA LEU AA 129 55.34 -43.36 -70.98
C LEU AA 129 55.29 -43.57 -69.47
N ALA AA 130 54.31 -44.33 -68.99
CA ALA AA 130 54.20 -44.58 -67.56
C ALA AA 130 55.40 -45.37 -67.04
N THR AA 131 55.87 -46.33 -67.83
CA THR AA 131 57.03 -47.13 -67.44
C THR AA 131 58.29 -46.27 -67.42
N LYS AA 132 58.44 -45.38 -68.41
CA LYS AA 132 59.59 -44.51 -68.45
C LYS AA 132 59.59 -43.57 -67.25
N LEU AA 133 58.44 -43.01 -66.90
CA LEU AA 133 58.37 -42.11 -65.76
C LEU AA 133 58.55 -42.88 -64.45
N ALA AA 134 58.09 -44.14 -64.40
CA ALA AA 134 58.25 -44.94 -63.21
C ALA AA 134 59.72 -45.24 -62.96
N TRP AA 135 60.48 -45.46 -64.04
CA TRP AA 135 61.90 -45.71 -63.89
C TRP AA 135 62.67 -44.42 -63.61
N GLN AA 136 62.18 -43.29 -64.11
CA GLN AA 136 62.84 -42.01 -63.90
C GLN AA 136 62.50 -41.37 -62.56
N GLY AA 137 61.50 -41.87 -61.85
CA GLY AA 137 61.13 -41.28 -60.58
C GLY AA 137 62.08 -41.54 -59.42
N ALA AA 138 63.20 -42.23 -59.63
CA ALA AA 138 64.14 -42.50 -58.54
C ALA AA 138 64.75 -41.22 -57.99
N GLY AA 139 64.80 -40.17 -58.80
CA GLY AA 139 65.35 -38.92 -58.34
C GLY AA 139 64.24 -37.94 -57.98
N TRP AA 140 63.14 -38.46 -57.42
CA TRP AA 140 62.02 -37.60 -57.06
C TRP AA 140 62.35 -36.50 -56.03
N PRO AA 141 63.11 -36.71 -54.94
CA PRO AA 141 63.32 -35.58 -54.02
C PRO AA 141 64.15 -34.48 -54.64
N LEU AA 142 65.15 -34.86 -55.46
CA LEU AA 142 65.99 -33.87 -56.14
C LEU AA 142 65.17 -33.07 -57.14
N ALA AA 143 64.36 -33.76 -57.94
CA ALA AA 143 63.53 -33.08 -58.94
C ALA AA 143 62.47 -32.21 -58.28
N ALA AA 144 61.90 -32.67 -57.16
CA ALA AA 144 60.89 -31.89 -56.46
C ALA AA 144 61.50 -30.64 -55.83
N VAL AA 145 62.69 -30.76 -55.24
CA VAL AA 145 63.34 -29.61 -54.65
C VAL AA 145 63.75 -28.62 -55.73
N GLN AA 146 64.24 -29.11 -56.87
CA GLN AA 146 64.60 -28.23 -57.96
C GLN AA 146 63.36 -27.54 -58.53
N GLU AA 147 62.24 -28.24 -58.56
CA GLU AA 147 61.00 -27.64 -59.04
C GLU AA 147 60.50 -26.56 -58.09
N LEU AA 148 60.65 -26.81 -56.78
CA LEU AA 148 60.23 -25.84 -55.78
C LEU AA 148 61.10 -24.60 -55.83
N GLN AA 149 62.40 -24.76 -56.08
CA GLN AA 149 63.28 -23.61 -56.14
C GLN AA 149 63.02 -22.76 -57.39
N ARG AA 150 62.63 -23.39 -58.49
CA ARG AA 150 62.35 -22.65 -59.72
C ARG AA 150 61.00 -21.98 -59.72
N GLY AA 151 60.11 -22.34 -58.81
CA GLY AA 151 58.79 -21.77 -58.76
C GLY AA 151 57.78 -22.40 -59.69
N THR AA 152 58.14 -23.52 -60.33
CA THR AA 152 57.25 -24.20 -61.25
C THR AA 152 56.45 -25.32 -60.60
N LEU AA 153 56.64 -25.56 -59.31
CA LEU AA 153 55.91 -26.63 -58.63
C LEU AA 153 54.45 -26.24 -58.38
N LEU AA 154 54.20 -24.96 -58.07
CA LEU AA 154 52.87 -24.48 -57.78
C LEU AA 154 52.29 -23.67 -58.95
N GLU AA 155 50.97 -23.55 -58.93
CA GLU AA 155 50.21 -22.80 -59.92
C GLU AA 155 49.83 -21.46 -59.30
N LYS AA 156 49.71 -20.44 -60.15
CA LYS AA 156 49.38 -19.10 -59.67
C LYS AA 156 47.91 -19.04 -59.23
N GLU AA 157 47.60 -18.02 -58.43
CA GLU AA 157 46.25 -17.84 -57.90
C GLU AA 157 45.24 -17.52 -59.00
N GLU AA 158 45.62 -16.69 -59.97
CA GLU AA 158 44.72 -16.29 -61.05
C GLU AA 158 44.33 -17.42 -62.00
N ASN AA 159 45.05 -18.54 -62.00
CA ASN AA 159 44.75 -19.64 -62.90
C ASN AA 159 43.96 -20.76 -62.22
N ILE AA 160 43.48 -20.56 -61.00
CA ILE AA 160 42.74 -21.58 -60.26
C ILE AA 160 41.33 -21.08 -60.00
N THR AA 161 40.35 -21.94 -60.23
CA THR AA 161 38.96 -21.58 -60.02
C THR AA 161 38.61 -21.59 -58.53
N VAL AA 162 37.79 -20.62 -58.13
CA VAL AA 162 37.35 -20.47 -56.75
C VAL AA 162 35.86 -20.11 -56.71
N SER AA 163 35.29 -20.23 -55.52
CA SER AA 163 33.89 -19.95 -55.26
C SER AA 163 33.59 -18.45 -55.36
N PRO AA 164 32.32 -18.07 -55.52
CA PRO AA 164 31.99 -16.64 -55.60
C PRO AA 164 32.01 -15.91 -54.27
N ARG AA 165 32.52 -16.53 -53.20
CA ARG AA 165 32.62 -15.96 -51.85
C ARG AA 165 31.31 -15.43 -51.29
N LEU BA 1 56.72 -5.54 9.26
CA LEU BA 1 56.59 -4.43 8.33
C LEU BA 1 55.39 -3.56 8.69
N ASP BA 2 55.62 -2.25 8.79
CA ASP BA 2 54.58 -1.29 9.12
C ASP BA 2 53.59 -1.19 7.97
N PRO BA 3 52.29 -1.40 8.22
CA PRO BA 3 51.33 -1.29 7.12
C PRO BA 3 51.07 0.13 6.69
N GLN BA 4 51.02 1.06 7.66
CA GLN BA 4 50.75 2.46 7.35
C GLN BA 4 51.83 3.07 6.46
N ILE BA 5 53.09 2.80 6.77
CA ILE BA 5 54.19 3.34 5.98
C ILE BA 5 54.18 2.79 4.56
N VAL BA 6 53.98 1.47 4.42
CA VAL BA 6 53.96 0.85 3.10
C VAL BA 6 52.79 1.34 2.26
N ILE BA 7 51.58 1.36 2.84
CA ILE BA 7 50.41 1.80 2.10
C ILE BA 7 50.51 3.28 1.71
N SER BA 8 50.93 4.13 2.65
CA SER BA 8 51.05 5.55 2.37
C SER BA 8 52.11 5.81 1.30
N GLY BA 9 53.27 5.15 1.42
CA GLY BA 9 54.32 5.33 0.44
C GLY BA 9 53.93 4.85 -0.95
N SER BA 10 53.29 3.66 -1.02
CA SER BA 10 52.88 3.12 -2.31
C SER BA 10 51.84 4.01 -2.98
N THR BA 11 50.83 4.46 -2.21
CA THR BA 11 49.79 5.31 -2.79
C THR BA 11 50.35 6.65 -3.23
N ALA BA 12 51.18 7.28 -2.40
CA ALA BA 12 51.76 8.57 -2.75
C ALA BA 12 52.70 8.45 -3.95
N ALA BA 13 53.47 7.36 -4.02
CA ALA BA 13 54.40 7.15 -5.12
C ALA BA 13 53.67 6.93 -6.44
N PHE BA 14 52.60 6.13 -6.43
CA PHE BA 14 51.90 5.93 -7.70
C PHE BA 14 51.09 7.15 -8.08
N LEU BA 15 50.61 7.92 -7.10
CA LEU BA 15 49.89 9.15 -7.43
C LEU BA 15 50.87 10.16 -8.02
N ALA BA 16 52.13 10.13 -7.54
CA ALA BA 16 53.14 11.03 -8.08
C ALA BA 16 53.53 10.63 -9.49
N ILE BA 17 53.67 9.33 -9.76
CA ILE BA 17 54.03 8.94 -11.12
C ILE BA 17 52.83 9.08 -12.04
N GLY BA 18 51.62 9.18 -11.48
CA GLY BA 18 50.47 9.38 -12.33
C GLY BA 18 50.21 10.83 -12.65
N ARG BA 19 50.61 11.73 -11.75
CA ARG BA 19 50.43 13.17 -11.94
C ARG BA 19 51.61 13.84 -12.65
N PHE BA 20 52.84 13.41 -12.38
CA PHE BA 20 54.02 14.01 -12.98
C PHE BA 20 54.72 13.18 -14.04
N VAL BA 21 54.35 11.92 -14.25
CA VAL BA 21 55.06 11.12 -15.25
C VAL BA 21 54.16 10.59 -16.36
N PHE BA 22 53.14 9.80 -16.01
CA PHE BA 22 52.25 9.20 -16.99
C PHE BA 22 50.96 9.99 -17.21
N LEU BA 23 50.93 11.28 -16.90
CA LEU BA 23 49.69 12.03 -17.12
C LEU BA 23 49.51 12.38 -18.59
N GLY BA 24 50.58 12.87 -19.23
CA GLY BA 24 50.48 13.22 -20.64
C GLY BA 24 50.24 12.03 -21.54
N TYR BA 25 50.89 10.91 -21.25
CA TYR BA 25 50.70 9.70 -22.04
C TYR BA 25 49.28 9.17 -21.91
N GLN BA 26 48.74 9.17 -20.69
CA GLN BA 26 47.38 8.71 -20.47
C GLN BA 26 46.37 9.64 -21.13
N ARG BA 27 46.65 10.94 -21.12
CA ARG BA 27 45.73 11.88 -21.76
C ARG BA 27 45.77 11.73 -23.28
N ARG BA 28 46.95 11.46 -23.84
CA ARG BA 28 47.07 11.30 -25.28
C ARG BA 28 46.43 9.98 -25.74
N GLU BA 29 46.54 8.94 -24.94
CA GLU BA 29 45.92 7.67 -25.31
C GLU BA 29 44.41 7.72 -25.15
N ALA BA 30 43.93 8.45 -24.13
CA ALA BA 30 42.49 8.57 -23.92
C ALA BA 30 41.83 9.37 -25.03
N ASN BA 31 42.54 10.37 -25.56
CA ASN BA 31 42.01 11.18 -26.65
C ASN BA 31 41.90 10.36 -27.93
N PHE BA 32 42.92 9.57 -28.25
CA PHE BA 32 42.92 8.74 -29.46
C PHE BA 32 42.02 7.52 -29.32
N ASP BA 33 41.61 7.16 -28.09
CA ASP BA 33 40.75 6.02 -27.87
C ASP BA 33 39.38 6.17 -28.52
N SER BA 34 38.95 7.40 -28.81
CA SER BA 34 37.66 7.65 -29.44
C SER BA 34 37.62 7.18 -30.89
N ASN BA 52 25.54 10.38 -23.46
CA ASN BA 52 25.26 10.52 -22.03
C ASN BA 52 26.51 10.28 -21.23
N SER BA 53 27.01 11.33 -20.57
CA SER BA 53 28.22 11.23 -19.77
C SER BA 53 28.24 12.36 -18.76
N THR BA 54 29.25 12.33 -17.89
CA THR BA 54 29.44 13.33 -16.85
C THR BA 54 30.85 13.89 -16.96
N ILE BA 55 30.96 15.21 -16.95
CA ILE BA 55 32.26 15.89 -17.03
C ILE BA 55 32.67 16.24 -15.60
N PHE BA 56 33.85 15.76 -15.19
CA PHE BA 56 34.36 16.02 -13.84
C PHE BA 56 35.37 17.17 -13.87
N ALA BA 57 34.86 18.38 -13.71
CA ALA BA 57 35.71 19.56 -13.70
C ALA BA 57 36.45 19.68 -12.37
N THR BA 58 37.74 20.01 -12.46
CA THR BA 58 38.60 20.17 -11.30
C THR BA 58 39.49 21.39 -11.49
N ASN BA 59 40.01 21.92 -10.39
CA ASN BA 59 40.90 23.06 -10.45
C ASN BA 59 42.37 22.68 -10.57
N ASP BA 60 42.67 21.41 -10.82
CA ASP BA 60 44.06 21.01 -10.97
C ASP BA 60 44.59 21.56 -12.29
N PRO BA 61 45.79 22.16 -12.30
CA PRO BA 61 46.31 22.72 -13.56
C PRO BA 61 46.60 21.69 -14.64
N ALA BA 62 46.84 20.44 -14.26
CA ALA BA 62 47.12 19.40 -15.23
C ALA BA 62 45.93 18.48 -15.49
N GLY BA 63 44.73 18.85 -15.01
CA GLY BA 63 43.53 18.07 -15.22
C GLY BA 63 43.44 16.76 -14.47
N PHE BA 64 44.14 16.62 -13.34
CA PHE BA 64 44.13 15.39 -12.56
C PHE BA 64 42.83 15.36 -11.75
N ASN BA 65 41.75 14.88 -12.36
CA ASN BA 65 40.44 14.82 -11.74
C ASN BA 65 40.34 13.72 -10.68
N ILE BA 66 39.14 13.59 -10.10
CA ILE BA 66 38.89 12.60 -9.05
C ILE BA 66 38.94 11.18 -9.60
N ILE BA 67 38.59 10.99 -10.88
CA ILE BA 67 38.61 9.65 -11.47
C ILE BA 67 40.03 9.11 -11.55
N ASP BA 68 40.97 9.95 -12.01
CA ASP BA 68 42.37 9.52 -12.09
C ASP BA 68 42.94 9.27 -10.71
N VAL BA 69 42.54 10.09 -9.73
CA VAL BA 69 43.01 9.93 -8.36
C VAL BA 69 42.55 8.58 -7.81
N ALA BA 70 41.29 8.24 -8.05
CA ALA BA 70 40.75 6.97 -7.58
C ALA BA 70 41.44 5.80 -8.26
N GLY BA 71 41.68 5.89 -9.57
CA GLY BA 71 42.35 4.80 -10.27
C GLY BA 71 43.79 4.59 -9.83
N TRP BA 72 44.55 5.68 -9.72
CA TRP BA 72 45.94 5.57 -9.29
C TRP BA 72 46.02 5.13 -7.84
N GLY BA 73 45.10 5.60 -6.99
CA GLY BA 73 45.10 5.20 -5.60
C GLY BA 73 44.76 3.73 -5.46
N ALA BA 74 43.88 3.22 -6.33
CA ALA BA 74 43.54 1.81 -6.30
C ALA BA 74 44.75 0.97 -6.67
N LEU BA 75 45.48 1.38 -7.70
CA LEU BA 75 46.67 0.65 -8.10
C LEU BA 75 47.73 0.68 -7.00
N GLY BA 76 47.89 1.85 -6.37
CA GLY BA 76 48.85 1.98 -5.28
C GLY BA 76 48.50 1.13 -4.08
N HIS BA 77 47.22 1.08 -3.72
CA HIS BA 77 46.81 0.27 -2.59
C HIS BA 77 46.98 -1.21 -2.89
N ALA BA 78 46.69 -1.63 -4.13
CA ALA BA 78 46.86 -3.04 -4.49
C ALA BA 78 48.33 -3.44 -4.43
N VAL BA 79 49.21 -2.58 -4.95
CA VAL BA 79 50.64 -2.89 -4.92
C VAL BA 79 51.18 -2.88 -3.48
N GLY BA 80 50.73 -1.92 -2.67
CA GLY BA 80 51.17 -1.86 -1.29
C GLY BA 80 50.72 -3.07 -0.49
N PHE BA 81 49.47 -3.50 -0.70
CA PHE BA 81 48.99 -4.67 0.02
C PHE BA 81 49.68 -5.93 -0.48
N ALA BA 82 50.06 -5.97 -1.76
CA ALA BA 82 50.79 -7.12 -2.28
C ALA BA 82 52.17 -7.20 -1.63
N VAL BA 83 52.82 -6.04 -1.48
CA VAL BA 83 54.14 -5.98 -0.86
C VAL BA 83 54.04 -6.40 0.60
N LEU BA 84 53.02 -5.92 1.31
CA LEU BA 84 52.82 -6.27 2.70
C LEU BA 84 52.57 -7.76 2.87
N ALA BA 85 51.76 -8.34 1.97
CA ALA BA 85 51.45 -9.77 2.03
C ALA BA 85 52.68 -10.62 1.75
N ILE BA 86 53.46 -10.24 0.73
CA ILE BA 86 54.67 -11.00 0.37
C ILE BA 86 55.67 -10.95 1.52
N ASN BA 87 55.82 -9.78 2.15
CA ASN BA 87 56.74 -9.68 3.28
C ASN BA 87 56.19 -10.39 4.51
N SER BA 88 54.86 -10.50 4.59
CA SER BA 88 54.25 -11.20 5.71
C SER BA 88 54.48 -12.69 5.62
N LEU BA 89 54.56 -13.21 4.38
CA LEU BA 89 54.79 -14.64 4.17
C LEU BA 89 56.18 -15.09 4.63
N GLN BA 90 57.11 -14.14 4.82
CA GLN BA 90 58.49 -14.39 5.25
C GLN BA 90 59.23 -15.29 4.26
N GLY BA 91 59.33 -14.81 3.03
CA GLY BA 91 60.01 -15.53 1.97
C GLY BA 91 60.84 -14.65 1.06
N PRO CA 1 8.47 -26.45 7.96
CA PRO CA 1 8.39 -27.90 7.70
C PRO CA 1 8.42 -28.24 6.22
N PHE CA 2 7.44 -27.72 5.46
CA PHE CA 2 7.26 -27.89 4.03
C PHE CA 2 7.13 -29.34 3.58
N VAL CA 3 6.88 -30.30 4.48
CA VAL CA 3 6.77 -31.70 4.09
C VAL CA 3 5.36 -32.01 3.60
N PRO CA 4 5.22 -32.62 2.42
CA PRO CA 4 3.89 -32.95 1.89
C PRO CA 4 3.31 -34.15 2.61
N PRO CA 5 2.00 -34.39 2.49
CA PRO CA 5 1.40 -35.54 3.17
C PRO CA 5 1.84 -36.86 2.55
N SER CA 6 1.43 -37.95 3.21
CA SER CA 6 1.77 -39.29 2.73
C SER CA 6 1.00 -39.64 1.47
N TRP CA 7 -0.21 -39.12 1.32
CA TRP CA 7 -1.04 -39.40 0.15
C TRP CA 7 -0.72 -38.48 -1.02
N ALA CA 8 0.20 -37.54 -0.86
CA ALA CA 8 0.53 -36.59 -1.93
C ALA CA 8 0.98 -37.25 -3.23
N PRO CA 9 1.84 -38.29 -3.27
CA PRO CA 9 2.19 -38.86 -4.59
C PRO CA 9 1.01 -39.52 -5.27
N SER CA 10 0.16 -40.20 -4.49
CA SER CA 10 -1.03 -40.89 -5.02
C SER CA 10 -2.03 -39.94 -5.66
N VAL CA 11 -1.91 -38.64 -5.42
CA VAL CA 11 -2.81 -37.66 -5.99
C VAL CA 11 -2.11 -36.76 -7.00
N PHE CA 12 -0.86 -36.38 -6.76
CA PHE CA 12 -0.12 -35.52 -7.68
C PHE CA 12 0.39 -36.27 -8.90
N VAL CA 13 0.81 -37.54 -8.76
CA VAL CA 13 1.25 -38.30 -9.92
C VAL CA 13 0.09 -38.55 -10.89
N PRO CA 14 -1.10 -39.02 -10.46
CA PRO CA 14 -2.19 -39.17 -11.45
C PRO CA 14 -2.63 -37.83 -12.01
N LEU CA 15 -2.51 -36.76 -11.23
CA LEU CA 15 -2.88 -35.44 -11.71
C LEU CA 15 -1.95 -35.01 -12.84
N THR CA 16 -0.65 -34.97 -12.56
CA THR CA 16 0.36 -34.56 -13.54
C THR CA 16 0.43 -35.52 -14.72
N GLY CA 17 -0.03 -36.76 -14.56
CA GLY CA 17 0.00 -37.70 -15.66
C GLY CA 17 -1.28 -37.84 -16.47
N LEU CA 18 -2.44 -37.49 -15.90
CA LEU CA 18 -3.68 -37.64 -16.65
C LEU CA 18 -4.56 -36.39 -16.67
N VAL CA 19 -4.63 -35.63 -15.59
CA VAL CA 19 -5.49 -34.44 -15.55
C VAL CA 19 -4.85 -33.30 -16.32
N LEU CA 20 -3.66 -32.90 -15.90
CA LEU CA 20 -2.93 -31.81 -16.56
C LEU CA 20 -2.62 -32.08 -18.03
N PRO CA 21 -2.14 -33.28 -18.45
CA PRO CA 21 -1.88 -33.44 -19.89
C PRO CA 21 -3.14 -33.44 -20.74
N ALA CA 22 -4.26 -33.97 -20.23
CA ALA CA 22 -5.49 -33.98 -21.01
C ALA CA 22 -6.02 -32.57 -21.20
N ILE CA 23 -6.01 -31.77 -20.14
CA ILE CA 23 -6.49 -30.39 -20.23
C ILE CA 23 -5.57 -29.59 -21.13
N ALA CA 24 -4.25 -29.76 -20.97
CA ALA CA 24 -3.30 -29.04 -21.79
C ALA CA 24 -3.40 -29.43 -23.26
N MET CA 25 -3.55 -30.72 -23.54
CA MET CA 25 -3.68 -31.21 -24.91
C MET CA 25 -4.95 -30.70 -25.56
N ALA CA 26 -6.07 -30.72 -24.83
CA ALA CA 26 -7.33 -30.24 -25.38
C ALA CA 26 -7.27 -28.74 -25.64
N THR CA 27 -6.72 -27.98 -24.69
CA THR CA 27 -6.63 -26.53 -24.85
C THR CA 27 -5.73 -26.17 -26.02
N LEU CA 28 -4.57 -26.81 -26.13
CA LEU CA 28 -3.65 -26.53 -27.23
C LEU CA 28 -4.25 -26.93 -28.56
N PHE CA 29 -4.92 -28.09 -28.62
CA PHE CA 29 -5.54 -28.53 -29.87
C PHE CA 29 -6.63 -27.57 -30.31
N VAL CA 30 -7.42 -27.06 -29.37
CA VAL CA 30 -8.46 -26.10 -29.73
C VAL CA 30 -7.83 -24.80 -30.21
N TYR CA 31 -6.74 -24.39 -29.56
CA TYR CA 31 -6.06 -23.15 -29.93
C TYR CA 31 -5.43 -23.22 -31.32
N ILE CA 32 -4.85 -24.36 -31.69
CA ILE CA 32 -4.20 -24.47 -32.99
C ILE CA 32 -5.22 -24.35 -34.13
N GLU CA 33 -6.37 -24.99 -33.99
CA GLU CA 33 -7.38 -24.96 -35.04
C GLU CA 33 -8.26 -23.72 -35.02
N LYS CA 34 -7.94 -22.69 -34.25
CA LYS CA 34 -8.77 -21.49 -34.25
C LYS CA 34 -8.62 -20.75 -35.56
N GLU CA 35 -9.75 -20.46 -36.20
CA GLU CA 35 -9.75 -19.75 -37.47
C GLU CA 35 -9.70 -18.25 -37.22
N ALA CA 36 -8.89 -17.57 -38.01
CA ALA CA 36 -8.76 -16.13 -37.89
C ALA CA 36 -10.01 -15.46 -38.46
N PRO CA 37 -10.39 -14.29 -37.93
CA PRO CA 37 -11.57 -13.59 -38.45
C PRO CA 37 -11.36 -13.10 -39.88
N MET DA 1 46.58 -57.17 -82.70
CA MET DA 1 47.28 -57.22 -81.42
C MET DA 1 47.26 -55.83 -80.79
N LYS DA 2 47.20 -54.79 -81.63
CA LYS DA 2 47.17 -53.41 -81.15
C LYS DA 2 45.93 -53.17 -80.29
N ASP DA 3 44.79 -53.72 -80.71
CA ASP DA 3 43.57 -53.56 -79.92
C ASP DA 3 43.66 -54.36 -78.63
N PHE DA 4 44.29 -55.54 -78.68
CA PHE DA 4 44.45 -56.35 -77.48
C PHE DA 4 45.36 -55.65 -76.48
N THR DA 5 46.43 -55.03 -76.96
CA THR DA 5 47.33 -54.31 -76.05
C THR DA 5 46.64 -53.08 -75.50
N THR DA 6 45.79 -52.44 -76.30
CA THR DA 6 45.06 -51.28 -75.83
C THR DA 6 44.05 -51.69 -74.76
N TYR DA 7 43.48 -52.88 -74.91
CA TYR DA 7 42.55 -53.38 -73.91
C TYR DA 7 43.30 -53.72 -72.63
N LEU DA 8 44.49 -54.28 -72.77
CA LEU DA 8 45.30 -54.61 -71.60
C LEU DA 8 45.84 -53.36 -70.93
N SER DA 9 45.85 -52.23 -71.64
CA SER DA 9 46.32 -50.97 -71.12
C SER DA 9 45.22 -50.18 -70.42
N THR DA 10 44.00 -50.72 -70.32
CA THR DA 10 42.93 -50.00 -69.66
C THR DA 10 43.18 -49.96 -68.15
N ALA DA 11 42.44 -49.07 -67.48
CA ALA DA 11 42.58 -48.90 -66.04
C ALA DA 11 42.34 -50.16 -65.21
N PRO DA 12 41.25 -50.98 -65.42
CA PRO DA 12 41.10 -52.17 -64.57
C PRO DA 12 42.15 -53.26 -64.79
N VAL DA 13 42.53 -53.50 -66.05
CA VAL DA 13 43.55 -54.53 -66.32
C VAL DA 13 44.90 -54.09 -65.76
N ILE DA 14 45.26 -52.82 -65.96
CA ILE DA 14 46.53 -52.31 -65.43
C ILE DA 14 46.51 -52.34 -63.91
N ALA DA 15 45.37 -51.99 -63.31
CA ALA DA 15 45.25 -52.01 -61.85
C ALA DA 15 45.38 -53.42 -61.32
N THR DA 16 44.79 -54.40 -62.01
CA THR DA 16 44.88 -55.79 -61.60
C THR DA 16 46.31 -56.30 -61.66
N ILE DA 17 47.00 -56.05 -62.78
CA ILE DA 17 48.37 -56.50 -62.94
C ILE DA 17 49.30 -55.82 -61.94
N TRP DA 18 49.13 -54.51 -61.74
CA TRP DA 18 49.98 -53.77 -60.81
C TRP DA 18 49.75 -54.22 -59.37
N PHE DA 19 48.49 -54.41 -58.97
CA PHE DA 19 48.24 -54.83 -57.60
C PHE DA 19 48.69 -56.27 -57.39
N THR DA 20 48.59 -57.11 -58.43
CA THR DA 20 49.07 -58.48 -58.30
C THR DA 20 50.57 -58.50 -58.13
N PHE DA 21 51.27 -57.64 -58.88
CA PHE DA 21 52.72 -57.56 -58.77
C PHE DA 21 53.14 -57.03 -57.40
N THR DA 22 52.48 -55.96 -56.92
CA THR DA 22 52.80 -55.39 -55.62
C THR DA 22 52.48 -56.36 -54.49
N ALA DA 23 51.33 -57.03 -54.55
CA ALA DA 23 50.95 -57.99 -53.53
C ALA DA 23 51.92 -59.17 -53.54
N GLY DA 24 52.30 -59.64 -54.73
CA GLY DA 24 53.24 -60.74 -54.82
C GLY DA 24 54.59 -60.37 -54.26
N LEU DA 25 55.05 -59.14 -54.53
CA LEU DA 25 56.33 -58.70 -54.01
C LEU DA 25 56.30 -58.61 -52.50
N LEU DA 26 55.22 -58.06 -51.93
CA LEU DA 26 55.10 -57.96 -50.48
C LEU DA 26 55.01 -59.34 -49.83
N ILE DA 27 54.27 -60.26 -50.46
CA ILE DA 27 54.12 -61.60 -49.93
C ILE DA 27 55.45 -62.35 -49.96
N GLU DA 28 56.19 -62.24 -51.07
CA GLU DA 28 57.48 -62.91 -51.18
C GLU DA 28 58.49 -62.30 -50.20
N ILE DA 29 58.40 -60.98 -49.98
CA ILE DA 29 59.29 -60.32 -49.04
C ILE DA 29 59.03 -60.84 -47.63
N ASN DA 30 57.75 -60.96 -47.26
CA ASN DA 30 57.43 -61.48 -45.93
C ASN DA 30 57.71 -62.98 -45.84
N ARG DA 31 57.75 -63.66 -46.97
CA ARG DA 31 58.05 -65.09 -46.97
C ARG DA 31 59.54 -65.33 -46.72
N TYR DA 32 60.40 -64.59 -47.41
CA TYR DA 32 61.83 -64.77 -47.24
C TYR DA 32 62.37 -64.01 -46.04
N PHE DA 33 61.59 -63.08 -45.49
CA PHE DA 33 61.95 -62.30 -44.32
C PHE DA 33 60.76 -62.38 -43.36
N PRO DA 34 60.59 -63.51 -42.69
CA PRO DA 34 59.43 -63.66 -41.79
C PRO DA 34 59.45 -62.72 -40.60
N ASP DA 35 58.26 -62.24 -40.27
CA ASP DA 35 58.00 -61.35 -39.15
C ASP DA 35 58.89 -60.12 -39.01
N PRO DA 36 58.93 -59.23 -40.02
CA PRO DA 36 59.75 -58.02 -39.89
C PRO DA 36 58.99 -56.92 -39.17
N LEU DA 37 59.44 -56.58 -37.97
CA LEU DA 37 58.81 -55.53 -37.18
C LEU DA 37 59.66 -54.28 -37.09
N VAL DA 38 60.98 -54.42 -37.23
CA VAL DA 38 61.89 -53.28 -37.16
C VAL DA 38 62.92 -53.39 -38.28
N PHE DA 39 63.74 -52.36 -38.39
CA PHE DA 39 64.78 -52.29 -39.40
C PHE DA 39 66.14 -52.70 -38.80
N PHE EA 1 2.90 -114.81 -70.85
CA PHE EA 1 2.38 -113.45 -70.73
C PHE EA 1 1.23 -113.26 -71.72
N ILE EA 2 1.32 -113.94 -72.85
CA ILE EA 2 0.28 -113.85 -73.87
C ILE EA 2 -0.97 -114.56 -73.36
N GLY EA 3 -2.09 -113.84 -73.34
CA GLY EA 3 -3.33 -114.37 -72.85
C GLY EA 3 -3.65 -114.02 -71.42
N SER EA 4 -2.70 -113.42 -70.70
CA SER EA 4 -2.94 -113.02 -69.32
C SER EA 4 -3.82 -111.78 -69.28
N SER EA 5 -4.27 -111.42 -68.07
CA SER EA 5 -5.13 -110.26 -67.91
C SER EA 5 -4.38 -108.97 -68.21
N THR EA 6 -3.09 -108.91 -67.87
CA THR EA 6 -2.28 -107.72 -68.13
C THR EA 6 -2.15 -107.45 -69.63
N ASN EA 7 -1.81 -108.49 -70.38
CA ASN EA 7 -1.66 -108.36 -71.83
C ASN EA 7 -2.99 -108.03 -72.49
N LEU EA 8 -4.05 -108.70 -72.08
CA LEU EA 8 -5.37 -108.45 -72.64
C LEU EA 8 -5.85 -107.03 -72.37
N ILE EA 9 -5.62 -106.54 -71.14
CA ILE EA 9 -6.05 -105.20 -70.79
C ILE EA 9 -5.26 -104.16 -71.56
N MET EA 10 -3.94 -104.34 -71.66
CA MET EA 10 -3.13 -103.37 -72.41
C MET EA 10 -3.48 -103.36 -73.89
N VAL EA 11 -3.68 -104.54 -74.49
CA VAL EA 11 -4.03 -104.61 -75.91
C VAL EA 11 -5.39 -103.96 -76.15
N ALA EA 12 -6.37 -104.26 -75.28
CA ALA EA 12 -7.69 -103.67 -75.41
C ALA EA 12 -7.65 -102.15 -75.23
N SER EA 13 -6.83 -101.66 -74.31
CA SER EA 13 -6.71 -100.23 -74.08
C SER EA 13 -6.12 -99.52 -75.29
N THR EA 14 -5.03 -100.05 -75.83
CA THR EA 14 -4.40 -99.44 -77.00
C THR EA 14 -5.31 -99.50 -78.22
N THR EA 15 -5.99 -100.62 -78.42
CA THR EA 15 -6.90 -100.75 -79.55
C THR EA 15 -8.10 -99.82 -79.40
N ALA EA 16 -8.57 -99.63 -78.16
CA ALA EA 16 -9.71 -98.75 -77.93
C ALA EA 16 -9.33 -97.30 -78.19
N THR EA 17 -8.13 -96.89 -77.78
CA THR EA 17 -7.69 -95.52 -78.04
C THR EA 17 -7.42 -95.30 -79.52
N LEU EA 18 -6.95 -96.32 -80.22
CA LEU EA 18 -6.68 -96.18 -81.65
C LEU EA 18 -7.98 -96.17 -82.45
N ALA EA 19 -8.99 -96.90 -81.99
CA ALA EA 19 -10.26 -96.95 -82.71
C ALA EA 19 -11.08 -95.68 -82.53
N ALA EA 20 -10.92 -94.99 -81.40
CA ALA EA 20 -11.69 -93.78 -81.15
C ALA EA 20 -11.21 -92.62 -82.02
N ALA EA 21 -9.90 -92.40 -82.08
CA ALA EA 21 -9.39 -91.28 -82.87
C ALA EA 21 -9.60 -91.47 -84.37
N ARG EA 22 -9.46 -92.69 -84.86
CA ARG EA 22 -9.64 -92.95 -86.29
C ARG EA 22 -11.10 -92.80 -86.71
N PHE EA 23 -12.04 -93.21 -85.87
CA PHE EA 23 -13.45 -93.11 -86.18
C PHE EA 23 -14.09 -91.81 -85.70
N GLY EA 24 -13.27 -90.77 -85.55
CA GLY EA 24 -13.75 -89.45 -85.14
C GLY EA 24 -14.37 -89.32 -83.77
N LEU EA 25 -13.77 -89.94 -82.76
CA LEU EA 25 -14.28 -89.87 -81.40
C LEU EA 25 -13.28 -89.32 -80.40
N ALA EA 26 -12.04 -89.06 -80.80
CA ALA EA 26 -11.00 -88.55 -79.92
C ALA EA 26 -10.18 -87.51 -80.66
N PRO EA 27 -9.52 -86.59 -79.94
CA PRO EA 27 -8.70 -85.57 -80.61
C PRO EA 27 -7.57 -86.18 -81.43
N THR EA 28 -7.38 -85.64 -82.63
CA THR EA 28 -6.36 -86.11 -83.55
C THR EA 28 -5.46 -84.94 -83.93
N VAL EA 29 -4.61 -85.20 -84.93
CA VAL EA 29 -3.69 -84.19 -85.44
C VAL EA 29 -4.40 -83.29 -86.44
N LYS EA 30 -5.53 -83.74 -86.96
CA LYS EA 30 -6.31 -83.00 -87.94
C LYS EA 30 -7.51 -82.30 -87.34
N LYS EA 31 -8.14 -82.89 -86.33
CA LYS EA 31 -9.30 -82.32 -85.68
C LYS EA 31 -8.99 -82.01 -84.22
N ASN EA 32 -9.13 -80.75 -83.84
CA ASN EA 32 -8.90 -80.30 -82.48
C ASN EA 32 -10.24 -80.21 -81.75
N THR EA 33 -10.19 -79.82 -80.48
CA THR EA 33 -11.40 -79.68 -79.67
C THR EA 33 -11.45 -78.29 -79.06
N THR EA 34 -12.68 -77.81 -78.86
CA THR EA 34 -12.92 -76.50 -78.28
C THR EA 34 -13.08 -76.63 -76.77
N ALA EA 35 -13.53 -75.56 -76.11
CA ALA EA 35 -13.74 -75.60 -74.67
C ALA EA 35 -15.00 -76.37 -74.30
N GLY EA 36 -15.87 -76.65 -75.26
CA GLY EA 36 -17.09 -77.39 -75.01
C GLY EA 36 -16.94 -78.83 -75.46
N LEU EA 37 -15.70 -79.22 -75.74
CA LEU EA 37 -15.32 -80.57 -76.19
C LEU EA 37 -16.03 -80.96 -77.49
N LYS EA 38 -15.89 -80.12 -78.49
CA LYS EA 38 -16.48 -80.35 -79.80
C LYS EA 38 -15.38 -80.39 -80.85
N LEU EA 39 -15.43 -81.39 -81.72
CA LEU EA 39 -14.41 -81.53 -82.76
C LEU EA 39 -14.51 -80.38 -83.75
N VAL EA 40 -13.35 -79.91 -84.22
CA VAL EA 40 -13.26 -78.83 -85.18
C VAL EA 40 -11.89 -78.93 -85.86
N ASP EA 41 -11.78 -78.35 -87.04
CA ASP EA 41 -10.54 -78.37 -87.79
C ASP EA 41 -9.41 -77.66 -87.05
N SER EA 42 -8.18 -77.99 -87.42
CA SER EA 42 -6.98 -77.44 -86.80
C SER EA 42 -6.16 -76.65 -87.81
N LYS EA 43 -4.95 -76.28 -87.38
CA LYS EA 43 -3.97 -75.52 -88.16
C LYS EA 43 -2.58 -76.14 -88.02
N ASN EA 44 -2.48 -77.45 -88.22
CA ASN EA 44 -1.20 -78.16 -88.09
C ASN EA 44 -0.12 -77.65 -89.04
N SER EA 45 1.07 -77.41 -88.48
CA SER EA 45 2.19 -76.90 -89.26
C SER EA 45 2.83 -77.99 -90.11
N ALA EA 46 2.77 -79.24 -89.64
CA ALA EA 46 3.35 -80.34 -90.40
C ALA EA 46 2.53 -80.65 -91.64
N GLY EA 47 1.28 -81.04 -91.46
CA GLY EA 47 0.43 -81.38 -92.58
C GLY EA 47 0.94 -82.68 -93.16
N VAL EA 48 0.95 -83.72 -92.33
CA VAL EA 48 1.46 -85.01 -92.77
C VAL EA 48 0.57 -85.59 -93.85
N ILE EA 49 1.19 -85.98 -94.95
CA ILE EA 49 0.48 -86.55 -96.09
C ILE EA 49 0.23 -88.04 -95.85
N SER EA 50 -1.04 -88.38 -95.60
CA SER EA 50 -1.41 -89.75 -95.33
C SER EA 50 -2.39 -90.21 -96.39
N ASN EA 51 -2.42 -91.53 -96.62
CA ASN EA 51 -3.33 -92.13 -97.58
C ASN EA 51 -4.62 -92.63 -96.95
N ASP EA 52 -4.74 -92.54 -95.62
CA ASP EA 52 -5.91 -93.01 -94.91
C ASP EA 52 -7.17 -92.26 -95.35
N PRO EA 53 -8.32 -92.95 -95.42
CA PRO EA 53 -9.55 -92.26 -95.84
C PRO EA 53 -9.98 -91.13 -94.92
N ALA EA 54 -9.60 -91.18 -93.64
CA ALA EA 54 -9.94 -90.13 -92.70
C ALA EA 54 -8.73 -89.25 -92.34
N GLY EA 55 -7.60 -89.43 -93.02
CA GLY EA 55 -6.44 -88.62 -92.72
C GLY EA 55 -5.69 -89.00 -91.46
N PHE EA 56 -5.81 -90.26 -91.04
CA PHE EA 56 -5.12 -90.73 -89.84
C PHE EA 56 -3.64 -90.86 -90.14
N THR EA 57 -2.83 -89.96 -89.58
CA THR EA 57 -1.40 -89.95 -89.82
C THR EA 57 -0.69 -90.77 -88.75
N ILE EA 58 0.62 -90.89 -88.91
CA ILE EA 58 1.45 -91.64 -87.96
C ILE EA 58 1.51 -90.94 -86.60
N VAL EA 59 1.37 -89.62 -86.59
CA VAL EA 59 1.41 -88.86 -85.33
C VAL EA 59 0.22 -89.26 -84.48
N ASP EA 60 -0.93 -89.50 -85.11
CA ASP EA 60 -2.12 -89.94 -84.42
C ASP EA 60 -1.89 -91.33 -83.82
N VAL EA 61 -1.16 -92.18 -84.54
CA VAL EA 61 -0.85 -93.52 -84.06
C VAL EA 61 0.01 -93.45 -82.81
N LEU EA 62 1.03 -92.58 -82.83
CA LEU EA 62 1.92 -92.44 -81.68
C LEU EA 62 1.17 -91.86 -80.47
N ALA EA 63 0.35 -90.83 -80.70
CA ALA EA 63 -0.40 -90.21 -79.62
C ALA EA 63 -1.40 -91.19 -79.01
N MET EA 64 -2.12 -91.93 -79.86
CA MET EA 64 -3.08 -92.89 -79.35
C MET EA 64 -2.39 -94.06 -78.67
N GLY EA 65 -1.19 -94.43 -79.15
CA GLY EA 65 -0.46 -95.50 -78.51
C GLY EA 65 -0.03 -95.10 -77.12
N ALA EA 66 0.45 -93.86 -76.97
CA ALA EA 66 0.85 -93.37 -75.66
C ALA EA 66 -0.35 -93.25 -74.73
N ALA EA 67 -1.49 -92.77 -75.25
CA ALA EA 67 -2.69 -92.64 -74.44
C ALA EA 67 -3.21 -93.99 -73.97
N GLY EA 68 -3.24 -94.97 -74.88
CA GLY EA 68 -3.68 -96.30 -74.52
C GLY EA 68 -2.74 -96.96 -73.55
N HIS EA 69 -1.43 -96.70 -73.70
CA HIS EA 69 -0.46 -97.26 -72.76
C HIS EA 69 -0.66 -96.68 -71.38
N GLY EA 70 -0.91 -95.38 -71.29
CA GLY EA 70 -1.13 -94.77 -69.99
C GLY EA 70 -2.38 -95.30 -69.31
N LEU EA 71 -3.49 -95.38 -70.08
CA LEU EA 71 -4.73 -95.92 -69.54
C LEU EA 71 -4.57 -97.39 -69.13
N GLY EA 72 -3.88 -98.18 -69.94
CA GLY EA 72 -3.67 -99.58 -69.62
C GLY EA 72 -2.80 -99.79 -68.39
N VAL EA 73 -1.70 -99.03 -68.29
CA VAL EA 73 -0.80 -99.16 -67.14
C VAL EA 73 -1.55 -98.75 -65.87
N GLY EA 74 -2.32 -97.67 -65.94
CA GLY EA 74 -3.09 -97.24 -64.79
C GLY EA 74 -4.15 -98.25 -64.39
N ILE EA 75 -4.84 -98.85 -65.37
CA ILE EA 75 -5.87 -99.84 -65.07
C ILE EA 75 -5.27 -101.10 -64.44
N VAL EA 76 -4.15 -101.60 -65.00
CA VAL EA 76 -3.51 -102.80 -64.46
C VAL EA 76 -3.01 -102.55 -63.04
N LEU EA 77 -2.35 -101.41 -62.81
CA LEU EA 77 -1.84 -101.12 -61.48
C LEU EA 77 -2.98 -100.83 -60.51
N GLY EA 78 -4.11 -100.34 -61.01
CA GLY EA 78 -5.24 -100.08 -60.13
C GLY EA 78 -5.92 -101.37 -59.70
N LEU EA 79 -6.05 -102.31 -60.64
CA LEU EA 79 -6.65 -103.60 -60.30
C LEU EA 79 -5.73 -104.39 -59.39
N LYS EA 80 -4.42 -104.29 -59.61
CA LYS EA 80 -3.47 -104.98 -58.75
C LYS EA 80 -3.38 -104.30 -57.39
N GLY EA 81 -3.84 -103.06 -57.30
CA GLY EA 81 -3.83 -102.32 -56.04
C GLY EA 81 -5.02 -102.58 -55.16
N ILE EA 82 -6.12 -103.08 -55.74
CA ILE EA 82 -7.35 -103.38 -55.01
C ILE EA 82 -7.52 -104.88 -54.80
N GLY EA 83 -6.54 -105.68 -55.19
CA GLY EA 83 -6.64 -107.12 -55.04
C GLY EA 83 -7.59 -107.79 -56.00
N ALA EA 84 -7.91 -107.16 -57.12
CA ALA EA 84 -8.83 -107.74 -58.11
C ALA EA 84 -8.13 -108.01 -59.43
N GLY FA 1 -15.70 -42.27 -64.29
CA GLY FA 1 -15.16 -41.51 -63.18
C GLY FA 1 -14.70 -42.38 -62.03
N MET FA 2 -15.55 -42.52 -61.02
CA MET FA 2 -15.25 -43.32 -59.85
C MET FA 2 -15.42 -44.81 -60.17
N LEU FA 3 -14.99 -45.65 -59.23
CA LEU FA 3 -15.07 -47.10 -59.37
C LEU FA 3 -16.24 -47.64 -58.57
N GLU FA 4 -17.11 -48.43 -59.22
CA GLU FA 4 -18.27 -49.03 -58.59
C GLU FA 4 -17.99 -50.52 -58.40
N THR FA 5 -18.41 -51.06 -57.26
CA THR FA 5 -18.23 -52.45 -56.90
C THR FA 5 -19.47 -52.94 -56.16
N PRO FA 6 -19.73 -54.26 -56.19
CA PRO FA 6 -20.92 -54.77 -55.47
C PRO FA 6 -20.85 -54.56 -53.97
N VAL FA 7 -19.64 -54.45 -53.40
CA VAL FA 7 -19.51 -54.25 -51.96
C VAL FA 7 -19.98 -52.84 -51.57
N THR FA 8 -19.69 -51.85 -52.40
CA THR FA 8 -20.09 -50.48 -52.14
C THR FA 8 -21.38 -50.07 -52.83
N SER FA 9 -22.05 -50.99 -53.54
CA SER FA 9 -23.28 -50.65 -54.24
C SER FA 9 -24.39 -51.67 -54.03
N ALA FA 10 -24.26 -52.59 -53.06
CA ALA FA 10 -25.33 -53.55 -52.83
C ALA FA 10 -26.47 -52.84 -52.11
N PRO FA 11 -27.72 -53.14 -52.45
CA PRO FA 11 -28.84 -52.45 -51.77
C PRO FA 11 -29.01 -52.86 -50.32
N ILE FA 12 -28.69 -54.10 -49.97
CA ILE FA 12 -28.85 -54.57 -48.60
C ILE FA 12 -27.89 -53.84 -47.66
N VAL FA 13 -26.63 -53.70 -48.06
CA VAL FA 13 -25.68 -53.00 -47.20
C VAL FA 13 -25.98 -51.51 -47.16
N ALA FA 14 -26.53 -50.95 -48.25
CA ALA FA 14 -26.88 -49.54 -48.26
C ALA FA 14 -28.03 -49.28 -47.30
N THR FA 15 -29.02 -50.18 -47.28
CA THR FA 15 -30.12 -50.01 -46.35
C THR FA 15 -29.65 -50.21 -44.91
N TYR FA 16 -28.69 -51.12 -44.71
CA TYR FA 16 -28.14 -51.33 -43.38
C TYR FA 16 -27.42 -50.09 -42.89
N LEU FA 17 -26.67 -49.44 -43.78
CA LEU FA 17 -25.96 -48.21 -43.41
C LEU FA 17 -26.95 -47.09 -43.16
N SER FA 18 -28.06 -47.06 -43.90
CA SER FA 18 -29.06 -46.03 -43.70
C SER FA 18 -29.82 -46.25 -42.39
N ASN FA 19 -29.97 -47.50 -41.97
CA ASN FA 19 -30.68 -47.79 -40.72
C ASN FA 19 -29.82 -47.52 -39.49
N LEU FA 20 -28.53 -47.29 -39.67
CA LEU FA 20 -27.66 -47.00 -38.54
C LEU FA 20 -28.00 -45.63 -37.96
N PRO FA 21 -27.75 -45.40 -36.67
CA PRO FA 21 -28.09 -44.09 -36.08
C PRO FA 21 -27.32 -42.93 -36.66
N ALA FA 22 -26.14 -43.14 -37.23
CA ALA FA 22 -25.37 -42.03 -37.77
C ALA FA 22 -25.98 -41.45 -39.05
N TYR FA 23 -26.65 -42.28 -39.85
CA TYR FA 23 -27.23 -41.84 -41.10
C TYR FA 23 -28.74 -41.65 -41.06
N ARG FA 24 -29.31 -41.21 -39.94
CA ARG FA 24 -30.75 -41.00 -39.88
C ARG FA 24 -31.16 -39.77 -40.68
N THR FA 25 -30.43 -38.66 -40.50
CA THR FA 25 -30.66 -37.39 -41.20
C THR FA 25 -32.10 -36.90 -41.01
N GLY FA 26 -32.38 -36.48 -39.78
CA GLY FA 26 -33.70 -36.00 -39.44
C GLY FA 26 -34.09 -36.17 -37.99
N VAL FA 27 -33.25 -36.84 -37.20
CA VAL FA 27 -33.50 -37.02 -35.78
C VAL FA 27 -32.58 -36.06 -35.03
N ALA FA 28 -32.83 -35.91 -33.73
CA ALA FA 28 -32.02 -35.01 -32.93
C ALA FA 28 -30.63 -35.61 -32.68
N PRO FA 29 -29.57 -34.79 -32.59
CA PRO FA 29 -28.24 -35.35 -32.33
C PRO FA 29 -28.10 -35.97 -30.95
N VAL FA 30 -28.95 -35.57 -29.99
CA VAL FA 30 -28.87 -36.16 -28.66
C VAL FA 30 -29.28 -37.63 -28.69
N LEU FA 31 -30.31 -37.98 -29.46
CA LEU FA 31 -30.73 -39.37 -29.56
C LEU FA 31 -29.65 -40.21 -30.22
N ARG FA 32 -29.03 -39.66 -31.27
CA ARG FA 32 -27.96 -40.36 -31.97
C ARG FA 32 -26.78 -40.60 -31.05
N GLY FA 33 -26.42 -39.58 -30.26
CA GLY FA 33 -25.32 -39.74 -29.33
C GLY FA 33 -25.62 -40.74 -28.24
N VAL FA 34 -26.85 -40.73 -27.72
CA VAL FA 34 -27.23 -41.68 -26.67
C VAL FA 34 -27.17 -43.11 -27.20
N GLU FA 35 -27.69 -43.34 -28.41
CA GLU FA 35 -27.66 -44.67 -29.00
C GLU FA 35 -26.23 -45.15 -29.25
N ILE FA 36 -25.40 -44.26 -29.81
CA ILE FA 36 -24.00 -44.61 -30.08
C ILE FA 36 -23.25 -44.89 -28.78
N GLY FA 37 -23.48 -44.06 -27.76
CA GLY FA 37 -22.81 -44.26 -26.48
C GLY FA 37 -23.21 -45.55 -25.80
N LEU FA 38 -24.50 -45.90 -25.87
CA LEU FA 38 -24.95 -47.15 -25.25
C LEU FA 38 -24.33 -48.36 -25.94
N ALA FA 39 -24.37 -48.37 -27.28
CA ALA FA 39 -23.81 -49.47 -28.04
C ALA FA 39 -22.31 -49.59 -27.82
N HIS FA 40 -21.63 -48.46 -27.64
CA HIS FA 40 -20.18 -48.52 -27.44
C HIS FA 40 -19.82 -48.93 -26.03
N GLY FA 41 -20.56 -48.47 -25.03
CA GLY FA 41 -20.23 -48.85 -23.66
C GLY FA 41 -20.47 -50.32 -23.40
N PHE FA 42 -21.53 -50.88 -24.01
CA PHE FA 42 -21.83 -52.30 -23.83
C PHE FA 42 -20.70 -53.18 -24.33
N LEU FA 43 -20.03 -52.78 -25.41
CA LEU FA 43 -18.92 -53.58 -25.92
C LEU FA 43 -17.60 -53.18 -25.26
N LEU FA 44 -17.50 -51.94 -24.78
CA LEU FA 44 -16.27 -51.46 -24.16
C LEU FA 44 -16.03 -52.09 -22.81
N ALA FA 45 -17.09 -52.43 -22.07
CA ALA FA 45 -16.89 -53.02 -20.76
C ALA FA 45 -16.26 -54.42 -20.82
N GLY FA 46 -16.27 -55.09 -21.96
CA GLY FA 46 -15.72 -56.42 -22.11
C GLY FA 46 -14.22 -56.60 -21.93
N PRO FA 47 -13.41 -55.93 -22.78
CA PRO FA 47 -11.95 -56.09 -22.68
C PRO FA 47 -11.34 -55.74 -21.34
N PHE FA 48 -11.81 -54.67 -20.68
CA PHE FA 48 -11.24 -54.31 -19.38
C PHE FA 48 -11.62 -55.31 -18.31
N ILE FA 49 -12.84 -55.86 -18.38
CA ILE FA 49 -13.30 -56.81 -17.37
C ILE FA 49 -12.59 -58.15 -17.52
N LYS FA 50 -12.42 -58.64 -18.75
CA LYS FA 50 -11.78 -59.94 -18.93
C LYS FA 50 -10.27 -59.92 -19.13
N LEU FA 51 -9.64 -58.75 -19.31
CA LEU FA 51 -8.19 -58.79 -19.54
C LEU FA 51 -7.37 -57.80 -18.72
N GLY FA 52 -7.98 -56.98 -17.86
CA GLY FA 52 -7.23 -56.04 -17.06
C GLY FA 52 -6.35 -56.69 -16.02
N PRO FA 53 -5.51 -55.90 -15.33
CA PRO FA 53 -4.62 -56.46 -14.31
C PRO FA 53 -5.33 -57.15 -13.17
N LEU FA 54 -6.50 -56.66 -12.75
CA LEU FA 54 -7.26 -57.25 -11.66
C LEU FA 54 -8.30 -58.25 -12.13
N ARG FA 55 -8.06 -58.90 -13.28
CA ARG FA 55 -9.02 -59.86 -13.81
C ARG FA 55 -9.02 -61.18 -13.03
N ASN FA 56 -7.95 -61.48 -12.28
CA ASN FA 56 -7.89 -62.73 -11.55
C ASN FA 56 -8.49 -62.63 -10.15
N VAL FA 57 -8.40 -61.46 -9.52
CA VAL FA 57 -8.98 -61.31 -8.18
C VAL FA 57 -10.49 -61.24 -8.29
N PRO FA 58 -11.24 -62.01 -7.50
CA PRO FA 58 -12.70 -61.99 -7.60
C PRO FA 58 -13.33 -60.81 -6.88
N GLU FA 59 -14.60 -60.57 -7.24
CA GLU FA 59 -15.51 -59.55 -6.74
C GLU FA 59 -15.09 -58.12 -7.08
N THR FA 60 -13.93 -57.91 -7.69
CA THR FA 60 -13.47 -56.57 -8.05
C THR FA 60 -13.08 -56.45 -9.51
N ALA FA 61 -12.98 -57.56 -10.25
CA ALA FA 61 -12.60 -57.48 -11.66
C ALA FA 61 -13.65 -56.72 -12.45
N GLU FA 62 -14.93 -56.98 -12.19
CA GLU FA 62 -16.00 -56.27 -12.88
C GLU FA 62 -16.01 -54.80 -12.49
N ILE FA 63 -15.69 -54.51 -11.22
CA ILE FA 63 -15.67 -53.12 -10.75
C ILE FA 63 -14.57 -52.33 -11.46
N ALA FA 64 -13.36 -52.89 -11.50
CA ALA FA 64 -12.25 -52.22 -12.16
C ALA FA 64 -12.49 -52.11 -13.67
N GLY FA 65 -13.05 -53.16 -14.28
CA GLY FA 65 -13.33 -53.13 -15.70
C GLY FA 65 -14.37 -52.08 -16.06
N SER FA 66 -15.44 -51.98 -15.27
CA SER FA 66 -16.46 -50.98 -15.53
C SER FA 66 -15.92 -49.58 -15.29
N LEU FA 67 -15.08 -49.40 -14.27
CA LEU FA 67 -14.50 -48.08 -14.01
C LEU FA 67 -13.59 -47.66 -15.16
N SER FA 68 -12.78 -48.59 -15.67
CA SER FA 68 -11.89 -48.29 -16.78
C SER FA 68 -12.70 -48.00 -18.04
N ALA FA 69 -13.80 -48.72 -18.25
CA ALA FA 69 -14.64 -48.48 -19.40
C ALA FA 69 -15.29 -47.09 -19.32
N ALA FA 70 -15.75 -46.72 -18.12
CA ALA FA 70 -16.35 -45.40 -17.94
C ALA FA 70 -15.31 -44.30 -18.15
N GLY FA 71 -14.07 -44.55 -17.73
CA GLY FA 71 -13.01 -43.57 -17.95
C GLY FA 71 -12.71 -43.40 -19.42
N LEU FA 72 -12.71 -44.51 -20.16
CA LEU FA 72 -12.47 -44.44 -21.60
C LEU FA 72 -13.62 -43.71 -22.28
N VAL FA 73 -14.84 -43.93 -21.79
CA VAL FA 73 -16.01 -43.24 -22.35
C VAL FA 73 -15.90 -41.75 -22.10
N LEU FA 74 -15.44 -41.36 -20.91
CA LEU FA 74 -15.26 -39.94 -20.58
C LEU FA 74 -14.20 -39.31 -21.45
N ILE FA 75 -13.11 -40.05 -21.72
CA ILE FA 75 -12.05 -39.55 -22.59
C ILE FA 75 -12.58 -39.36 -24.00
N LEU FA 76 -13.40 -40.32 -24.47
CA LEU FA 76 -13.99 -40.22 -25.81
C LEU FA 76 -14.96 -39.06 -25.88
N ALA FA 77 -15.67 -38.78 -24.78
CA ALA FA 77 -16.60 -37.66 -24.75
C ALA FA 77 -15.85 -36.34 -24.84
N LEU FA 78 -14.71 -36.25 -24.14
CA LEU FA 78 -13.90 -35.05 -24.20
C LEU FA 78 -13.35 -34.86 -25.62
N CYS FA 79 -12.95 -35.97 -26.25
CA CYS FA 79 -12.44 -35.92 -27.61
C CYS FA 79 -13.51 -35.48 -28.59
N LEU FA 80 -14.74 -35.97 -28.40
CA LEU FA 80 -15.84 -35.58 -29.28
C LEU FA 80 -16.19 -34.11 -29.11
N SER FA 81 -16.18 -33.62 -27.87
CA SER FA 81 -16.49 -32.22 -27.61
C SER FA 81 -15.45 -31.31 -28.24
N ILE FA 82 -14.15 -31.62 -28.04
CA ILE FA 82 -13.11 -30.77 -28.63
C ILE FA 82 -13.11 -30.91 -30.15
N TYR FA 83 -13.50 -32.07 -30.68
CA TYR FA 83 -13.55 -32.23 -32.12
C TYR FA 83 -14.64 -31.35 -32.72
N GLY FA 84 -15.79 -31.28 -32.05
CA GLY FA 84 -16.86 -30.43 -32.54
C GLY FA 84 -16.52 -28.96 -32.34
N SER FA 85 -15.70 -28.66 -31.33
CA SER FA 85 -15.31 -27.27 -31.11
C SER FA 85 -14.33 -26.79 -32.17
N ALA FA 86 -13.35 -27.63 -32.52
CA ALA FA 86 -12.35 -27.27 -33.51
C ALA FA 86 -12.77 -27.55 -34.95
N GLN FA 87 -13.88 -28.24 -35.16
CA GLN FA 87 -14.33 -28.56 -36.51
C GLN FA 87 -15.37 -27.58 -37.05
N PHE FA 88 -16.34 -27.18 -36.23
CA PHE FA 88 -17.39 -26.28 -36.65
C PHE FA 88 -17.20 -24.91 -36.01
N GLN FA 89 -16.78 -23.95 -36.82
CA GLN FA 89 -16.55 -22.58 -36.37
C GLN FA 89 -17.34 -21.55 -37.16
N SER FA 90 -17.73 -21.86 -38.39
CA SER FA 90 -18.50 -20.94 -39.23
C SER FA 90 -19.24 -21.74 -40.29
N THR FA 91 -20.21 -21.06 -40.91
CA THR FA 91 -21.06 -21.60 -41.98
C THR FA 91 -21.76 -22.90 -41.59
N VAL FA 104 -30.21 -33.13 -51.05
CA VAL FA 104 -30.78 -33.47 -49.75
C VAL FA 104 -30.81 -32.23 -48.86
N ALA FA 105 -30.90 -32.44 -47.55
CA ALA FA 105 -30.94 -31.37 -46.58
C ALA FA 105 -29.69 -31.42 -45.70
N ARG FA 106 -29.30 -30.26 -45.17
CA ARG FA 106 -28.14 -30.18 -44.30
C ARG FA 106 -28.43 -30.85 -42.97
N ASP FA 107 -27.56 -31.77 -42.58
CA ASP FA 107 -27.74 -32.48 -41.32
C ASP FA 107 -27.41 -31.55 -40.17
N PRO FA 108 -28.30 -31.39 -39.18
CA PRO FA 108 -28.00 -30.51 -38.04
C PRO FA 108 -26.90 -31.05 -37.14
N LEU FA 109 -26.53 -32.32 -37.30
CA LEU FA 109 -25.48 -32.91 -36.48
C LEU FA 109 -24.12 -32.31 -36.81
N PHE FA 110 -23.89 -31.95 -38.07
CA PHE FA 110 -22.61 -31.36 -38.49
C PHE FA 110 -22.64 -29.84 -38.29
N SER FA 111 -22.71 -29.45 -37.02
CA SER FA 111 -22.76 -28.07 -36.58
C SER FA 111 -22.18 -28.02 -35.18
N ALA FA 112 -21.84 -26.81 -34.73
CA ALA FA 112 -21.25 -26.67 -33.40
C ALA FA 112 -22.23 -27.07 -32.29
N ASP FA 113 -23.44 -26.51 -32.31
CA ASP FA 113 -24.44 -26.85 -31.30
C ASP FA 113 -24.87 -28.30 -31.43
N GLY FA 114 -25.04 -28.77 -32.67
CA GLY FA 114 -25.43 -30.15 -32.89
C GLY FA 114 -24.39 -31.12 -32.39
N TRP FA 115 -23.11 -30.84 -32.67
CA TRP FA 115 -22.06 -31.74 -32.19
C TRP FA 115 -21.91 -31.67 -30.69
N SER FA 116 -22.17 -30.49 -30.08
CA SER FA 116 -22.08 -30.40 -28.63
C SER FA 116 -23.16 -31.25 -27.98
N GLU FA 117 -24.39 -31.18 -28.51
CA GLU FA 117 -25.48 -31.98 -27.99
C GLU FA 117 -25.20 -33.46 -28.23
N PHE FA 118 -24.59 -33.78 -29.37
CA PHE FA 118 -24.23 -35.15 -29.70
C PHE FA 118 -23.18 -35.69 -28.74
N ALA FA 119 -22.18 -34.88 -28.40
CA ALA FA 119 -21.14 -35.31 -27.46
C ALA FA 119 -21.71 -35.53 -26.07
N ALA FA 120 -22.61 -34.64 -25.62
CA ALA FA 120 -23.23 -34.82 -24.31
C ALA FA 120 -24.07 -36.09 -24.30
N GLY FA 121 -24.82 -36.33 -25.39
CA GLY FA 121 -25.62 -37.54 -25.47
C GLY FA 121 -24.75 -38.78 -25.52
N PHE FA 122 -23.58 -38.68 -26.16
CA PHE FA 122 -22.65 -39.80 -26.22
C PHE FA 122 -22.13 -40.14 -24.84
N LEU FA 123 -21.80 -39.10 -24.04
CA LEU FA 123 -21.31 -39.34 -22.70
C LEU FA 123 -22.39 -39.99 -21.83
N VAL FA 124 -23.62 -39.47 -21.91
CA VAL FA 124 -24.72 -40.04 -21.12
C VAL FA 124 -24.98 -41.48 -21.50
N GLY FA 125 -25.08 -41.75 -22.82
CA GLY FA 125 -25.31 -43.10 -23.28
C GLY FA 125 -24.16 -44.02 -22.96
N GLY FA 126 -22.93 -43.52 -22.98
CA GLY FA 126 -21.78 -44.34 -22.67
C GLY FA 126 -21.76 -44.78 -21.22
N GLU FA 127 -22.07 -43.83 -20.32
CA GLU FA 127 -22.12 -44.19 -18.90
C GLU FA 127 -23.25 -45.16 -18.65
N ALA FA 128 -24.39 -44.96 -19.33
CA ALA FA 128 -25.51 -45.88 -19.17
C ALA FA 128 -25.16 -47.26 -19.71
N GLY FA 129 -24.40 -47.31 -20.81
CA GLY FA 129 -24.01 -48.58 -21.39
C GLY FA 129 -23.05 -49.33 -20.48
N VAL FA 130 -22.11 -48.62 -19.86
CA VAL FA 130 -21.18 -49.26 -18.94
C VAL FA 130 -21.92 -49.78 -17.71
N ALA FA 131 -22.85 -48.97 -17.17
CA ALA FA 131 -23.63 -49.40 -16.01
C ALA FA 131 -24.51 -50.60 -16.34
N TRP FA 132 -25.08 -50.62 -17.56
CA TRP FA 132 -25.92 -51.74 -17.95
C TRP FA 132 -25.11 -53.00 -18.19
N ALA FA 133 -23.89 -52.86 -18.70
CA ALA FA 133 -23.05 -54.02 -18.92
C ALA FA 133 -22.55 -54.59 -17.61
N TYR FA 134 -22.38 -53.74 -16.59
CA TYR FA 134 -21.91 -54.24 -15.30
C TYR FA 134 -23.03 -55.00 -14.59
N VAL FA 135 -24.25 -54.48 -14.64
CA VAL FA 135 -25.35 -55.16 -13.95
C VAL FA 135 -25.80 -56.39 -14.73
N CYS FA 136 -25.41 -56.52 -15.99
CA CYS FA 136 -25.79 -57.69 -16.78
C CYS FA 136 -25.05 -58.93 -16.33
N THR FA 137 -23.88 -58.78 -15.71
CA THR FA 137 -23.09 -59.91 -15.22
C THR FA 137 -23.36 -60.22 -13.76
N GLN FA 138 -23.96 -59.30 -13.02
CA GLN FA 138 -24.25 -59.52 -11.61
C GLN FA 138 -25.42 -60.49 -11.43
N LYS GA 1 77.47 3.08 -46.29
CA LYS GA 1 77.47 1.74 -45.72
C LYS GA 1 78.82 1.42 -45.10
N ALA GA 2 78.79 0.98 -43.85
CA ALA GA 2 80.02 0.64 -43.13
C ALA GA 2 80.71 -0.56 -43.73
N GLY GA 3 79.94 -1.53 -44.23
CA GLY GA 3 80.52 -2.71 -44.83
C GLY GA 3 79.43 -3.63 -45.34
N ASN GA 4 79.84 -4.83 -45.73
CA ASN GA 4 78.92 -5.84 -46.25
C ASN GA 4 79.02 -7.06 -45.35
N TRP GA 5 77.88 -7.46 -44.78
CA TRP GA 5 77.88 -8.64 -43.91
C TRP GA 5 78.06 -9.93 -44.72
N LEU GA 6 77.61 -9.93 -45.97
CA LEU GA 6 77.75 -11.10 -46.85
C LEU GA 6 78.48 -10.57 -48.08
N PRO GA 7 79.80 -10.72 -48.11
CA PRO GA 7 80.58 -10.22 -49.26
C PRO GA 7 80.11 -10.78 -50.59
N GLY GA 8 79.61 -9.87 -51.43
CA GLY GA 8 79.11 -10.24 -52.73
C GLY GA 8 77.61 -10.33 -52.82
N SER GA 9 76.89 -9.93 -51.79
CA SER GA 9 75.44 -9.96 -51.79
C SER GA 9 74.90 -8.54 -51.81
N ASP GA 10 73.84 -8.32 -52.58
CA ASP GA 10 73.25 -6.99 -52.68
C ASP GA 10 72.57 -6.60 -51.37
N ALA GA 11 72.78 -5.36 -50.97
CA ALA GA 11 72.19 -4.86 -49.75
C ALA GA 11 70.70 -4.59 -49.93
N PRO GA 12 69.90 -4.79 -48.89
CA PRO GA 12 68.45 -4.53 -48.98
C PRO GA 12 68.15 -3.08 -49.30
N ALA GA 13 67.12 -2.89 -50.12
CA ALA GA 13 66.70 -1.57 -50.55
C ALA GA 13 66.06 -0.74 -49.44
N TRP GA 14 65.44 -1.37 -48.45
CA TRP GA 14 64.80 -0.65 -47.36
C TRP GA 14 65.78 -0.13 -46.32
N LEU GA 15 67.06 -0.50 -46.39
CA LEU GA 15 68.03 -0.05 -45.42
C LEU GA 15 68.75 1.18 -45.97
N PRO GA 16 68.69 2.32 -45.30
CA PRO GA 16 69.36 3.53 -45.80
C PRO GA 16 70.87 3.38 -45.74
N ASP GA 17 71.55 4.18 -46.56
CA ASP GA 17 73.01 4.14 -46.62
C ASP GA 17 73.64 4.87 -45.45
N ASP GA 18 73.01 5.94 -44.96
CA ASP GA 18 73.60 6.71 -43.86
C ASP GA 18 73.22 6.20 -42.48
N LEU GA 19 72.57 5.05 -42.38
CA LEU GA 19 72.22 4.53 -41.07
C LEU GA 19 73.47 4.01 -40.38
N PRO GA 20 73.66 4.26 -39.09
CA PRO GA 20 74.87 3.77 -38.41
C PRO GA 20 74.83 2.26 -38.30
N GLY GA 21 75.96 1.62 -38.64
CA GLY GA 21 76.04 0.18 -38.58
C GLY GA 21 75.30 -0.52 -39.68
N ASN GA 22 75.04 0.17 -40.78
CA ASN GA 22 74.31 -0.40 -41.91
C ASN GA 22 75.22 -1.35 -42.67
N TYR GA 23 75.05 -2.65 -42.44
CA TYR GA 23 75.81 -3.68 -43.11
C TYR GA 23 74.95 -4.49 -44.07
N GLY GA 24 73.68 -4.15 -44.20
CA GLY GA 24 72.77 -4.86 -45.07
C GLY GA 24 72.34 -6.22 -44.58
N PHE GA 25 72.42 -6.46 -43.26
CA PHE GA 25 72.05 -7.75 -42.67
C PHE GA 25 70.61 -7.71 -42.21
N ASP GA 26 69.73 -8.33 -42.99
CA ASP GA 26 68.30 -8.44 -42.71
C ASP GA 26 67.69 -9.55 -43.57
N PRO GA 27 67.97 -10.82 -43.31
CA PRO GA 27 67.39 -11.88 -44.15
C PRO GA 27 65.90 -12.07 -43.95
N LEU GA 28 65.40 -11.81 -42.75
CA LEU GA 28 63.98 -11.97 -42.48
C LEU GA 28 63.13 -10.81 -42.98
N SER GA 29 63.78 -9.75 -43.48
CA SER GA 29 63.10 -8.55 -43.99
C SER GA 29 62.20 -7.93 -42.93
N LEU GA 30 62.72 -7.82 -41.70
CA LEU GA 30 61.94 -7.26 -40.62
C LEU GA 30 61.85 -5.73 -40.70
N GLY GA 31 62.86 -5.08 -41.26
CA GLY GA 31 62.86 -3.63 -41.37
C GLY GA 31 62.36 -3.08 -42.69
N LYS GA 32 61.59 -3.90 -43.43
CA LYS GA 32 61.07 -3.45 -44.73
C LYS GA 32 60.10 -2.29 -44.57
N GLU GA 33 59.28 -2.32 -43.52
CA GLU GA 33 58.32 -1.23 -43.29
C GLU GA 33 59.06 -0.02 -42.74
N PRO GA 34 58.85 1.17 -43.31
CA PRO GA 34 59.56 2.37 -42.80
C PRO GA 34 59.26 2.71 -41.36
N ALA GA 35 58.03 2.50 -40.91
CA ALA GA 35 57.70 2.82 -39.51
C ALA GA 35 58.35 1.84 -38.55
N SER GA 36 58.39 0.55 -38.93
CA SER GA 36 59.00 -0.47 -38.08
C SER GA 36 60.50 -0.27 -37.99
N LEU GA 37 61.13 0.16 -39.09
CA LEU GA 37 62.56 0.39 -39.10
C LEU GA 37 62.93 1.57 -38.21
N LYS GA 38 62.03 2.54 -38.09
CA LYS GA 38 62.29 3.69 -37.24
C LYS GA 38 62.33 3.29 -35.77
N ARG GA 39 61.40 2.43 -35.35
CA ARG GA 39 61.38 1.99 -33.96
C ARG GA 39 62.56 1.06 -33.67
N PHE GA 40 62.91 0.21 -34.65
CA PHE GA 40 64.01 -0.73 -34.46
C PHE GA 40 65.35 -0.03 -34.26
N THR GA 41 65.54 1.15 -34.84
CA THR GA 41 66.80 1.88 -34.67
C THR GA 41 67.00 2.30 -33.23
N GLU GA 42 66.01 2.97 -32.64
CA GLU GA 42 66.13 3.40 -31.25
C GLU GA 42 66.12 2.20 -30.32
N SER GA 43 65.40 1.14 -30.70
CA SER GA 43 65.38 -0.06 -29.88
C SER GA 43 66.76 -0.69 -29.81
N GLU GA 44 67.45 -0.75 -30.96
CA GLU GA 44 68.79 -1.32 -31.00
C GLU GA 44 69.77 -0.45 -30.24
N VAL GA 45 69.67 0.87 -30.38
CA VAL GA 45 70.60 1.77 -29.67
C VAL GA 45 70.42 1.65 -28.17
N ILE GA 46 69.16 1.64 -27.70
CA ILE GA 46 68.88 1.52 -26.27
C ILE GA 46 69.35 0.16 -25.74
N HIS GA 47 69.08 -0.91 -26.51
CA HIS GA 47 69.52 -2.24 -26.11
C HIS GA 47 71.03 -2.32 -26.04
N GLY GA 48 71.71 -1.71 -27.01
CA GLY GA 48 73.16 -1.73 -27.02
C GLY GA 48 73.74 -0.98 -25.84
N ARG GA 49 73.12 0.15 -25.48
CA ARG GA 49 73.59 0.93 -24.34
C ARG GA 49 73.42 0.16 -23.03
N TRP GA 50 72.23 -0.44 -22.84
CA TRP GA 50 71.98 -1.22 -21.63
C TRP GA 50 72.89 -2.43 -21.55
N ALA GA 51 73.11 -3.10 -22.69
CA ALA GA 51 73.98 -4.27 -22.71
C ALA GA 51 75.44 -3.89 -22.46
N MET GA 52 75.85 -2.71 -22.94
CA MET GA 52 77.22 -2.26 -22.68
C MET GA 52 77.43 -2.03 -21.20
N LEU GA 53 76.47 -1.34 -20.56
CA LEU GA 53 76.58 -1.09 -19.13
C LEU GA 53 76.54 -2.40 -18.35
N GLY GA 54 75.66 -3.32 -18.76
CA GLY GA 54 75.55 -4.60 -18.06
C GLY GA 54 76.81 -5.43 -18.17
N VAL GA 55 77.40 -5.49 -19.37
CA VAL GA 55 78.61 -6.27 -19.57
C VAL GA 55 79.77 -5.65 -18.80
N ALA GA 56 79.86 -4.30 -18.79
CA ALA GA 56 80.91 -3.65 -18.04
C ALA GA 56 80.78 -3.92 -16.56
N GLY GA 57 79.55 -3.89 -16.03
CA GLY GA 57 79.35 -4.16 -14.61
C GLY GA 57 79.65 -5.60 -14.25
N SER GA 58 79.20 -6.55 -15.08
CA SER GA 58 79.44 -7.96 -14.83
C SER GA 58 80.93 -8.28 -14.89
N LEU GA 59 81.67 -7.59 -15.75
CA LEU GA 59 83.10 -7.83 -15.82
C LEU GA 59 83.81 -7.19 -14.63
N ALA GA 60 83.40 -5.98 -14.24
CA ALA GA 60 84.05 -5.27 -13.14
C ALA GA 60 83.86 -5.97 -11.80
N VAL GA 61 82.66 -6.51 -11.53
CA VAL GA 61 82.44 -7.17 -10.24
C VAL GA 61 83.32 -8.41 -10.10
N GLU GA 62 83.41 -9.23 -11.15
CA GLU GA 62 84.24 -10.43 -11.07
C GLU GA 62 85.73 -10.09 -11.13
N LEU GA 63 86.08 -8.98 -11.80
CA LEU GA 63 87.49 -8.59 -11.86
C LEU GA 63 87.95 -8.03 -10.52
N LEU GA 64 87.02 -7.48 -9.73
CA LEU GA 64 87.40 -6.95 -8.43
C LEU GA 64 87.28 -7.99 -7.33
N GLY GA 65 86.44 -9.01 -7.52
CA GLY GA 65 86.35 -10.05 -6.50
C GLY GA 65 85.12 -10.02 -5.62
N TYR GA 66 83.96 -9.74 -6.20
CA TYR GA 66 82.71 -9.71 -5.46
C TYR GA 66 81.69 -10.65 -6.08
N GLY GA 67 82.18 -11.81 -6.54
CA GLY GA 67 81.30 -12.80 -7.15
C GLY GA 67 81.01 -12.46 -8.60
N ASN GA 68 80.16 -13.29 -9.21
CA ASN GA 68 79.77 -13.10 -10.59
C ASN GA 68 78.43 -12.38 -10.66
N TRP GA 69 77.96 -12.14 -11.89
CA TRP GA 69 76.69 -11.44 -12.08
C TRP GA 69 75.52 -12.30 -11.61
N TYR GA 70 75.66 -13.63 -11.65
CA TYR GA 70 74.60 -14.51 -11.22
C TYR GA 70 74.52 -14.58 -9.69
N ASP GA 71 75.66 -14.47 -9.01
CA ASP GA 71 75.70 -14.50 -7.56
C ASP GA 71 75.45 -13.14 -6.93
N ALA GA 72 75.30 -12.10 -7.74
CA ALA GA 72 75.04 -10.76 -7.22
C ALA GA 72 73.71 -10.62 -6.48
N PRO GA 73 72.54 -11.10 -6.99
CA PRO GA 73 71.32 -10.91 -6.20
C PRO GA 73 71.05 -12.03 -5.21
N LEU GA 74 72.08 -12.83 -4.90
CA LEU GA 74 71.91 -13.93 -3.97
C LEU GA 74 71.79 -13.50 -2.52
N TRP GA 75 72.07 -12.24 -2.20
CA TRP GA 75 71.96 -11.81 -0.81
C TRP GA 75 70.52 -11.64 -0.36
N ALA GA 76 69.62 -11.21 -1.25
CA ALA GA 76 68.23 -10.99 -0.89
C ALA GA 76 67.41 -12.27 -0.76
N VAL GA 77 67.93 -13.43 -1.14
CA VAL GA 77 67.13 -14.65 -1.03
C VAL GA 77 67.41 -15.44 0.25
N ASN GA 78 68.58 -15.26 0.86
CA ASN GA 78 68.86 -16.02 2.09
C ASN GA 78 69.76 -15.19 3.02
N GLY GA 79 69.11 -14.43 3.91
CA GLY GA 79 69.72 -13.59 4.94
C GLY GA 79 71.03 -12.89 4.64
N GLY GA 80 71.03 -11.95 3.69
CA GLY GA 80 72.25 -11.23 3.34
C GLY GA 80 71.99 -9.76 3.11
N LYS GA 81 73.08 -9.00 3.10
CA LYS GA 81 73.04 -7.56 2.88
C LYS GA 81 73.96 -7.22 1.72
N ALA GA 82 73.48 -6.34 0.84
CA ALA GA 82 74.25 -5.95 -0.33
C ALA GA 82 75.53 -5.20 0.03
N THR GA 83 76.62 -5.56 -0.67
CA THR GA 83 77.92 -4.94 -0.45
C THR GA 83 78.40 -4.34 -1.77
N TRP GA 84 78.54 -3.03 -1.81
CA TRP GA 84 79.00 -2.33 -3.01
C TRP GA 84 80.42 -1.84 -2.76
N PHE GA 85 81.36 -2.34 -3.57
CA PHE GA 85 82.79 -1.99 -3.47
C PHE GA 85 83.34 -2.26 -2.08
N GLY GA 86 82.80 -3.26 -1.40
CA GLY GA 86 83.23 -3.59 -0.05
C GLY GA 86 82.58 -2.72 1.02
N ILE GA 87 81.55 -1.96 0.68
CA ILE GA 87 80.85 -1.08 1.60
C ILE GA 87 79.44 -1.61 1.80
N GLU GA 88 79.00 -1.66 3.06
CA GLU GA 88 77.69 -2.15 3.41
C GLU GA 88 76.59 -1.19 2.96
N VAL GA 89 75.50 -1.74 2.44
CA VAL GA 89 74.36 -0.96 1.96
C VAL GA 89 73.18 -1.24 2.87
N PRO GA 90 72.57 -0.22 3.50
CA PRO GA 90 71.44 -0.43 4.42
C PRO GA 90 70.07 -0.38 3.73
N PHE GA 91 69.87 -1.22 2.72
CA PHE GA 91 68.60 -1.23 2.01
C PHE GA 91 68.13 -2.65 1.74
N ASP GA 92 66.90 -2.93 2.15
CA ASP GA 92 66.29 -4.24 1.95
C ASP GA 92 65.78 -4.34 0.52
N LEU GA 93 65.38 -5.56 0.13
CA LEU GA 93 64.89 -5.81 -1.23
C LEU GA 93 63.63 -5.01 -1.57
N ASN GA 94 62.72 -4.84 -0.60
CA ASN GA 94 61.49 -4.10 -0.85
C ASN GA 94 61.77 -2.63 -1.11
N ALA GA 95 62.72 -2.04 -0.37
CA ALA GA 95 63.04 -0.63 -0.57
C ALA GA 95 63.71 -0.40 -1.92
N LEU GA 96 64.47 -1.38 -2.40
CA LEU GA 96 65.14 -1.24 -3.68
C LEU GA 96 64.13 -1.25 -4.82
N LEU GA 97 63.08 -2.07 -4.71
CA LEU GA 97 62.08 -2.16 -5.76
C LEU GA 97 61.32 -0.85 -5.90
N ALA GA 98 60.96 -0.22 -4.78
CA ALA GA 98 60.23 1.04 -4.82
C ALA GA 98 61.06 2.16 -5.44
N PHE GA 99 62.30 2.31 -4.96
CA PHE GA 99 63.19 3.35 -5.46
C PHE GA 99 63.51 3.16 -6.94
N GLU GA 100 63.91 1.95 -7.33
CA GLU GA 100 64.23 1.68 -8.72
C GLU GA 100 63.01 1.84 -9.62
N PHE GA 101 61.85 1.36 -9.16
CA PHE GA 101 60.65 1.46 -9.97
C PHE GA 101 60.25 2.92 -10.20
N VAL GA 102 60.33 3.75 -9.15
CA VAL GA 102 59.97 5.17 -9.29
C VAL GA 102 60.97 5.89 -10.18
N ALA GA 103 62.28 5.68 -9.95
CA ALA GA 103 63.31 6.34 -10.74
C ALA GA 103 63.26 5.93 -12.21
N MET GA 104 63.15 4.63 -12.47
CA MET GA 104 63.09 4.14 -13.84
C MET GA 104 61.80 4.58 -14.52
N ALA GA 105 60.68 4.61 -13.77
CA ALA GA 105 59.42 5.05 -14.34
C ALA GA 105 59.51 6.51 -14.76
N ALA GA 106 60.13 7.35 -13.93
CA ALA GA 106 60.27 8.77 -14.27
C ALA GA 106 61.18 8.96 -15.48
N ALA GA 107 62.35 8.32 -15.46
CA ALA GA 107 63.31 8.44 -16.55
C ALA GA 107 62.73 7.95 -17.88
N GLU GA 108 62.21 6.71 -17.87
CA GLU GA 108 61.64 6.15 -19.08
C GLU GA 108 60.39 6.90 -19.52
N GLY GA 109 59.63 7.47 -18.58
CA GLY GA 109 58.45 8.23 -18.97
C GLY GA 109 58.81 9.48 -19.72
N GLN GA 110 59.83 10.21 -19.23
CA GLN GA 110 60.27 11.41 -19.94
C GLN GA 110 60.85 11.06 -21.30
N ARG GA 111 61.62 9.96 -21.36
CA ARG GA 111 62.22 9.53 -22.62
C ARG GA 111 61.14 9.13 -23.62
N GLY GA 112 60.12 8.39 -23.16
CA GLY GA 112 59.05 7.99 -24.05
C GLY GA 112 58.20 9.16 -24.51
N ASP GA 113 57.94 10.11 -23.61
CA ASP GA 113 57.17 11.29 -23.96
C ASP GA 113 57.91 12.18 -24.94
N ALA GA 114 59.25 12.08 -24.97
CA ALA GA 114 60.02 12.89 -25.89
C ALA GA 114 59.71 12.58 -27.35
N GLY GA 115 59.30 11.34 -27.66
CA GLY GA 115 58.96 11.00 -29.02
C GLY GA 115 59.97 10.18 -29.79
N GLY GA 116 60.53 9.16 -29.15
CA GLY GA 116 61.52 8.30 -29.81
C GLY GA 116 62.83 8.96 -30.14
N VAL GA 117 63.38 9.76 -29.22
CA VAL GA 117 64.64 10.44 -29.46
C VAL GA 117 65.78 9.47 -29.21
N VAL GA 118 66.71 9.38 -30.17
CA VAL GA 118 67.84 8.49 -30.06
C VAL GA 118 69.09 9.22 -29.59
N TYR GA 119 69.28 10.46 -30.03
CA TYR GA 119 70.44 11.28 -29.68
C TYR GA 119 69.98 12.59 -29.06
N PRO GA 120 69.72 12.60 -27.74
CA PRO GA 120 69.26 13.83 -27.08
C PRO GA 120 70.25 14.98 -27.09
N GLY GA 121 71.46 14.77 -26.57
CA GLY GA 121 72.45 15.82 -26.52
C GLY GA 121 72.13 16.85 -25.46
N GLY GA 122 72.91 17.92 -25.46
CA GLY GA 122 72.70 18.99 -24.49
C GLY GA 122 73.08 18.61 -23.08
N ALA GA 123 72.08 18.42 -22.21
CA ALA GA 123 72.35 18.05 -20.82
C ALA GA 123 73.00 16.68 -20.73
N PHE GA 124 72.75 15.80 -21.71
CA PHE GA 124 73.34 14.47 -21.74
C PHE GA 124 74.73 14.49 -22.34
N ASP GA 125 75.18 15.63 -22.86
CA ASP GA 125 76.51 15.77 -23.46
C ASP GA 125 77.19 16.97 -22.81
N PRO GA 126 77.62 16.82 -21.55
CA PRO GA 126 78.28 17.97 -20.89
C PRO GA 126 79.66 18.27 -21.44
N LEU GA 127 80.35 17.26 -21.97
CA LEU GA 127 81.68 17.46 -22.52
C LEU GA 127 81.64 18.01 -23.95
N GLY GA 128 80.49 17.96 -24.61
CA GLY GA 128 80.38 18.46 -25.97
C GLY GA 128 81.21 17.72 -27.00
N PHE GA 129 81.17 16.39 -26.97
CA PHE GA 129 81.93 15.59 -27.92
C PHE GA 129 81.22 15.41 -29.26
N ALA GA 130 79.94 15.74 -29.34
CA ALA GA 130 79.16 15.61 -30.57
C ALA GA 130 78.42 16.89 -30.89
N LYS GA 131 79.13 18.03 -30.76
CA LYS GA 131 78.52 19.33 -31.04
C LYS GA 131 78.19 19.49 -32.53
N ASP GA 132 79.11 19.08 -33.39
CA ASP GA 132 78.90 19.17 -34.83
C ASP GA 132 78.37 17.84 -35.37
N SER GA 133 77.37 17.91 -36.24
CA SER GA 133 76.76 16.73 -36.82
C SER GA 133 77.58 16.10 -37.92
N SER GA 134 78.64 16.77 -38.38
CA SER GA 134 79.48 16.21 -39.44
C SER GA 134 80.42 15.15 -38.89
N LYS GA 135 80.92 15.36 -37.67
CA LYS GA 135 81.83 14.41 -37.04
C LYS GA 135 81.12 13.39 -36.16
N SER GA 136 79.79 13.43 -36.07
CA SER GA 136 79.11 12.46 -35.24
C SER GA 136 78.90 11.14 -35.97
N GLY GA 137 79.11 11.12 -37.28
CA GLY GA 137 78.94 9.89 -38.04
C GLY GA 137 79.96 8.83 -37.69
N GLU GA 138 81.22 9.24 -37.54
CA GLU GA 138 82.27 8.27 -37.22
C GLU GA 138 82.20 7.85 -35.75
N LEU GA 139 81.47 8.58 -34.93
CA LEU GA 139 81.35 8.22 -33.52
C LEU GA 139 80.10 7.40 -33.24
N LYS GA 140 79.04 7.57 -34.05
CA LYS GA 140 77.82 6.79 -33.86
C LYS GA 140 78.03 5.32 -34.25
N LEU GA 141 78.87 5.09 -35.26
CA LEU GA 141 79.16 3.73 -35.70
C LEU GA 141 79.84 2.96 -34.59
N LYS GA 142 80.74 3.62 -33.86
CA LYS GA 142 81.43 2.98 -32.75
C LYS GA 142 80.44 2.58 -31.66
N GLU GA 143 79.46 3.45 -31.38
CA GLU GA 143 78.47 3.15 -30.37
C GLU GA 143 77.61 1.97 -30.76
N ILE GA 144 77.14 1.93 -32.01
CA ILE GA 144 76.29 0.81 -32.42
C ILE GA 144 77.08 -0.49 -32.50
N LYS GA 145 78.35 -0.43 -32.93
CA LYS GA 145 79.14 -1.65 -33.02
C LYS GA 145 79.49 -2.18 -31.64
N ASN GA 146 79.86 -1.28 -30.71
CA ASN GA 146 80.15 -1.72 -29.35
C ASN GA 146 78.89 -2.23 -28.67
N GLY GA 147 77.73 -1.64 -29.01
CA GLY GA 147 76.48 -2.10 -28.43
C GLY GA 147 76.12 -3.48 -28.91
N ARG GA 148 76.29 -3.75 -30.22
CA ARG GA 148 75.98 -5.08 -30.75
C ARG GA 148 76.94 -6.11 -30.17
N LEU GA 149 78.22 -5.74 -30.05
CA LEU GA 149 79.20 -6.64 -29.48
C LEU GA 149 78.89 -6.95 -28.02
N ALA GA 150 78.47 -5.94 -27.27
CA ALA GA 150 78.14 -6.15 -25.87
C ALA GA 150 76.86 -6.97 -25.73
N MET GA 151 75.93 -6.83 -26.68
CA MET GA 151 74.71 -7.62 -26.65
C MET GA 151 75.05 -9.10 -26.83
N VAL GA 152 75.94 -9.38 -27.79
CA VAL GA 152 76.38 -10.74 -28.04
C VAL GA 152 77.15 -11.27 -26.83
N ALA GA 153 77.97 -10.40 -26.21
CA ALA GA 153 78.75 -10.79 -25.05
C ALA GA 153 77.85 -11.14 -23.86
N PHE GA 154 76.80 -10.35 -23.63
CA PHE GA 154 75.90 -10.66 -22.51
C PHE GA 154 75.12 -11.94 -22.78
N LEU GA 155 74.70 -12.15 -24.03
CA LEU GA 155 74.00 -13.37 -24.38
C LEU GA 155 74.93 -14.56 -24.16
N GLY GA 156 76.20 -14.38 -24.50
CA GLY GA 156 77.17 -15.43 -24.28
C GLY GA 156 77.40 -15.69 -22.80
N PHE GA 157 77.36 -14.62 -22.00
CA PHE GA 157 77.53 -14.75 -20.55
C PHE GA 157 76.43 -15.63 -19.97
N VAL GA 158 75.19 -15.34 -20.37
CA VAL GA 158 74.04 -16.11 -19.89
C VAL GA 158 74.12 -17.55 -20.36
N ALA GA 159 74.47 -17.75 -21.63
CA ALA GA 159 74.55 -19.10 -22.19
C ALA GA 159 75.65 -19.92 -21.53
N GLN GA 160 76.85 -19.33 -21.37
CA GLN GA 160 77.94 -20.07 -20.77
C GLN GA 160 77.67 -20.35 -19.29
N HIS GA 161 76.97 -19.44 -18.61
CA HIS GA 161 76.67 -19.70 -17.21
C HIS GA 161 75.65 -20.83 -17.09
N ALA GA 162 74.58 -20.78 -17.89
CA ALA GA 162 73.57 -21.83 -17.86
C ALA GA 162 74.10 -23.18 -18.33
N ALA GA 163 75.19 -23.20 -19.11
CA ALA GA 163 75.74 -24.46 -19.57
C ALA GA 163 76.95 -24.94 -18.77
N THR GA 164 77.56 -24.10 -17.92
CA THR GA 164 78.71 -24.58 -17.16
C THR GA 164 78.61 -24.37 -15.66
N GLY GA 165 78.05 -23.25 -15.21
CA GLY GA 165 77.95 -22.97 -13.79
C GLY GA 165 78.99 -22.01 -13.26
N LYS GA 166 79.86 -21.48 -14.10
CA LYS GA 166 80.92 -20.56 -13.70
C LYS GA 166 80.69 -19.19 -14.32
N GLY GA 167 81.33 -18.19 -13.72
CA GLY GA 167 81.22 -16.82 -14.18
C GLY GA 167 82.01 -16.57 -15.44
N PRO GA 168 81.83 -15.37 -16.00
CA PRO GA 168 82.55 -15.02 -17.25
C PRO GA 168 84.06 -15.06 -17.14
N ILE GA 169 84.64 -14.57 -16.04
CA ILE GA 169 86.10 -14.60 -15.92
C ILE GA 169 86.56 -16.04 -15.65
N ALA GA 170 85.77 -16.79 -14.88
CA ALA GA 170 86.12 -18.18 -14.58
C ALA GA 170 86.14 -19.03 -15.85
N ALA GA 171 85.22 -18.76 -16.77
CA ALA GA 171 85.21 -19.51 -18.03
C ALA GA 171 86.39 -19.10 -18.90
N LEU GA 172 86.85 -17.86 -18.75
CA LEU GA 172 88.00 -17.39 -19.53
C LEU GA 172 89.29 -18.01 -19.01
N GLY GA 173 89.45 -18.08 -17.69
CA GLY GA 173 90.65 -18.67 -17.13
C GLY GA 173 90.77 -20.15 -17.44
N GLU GA 174 89.65 -20.87 -17.35
CA GLU GA 174 89.65 -22.30 -17.65
C GLU GA 174 89.96 -22.53 -19.12
N HIS GA 175 89.41 -21.68 -20.00
CA HIS GA 175 89.68 -21.82 -21.42
C HIS GA 175 91.13 -21.47 -21.75
N LEU GA 176 91.71 -20.51 -21.01
CA LEU GA 176 93.11 -20.18 -21.26
C LEU GA 176 94.00 -21.29 -20.73
N ALA GA 177 93.53 -22.01 -19.71
CA ALA GA 177 94.31 -23.12 -19.17
C ALA GA 177 94.28 -24.32 -20.10
N ASN GA 178 93.11 -24.61 -20.67
CA ASN GA 178 92.93 -25.73 -21.60
C ASN GA 178 91.95 -25.31 -22.68
N PRO GA 179 92.45 -24.75 -23.79
CA PRO GA 179 91.55 -24.31 -24.87
C PRO GA 179 90.88 -25.45 -25.61
N TRP GA 180 91.71 -26.38 -26.08
CA TRP GA 180 91.20 -27.52 -26.82
C TRP GA 180 90.36 -28.45 -25.95
N GLY GA 181 90.71 -28.61 -24.69
CA GLY GA 181 89.98 -29.49 -23.80
C GLY GA 181 88.83 -28.89 -23.03
N ALA GA 182 88.64 -27.58 -23.06
CA ALA GA 182 87.54 -26.97 -22.31
C ALA GA 182 86.94 -25.85 -23.15
N ASN GA 183 85.83 -26.14 -23.82
CA ASN GA 183 85.14 -25.18 -24.65
C ASN GA 183 83.66 -25.54 -24.63
N PHE GA 184 82.88 -24.99 -25.57
CA PHE GA 184 81.46 -25.29 -25.59
C PHE GA 184 81.19 -26.71 -26.10
N ALA GA 185 82.11 -27.29 -26.85
CA ALA GA 185 81.92 -28.63 -27.38
C ALA GA 185 82.34 -29.70 -26.39
N THR GA 186 82.75 -29.32 -25.18
CA THR GA 186 83.16 -30.27 -24.16
C THR GA 186 82.36 -30.15 -22.87
N ASN GA 187 81.39 -29.23 -22.80
CA ASN GA 187 80.60 -29.10 -21.58
C ASN GA 187 79.50 -30.15 -21.48
N GLY GA 188 79.14 -30.80 -22.58
CA GLY GA 188 78.09 -31.80 -22.56
C GLY GA 188 76.70 -31.25 -22.57
N ILE GA 189 76.55 -29.92 -22.65
CA ILE GA 189 75.26 -29.25 -22.66
C ILE GA 189 74.95 -28.63 -24.02
N SER GA 190 75.95 -27.95 -24.60
CA SER GA 190 75.76 -27.31 -25.90
C SER GA 190 75.44 -28.30 -27.01
N VAL GA 191 76.39 -29.16 -27.37
CA VAL GA 191 76.16 -30.16 -28.42
C VAL GA 191 76.00 -31.50 -27.72
N PRO GA 192 74.80 -32.07 -27.66
CA PRO GA 192 74.62 -33.35 -26.95
C PRO GA 192 75.31 -34.54 -27.59
N PHE GA 193 75.46 -34.60 -28.91
CA PHE GA 193 76.09 -35.79 -29.49
C PHE GA 193 77.61 -35.71 -29.54
N PHE GA 194 78.22 -34.64 -29.06
CA PHE GA 194 79.68 -34.57 -29.09
C PHE GA 194 80.24 -35.36 -27.92
N LYS HA 1 114.10 -2.32 -61.24
CA LYS HA 1 113.94 -3.55 -60.49
C LYS HA 1 115.30 -4.10 -60.08
N ALA HA 2 115.33 -4.85 -58.98
CA ALA HA 2 116.59 -5.41 -58.48
C ALA HA 2 117.06 -6.62 -59.27
N GLY HA 3 116.24 -7.14 -60.17
CA GLY HA 3 116.63 -8.30 -60.95
C GLY HA 3 115.41 -9.15 -61.29
N ASN HA 4 115.67 -10.43 -61.54
CA ASN HA 4 114.62 -11.38 -61.87
C ASN HA 4 114.76 -12.59 -60.96
N TRP HA 5 113.65 -13.01 -60.37
CA TRP HA 5 113.69 -14.18 -59.50
C TRP HA 5 113.88 -15.45 -60.31
N LEU HA 6 113.20 -15.56 -61.45
CA LEU HA 6 113.29 -16.73 -62.31
C LEU HA 6 113.95 -16.28 -63.60
N PRO HA 7 115.18 -16.70 -63.87
CA PRO HA 7 115.85 -16.29 -65.12
C PRO HA 7 115.10 -16.79 -66.34
N GLY HA 8 115.04 -15.94 -67.36
CA GLY HA 8 114.34 -16.26 -68.59
C GLY HA 8 112.86 -15.95 -68.57
N SER HA 9 112.27 -15.69 -67.41
CA SER HA 9 110.86 -15.36 -67.29
C SER HA 9 110.70 -13.85 -67.23
N ASP HA 10 109.65 -13.37 -67.89
CA ASP HA 10 109.34 -11.96 -67.94
C ASP HA 10 108.59 -11.54 -66.67
N ALA HA 11 108.94 -10.37 -66.14
CA ALA HA 11 108.31 -9.86 -64.94
C ALA HA 11 106.86 -9.49 -65.21
N PRO HA 12 106.01 -9.47 -64.18
CA PRO HA 12 104.59 -9.09 -64.40
C PRO HA 12 104.46 -7.64 -64.83
N ALA HA 13 103.39 -7.37 -65.58
CA ALA HA 13 103.13 -6.04 -66.09
C ALA HA 13 102.48 -5.11 -65.07
N TRP HA 14 102.12 -5.61 -63.89
CA TRP HA 14 101.50 -4.77 -62.87
C TRP HA 14 102.43 -4.39 -61.74
N LEU HA 15 103.70 -4.79 -61.80
CA LEU HA 15 104.63 -4.45 -60.74
C LEU HA 15 105.46 -3.25 -61.17
N PRO HA 16 105.35 -2.11 -60.49
CA PRO HA 16 106.15 -0.93 -60.87
C PRO HA 16 107.64 -1.18 -60.66
N ASP HA 17 108.44 -0.63 -61.58
CA ASP HA 17 109.89 -0.81 -61.52
C ASP HA 17 110.53 -0.03 -60.38
N ASP HA 18 110.00 1.14 -60.04
CA ASP HA 18 110.55 1.95 -58.97
C ASP HA 18 110.29 1.39 -57.57
N LEU HA 19 109.50 0.33 -57.46
CA LEU HA 19 109.23 -0.27 -56.15
C LEU HA 19 110.50 -0.88 -55.59
N PRO HA 20 110.80 -0.69 -54.31
CA PRO HA 20 112.03 -1.27 -53.75
C PRO HA 20 111.94 -2.78 -53.61
N GLY HA 21 113.03 -3.46 -53.98
CA GLY HA 21 113.04 -4.91 -53.90
C GLY HA 21 112.19 -5.60 -54.94
N ASN HA 22 111.98 -4.95 -56.07
CA ASN HA 22 111.17 -5.49 -57.16
C ASN HA 22 112.02 -6.54 -57.88
N TYR HA 23 111.63 -7.80 -57.76
CA TYR HA 23 112.31 -8.91 -58.41
C TYR HA 23 111.40 -9.60 -59.40
N GLY HA 24 110.17 -9.13 -59.55
CA GLY HA 24 109.23 -9.75 -60.47
C GLY HA 24 108.71 -11.07 -59.96
N PHE HA 25 108.75 -11.30 -58.65
CA PHE HA 25 108.28 -12.54 -58.05
C PHE HA 25 106.84 -12.39 -57.60
N ASP HA 26 105.92 -12.89 -58.42
CA ASP HA 26 104.50 -12.87 -58.14
C ASP HA 26 103.78 -13.92 -58.97
N PRO HA 27 104.00 -15.22 -58.73
CA PRO HA 27 103.31 -16.22 -59.55
C PRO HA 27 101.84 -16.35 -59.25
N LEU HA 28 101.40 -15.90 -58.08
CA LEU HA 28 100.00 -15.98 -57.69
C LEU HA 28 99.21 -14.72 -58.05
N SER HA 29 99.90 -13.66 -58.50
CA SER HA 29 99.28 -12.39 -58.89
C SER HA 29 98.42 -11.80 -57.77
N LEU HA 30 98.94 -11.83 -56.54
CA LEU HA 30 98.18 -11.32 -55.40
C LEU HA 30 98.15 -9.79 -55.41
N GLY HA 31 99.20 -9.15 -55.90
CA GLY HA 31 99.27 -7.71 -55.94
C GLY HA 31 98.82 -7.14 -57.28
N LYS HA 32 97.82 -7.79 -57.89
CA LYS HA 32 97.31 -7.35 -59.18
C LYS HA 32 96.67 -5.98 -59.10
N GLU HA 33 95.85 -5.76 -58.07
CA GLU HA 33 95.20 -4.46 -57.94
C GLU HA 33 96.13 -3.49 -57.23
N PRO HA 34 96.22 -2.24 -57.70
CA PRO HA 34 97.09 -1.25 -57.04
C PRO HA 34 96.71 -0.95 -55.60
N ALA HA 35 95.41 -1.05 -55.27
CA ALA HA 35 94.99 -0.81 -53.90
C ALA HA 35 95.50 -1.90 -52.97
N SER HA 36 95.48 -3.14 -53.44
CA SER HA 36 95.97 -4.25 -52.63
C SER HA 36 97.49 -4.26 -52.60
N LEU HA 37 98.13 -3.78 -53.66
CA LEU HA 37 99.58 -3.75 -53.74
C LEU HA 37 100.16 -2.77 -52.72
N LYS HA 38 99.50 -1.63 -52.53
CA LYS HA 38 99.97 -0.63 -51.57
C LYS HA 38 99.89 -1.16 -50.14
N ARG HA 39 98.75 -1.78 -49.81
CA ARG HA 39 98.58 -2.35 -48.47
C ARG HA 39 99.56 -3.48 -48.24
N PHE HA 40 99.75 -4.34 -49.25
CA PHE HA 40 100.70 -5.44 -49.11
C PHE HA 40 102.13 -4.91 -49.02
N THR HA 41 102.41 -3.78 -49.66
CA THR HA 41 103.75 -3.21 -49.59
C THR HA 41 104.04 -2.72 -48.17
N GLU HA 42 103.09 -1.99 -47.59
CA GLU HA 42 103.27 -1.51 -46.21
C GLU HA 42 103.34 -2.69 -45.25
N SER HA 43 102.52 -3.71 -45.49
CA SER HA 43 102.51 -4.89 -44.63
C SER HA 43 103.84 -5.63 -44.72
N GLU HA 44 104.41 -5.72 -45.93
CA GLU HA 44 105.69 -6.38 -46.10
C GLU HA 44 106.82 -5.64 -45.42
N VAL HA 45 106.81 -4.30 -45.52
CA VAL HA 45 107.86 -3.51 -44.87
C VAL HA 45 107.77 -3.64 -43.35
N ILE HA 46 106.55 -3.56 -42.81
CA ILE HA 46 106.36 -3.68 -41.36
C ILE HA 46 106.74 -5.09 -40.89
N HIS HA 47 106.40 -6.10 -41.69
CA HIS HA 47 106.74 -7.48 -41.36
C HIS HA 47 108.25 -7.66 -41.34
N GLY HA 48 108.94 -7.06 -42.31
CA GLY HA 48 110.38 -7.16 -42.35
C GLY HA 48 111.04 -6.49 -41.18
N ARG HA 49 110.53 -5.33 -40.78
CA ARG HA 49 111.11 -4.62 -39.63
C ARG HA 49 110.92 -5.42 -38.34
N TRP HA 50 109.71 -5.96 -38.14
CA TRP HA 50 109.45 -6.75 -36.94
C TRP HA 50 110.25 -8.05 -36.97
N ALA HA 51 110.41 -8.65 -38.15
CA ALA HA 51 111.19 -9.87 -38.27
C ALA HA 51 112.66 -9.61 -37.99
N MET HA 52 113.17 -8.45 -38.43
CA MET HA 52 114.56 -8.11 -38.15
C MET HA 52 114.78 -7.96 -36.65
N LEU HA 53 113.86 -7.25 -35.98
CA LEU HA 53 113.97 -7.07 -34.53
C LEU HA 53 113.87 -8.41 -33.81
N GLY HA 54 112.95 -9.27 -34.26
CA GLY HA 54 112.79 -10.57 -33.62
C GLY HA 54 113.98 -11.48 -33.78
N VAL HA 55 114.53 -11.55 -35.00
CA VAL HA 55 115.70 -12.39 -35.24
C VAL HA 55 116.90 -11.88 -34.47
N ALA HA 56 117.10 -10.55 -34.46
CA ALA HA 56 118.22 -9.97 -33.72
C ALA HA 56 118.08 -10.24 -32.22
N GLY HA 57 116.85 -10.12 -31.70
CA GLY HA 57 116.63 -10.38 -30.29
C GLY HA 57 116.83 -11.83 -29.91
N SER HA 58 116.37 -12.76 -30.75
CA SER HA 58 116.55 -14.17 -30.46
C SER HA 58 118.02 -14.56 -30.49
N LEU HA 59 118.75 -14.09 -31.51
CA LEU HA 59 120.16 -14.40 -31.62
C LEU HA 59 120.96 -13.78 -30.48
N ALA HA 60 120.61 -12.54 -30.09
CA ALA HA 60 121.32 -11.88 -29.01
C ALA HA 60 121.07 -12.57 -27.67
N VAL HA 61 119.80 -12.90 -27.37
CA VAL HA 61 119.50 -13.54 -26.09
C VAL HA 61 120.10 -14.94 -26.04
N GLU HA 62 120.18 -15.65 -27.17
CA GLU HA 62 120.79 -16.97 -27.11
C GLU HA 62 122.30 -16.92 -27.05
N LEU HA 63 122.93 -15.93 -27.69
CA LEU HA 63 124.38 -15.81 -27.65
C LEU HA 63 124.86 -15.24 -26.32
N LEU HA 64 123.97 -14.59 -25.57
CA LEU HA 64 124.36 -14.03 -24.28
C LEU HA 64 124.14 -15.00 -23.13
N GLY HA 65 123.73 -16.23 -23.41
CA GLY HA 65 123.52 -17.22 -22.37
C GLY HA 65 122.27 -17.06 -21.52
N TYR HA 66 121.25 -16.36 -22.02
CA TYR HA 66 120.02 -16.15 -21.28
C TYR HA 66 118.89 -17.03 -21.80
N GLY HA 67 119.24 -18.23 -22.27
CA GLY HA 67 118.24 -19.15 -22.78
C GLY HA 67 117.89 -18.87 -24.23
N ASN HA 68 117.25 -19.85 -24.85
CA ASN HA 68 116.84 -19.71 -26.23
C ASN HA 68 115.57 -18.86 -26.31
N TRP HA 69 115.13 -18.58 -27.54
CA TRP HA 69 113.94 -17.76 -27.73
C TRP HA 69 112.67 -18.49 -27.30
N TYR HA 70 112.69 -19.82 -27.31
CA TYR HA 70 111.51 -20.59 -26.93
C TYR HA 70 111.28 -20.59 -25.42
N ASP HA 71 112.36 -20.54 -24.63
CA ASP HA 71 112.22 -20.52 -23.17
C ASP HA 71 112.12 -19.11 -22.61
N ALA HA 72 111.70 -18.15 -23.42
CA ALA HA 72 111.55 -16.78 -22.91
C ALA HA 72 110.31 -16.60 -22.03
N PRO HA 73 109.08 -16.94 -22.44
CA PRO HA 73 107.96 -16.76 -21.52
C PRO HA 73 107.74 -17.91 -20.56
N LEU HA 74 108.73 -18.80 -20.41
CA LEU HA 74 108.61 -19.96 -19.52
C LEU HA 74 108.55 -19.55 -18.05
N TRP HA 75 108.99 -18.34 -17.70
CA TRP HA 75 108.93 -17.92 -16.30
C TRP HA 75 107.50 -17.66 -15.85
N ALA HA 76 106.59 -17.39 -16.80
CA ALA HA 76 105.19 -17.12 -16.51
C ALA HA 76 104.29 -18.34 -16.73
N VAL HA 77 104.86 -19.52 -16.95
CA VAL HA 77 104.08 -20.73 -17.15
C VAL HA 77 103.99 -21.47 -15.82
N ASN HA 78 105.09 -21.47 -15.07
CA ASN HA 78 105.17 -22.13 -13.78
C ASN HA 78 105.27 -21.16 -12.61
N GLY HA 79 105.37 -19.86 -12.87
CA GLY HA 79 105.49 -18.88 -11.82
C GLY HA 79 106.93 -18.50 -11.57
N GLY HA 80 107.28 -17.24 -11.81
CA GLY HA 80 108.64 -16.77 -11.62
C GLY HA 80 108.70 -15.28 -11.85
N LYS HA 81 109.92 -14.79 -12.10
CA LYS HA 81 110.17 -13.39 -12.35
C LYS HA 81 111.07 -13.25 -13.57
N ALA HA 82 110.74 -12.31 -14.45
CA ALA HA 82 111.54 -12.10 -15.65
C ALA HA 82 112.83 -11.38 -15.33
N THR HA 83 113.88 -11.68 -16.09
CA THR HA 83 115.19 -11.07 -15.90
C THR HA 83 115.75 -10.60 -17.23
N TRP HA 84 115.88 -9.29 -17.37
CA TRP HA 84 116.42 -8.67 -18.58
C TRP HA 84 117.88 -8.34 -18.29
N PHE HA 85 118.79 -8.98 -19.05
CA PHE HA 85 120.24 -8.81 -18.91
C PHE HA 85 120.71 -9.19 -17.50
N GLY HA 86 120.00 -10.12 -16.86
CA GLY HA 86 120.32 -10.54 -15.53
C GLY HA 86 119.72 -9.69 -14.42
N ILE HA 87 118.99 -8.63 -14.76
CA ILE HA 87 118.38 -7.74 -13.79
C ILE HA 87 116.92 -8.13 -13.63
N GLU HA 88 116.49 -8.33 -12.38
CA GLU HA 88 115.13 -8.75 -12.06
C GLU HA 88 114.10 -7.70 -12.48
N VAL HA 89 112.93 -8.18 -12.86
CA VAL HA 89 111.81 -7.36 -13.30
C VAL HA 89 110.61 -7.69 -12.43
N PRO HA 90 109.98 -6.70 -11.77
CA PRO HA 90 108.85 -7.01 -10.89
C PRO HA 90 107.47 -7.01 -11.53
N PHE HA 91 107.36 -7.14 -12.84
CA PHE HA 91 106.05 -7.13 -13.49
C PHE HA 91 105.59 -8.55 -13.84
N ASP HA 92 104.34 -8.85 -13.52
CA ASP HA 92 103.77 -10.16 -13.83
C ASP HA 92 103.10 -10.14 -15.20
N LEU HA 93 102.69 -11.33 -15.64
CA LEU HA 93 102.06 -11.48 -16.95
C LEU HA 93 100.77 -10.68 -17.07
N ASN HA 94 99.99 -10.59 -15.99
CA ASN HA 94 98.73 -9.86 -16.04
C ASN HA 94 98.96 -8.36 -16.25
N ALA HA 95 100.02 -7.80 -15.65
CA ALA HA 95 100.28 -6.38 -15.82
C ALA HA 95 101.06 -6.09 -17.09
N LEU HA 96 101.84 -7.05 -17.58
CA LEU HA 96 102.62 -6.83 -18.80
C LEU HA 96 101.73 -6.73 -20.03
N LEU HA 97 100.67 -7.55 -20.07
CA LEU HA 97 99.75 -7.53 -21.21
C LEU HA 97 99.00 -6.21 -21.29
N ALA HA 98 98.68 -5.62 -20.14
CA ALA HA 98 97.93 -4.37 -20.12
C ALA HA 98 98.75 -3.22 -20.68
N PHE HA 99 99.97 -3.02 -20.17
CA PHE HA 99 100.81 -1.93 -20.64
C PHE HA 99 101.21 -2.11 -22.11
N GLU HA 100 101.58 -3.33 -22.49
CA GLU HA 100 101.96 -3.60 -23.87
C GLU HA 100 100.78 -3.38 -24.81
N PHE HA 101 99.60 -3.84 -24.41
CA PHE HA 101 98.41 -3.68 -25.24
C PHE HA 101 98.05 -2.20 -25.40
N VAL HA 102 98.11 -1.44 -24.31
CA VAL HA 102 97.77 -0.01 -24.38
C VAL HA 102 98.76 0.75 -25.24
N ALA HA 103 100.06 0.55 -24.98
CA ALA HA 103 101.10 1.25 -25.74
C ALA HA 103 101.09 0.86 -27.21
N MET HA 104 100.97 -0.44 -27.50
CA MET HA 104 100.96 -0.88 -28.89
C MET HA 104 99.71 -0.41 -29.61
N ALA HA 105 98.56 -0.41 -28.93
CA ALA HA 105 97.33 0.05 -29.55
C ALA HA 105 97.42 1.54 -29.88
N ALA HA 106 97.99 2.33 -28.97
CA ALA HA 106 98.11 3.77 -29.22
C ALA HA 106 99.08 4.05 -30.37
N ALA HA 107 100.25 3.39 -30.36
CA ALA HA 107 101.23 3.60 -31.42
C ALA HA 107 100.73 3.13 -32.78
N GLU HA 108 100.12 1.94 -32.82
CA GLU HA 108 99.60 1.41 -34.07
C GLU HA 108 98.42 2.22 -34.56
N GLY HA 109 97.62 2.79 -33.64
CA GLY HA 109 96.50 3.62 -34.06
C GLY HA 109 97.01 4.89 -34.70
N GLN HA 110 98.03 5.51 -34.10
CA GLN HA 110 98.61 6.72 -34.67
C GLN HA 110 99.25 6.44 -36.03
N ARG HA 111 99.87 5.27 -36.17
CA ARG HA 111 100.50 4.91 -37.44
C ARG HA 111 99.47 4.62 -38.52
N GLY HA 112 98.40 3.90 -38.17
CA GLY HA 112 97.39 3.56 -39.17
C GLY HA 112 96.46 4.72 -39.52
N ASP HA 113 96.37 5.74 -38.66
CA ASP HA 113 95.48 6.85 -38.97
C ASP HA 113 96.04 7.77 -40.04
N ALA HA 114 97.29 7.58 -40.46
CA ALA HA 114 97.90 8.41 -41.50
C ALA HA 114 97.50 7.97 -42.90
N GLY HA 115 96.91 6.79 -43.05
CA GLY HA 115 96.50 6.32 -44.37
C GLY HA 115 97.48 5.36 -45.01
N GLY HA 116 98.29 4.69 -44.19
CA GLY HA 116 99.26 3.74 -44.68
C GLY HA 116 100.57 4.34 -45.13
N VAL HA 117 101.26 5.06 -44.25
CA VAL HA 117 102.56 5.66 -44.55
C VAL HA 117 103.63 4.62 -44.29
N VAL HA 118 104.42 4.31 -45.33
CA VAL HA 118 105.47 3.31 -45.23
C VAL HA 118 106.80 3.92 -44.79
N TYR HA 119 107.13 5.10 -45.28
CA TYR HA 119 108.40 5.78 -44.96
C TYR HA 119 108.10 7.15 -44.36
N PRO HA 120 107.84 7.21 -43.06
CA PRO HA 120 107.51 8.53 -42.45
C PRO HA 120 108.68 9.49 -42.36
N GLY HA 121 109.80 9.06 -41.76
CA GLY HA 121 110.94 9.94 -41.61
C GLY HA 121 110.66 10.97 -40.52
N GLY HA 122 111.39 12.08 -40.59
CA GLY HA 122 111.24 13.15 -39.63
C GLY HA 122 111.71 12.82 -38.23
N ALA HA 123 110.75 12.60 -37.33
CA ALA HA 123 111.09 12.25 -35.95
C ALA HA 123 111.75 10.89 -35.86
N PHE HA 124 111.40 9.97 -36.77
CA PHE HA 124 111.99 8.63 -36.76
C PHE HA 124 113.34 8.59 -37.47
N ASP HA 125 113.77 9.68 -38.07
CA ASP HA 125 115.06 9.78 -38.76
C ASP HA 125 115.79 11.00 -38.23
N PRO HA 126 116.30 10.95 -37.00
CA PRO HA 126 117.00 12.13 -36.48
C PRO HA 126 118.39 12.31 -37.06
N LEU HA 127 119.06 11.23 -37.46
CA LEU HA 127 120.40 11.34 -38.02
C LEU HA 127 120.40 11.83 -39.46
N GLY HA 128 119.25 11.85 -40.12
CA GLY HA 128 119.17 12.30 -41.49
C GLY HA 128 119.88 11.41 -42.49
N PHE HA 129 119.71 10.10 -42.37
CA PHE HA 129 120.34 9.18 -43.31
C PHE HA 129 119.64 9.15 -44.66
N ALA HA 130 118.46 9.76 -44.77
CA ALA HA 130 117.70 9.81 -46.00
C ALA HA 130 117.30 11.24 -46.32
N LYS HA 131 118.27 12.17 -46.24
CA LYS HA 131 117.97 13.58 -46.52
C LYS HA 131 117.75 13.80 -48.01
N ASP HA 132 118.53 13.13 -48.85
CA ASP HA 132 118.39 13.25 -50.29
C ASP HA 132 117.68 12.02 -50.83
N SER HA 133 116.67 12.25 -51.67
CA SER HA 133 115.87 11.16 -52.23
C SER HA 133 116.61 10.33 -53.27
N SER HA 134 117.81 10.75 -53.69
CA SER HA 134 118.55 9.97 -54.68
C SER HA 134 119.06 8.67 -54.10
N LYS HA 135 119.59 8.72 -52.87
CA LYS HA 135 120.11 7.53 -52.20
C LYS HA 135 119.08 6.89 -51.27
N SER HA 136 117.88 7.44 -51.18
CA SER HA 136 116.86 6.87 -50.31
C SER HA 136 116.34 5.55 -50.88
N GLY HA 137 116.31 5.42 -52.20
CA GLY HA 137 115.82 4.20 -52.81
C GLY HA 137 116.77 3.03 -52.68
N GLU HA 138 118.08 3.32 -52.65
CA GLU HA 138 119.07 2.25 -52.53
C GLU HA 138 119.00 1.60 -51.16
N LEU HA 139 118.88 2.41 -50.11
CA LEU HA 139 118.80 1.85 -48.76
C LEU HA 139 117.48 1.12 -48.55
N LYS HA 140 116.43 1.50 -49.29
CA LYS HA 140 115.15 0.82 -49.17
C LYS HA 140 115.26 -0.61 -49.70
N LEU HA 141 116.08 -0.80 -50.73
CA LEU HA 141 116.30 -2.13 -51.28
C LEU HA 141 116.98 -3.01 -50.24
N LYS HA 142 117.97 -2.45 -49.54
CA LYS HA 142 118.67 -3.18 -48.49
C LYS HA 142 117.72 -3.50 -47.35
N GLU HA 143 116.84 -2.55 -47.01
CA GLU HA 143 115.88 -2.74 -45.93
C GLU HA 143 114.91 -3.87 -46.23
N ILE HA 144 114.33 -3.87 -47.43
CA ILE HA 144 113.38 -4.92 -47.79
C ILE HA 144 114.08 -6.26 -47.96
N LYS HA 145 115.33 -6.28 -48.43
CA LYS HA 145 116.04 -7.55 -48.58
C LYS HA 145 116.39 -8.13 -47.21
N ASN HA 146 116.83 -7.28 -46.28
CA ASN HA 146 117.14 -7.73 -44.94
C ASN HA 146 115.88 -8.21 -44.24
N GLY HA 147 114.75 -7.55 -44.52
CA GLY HA 147 113.49 -7.98 -43.93
C GLY HA 147 113.04 -9.32 -44.47
N ARG HA 148 113.23 -9.56 -45.77
CA ARG HA 148 112.86 -10.85 -46.35
C ARG HA 148 113.73 -11.96 -45.76
N LEU HA 149 115.03 -11.68 -45.61
CA LEU HA 149 115.94 -12.65 -45.01
C LEU HA 149 115.57 -12.91 -43.56
N ALA HA 150 115.16 -11.86 -42.84
CA ALA HA 150 114.76 -12.01 -41.43
C ALA HA 150 113.49 -12.83 -41.30
N MET HA 151 112.52 -12.63 -42.20
CA MET HA 151 111.29 -13.40 -42.15
C MET HA 151 111.57 -14.88 -42.42
N VAL HA 152 112.43 -15.14 -43.41
CA VAL HA 152 112.81 -16.52 -43.73
C VAL HA 152 113.56 -17.13 -42.55
N ALA HA 153 114.42 -16.34 -41.90
CA ALA HA 153 115.18 -16.82 -40.74
C ALA HA 153 114.26 -17.15 -39.57
N PHE HA 154 113.24 -16.32 -39.32
CA PHE HA 154 112.33 -16.62 -38.22
C PHE HA 154 111.52 -17.87 -38.53
N LEU HA 155 111.12 -18.04 -39.79
CA LEU HA 155 110.41 -19.24 -40.17
C LEU HA 155 111.30 -20.46 -39.96
N GLY HA 156 112.59 -20.30 -40.25
CA GLY HA 156 113.53 -21.38 -40.04
C GLY HA 156 113.71 -21.70 -38.57
N PHE HA 157 113.70 -20.66 -37.72
CA PHE HA 157 113.82 -20.83 -36.28
C PHE HA 157 112.67 -21.69 -35.76
N VAL HA 158 111.44 -21.29 -36.10
CA VAL HA 158 110.25 -22.01 -35.64
C VAL HA 158 110.23 -23.44 -36.18
N ALA HA 159 110.55 -23.61 -37.47
CA ALA HA 159 110.52 -24.94 -38.07
C ALA HA 159 111.57 -25.87 -37.48
N GLN HA 160 112.82 -25.38 -37.35
CA GLN HA 160 113.86 -26.22 -36.79
C GLN HA 160 113.59 -26.54 -35.33
N HIS HA 161 112.95 -25.61 -34.59
CA HIS HA 161 112.63 -25.91 -33.21
C HIS HA 161 111.57 -27.00 -33.13
N ALA HA 162 110.48 -26.84 -33.89
CA ALA HA 162 109.42 -27.84 -33.88
C ALA HA 162 109.90 -29.19 -34.42
N ALA HA 163 110.96 -29.21 -35.23
CA ALA HA 163 111.45 -30.47 -35.77
C ALA HA 163 112.49 -31.15 -34.88
N THR HA 164 113.29 -30.39 -34.14
CA THR HA 164 114.32 -30.98 -33.28
C THR HA 164 114.14 -30.70 -31.80
N GLY HA 165 113.99 -29.44 -31.41
CA GLY HA 165 113.87 -29.05 -30.02
C GLY HA 165 114.93 -28.09 -29.55
N LYS HA 166 116.10 -28.09 -30.18
CA LYS HA 166 117.20 -27.21 -29.82
C LYS HA 166 116.98 -25.81 -30.38
N GLY HA 167 117.71 -24.86 -29.83
CA GLY HA 167 117.62 -23.48 -30.26
C GLY HA 167 118.46 -23.21 -31.48
N PRO HA 168 118.27 -22.02 -32.06
CA PRO HA 168 119.03 -21.64 -33.26
C PRO HA 168 120.55 -21.67 -33.11
N ILE HA 169 121.08 -21.19 -31.98
CA ILE HA 169 122.53 -21.23 -31.80
C ILE HA 169 122.98 -22.65 -31.51
N ALA HA 170 122.18 -23.40 -30.74
CA ALA HA 170 122.52 -24.78 -30.43
C ALA HA 170 122.43 -25.67 -31.66
N ALA HA 171 121.57 -25.30 -32.62
CA ALA HA 171 121.46 -26.08 -33.85
C ALA HA 171 122.63 -25.79 -34.77
N LEU HA 172 123.10 -24.55 -34.75
CA LEU HA 172 124.24 -24.17 -35.60
C LEU HA 172 125.50 -24.89 -35.17
N GLY HA 173 125.76 -24.95 -33.86
CA GLY HA 173 126.93 -25.65 -33.37
C GLY HA 173 126.86 -27.14 -33.62
N GLU HA 174 125.65 -27.72 -33.49
CA GLU HA 174 125.47 -29.14 -33.74
C GLU HA 174 125.70 -29.45 -35.21
N HIS HA 175 125.23 -28.58 -36.10
CA HIS HA 175 125.42 -28.78 -37.53
C HIS HA 175 126.89 -28.59 -37.90
N LEU HA 176 127.57 -27.67 -37.21
CA LEU HA 176 128.99 -27.46 -37.51
C LEU HA 176 129.83 -28.59 -36.94
N ALA HA 177 129.31 -29.30 -35.95
CA ALA HA 177 130.06 -30.42 -35.37
C ALA HA 177 129.83 -31.70 -36.17
N ASN HA 178 128.63 -31.86 -36.73
CA ASN HA 178 128.30 -33.05 -37.51
C ASN HA 178 127.39 -32.61 -38.66
N PRO HA 179 127.97 -32.15 -39.77
CA PRO HA 179 127.11 -31.69 -40.89
C PRO HA 179 126.31 -32.79 -41.56
N TRP HA 180 126.93 -33.95 -41.79
CA TRP HA 180 126.22 -35.05 -42.43
C TRP HA 180 125.27 -35.74 -41.45
N GLY HA 181 125.59 -35.70 -40.17
CA GLY HA 181 124.75 -36.36 -39.18
C GLY HA 181 123.69 -35.48 -38.53
N ALA HA 182 123.79 -34.16 -38.67
CA ALA HA 182 122.81 -33.26 -38.06
C ALA HA 182 122.37 -32.24 -39.11
N ASN HA 183 121.20 -32.45 -39.69
CA ASN HA 183 120.63 -31.55 -40.68
C ASN HA 183 119.12 -31.77 -40.66
N PHE HA 184 118.43 -31.22 -41.66
CA PHE HA 184 116.98 -31.37 -41.71
C PHE HA 184 116.55 -32.77 -42.08
N ALA HA 185 117.46 -33.61 -42.59
CA ALA HA 185 117.08 -34.96 -42.95
C ALA HA 185 117.24 -35.95 -41.82
N THR HA 186 118.04 -35.62 -40.80
CA THR HA 186 118.24 -36.52 -39.68
C THR HA 186 117.34 -36.24 -38.49
N ASN HA 187 116.45 -35.25 -38.59
CA ASN HA 187 115.55 -34.98 -37.47
C ASN HA 187 114.51 -36.08 -37.29
N GLY HA 188 114.08 -36.71 -38.37
CA GLY HA 188 113.11 -37.78 -38.30
C GLY HA 188 111.70 -37.45 -38.72
N ILE HA 189 111.35 -36.18 -38.89
CA ILE HA 189 109.99 -35.82 -39.28
C ILE HA 189 109.92 -35.19 -40.67
N SER HA 190 111.04 -34.71 -41.23
CA SER HA 190 110.99 -34.11 -42.55
C SER HA 190 110.77 -35.17 -43.63
N VAL HA 191 111.48 -36.29 -43.53
CA VAL HA 191 111.36 -37.39 -44.47
C VAL HA 191 110.95 -38.64 -43.68
N PRO HA 192 109.70 -39.08 -43.77
CA PRO HA 192 109.26 -40.25 -43.00
C PRO HA 192 109.80 -41.58 -43.53
N PHE HA 193 110.15 -41.64 -44.81
CA PHE HA 193 110.66 -42.89 -45.36
C PHE HA 193 112.11 -43.13 -44.96
N PHE HA 194 112.77 -42.11 -44.42
CA PHE HA 194 114.16 -42.23 -43.99
C PHE HA 194 114.28 -41.95 -42.50
N LEU IA 1 6.96 -89.79 -100.34
CA LEU IA 1 7.03 -91.18 -100.77
C LEU IA 1 6.95 -92.14 -99.60
N TYR IA 2 7.79 -91.94 -98.59
CA TYR IA 2 7.80 -92.79 -97.42
C TYR IA 2 6.70 -92.37 -96.43
N VAL IA 3 6.71 -92.99 -95.25
CA VAL IA 3 5.73 -92.64 -94.24
C VAL IA 3 6.24 -91.44 -93.46
N GLY IA 4 5.34 -90.54 -93.11
CA GLY IA 4 5.72 -89.35 -92.38
C GLY IA 4 6.02 -88.14 -93.26
N ALA IA 5 5.69 -88.20 -94.54
CA ALA IA 5 5.94 -87.08 -95.43
C ALA IA 5 4.99 -85.93 -95.10
N SER IA 6 5.40 -84.71 -95.41
CA SER IA 6 4.58 -83.55 -95.10
C SER IA 6 4.72 -82.51 -96.21
N GLN IA 7 3.73 -81.63 -96.29
CA GLN IA 7 3.78 -80.57 -97.30
C GLN IA 7 4.88 -79.56 -96.98
N SER IA 8 5.21 -79.40 -95.69
CA SER IA 8 6.26 -78.46 -95.31
C SER IA 8 7.65 -78.98 -95.67
N SER IA 9 7.86 -80.29 -95.54
CA SER IA 9 9.16 -80.86 -95.89
C SER IA 9 9.32 -80.97 -97.39
N LEU IA 10 8.22 -80.98 -98.13
CA LEU IA 10 8.28 -81.08 -99.58
C LEU IA 10 8.63 -79.74 -100.23
N ALA IA 11 8.66 -78.65 -99.47
CA ALA IA 11 8.98 -77.35 -100.04
C ALA IA 11 10.45 -77.27 -100.46
N TYR IA 12 11.32 -77.98 -99.75
CA TYR IA 12 12.74 -77.97 -100.07
C TYR IA 12 13.26 -79.33 -100.54
N LEU IA 13 12.43 -80.36 -100.55
CA LEU IA 13 12.83 -81.70 -100.97
C LEU IA 13 12.13 -81.99 -102.30
N ASP IA 14 12.81 -81.71 -103.41
CA ASP IA 14 12.27 -81.93 -104.73
C ASP IA 14 12.95 -83.06 -105.47
N GLY IA 15 13.60 -83.99 -104.76
CA GLY IA 15 14.28 -85.10 -105.38
C GLY IA 15 15.67 -84.79 -105.89
N SER IA 16 16.20 -83.60 -105.61
CA SER IA 16 17.54 -83.25 -106.08
C SER IA 16 18.61 -84.07 -105.37
N LEU IA 17 18.50 -84.20 -104.05
CA LEU IA 17 19.46 -84.97 -103.29
C LEU IA 17 19.26 -86.47 -103.55
N PRO IA 18 20.33 -87.27 -103.44
CA PRO IA 18 20.18 -88.72 -103.67
C PRO IA 18 19.41 -89.39 -102.53
N GLY IA 19 18.48 -90.26 -102.90
CA GLY IA 19 17.69 -90.95 -101.90
C GLY IA 19 16.66 -90.08 -101.22
N ASP IA 20 16.15 -89.07 -101.93
CA ASP IA 20 15.16 -88.15 -101.39
C ASP IA 20 13.78 -88.80 -101.42
N PHE IA 21 13.28 -89.19 -100.25
CA PHE IA 21 11.96 -89.79 -100.11
C PHE IA 21 11.01 -88.85 -99.40
N GLY IA 22 11.45 -87.60 -99.16
CA GLY IA 22 10.63 -86.62 -98.50
C GLY IA 22 10.34 -86.93 -97.05
N PHE IA 23 11.30 -87.53 -96.34
CA PHE IA 23 11.13 -87.87 -94.94
C PHE IA 23 11.93 -86.87 -94.09
N ASP IA 24 11.26 -85.81 -93.67
CA ASP IA 24 11.89 -84.80 -92.83
C ASP IA 24 10.85 -84.15 -91.92
N PRO IA 25 10.27 -84.87 -90.96
CA PRO IA 25 9.27 -84.23 -90.09
C PRO IA 25 9.87 -83.23 -89.11
N LEU IA 26 11.18 -83.25 -88.92
CA LEU IA 26 11.85 -82.34 -88.01
C LEU IA 26 12.39 -81.09 -88.71
N GLY IA 27 12.21 -80.98 -90.03
CA GLY IA 27 12.64 -79.83 -90.81
C GLY IA 27 14.08 -79.40 -90.69
N LEU IA 28 15.02 -80.31 -90.86
CA LEU IA 28 16.42 -79.94 -90.70
C LEU IA 28 17.09 -79.48 -92.00
N LEU IA 29 16.43 -79.63 -93.15
CA LEU IA 29 17.01 -79.18 -94.41
C LEU IA 29 16.37 -77.92 -94.97
N ASP IA 30 15.62 -77.18 -94.16
CA ASP IA 30 15.00 -75.96 -94.65
C ASP IA 30 16.08 -74.91 -94.87
N PRO IA 31 16.32 -74.47 -96.11
CA PRO IA 31 17.37 -73.47 -96.33
C PRO IA 31 17.03 -72.09 -95.82
N VAL IA 32 15.76 -71.82 -95.54
CA VAL IA 32 15.33 -70.53 -95.03
C VAL IA 32 15.85 -70.39 -93.59
N ASN IA 33 16.73 -69.42 -93.38
CA ASN IA 33 17.35 -69.13 -92.08
C ASN IA 33 18.10 -70.35 -91.55
N SER IA 34 19.14 -70.76 -92.28
CA SER IA 34 19.95 -71.91 -91.92
C SER IA 34 21.38 -71.45 -91.63
N GLY IA 35 22.04 -72.16 -90.74
CA GLY IA 35 23.40 -71.80 -90.41
C GLY IA 35 24.07 -72.86 -89.58
N GLY IA 36 25.33 -72.61 -89.24
CA GLY IA 36 26.09 -73.55 -88.44
C GLY IA 36 26.22 -74.89 -89.13
N PHE IA 37 25.88 -75.94 -88.40
CA PHE IA 37 25.94 -77.29 -88.95
C PHE IA 37 24.59 -77.79 -89.45
N ILE IA 38 23.51 -77.13 -89.08
CA ILE IA 38 22.17 -77.54 -89.53
C ILE IA 38 21.91 -76.79 -90.83
N GLU IA 39 22.42 -77.35 -91.92
CA GLU IA 39 22.27 -76.80 -93.26
C GLU IA 39 22.36 -77.97 -94.22
N PRO IA 40 21.75 -77.88 -95.40
CA PRO IA 40 21.76 -79.03 -96.34
C PRO IA 40 23.11 -79.59 -96.78
N LYS IA 41 24.10 -78.75 -97.05
CA LYS IA 41 25.39 -79.26 -97.51
C LYS IA 41 26.07 -80.10 -96.43
N TRP IA 42 26.19 -79.56 -95.22
CA TRP IA 42 26.84 -80.29 -94.14
C TRP IA 42 26.03 -81.52 -93.73
N LEU IA 43 24.71 -81.42 -93.71
CA LEU IA 43 23.89 -82.56 -93.31
C LEU IA 43 24.01 -83.70 -94.31
N GLN IA 44 23.98 -83.40 -95.62
CA GLN IA 44 24.11 -84.47 -96.61
C GLN IA 44 25.51 -85.07 -96.55
N TYR IA 45 26.52 -84.22 -96.37
CA TYR IA 45 27.90 -84.71 -96.27
C TYR IA 45 28.06 -85.61 -95.06
N SER IA 46 27.48 -85.22 -93.92
CA SER IA 46 27.56 -86.03 -92.71
C SER IA 46 26.82 -87.35 -92.89
N GLU IA 47 25.70 -87.32 -93.61
CA GLU IA 47 24.96 -88.56 -93.82
C GLU IA 47 25.75 -89.53 -94.69
N VAL IA 48 26.40 -89.05 -95.75
CA VAL IA 48 27.16 -89.99 -96.57
C VAL IA 48 28.40 -90.48 -95.82
N ILE IA 49 28.98 -89.63 -94.96
CA ILE IA 49 30.15 -90.07 -94.18
C ILE IA 49 29.74 -91.15 -93.18
N HIS IA 50 28.61 -90.93 -92.49
CA HIS IA 50 28.10 -91.91 -91.54
C HIS IA 50 27.69 -93.18 -92.26
N ALA IA 51 27.19 -93.05 -93.49
CA ALA IA 51 26.78 -94.20 -94.29
C ALA IA 51 27.95 -95.10 -94.60
N ARG IA 52 29.04 -94.52 -95.12
CA ARG IA 52 30.22 -95.31 -95.45
C ARG IA 52 30.88 -95.90 -94.21
N TRP IA 53 31.00 -95.08 -93.14
CA TRP IA 53 31.61 -95.59 -91.91
C TRP IA 53 30.79 -96.70 -91.29
N ALA IA 54 29.46 -96.58 -91.35
CA ALA IA 54 28.61 -97.62 -90.81
C ALA IA 54 28.64 -98.87 -91.66
N MET IA 55 28.83 -98.72 -92.98
CA MET IA 55 28.92 -99.89 -93.84
C MET IA 55 30.15 -100.70 -93.47
N LEU IA 56 31.29 -100.01 -93.32
CA LEU IA 56 32.51 -100.69 -92.92
C LEU IA 56 32.37 -101.26 -91.51
N GLY IA 57 31.67 -100.54 -90.63
CA GLY IA 57 31.48 -101.03 -89.27
C GLY IA 57 30.63 -102.27 -89.19
N ALA IA 58 29.51 -102.30 -89.92
CA ALA IA 58 28.63 -103.45 -89.91
C ALA IA 58 29.33 -104.67 -90.49
N ALA IA 59 30.06 -104.47 -91.59
CA ALA IA 59 30.79 -105.60 -92.18
C ALA IA 59 31.89 -106.08 -91.24
N GLY IA 60 32.60 -105.15 -90.59
CA GLY IA 60 33.65 -105.54 -89.68
C GLY IA 60 33.17 -106.11 -88.38
N CYS IA 61 31.92 -105.84 -88.01
CA CYS IA 61 31.37 -106.39 -86.78
C CYS IA 61 30.79 -107.77 -86.99
N ILE IA 62 30.32 -108.07 -88.21
CA ILE IA 62 29.76 -109.38 -88.49
C ILE IA 62 30.71 -110.30 -89.25
N ALA IA 63 31.87 -109.81 -89.71
CA ALA IA 63 32.77 -110.67 -90.48
C ALA IA 63 33.58 -111.68 -89.65
N PRO IA 64 34.25 -111.31 -88.53
CA PRO IA 64 35.02 -112.34 -87.82
C PRO IA 64 34.17 -113.48 -87.26
N GLU IA 65 32.95 -113.21 -86.81
CA GLU IA 65 32.11 -114.28 -86.29
C GLU IA 65 31.67 -115.23 -87.38
N VAL IA 66 31.31 -114.69 -88.56
CA VAL IA 66 30.90 -115.53 -89.69
C VAL IA 66 32.08 -116.32 -90.22
N LEU IA 67 33.26 -115.69 -90.28
CA LEU IA 67 34.45 -116.41 -90.75
C LEU IA 67 34.90 -117.45 -89.73
N GLY IA 68 34.65 -117.20 -88.44
CA GLY IA 68 35.02 -118.18 -87.43
C GLY IA 68 34.08 -119.36 -87.43
N ALA IA 69 32.80 -119.11 -87.68
CA ALA IA 69 31.82 -120.19 -87.72
C ALA IA 69 32.01 -121.05 -88.96
N ALA IA 70 32.60 -120.48 -90.01
CA ALA IA 70 32.87 -121.19 -91.25
C ALA IA 70 34.19 -121.96 -91.21
N GLY IA 71 34.96 -121.80 -90.14
CA GLY IA 71 36.22 -122.48 -90.01
C GLY IA 71 37.36 -121.91 -90.82
N LEU IA 72 37.16 -120.76 -91.46
CA LEU IA 72 38.22 -120.17 -92.27
C LEU IA 72 39.33 -119.61 -91.40
N ILE IA 73 38.99 -118.95 -90.31
CA ILE IA 73 39.98 -118.36 -89.41
C ILE IA 73 40.11 -119.26 -88.18
N PRO IA 74 41.25 -119.26 -87.48
CA PRO IA 74 41.43 -120.14 -86.33
C PRO IA 74 40.57 -119.74 -85.13
N ASP IA 75 40.80 -120.47 -84.03
CA ASP IA 75 40.06 -120.26 -82.80
C ASP IA 75 40.62 -119.13 -81.94
N ALA IA 76 41.88 -118.74 -82.13
CA ALA IA 76 42.46 -117.66 -81.35
C ALA IA 76 41.74 -116.35 -81.65
N THR IA 77 41.35 -116.16 -82.91
CA THR IA 77 40.59 -115.03 -83.39
C THR IA 77 39.12 -115.44 -83.22
N ASN IA 78 38.20 -114.80 -83.96
CA ASN IA 78 36.77 -115.10 -83.88
C ASN IA 78 36.24 -114.77 -82.49
N ILE IA 79 36.22 -113.47 -82.21
CA ILE IA 79 35.75 -112.92 -80.96
C ILE IA 79 34.64 -111.95 -81.29
N LYS IA 80 33.90 -111.54 -80.27
CA LYS IA 80 32.81 -110.60 -80.49
C LYS IA 80 33.37 -109.23 -80.84
N TRP IA 81 32.56 -108.44 -81.56
CA TRP IA 81 33.00 -107.12 -81.99
C TRP IA 81 33.29 -106.18 -80.83
N PHE IA 82 32.63 -106.37 -79.70
CA PHE IA 82 32.87 -105.53 -78.53
C PHE IA 82 33.90 -106.11 -77.58
N GLU IA 83 34.49 -107.25 -77.93
CA GLU IA 83 35.50 -107.91 -77.10
C GLU IA 83 36.88 -107.90 -77.74
N SER IA 84 37.07 -107.15 -78.81
CA SER IA 84 38.34 -107.08 -79.52
C SER IA 84 39.23 -105.96 -79.05
N GLY IA 85 39.10 -105.51 -77.81
CA GLY IA 85 39.89 -104.42 -77.28
C GLY IA 85 39.23 -103.07 -77.43
N VAL IA 86 38.06 -103.02 -78.04
CA VAL IA 86 37.33 -101.75 -78.23
C VAL IA 86 36.97 -101.19 -76.86
N ILE IA 87 36.33 -102.01 -76.04
CA ILE IA 87 35.93 -101.68 -74.69
C ILE IA 87 36.59 -102.68 -73.77
N PRO IA 88 37.66 -102.30 -73.09
CA PRO IA 88 38.37 -103.22 -72.18
C PRO IA 88 37.48 -103.84 -71.11
N PRO IA 89 36.49 -103.13 -70.51
CA PRO IA 89 35.64 -103.83 -69.52
C PRO IA 89 34.83 -104.96 -70.13
N ALA IA 90 34.47 -104.84 -71.41
CA ALA IA 90 33.71 -105.87 -72.08
C ALA IA 90 34.59 -106.99 -72.61
N GLY IA 91 35.91 -106.84 -72.55
CA GLY IA 91 36.84 -107.84 -73.01
C GLY IA 91 37.85 -107.21 -73.95
N SER IA 92 39.08 -107.70 -73.89
CA SER IA 92 40.14 -107.18 -74.74
C SER IA 92 40.96 -108.34 -75.31
N TYR IA 93 41.48 -108.12 -76.51
CA TYR IA 93 42.30 -109.10 -77.21
C TYR IA 93 43.76 -108.69 -77.10
N ASN IA 94 44.59 -109.59 -76.59
CA ASN IA 94 46.01 -109.35 -76.41
C ASN IA 94 46.87 -109.96 -77.50
N GLY IA 95 46.27 -110.48 -78.57
CA GLY IA 95 47.01 -111.09 -79.65
C GLY IA 95 47.56 -110.15 -80.69
N TYR IA 96 47.38 -108.83 -80.51
CA TYR IA 96 47.87 -107.86 -81.47
C TYR IA 96 49.39 -107.69 -81.32
N TRP IA 97 49.99 -107.04 -82.31
CA TRP IA 97 51.43 -106.83 -82.29
C TRP IA 97 51.86 -105.74 -81.30
N ALA IA 98 50.92 -105.00 -80.73
CA ALA IA 98 51.23 -103.95 -79.76
C ALA IA 98 49.99 -103.65 -78.95
N ASP IA 99 50.17 -102.88 -77.88
CA ASP IA 99 49.06 -102.50 -77.02
C ASP IA 99 48.14 -101.54 -77.77
N PRO IA 100 46.86 -101.47 -77.37
CA PRO IA 100 45.93 -100.58 -78.09
C PRO IA 100 46.27 -99.10 -78.05
N TYR IA 101 47.08 -98.63 -77.10
CA TYR IA 101 47.40 -97.19 -77.07
C TYR IA 101 48.39 -96.82 -78.17
N THR IA 102 49.35 -97.69 -78.46
CA THR IA 102 50.32 -97.41 -79.53
C THR IA 102 49.59 -97.37 -80.87
N ILE IA 103 48.70 -98.34 -81.09
CA ILE IA 103 47.91 -98.39 -82.31
C ILE IA 103 46.96 -97.22 -82.35
N PHE IA 104 46.54 -96.72 -81.17
CA PHE IA 104 45.66 -95.56 -81.16
C PHE IA 104 46.42 -94.31 -81.57
N PHE IA 105 47.71 -94.20 -81.20
CA PHE IA 105 48.49 -93.05 -81.62
C PHE IA 105 48.69 -93.08 -83.13
N VAL IA 106 48.92 -94.29 -83.67
CA VAL IA 106 49.06 -94.45 -85.11
C VAL IA 106 47.77 -94.02 -85.79
N GLU IA 107 46.63 -94.44 -85.22
CA GLU IA 107 45.33 -94.06 -85.76
C GLU IA 107 45.09 -92.56 -85.64
N ILE IA 108 45.60 -91.94 -84.56
CA ILE IA 108 45.44 -90.51 -84.37
C ILE IA 108 46.11 -89.75 -85.50
N VAL IA 109 47.37 -90.09 -85.78
CA VAL IA 109 48.10 -89.41 -86.85
C VAL IA 109 47.46 -89.68 -88.21
N ALA IA 110 47.15 -90.95 -88.49
CA ALA IA 110 46.55 -91.35 -89.76
C ALA IA 110 45.19 -90.68 -90.00
N MET IA 111 44.29 -90.80 -89.02
CA MET IA 111 42.97 -90.21 -89.13
C MET IA 111 43.03 -88.70 -89.16
N GLN IA 112 43.99 -88.10 -88.45
CA GLN IA 112 44.11 -86.64 -88.50
C GLN IA 112 44.48 -86.18 -89.90
N PHE IA 113 45.44 -86.86 -90.54
CA PHE IA 113 45.82 -86.48 -91.90
C PHE IA 113 44.64 -86.62 -92.84
N ALA IA 114 44.00 -87.79 -92.85
CA ALA IA 114 42.88 -88.04 -93.76
C ALA IA 114 41.70 -87.11 -93.50
N GLU IA 115 41.22 -87.04 -92.26
CA GLU IA 115 40.07 -86.23 -91.91
C GLU IA 115 40.34 -84.74 -92.05
N LEU IA 116 41.53 -84.26 -91.68
CA LEU IA 116 41.81 -82.84 -91.80
C LEU IA 116 41.93 -82.42 -93.24
N ARG IA 117 42.51 -83.27 -94.10
CA ARG IA 117 42.57 -82.90 -95.51
C ARG IA 117 41.18 -82.94 -96.13
N ARG IA 118 40.35 -83.88 -95.67
CA ARG IA 118 38.99 -83.98 -96.15
C ARG IA 118 38.19 -82.74 -95.76
N LEU IA 119 38.36 -82.28 -94.51
CA LEU IA 119 37.67 -81.09 -94.03
C LEU IA 119 38.14 -79.84 -94.77
N GLN IA 120 39.46 -79.74 -95.03
CA GLN IA 120 39.96 -78.57 -95.73
C GLN IA 120 39.44 -78.54 -97.16
N ASP IA 121 39.23 -79.71 -97.76
CA ASP IA 121 38.66 -79.72 -99.11
C ASP IA 121 37.19 -79.36 -99.07
N PHE IA 122 36.51 -79.67 -97.95
CA PHE IA 122 35.10 -79.30 -97.84
C PHE IA 122 34.96 -77.79 -97.65
N ARG IA 123 35.83 -77.21 -96.81
CA ARG IA 123 35.79 -75.77 -96.55
C ARG IA 123 36.17 -74.97 -97.80
N TYR IA 124 37.17 -75.46 -98.54
CA TYR IA 124 37.65 -74.83 -99.77
C TYR IA 124 37.68 -75.92 -100.82
N PRO IA 125 36.74 -75.93 -101.77
CA PRO IA 125 36.73 -76.98 -102.80
C PRO IA 125 37.91 -76.86 -103.75
N GLY IA 126 38.69 -77.93 -103.83
CA GLY IA 126 39.85 -77.98 -104.70
C GLY IA 126 41.14 -77.47 -104.09
N SER IA 127 41.13 -77.06 -102.81
CA SER IA 127 42.34 -76.55 -102.19
C SER IA 127 43.33 -77.65 -101.83
N MET IA 128 42.93 -78.92 -101.91
CA MET IA 128 43.84 -80.02 -101.58
C MET IA 128 44.64 -80.48 -102.77
N GLY IA 129 44.61 -79.76 -103.88
CA GLY IA 129 45.34 -80.12 -105.07
C GLY IA 129 46.49 -79.20 -105.44
N GLN IA 130 46.72 -78.14 -104.67
CA GLN IA 130 47.80 -77.20 -104.97
C GLN IA 130 49.08 -77.44 -104.17
N GLN IA 131 48.97 -77.56 -102.84
CA GLN IA 131 50.16 -77.76 -102.02
C GLN IA 131 50.79 -79.12 -102.29
N TYR IA 132 52.10 -79.17 -102.15
CA TYR IA 132 52.84 -80.40 -102.38
C TYR IA 132 52.57 -81.45 -101.32
N PHE IA 133 52.16 -82.63 -101.75
CA PHE IA 133 51.88 -83.76 -100.88
C PHE IA 133 52.45 -85.02 -101.51
N LEU IA 134 53.74 -84.96 -101.86
CA LEU IA 134 54.49 -86.05 -102.50
C LEU IA 134 53.90 -86.42 -103.86
N GLY IA 135 53.33 -85.43 -104.55
CA GLY IA 135 52.72 -85.66 -105.84
C GLY IA 135 51.32 -86.22 -105.80
N LEU IA 136 50.76 -86.44 -104.60
CA LEU IA 136 49.41 -86.98 -104.47
C LEU IA 136 48.33 -85.93 -104.63
N GLU IA 137 48.70 -84.66 -104.77
CA GLU IA 137 47.71 -83.60 -104.93
C GLU IA 137 47.00 -83.67 -106.28
N ALA IA 138 47.52 -84.47 -107.22
CA ALA IA 138 46.87 -84.59 -108.52
C ALA IA 138 45.56 -85.37 -108.45
N ILE IA 139 45.31 -86.07 -107.35
CA ILE IA 139 44.08 -86.86 -107.18
C ILE IA 139 43.23 -86.36 -106.03
N PHE IA 140 43.63 -85.28 -105.36
CA PHE IA 140 42.87 -84.72 -104.25
C PHE IA 140 42.12 -83.46 -104.64
N LYS IA 141 41.91 -83.24 -105.93
CA LYS IA 141 41.16 -82.06 -106.35
C LYS IA 141 39.68 -82.19 -106.06
N GLY IA 142 39.12 -83.38 -106.29
CA GLY IA 142 37.71 -83.59 -106.04
C GLY IA 142 36.85 -82.96 -107.12
N SER IA 143 35.71 -82.46 -106.72
CA SER IA 143 34.76 -81.82 -107.61
C SER IA 143 34.04 -80.73 -106.83
N GLY IA 144 32.88 -80.32 -107.33
CA GLY IA 144 32.12 -79.30 -106.62
C GLY IA 144 31.42 -79.85 -105.39
N ASP IA 145 31.15 -81.15 -105.38
CA ASP IA 145 30.46 -81.80 -104.27
C ASP IA 145 31.50 -82.46 -103.36
N ALA IA 146 31.54 -82.05 -102.10
CA ALA IA 146 32.49 -82.63 -101.15
C ALA IA 146 32.12 -84.08 -100.82
N ALA IA 147 30.84 -84.42 -100.92
CA ALA IA 147 30.39 -85.78 -100.63
C ALA IA 147 30.84 -86.78 -101.68
N TYR IA 148 31.02 -86.33 -102.93
CA TYR IA 148 31.42 -87.20 -104.04
C TYR IA 148 32.63 -86.59 -104.74
N PRO IA 149 33.83 -86.72 -104.14
CA PRO IA 149 35.03 -86.14 -104.75
C PRO IA 149 35.49 -86.78 -106.05
N GLY IA 150 35.60 -88.10 -106.08
CA GLY IA 150 36.03 -88.76 -107.29
C GLY IA 150 37.53 -88.61 -107.53
N GLY IA 151 37.90 -88.72 -108.80
CA GLY IA 151 39.29 -88.61 -109.20
C GLY IA 151 39.85 -89.96 -109.57
N PRO IA 152 41.16 -90.00 -109.87
CA PRO IA 152 41.78 -91.28 -110.25
C PRO IA 152 41.74 -92.36 -109.16
N PHE IA 153 41.83 -92.00 -107.88
CA PHE IA 153 41.81 -93.01 -106.82
C PHE IA 153 40.43 -93.23 -106.22
N PHE IA 154 39.71 -92.17 -105.84
CA PHE IA 154 38.38 -92.34 -105.26
C PHE IA 154 37.40 -92.94 -106.25
N ASN IA 155 37.65 -92.79 -107.55
CA ASN IA 155 36.85 -93.38 -108.62
C ASN IA 155 37.91 -94.08 -109.47
N LEU IA 156 38.31 -95.26 -109.02
CA LEU IA 156 39.37 -96.01 -109.69
C LEU IA 156 38.94 -96.55 -111.04
N PHE IA 157 37.78 -97.19 -111.11
CA PHE IA 157 37.29 -97.79 -112.33
C PHE IA 157 36.42 -96.86 -113.16
N ASN IA 158 36.29 -95.60 -112.76
CA ASN IA 158 35.51 -94.57 -113.46
C ASN IA 158 34.07 -95.04 -113.70
N LEU IA 159 33.45 -95.55 -112.65
CA LEU IA 159 32.06 -96.01 -112.75
C LEU IA 159 31.12 -94.83 -112.81
N GLY IA 160 29.91 -95.08 -113.32
CA GLY IA 160 28.91 -94.04 -113.45
C GLY IA 160 29.27 -93.02 -114.53
N LYS IA 161 29.52 -93.52 -115.74
CA LYS IA 161 29.87 -92.65 -116.86
C LYS IA 161 28.71 -91.72 -117.23
N THR IA 162 27.50 -92.25 -117.22
CA THR IA 162 26.30 -91.49 -117.53
C THR IA 162 25.77 -90.89 -116.22
N GLU IA 163 25.12 -89.73 -116.32
CA GLU IA 163 24.57 -89.08 -115.14
C GLU IA 163 23.51 -89.95 -114.46
N ALA IA 164 22.69 -90.65 -115.25
CA ALA IA 164 21.66 -91.52 -114.68
C ALA IA 164 22.29 -92.67 -113.91
N ALA IA 165 23.36 -93.25 -114.44
CA ALA IA 165 24.04 -94.35 -113.75
C ALA IA 165 24.65 -93.88 -112.44
N MET IA 166 25.23 -92.68 -112.45
CA MET IA 166 25.81 -92.12 -111.23
C MET IA 166 24.73 -91.84 -110.20
N LYS IA 167 23.57 -91.37 -110.64
CA LYS IA 167 22.46 -91.10 -109.72
C LYS IA 167 21.95 -92.40 -109.11
N GLU IA 168 21.84 -93.45 -109.93
CA GLU IA 168 21.40 -94.76 -109.47
C GLU IA 168 22.36 -95.33 -108.44
N LEU IA 169 23.66 -95.21 -108.71
CA LEU IA 169 24.67 -95.71 -107.78
C LEU IA 169 24.68 -94.90 -106.49
N LYS IA 170 24.43 -93.59 -106.58
CA LYS IA 170 24.37 -92.74 -105.39
C LYS IA 170 23.20 -93.13 -104.51
N LEU IA 171 22.05 -93.40 -105.12
CA LEU IA 171 20.87 -93.84 -104.36
C LEU IA 171 21.13 -95.18 -103.71
N LYS IA 172 21.81 -96.09 -104.43
CA LYS IA 172 22.13 -97.39 -103.85
C LYS IA 172 23.07 -97.23 -102.66
N GLU IA 173 24.04 -96.32 -102.77
CA GLU IA 173 24.98 -96.09 -101.68
C GLU IA 173 24.29 -95.54 -100.45
N ILE IA 174 23.40 -94.55 -100.64
CA ILE IA 174 22.73 -93.97 -99.48
C ILE IA 174 21.76 -94.97 -98.84
N LYS IA 175 21.09 -95.81 -99.64
CA LYS IA 175 20.18 -96.78 -99.05
C LYS IA 175 20.94 -97.86 -98.29
N ASN IA 176 22.03 -98.36 -98.87
CA ASN IA 176 22.83 -99.37 -98.19
C ASN IA 176 23.47 -98.78 -96.93
N GLY IA 177 23.85 -97.50 -96.97
CA GLY IA 177 24.42 -96.86 -95.81
C GLY IA 177 23.42 -96.69 -94.69
N ARG IA 178 22.17 -96.35 -95.04
CA ARG IA 178 21.14 -96.21 -94.01
C ARG IA 178 20.84 -97.57 -93.38
N LEU IA 179 20.79 -98.61 -94.21
CA LEU IA 179 20.56 -99.96 -93.70
C LEU IA 179 21.70 -100.38 -92.78
N ALA IA 180 22.93 -100.01 -93.14
CA ALA IA 180 24.08 -100.34 -92.32
C ALA IA 180 24.07 -99.57 -91.01
N MET IA 181 23.58 -98.32 -91.04
CA MET IA 181 23.49 -97.52 -89.82
C MET IA 181 22.50 -98.15 -88.86
N LEU IA 182 21.35 -98.59 -89.40
CA LEU IA 182 20.35 -99.26 -88.56
C LEU IA 182 20.91 -100.57 -88.03
N ALA IA 183 21.70 -101.27 -88.85
CA ALA IA 183 22.31 -102.52 -88.41
C ALA IA 183 23.32 -102.28 -87.29
N MET IA 184 24.09 -101.19 -87.37
CA MET IA 184 25.05 -100.88 -86.33
C MET IA 184 24.34 -100.53 -85.03
N LEU IA 185 23.22 -99.80 -85.12
CA LEU IA 185 22.44 -99.48 -83.92
C LEU IA 185 21.88 -100.76 -83.32
N GLY IA 186 21.45 -101.68 -84.18
CA GLY IA 186 20.95 -102.96 -83.70
C GLY IA 186 22.05 -103.78 -83.07
N TYR IA 187 23.27 -103.68 -83.61
CA TYR IA 187 24.41 -104.40 -83.06
C TYR IA 187 24.70 -103.92 -81.65
N GLY IA 188 24.71 -102.61 -81.46
CA GLY IA 188 24.97 -102.05 -80.14
C GLY IA 188 23.88 -102.42 -79.14
N ALA IA 189 22.61 -102.33 -79.58
CA ALA IA 189 21.50 -102.67 -78.69
C ALA IA 189 21.51 -104.15 -78.31
N GLN IA 190 21.80 -105.03 -79.28
CA GLN IA 190 21.85 -106.46 -78.99
C GLN IA 190 23.03 -106.79 -78.10
N ALA IA 191 24.15 -106.07 -78.26
CA ALA IA 191 25.30 -106.32 -77.42
C ALA IA 191 25.01 -105.91 -75.97
N VAL IA 192 24.26 -104.83 -75.79
CA VAL IA 192 23.93 -104.41 -74.44
C VAL IA 192 22.86 -105.33 -73.83
N MET IA 193 21.88 -105.77 -74.61
CA MET IA 193 20.81 -106.61 -74.10
C MET IA 193 21.23 -108.08 -73.95
N THR IA 194 21.57 -108.74 -75.04
CA THR IA 194 21.94 -110.15 -74.98
C THR IA 194 23.34 -110.40 -74.45
N GLY IA 195 24.28 -109.49 -74.67
CA GLY IA 195 25.63 -109.72 -74.20
C GLY IA 195 26.42 -110.67 -75.04
N LYS IA 196 25.95 -110.96 -76.25
CA LYS IA 196 26.61 -111.89 -77.17
C LYS IA 196 26.81 -111.20 -78.52
N GLY IA 197 27.38 -111.95 -79.46
CA GLY IA 197 27.65 -111.43 -80.78
C GLY IA 197 26.39 -111.35 -81.62
N PRO IA 198 26.43 -110.50 -82.67
CA PRO IA 198 25.24 -110.37 -83.53
C PRO IA 198 24.93 -111.62 -84.32
N PHE IA 199 25.97 -112.31 -84.81
CA PHE IA 199 25.73 -113.55 -85.55
C PHE IA 199 25.19 -114.63 -84.63
N GLN IA 200 25.62 -114.62 -83.36
CA GLN IA 200 25.11 -115.58 -82.39
C GLN IA 200 23.63 -115.31 -82.12
N ASN IA 201 23.24 -114.04 -82.08
CA ASN IA 201 21.84 -113.68 -81.89
C ASN IA 201 21.02 -114.12 -83.09
N LEU IA 202 21.57 -113.95 -84.30
CA LEU IA 202 20.87 -114.36 -85.50
C LEU IA 202 20.66 -115.87 -85.53
N VAL IA 203 21.68 -116.62 -85.11
CA VAL IA 203 21.57 -118.08 -85.09
C VAL IA 203 20.56 -118.53 -84.05
N GLU IA 204 20.62 -117.94 -82.85
CA GLU IA 204 19.69 -118.30 -81.77
C GLU IA 204 18.26 -117.95 -82.16
N HIS IA 205 18.08 -116.85 -82.89
CA HIS IA 205 16.73 -116.48 -83.31
C HIS IA 205 16.25 -117.40 -84.43
N LEU IA 206 17.16 -117.82 -85.32
CA LEU IA 206 16.77 -118.71 -86.40
C LEU IA 206 16.40 -120.10 -85.90
N ALA IA 207 17.01 -120.54 -84.79
CA ALA IA 207 16.69 -121.86 -84.25
C ALA IA 207 15.26 -121.91 -83.73
N ASP IA 208 14.88 -120.95 -82.89
CA ASP IA 208 13.53 -120.91 -82.33
C ASP IA 208 13.15 -119.46 -82.13
N PRO IA 209 12.49 -118.84 -83.13
CA PRO IA 209 12.11 -117.43 -83.02
C PRO IA 209 11.13 -117.09 -81.92
N VAL IA 210 10.23 -118.02 -81.57
CA VAL IA 210 9.25 -117.72 -80.53
C VAL IA 210 9.91 -117.57 -79.17
N ASN IA 211 10.98 -118.33 -78.91
CA ASN IA 211 11.70 -118.27 -77.65
C ASN IA 211 12.97 -117.45 -77.73
N ASN IA 212 13.22 -116.75 -78.84
CA ASN IA 212 14.43 -115.94 -79.00
C ASN IA 212 14.05 -114.64 -79.71
N ASN IA 213 13.80 -113.60 -78.93
CA ASN IA 213 13.43 -112.28 -79.44
C ASN IA 213 13.64 -111.28 -78.32
N ILE IA 214 13.28 -110.03 -78.59
CA ILE IA 214 13.45 -108.97 -77.59
C ILE IA 214 12.49 -109.15 -76.43
N LEU IA 215 11.37 -109.85 -76.63
CA LEU IA 215 10.41 -110.05 -75.55
C LEU IA 215 10.88 -111.10 -74.57
N THR IA 216 11.59 -112.12 -75.06
CA THR IA 216 12.10 -113.17 -74.18
C THR IA 216 13.48 -112.85 -73.64
N ASN IA 217 14.19 -111.88 -74.20
CA ASN IA 217 15.52 -111.52 -73.73
C ASN IA 217 15.49 -110.45 -72.65
N PHE IA 218 14.29 -110.03 -72.22
CA PHE IA 218 14.22 -109.01 -71.17
C PHE IA 218 14.70 -109.55 -69.84
N GLY IA 219 14.30 -110.78 -69.50
CA GLY IA 219 14.71 -111.41 -68.26
C GLY IA 219 14.79 -112.91 -68.36
N VAL JA 1 50.20 -70.16 -103.12
CA VAL JA 1 51.42 -70.38 -103.90
C VAL JA 1 52.42 -71.20 -103.10
N ARG JA 2 53.07 -70.57 -102.14
CA ARG JA 2 54.03 -71.26 -101.31
C ARG JA 2 53.32 -72.18 -100.31
N PRO JA 3 53.98 -73.25 -99.87
CA PRO JA 3 53.34 -74.15 -98.91
C PRO JA 3 53.15 -73.47 -97.56
N VAL JA 4 52.09 -73.87 -96.86
CA VAL JA 4 51.77 -73.29 -95.55
C VAL JA 4 51.65 -74.39 -94.52
N TRP JA 5 51.55 -73.97 -93.25
CA TRP JA 5 51.44 -74.91 -92.14
C TRP JA 5 50.10 -75.64 -92.16
N PHE JA 6 49.08 -75.04 -92.76
CA PHE JA 6 47.78 -75.67 -92.83
C PHE JA 6 47.28 -75.52 -94.25
N PRO JA 7 47.39 -76.56 -95.09
CA PRO JA 7 46.96 -76.45 -96.49
C PRO JA 7 45.49 -76.09 -96.62
N GLY JA 8 45.22 -75.16 -97.54
CA GLY JA 8 43.89 -74.68 -97.78
C GLY JA 8 43.55 -73.40 -97.02
N ASN JA 9 44.27 -73.13 -95.94
CA ASN JA 9 44.05 -71.94 -95.14
C ASN JA 9 44.88 -70.81 -95.73
N PRO JA 10 44.30 -69.64 -95.98
CA PRO JA 10 45.08 -68.53 -96.54
C PRO JA 10 46.06 -68.00 -95.51
N PRO JA 11 47.28 -67.67 -95.93
CA PRO JA 11 48.28 -67.14 -94.98
C PRO JA 11 47.91 -65.74 -94.54
N PRO JA 12 48.32 -65.34 -93.34
CA PRO JA 12 47.99 -63.99 -92.85
C PRO JA 12 48.74 -62.90 -93.60
N ALA JA 13 48.27 -61.66 -93.38
CA ALA JA 13 48.85 -60.51 -94.06
C ALA JA 13 50.24 -60.16 -93.50
N HIS JA 14 50.45 -60.37 -92.20
CA HIS JA 14 51.75 -60.05 -91.65
C HIS JA 14 52.83 -61.06 -92.02
N LEU JA 15 52.46 -62.17 -92.65
CA LEU JA 15 53.39 -63.21 -93.07
C LEU JA 15 53.27 -63.33 -94.58
N ASP JA 16 54.14 -62.64 -95.31
CA ASP JA 16 54.12 -62.63 -96.77
C ASP JA 16 55.22 -63.47 -97.41
N GLY JA 17 55.94 -64.27 -96.63
CA GLY JA 17 56.98 -65.11 -97.19
C GLY JA 17 58.34 -64.45 -97.36
N SER JA 18 58.53 -63.23 -96.88
CA SER JA 18 59.82 -62.59 -97.03
C SER JA 18 60.85 -63.16 -96.06
N LEU JA 19 60.42 -63.57 -94.87
CA LEU JA 19 61.33 -64.12 -93.90
C LEU JA 19 61.59 -65.59 -94.17
N ALA JA 20 62.73 -66.07 -93.69
CA ALA JA 20 63.12 -67.46 -93.87
C ALA JA 20 62.23 -68.37 -93.03
N GLY JA 21 61.83 -69.49 -93.61
CA GLY JA 21 60.97 -70.44 -92.92
C GLY JA 21 59.58 -69.90 -92.67
N ASP JA 22 59.06 -69.12 -93.60
CA ASP JA 22 57.74 -68.53 -93.50
C ASP JA 22 56.71 -69.51 -94.03
N TYR JA 23 55.86 -70.02 -93.14
CA TYR JA 23 54.81 -70.96 -93.51
C TYR JA 23 53.43 -70.42 -93.13
N GLY JA 24 53.36 -69.16 -92.72
CA GLY JA 24 52.09 -68.57 -92.34
C GLY JA 24 51.47 -69.16 -91.11
N PHE JA 25 52.28 -69.52 -90.11
CA PHE JA 25 51.80 -70.12 -88.87
C PHE JA 25 51.76 -69.06 -87.78
N ASP JA 26 50.57 -68.52 -87.53
CA ASP JA 26 50.33 -67.53 -86.50
C ASP JA 26 48.83 -67.49 -86.18
N PRO JA 27 48.29 -68.50 -85.50
CA PRO JA 27 46.85 -68.47 -85.20
C PRO JA 27 46.48 -67.48 -84.13
N LEU JA 28 47.41 -67.07 -83.27
CA LEU JA 28 47.13 -66.12 -82.22
C LEU JA 28 47.48 -64.69 -82.59
N PHE JA 29 48.02 -64.46 -83.79
CA PHE JA 29 48.40 -63.13 -84.29
C PHE JA 29 49.36 -62.41 -83.35
N LEU JA 30 50.32 -63.15 -82.79
CA LEU JA 30 51.28 -62.55 -81.85
C LEU JA 30 52.26 -61.64 -82.57
N GLY JA 31 52.53 -61.89 -83.84
CA GLY JA 31 53.46 -61.07 -84.60
C GLY JA 31 52.82 -60.26 -85.69
N GLN JA 32 51.67 -59.63 -85.40
CA GLN JA 32 51.00 -58.84 -86.42
C GLN JA 32 51.67 -57.49 -86.61
N GLU JA 33 52.21 -56.91 -85.55
CA GLU JA 33 52.86 -55.62 -85.66
C GLU JA 33 54.25 -55.79 -86.28
N PRO JA 34 54.74 -54.80 -87.02
CA PRO JA 34 56.07 -54.94 -87.65
C PRO JA 34 57.22 -54.98 -86.64
N GLN JA 35 57.20 -54.07 -85.65
CA GLN JA 35 58.27 -54.06 -84.65
C GLN JA 35 58.22 -55.31 -83.79
N THR JA 36 57.00 -55.75 -83.44
CA THR JA 36 56.85 -56.97 -82.65
C THR JA 36 57.31 -58.17 -83.44
N LEU JA 37 57.02 -58.21 -84.73
CA LEU JA 37 57.47 -59.32 -85.57
C LEU JA 37 58.99 -59.30 -85.70
N LYS JA 38 59.58 -58.11 -85.77
CA LYS JA 38 61.03 -58.00 -85.86
C LYS JA 38 61.69 -58.54 -84.60
N TRP JA 39 61.14 -58.15 -83.45
CA TRP JA 39 61.65 -58.62 -82.16
C TRP JA 39 61.47 -60.13 -82.04
N TYR JA 40 60.33 -60.65 -82.48
CA TYR JA 40 60.08 -62.09 -82.40
C TYR JA 40 60.97 -62.85 -83.37
N VAL JA 41 61.33 -62.24 -84.51
CA VAL JA 41 62.24 -62.90 -85.45
C VAL JA 41 63.60 -63.08 -84.83
N GLN JA 42 64.10 -62.01 -84.20
CA GLN JA 42 65.40 -62.14 -83.54
C GLN JA 42 65.34 -63.11 -82.38
N ALA JA 43 64.21 -63.14 -81.65
CA ALA JA 43 64.05 -64.06 -80.53
C ALA JA 43 64.04 -65.50 -81.01
N GLU JA 44 63.34 -65.78 -82.12
CA GLU JA 44 63.29 -67.12 -82.66
C GLU JA 44 64.66 -67.57 -83.16
N LEU JA 45 65.41 -66.65 -83.78
CA LEU JA 45 66.73 -67.01 -84.28
C LEU JA 45 67.68 -67.33 -83.12
N VAL JA 46 67.64 -66.52 -82.07
CA VAL JA 46 68.50 -66.77 -80.91
C VAL JA 46 68.12 -68.08 -80.22
N HIS JA 47 66.80 -68.32 -80.12
CA HIS JA 47 66.31 -69.55 -79.51
C HIS JA 47 66.74 -70.77 -80.30
N GLY JA 48 66.65 -70.71 -81.63
CA GLY JA 48 67.06 -71.82 -82.45
C GLY JA 48 68.55 -72.07 -82.40
N ARG JA 49 69.35 -71.00 -82.37
CA ARG JA 49 70.80 -71.19 -82.32
C ARG JA 49 71.22 -71.79 -80.99
N PHE JA 50 70.64 -71.31 -79.87
CA PHE JA 50 70.95 -71.89 -78.57
C PHE JA 50 70.47 -73.33 -78.50
N ALA JA 51 69.30 -73.61 -79.08
CA ALA JA 51 68.77 -74.96 -79.08
C ALA JA 51 69.63 -75.89 -79.91
N MET JA 52 70.21 -75.37 -81.01
CA MET JA 52 71.09 -76.17 -81.85
C MET JA 52 72.36 -76.54 -81.10
N LEU JA 53 72.94 -75.56 -80.40
CA LEU JA 53 74.14 -75.83 -79.61
C LEU JA 53 73.84 -76.83 -78.50
N GLY JA 54 72.70 -76.66 -77.84
CA GLY JA 54 72.32 -77.57 -76.77
C GLY JA 54 72.06 -78.98 -77.26
N ALA JA 55 71.33 -79.12 -78.37
CA ALA JA 55 71.04 -80.44 -78.92
C ALA JA 55 72.31 -81.14 -79.37
N ALA JA 56 73.23 -80.40 -80.00
CA ALA JA 56 74.49 -81.01 -80.42
C ALA JA 56 75.32 -81.46 -79.23
N GLY JA 57 75.40 -80.62 -78.19
CA GLY JA 57 76.16 -80.99 -77.01
C GLY JA 57 75.57 -82.17 -76.27
N ILE JA 58 74.24 -82.20 -76.14
CA ILE JA 58 73.56 -83.29 -75.45
C ILE JA 58 73.74 -84.60 -76.21
N ILE JA 59 73.62 -84.55 -77.55
CA ILE JA 59 73.78 -85.77 -78.34
C ILE JA 59 75.21 -86.28 -78.26
N LEU JA 60 76.20 -85.38 -78.36
CA LEU JA 60 77.59 -85.82 -78.27
C LEU JA 60 77.93 -86.39 -76.90
N THR JA 61 77.44 -85.74 -75.82
CA THR JA 61 77.73 -86.26 -74.49
C THR JA 61 77.05 -87.60 -74.26
N SER JA 62 75.82 -87.76 -74.76
CA SER JA 62 75.14 -89.04 -74.61
C SER JA 62 75.83 -90.13 -75.43
N ILE JA 63 76.44 -89.74 -76.57
CA ILE JA 63 77.19 -90.69 -77.38
C ILE JA 63 78.40 -91.17 -76.59
N GLY JA 64 79.09 -90.23 -75.95
CA GLY JA 64 80.24 -90.61 -75.14
C GLY JA 64 79.83 -91.39 -73.91
N ALA JA 65 78.60 -91.19 -73.46
CA ALA JA 65 78.11 -91.91 -72.28
C ALA JA 65 77.74 -93.34 -72.62
N LYS JA 66 77.17 -93.57 -73.81
CA LYS JA 66 76.77 -94.92 -74.21
C LYS JA 66 77.99 -95.81 -74.40
N VAL JA 67 79.07 -95.25 -74.94
CA VAL JA 67 80.31 -95.98 -75.16
C VAL JA 67 81.06 -95.86 -73.84
N GLY JA 68 82.03 -96.73 -73.58
CA GLY JA 68 82.75 -96.65 -72.32
C GLY JA 68 83.74 -95.50 -72.21
N LEU JA 69 83.24 -94.26 -72.15
CA LEU JA 69 84.09 -93.10 -72.03
C LEU JA 69 83.94 -92.35 -70.72
N GLY JA 70 82.92 -92.68 -69.92
CA GLY JA 70 82.73 -92.01 -68.64
C GLY JA 70 82.05 -90.65 -68.71
N PHE JA 71 81.49 -90.27 -69.85
CA PHE JA 71 80.81 -89.00 -69.97
C PHE JA 71 79.52 -89.00 -69.15
N PRO JA 72 79.31 -87.99 -68.32
CA PRO JA 72 78.09 -87.92 -67.53
C PRO JA 72 76.92 -87.47 -68.40
N GLU JA 73 75.72 -87.73 -67.91
CA GLU JA 73 74.54 -87.32 -68.65
C GLU JA 73 74.38 -85.81 -68.60
N TRP JA 74 73.55 -85.29 -69.50
CA TRP JA 74 73.36 -83.84 -69.57
C TRP JA 74 72.65 -83.29 -68.34
N TYR JA 75 71.87 -84.11 -67.64
CA TYR JA 75 71.18 -83.63 -66.44
C TYR JA 75 72.03 -83.73 -65.18
N ASP JA 76 73.28 -84.18 -65.30
CA ASP JA 76 74.20 -84.30 -64.18
C ASP JA 76 75.57 -83.69 -64.47
N ALA JA 77 75.78 -83.18 -65.69
CA ALA JA 77 77.07 -82.62 -66.07
C ALA JA 77 77.45 -81.42 -65.23
N GLY JA 78 76.47 -80.60 -64.83
CA GLY JA 78 76.78 -79.44 -64.01
C GLY JA 78 77.34 -79.84 -62.66
N LYS JA 79 76.72 -80.81 -62.01
CA LYS JA 79 77.19 -81.29 -60.72
C LYS JA 79 78.54 -81.98 -60.85
N VAL JA 80 78.72 -82.74 -61.93
CA VAL JA 80 79.98 -83.45 -62.15
C VAL JA 80 81.13 -82.46 -62.35
N VAL JA 81 80.89 -81.40 -63.13
CA VAL JA 81 81.94 -80.41 -63.37
C VAL JA 81 82.23 -79.58 -62.12
N VAL JA 82 81.18 -79.13 -61.43
CA VAL JA 82 81.39 -78.32 -60.23
C VAL JA 82 82.03 -79.12 -59.09
N GLU JA 83 81.72 -80.41 -58.96
CA GLU JA 83 82.33 -81.18 -57.88
C GLU JA 83 83.67 -81.78 -58.27
N LYS JA 84 83.86 -82.12 -59.55
CA LYS JA 84 85.14 -82.68 -59.99
C LYS JA 84 86.23 -81.63 -60.03
N ASN JA 85 85.93 -80.46 -60.59
CA ASN JA 85 86.87 -79.37 -60.70
C ASN JA 85 86.53 -78.36 -59.60
N ASN JA 86 87.56 -77.80 -58.96
CA ASN JA 86 87.31 -76.83 -57.90
C ASN JA 86 86.86 -75.52 -58.55
N ILE JA 87 85.57 -75.49 -58.89
CA ILE JA 87 84.94 -74.33 -59.52
C ILE JA 87 83.78 -73.87 -58.66
N ASP JA 88 83.78 -72.58 -58.33
CA ASP JA 88 82.72 -71.99 -57.52
C ASP JA 88 81.54 -71.70 -58.44
N PHE JA 89 80.38 -72.28 -58.13
CA PHE JA 89 79.19 -72.08 -58.95
C PHE JA 89 78.73 -70.63 -59.05
N PRO JA 90 78.62 -69.83 -57.95
CA PRO JA 90 78.21 -68.43 -58.14
C PRO JA 90 79.22 -67.61 -58.92
N THR JA 91 80.52 -67.90 -58.79
CA THR JA 91 81.53 -67.17 -59.54
C THR JA 91 81.38 -67.44 -61.03
N LEU JA 92 81.15 -68.70 -61.39
CA LEU JA 92 80.95 -69.05 -62.79
C LEU JA 92 79.69 -68.39 -63.34
N MET JA 93 78.63 -68.35 -62.51
CA MET JA 93 77.38 -67.71 -62.92
C MET JA 93 77.59 -66.22 -63.17
N VAL JA 94 78.35 -65.56 -62.29
CA VAL JA 94 78.58 -64.13 -62.43
C VAL JA 94 79.43 -63.84 -63.67
N ILE JA 95 80.45 -64.67 -63.94
CA ILE JA 95 81.29 -64.46 -65.13
C ILE JA 95 80.45 -64.65 -66.39
N GLN JA 96 79.62 -65.71 -66.41
CA GLN JA 96 78.77 -65.96 -67.57
C GLN JA 96 77.77 -64.83 -67.76
N PHE JA 97 77.22 -64.30 -66.67
CA PHE JA 97 76.29 -63.19 -66.77
C PHE JA 97 76.97 -61.94 -67.26
N TYR JA 98 78.24 -61.74 -66.88
CA TYR JA 98 78.97 -60.55 -67.34
C TYR JA 98 79.20 -60.61 -68.85
N LEU JA 99 79.72 -61.74 -69.33
CA LEU JA 99 79.97 -61.89 -70.77
C LEU JA 99 78.68 -61.83 -71.58
N MET JA 100 77.65 -62.57 -71.13
CA MET JA 100 76.38 -62.56 -71.84
C MET JA 100 75.73 -61.19 -71.76
N GLY JA 101 75.90 -60.48 -70.64
CA GLY JA 101 75.33 -59.16 -70.51
C GLY JA 101 75.94 -58.19 -71.49
N TRP JA 102 77.26 -58.23 -71.63
CA TRP JA 102 77.93 -57.34 -72.58
C TRP JA 102 77.50 -57.65 -74.02
N ALA JA 103 77.53 -58.92 -74.40
CA ALA JA 103 77.14 -59.31 -75.76
C ALA JA 103 75.68 -58.99 -76.06
N GLU JA 104 74.77 -59.42 -75.19
CA GLU JA 104 73.34 -59.19 -75.40
C GLU JA 104 72.99 -57.71 -75.29
N THR JA 105 73.71 -56.93 -74.48
CA THR JA 105 73.40 -55.51 -74.39
C THR JA 105 73.80 -54.81 -75.68
N LYS JA 106 74.95 -55.18 -76.24
CA LYS JA 106 75.35 -54.59 -77.51
C LYS JA 106 74.35 -54.96 -78.60
N ARG JA 107 73.91 -56.23 -78.60
CA ARG JA 107 72.93 -56.69 -79.56
C ARG JA 107 71.59 -55.97 -79.40
N TRP JA 108 71.17 -55.74 -78.15
CA TRP JA 108 69.90 -55.06 -77.88
C TRP JA 108 69.94 -53.61 -78.36
N TYR JA 109 71.00 -52.89 -78.01
CA TYR JA 109 71.08 -51.50 -78.44
C TYR JA 109 71.32 -51.41 -79.93
N ASP JA 110 71.80 -52.48 -80.56
CA ASP JA 110 71.92 -52.46 -82.01
C ASP JA 110 70.54 -52.67 -82.62
N PHE JA 111 69.70 -53.45 -81.94
CA PHE JA 111 68.34 -53.67 -82.42
C PHE JA 111 67.55 -52.37 -82.31
N LYS JA 112 67.80 -51.59 -81.26
CA LYS JA 112 67.10 -50.32 -81.09
C LYS JA 112 67.56 -49.31 -82.13
N ASN JA 113 68.87 -49.24 -82.38
CA ASN JA 113 69.46 -48.32 -83.36
C ASN JA 113 70.36 -49.14 -84.27
N PRO JA 114 69.86 -49.56 -85.44
CA PRO JA 114 70.68 -50.38 -86.35
C PRO JA 114 71.90 -49.63 -86.85
N GLY JA 115 73.06 -50.30 -86.75
CA GLY JA 115 74.31 -49.75 -87.17
C GLY JA 115 74.98 -48.84 -86.16
N SER JA 116 74.40 -48.68 -84.97
CA SER JA 116 74.97 -47.81 -83.95
C SER JA 116 76.26 -48.36 -83.36
N GLN JA 117 76.40 -49.68 -83.25
CA GLN JA 117 77.60 -50.29 -82.70
C GLN JA 117 78.81 -50.16 -83.61
N ALA JA 118 78.63 -49.72 -84.84
CA ALA JA 118 79.69 -49.55 -85.81
C ALA JA 118 80.35 -48.17 -85.72
N ASP JA 119 80.03 -47.40 -84.68
CA ASP JA 119 80.62 -46.07 -84.54
C ASP JA 119 82.09 -46.12 -84.18
N GLY JA 120 82.58 -47.25 -83.69
CA GLY JA 120 83.96 -47.38 -83.31
C GLY JA 120 84.25 -47.13 -81.84
N SER JA 121 83.22 -47.04 -81.00
CA SER JA 121 83.42 -46.78 -79.59
C SER JA 121 83.91 -48.01 -78.83
N PHE JA 122 83.89 -49.19 -79.45
CA PHE JA 122 84.36 -50.43 -78.83
C PHE JA 122 85.66 -50.83 -79.51
N LEU JA 123 86.78 -50.41 -78.92
CA LEU JA 123 88.15 -50.70 -79.36
C LEU JA 123 88.43 -50.29 -80.81
N GLY JA 124 87.62 -49.42 -81.41
CA GLY JA 124 87.82 -48.99 -82.77
C GLY JA 124 87.24 -49.88 -83.83
N PHE JA 125 86.64 -51.01 -83.45
CA PHE JA 125 86.05 -51.91 -84.44
C PHE JA 125 84.78 -51.30 -85.00
N THR JA 126 84.72 -51.18 -86.33
CA THR JA 126 83.55 -50.59 -86.98
C THR JA 126 82.78 -51.57 -87.86
N GLU JA 127 83.40 -52.12 -88.90
CA GLU JA 127 82.67 -53.01 -89.80
C GLU JA 127 82.32 -54.36 -89.19
N GLU JA 128 82.93 -54.71 -88.05
CA GLU JA 128 82.63 -55.98 -87.41
C GLU JA 128 81.30 -55.96 -86.66
N PHE JA 129 80.69 -54.79 -86.46
CA PHE JA 129 79.41 -54.68 -85.76
C PHE JA 129 78.41 -53.85 -86.53
N LYS JA 130 78.58 -53.73 -87.85
CA LYS JA 130 77.65 -52.94 -88.65
C LYS JA 130 76.31 -53.66 -88.80
N GLY JA 131 76.33 -54.98 -88.89
CA GLY JA 131 75.10 -55.75 -89.02
C GLY JA 131 74.55 -55.80 -90.43
N LEU JA 132 74.03 -56.95 -90.83
CA LEU JA 132 73.46 -57.09 -92.16
C LEU JA 132 71.95 -56.88 -92.18
N GLU JA 133 71.21 -57.72 -91.45
CA GLU JA 133 69.76 -57.63 -91.36
C GLU JA 133 69.35 -57.86 -89.91
N ASN JA 134 68.04 -57.99 -89.69
CA ASN JA 134 67.54 -58.23 -88.34
C ASN JA 134 67.78 -59.69 -87.97
N GLY JA 135 68.53 -59.90 -86.89
CA GLY JA 135 68.84 -61.25 -86.46
C GLY JA 135 69.92 -61.94 -87.26
N TYR JA 136 70.52 -61.24 -88.22
CA TYR JA 136 71.59 -61.77 -89.07
C TYR JA 136 72.74 -60.78 -89.01
N PRO JA 137 73.62 -60.90 -88.00
CA PRO JA 137 74.76 -59.98 -87.82
C PRO JA 137 76.02 -60.32 -88.61
N GLY JA 138 76.04 -59.97 -89.88
CA GLY JA 138 77.20 -60.25 -90.71
C GLY JA 138 78.42 -59.42 -90.34
N GLY JA 139 79.56 -59.92 -90.75
CA GLY JA 139 80.83 -59.26 -90.47
C GLY JA 139 81.95 -60.28 -90.48
N ARG JA 140 83.17 -59.76 -90.33
CA ARG JA 140 84.32 -60.65 -90.32
C ARG JA 140 84.46 -61.44 -89.04
N PHE JA 141 83.86 -60.97 -87.94
CA PHE JA 141 83.96 -61.69 -86.67
C PHE JA 141 82.90 -62.78 -86.57
N PHE JA 142 81.65 -62.45 -86.90
CA PHE JA 142 80.58 -63.44 -86.82
C PHE JA 142 80.59 -64.38 -88.01
N ASP JA 143 80.99 -63.90 -89.18
CA ASP JA 143 81.04 -64.71 -90.39
C ASP JA 143 82.41 -64.55 -91.05
N PRO JA 144 83.46 -65.14 -90.49
CA PRO JA 144 84.79 -65.00 -91.11
C PRO JA 144 84.91 -65.68 -92.45
N MET JA 145 84.04 -66.65 -92.76
CA MET JA 145 84.10 -67.32 -94.04
C MET JA 145 83.46 -66.52 -95.16
N GLY JA 146 82.76 -65.44 -94.84
CA GLY JA 146 82.14 -64.60 -95.85
C GLY JA 146 81.02 -65.24 -96.63
N LEU JA 147 80.24 -66.11 -96.00
CA LEU JA 147 79.14 -66.77 -96.71
C LEU JA 147 77.92 -65.87 -96.84
N SER JA 148 77.82 -64.83 -96.01
CA SER JA 148 76.70 -63.92 -96.05
C SER JA 148 76.92 -62.77 -97.02
N ARG JA 149 78.09 -62.68 -97.62
CA ARG JA 149 78.43 -61.62 -98.56
C ARG JA 149 78.82 -62.20 -99.91
N GLY JA 150 78.03 -63.14 -100.40
CA GLY JA 150 78.30 -63.78 -101.68
C GLY JA 150 77.31 -64.87 -101.98
N ASP JA 151 76.86 -64.94 -103.25
CA ASP JA 151 75.91 -65.94 -103.75
C ASP JA 151 74.60 -65.88 -102.94
N ALA JA 152 73.86 -64.80 -103.18
CA ALA JA 152 72.58 -64.50 -102.55
C ALA JA 152 71.60 -65.69 -102.47
N ALA JA 153 71.51 -66.48 -103.54
CA ALA JA 153 70.62 -67.63 -103.53
C ALA JA 153 71.07 -68.66 -102.51
N LYS JA 154 72.39 -68.90 -102.45
CA LYS JA 154 72.94 -69.84 -101.48
C LYS JA 154 72.73 -69.31 -100.07
N TYR JA 155 72.82 -67.98 -99.90
CA TYR JA 155 72.61 -67.37 -98.60
C TYR JA 155 71.17 -67.54 -98.14
N GLN JA 156 70.20 -67.36 -99.04
CA GLN JA 156 68.80 -67.53 -98.68
C GLN JA 156 68.52 -68.99 -98.35
N GLU JA 157 69.11 -69.91 -99.10
CA GLU JA 157 68.92 -71.33 -98.83
C GLU JA 157 69.49 -71.69 -97.45
N TYR JA 158 70.67 -71.13 -97.12
CA TYR JA 158 71.26 -71.38 -95.80
C TYR JA 158 70.40 -70.75 -94.70
N LYS JA 159 69.74 -69.63 -94.99
CA LYS JA 159 68.86 -69.01 -94.00
C LYS JA 159 67.67 -69.92 -93.71
N GLN JA 160 67.11 -70.52 -94.77
CA GLN JA 160 65.99 -71.43 -94.60
C GLN JA 160 66.43 -72.67 -93.81
N LYS JA 161 67.64 -73.16 -94.12
CA LYS JA 161 68.15 -74.32 -93.41
C LYS JA 161 68.39 -73.99 -91.93
N GLU JA 162 68.88 -72.79 -91.65
CA GLU JA 162 69.14 -72.38 -90.27
C GLU JA 162 67.86 -72.27 -89.46
N VAL JA 163 66.82 -71.64 -90.02
CA VAL JA 163 65.58 -71.51 -89.25
C VAL JA 163 64.91 -72.88 -89.06
N LYS JA 164 64.93 -73.73 -90.08
CA LYS JA 164 64.32 -75.05 -89.93
C LYS JA 164 65.08 -75.92 -88.93
N ASN JA 165 66.43 -75.87 -88.98
CA ASN JA 165 67.22 -76.65 -88.03
C ASN JA 165 67.05 -76.10 -86.63
N GLY JA 166 66.86 -74.79 -86.49
CA GLY JA 166 66.64 -74.21 -85.18
C GLY JA 166 65.32 -74.65 -84.57
N ARG JA 167 64.26 -74.66 -85.39
CA ARG JA 167 62.96 -75.12 -84.89
C ARG JA 167 63.02 -76.59 -84.51
N LEU JA 168 63.73 -77.38 -85.31
CA LEU JA 168 63.88 -78.81 -85.02
C LEU JA 168 64.67 -79.00 -83.73
N ALA JA 169 65.70 -78.18 -83.50
CA ALA JA 169 66.49 -78.29 -82.29
C ALA JA 169 65.68 -77.86 -81.07
N MET JA 170 64.78 -76.88 -81.24
CA MET JA 170 63.94 -76.47 -80.12
C MET JA 170 63.01 -77.61 -79.72
N ILE JA 171 62.43 -78.27 -80.73
CA ILE JA 171 61.56 -79.41 -80.47
C ILE JA 171 62.37 -80.54 -79.85
N ALA JA 172 63.63 -80.69 -80.26
CA ALA JA 172 64.51 -81.72 -79.72
C ALA JA 172 64.81 -81.48 -78.25
N CYS JA 173 65.05 -80.21 -77.87
CA CYS JA 173 65.32 -79.90 -76.47
C CYS JA 173 64.08 -80.13 -75.61
N LEU JA 174 62.91 -79.80 -76.16
CA LEU JA 174 61.67 -80.04 -75.42
C LEU JA 174 61.48 -81.54 -75.24
N GLY JA 175 61.83 -82.31 -76.27
CA GLY JA 175 61.74 -83.76 -76.18
C GLY JA 175 62.72 -84.33 -75.18
N PHE JA 176 63.91 -83.72 -75.07
CA PHE JA 176 64.90 -84.17 -74.10
C PHE JA 176 64.36 -83.99 -72.69
N ALA JA 177 63.77 -82.81 -72.43
CA ALA JA 177 63.22 -82.53 -71.10
C ALA JA 177 62.06 -83.47 -70.77
N ALA JA 178 61.16 -83.69 -71.73
CA ALA JA 178 60.03 -84.60 -71.47
C ALA JA 178 60.51 -86.03 -71.28
N GLN JA 179 61.49 -86.46 -72.07
CA GLN JA 179 62.00 -87.83 -71.95
C GLN JA 179 62.68 -88.05 -70.62
N TYR JA 180 63.42 -87.05 -70.14
CA TYR JA 180 64.08 -87.19 -68.85
C TYR JA 180 63.06 -87.16 -67.71
N ALA JA 181 62.02 -86.35 -67.84
CA ALA JA 181 61.03 -86.29 -66.76
C ALA JA 181 60.09 -87.49 -66.77
N ALA JA 182 59.95 -88.18 -67.90
CA ALA JA 182 59.03 -89.32 -67.97
C ALA JA 182 59.72 -90.67 -67.82
N THR JA 183 60.91 -90.84 -68.41
CA THR JA 183 61.60 -92.13 -68.31
C THR JA 183 62.73 -92.10 -67.28
N GLY JA 184 63.36 -90.96 -67.07
CA GLY JA 184 64.43 -90.87 -66.09
C GLY JA 184 65.84 -91.12 -66.61
N LYS JA 185 66.00 -91.50 -67.87
CA LYS JA 185 67.31 -91.76 -68.45
C LYS JA 185 67.61 -90.73 -69.54
N GLY JA 186 68.79 -90.88 -70.14
CA GLY JA 186 69.22 -89.99 -71.19
C GLY JA 186 68.52 -90.26 -72.51
N PRO JA 187 68.65 -89.34 -73.46
CA PRO JA 187 68.00 -89.54 -74.77
C PRO JA 187 68.50 -90.75 -75.55
N LEU JA 188 69.82 -91.04 -75.49
CA LEU JA 188 70.30 -92.20 -76.22
C LEU JA 188 69.91 -93.49 -75.52
N ASP JA 189 69.74 -93.45 -74.20
CA ASP JA 189 69.29 -94.65 -73.50
C ASP JA 189 67.87 -94.96 -73.92
N ASN JA 190 67.05 -93.93 -74.10
CA ASN JA 190 65.68 -94.10 -74.56
C ASN JA 190 65.67 -94.59 -75.99
N LEU JA 191 66.61 -94.10 -76.81
CA LEU JA 191 66.68 -94.54 -78.20
C LEU JA 191 67.07 -96.01 -78.28
N ALA JA 192 68.01 -96.45 -77.43
CA ALA JA 192 68.42 -97.85 -77.42
C ALA JA 192 67.28 -98.73 -76.92
N ASP JA 193 66.53 -98.27 -75.91
CA ASP JA 193 65.41 -99.04 -75.41
C ASP JA 193 64.33 -99.16 -76.47
N HIS JA 194 64.10 -98.10 -77.24
CA HIS JA 194 63.09 -98.14 -78.29
C HIS JA 194 63.54 -99.01 -79.46
N LEU JA 195 64.81 -98.94 -79.84
CA LEU JA 195 65.30 -99.75 -80.95
C LEU JA 195 65.33 -101.22 -80.57
N ALA JA 196 65.49 -101.52 -79.27
CA ALA JA 196 65.49 -102.91 -78.84
C ALA JA 196 64.10 -103.52 -78.95
N ASP JA 197 63.06 -102.71 -78.71
CA ASP JA 197 61.67 -103.18 -78.79
C ASP JA 197 60.77 -101.99 -79.09
N PRO JA 198 60.56 -101.69 -80.37
CA PRO JA 198 59.71 -100.53 -80.70
C PRO JA 198 58.22 -100.77 -80.48
N ASN JA 199 57.77 -102.01 -80.48
CA ASN JA 199 56.34 -102.26 -80.32
C ASN JA 199 55.91 -102.15 -78.86
N HIS JA 200 56.83 -102.33 -77.90
CA HIS JA 200 56.45 -102.28 -76.50
C HIS JA 200 57.18 -101.22 -75.69
N VAL JA 201 58.17 -100.53 -76.25
CA VAL JA 201 58.90 -99.51 -75.51
C VAL JA 201 58.70 -98.19 -76.25
N ASN JA 202 57.70 -97.41 -75.84
CA ASN JA 202 57.40 -96.13 -76.47
C ASN JA 202 56.70 -95.25 -75.43
N PHE JA 203 56.12 -94.14 -75.89
CA PHE JA 203 55.43 -93.25 -74.97
C PHE JA 203 54.10 -93.82 -74.50
N ALA JA 204 53.53 -94.77 -75.25
CA ALA JA 204 52.26 -95.35 -74.86
C ALA JA 204 52.41 -96.44 -73.81
N THR JA 205 53.65 -96.80 -73.45
CA THR JA 205 53.89 -97.84 -72.46
C THR JA 205 54.81 -97.38 -71.34
N ASN JA 206 55.19 -96.11 -71.28
CA ASN JA 206 56.06 -95.68 -70.19
C ASN JA 206 55.33 -95.53 -68.87
N GLY JA 207 54.00 -95.53 -68.88
CA GLY JA 207 53.21 -95.41 -67.67
C GLY JA 207 53.09 -94.01 -67.10
N VAL JA 208 53.64 -93.00 -67.78
CA VAL JA 208 53.59 -91.62 -67.31
C VAL JA 208 52.88 -90.72 -68.30
N SER JA 209 53.17 -90.87 -69.60
CA SER JA 209 52.57 -90.04 -70.63
C SER JA 209 51.06 -90.24 -70.71
N ILE JA 210 50.62 -91.48 -70.86
CA ILE JA 210 49.18 -91.74 -70.93
C ILE JA 210 48.76 -92.29 -69.57
N PRO JA 211 48.04 -91.50 -68.76
CA PRO JA 211 47.65 -91.97 -67.43
C PRO JA 211 46.56 -93.03 -67.47
N ILE JA 212 45.71 -93.03 -68.50
CA ILE JA 212 44.64 -94.02 -68.57
C ILE JA 212 45.11 -95.35 -69.13
N ALA JA 213 46.39 -95.48 -69.48
CA ALA JA 213 46.91 -96.72 -70.02
C ALA JA 213 47.30 -97.68 -68.90
N ARG KA 1 80.68 -38.39 -81.24
CA ARG KA 1 80.09 -38.15 -79.93
C ARG KA 1 80.27 -39.35 -79.01
N GLN KA 2 81.08 -39.18 -77.98
CA GLN KA 2 81.31 -40.26 -77.02
C GLN KA 2 80.07 -40.44 -76.17
N SER KA 3 79.67 -41.69 -75.96
CA SER KA 3 78.49 -41.99 -75.19
C SER KA 3 78.72 -43.13 -74.23
N TRP KA 4 77.93 -43.14 -73.16
CA TRP KA 4 77.99 -44.17 -72.14
C TRP KA 4 77.22 -45.41 -72.57
N LEU KA 5 76.54 -45.37 -73.71
CA LEU KA 5 75.77 -46.51 -74.19
C LEU KA 5 75.59 -46.33 -75.69
N PRO KA 6 76.38 -47.04 -76.50
CA PRO KA 6 76.25 -46.92 -77.97
C PRO KA 6 74.87 -47.35 -78.45
N GLY KA 7 74.15 -46.41 -79.04
CA GLY KA 7 72.82 -46.65 -79.54
C GLY KA 7 71.71 -46.09 -78.68
N SER KA 8 72.01 -45.77 -77.41
CA SER KA 8 70.99 -45.23 -76.53
C SER KA 8 70.66 -43.78 -76.93
N GLN KA 9 69.43 -43.38 -76.64
CA GLN KA 9 68.98 -42.03 -76.97
C GLN KA 9 69.61 -41.05 -75.99
N ILE KA 10 70.52 -40.22 -76.49
CA ILE KA 10 71.15 -39.20 -75.65
C ILE KA 10 70.12 -38.14 -75.29
N PRO KA 11 70.03 -37.69 -74.04
CA PRO KA 11 69.04 -36.68 -73.69
C PRO KA 11 69.29 -35.36 -74.42
N ALA KA 12 68.19 -34.65 -74.70
CA ALA KA 12 68.29 -33.37 -75.40
C ALA KA 12 68.97 -32.32 -74.54
N HIS KA 13 68.76 -32.36 -73.22
CA HIS KA 13 69.39 -31.38 -72.34
C HIS KA 13 70.89 -31.56 -72.25
N LEU KA 14 71.39 -32.77 -72.48
CA LEU KA 14 72.81 -33.04 -72.45
C LEU KA 14 73.47 -32.80 -73.79
N ASP KA 15 72.68 -32.48 -74.83
CA ASP KA 15 73.17 -32.22 -76.16
C ASP KA 15 73.30 -30.73 -76.47
N THR KA 16 72.98 -29.87 -75.51
CA THR KA 16 73.09 -28.43 -75.74
C THR KA 16 74.57 -28.03 -75.75
N PRO KA 17 74.92 -26.92 -76.41
CA PRO KA 17 76.33 -26.50 -76.42
C PRO KA 17 76.90 -26.20 -75.04
N ALA KA 18 76.07 -25.75 -74.10
CA ALA KA 18 76.57 -25.48 -72.76
C ALA KA 18 76.83 -26.77 -72.01
N ALA KA 19 75.95 -27.77 -72.17
CA ALA KA 19 76.12 -29.04 -71.49
C ALA KA 19 77.33 -29.80 -72.03
N GLN KA 20 77.61 -29.67 -73.33
CA GLN KA 20 78.75 -30.36 -73.91
C GLN KA 20 80.08 -29.69 -73.54
N ALA KA 21 80.03 -28.48 -72.99
CA ALA KA 21 81.25 -27.80 -72.58
C ALA KA 21 81.82 -28.39 -71.29
N LEU KA 22 81.01 -29.11 -70.53
CA LEU KA 22 81.49 -29.71 -69.29
C LEU KA 22 82.42 -30.88 -69.60
N ALA KA 23 83.37 -31.11 -68.71
CA ALA KA 23 84.30 -32.21 -68.89
C ALA KA 23 83.60 -33.53 -68.57
N GLY KA 24 84.00 -34.57 -69.29
CA GLY KA 24 83.43 -35.89 -69.08
C GLY KA 24 81.98 -36.04 -69.49
N ASN KA 25 81.56 -35.40 -70.57
CA ASN KA 25 80.18 -35.50 -71.04
C ASN KA 25 80.06 -36.78 -71.85
N PHE KA 26 79.33 -37.74 -71.31
CA PHE KA 26 79.11 -39.03 -71.96
C PHE KA 26 77.62 -39.31 -72.16
N GLY KA 27 76.77 -38.29 -72.00
CA GLY KA 27 75.34 -38.43 -72.17
C GLY KA 27 74.66 -39.37 -71.20
N PHE KA 28 75.15 -39.44 -69.96
CA PHE KA 28 74.58 -40.32 -68.95
C PHE KA 28 73.67 -39.55 -68.01
N ASP KA 29 72.36 -39.74 -68.20
CA ASP KA 29 71.33 -39.14 -67.38
C ASP KA 29 70.02 -39.87 -67.56
N PRO KA 30 69.90 -41.11 -67.05
CA PRO KA 30 68.64 -41.84 -67.24
C PRO KA 30 67.48 -41.30 -66.42
N LEU KA 31 67.77 -40.57 -65.34
CA LEU KA 31 66.71 -40.02 -64.51
C LEU KA 31 66.34 -38.59 -64.89
N GLY KA 32 67.10 -37.96 -65.78
CA GLY KA 32 66.81 -36.60 -66.18
C GLY KA 32 66.99 -35.58 -65.08
N LEU KA 33 68.03 -35.73 -64.27
CA LEU KA 33 68.26 -34.78 -63.18
C LEU KA 33 68.97 -33.52 -63.66
N GLY KA 34 69.37 -33.47 -64.92
CA GLY KA 34 70.06 -32.31 -65.44
C GLY KA 34 69.27 -31.54 -66.48
N LYS KA 35 67.94 -31.76 -66.54
CA LYS KA 35 67.12 -31.05 -67.52
C LYS KA 35 67.16 -29.54 -67.29
N ASP KA 36 67.02 -29.13 -66.04
CA ASP KA 36 67.06 -27.71 -65.70
C ASP KA 36 68.48 -27.20 -65.78
N PRO KA 37 68.77 -26.15 -66.56
CA PRO KA 37 70.15 -25.65 -66.64
C PRO KA 37 70.72 -25.17 -65.31
N VAL KA 38 69.88 -24.60 -64.45
CA VAL KA 38 70.35 -24.17 -63.12
C VAL KA 38 70.69 -25.40 -62.30
N ALA KA 39 69.85 -26.42 -62.36
CA ALA KA 39 70.10 -27.66 -61.63
C ALA KA 39 71.34 -28.35 -62.18
N LEU KA 40 71.52 -28.33 -63.50
CA LEU KA 40 72.68 -28.94 -64.11
C LEU KA 40 73.96 -28.23 -63.68
N ARG KA 41 73.92 -26.90 -63.56
CA ARG KA 41 75.08 -26.15 -63.12
C ARG KA 41 75.41 -26.46 -61.66
N TRP KA 42 74.37 -26.51 -60.81
CA TRP KA 42 74.57 -26.81 -59.39
C TRP KA 42 75.11 -28.22 -59.22
N TYR KA 43 74.57 -29.17 -59.97
CA TYR KA 43 75.05 -30.55 -59.88
C TYR KA 43 76.47 -30.67 -60.45
N GLN KA 44 76.83 -29.82 -61.41
CA GLN KA 44 78.18 -29.85 -61.95
C GLN KA 44 79.17 -29.39 -60.87
N GLN KA 45 78.75 -28.38 -60.10
CA GLN KA 45 79.58 -27.93 -58.98
C GLN KA 45 79.69 -29.03 -57.93
N ALA KA 46 78.56 -29.69 -57.63
CA ALA KA 46 78.55 -30.77 -56.65
C ALA KA 46 79.43 -31.92 -57.09
N GLU KA 47 79.41 -32.25 -58.38
CA GLU KA 47 80.24 -33.32 -58.90
C GLU KA 47 81.72 -32.96 -58.78
N LEU KA 48 82.06 -31.69 -59.05
CA LEU KA 48 83.46 -31.29 -58.92
C LEU KA 48 83.95 -31.38 -57.48
N ILE KA 49 83.12 -30.89 -56.53
CA ILE KA 49 83.49 -30.94 -55.12
C ILE KA 49 83.62 -32.38 -54.65
N HIS KA 50 82.68 -33.24 -55.06
CA HIS KA 50 82.72 -34.64 -54.71
C HIS KA 50 83.93 -35.33 -55.29
N CYS KA 51 84.29 -34.97 -56.53
CA CYS KA 51 85.46 -35.57 -57.17
C CYS KA 51 86.74 -35.23 -56.42
N ARG KA 52 86.93 -33.96 -56.09
CA ARG KA 52 88.14 -33.56 -55.37
C ARG KA 52 88.17 -34.14 -53.96
N THR KA 53 87.04 -34.12 -53.25
CA THR KA 53 86.99 -34.66 -51.90
C THR KA 53 87.22 -36.17 -51.89
N ALA KA 54 86.59 -36.87 -52.84
CA ALA KA 54 86.75 -38.31 -52.94
C ALA KA 54 88.18 -38.67 -53.32
N MET KA 55 88.81 -37.88 -54.20
CA MET KA 55 90.18 -38.16 -54.59
C MET KA 55 91.12 -37.99 -53.41
N ALA KA 56 90.95 -36.93 -52.63
CA ALA KA 56 91.81 -36.72 -51.46
C ALA KA 56 91.59 -37.81 -50.41
N GLY KA 57 90.33 -38.19 -50.17
CA GLY KA 57 90.05 -39.23 -49.18
C GLY KA 57 90.57 -40.59 -49.61
N VAL KA 58 90.30 -40.99 -50.85
CA VAL KA 58 90.75 -42.28 -51.35
C VAL KA 58 92.26 -42.32 -51.42
N ALA KA 59 92.91 -41.18 -51.71
CA ALA KA 59 94.37 -41.16 -51.72
C ALA KA 59 94.89 -41.35 -50.30
N GLY KA 60 94.29 -40.66 -49.33
CA GLY KA 60 94.68 -40.78 -47.94
C GLY KA 60 94.37 -42.14 -47.34
N ILE KA 61 93.56 -42.95 -48.02
CA ILE KA 61 93.24 -44.29 -47.55
C ILE KA 61 94.11 -45.34 -48.26
N LEU KA 62 94.28 -45.19 -49.57
CA LEU KA 62 95.01 -46.14 -50.39
C LEU KA 62 96.52 -46.03 -50.26
N ILE KA 63 97.10 -44.81 -50.35
CA ILE KA 63 98.56 -44.68 -50.24
C ILE KA 63 99.10 -45.09 -48.87
N PRO KA 64 98.56 -44.61 -47.73
CA PRO KA 64 99.09 -45.09 -46.45
C PRO KA 64 98.81 -46.56 -46.22
N GLY KA 65 97.75 -47.09 -46.84
CA GLY KA 65 97.46 -48.50 -46.71
C GLY KA 65 98.44 -49.33 -47.53
N LEU KA 66 98.88 -48.80 -48.66
CA LEU KA 66 99.86 -49.51 -49.48
C LEU KA 66 101.24 -49.44 -48.84
N LEU KA 67 101.53 -48.32 -48.16
CA LEU KA 67 102.82 -48.20 -47.50
C LEU KA 67 102.85 -49.05 -46.22
N THR KA 68 101.68 -49.30 -45.63
CA THR KA 68 101.61 -50.13 -44.43
C THR KA 68 101.88 -51.59 -44.77
N LYS KA 69 101.47 -52.03 -45.96
CA LYS KA 69 101.73 -53.40 -46.39
C LYS KA 69 103.22 -53.65 -46.50
N ALA KA 70 103.97 -52.62 -46.91
CA ALA KA 70 105.41 -52.68 -47.00
C ALA KA 70 105.97 -52.14 -45.70
N GLY KA 71 107.28 -51.90 -45.65
CA GLY KA 71 107.86 -51.37 -44.43
C GLY KA 71 108.00 -49.87 -44.41
N ALA KA 72 107.30 -49.16 -45.29
CA ALA KA 72 107.41 -47.70 -45.34
C ALA KA 72 106.68 -47.04 -44.17
N LEU KA 73 105.47 -47.48 -43.88
CA LEU KA 73 104.68 -46.90 -42.80
C LEU KA 73 104.00 -47.99 -41.98
N ASN KA 74 103.31 -47.54 -40.94
CA ASN KA 74 102.55 -48.38 -40.02
C ASN KA 74 101.20 -47.72 -39.72
N VAL KA 75 100.56 -47.18 -40.74
CA VAL KA 75 99.26 -46.52 -40.61
C VAL KA 75 98.17 -47.58 -40.44
N PRO KA 76 97.27 -47.46 -39.46
CA PRO KA 76 96.21 -48.47 -39.31
C PRO KA 76 95.16 -48.40 -40.41
N GLU KA 77 94.12 -49.21 -40.29
CA GLU KA 77 93.06 -49.22 -41.29
C GLU KA 77 92.29 -47.92 -41.28
N TRP KA 78 91.65 -47.60 -42.41
CA TRP KA 78 90.88 -46.37 -42.51
C TRP KA 78 89.67 -46.39 -41.59
N TYR KA 79 89.11 -47.56 -41.33
CA TYR KA 79 87.97 -47.64 -40.45
C TYR KA 79 88.36 -47.67 -38.97
N ASP KA 80 89.66 -47.69 -38.68
CA ASP KA 80 90.16 -47.71 -37.32
C ASP KA 80 91.13 -46.57 -37.05
N ALA KA 81 91.46 -45.76 -38.05
CA ALA KA 81 92.42 -44.66 -37.85
C ALA KA 81 91.85 -43.55 -36.99
N GLY KA 82 90.52 -43.37 -36.98
CA GLY KA 82 89.93 -42.31 -36.17
C GLY KA 82 90.14 -42.54 -34.68
N LYS KA 83 89.89 -43.77 -34.22
CA LYS KA 83 90.06 -44.10 -32.81
C LYS KA 83 91.52 -44.01 -32.39
N VAL KA 84 92.42 -44.55 -33.22
CA VAL KA 84 93.85 -44.53 -32.91
C VAL KA 84 94.37 -43.09 -32.90
N ALA KA 85 93.91 -42.25 -33.84
CA ALA KA 85 94.37 -40.88 -33.90
C ALA KA 85 93.79 -40.03 -32.78
N ILE KA 86 92.60 -40.39 -32.28
CA ILE KA 86 92.01 -39.59 -31.20
C ILE KA 86 92.50 -40.07 -29.84
N GLU KA 87 93.06 -41.27 -29.75
CA GLU KA 87 93.55 -41.79 -28.47
C GLU KA 87 94.67 -40.91 -27.91
N ASN KA 88 95.79 -40.83 -28.64
CA ASN KA 88 96.91 -40.00 -28.22
C ASN KA 88 96.90 -38.67 -28.95
N SER KA 89 95.85 -37.89 -28.70
CA SER KA 89 95.67 -36.58 -29.32
C SER KA 89 95.71 -35.50 -28.27
N PHE KA 90 95.45 -34.27 -28.70
CA PHE KA 90 95.45 -33.11 -27.82
C PHE KA 90 94.06 -32.55 -27.55
N ALA KA 91 93.02 -33.14 -28.13
CA ALA KA 91 91.65 -32.66 -27.95
C ALA KA 91 90.67 -33.76 -28.29
N PRO KA 92 89.48 -33.75 -27.70
CA PRO KA 92 88.49 -34.79 -28.04
C PRO KA 92 87.95 -34.57 -29.44
N TRP KA 93 87.17 -35.54 -29.90
CA TRP KA 93 86.61 -35.44 -31.25
C TRP KA 93 85.54 -34.37 -31.36
N GLY KA 94 84.85 -34.06 -30.27
CA GLY KA 94 83.82 -33.03 -30.32
C GLY KA 94 84.39 -31.64 -30.56
N SER KA 95 85.43 -31.28 -29.81
CA SER KA 95 86.04 -29.97 -29.96
C SER KA 95 86.68 -29.82 -31.34
N LEU KA 96 87.33 -30.89 -31.80
CA LEU KA 96 87.97 -30.89 -33.11
C LEU KA 96 86.92 -30.75 -34.21
N LEU KA 97 85.78 -31.44 -34.07
CA LEU KA 97 84.73 -31.36 -35.07
C LEU KA 97 84.09 -29.97 -35.06
N ALA KA 98 84.03 -29.33 -33.87
CA ALA KA 98 83.46 -27.99 -33.80
C ALA KA 98 84.34 -26.99 -34.54
N VAL KA 99 85.66 -27.05 -34.30
CA VAL KA 99 86.58 -26.15 -34.99
C VAL KA 99 86.55 -26.43 -36.49
N GLN KA 100 86.48 -27.70 -36.85
CA GLN KA 100 86.39 -28.12 -38.25
C GLN KA 100 85.15 -27.55 -38.91
N LEU KA 101 84.00 -27.65 -38.24
CA LEU KA 101 82.75 -27.15 -38.81
C LEU KA 101 82.81 -25.65 -38.99
N PHE KA 102 83.44 -24.93 -38.04
CA PHE KA 102 83.55 -23.48 -38.18
C PHE KA 102 84.43 -23.10 -39.38
N LEU KA 103 85.63 -23.67 -39.44
CA LEU KA 103 86.57 -23.36 -40.52
C LEU KA 103 86.03 -23.80 -41.88
N CYS KA 104 85.33 -24.93 -41.93
CA CYS KA 104 84.79 -25.39 -43.20
C CYS KA 104 83.56 -24.58 -43.60
N GLY KA 105 82.78 -24.12 -42.61
CA GLY KA 105 81.61 -23.34 -42.90
C GLY KA 105 81.95 -21.99 -43.51
N PHE KA 106 83.03 -21.38 -43.04
CA PHE KA 106 83.43 -20.08 -43.59
C PHE KA 106 83.76 -20.16 -45.08
N VAL KA 107 84.65 -21.08 -45.45
CA VAL KA 107 85.05 -21.22 -46.85
C VAL KA 107 83.91 -21.76 -47.70
N GLU KA 108 83.06 -22.64 -47.16
CA GLU KA 108 81.96 -23.14 -47.96
C GLU KA 108 80.93 -22.06 -48.17
N ALA KA 109 80.79 -21.14 -47.21
CA ALA KA 109 79.87 -20.03 -47.38
C ALA KA 109 80.38 -19.08 -48.44
N LYS KA 110 81.71 -18.86 -48.47
CA LYS KA 110 82.28 -17.99 -49.50
C LYS KA 110 82.13 -18.63 -50.88
N ARG KA 111 82.33 -19.95 -50.95
CA ARG KA 111 82.17 -20.66 -52.22
C ARG KA 111 80.71 -20.63 -52.67
N TRP KA 112 79.77 -20.74 -51.72
CA TRP KA 112 78.36 -20.68 -52.06
C TRP KA 112 77.98 -19.30 -52.58
N GLN KA 113 78.54 -18.25 -51.97
CA GLN KA 113 78.24 -16.90 -52.43
C GLN KA 113 78.82 -16.68 -53.82
N ASP KA 114 79.97 -17.29 -54.12
CA ASP KA 114 80.55 -17.13 -55.44
C ASP KA 114 79.78 -17.95 -56.47
N ILE KA 115 79.15 -19.04 -56.03
CA ILE KA 115 78.34 -19.85 -56.94
C ILE KA 115 77.08 -19.07 -57.29
N ARG KA 116 76.48 -18.43 -56.29
CA ARG KA 116 75.27 -17.64 -56.50
C ARG KA 116 75.54 -16.46 -57.43
N LYS KA 117 76.69 -15.80 -57.27
CA LYS KA 117 77.08 -14.68 -58.11
C LYS KA 117 78.57 -14.85 -58.43
N PRO KA 118 78.90 -15.20 -59.68
CA PRO KA 118 80.31 -15.40 -60.05
C PRO KA 118 81.14 -14.12 -59.94
N GLY KA 119 82.29 -14.24 -59.28
CA GLY KA 119 83.17 -13.12 -59.08
C GLY KA 119 82.74 -12.13 -58.03
N SER KA 120 81.68 -12.43 -57.28
CA SER KA 120 81.18 -11.54 -56.25
C SER KA 120 82.11 -11.44 -55.04
N GLN KA 121 83.03 -12.39 -54.87
CA GLN KA 121 83.93 -12.36 -53.74
C GLN KA 121 85.01 -11.28 -53.87
N GLY KA 122 85.06 -10.59 -54.99
CA GLY KA 122 86.04 -9.53 -55.20
C GLY KA 122 85.50 -8.17 -54.85
N GLU KA 123 84.62 -8.10 -53.87
CA GLU KA 123 84.04 -6.83 -53.43
C GLU KA 123 85.14 -6.01 -52.78
N PRO KA 124 85.39 -4.78 -53.24
CA PRO KA 124 86.46 -3.96 -52.66
C PRO KA 124 86.26 -3.67 -51.19
N GLY KA 125 87.36 -3.70 -50.45
CA GLY KA 125 87.35 -3.43 -49.02
C GLY KA 125 86.60 -4.47 -48.22
N SER KA 126 86.81 -5.75 -48.52
CA SER KA 126 86.11 -6.81 -47.81
C SER KA 126 86.99 -7.95 -47.32
N PHE KA 127 88.20 -8.12 -47.84
CA PHE KA 127 89.03 -9.23 -47.35
C PHE KA 127 90.48 -8.80 -47.16
N LEU KA 128 90.69 -7.58 -46.65
CA LEU KA 128 92.01 -7.02 -46.37
C LEU KA 128 92.94 -7.05 -47.59
N GLY KA 129 92.40 -6.74 -48.75
CA GLY KA 129 93.18 -6.73 -49.98
C GLY KA 129 93.25 -8.05 -50.70
N PHE KA 130 92.85 -9.15 -50.05
CA PHE KA 130 92.88 -10.45 -50.69
C PHE KA 130 91.61 -10.74 -51.49
N GLU KA 131 90.66 -9.81 -51.52
CA GLU KA 131 89.41 -10.07 -52.25
C GLU KA 131 89.63 -10.13 -53.75
N ALA KA 132 90.66 -9.44 -54.26
CA ALA KA 132 90.91 -9.46 -55.71
C ALA KA 132 91.28 -10.86 -56.18
N SER KA 133 92.07 -11.58 -55.40
CA SER KA 133 92.49 -12.92 -55.74
C SER KA 133 91.39 -13.95 -55.53
N LEU KA 134 90.29 -13.59 -54.87
CA LEU KA 134 89.21 -14.53 -54.63
C LEU KA 134 88.25 -14.66 -55.80
N LYS KA 135 88.47 -13.92 -56.89
CA LYS KA 135 87.61 -14.01 -58.06
C LYS KA 135 88.16 -15.13 -58.94
N GLY KA 136 87.32 -16.13 -59.22
CA GLY KA 136 87.74 -17.24 -60.05
C GLY KA 136 87.76 -16.89 -61.51
N THR KA 137 88.00 -17.91 -62.32
CA THR KA 137 88.05 -17.76 -63.77
C THR KA 137 86.64 -17.67 -64.33
N SER KA 138 86.52 -17.65 -65.67
CA SER KA 138 85.21 -17.57 -66.31
C SER KA 138 84.33 -18.79 -66.04
N GLU KA 139 84.93 -19.95 -65.80
CA GLU KA 139 84.18 -21.18 -65.53
C GLU KA 139 83.98 -21.34 -64.04
N LEU KA 140 82.75 -21.70 -63.66
CA LEU KA 140 82.43 -21.90 -62.25
C LEU KA 140 83.09 -23.17 -61.73
N GLY KA 141 83.67 -23.09 -60.54
CA GLY KA 141 84.33 -24.23 -59.95
C GLY KA 141 85.79 -24.36 -60.30
N TYR KA 142 86.35 -23.41 -61.04
CA TYR KA 142 87.75 -23.43 -61.44
C TYR KA 142 88.36 -22.08 -61.09
N PRO KA 143 88.70 -21.86 -59.81
CA PRO KA 143 89.28 -20.58 -59.42
C PRO KA 143 90.80 -20.54 -59.56
N GLY KA 144 91.33 -19.33 -59.52
CA GLY KA 144 92.76 -19.11 -59.62
C GLY KA 144 93.25 -18.35 -58.41
N GLY KA 145 94.26 -17.51 -58.58
CA GLY KA 145 94.78 -16.73 -57.48
C GLY KA 145 95.53 -17.59 -56.49
N PRO KA 146 95.05 -17.63 -55.23
CA PRO KA 146 95.72 -18.47 -54.23
C PRO KA 146 95.70 -19.94 -54.60
N PHE KA 147 94.62 -20.38 -55.22
CA PHE KA 147 94.55 -21.75 -55.69
C PHE KA 147 95.35 -21.82 -56.97
N ASP KA 148 95.81 -23.03 -57.31
CA ASP KA 148 96.66 -23.30 -58.47
C ASP KA 148 97.91 -22.43 -58.41
N PRO KA 149 98.84 -22.69 -57.48
CA PRO KA 149 100.05 -21.84 -57.42
C PRO KA 149 101.00 -22.04 -58.58
N LEU KA 150 101.03 -23.23 -59.18
CA LEU KA 150 101.93 -23.50 -60.28
C LEU KA 150 101.49 -22.86 -61.59
N GLY KA 151 100.24 -22.40 -61.68
CA GLY KA 151 99.76 -21.76 -62.89
C GLY KA 151 99.70 -22.67 -64.10
N LEU KA 152 99.24 -23.92 -63.91
CA LEU KA 152 99.15 -24.85 -65.03
C LEU KA 152 97.87 -24.69 -65.83
N SER KA 153 96.98 -23.79 -65.42
CA SER KA 153 95.72 -23.57 -66.12
C SER KA 153 95.79 -22.45 -67.15
N LYS KA 154 96.96 -21.84 -67.36
CA LYS KA 154 97.09 -20.76 -68.33
C LYS KA 154 97.21 -21.26 -69.76
N GLU KA 155 97.63 -22.51 -69.96
CA GLU KA 155 97.79 -23.08 -71.29
C GLU KA 155 96.48 -23.77 -71.67
N ALA KA 156 95.73 -23.13 -72.58
CA ALA KA 156 94.42 -23.61 -73.01
C ALA KA 156 94.45 -24.95 -73.71
N ASP KA 157 95.47 -25.19 -74.56
CA ASP KA 157 95.56 -26.42 -75.34
C ASP KA 157 95.46 -27.67 -74.46
N LYS KA 158 96.05 -27.62 -73.27
CA LYS KA 158 95.97 -28.77 -72.36
C LYS KA 158 94.85 -28.61 -71.33
N TRP KA 159 94.32 -27.39 -71.18
CA TRP KA 159 93.26 -27.12 -70.21
C TRP KA 159 92.07 -28.04 -70.39
N ALA KA 160 91.54 -28.10 -71.63
CA ALA KA 160 90.40 -28.96 -71.93
C ALA KA 160 90.70 -30.42 -71.65
N ASP KA 161 91.98 -30.81 -71.72
CA ASP KA 161 92.33 -32.19 -71.41
C ASP KA 161 92.56 -32.36 -69.92
N TRP KA 162 93.11 -31.32 -69.28
CA TRP KA 162 93.40 -31.35 -67.85
C TRP KA 162 92.13 -31.62 -67.05
N LYS KA 163 91.05 -30.91 -67.40
CA LYS KA 163 89.78 -31.10 -66.72
C LYS KA 163 89.26 -32.51 -66.90
N LEU KA 164 89.55 -33.13 -68.06
CA LEU KA 164 89.11 -34.49 -68.30
C LEU KA 164 89.82 -35.46 -67.35
N LYS KA 165 91.05 -35.13 -66.95
CA LYS KA 165 91.75 -35.99 -66.02
C LYS KA 165 91.32 -35.71 -64.58
N GLU KA 166 90.56 -34.64 -64.36
CA GLU KA 166 90.14 -34.32 -63.00
C GLU KA 166 88.78 -34.92 -62.67
N VAL KA 167 87.85 -34.87 -63.61
CA VAL KA 167 86.51 -35.39 -63.37
C VAL KA 167 86.53 -36.91 -63.37
N LYS KA 168 87.05 -37.50 -64.45
CA LYS KA 168 87.09 -38.95 -64.61
C LYS KA 168 87.75 -39.63 -63.42
N ASN KA 169 88.97 -39.19 -63.08
CA ASN KA 169 89.68 -39.73 -61.93
C ASN KA 169 88.83 -39.59 -60.68
N GLY KA 170 88.23 -38.41 -60.50
CA GLY KA 170 87.37 -38.18 -59.36
C GLY KA 170 86.20 -39.13 -59.32
N ARG KA 171 85.60 -39.38 -60.49
CA ARG KA 171 84.48 -40.32 -60.56
C ARG KA 171 84.94 -41.68 -60.09
N LEU KA 172 86.14 -42.09 -60.54
CA LEU KA 172 86.69 -43.36 -60.12
C LEU KA 172 86.90 -43.37 -58.61
N ALA KA 173 87.42 -42.26 -58.08
CA ALA KA 173 87.64 -42.17 -56.64
C ALA KA 173 86.31 -42.27 -55.91
N MET KA 174 85.25 -41.69 -56.48
CA MET KA 174 83.94 -41.76 -55.85
C MET KA 174 83.48 -43.20 -55.75
N LEU KA 175 83.78 -44.02 -56.76
CA LEU KA 175 83.37 -45.41 -56.67
C LEU KA 175 84.30 -46.15 -55.73
N ALA KA 176 85.58 -45.76 -55.70
CA ALA KA 176 86.58 -46.40 -54.85
C ALA KA 176 86.17 -46.35 -53.40
N PHE KA 177 85.81 -45.16 -52.90
CA PHE KA 177 85.37 -45.03 -51.52
C PHE KA 177 84.15 -45.87 -51.27
N LEU KA 178 83.25 -45.94 -52.26
CA LEU KA 178 82.05 -46.77 -52.11
C LEU KA 178 82.45 -48.22 -51.90
N GLY KA 179 83.42 -48.69 -52.69
CA GLY KA 179 83.90 -50.04 -52.52
C GLY KA 179 84.50 -50.23 -51.15
N PHE KA 180 85.27 -49.23 -50.69
CA PHE KA 180 85.90 -49.28 -49.37
C PHE KA 180 84.85 -49.49 -48.29
N VAL KA 181 83.67 -48.91 -48.47
CA VAL KA 181 82.63 -49.10 -47.47
C VAL KA 181 82.01 -50.48 -47.61
N ALA KA 182 81.65 -50.85 -48.84
CA ALA KA 182 80.99 -52.13 -49.09
C ALA KA 182 81.88 -53.30 -48.66
N GLN KA 183 83.15 -53.25 -49.04
CA GLN KA 183 84.10 -54.29 -48.64
C GLN KA 183 84.21 -54.36 -47.12
N LYS KA 184 84.14 -53.20 -46.45
CA LYS KA 184 84.21 -53.18 -44.99
C LYS KA 184 83.05 -53.95 -44.39
N TYR KA 185 81.88 -53.87 -45.01
CA TYR KA 185 80.72 -54.58 -44.49
C TYR KA 185 80.55 -55.94 -45.14
N ALA KA 186 81.52 -56.39 -45.93
CA ALA KA 186 81.42 -57.69 -46.58
C ALA KA 186 82.52 -58.66 -46.23
N THR KA 187 83.74 -58.19 -45.99
CA THR KA 187 84.85 -59.07 -45.66
C THR KA 187 85.38 -58.82 -44.26
N GLY KA 188 85.23 -57.58 -43.78
CA GLY KA 188 85.72 -57.24 -42.46
C GLY KA 188 87.17 -56.84 -42.41
N ALA KA 189 87.85 -56.77 -43.55
CA ALA KA 189 89.25 -56.39 -43.60
C ALA KA 189 89.41 -55.11 -44.40
N GLY KA 190 90.64 -54.67 -44.55
CA GLY KA 190 90.93 -53.45 -45.28
C GLY KA 190 90.91 -53.67 -46.78
N PRO KA 191 90.99 -52.56 -47.52
CA PRO KA 191 90.98 -52.67 -48.99
C PRO KA 191 92.21 -53.34 -49.55
N VAL KA 192 93.41 -53.02 -49.02
CA VAL KA 192 94.63 -53.64 -49.52
C VAL KA 192 94.62 -55.14 -49.21
N ASP KA 193 94.12 -55.51 -48.03
CA ASP KA 193 94.04 -56.91 -47.66
C ASP KA 193 93.05 -57.65 -48.55
N ASN KA 194 91.95 -56.99 -48.91
CA ASN KA 194 90.97 -57.61 -49.80
C ASN KA 194 91.58 -57.80 -51.18
N LEU KA 195 92.38 -56.83 -51.63
CA LEU KA 195 93.03 -56.93 -52.93
C LEU KA 195 94.03 -58.08 -52.95
N ALA KA 196 94.81 -58.22 -51.87
CA ALA KA 196 95.78 -59.31 -51.81
C ALA KA 196 95.09 -60.67 -51.71
N ALA KA 197 94.02 -60.76 -50.92
CA ALA KA 197 93.28 -62.01 -50.79
C ALA KA 197 92.65 -62.40 -52.10
N HIS KA 198 92.20 -61.41 -52.88
CA HIS KA 198 91.63 -61.71 -54.19
C HIS KA 198 92.72 -62.15 -55.16
N LEU KA 199 93.88 -61.49 -55.11
CA LEU KA 199 94.96 -61.87 -56.02
C LEU KA 199 95.49 -63.26 -55.69
N LYS KA 200 95.33 -63.70 -54.45
CA LYS KA 200 95.79 -65.04 -54.07
C LYS KA 200 94.95 -66.12 -54.74
N ASP KA 201 93.64 -65.93 -54.80
CA ASP KA 201 92.73 -66.89 -55.42
C ASP KA 201 91.55 -66.12 -55.98
N PRO KA 202 91.68 -65.61 -57.21
CA PRO KA 202 90.57 -64.83 -57.81
C PRO KA 202 89.37 -65.67 -58.17
N TRP KA 203 89.56 -66.96 -58.43
CA TRP KA 203 88.46 -67.80 -58.87
C TRP KA 203 87.57 -68.26 -57.73
N HIS KA 204 87.93 -67.98 -56.48
CA HIS KA 204 87.12 -68.39 -55.34
C HIS KA 204 86.97 -67.33 -54.26
N VAL KA 205 87.55 -66.14 -54.43
CA VAL KA 205 87.45 -65.06 -53.45
C VAL KA 205 86.96 -63.82 -54.19
N ASN KA 206 85.67 -63.54 -54.11
CA ASN KA 206 85.09 -62.37 -54.77
C ASN KA 206 83.76 -62.05 -54.08
N TYR KA 207 82.94 -61.21 -54.72
CA TYR KA 207 81.66 -60.85 -54.11
C TYR KA 207 80.64 -61.98 -54.24
N ALA KA 208 80.88 -62.98 -55.07
CA ALA KA 208 79.94 -64.08 -55.21
C ALA KA 208 80.26 -65.23 -54.27
N THR KA 209 81.26 -65.07 -53.40
CA THR KA 209 81.66 -66.11 -52.47
C THR KA 209 81.55 -65.71 -51.00
N ASN KA 210 81.41 -64.43 -50.69
CA ASN KA 210 81.30 -64.00 -49.30
C ASN KA 210 79.94 -64.30 -48.68
N GLY KA 211 78.92 -64.56 -49.50
CA GLY KA 211 77.60 -64.86 -48.98
C GLY KA 211 76.79 -63.66 -48.58
N VAL KA 212 77.34 -62.45 -48.69
CA VAL KA 212 76.65 -61.22 -48.32
C VAL KA 212 76.13 -60.49 -49.55
N SER KA 213 76.94 -60.45 -50.62
CA SER KA 213 76.52 -59.76 -51.83
C SER KA 213 75.59 -60.59 -52.70
N LEU KA 214 75.37 -61.86 -52.37
CA LEU KA 214 74.48 -62.75 -53.11
C LEU KA 214 73.81 -63.68 -52.12
N PRO KA 215 72.78 -63.20 -51.42
CA PRO KA 215 72.10 -64.04 -50.43
C PRO KA 215 71.27 -65.17 -51.03
N PHE KA 216 70.84 -65.05 -52.28
CA PHE KA 216 70.06 -66.12 -52.90
C PHE KA 216 70.93 -67.26 -53.40
N LEU KA 217 72.25 -67.11 -53.33
CA LEU KA 217 73.20 -68.14 -53.76
C LEU KA 217 74.06 -68.55 -52.59
N ASP LA 1 104.36 -43.28 -93.16
CA ASP LA 1 103.86 -42.92 -94.48
C ASP LA 1 104.98 -42.29 -95.32
N ALA LA 2 106.19 -42.81 -95.17
CA ALA LA 2 107.35 -42.30 -95.90
C ALA LA 2 108.30 -43.46 -96.17
N ALA LA 3 109.53 -43.13 -96.57
CA ALA LA 3 110.56 -44.11 -96.87
C ALA LA 3 111.50 -44.37 -95.69
N LEU LA 4 111.23 -43.79 -94.53
CA LEU LA 4 112.07 -44.00 -93.36
C LEU LA 4 111.88 -45.41 -92.82
N PRO LA 5 112.88 -45.95 -92.11
CA PRO LA 5 112.75 -47.32 -91.57
C PRO LA 5 111.60 -47.44 -90.59
N SER LA 6 110.88 -48.56 -90.69
CA SER LA 6 109.72 -48.82 -89.86
C SER LA 6 109.89 -50.09 -89.03
N TRP LA 7 109.06 -50.20 -88.00
CA TRP LA 7 109.05 -51.35 -87.10
C TRP LA 7 108.20 -52.49 -87.65
N MET LA 8 107.60 -52.31 -88.81
CA MET LA 8 106.78 -53.33 -89.45
C MET LA 8 106.71 -52.98 -90.93
N PRO LA 9 107.58 -53.56 -91.77
CA PRO LA 9 107.58 -53.26 -93.21
C PRO LA 9 106.24 -53.50 -93.90
N GLY LA 10 105.68 -52.44 -94.46
CA GLY LA 10 104.41 -52.50 -95.15
C GLY LA 10 103.23 -52.03 -94.33
N ALA LA 11 103.37 -51.99 -93.00
CA ALA LA 11 102.27 -51.56 -92.14
C ALA LA 11 101.98 -50.08 -92.34
N ASP LA 12 100.72 -49.71 -92.13
CA ASP LA 12 100.27 -48.33 -92.27
C ASP LA 12 100.52 -47.61 -90.95
N LEU LA 13 101.68 -46.97 -90.88
CA LEU LA 13 102.10 -46.23 -89.70
C LEU LA 13 101.29 -44.94 -89.57
N PRO LA 14 101.20 -44.39 -88.35
CA PRO LA 14 100.47 -43.12 -88.16
C PRO LA 14 101.17 -41.97 -88.86
N GLY LA 15 100.38 -40.98 -89.26
CA GLY LA 15 100.90 -39.83 -89.97
C GLY LA 15 101.51 -38.72 -89.14
N TYR LA 16 101.36 -38.76 -87.81
CA TYR LA 16 101.95 -37.67 -87.04
C TYR LA 16 103.46 -37.84 -86.83
N LEU LA 17 104.00 -39.03 -87.08
CA LEU LA 17 105.44 -39.28 -86.95
C LEU LA 17 106.01 -39.11 -88.35
N ASN LA 18 106.63 -37.96 -88.59
CA ASN LA 18 107.18 -37.61 -89.90
C ASN LA 18 108.70 -37.75 -89.97
N GLY LA 19 109.35 -38.31 -88.96
CA GLY LA 19 110.78 -38.47 -88.98
C GLY LA 19 111.58 -37.34 -88.36
N THR LA 20 110.94 -36.27 -87.93
CA THR LA 20 111.67 -35.16 -87.31
C THR LA 20 112.29 -35.57 -85.99
N LEU LA 21 111.57 -36.36 -85.20
CA LEU LA 21 112.10 -36.81 -83.93
C LEU LA 21 113.16 -37.89 -84.14
N PRO LA 22 114.18 -37.93 -83.29
CA PRO LA 22 115.22 -38.96 -83.45
C PRO LA 22 114.66 -40.35 -83.12
N GLY LA 23 115.11 -41.33 -83.89
CA GLY LA 23 114.67 -42.70 -83.69
C GLY LA 23 113.21 -42.92 -84.04
N ASP LA 24 112.72 -42.29 -85.11
CA ASP LA 24 111.34 -42.44 -85.51
C ASP LA 24 111.18 -43.69 -86.37
N PHE LA 25 110.38 -44.63 -85.88
CA PHE LA 25 110.10 -45.89 -86.58
C PHE LA 25 108.61 -46.12 -86.73
N GLY LA 26 107.79 -45.14 -86.34
CA GLY LA 26 106.35 -45.26 -86.44
C GLY LA 26 105.75 -46.30 -85.54
N PHE LA 27 106.30 -46.48 -84.34
CA PHE LA 27 105.81 -47.47 -83.39
C PHE LA 27 104.95 -46.76 -82.35
N ASP LA 28 103.65 -46.90 -82.49
CA ASP LA 28 102.66 -46.32 -81.59
C ASP LA 28 101.31 -46.99 -81.80
N PRO LA 29 101.14 -48.28 -81.43
CA PRO LA 29 99.84 -48.93 -81.63
C PRO LA 29 98.73 -48.34 -80.76
N LEU LA 30 99.09 -47.71 -79.65
CA LEU LA 30 98.10 -47.10 -78.76
C LEU LA 30 97.83 -45.65 -79.13
N TYR LA 31 98.58 -45.10 -80.07
CA TYR LA 31 98.45 -43.71 -80.54
C TYR LA 31 98.59 -42.69 -79.41
N LEU LA 32 99.56 -42.92 -78.53
CA LEU LA 32 99.79 -42.02 -77.40
C LEU LA 32 100.39 -40.68 -77.83
N GLY LA 33 101.02 -40.61 -79.00
CA GLY LA 33 101.61 -39.38 -79.45
C GLY LA 33 100.78 -38.60 -80.45
N GLN LA 34 99.45 -38.80 -80.40
CA GLN LA 34 98.57 -38.09 -81.33
C GLN LA 34 98.58 -36.59 -81.09
N ASP LA 35 98.51 -36.18 -79.84
CA ASP LA 35 98.53 -34.77 -79.49
C ASP LA 35 99.94 -34.20 -79.68
N PRO LA 36 100.12 -33.11 -80.42
CA PRO LA 36 101.48 -32.55 -80.60
C PRO LA 36 102.14 -32.11 -79.30
N VAL LA 37 101.38 -31.53 -78.36
CA VAL LA 37 101.98 -31.09 -77.11
C VAL LA 37 102.38 -32.29 -76.25
N LYS LA 38 101.54 -33.34 -76.25
CA LYS LA 38 101.85 -34.55 -75.49
C LYS LA 38 103.08 -35.23 -76.06
N LEU LA 39 103.20 -35.25 -77.40
CA LEU LA 39 104.36 -35.85 -78.03
C LEU LA 39 105.62 -35.04 -77.74
N LYS LA 40 105.47 -33.71 -77.70
CA LYS LA 40 106.60 -32.84 -77.39
C LYS LA 40 107.11 -33.09 -75.99
N TRP LA 41 106.18 -33.37 -75.06
CA TRP LA 41 106.59 -33.67 -73.69
C TRP LA 41 107.18 -35.06 -73.58
N TYR LA 42 106.57 -36.03 -74.27
CA TYR LA 42 107.03 -37.41 -74.24
C TYR LA 42 108.42 -37.56 -74.83
N ALA LA 43 108.79 -36.72 -75.79
CA ALA LA 43 110.12 -36.81 -76.36
C ALA LA 43 111.18 -36.49 -75.31
N GLN LA 44 110.95 -35.42 -74.54
CA GLN LA 44 111.87 -35.03 -73.48
C GLN LA 44 111.87 -36.06 -72.36
N ALA LA 45 110.70 -36.62 -72.04
CA ALA LA 45 110.61 -37.63 -71.00
C ALA LA 45 111.38 -38.88 -71.40
N GLU LA 46 111.24 -39.29 -72.67
CA GLU LA 46 111.94 -40.45 -73.19
C GLU LA 46 113.45 -40.22 -73.17
N LEU LA 47 113.88 -39.03 -73.55
CA LEU LA 47 115.30 -38.73 -73.59
C LEU LA 47 115.92 -38.74 -72.19
N MET LA 48 115.23 -38.12 -71.22
CA MET LA 48 115.75 -38.09 -69.84
C MET LA 48 115.76 -39.48 -69.23
N ASN LA 49 114.68 -40.24 -69.43
CA ASN LA 49 114.61 -41.60 -68.90
C ASN LA 49 115.66 -42.49 -69.56
N ALA LA 50 115.92 -42.24 -70.86
CA ALA LA 50 116.90 -43.01 -71.60
C ALA LA 50 118.30 -42.81 -71.05
N ARG LA 51 118.70 -41.54 -70.85
CA ARG LA 51 120.03 -41.27 -70.33
C ARG LA 51 120.16 -41.77 -68.89
N PHE LA 52 119.10 -41.63 -68.08
CA PHE LA 52 119.15 -42.12 -66.71
C PHE LA 52 119.28 -43.64 -66.67
N ALA LA 53 118.53 -44.34 -67.52
CA ALA LA 53 118.63 -45.80 -67.54
C ALA LA 53 119.98 -46.24 -68.08
N MET LA 54 120.57 -45.45 -68.98
CA MET LA 54 121.90 -45.79 -69.49
C MET LA 54 122.91 -45.73 -68.36
N LEU LA 55 122.83 -44.67 -67.56
CA LEU LA 55 123.73 -44.54 -66.41
C LEU LA 55 123.46 -45.63 -65.39
N ALA LA 56 122.20 -46.04 -65.26
CA ALA LA 56 121.83 -47.08 -64.31
C ALA LA 56 122.38 -48.45 -64.70
N VAL LA 57 122.20 -48.82 -65.97
CA VAL LA 57 122.69 -50.11 -66.45
C VAL LA 57 124.21 -50.13 -66.41
N ALA LA 58 124.85 -48.99 -66.73
CA ALA LA 58 126.31 -48.94 -66.66
C ALA LA 58 126.78 -49.08 -65.22
N GLY LA 59 126.11 -48.40 -64.28
CA GLY LA 59 126.46 -48.47 -62.88
C GLY LA 59 126.07 -49.76 -62.20
N ILE LA 60 125.31 -50.61 -62.88
CA ILE LA 60 124.92 -51.89 -62.31
C ILE LA 60 125.90 -52.93 -62.84
N LEU LA 61 126.18 -52.89 -64.14
CA LEU LA 61 127.06 -53.87 -64.77
C LEU LA 61 128.55 -53.66 -64.49
N VAL LA 62 129.07 -52.42 -64.47
CA VAL LA 62 130.50 -52.22 -64.24
C VAL LA 62 131.00 -52.71 -62.87
N PRO LA 63 130.38 -52.37 -61.73
CA PRO LA 63 130.92 -52.87 -60.45
C PRO LA 63 130.87 -54.39 -60.31
N GLU LA 64 129.81 -55.05 -60.81
CA GLU LA 64 129.77 -56.50 -60.70
C GLU LA 64 130.81 -57.14 -61.60
N LEU LA 65 131.06 -56.55 -62.77
CA LEU LA 65 132.07 -57.07 -63.68
C LEU LA 65 133.47 -56.89 -63.11
N LEU LA 66 133.70 -55.76 -62.42
CA LEU LA 66 135.01 -55.52 -61.83
C LEU LA 66 135.24 -56.36 -60.58
N SER LA 67 134.16 -56.75 -59.89
CA SER LA 67 134.33 -57.56 -58.69
C SER LA 67 134.72 -58.99 -59.01
N ASN LA 68 134.29 -59.50 -60.17
CA ASN LA 68 134.60 -60.87 -60.56
C ASN LA 68 136.05 -61.05 -60.99
N ILE LA 69 136.81 -59.98 -61.14
CA ILE LA 69 138.22 -60.07 -61.55
C ILE LA 69 139.08 -59.64 -60.37
N GLY LA 70 140.40 -59.63 -60.58
CA GLY LA 70 141.35 -59.26 -59.53
C GLY LA 70 141.18 -57.86 -58.95
N PHE LA 71 140.40 -57.00 -59.58
CA PHE LA 71 140.19 -55.65 -59.07
C PHE LA 71 139.39 -55.70 -57.77
N SER LA 72 139.88 -55.00 -56.75
CA SER LA 72 139.22 -55.00 -55.45
C SER LA 72 139.04 -53.57 -54.94
N TRP LA 73 137.97 -53.39 -54.18
CA TRP LA 73 137.61 -52.12 -53.56
C TRP LA 73 136.58 -52.43 -52.48
N PRO LA 74 136.29 -51.44 -51.57
CA PRO LA 74 135.31 -51.68 -50.49
C PRO LA 74 133.98 -52.31 -50.86
N GLY LA 75 133.17 -51.69 -51.72
CA GLY LA 75 131.91 -52.33 -52.07
C GLY LA 75 132.03 -53.12 -53.36
N ALA LA 76 132.31 -54.42 -53.26
CA ALA LA 76 132.44 -55.27 -54.44
C ALA LA 76 131.48 -56.45 -54.42
N GLY LA 77 131.38 -57.16 -53.30
CA GLY LA 77 130.47 -58.29 -53.22
C GLY LA 77 129.04 -57.93 -52.97
N VAL LA 78 128.74 -56.65 -52.76
CA VAL LA 78 127.38 -56.22 -52.50
C VAL LA 78 126.61 -56.11 -53.81
N ALA LA 79 125.36 -56.54 -53.80
CA ALA LA 79 124.51 -56.50 -54.98
C ALA LA 79 124.06 -55.07 -55.25
N TRP LA 80 123.50 -54.85 -56.44
CA TRP LA 80 123.02 -53.52 -56.81
C TRP LA 80 121.83 -53.13 -55.95
N TYR LA 81 120.98 -54.10 -55.60
CA TYR LA 81 119.82 -53.82 -54.77
C TYR LA 81 120.16 -53.80 -53.28
N ASP LA 82 121.32 -54.31 -52.90
CA ASP LA 82 121.75 -54.33 -51.51
C ASP LA 82 122.69 -53.18 -51.15
N ALA LA 83 122.89 -52.24 -52.08
CA ALA LA 83 123.79 -51.11 -51.81
C ALA LA 83 123.16 -50.08 -50.88
N GLY LA 84 121.84 -50.14 -50.67
CA GLY LA 84 121.20 -49.18 -49.79
C GLY LA 84 121.58 -49.34 -48.34
N LYS LA 85 121.68 -50.59 -47.86
CA LYS LA 85 122.04 -50.85 -46.47
C LYS LA 85 123.55 -51.05 -46.32
N PHE LA 86 124.31 -50.09 -46.83
CA PHE LA 86 125.76 -50.12 -46.78
C PHE LA 86 126.26 -49.02 -45.84
N GLU LA 87 127.41 -49.26 -45.22
CA GLU LA 87 128.00 -48.30 -44.29
C GLU LA 87 128.83 -47.28 -45.04
N TYR LA 88 128.30 -46.08 -45.20
CA TYR LA 88 128.97 -44.98 -45.89
C TYR LA 88 129.51 -43.97 -44.88
N PHE LA 89 130.01 -42.86 -45.39
CA PHE LA 89 130.53 -41.81 -44.52
C PHE LA 89 129.43 -40.89 -44.03
N ALA LA 90 128.21 -41.07 -44.51
CA ALA LA 90 127.06 -40.26 -44.15
C ALA LA 90 125.80 -41.11 -44.27
N PRO LA 91 124.75 -40.79 -43.52
CA PRO LA 91 123.50 -41.54 -43.64
C PRO LA 91 122.83 -41.27 -44.97
N ALA LA 92 122.00 -42.23 -45.40
CA ALA LA 92 121.30 -42.11 -46.67
C ALA LA 92 120.31 -40.95 -46.69
N SER LA 93 119.79 -40.58 -45.52
CA SER LA 93 118.83 -39.47 -45.46
C SER LA 93 119.49 -38.14 -45.82
N SER LA 94 120.68 -37.90 -45.28
CA SER LA 94 121.40 -36.66 -45.58
C SER LA 94 121.75 -36.56 -47.05
N LEU LA 95 122.22 -37.68 -47.63
CA LEU LA 95 122.55 -37.71 -49.04
C LEU LA 95 121.30 -37.50 -49.88
N PHE LA 96 120.17 -38.05 -49.42
CA PHE LA 96 118.90 -37.89 -50.12
C PHE LA 96 118.47 -36.43 -50.13
N GLY LA 97 118.65 -35.72 -49.01
CA GLY LA 97 118.30 -34.32 -48.98
C GLY LA 97 119.20 -33.48 -49.88
N VAL LA 98 120.50 -33.77 -49.85
CA VAL LA 98 121.46 -33.04 -50.67
C VAL LA 98 121.16 -33.24 -52.16
N GLN LA 99 120.96 -34.50 -52.58
CA GLN LA 99 120.67 -34.75 -53.97
C GLN LA 99 119.31 -34.19 -54.37
N MET LA 100 118.35 -34.11 -53.44
CA MET LA 100 117.06 -33.56 -53.79
C MET LA 100 117.18 -32.07 -54.09
N LEU LA 101 117.97 -31.36 -53.28
CA LEU LA 101 118.15 -29.93 -53.54
C LEU LA 101 118.93 -29.70 -54.84
N LEU LA 102 120.00 -30.46 -55.08
CA LEU LA 102 120.79 -30.28 -56.30
C LEU LA 102 119.97 -30.64 -57.55
N PHE LA 103 119.24 -31.76 -57.48
CA PHE LA 103 118.39 -32.15 -58.60
C PHE LA 103 117.28 -31.16 -58.80
N ALA LA 104 116.77 -30.55 -57.72
CA ALA LA 104 115.73 -29.55 -57.88
C ALA LA 104 116.25 -28.36 -58.65
N TRP LA 105 117.47 -27.92 -58.33
CA TRP LA 105 118.07 -26.78 -59.03
C TRP LA 105 118.27 -27.07 -60.52
N VAL LA 106 118.92 -28.20 -60.83
CA VAL LA 106 119.19 -28.52 -62.24
C VAL LA 106 117.91 -28.85 -63.00
N GLU LA 107 116.94 -29.49 -62.35
CA GLU LA 107 115.71 -29.84 -63.04
C GLU LA 107 114.86 -28.60 -63.28
N ILE LA 108 114.90 -27.62 -62.37
CA ILE LA 108 114.16 -26.39 -62.60
C ILE LA 108 114.82 -25.60 -63.73
N ARG LA 109 116.16 -25.64 -63.81
CA ARG LA 109 116.85 -24.95 -64.90
C ARG LA 109 116.49 -25.60 -66.24
N ARG LA 110 116.47 -26.93 -66.28
CA ARG LA 110 116.11 -27.64 -67.49
C ARG LA 110 114.67 -27.37 -67.88
N TYR LA 111 113.77 -27.34 -66.90
CA TYR LA 111 112.36 -27.07 -67.19
C TYR LA 111 112.18 -25.65 -67.74
N GLN LA 112 112.92 -24.69 -67.17
CA GLN LA 112 112.84 -23.32 -67.66
C GLN LA 112 113.32 -23.23 -69.09
N ASP LA 113 114.39 -23.95 -69.41
CA ASP LA 113 114.87 -23.95 -70.79
C ASP LA 113 113.96 -24.76 -71.71
N PHE LA 114 113.15 -25.65 -71.14
CA PHE LA 114 112.24 -26.45 -71.93
C PHE LA 114 110.99 -25.66 -72.33
N VAL LA 115 110.44 -24.89 -71.39
CA VAL LA 115 109.23 -24.12 -71.70
C VAL LA 115 109.57 -22.94 -72.61
N LYS LA 116 110.83 -22.53 -72.65
CA LYS LA 116 111.31 -21.44 -73.48
C LYS LA 116 112.75 -21.75 -73.85
N PRO LA 117 113.00 -22.20 -75.07
CA PRO LA 117 114.39 -22.51 -75.47
C PRO LA 117 115.27 -21.28 -75.49
N GLY LA 118 116.47 -21.43 -74.93
CA GLY LA 118 117.44 -20.35 -74.86
C GLY LA 118 117.24 -19.40 -73.71
N SER LA 119 116.20 -19.56 -72.90
CA SER LA 119 115.94 -18.68 -71.77
C SER LA 119 116.80 -18.98 -70.56
N ALA LA 120 117.51 -20.12 -70.56
CA ALA LA 120 118.36 -20.50 -69.44
C ALA LA 120 119.78 -20.84 -69.90
N ASN LA 121 120.28 -20.16 -70.93
CA ASN LA 121 121.62 -20.42 -71.42
C ASN LA 121 122.67 -19.50 -70.81
N GLN LA 122 122.35 -18.79 -69.73
CA GLN LA 122 123.27 -17.86 -69.11
C GLN LA 122 123.64 -18.29 -67.69
N ASP LA 123 124.93 -18.29 -67.41
CA ASP LA 123 125.44 -18.65 -66.09
C ASP LA 123 125.04 -17.55 -65.11
N PRO LA 124 124.28 -17.87 -64.05
CA PRO LA 124 123.84 -16.83 -63.10
C PRO LA 124 124.95 -16.09 -62.36
N ILE LA 125 126.06 -16.75 -62.03
CA ILE LA 125 127.12 -16.07 -61.30
C ILE LA 125 128.03 -15.30 -62.25
N PHE LA 126 128.61 -15.99 -63.22
CA PHE LA 126 129.51 -15.36 -64.19
C PHE LA 126 128.72 -15.08 -65.46
N THR LA 127 128.50 -13.79 -65.74
CA THR LA 127 127.74 -13.41 -66.93
C THR LA 127 128.46 -13.76 -68.22
N ASN LA 128 129.81 -13.78 -68.20
CA ASN LA 128 130.56 -14.08 -69.41
C ASN LA 128 130.33 -15.52 -69.87
N ASN LA 129 130.24 -16.45 -68.94
CA ASN LA 129 130.02 -17.85 -69.30
C ASN LA 129 128.60 -18.04 -69.81
N LYS LA 130 128.47 -18.72 -70.94
CA LYS LA 130 127.16 -18.98 -71.52
C LYS LA 130 127.28 -20.12 -72.52
N LEU LA 131 126.13 -20.62 -72.93
CA LEU LA 131 125.84 -21.67 -73.90
C LEU LA 131 125.59 -21.03 -75.26
N PRO LA 132 125.72 -21.78 -76.37
CA PRO LA 132 125.47 -21.19 -77.69
C PRO LA 132 124.01 -20.82 -77.85
N ASP LA 133 123.76 -19.83 -78.72
CA ASP LA 133 122.40 -19.36 -78.97
C ASP LA 133 121.54 -20.45 -79.60
N GLY LA 134 122.13 -21.22 -80.52
CA GLY LA 134 121.38 -22.28 -81.15
C GLY LA 134 121.28 -23.49 -80.25
N ASN LA 135 120.11 -23.70 -79.65
CA ASN LA 135 119.92 -24.83 -78.76
C ASN LA 135 118.45 -25.25 -78.79
N GLU LA 136 118.23 -26.51 -78.47
CA GLU LA 136 116.91 -27.12 -78.43
C GLU LA 136 116.74 -27.84 -77.10
N PRO LA 137 115.49 -28.03 -76.64
CA PRO LA 137 115.27 -28.73 -75.38
C PRO LA 137 115.75 -30.17 -75.45
N GLY LA 138 116.41 -30.62 -74.39
CA GLY LA 138 116.95 -31.95 -74.31
C GLY LA 138 118.34 -32.11 -74.87
N TYR LA 139 118.83 -31.11 -75.60
CA TYR LA 139 120.16 -31.13 -76.21
C TYR LA 139 120.86 -29.83 -75.79
N PRO LA 140 121.44 -29.80 -74.59
CA PRO LA 140 122.10 -28.59 -74.09
C PRO LA 140 123.32 -28.11 -74.86
N GLY LA 141 124.33 -28.96 -75.04
CA GLY LA 141 125.51 -28.51 -75.76
C GLY LA 141 126.34 -27.56 -74.91
N GLY LA 142 127.24 -26.84 -75.57
CA GLY LA 142 128.09 -25.89 -74.89
C GLY LA 142 129.07 -26.59 -73.96
N ILE LA 143 129.00 -26.26 -72.66
CA ILE LA 143 129.89 -26.88 -71.68
C ILE LA 143 129.53 -28.36 -71.54
N PHE LA 144 128.28 -28.72 -71.82
CA PHE LA 144 127.85 -30.12 -71.76
C PHE LA 144 128.49 -30.95 -72.88
N ASP LA 145 129.09 -30.30 -73.86
CA ASP LA 145 129.81 -30.94 -74.96
C ASP LA 145 131.16 -30.24 -75.08
N PRO LA 146 132.09 -30.50 -74.16
CA PRO LA 146 133.39 -29.82 -74.24
C PRO LA 146 134.28 -30.30 -75.37
N PHE LA 147 134.03 -31.49 -75.92
CA PHE LA 147 134.87 -31.98 -77.00
C PHE LA 147 134.32 -31.70 -78.39
N GLY LA 148 133.15 -31.06 -78.50
CA GLY LA 148 132.57 -30.75 -79.79
C GLY LA 148 132.22 -31.98 -80.62
N TRP LA 149 131.71 -33.02 -79.99
CA TRP LA 149 131.36 -34.24 -80.73
C TRP LA 149 130.08 -34.06 -81.54
N SER LA 150 129.19 -33.14 -81.11
CA SER LA 150 127.95 -32.90 -81.84
C SER LA 150 128.13 -32.13 -83.12
N LYS LA 151 129.33 -31.60 -83.38
CA LYS LA 151 129.57 -30.84 -84.60
C LYS LA 151 129.57 -31.72 -85.85
N GLY LA 152 129.70 -33.03 -85.69
CA GLY LA 152 129.71 -33.93 -86.83
C GLY LA 152 128.33 -34.40 -87.24
N ASP LA 153 128.19 -35.68 -87.55
CA ASP LA 153 126.91 -36.25 -87.96
C ASP LA 153 126.03 -36.34 -86.71
N ILE LA 154 125.30 -35.27 -86.44
CA ILE LA 154 124.43 -35.22 -85.27
C ILE LA 154 123.25 -36.16 -85.39
N LYS LA 155 122.73 -36.38 -86.60
CA LYS LA 155 121.57 -37.26 -86.78
C LYS LA 155 121.91 -38.72 -86.44
N SER LA 156 123.05 -39.21 -86.94
CA SER LA 156 123.45 -40.57 -86.63
C SER LA 156 123.78 -40.72 -85.14
N LEU LA 157 124.44 -39.70 -84.58
CA LEU LA 157 124.77 -39.74 -83.16
C LEU LA 157 123.51 -39.69 -82.30
N LYS LA 158 122.52 -38.88 -82.71
CA LYS LA 158 121.25 -38.83 -81.96
C LYS LA 158 120.52 -40.16 -82.07
N LEU LA 159 120.61 -40.81 -83.23
CA LEU LA 159 119.97 -42.11 -83.40
C LEU LA 159 120.65 -43.14 -82.50
N LYS LA 160 121.97 -43.06 -82.39
CA LYS LA 160 122.70 -43.97 -81.50
C LYS LA 160 122.29 -43.74 -80.06
N GLU LA 161 122.13 -42.47 -79.68
CA GLU LA 161 121.74 -42.13 -78.32
C GLU LA 161 120.37 -42.67 -77.96
N ILE LA 162 119.37 -42.46 -78.83
CA ILE LA 162 118.03 -42.93 -78.53
C ILE LA 162 117.96 -44.46 -78.56
N LYS LA 163 118.68 -45.12 -79.47
CA LYS LA 163 118.65 -46.57 -79.54
C LYS LA 163 119.30 -47.18 -78.29
N ASN LA 164 120.44 -46.62 -77.88
CA ASN LA 164 121.11 -47.10 -76.67
C ASN LA 164 120.24 -46.84 -75.45
N GLY LA 165 119.52 -45.72 -75.45
CA GLY LA 165 118.64 -45.42 -74.33
C GLY LA 165 117.49 -46.41 -74.23
N ARG LA 166 116.89 -46.78 -75.37
CA ARG LA 166 115.80 -47.75 -75.35
C ARG LA 166 116.31 -49.11 -74.88
N LEU LA 167 117.50 -49.50 -75.36
CA LEU LA 167 118.09 -50.76 -74.96
C LEU LA 167 118.39 -50.77 -73.47
N ALA LA 168 118.89 -49.65 -72.94
CA ALA LA 168 119.19 -49.59 -71.52
C ALA LA 168 117.93 -49.59 -70.68
N MET LA 169 116.86 -48.95 -71.17
CA MET LA 169 115.60 -48.94 -70.42
C MET LA 169 115.05 -50.35 -70.32
N LEU LA 170 115.09 -51.10 -71.43
CA LEU LA 170 114.62 -52.48 -71.41
C LEU LA 170 115.51 -53.33 -70.51
N ALA LA 171 116.82 -53.06 -70.53
CA ALA LA 171 117.75 -53.81 -69.69
C ALA LA 171 117.48 -53.55 -68.22
N PHE LA 172 117.18 -52.30 -67.85
CA PHE LA 172 116.90 -52.00 -66.45
C PHE LA 172 115.60 -52.65 -66.00
N ALA LA 173 114.59 -52.67 -66.90
CA ALA LA 173 113.35 -53.34 -66.57
C ALA LA 173 113.62 -54.83 -66.36
N GLY LA 174 114.50 -55.39 -67.18
CA GLY LA 174 114.87 -56.78 -67.03
C GLY LA 174 115.63 -57.03 -65.75
N PHE LA 175 116.43 -56.05 -65.31
CA PHE LA 175 117.16 -56.17 -64.06
C PHE LA 175 116.18 -56.27 -62.90
N ILE LA 176 115.14 -55.43 -62.93
CA ILE LA 176 114.11 -55.44 -61.89
C ILE LA 176 113.36 -56.77 -61.92
N GLY LA 177 112.99 -57.24 -63.11
CA GLY LA 177 112.27 -58.50 -63.22
C GLY LA 177 113.08 -59.69 -62.75
N GLN LA 178 114.36 -59.73 -63.12
CA GLN LA 178 115.23 -60.82 -62.71
C GLN LA 178 115.49 -60.78 -61.22
N ALA LA 179 115.59 -59.58 -60.64
CA ALA LA 179 115.80 -59.48 -59.21
C ALA LA 179 114.57 -59.91 -58.43
N TYR LA 180 113.37 -59.61 -58.96
CA TYR LA 180 112.15 -60.00 -58.26
C TYR LA 180 111.83 -61.48 -58.44
N THR LA 181 112.24 -62.10 -59.54
CA THR LA 181 111.94 -63.52 -59.74
C THR LA 181 113.06 -64.44 -59.24
N THR LA 182 114.26 -64.31 -59.83
CA THR LA 182 115.37 -65.17 -59.44
C THR LA 182 115.92 -64.81 -58.06
N GLY LA 183 115.92 -63.53 -57.71
CA GLY LA 183 116.47 -63.13 -56.43
C GLY LA 183 117.97 -63.23 -56.42
N THR LA 184 118.63 -62.87 -57.52
CA THR LA 184 120.08 -62.95 -57.64
C THR LA 184 120.50 -61.81 -58.58
N THR LA 185 121.79 -61.48 -58.57
CA THR LA 185 122.33 -60.42 -59.41
C THR LA 185 122.21 -60.77 -60.89
N PRO LA 186 122.19 -59.76 -61.78
CA PRO LA 186 122.04 -60.06 -63.23
C PRO LA 186 123.19 -60.83 -63.87
N LEU LA 187 124.45 -60.53 -63.54
CA LEU LA 187 125.56 -61.25 -64.16
C LEU LA 187 125.57 -62.71 -63.75
N LYS LA 188 125.07 -63.02 -62.55
CA LYS LA 188 124.97 -64.41 -62.13
C LYS LA 188 123.94 -65.14 -63.00
N ASN LA 189 122.84 -64.46 -63.33
CA ASN LA 189 121.84 -65.06 -64.21
C ASN LA 189 122.41 -65.23 -65.61
N LEU LA 190 123.25 -64.29 -66.04
CA LEU LA 190 123.88 -64.37 -67.35
C LEU LA 190 124.81 -65.57 -67.43
N SER LA 191 125.62 -65.78 -66.38
CA SER LA 191 126.52 -66.93 -66.35
C SER LA 191 125.73 -68.24 -66.25
N THR LA 192 124.63 -68.22 -65.48
CA THR LA 192 123.80 -69.41 -65.34
C THR LA 192 123.19 -69.79 -66.69
N HIS LA 193 122.78 -68.78 -67.46
CA HIS LA 193 122.21 -69.06 -68.78
C HIS LA 193 123.29 -69.46 -69.77
N LEU LA 194 124.51 -68.96 -69.58
CA LEU LA 194 125.61 -69.29 -70.48
C LEU LA 194 126.14 -70.71 -70.26
N ALA LA 195 126.01 -71.25 -69.04
CA ALA LA 195 126.49 -72.60 -68.79
C ALA LA 195 125.68 -73.64 -69.56
N ASP LA 196 124.35 -73.50 -69.56
CA ASP LA 196 123.50 -74.42 -70.30
C ASP LA 196 122.25 -73.66 -70.73
N PRO LA 197 122.25 -73.07 -71.93
CA PRO LA 197 121.08 -72.28 -72.37
C PRO LA 197 119.81 -73.07 -72.63
N TRP LA 198 119.88 -74.38 -72.81
CA TRP LA 198 118.67 -75.14 -73.11
C TRP LA 198 117.79 -75.35 -71.87
N SER LA 199 118.40 -75.48 -70.70
CA SER LA 199 117.63 -75.71 -69.48
C SER LA 199 117.54 -74.50 -68.57
N THR LA 200 118.19 -73.38 -68.91
CA THR LA 200 118.16 -72.17 -68.11
C THR LA 200 117.41 -71.12 -68.93
N THR LA 201 116.08 -71.17 -68.87
CA THR LA 201 115.21 -70.25 -69.60
C THR LA 201 114.15 -69.73 -68.64
N VAL LA 202 113.52 -68.63 -69.05
CA VAL LA 202 112.48 -68.01 -68.21
C VAL LA 202 111.29 -68.96 -68.04
N TRP LA 203 110.96 -69.74 -69.07
CA TRP LA 203 109.84 -70.67 -68.97
C TRP LA 203 110.15 -71.77 -67.97
N GLN LA 204 111.36 -72.33 -68.03
CA GLN LA 204 111.77 -73.39 -67.12
C GLN LA 204 111.84 -72.90 -65.68
N ASN LA 205 112.45 -71.72 -65.48
CA ASN LA 205 112.57 -71.17 -64.14
C ASN LA 205 111.21 -70.86 -63.53
N ASP LA 206 110.28 -70.34 -64.34
CA ASP LA 206 108.97 -70.02 -63.80
C ASP LA 206 108.11 -71.26 -63.64
N LEU LA 207 108.34 -72.30 -64.45
CA LEU LA 207 107.57 -73.52 -64.30
C LEU LA 207 108.02 -74.31 -63.08
N ALA LA 208 109.31 -74.23 -62.74
CA ALA LA 208 109.82 -74.93 -61.56
C ALA LA 208 109.26 -74.34 -60.27
N ARG LA 209 109.03 -73.02 -60.24
CA ARG LA 209 108.51 -72.36 -59.06
C ARG LA 209 106.99 -72.35 -59.00
N LEU LA 210 106.31 -72.84 -60.02
CA LEU LA 210 104.85 -72.87 -60.02
C LEU LA 210 104.33 -73.98 -59.11
N ASP MA 1 43.83 -97.54 -130.85
CA ASP MA 1 44.48 -97.13 -129.61
C ASP MA 1 44.91 -98.31 -128.76
N ARG MA 2 45.83 -98.07 -127.85
CA ARG MA 2 46.32 -99.13 -126.98
C ARG MA 2 45.25 -99.55 -125.98
N LYS MA 3 45.43 -100.74 -125.42
CA LYS MA 3 44.49 -101.27 -124.45
C LYS MA 3 44.86 -100.80 -123.04
N LEU MA 4 43.89 -100.25 -122.34
CA LEU MA 4 44.09 -99.76 -120.98
C LEU MA 4 43.95 -100.89 -119.97
N TRP MA 5 44.29 -100.59 -118.73
CA TRP MA 5 44.21 -101.58 -117.66
C TRP MA 5 42.78 -101.87 -117.20
N ALA MA 6 41.85 -100.95 -117.38
CA ALA MA 6 40.48 -101.22 -116.95
C ALA MA 6 39.53 -100.91 -118.10
N PRO MA 7 38.50 -101.71 -118.30
CA PRO MA 7 37.55 -101.43 -119.38
C PRO MA 7 36.62 -100.29 -118.99
N GLY MA 8 36.65 -99.21 -119.77
CA GLY MA 8 35.82 -98.05 -119.54
C GLY MA 8 36.52 -96.88 -118.87
N VAL MA 9 37.71 -97.08 -118.34
CA VAL MA 9 38.41 -95.98 -117.69
C VAL MA 9 39.10 -95.11 -118.74
N VAL MA 10 39.44 -93.89 -118.37
CA VAL MA 10 40.10 -92.95 -119.27
C VAL MA 10 41.53 -92.75 -118.78
N ALA MA 11 42.49 -92.97 -119.68
CA ALA MA 11 43.89 -92.84 -119.35
C ALA MA 11 44.26 -91.38 -119.05
N PRO MA 12 45.32 -91.17 -118.26
CA PRO MA 12 45.73 -89.79 -117.95
C PRO MA 12 46.26 -89.07 -119.18
N GLU MA 13 46.21 -87.75 -119.13
CA GLU MA 13 46.69 -86.94 -120.25
C GLU MA 13 48.19 -87.05 -120.41
N TYR MA 14 48.92 -87.33 -119.33
CA TYR MA 14 50.37 -87.45 -119.44
C TYR MA 14 50.81 -88.85 -119.86
N LEU MA 15 49.86 -89.77 -120.08
CA LEU MA 15 50.17 -91.14 -120.49
C LEU MA 15 49.51 -91.36 -121.86
N LYS MA 16 50.21 -90.96 -122.92
CA LYS MA 16 49.70 -91.08 -124.27
C LYS MA 16 50.17 -92.36 -124.96
N GLY MA 17 51.10 -93.09 -124.36
CA GLY MA 17 51.61 -94.31 -124.94
C GLY MA 17 53.01 -94.22 -125.51
N ASP MA 18 53.75 -93.15 -125.21
CA ASP MA 18 55.11 -93.02 -125.73
C ASP MA 18 56.05 -94.04 -125.09
N LEU MA 19 56.01 -94.15 -123.77
CA LEU MA 19 56.88 -95.11 -123.09
C LEU MA 19 56.33 -96.52 -123.23
N ALA MA 20 57.23 -97.51 -123.08
CA ALA MA 20 56.83 -98.90 -123.19
C ALA MA 20 56.01 -99.34 -121.99
N GLY MA 21 55.06 -100.24 -122.24
CA GLY MA 21 54.20 -100.77 -121.19
C GLY MA 21 53.28 -99.75 -120.54
N ASP MA 22 52.83 -98.77 -121.31
CA ASP MA 22 51.94 -97.74 -120.79
C ASP MA 22 50.49 -98.20 -120.92
N TYR MA 23 49.92 -98.66 -119.82
CA TYR MA 23 48.53 -99.11 -119.79
C TYR MA 23 47.60 -98.03 -119.28
N GLY MA 24 48.09 -96.81 -119.11
CA GLY MA 24 47.27 -95.72 -118.60
C GLY MA 24 46.89 -95.97 -117.16
N TRP MA 25 47.81 -96.52 -116.37
CA TRP MA 25 47.57 -96.84 -114.98
C TRP MA 25 48.38 -95.93 -114.07
N ASP MA 26 47.71 -95.03 -113.38
CA ASP MA 26 48.32 -94.12 -112.42
C ASP MA 26 47.26 -93.61 -111.46
N PRO MA 27 46.74 -94.46 -110.57
CA PRO MA 27 45.69 -94.00 -109.63
C PRO MA 27 46.14 -92.90 -108.69
N LEU MA 28 47.43 -92.84 -108.35
CA LEU MA 28 47.90 -91.81 -107.44
C LEU MA 28 48.36 -90.54 -108.14
N GLY MA 29 48.45 -90.55 -109.46
CA GLY MA 29 48.89 -89.38 -110.19
C GLY MA 29 50.32 -88.99 -109.91
N LEU MA 30 51.18 -89.96 -109.65
CA LEU MA 30 52.58 -89.67 -109.34
C LEU MA 30 53.37 -89.27 -110.58
N GLY MA 31 52.79 -89.40 -111.77
CA GLY MA 31 53.42 -89.03 -113.01
C GLY MA 31 53.07 -87.66 -113.52
N ALA MA 32 52.45 -86.80 -112.69
CA ALA MA 32 52.07 -85.47 -113.14
C ALA MA 32 53.30 -84.60 -113.39
N ASP MA 33 54.32 -84.72 -112.55
CA ASP MA 33 55.54 -83.95 -112.74
C ASP MA 33 56.43 -84.66 -113.75
N PRO MA 34 56.82 -84.02 -114.85
CA PRO MA 34 57.69 -84.71 -115.83
C PRO MA 34 59.02 -85.15 -115.26
N THR MA 35 59.63 -84.33 -114.39
CA THR MA 35 60.90 -84.71 -113.79
C THR MA 35 60.70 -85.94 -112.90
N ALA MA 36 59.62 -85.94 -112.11
CA ALA MA 36 59.32 -87.08 -111.26
C ALA MA 36 58.98 -88.30 -112.09
N LEU MA 37 58.33 -88.09 -113.24
CA LEU MA 37 57.99 -89.21 -114.11
C LEU MA 37 59.24 -89.87 -114.67
N LYS MA 38 60.22 -89.06 -115.09
CA LYS MA 38 61.47 -89.62 -115.61
C LYS MA 38 62.25 -90.35 -114.53
N TRP MA 39 62.26 -89.79 -113.31
CA TRP MA 39 62.94 -90.43 -112.20
C TRP MA 39 62.26 -91.76 -111.84
N TYR MA 40 60.93 -91.78 -111.85
CA TYR MA 40 60.21 -93.00 -111.54
C TYR MA 40 60.39 -94.02 -112.64
N ARG MA 41 60.58 -93.58 -113.88
CA ARG MA 41 60.81 -94.52 -114.96
C ARG MA 41 62.16 -95.19 -114.79
N GLN MA 42 63.17 -94.42 -114.38
CA GLN MA 42 64.49 -95.00 -114.12
C GLN MA 42 64.42 -95.97 -112.94
N SER MA 43 63.67 -95.58 -111.90
CA SER MA 43 63.51 -96.42 -110.71
C SER MA 43 62.79 -97.72 -111.07
N GLU MA 44 61.78 -97.64 -111.93
CA GLU MA 44 61.06 -98.84 -112.34
C GLU MA 44 61.94 -99.74 -113.18
N LEU MA 45 62.79 -99.14 -114.02
CA LEU MA 45 63.70 -99.96 -114.83
C LEU MA 45 64.69 -100.69 -113.95
N GLN MA 46 65.23 -99.99 -112.94
CA GLN MA 46 66.18 -100.61 -112.02
C GLN MA 46 65.50 -101.74 -111.24
N HIS MA 47 64.28 -101.48 -110.76
CA HIS MA 47 63.54 -102.49 -110.03
C HIS MA 47 63.23 -103.71 -110.89
N ALA MA 48 62.83 -103.48 -112.13
CA ALA MA 48 62.49 -104.56 -113.04
C ALA MA 48 63.70 -105.43 -113.34
N ARG MA 49 64.83 -104.82 -113.68
CA ARG MA 49 66.03 -105.59 -114.00
C ARG MA 49 66.55 -106.35 -112.78
N TRP MA 50 66.58 -105.69 -111.62
CA TRP MA 50 67.06 -106.35 -110.41
C TRP MA 50 66.14 -107.49 -110.00
N ALA MA 51 64.83 -107.31 -110.19
CA ALA MA 51 63.89 -108.37 -109.83
C ALA MA 51 64.02 -109.56 -110.77
N MET MA 52 64.23 -109.30 -112.07
CA MET MA 52 64.40 -110.41 -113.01
C MET MA 52 65.66 -111.20 -112.67
N LEU MA 53 66.74 -110.48 -112.33
CA LEU MA 53 67.98 -111.15 -111.93
C LEU MA 53 67.77 -111.96 -110.66
N GLY MA 54 67.05 -111.41 -109.69
CA GLY MA 54 66.82 -112.12 -108.44
C GLY MA 54 65.95 -113.36 -108.60
N VAL MA 55 64.89 -113.25 -109.40
CA VAL MA 55 64.00 -114.39 -109.63
C VAL MA 55 64.74 -115.50 -110.35
N ALA MA 56 65.51 -115.15 -111.39
CA ALA MA 56 66.28 -116.16 -112.11
C ALA MA 56 67.33 -116.77 -111.21
N GLY MA 57 67.94 -115.96 -110.34
CA GLY MA 57 68.95 -116.49 -109.44
C GLY MA 57 68.38 -117.45 -108.43
N VAL MA 58 67.21 -117.14 -107.87
CA VAL MA 58 66.57 -118.02 -106.90
C VAL MA 58 66.18 -119.34 -107.55
N LEU MA 59 65.59 -119.27 -108.75
CA LEU MA 59 65.16 -120.49 -109.43
C LEU MA 59 66.34 -121.37 -109.81
N VAL MA 60 67.40 -120.78 -110.40
CA VAL MA 60 68.56 -121.57 -110.79
C VAL MA 60 69.28 -122.11 -109.56
N GLN MA 61 69.30 -121.34 -108.47
CA GLN MA 61 69.96 -121.80 -107.26
C GLN MA 61 69.19 -122.98 -106.65
N GLU MA 62 67.85 -122.93 -106.71
CA GLU MA 62 67.07 -124.03 -106.16
C GLU MA 62 67.20 -125.27 -107.03
N ILE MA 63 67.42 -125.08 -108.33
CA ILE MA 63 67.56 -126.23 -109.22
C ILE MA 63 68.93 -126.87 -109.04
N VAL MA 64 70.01 -126.08 -109.14
CA VAL MA 64 71.37 -126.59 -109.02
C VAL MA 64 71.71 -127.01 -107.59
N LYS MA 65 71.29 -126.21 -106.60
CA LYS MA 65 71.56 -126.50 -105.18
C LYS MA 65 70.22 -126.59 -104.45
N PRO MA 66 69.57 -127.76 -104.47
CA PRO MA 66 68.28 -127.88 -103.78
C PRO MA 66 68.37 -127.98 -102.28
N ASP MA 67 69.55 -128.16 -101.70
CA ASP MA 67 69.64 -128.27 -100.24
C ASP MA 67 70.02 -126.97 -99.55
N VAL MA 68 70.22 -125.88 -100.29
CA VAL MA 68 70.59 -124.59 -99.71
C VAL MA 68 69.38 -123.66 -99.78
N TYR MA 69 68.98 -123.15 -98.62
CA TYR MA 69 67.85 -122.24 -98.53
C TYR MA 69 68.26 -120.86 -99.04
N PHE MA 70 67.49 -120.31 -99.99
CA PHE MA 70 67.82 -119.01 -100.55
C PHE MA 70 67.65 -117.89 -99.54
N TYR MA 71 66.73 -118.07 -98.57
CA TYR MA 71 66.53 -117.05 -97.55
C TYR MA 71 67.74 -116.94 -96.63
N GLU MA 72 68.29 -118.08 -96.20
CA GLU MA 72 69.46 -118.12 -95.33
C GLU MA 72 70.76 -118.26 -96.11
N ALA MA 73 70.72 -118.04 -97.43
CA ALA MA 73 71.94 -118.15 -98.24
C ALA MA 73 72.91 -117.02 -98.00
N GLY MA 74 72.46 -115.94 -97.36
CA GLY MA 74 73.33 -114.82 -97.08
C GLY MA 74 74.27 -115.00 -95.91
N LEU MA 75 74.13 -116.11 -95.18
CA LEU MA 75 75.00 -116.36 -94.04
C LEU MA 75 76.38 -116.78 -94.50
N PRO MA 76 77.43 -116.46 -93.74
CA PRO MA 76 78.79 -116.86 -94.17
C PRO MA 76 79.02 -118.35 -94.04
N GLN MA 77 78.21 -119.06 -93.25
CA GLN MA 77 78.40 -120.50 -93.10
C GLN MA 77 77.76 -121.27 -94.25
N ASN MA 78 76.97 -120.61 -95.09
CA ASN MA 78 76.31 -121.22 -96.24
C ASN MA 78 76.98 -120.85 -97.56
N LEU MA 79 78.06 -120.07 -97.52
CA LEU MA 79 78.73 -119.69 -98.75
C LEU MA 79 79.53 -120.87 -99.30
N PRO MA 80 79.60 -121.01 -100.62
CA PRO MA 80 80.35 -122.12 -101.20
C PRO MA 80 81.84 -121.85 -101.15
N GLU MA 81 82.62 -122.91 -101.40
CA GLU MA 81 84.06 -122.78 -101.41
C GLU MA 81 84.50 -121.98 -102.64
N PRO MA 82 85.56 -121.17 -102.54
CA PRO MA 82 86.41 -120.95 -101.36
C PRO MA 82 86.01 -119.71 -100.59
N PHE MA 83 84.71 -119.41 -100.55
CA PHE MA 83 84.22 -118.25 -99.85
C PHE MA 83 83.51 -118.57 -98.54
N THR MA 84 83.68 -119.79 -98.01
CA THR MA 84 83.01 -120.14 -96.77
C THR MA 84 83.70 -119.46 -95.58
N ASN MA 85 82.89 -119.03 -94.62
CA ASN MA 85 83.32 -118.36 -93.39
C ASN MA 85 84.25 -117.18 -93.68
N ILE MA 86 83.94 -116.47 -94.75
CA ILE MA 86 84.72 -115.31 -95.16
C ILE MA 86 84.27 -114.11 -94.36
N ASN MA 87 85.16 -113.14 -94.20
CA ASN MA 87 84.82 -111.94 -93.44
C ASN MA 87 83.84 -111.10 -94.25
N MET MA 88 82.64 -110.91 -93.70
CA MET MA 88 81.61 -110.14 -94.38
C MET MA 88 81.95 -108.66 -94.50
N GLY MA 89 82.87 -108.16 -93.67
CA GLY MA 89 83.23 -106.75 -93.76
C GLY MA 89 83.91 -106.41 -95.06
N GLY MA 90 84.88 -107.24 -95.48
CA GLY MA 90 85.56 -107.00 -96.74
C GLY MA 90 84.62 -107.18 -97.92
N LEU MA 91 83.70 -108.13 -97.79
CA LEU MA 91 82.71 -108.38 -98.83
C LEU MA 91 81.81 -107.15 -99.01
N LEU MA 92 81.39 -106.58 -97.89
CA LEU MA 92 80.57 -105.37 -97.92
C LEU MA 92 81.35 -104.20 -98.47
N ALA MA 93 82.66 -104.14 -98.17
CA ALA MA 93 83.50 -103.07 -98.69
C ALA MA 93 83.61 -103.15 -100.21
N TRP MA 94 83.78 -104.37 -100.73
CA TRP MA 94 83.86 -104.59 -102.18
C TRP MA 94 82.59 -104.15 -102.86
N GLU MA 95 81.45 -104.62 -102.35
CA GLU MA 95 80.15 -104.27 -102.93
C GLU MA 95 79.88 -102.78 -102.84
N PHE MA 96 80.22 -102.16 -101.71
CA PHE MA 96 79.99 -100.73 -101.53
C PHE MA 96 80.79 -99.92 -102.53
N ILE MA 97 82.08 -100.22 -102.68
CA ILE MA 97 82.93 -99.45 -103.60
C ILE MA 97 82.47 -99.60 -105.04
N LEU MA 98 82.29 -100.85 -105.51
CA LEU MA 98 81.91 -101.06 -106.90
C LEU MA 98 80.51 -100.52 -107.21
N MET MA 99 79.53 -100.83 -106.34
CA MET MA 99 78.18 -100.36 -106.56
C MET MA 99 78.11 -98.84 -106.46
N HIS MA 100 78.87 -98.24 -105.55
CA HIS MA 100 78.89 -96.79 -105.42
C HIS MA 100 79.41 -96.14 -106.69
N TRP MA 101 80.47 -96.70 -107.27
CA TRP MA 101 81.02 -96.14 -108.51
C TRP MA 101 80.02 -96.20 -109.66
N VAL MA 102 79.46 -97.40 -109.91
CA VAL MA 102 78.54 -97.54 -111.04
C VAL MA 102 77.25 -96.76 -110.83
N GLU MA 103 76.75 -96.70 -109.59
CA GLU MA 103 75.52 -95.97 -109.33
C GLU MA 103 75.75 -94.48 -109.43
N VAL MA 104 76.94 -93.99 -109.09
CA VAL MA 104 77.20 -92.57 -109.25
C VAL MA 104 77.27 -92.23 -110.73
N ARG MA 105 77.85 -93.13 -111.53
CA ARG MA 105 77.91 -92.90 -112.98
C ARG MA 105 76.50 -92.88 -113.57
N ARG MA 106 75.65 -93.82 -113.14
CA ARG MA 106 74.27 -93.88 -113.64
C ARG MA 106 73.46 -92.65 -113.20
N TRP MA 107 73.67 -92.20 -111.96
CA TRP MA 107 72.98 -91.02 -111.45
C TRP MA 107 73.41 -89.78 -112.22
N GLN MA 108 74.71 -89.68 -112.54
CA GLN MA 108 75.19 -88.55 -113.30
C GLN MA 108 74.62 -88.58 -114.70
N ASP MA 109 74.41 -89.78 -115.24
CA ASP MA 109 73.80 -89.91 -116.55
C ASP MA 109 72.35 -89.44 -116.51
N TYR MA 110 71.67 -89.69 -115.39
CA TYR MA 110 70.28 -89.23 -115.25
C TYR MA 110 70.22 -87.72 -115.13
N LYS MA 111 71.07 -87.13 -114.27
CA LYS MA 111 71.07 -85.69 -114.06
C LYS MA 111 71.46 -84.95 -115.33
N ASN MA 112 72.59 -85.33 -115.93
CA ASN MA 112 73.08 -84.73 -117.17
C ASN MA 112 73.12 -85.85 -118.20
N PHE MA 113 72.14 -85.85 -119.10
CA PHE MA 113 72.06 -86.89 -120.13
C PHE MA 113 73.21 -86.76 -121.14
N GLY MA 114 73.80 -87.90 -121.47
CA GLY MA 114 74.89 -87.95 -122.43
C GLY MA 114 76.14 -87.21 -122.01
N SER MA 115 76.49 -87.26 -120.72
CA SER MA 115 77.67 -86.58 -120.23
C SER MA 115 78.72 -87.51 -119.62
N VAL MA 116 78.40 -88.79 -119.46
CA VAL MA 116 79.36 -89.74 -118.88
C VAL MA 116 79.49 -90.97 -119.78
N ASN MA 117 79.17 -90.82 -121.06
CA ASN MA 117 79.26 -91.95 -121.98
C ASN MA 117 80.71 -92.35 -122.24
N GLU MA 118 81.61 -91.39 -122.28
CA GLU MA 118 83.01 -91.69 -122.55
C GLU MA 118 83.72 -92.31 -121.35
N ASP MA 119 84.61 -93.24 -121.65
CA ASP MA 119 85.41 -93.92 -120.65
C ASP MA 119 86.42 -92.90 -120.11
N PRO MA 120 86.45 -92.65 -118.80
CA PRO MA 120 87.38 -91.64 -118.26
C PRO MA 120 88.85 -92.01 -118.35
N ILE MA 121 89.19 -93.28 -118.55
CA ILE MA 121 90.59 -93.67 -118.63
C ILE MA 121 91.04 -93.82 -120.09
N PHE MA 122 90.34 -94.66 -120.84
CA PHE MA 122 90.68 -94.90 -122.24
C PHE MA 122 89.74 -94.07 -123.10
N LYS MA 123 90.25 -93.00 -123.67
CA LYS MA 123 89.45 -92.12 -124.52
C LYS MA 123 89.07 -92.83 -125.81
N GLY MA 124 87.87 -92.52 -126.29
CA GLY MA 124 87.32 -93.10 -127.50
C GLY MA 124 86.35 -94.24 -127.25
N ASN MA 125 86.29 -94.76 -126.04
CA ASN MA 125 85.40 -95.87 -125.69
C ASN MA 125 84.12 -95.27 -125.09
N LYS MA 126 83.15 -95.00 -125.93
CA LYS MA 126 81.88 -94.42 -125.51
C LYS MA 126 80.74 -95.37 -125.84
N VAL MA 127 79.55 -95.03 -125.33
CA VAL MA 127 78.34 -95.81 -125.56
C VAL MA 127 77.37 -94.92 -126.32
N PRO MA 128 76.51 -95.49 -127.19
CA PRO MA 128 75.58 -94.62 -127.94
C PRO MA 128 74.56 -93.92 -127.05
N ASN MA 129 73.94 -94.66 -126.14
CA ASN MA 129 72.94 -94.12 -125.21
C ASN MA 129 71.79 -93.37 -125.88
N PRO MA 130 70.88 -94.07 -126.57
CA PRO MA 130 69.77 -93.37 -127.21
C PRO MA 130 68.81 -92.72 -126.23
N GLU MA 131 68.35 -93.46 -125.22
CA GLU MA 131 67.43 -92.91 -124.24
C GLU MA 131 68.02 -93.07 -122.84
N MET MA 132 67.31 -92.53 -121.85
CA MET MA 132 67.76 -92.63 -120.47
C MET MA 132 67.47 -94.03 -119.95
N GLY MA 133 68.45 -94.61 -119.26
CA GLY MA 133 68.30 -95.95 -118.75
C GLY MA 133 68.57 -97.02 -119.78
N TYR MA 134 68.99 -96.64 -120.97
CA TYR MA 134 69.28 -97.55 -122.08
C TYR MA 134 70.64 -97.18 -122.65
N PRO MA 135 71.74 -97.52 -121.96
CA PRO MA 135 73.07 -97.14 -122.48
C PRO MA 135 73.50 -97.89 -123.73
N GLY MA 136 73.44 -99.22 -123.73
CA GLY MA 136 73.87 -99.94 -124.92
C GLY MA 136 75.38 -99.96 -125.06
N GLY MA 137 75.84 -100.25 -126.28
CA GLY MA 137 77.26 -100.30 -126.56
C GLY MA 137 77.94 -101.47 -125.89
N ILE MA 138 78.74 -101.21 -124.86
CA ILE MA 138 79.41 -102.28 -124.13
C ILE MA 138 78.39 -103.10 -123.35
N PHE MA 139 77.28 -102.47 -122.93
CA PHE MA 139 76.23 -103.14 -122.19
C PHE MA 139 75.38 -104.04 -123.08
N ASP MA 140 75.38 -103.80 -124.38
CA ASP MA 140 74.63 -104.61 -125.34
C ASP MA 140 75.61 -104.97 -126.46
N PRO MA 141 76.54 -105.88 -126.20
CA PRO MA 141 77.51 -106.24 -127.23
C PRO MA 141 76.93 -107.06 -128.36
N PHE MA 142 75.82 -107.76 -128.13
CA PHE MA 142 75.24 -108.56 -129.20
C PHE MA 142 74.53 -107.71 -130.25
N GLY MA 143 74.24 -106.45 -129.95
CA GLY MA 143 73.59 -105.56 -130.88
C GLY MA 143 72.17 -105.92 -131.28
N PHE MA 144 71.30 -106.18 -130.32
CA PHE MA 144 69.92 -106.53 -130.61
C PHE MA 144 69.01 -105.32 -130.65
N SER MA 145 69.56 -104.11 -130.48
CA SER MA 145 68.80 -102.87 -130.50
C SER MA 145 68.63 -102.28 -131.89
N LYS MA 146 69.26 -102.86 -132.91
CA LYS MA 146 69.14 -102.32 -134.26
C LYS MA 146 67.89 -102.86 -134.97
N GLY MA 147 66.73 -102.71 -134.34
CA GLY MA 147 65.49 -103.18 -134.92
C GLY MA 147 64.28 -102.60 -134.21
N ASN MA 148 63.26 -103.44 -133.97
CA ASN MA 148 62.05 -103.00 -133.29
C ASN MA 148 62.36 -102.93 -131.79
N LEU MA 149 62.69 -101.73 -131.33
CA LEU MA 149 63.03 -101.54 -129.92
C LEU MA 149 61.81 -101.28 -129.06
N LYS MA 150 60.70 -100.85 -129.67
CA LYS MA 150 59.49 -100.56 -128.90
C LYS MA 150 58.91 -101.83 -128.30
N GLU MA 151 58.71 -102.87 -129.11
CA GLU MA 151 58.15 -104.11 -128.61
C GLU MA 151 59.14 -104.81 -127.67
N LEU MA 152 60.44 -104.65 -127.93
CA LEU MA 152 61.44 -105.27 -127.06
C LEU MA 152 61.44 -104.61 -125.69
N GLN MA 153 61.33 -103.27 -125.65
CA GLN MA 153 61.28 -102.58 -124.37
C GLN MA 153 59.97 -102.88 -123.65
N THR MA 154 58.89 -103.08 -124.42
CA THR MA 154 57.61 -103.43 -123.82
C THR MA 154 57.69 -104.79 -123.15
N LYS MA 155 58.32 -105.75 -123.83
CA LYS MA 155 58.50 -107.09 -123.27
C LYS MA 155 59.39 -107.03 -122.04
N GLU MA 156 60.43 -106.18 -122.08
CA GLU MA 156 61.34 -106.04 -120.95
C GLU MA 156 60.62 -105.51 -119.71
N ILE MA 157 59.84 -104.44 -119.88
CA ILE MA 157 59.15 -103.85 -118.73
C ILE MA 157 58.06 -104.80 -118.21
N LYS MA 158 57.36 -105.51 -119.10
CA LYS MA 158 56.32 -106.42 -118.63
C LYS MA 158 56.91 -107.62 -117.89
N ASN MA 159 58.01 -108.17 -118.42
CA ASN MA 159 58.68 -109.28 -117.76
C ASN MA 159 59.24 -108.82 -116.42
N GLY MA 160 59.72 -107.58 -116.36
CA GLY MA 160 60.25 -107.06 -115.10
C GLY MA 160 59.17 -106.89 -114.06
N ARG MA 161 57.99 -106.42 -114.48
CA ARG MA 161 56.88 -106.27 -113.53
C ARG MA 161 56.44 -107.63 -112.99
N LEU MA 162 56.35 -108.61 -113.88
CA LEU MA 162 55.99 -109.96 -113.46
C LEU MA 162 57.03 -110.53 -112.51
N ALA MA 163 58.30 -110.23 -112.76
CA ALA MA 163 59.36 -110.70 -111.89
C ALA MA 163 59.33 -110.00 -110.54
N MET MA 164 58.92 -108.73 -110.50
CA MET MA 164 58.81 -108.01 -109.23
C MET MA 164 57.75 -108.68 -108.35
N ILE MA 165 56.60 -108.98 -108.97
CA ILE MA 165 55.52 -109.66 -108.27
C ILE MA 165 55.98 -111.04 -107.82
N ALA MA 166 56.72 -111.73 -108.70
CA ALA MA 166 57.21 -113.07 -108.39
C ALA MA 166 58.20 -113.07 -107.24
N TYR MA 167 59.14 -112.12 -107.20
CA TYR MA 167 60.10 -112.11 -106.11
C TYR MA 167 59.43 -111.75 -104.80
N MET MA 168 58.44 -110.86 -104.81
CA MET MA 168 57.76 -110.58 -103.56
C MET MA 168 56.96 -111.80 -103.11
N ALA MA 169 56.43 -112.56 -104.07
CA ALA MA 169 55.72 -113.78 -103.74
C ALA MA 169 56.67 -114.79 -103.15
N PHE MA 170 57.92 -114.82 -103.65
CA PHE MA 170 58.94 -115.72 -103.12
C PHE MA 170 59.25 -115.37 -101.69
N ILE MA 171 59.39 -114.07 -101.42
CA ILE MA 171 59.72 -113.60 -100.07
C ILE MA 171 58.59 -113.95 -99.09
N LEU MA 172 57.34 -113.69 -99.47
CA LEU MA 172 56.24 -114.01 -98.56
C LEU MA 172 56.04 -115.51 -98.41
N GLN MA 173 56.31 -116.29 -99.45
CA GLN MA 173 56.18 -117.73 -99.35
C GLN MA 173 57.23 -118.29 -98.41
N ALA MA 174 58.46 -117.78 -98.51
CA ALA MA 174 59.52 -118.25 -97.62
C ALA MA 174 59.29 -117.76 -96.19
N GLN MA 175 58.63 -116.61 -96.03
CA GLN MA 175 58.37 -116.11 -94.70
C GLN MA 175 57.23 -116.85 -94.01
N ALA MA 176 56.22 -117.30 -94.77
CA ALA MA 176 55.10 -118.02 -94.18
C ALA MA 176 55.32 -119.51 -94.03
N THR MA 177 55.99 -120.16 -94.98
CA THR MA 177 56.21 -121.59 -94.91
C THR MA 177 57.63 -122.00 -94.56
N GLY MA 178 58.66 -121.30 -95.04
CA GLY MA 178 60.02 -121.68 -94.72
C GLY MA 178 60.70 -122.55 -95.74
N LYS MA 179 60.38 -122.36 -97.02
CA LYS MA 179 60.99 -123.16 -98.08
C LYS MA 179 60.98 -122.36 -99.38
N GLY MA 180 61.77 -122.84 -100.34
CA GLY MA 180 61.88 -122.20 -101.62
C GLY MA 180 60.61 -122.31 -102.45
N PRO MA 181 60.52 -121.46 -103.48
CA PRO MA 181 59.32 -121.47 -104.34
C PRO MA 181 59.06 -122.80 -105.02
N LEU MA 182 60.11 -123.50 -105.45
CA LEU MA 182 59.90 -124.80 -106.09
C LEU MA 182 59.45 -125.83 -105.06
N ALA MA 183 60.06 -125.82 -103.88
CA ALA MA 183 59.67 -126.74 -102.82
C ALA MA 183 58.25 -126.43 -102.33
N ALA MA 184 57.91 -125.14 -102.24
CA ALA MA 184 56.55 -124.77 -101.83
C ALA MA 184 55.54 -125.15 -102.88
N LEU MA 185 55.92 -125.06 -104.17
CA LEU MA 185 55.01 -125.45 -105.24
C LEU MA 185 54.77 -126.96 -105.21
N SER MA 186 55.82 -127.74 -104.95
CA SER MA 186 55.67 -129.19 -104.86
C SER MA 186 54.82 -129.56 -103.65
N ALA MA 187 55.02 -128.86 -102.53
CA ALA MA 187 54.23 -129.11 -101.33
C ALA MA 187 52.76 -128.78 -101.55
N HIS MA 188 52.49 -127.70 -102.29
CA HIS MA 188 51.11 -127.34 -102.58
C HIS MA 188 50.49 -128.35 -103.55
N LEU MA 189 51.29 -128.87 -104.48
CA LEU MA 189 50.77 -129.86 -105.42
C LEU MA 189 50.48 -131.18 -104.73
N SER MA 190 51.21 -131.47 -103.65
CA SER MA 190 50.96 -132.69 -102.89
C SER MA 190 49.58 -132.65 -102.24
N ASN MA 191 49.22 -131.50 -101.68
CA ASN MA 191 47.91 -131.31 -101.05
C ASN MA 191 47.43 -129.85 -101.13
N PRO MA 192 46.73 -129.52 -102.21
CA PRO MA 192 46.20 -128.15 -102.39
C PRO MA 192 45.22 -127.68 -101.34
N PHE MA 193 44.45 -128.62 -100.78
CA PHE MA 193 43.48 -128.27 -99.76
C PHE MA 193 44.08 -128.26 -98.36
N GLY MA 194 45.37 -128.55 -98.24
CA GLY MA 194 45.99 -128.57 -96.94
C GLY MA 194 47.17 -127.63 -96.78
N ASN MA 195 47.81 -127.27 -97.89
CA ASN MA 195 48.97 -126.38 -97.90
C ASN MA 195 48.66 -125.19 -98.80
N ASN MA 196 48.10 -124.14 -98.23
CA ASN MA 196 47.77 -122.94 -98.98
C ASN MA 196 47.94 -121.75 -98.04
N ILE MA 197 47.51 -120.57 -98.51
CA ILE MA 197 47.65 -119.38 -97.69
C ILE MA 197 46.59 -119.34 -96.58
N LEU MA 198 45.59 -120.22 -96.63
CA LEU MA 198 44.58 -120.22 -95.58
C LEU MA 198 45.13 -120.74 -94.26
N LYS MA 199 46.07 -121.69 -94.32
CA LYS MA 199 46.64 -122.29 -93.11
C LYS MA 199 48.07 -121.86 -92.84
N ASN MA 200 48.87 -121.62 -93.89
CA ASN MA 200 50.26 -121.25 -93.69
C ASN MA 200 50.41 -119.81 -93.20
N ILE MA 201 49.38 -118.99 -93.39
CA ILE MA 201 49.47 -117.61 -92.95
C ILE MA 201 49.41 -117.56 -91.42
N GLY MA 202 49.87 -116.44 -90.88
CA GLY MA 202 49.89 -116.26 -89.44
C GLY MA 202 51.10 -116.84 -88.76
N THR MA 203 51.95 -117.53 -89.50
CA THR MA 203 53.17 -118.13 -88.98
C THR MA 203 54.36 -117.47 -89.65
N CYS MA 204 55.28 -116.94 -88.86
CA CYS MA 204 56.48 -116.29 -89.37
C CYS MA 204 57.67 -117.16 -89.02
N THR MA 205 58.19 -117.87 -90.02
CA THR MA 205 59.34 -118.75 -89.82
C THR MA 205 60.64 -118.00 -89.63
N VAL MA 206 60.68 -116.72 -89.99
CA VAL MA 206 61.90 -115.93 -89.82
C VAL MA 206 62.12 -115.67 -88.33
N PRO MA 207 63.30 -115.96 -87.80
CA PRO MA 207 63.54 -115.73 -86.37
C PRO MA 207 63.58 -114.25 -86.03
N HIS MA 208 63.70 -113.98 -84.72
CA HIS MA 208 63.77 -112.60 -84.24
C HIS MA 208 65.06 -111.91 -84.68
N SER MA 209 66.18 -112.63 -84.64
CA SER MA 209 67.46 -112.05 -85.03
C SER MA 209 68.43 -113.15 -85.43
N VAL MA 210 69.58 -112.73 -85.95
CA VAL MA 210 70.63 -113.63 -86.39
C VAL MA 210 71.97 -113.05 -85.95
N ASP MA 211 72.88 -113.91 -85.51
CA ASP MA 211 74.20 -113.45 -85.06
C ASP MA 211 75.22 -113.79 -86.14
N VAL MA 212 75.42 -112.86 -87.07
CA VAL MA 212 76.38 -113.04 -88.16
C VAL MA 212 77.75 -112.72 -87.58
N GLN MA 213 78.50 -113.77 -87.21
CA GLN MA 213 79.83 -113.69 -86.61
C GLN MA 213 79.79 -112.92 -85.28
N GLY MA 214 80.08 -111.63 -85.31
CA GLY MA 214 80.07 -110.86 -84.08
C GLY MA 214 78.84 -110.03 -83.79
N LEU MA 215 78.35 -109.30 -84.79
CA LEU MA 215 77.20 -108.44 -84.60
C LEU MA 215 75.90 -109.19 -84.89
N THR MA 216 74.83 -108.72 -84.26
CA THR MA 216 73.50 -109.30 -84.41
C THR MA 216 72.65 -108.43 -85.32
N ILE MA 217 72.05 -109.04 -86.33
CA ILE MA 217 71.20 -108.38 -87.31
C ILE MA 217 69.75 -108.68 -86.96
N PRO MA 218 68.92 -107.67 -86.69
CA PRO MA 218 67.51 -107.94 -86.39
C PRO MA 218 66.76 -108.30 -87.66
N LEU MA 219 65.85 -109.27 -87.55
CA LEU MA 219 65.06 -109.71 -88.67
C LEU MA 219 63.59 -109.73 -88.30
N THR MA 220 62.74 -109.54 -89.30
CA THR MA 220 61.31 -109.55 -89.07
C THR MA 220 60.59 -110.00 -90.34
N CYS MA 221 59.33 -110.36 -90.18
CA CYS MA 221 58.48 -110.76 -91.28
C CYS MA 221 57.71 -109.54 -91.76
N LEU MA 222 57.07 -109.67 -92.91
CA LEU MA 222 56.32 -108.53 -93.42
C LEU MA 222 55.01 -108.32 -92.69
N TRP MA 223 54.49 -109.32 -91.99
CA TRP MA 223 53.25 -109.19 -91.26
C TRP MA 223 53.43 -109.67 -89.83
N PRO MA 224 52.62 -109.16 -88.89
CA PRO MA 224 52.76 -109.59 -87.48
C PRO MA 224 52.29 -111.01 -87.21
N GLY MA 225 52.92 -112.01 -87.80
CA GLY MA 225 52.55 -113.38 -87.56
C GLY MA 225 53.20 -113.96 -86.34
N SER MA 226 53.01 -115.26 -86.15
CA SER MA 226 53.59 -115.97 -85.02
C SER MA 226 55.06 -116.27 -85.32
N GLN MA 227 55.96 -115.77 -84.49
CA GLN MA 227 57.39 -115.99 -84.68
C GLN MA 227 57.78 -117.44 -84.40
N ARG NA 1 87.50 -79.67 -120.03
CA ARG NA 1 88.04 -79.17 -118.78
C ARG NA 1 87.83 -80.20 -117.68
N PRO NA 2 88.90 -80.54 -116.94
CA PRO NA 2 88.77 -81.53 -115.87
C PRO NA 2 87.96 -80.98 -114.71
N LEU NA 3 87.09 -81.82 -114.16
CA LEU NA 3 86.24 -81.45 -113.05
C LEU NA 3 86.15 -82.62 -112.06
N TRP NA 4 85.70 -82.30 -110.84
CA TRP NA 4 85.53 -83.30 -109.82
C TRP NA 4 84.30 -84.17 -110.05
N LEU NA 5 83.48 -83.83 -111.05
CA LEU NA 5 82.28 -84.60 -111.38
C LEU NA 5 82.04 -84.37 -112.85
N PRO NA 6 82.34 -85.36 -113.70
CA PRO NA 6 82.15 -85.20 -115.15
C PRO NA 6 80.71 -84.91 -115.51
N GLY NA 7 80.53 -83.90 -116.36
CA GLY NA 7 79.21 -83.50 -116.79
C GLY NA 7 78.46 -82.63 -115.81
N SER NA 8 79.10 -82.19 -114.74
CA SER NA 8 78.48 -81.34 -113.74
C SER NA 8 78.83 -79.89 -113.99
N THR NA 9 77.92 -79.00 -113.60
CA THR NA 9 78.12 -77.58 -113.79
C THR NA 9 78.94 -77.03 -112.62
N PRO NA 10 80.11 -76.45 -112.87
CA PRO NA 10 80.90 -75.92 -111.76
C PRO NA 10 80.25 -74.67 -111.20
N PRO NA 11 80.60 -74.27 -109.96
CA PRO NA 11 79.99 -73.08 -109.38
C PRO NA 11 80.40 -71.81 -110.12
N ALA NA 12 79.59 -70.77 -109.96
CA ALA NA 12 79.83 -69.50 -110.63
C ALA NA 12 81.12 -68.83 -110.16
N HIS NA 13 81.49 -69.02 -108.90
CA HIS NA 13 82.70 -68.39 -108.41
C HIS NA 13 83.98 -69.09 -108.83
N LEU NA 14 83.87 -70.25 -109.47
CA LEU NA 14 85.03 -71.02 -109.94
C LEU NA 14 85.02 -71.01 -111.45
N LYS NA 15 85.96 -70.30 -112.06
CA LYS NA 15 86.06 -70.19 -113.51
C LYS NA 15 87.28 -70.89 -114.09
N GLY NA 16 87.96 -71.72 -113.29
CA GLY NA 16 89.13 -72.42 -113.77
C GLY NA 16 90.36 -71.57 -114.01
N ASP NA 17 90.60 -70.58 -113.16
CA ASP NA 17 91.76 -69.72 -113.33
C ASP NA 17 92.89 -70.12 -112.36
N LEU NA 18 92.55 -70.33 -111.10
CA LEU NA 18 93.54 -70.71 -110.10
C LEU NA 18 94.01 -72.14 -110.36
N PRO NA 19 95.24 -72.47 -109.96
CA PRO NA 19 95.73 -73.84 -110.18
C PRO NA 19 94.93 -74.85 -109.37
N GLY NA 20 94.65 -75.99 -110.00
CA GLY NA 20 93.87 -77.03 -109.34
C GLY NA 20 92.40 -76.75 -109.27
N ASP NA 21 91.89 -75.84 -110.10
CA ASP NA 21 90.47 -75.51 -110.10
C ASP NA 21 89.71 -76.60 -110.83
N PHE NA 22 88.96 -77.41 -110.08
CA PHE NA 22 88.18 -78.50 -110.65
C PHE NA 22 86.69 -78.31 -110.40
N GLY NA 23 86.28 -77.09 -110.05
CA GLY NA 23 84.88 -76.76 -109.80
C GLY NA 23 84.24 -77.50 -108.65
N PHE NA 24 84.96 -77.69 -107.56
CA PHE NA 24 84.44 -78.39 -106.39
C PHE NA 24 84.29 -77.42 -105.22
N ASP NA 25 83.06 -77.04 -104.93
CA ASP NA 25 82.73 -76.16 -103.82
C ASP NA 25 81.23 -76.25 -103.50
N PRO NA 26 80.76 -77.34 -102.91
CA PRO NA 26 79.33 -77.44 -102.59
C PRO NA 26 78.86 -76.46 -101.53
N LEU NA 27 79.74 -76.11 -100.58
CA LEU NA 27 79.35 -75.16 -99.55
C LEU NA 27 79.52 -73.71 -99.99
N GLY NA 28 80.23 -73.48 -101.09
CA GLY NA 28 80.45 -72.14 -101.58
C GLY NA 28 81.33 -71.30 -100.67
N LEU NA 29 82.31 -71.92 -100.03
CA LEU NA 29 83.19 -71.19 -99.11
C LEU NA 29 84.13 -70.26 -99.85
N GLY NA 30 84.32 -70.46 -101.14
CA GLY NA 30 85.19 -69.64 -101.96
C GLY NA 30 84.45 -68.63 -102.81
N ALA NA 31 83.18 -68.35 -102.51
CA ALA NA 31 82.42 -67.40 -103.30
C ALA NA 31 82.96 -65.98 -103.13
N ASN NA 32 83.31 -65.60 -101.91
CA ASN NA 32 83.85 -64.28 -101.65
C ASN NA 32 85.27 -64.19 -102.20
N ALA NA 33 85.65 -62.99 -102.67
CA ALA NA 33 86.98 -62.80 -103.24
C ALA NA 33 88.06 -62.82 -102.16
N GLU NA 34 87.83 -62.08 -101.06
CA GLU NA 34 88.81 -62.03 -99.98
C GLU NA 34 88.96 -63.39 -99.30
N SER NA 35 87.85 -64.08 -99.08
CA SER NA 35 87.90 -65.40 -98.45
C SER NA 35 88.66 -66.38 -99.33
N LEU NA 36 88.43 -66.33 -100.64
CA LEU NA 36 89.14 -67.22 -101.56
C LEU NA 36 90.63 -66.90 -101.60
N LYS NA 37 90.97 -65.61 -101.54
CA LYS NA 37 92.37 -65.21 -101.56
C LYS NA 37 93.10 -65.69 -100.31
N TRP NA 38 92.42 -65.67 -99.17
CA TRP NA 38 93.03 -66.16 -97.93
C TRP NA 38 93.11 -67.69 -97.91
N PHE NA 39 92.04 -68.34 -98.38
CA PHE NA 39 92.01 -69.79 -98.39
C PHE NA 39 93.02 -70.38 -99.38
N LYS NA 40 93.37 -69.63 -100.43
CA LYS NA 40 94.37 -70.13 -101.37
C LYS NA 40 95.71 -70.28 -100.67
N GLU NA 41 96.09 -69.28 -99.89
CA GLU NA 41 97.33 -69.33 -99.14
C GLU NA 41 97.26 -70.43 -98.09
N SER NA 42 96.11 -70.56 -97.43
CA SER NA 42 95.93 -71.60 -96.42
C SER NA 42 96.09 -72.99 -97.03
N GLU NA 43 95.51 -73.21 -98.20
CA GLU NA 43 95.61 -74.49 -98.88
C GLU NA 43 97.05 -74.77 -99.32
N LEU NA 44 97.77 -73.74 -99.79
CA LEU NA 44 99.16 -73.94 -100.20
C LEU NA 44 100.04 -74.31 -99.01
N VAL NA 45 99.85 -73.61 -97.89
CA VAL NA 45 100.61 -73.89 -96.68
C VAL NA 45 100.28 -75.29 -96.16
N HIS NA 46 98.99 -75.65 -96.19
CA HIS NA 46 98.56 -76.98 -95.76
C HIS NA 46 99.17 -78.06 -96.64
N SER NA 47 99.19 -77.82 -97.95
CA SER NA 47 99.74 -78.77 -98.91
C SER NA 47 101.21 -79.03 -98.64
N ARG NA 48 102.00 -77.95 -98.54
CA ARG NA 48 103.44 -78.12 -98.31
C ARG NA 48 103.72 -78.76 -96.94
N TRP NA 49 102.97 -78.36 -95.90
CA TRP NA 49 103.17 -78.95 -94.58
C TRP NA 49 102.84 -80.44 -94.57
N ALA NA 50 101.74 -80.82 -95.22
CA ALA NA 50 101.34 -82.22 -95.26
C ALA NA 50 102.30 -83.06 -96.08
N MET NA 51 102.84 -82.50 -97.18
CA MET NA 51 103.79 -83.24 -98.00
C MET NA 51 105.06 -83.50 -97.21
N ALA NA 52 105.55 -82.47 -96.50
CA ALA NA 52 106.75 -82.63 -95.69
C ALA NA 52 106.53 -83.63 -94.56
N ALA NA 53 105.35 -83.58 -93.93
CA ALA NA 53 105.05 -84.49 -92.84
C ALA NA 53 104.94 -85.94 -93.31
N VAL NA 54 104.29 -86.17 -94.46
CA VAL NA 54 104.14 -87.53 -94.97
C VAL NA 54 105.51 -88.10 -95.35
N ALA NA 55 106.35 -87.27 -96.00
CA ALA NA 55 107.69 -87.74 -96.36
C ALA NA 55 108.51 -88.03 -95.10
N GLY NA 56 108.35 -87.19 -94.07
CA GLY NA 56 109.07 -87.42 -92.83
C GLY NA 56 108.66 -88.70 -92.14
N ILE NA 57 107.35 -88.98 -92.11
CA ILE NA 57 106.86 -90.20 -91.47
C ILE NA 57 107.35 -91.43 -92.21
N LEU NA 58 107.28 -91.40 -93.56
CA LEU NA 58 107.73 -92.54 -94.35
C LEU NA 58 109.22 -92.81 -94.17
N VAL NA 59 110.05 -91.77 -94.24
CA VAL NA 59 111.49 -91.96 -94.06
C VAL NA 59 111.80 -92.39 -92.62
N GLN NA 60 111.05 -91.86 -91.65
CA GLN NA 60 111.26 -92.22 -90.25
C GLN NA 60 110.99 -93.70 -90.02
N GLU NA 61 109.93 -94.24 -90.62
CA GLU NA 61 109.64 -95.65 -90.41
C GLU NA 61 110.59 -96.55 -91.21
N ILE NA 62 110.93 -96.16 -92.44
CA ILE NA 62 111.83 -96.98 -93.25
C ILE NA 62 113.22 -97.06 -92.63
N VAL NA 63 113.76 -95.91 -92.21
CA VAL NA 63 115.09 -95.89 -91.60
C VAL NA 63 115.06 -96.46 -90.19
N ARG NA 64 114.04 -96.10 -89.41
CA ARG NA 64 113.89 -96.56 -88.02
C ARG NA 64 112.57 -97.30 -87.86
N PRO NA 65 112.54 -98.61 -88.12
CA PRO NA 65 111.28 -99.37 -87.99
C PRO NA 65 110.88 -99.65 -86.55
N ASP NA 66 111.76 -99.42 -85.57
CA ASP NA 66 111.42 -99.69 -84.19
C ASP NA 66 110.84 -98.49 -83.46
N VAL NA 67 110.86 -97.31 -84.07
CA VAL NA 67 110.33 -96.10 -83.44
C VAL NA 67 109.02 -95.74 -84.12
N PHE NA 68 107.96 -95.67 -83.33
CA PHE NA 68 106.63 -95.32 -83.81
C PHE NA 68 106.59 -93.82 -84.03
N TRP NA 69 105.98 -93.40 -85.15
CA TRP NA 69 105.92 -91.97 -85.44
C TRP NA 69 105.05 -91.24 -84.43
N TYR NA 70 103.95 -91.86 -83.99
CA TYR NA 70 103.06 -91.26 -82.99
C TYR NA 70 103.81 -91.07 -81.67
N ASN NA 71 104.78 -91.93 -81.39
CA ASN NA 71 105.61 -91.86 -80.21
C ASN NA 71 106.91 -91.12 -80.46
N ALA NA 72 107.08 -90.57 -81.67
CA ALA NA 72 108.31 -89.87 -82.02
C ALA NA 72 108.56 -88.67 -81.12
N GLY NA 73 107.50 -88.02 -80.66
CA GLY NA 73 107.74 -86.90 -79.77
C GLY NA 73 107.98 -87.31 -78.34
N LYS NA 74 107.83 -88.60 -78.03
CA LYS NA 74 107.97 -89.13 -76.69
C LYS NA 74 109.27 -89.89 -76.45
N GLU NA 75 109.68 -90.77 -77.36
CA GLU NA 75 110.88 -91.56 -77.17
C GLU NA 75 112.13 -91.00 -77.86
N VAL NA 76 112.22 -89.68 -78.01
CA VAL NA 76 113.38 -89.03 -78.61
C VAL NA 76 114.04 -88.17 -77.56
N GLU NA 77 115.32 -88.46 -77.28
CA GLU NA 77 116.11 -87.75 -76.30
C GLU NA 77 117.16 -86.92 -77.02
N SER NA 78 117.31 -85.66 -76.60
CA SER NA 78 118.26 -84.74 -77.20
C SER NA 78 118.87 -83.86 -76.11
N PRO NA 79 120.14 -83.45 -76.27
CA PRO NA 79 120.76 -82.58 -75.26
C PRO NA 79 120.05 -81.25 -75.09
N LEU NA 80 119.41 -80.78 -76.16
CA LEU NA 80 118.65 -79.55 -76.11
C LEU NA 80 117.35 -79.86 -75.39
N GLY NA 81 117.06 -79.13 -74.33
CA GLY NA 81 115.85 -79.35 -73.54
C GLY NA 81 114.59 -79.09 -74.33
N PRO NA 82 113.49 -79.74 -73.94
CA PRO NA 82 112.21 -79.51 -74.66
C PRO NA 82 111.73 -78.08 -74.59
N LEU NA 83 111.98 -77.39 -73.48
CA LEU NA 83 111.56 -75.99 -73.37
C LEU NA 83 112.43 -75.11 -74.26
N GLY NA 84 113.73 -75.40 -74.34
CA GLY NA 84 114.60 -74.63 -75.21
C GLY NA 84 114.26 -74.86 -76.68
N LEU NA 85 113.94 -76.12 -77.03
CA LEU NA 85 113.56 -76.44 -78.40
C LEU NA 85 112.26 -75.75 -78.75
N LEU NA 86 111.32 -75.72 -77.81
CA LEU NA 86 110.04 -75.05 -78.06
C LEU NA 86 110.24 -73.55 -78.23
N ALA NA 87 111.13 -72.95 -77.44
CA ALA NA 87 111.39 -71.51 -77.58
C ALA NA 87 112.02 -71.19 -78.92
N VAL NA 88 113.01 -71.99 -79.34
CA VAL NA 88 113.65 -71.79 -80.64
C VAL NA 88 112.63 -71.93 -81.77
N GLU NA 89 111.85 -73.01 -81.72
CA GLU NA 89 110.85 -73.26 -82.76
C GLU NA 89 109.79 -72.17 -82.79
N PHE NA 90 109.33 -71.71 -81.63
CA PHE NA 90 108.32 -70.67 -81.58
C PHE NA 90 108.84 -69.37 -82.16
N PHE NA 91 110.08 -69.00 -81.83
CA PHE NA 91 110.61 -67.75 -82.35
C PHE NA 91 110.84 -67.80 -83.86
N LEU NA 92 111.46 -68.87 -84.35
CA LEU NA 92 111.71 -68.98 -85.79
C LEU NA 92 110.40 -69.08 -86.58
N MET NA 93 109.46 -69.92 -86.12
CA MET NA 93 108.19 -70.07 -86.81
C MET NA 93 107.38 -68.79 -86.74
N HIS NA 94 107.45 -68.07 -85.62
CA HIS NA 94 106.73 -66.82 -85.49
C HIS NA 94 107.27 -65.80 -86.47
N TRP NA 95 108.59 -65.73 -86.62
CA TRP NA 95 109.20 -64.79 -87.55
C TRP NA 95 108.79 -65.07 -88.99
N VAL NA 96 108.90 -66.34 -89.42
CA VAL NA 96 108.57 -66.67 -90.81
C VAL NA 96 107.08 -66.53 -91.08
N GLU NA 97 106.22 -66.89 -90.12
CA GLU NA 97 104.79 -66.77 -90.35
C GLU NA 97 104.37 -65.31 -90.36
N VAL NA 98 105.06 -64.46 -89.59
CA VAL NA 98 104.75 -63.03 -89.62
C VAL NA 98 105.13 -62.44 -90.98
N ARG NA 99 106.28 -62.84 -91.52
CA ARG NA 99 106.68 -62.36 -92.84
C ARG NA 99 105.69 -62.81 -93.91
N ARG NA 100 105.27 -64.08 -93.85
CA ARG NA 100 104.30 -64.60 -94.83
C ARG NA 100 102.96 -63.90 -94.71
N TRP NA 101 102.48 -63.68 -93.48
CA TRP NA 101 101.20 -63.03 -93.27
C TRP NA 101 101.24 -61.58 -93.76
N GLN NA 102 102.35 -60.89 -93.53
CA GLN NA 102 102.46 -59.51 -93.97
C GLN NA 102 102.48 -59.46 -95.50
N ASP NA 103 103.10 -60.45 -96.14
CA ASP NA 103 103.08 -60.47 -97.59
C ASP NA 103 101.68 -60.76 -98.11
N LEU NA 104 100.91 -61.54 -97.35
CA LEU NA 104 99.53 -61.82 -97.76
C LEU NA 104 98.69 -60.56 -97.70
N ARG NA 105 98.72 -59.86 -96.57
CA ARG NA 105 97.89 -58.65 -96.46
C ARG NA 105 98.45 -57.48 -97.24
N LYS NA 106 99.78 -57.39 -97.40
CA LYS NA 106 100.42 -56.31 -98.12
C LYS NA 106 101.46 -56.90 -99.07
N PRO NA 107 101.06 -57.25 -100.29
CA PRO NA 107 102.01 -57.85 -101.24
C PRO NA 107 103.13 -56.90 -101.64
N GLY NA 108 104.32 -57.46 -101.81
CA GLY NA 108 105.49 -56.70 -102.19
C GLY NA 108 105.94 -55.72 -101.13
N SER NA 109 105.81 -56.10 -99.85
CA SER NA 109 106.20 -55.24 -98.75
C SER NA 109 107.27 -55.84 -97.83
N VAL NA 110 107.43 -57.16 -97.81
CA VAL NA 110 108.45 -57.79 -96.97
C VAL NA 110 109.40 -58.62 -97.82
N ASP NA 111 109.48 -58.32 -99.11
CA ASP NA 111 110.37 -59.04 -100.01
C ASP NA 111 111.82 -58.58 -99.90
N GLN NA 112 112.11 -57.61 -99.04
CA GLN NA 112 113.45 -57.09 -98.87
C GLN NA 112 114.18 -57.72 -97.69
N ASP NA 113 115.46 -58.01 -97.88
CA ASP NA 113 116.30 -58.59 -96.83
C ASP NA 113 116.69 -57.50 -95.85
N PRO NA 114 116.39 -57.65 -94.55
CA PRO NA 114 116.73 -56.58 -93.60
C PRO NA 114 118.22 -56.45 -93.30
N ILE NA 115 118.96 -57.56 -93.19
CA ILE NA 115 120.38 -57.50 -92.88
C ILE NA 115 121.19 -56.90 -94.03
N PHE NA 116 120.91 -57.32 -95.26
CA PHE NA 116 121.62 -56.86 -96.44
C PHE NA 116 120.65 -56.18 -97.39
N SER NA 117 120.95 -54.95 -97.77
CA SER NA 117 120.08 -54.17 -98.65
C SER NA 117 120.19 -54.55 -100.12
N GLN NA 118 121.13 -55.40 -100.51
CA GLN NA 118 121.26 -55.77 -101.91
C GLN NA 118 120.40 -56.96 -102.31
N TYR NA 119 119.95 -57.78 -101.36
CA TYR NA 119 119.13 -58.95 -101.64
C TYR NA 119 117.66 -58.54 -101.57
N LYS NA 120 116.89 -58.94 -102.57
CA LYS NA 120 115.46 -58.64 -102.62
C LYS NA 120 114.77 -59.64 -103.52
N LEU NA 121 113.62 -60.13 -103.07
CA LEU NA 121 112.87 -61.09 -103.85
C LEU NA 121 112.26 -60.40 -105.08
N PRO NA 122 112.26 -61.05 -106.23
CA PRO NA 122 111.68 -60.44 -107.44
C PRO NA 122 110.17 -60.40 -107.32
N PRO NA 123 109.48 -59.59 -108.14
CA PRO NA 123 108.02 -59.54 -108.05
C PRO NA 123 107.39 -60.90 -108.35
N HIS NA 124 106.39 -61.26 -107.54
CA HIS NA 124 105.75 -62.56 -107.67
C HIS NA 124 104.29 -62.44 -107.24
N GLU NA 125 103.63 -63.58 -107.14
CA GLU NA 125 102.24 -63.68 -106.72
C GLU NA 125 102.18 -63.90 -105.21
N VAL NA 126 100.97 -64.05 -104.70
CA VAL NA 126 100.80 -64.29 -103.28
C VAL NA 126 100.72 -65.79 -103.04
N GLY NA 127 101.60 -66.30 -102.18
CA GLY NA 127 101.68 -67.72 -101.91
C GLY NA 127 102.75 -68.41 -102.70
N TYR NA 128 103.36 -67.73 -103.66
CA TYR NA 128 104.43 -68.26 -104.50
C TYR NA 128 105.58 -67.26 -104.45
N PRO NA 129 106.43 -67.35 -103.41
CA PRO NA 129 107.56 -66.41 -103.25
C PRO NA 129 108.54 -66.37 -104.40
N GLY NA 130 109.17 -67.50 -104.72
CA GLY NA 130 110.12 -67.49 -105.81
C GLY NA 130 111.43 -66.82 -105.42
N GLY NA 131 112.28 -66.67 -106.42
CA GLY NA 131 113.58 -66.05 -106.20
C GLY NA 131 114.51 -67.02 -105.51
N VAL NA 132 114.88 -66.69 -104.26
CA VAL NA 132 115.78 -67.56 -103.51
C VAL NA 132 115.05 -68.83 -103.08
N PHE NA 133 113.72 -68.77 -102.97
CA PHE NA 133 112.93 -69.93 -102.59
C PHE NA 133 112.75 -70.92 -103.74
N ALA NA 134 113.05 -70.51 -104.96
CA ALA NA 134 112.90 -71.36 -106.14
C ALA NA 134 114.18 -71.34 -106.97
N PRO NA 135 115.23 -72.04 -106.52
CA PRO NA 135 116.48 -72.02 -107.30
C PRO NA 135 116.41 -72.82 -108.60
N PHE NA 136 115.69 -73.95 -108.62
CA PHE NA 136 115.58 -74.76 -109.83
C PHE NA 136 114.11 -75.03 -110.10
N ILE NA 137 113.68 -74.78 -111.34
CA ILE NA 137 112.28 -74.99 -111.73
C ILE NA 137 112.25 -75.85 -113.00
N PRO NA 138 112.35 -77.18 -112.90
CA PRO NA 138 112.34 -78.03 -114.10
C PRO NA 138 110.93 -78.29 -114.60
N GLY NA 139 110.58 -77.66 -115.71
CA GLY NA 139 109.28 -77.83 -116.32
C GLY NA 139 108.48 -76.53 -116.34
N ASP NA 140 107.25 -76.66 -116.84
CA ASP NA 140 106.35 -75.53 -116.95
C ASP NA 140 105.90 -75.06 -115.57
N LEU NA 141 105.74 -73.75 -115.43
CA LEU NA 141 105.32 -73.18 -114.15
C LEU NA 141 103.90 -73.57 -113.78
N ALA NA 142 102.96 -73.41 -114.71
CA ALA NA 142 101.57 -73.76 -114.42
C ALA NA 142 101.40 -75.26 -114.22
N GLU NA 143 102.09 -76.06 -115.03
CA GLU NA 143 102.01 -77.51 -114.88
C GLU NA 143 102.55 -77.96 -113.53
N LEU NA 144 103.70 -77.40 -113.12
CA LEU NA 144 104.27 -77.74 -111.82
C LEU NA 144 103.39 -77.25 -110.69
N LYS NA 145 102.70 -76.12 -110.89
CA LYS NA 145 101.80 -75.60 -109.85
C LYS NA 145 100.62 -76.55 -109.66
N VAL NA 146 100.07 -77.06 -110.76
CA VAL NA 146 98.97 -78.00 -110.68
C VAL NA 146 99.43 -79.29 -110.01
N LYS NA 147 100.65 -79.74 -110.36
CA LYS NA 147 101.20 -80.95 -109.74
C LYS NA 147 101.40 -80.75 -108.25
N GLU NA 148 101.81 -79.54 -107.85
CA GLU NA 148 102.03 -79.23 -106.45
C GLU NA 148 100.71 -79.26 -105.67
N ILE NA 149 99.66 -78.65 -106.20
CA ILE NA 149 98.40 -78.64 -105.47
C ILE NA 149 97.77 -80.04 -105.42
N LYS NA 150 97.95 -80.84 -106.48
CA LYS NA 150 97.40 -82.19 -106.46
C LYS NA 150 98.14 -83.08 -105.46
N ASN NA 151 99.48 -82.99 -105.46
CA ASN NA 151 100.28 -83.77 -104.52
C ASN NA 151 100.00 -83.33 -103.10
N GLY NA 152 99.72 -82.04 -102.91
CA GLY NA 152 99.40 -81.55 -101.58
C GLY NA 152 98.06 -82.06 -101.07
N ARG NA 153 97.05 -82.12 -101.96
CA ARG NA 153 95.75 -82.64 -101.53
C ARG NA 153 95.87 -84.11 -101.15
N LEU NA 154 96.61 -84.87 -101.96
CA LEU NA 154 96.83 -86.29 -101.65
C LEU NA 154 97.60 -86.45 -100.35
N ALA NA 155 98.57 -85.58 -100.10
CA ALA NA 155 99.35 -85.67 -98.87
C ALA NA 155 98.52 -85.30 -97.65
N MET NA 156 97.58 -84.37 -97.79
CA MET NA 156 96.73 -83.98 -96.68
C MET NA 156 95.84 -85.17 -96.29
N LEU NA 157 95.21 -85.80 -97.29
CA LEU NA 157 94.39 -86.97 -97.00
C LEU NA 157 95.24 -88.11 -96.47
N ALA NA 158 96.48 -88.20 -96.93
CA ALA NA 158 97.39 -89.23 -96.46
C ALA NA 158 97.76 -89.04 -95.01
N PHE NA 159 97.98 -87.79 -94.58
CA PHE NA 159 98.30 -87.56 -93.17
C PHE NA 159 97.10 -87.87 -92.29
N VAL NA 160 95.89 -87.53 -92.75
CA VAL NA 160 94.71 -87.85 -91.97
C VAL NA 160 94.56 -89.36 -91.84
N GLY NA 161 94.84 -90.08 -92.92
CA GLY NA 161 94.79 -91.53 -92.88
C GLY NA 161 95.85 -92.10 -91.97
N PHE NA 162 97.03 -91.47 -91.95
CA PHE NA 162 98.12 -91.92 -91.08
C PHE NA 162 97.71 -91.81 -89.62
N VAL NA 163 97.13 -90.66 -89.26
CA VAL NA 163 96.70 -90.43 -87.88
C VAL NA 163 95.62 -91.42 -87.48
N MET NA 164 94.61 -91.60 -88.34
CA MET NA 164 93.53 -92.52 -88.02
C MET NA 164 94.00 -93.97 -87.92
N ALA NA 165 94.88 -94.39 -88.83
CA ALA NA 165 95.38 -95.77 -88.76
C ALA NA 165 96.28 -95.97 -87.56
N ALA NA 166 97.02 -94.92 -87.16
CA ALA NA 166 97.88 -95.05 -85.99
C ALA NA 166 97.06 -95.04 -84.71
N GLN NA 167 95.88 -94.43 -84.76
CA GLN NA 167 95.02 -94.40 -83.57
C GLN NA 167 94.17 -95.65 -83.46
N VAL NA 168 93.80 -96.26 -84.58
CA VAL NA 168 92.97 -97.46 -84.56
C VAL NA 168 93.79 -98.74 -84.40
N THR NA 169 94.90 -98.87 -85.14
CA THR NA 169 95.70 -100.08 -85.06
C THR NA 169 97.01 -99.93 -84.29
N GLY NA 170 97.54 -98.72 -84.16
CA GLY NA 170 98.79 -98.56 -83.45
C GLY NA 170 100.01 -98.92 -84.26
N LYS NA 171 99.89 -99.00 -85.58
CA LYS NA 171 100.98 -99.35 -86.46
C LYS NA 171 101.23 -98.22 -87.44
N GLY NA 172 102.46 -98.15 -87.95
CA GLY NA 172 102.83 -97.14 -88.90
C GLY NA 172 102.27 -97.41 -90.28
N PRO NA 173 102.47 -96.45 -91.18
CA PRO NA 173 101.98 -96.61 -92.57
C PRO NA 173 102.50 -97.85 -93.28
N ILE NA 174 103.80 -98.15 -93.17
CA ILE NA 174 104.35 -99.34 -93.81
C ILE NA 174 103.83 -100.59 -93.13
N ALA NA 175 103.77 -100.57 -91.79
CA ALA NA 175 103.25 -101.71 -91.05
C ALA NA 175 101.78 -101.96 -91.36
N ALA NA 176 100.99 -100.89 -91.44
CA ALA NA 176 99.58 -101.03 -91.76
C ALA NA 176 99.40 -101.54 -93.18
N LEU NA 177 100.25 -101.08 -94.11
CA LEU NA 177 100.16 -101.55 -95.49
C LEU NA 177 100.47 -103.03 -95.59
N GLN NA 178 101.51 -103.49 -94.86
CA GLN NA 178 101.84 -104.91 -94.90
C GLN NA 178 100.76 -105.76 -94.24
N GLU NA 179 100.23 -105.29 -93.11
CA GLU NA 179 99.18 -106.04 -92.41
C GLU NA 179 97.92 -106.10 -93.26
N HIS NA 180 97.62 -105.02 -93.99
CA HIS NA 180 96.44 -105.01 -94.84
C HIS NA 180 96.64 -105.92 -96.04
N LEU NA 181 97.85 -105.95 -96.60
CA LEU NA 181 98.10 -106.82 -97.74
C LEU NA 181 98.10 -108.29 -97.33
N ALA NA 182 98.43 -108.58 -96.06
CA ALA NA 182 98.44 -109.96 -95.61
C ALA NA 182 97.02 -110.55 -95.57
N ASP NA 183 96.08 -109.82 -94.98
CA ASP NA 183 94.69 -110.26 -94.89
C ASP NA 183 93.78 -109.12 -95.31
N PRO NA 184 93.65 -108.87 -96.63
CA PRO NA 184 92.81 -107.74 -97.08
C PRO NA 184 91.32 -107.88 -96.80
N TRP NA 185 90.80 -109.10 -96.72
CA TRP NA 185 89.36 -109.24 -96.48
C TRP NA 185 89.00 -109.05 -95.02
N GLY NA 186 89.98 -109.10 -94.12
CA GLY NA 186 89.65 -108.95 -92.71
C GLY NA 186 90.34 -107.82 -91.98
N THR NA 187 91.16 -107.04 -92.66
CA THR NA 187 91.87 -105.95 -92.00
C THR NA 187 91.41 -104.56 -92.39
N THR NA 188 90.33 -104.42 -93.17
CA THR NA 188 89.85 -103.09 -93.50
C THR NA 188 89.03 -102.56 -92.33
N ILE NA 189 88.60 -101.30 -92.44
CA ILE NA 189 87.80 -100.71 -91.36
C ILE NA 189 86.42 -101.34 -91.32
N PHE NA 190 85.94 -101.86 -92.46
CA PHE NA 190 84.63 -102.50 -92.48
C PHE NA 190 84.65 -103.80 -91.69
N SER NA 191 85.78 -104.49 -91.71
CA SER NA 191 85.93 -105.74 -90.98
C SER NA 191 86.13 -105.50 -89.49
N LYS NA 192 86.76 -104.39 -89.12
CA LYS NA 192 87.00 -104.07 -87.72
C LYS NA 192 85.76 -103.60 -86.97
N ALA NA 193 84.81 -102.97 -87.66
CA ALA NA 193 83.62 -102.47 -86.98
C ALA NA 193 82.43 -102.37 -87.91
N ALA NA 194 81.25 -102.30 -87.30
CA ALA NA 194 79.98 -102.18 -88.00
C ALA NA 194 78.96 -101.65 -87.01
N VAL NA 195 77.95 -100.94 -87.51
CA VAL NA 195 76.91 -100.37 -86.67
C VAL NA 195 75.55 -100.82 -87.21
N VAL NA 196 74.67 -101.25 -86.31
CA VAL NA 196 73.33 -101.68 -86.67
C VAL NA 196 72.36 -101.09 -85.63
N PRO NA 197 71.06 -101.10 -85.91
CA PRO NA 197 70.11 -100.57 -84.93
C PRO NA 197 70.12 -101.29 -83.58
N GLY NA 198 70.64 -102.51 -83.50
CA GLY NA 198 70.69 -103.21 -82.24
C GLY NA 198 72.05 -103.28 -81.59
N GLN NA 199 73.11 -102.88 -82.30
CA GLN NA 199 74.46 -102.95 -81.74
C GLN NA 199 75.36 -101.92 -82.41
N ALA NA 200 76.31 -101.39 -81.64
CA ALA NA 200 77.26 -100.41 -82.14
C ALA NA 200 78.62 -100.78 -81.58
N VAL NA 201 79.45 -101.42 -82.40
CA VAL NA 201 80.80 -101.84 -82.01
C VAL NA 201 81.83 -101.03 -82.78
N ALA NA 202 82.88 -100.63 -82.09
CA ALA NA 202 83.98 -99.84 -82.63
C ALA NA 202 85.31 -100.45 -82.20
N PRO NA 203 86.37 -100.28 -82.98
CA PRO NA 203 87.66 -100.82 -82.60
C PRO NA 203 88.23 -100.05 -81.42
N PRO NA 204 88.98 -100.72 -80.54
CA PRO NA 204 89.54 -100.01 -79.39
C PRO NA 204 90.66 -99.08 -79.79
N CYS NA 205 90.83 -98.02 -79.00
CA CYS NA 205 91.87 -97.02 -79.23
C CYS NA 205 93.17 -97.58 -78.67
N LYS NA 206 94.11 -97.89 -79.56
CA LYS NA 206 95.41 -98.44 -79.16
C LYS NA 206 96.30 -97.41 -78.47
N ILE NA 207 95.97 -96.14 -78.56
CA ILE NA 207 96.79 -95.11 -77.93
C ILE NA 207 96.37 -94.95 -76.46
N PRO NA 208 97.31 -95.00 -75.52
CA PRO NA 208 96.95 -94.84 -74.10
C PRO NA 208 96.42 -93.45 -73.84
N ALA NA 209 95.52 -93.36 -72.85
CA ALA NA 209 94.89 -92.08 -72.51
C ALA NA 209 95.91 -91.06 -72.01
N SER NA 210 96.87 -91.49 -71.20
CA SER NA 210 97.87 -90.58 -70.66
C SER NA 210 99.28 -91.10 -70.95
N VAL NA 211 100.19 -90.16 -71.18
CA VAL NA 211 101.59 -90.44 -71.45
C VAL NA 211 102.42 -89.70 -70.42
N SER NA 212 103.24 -90.44 -69.68
CA SER NA 212 104.09 -89.87 -68.65
C SER NA 212 105.38 -89.36 -69.26
N TYR NA 213 105.44 -88.07 -69.56
CA TYR NA 213 106.62 -87.42 -70.13
C TYR NA 213 107.21 -86.57 -69.01
N LYS NA 214 108.25 -87.11 -68.36
CA LYS NA 214 108.94 -86.46 -67.23
C LYS NA 214 107.97 -86.14 -66.09
N GLY NA 215 107.07 -87.08 -65.81
CA GLY NA 215 106.10 -86.94 -64.74
C GLY NA 215 105.08 -85.83 -64.89
N ILE NA 216 104.52 -85.67 -66.08
CA ILE NA 216 103.52 -84.63 -66.31
C ILE NA 216 102.18 -85.18 -66.77
N GLU NA 217 102.10 -86.43 -67.23
CA GLU NA 217 100.87 -87.10 -67.67
C GLU NA 217 100.17 -86.34 -68.79
N ILE NA 218 100.84 -86.30 -69.95
CA ILE NA 218 100.30 -85.62 -71.13
C ILE NA 218 99.13 -86.45 -71.65
N PRO NA 219 97.95 -85.85 -71.82
CA PRO NA 219 96.81 -86.62 -72.34
C PRO NA 219 96.92 -86.80 -73.84
N THR NA 220 96.82 -88.06 -74.29
CA THR NA 220 96.92 -88.42 -75.69
C THR NA 220 95.67 -89.21 -76.07
N PRO NA 221 94.55 -88.52 -76.33
CA PRO NA 221 93.31 -89.22 -76.67
C PRO NA 221 93.06 -89.39 -78.16
N CYS NA 222 92.30 -90.44 -78.48
CA CYS NA 222 91.96 -90.73 -79.86
C CYS NA 222 90.95 -89.71 -80.39
N PHE NA 223 91.24 -89.12 -81.54
CA PHE NA 223 90.40 -88.08 -82.14
C PHE NA 223 88.97 -88.55 -82.39
N LEU NA 224 88.04 -88.01 -81.60
CA LEU NA 224 86.60 -88.31 -81.65
C LEU NA 224 86.34 -89.81 -81.60
N GLN NA 225 86.87 -90.45 -80.55
CA GLN NA 225 86.70 -91.90 -80.39
C GLN NA 225 85.24 -92.28 -80.18
N GLY NA 226 84.44 -91.40 -79.60
CA GLY NA 226 83.03 -91.71 -79.37
C GLY NA 226 82.23 -91.79 -80.65
N LEU NA 227 82.66 -91.07 -81.68
CA LEU NA 227 82.01 -91.04 -82.99
C LEU NA 227 82.59 -92.08 -83.93
N TRP NA 228 83.47 -92.94 -83.46
CA TRP NA 228 84.06 -93.96 -84.31
C TRP NA 228 83.02 -94.99 -84.70
N PRO NA 229 82.99 -95.42 -85.97
CA PRO NA 229 82.02 -96.41 -86.43
C PRO NA 229 82.35 -97.81 -85.95
#